data_8U0V
#
_entry.id   8U0V
#
_cell.length_a   1.00
_cell.length_b   1.00
_cell.length_c   1.00
_cell.angle_alpha   90.00
_cell.angle_beta   90.00
_cell.angle_gamma   90.00
#
_symmetry.space_group_name_H-M   'P 1'
#
loop_
_entity.id
_entity.type
_entity.pdbx_description
1 polymer 'Peroxisomal ATPase PEX1'
2 polymer 'Peroxisomal ATPase PEX6'
3 non-polymer "ADENOSINE-5'-TRIPHOSPHATE"
#
loop_
_entity_poly.entity_id
_entity_poly.type
_entity_poly.pdbx_seq_one_letter_code
_entity_poly.pdbx_strand_id
1 'polypeptide(L)'
;MTTTKRLKFENLRIQFSNAIVGNFLRLPHSIINVLESTNYAIQEFGIAVHSHNSDIPIVHLGWDGHDSGSSENVVLINPV
LATVYDLNQKSPLVDLYIQRYDHTHLATEVYVTPETSDDWEIIDANAMRFQNGEILHQTRIVTPGETLICYLEGIVTKFK
IDRVEPSMKSARITDGSLVVVAPKVNKTRLVKAEYGHSNKTILKNGAIQLLKKVILRSTVCKMDFPKDNLFVVYISDGAQ
LPSQKGYASIVKCSLRQSKKSDSDNKSVGIPSKKIGVFIKCDSQIPENHIALSSHLWDAFFTHPMNGAKIKLEFLQMNQA
NIISGRNATVNIKYFGKDVPTKSGDQYSKLLGGSLLTNNLILPTEQIIIEIKKGESEQQLCNLNEISNESVQWKVTQMGK
EEVKDIIERHLPKHYHVKETGEVSRTSKDEDDFITVNSIKKEMVNYLTSPIIATPAIILDGKQGIGKTRLLKELINEVEK
DHHIFVKYADCETLHETSNLDKTQKLIMEWCSFCYWYGPSLIVLDNVEALFGKPQANDGDPSNNGQWDNASKLLNFFINQ
VTKIFNKDNKRIRVLFSGKQKTQINPLLFDKHFVSETWSLRAPDKHARAKLLEYFFSKNQIMKLNRDLQFSDLSLETEGF
SPLDLEIFTEKIFYDLQLERDCDNVVTRELFSKSLSAFTPSALRGVKLTKETNIKWGDIGALANAKDVLLETLEWPTKYE
PIFVNCPLRLRSGILLYGYPGCGKTLLASAVAQQCGLNFISVKGPEILNKFIGASEQNIRELFERAQSVKPCILFFDEFD
SIAPKRGHDSTGVTDRVVNQLLTQMDGAEGLDGVYILAATSRPDLIDSALLRPGRLDKSVICNIPTESERLDILQAIVNS
KDKDTGQKKFALEKNADLKLIAEKTAGFSGADLQGLCYNAYLKSVHRWLSAADQSEVVPGNDNIEYFSINEHGRREENRL
RLKTLLQQDVVHETKTSTSAASELTAVVTINDLLEACQETKPSISTSELVKLRGIYDRFQKDRNGEMPNGENSIDIGSRL
SLMGSSDYKDDDDK
;
A,C,E
2 'polypeptide(L)'
;MGSSHHHHHHSQDPMKASLTFSLSGIYAPCSISRDIYLEYGDKKAECLYGTIRLPQYGPGCTPGKIVHCVLDDSLPFCSI
VVPSKLFGFMPTQPTMDFCYFEPILDNVVPVLDSVTFLINEQLYSKLMDLPQEMQQIQFLHYKYNINSMETVVHSRDILT
SGLCQILNCSPFPQGLVDFTETQLILVNDTEQKLSALKYANEDEEYALPKIGTNSALSIDLESLPCTISRDLLRPAPHIN
DDNSIYAFTDAETLLRLDVTSGSFITVSNMGCVRLVKLFVLLLPNGFKKRTIYAPPKIIASFPDCSVVTISKSNIGHTDI
PIANQVFISRVGGWLQSQKCFQNIILTTLKKFFSESKRILCQNDLIPIAFDSSMADLNIAEENDESDDEDELGQYYKNDS
LVWFFVTSAELDCFSKDNSHFIIDPNRTKLITTNITNRRPLPLSRSNLQRYYGFAETFYYDLHIFPYVRQLVNILETSFN
CSQRGITLNASVLLHSTTNNVGKATMVRFASKYLGIHLLEIDCLSLTSNSRQLDSTSKIIGYIRAKCENVLPYASPAVIF
LAHLDSILLDVNANQDPEAIKLQKSINFEMSKLLDDFTFKFPGTTFVGSVNNIDNVPSSFRSHMRFEILVPVPSEAQRLR
IFQWYLSSHELNRDVQQKVPVSYMDNISFSSLSSYSAGLTPLDIKSIVETARMTATARFYQESKKCGWLPQSILITQEDL
SKATSKARNEFSVSIGAPQIPNVTWDDIGGIDFVKGEILDTIDMPLKHPELFTSGMKKRSGILFYGPPGTGKTLMAKAIA
TNFSLNFFSVKGPELLNMYIGESEANVRRVFQKAREAKPCVIFFDEIDSVAPKRGNQGDSGGVMDRIVSQLLAELDGMST
DADGVFVIGATNRPDLLDEALLRPGRFDKLLYLGIPDTDTKQLNILEALTRKFVLDNDVKLIELAKLCPFNYTGADFYAL
CSDAMLNAMSRIARMVEKKVSQHNELTGENISTRRWFDKIATKEDTKVVVKMEDFLKAQEQLTPSVSRAELNHYEAVRAN
FEGA
;
F,B,D
#
loop_
_chem_comp.id
_chem_comp.type
_chem_comp.name
_chem_comp.formula
ATP non-polymer ADENOSINE-5'-TRIPHOSPHATE 'C10 H16 N5 O13 P3'
#
# COMPACT_ATOMS: atom_id res chain seq x y z
N GLY A 206 64.98 -45.72 -21.54
CA GLY A 206 63.56 -45.24 -21.51
C GLY A 206 63.45 -43.74 -21.40
N ALA A 207 62.24 -43.26 -21.09
CA ALA A 207 62.03 -41.83 -20.93
C ALA A 207 62.92 -41.29 -19.82
N ILE A 208 63.07 -39.96 -19.80
CA ILE A 208 63.93 -39.32 -18.83
C ILE A 208 63.47 -39.68 -17.41
N GLN A 209 64.40 -39.64 -16.47
CA GLN A 209 64.10 -40.03 -15.10
C GLN A 209 63.58 -38.84 -14.32
N LEU A 210 62.53 -39.06 -13.54
CA LEU A 210 61.80 -38.00 -12.85
C LEU A 210 62.05 -38.06 -11.35
N LEU A 211 62.09 -36.89 -10.73
CA LEU A 211 62.29 -36.80 -9.29
C LEU A 211 61.71 -35.48 -8.80
N LYS A 212 61.49 -35.41 -7.49
CA LYS A 212 60.99 -34.20 -6.82
C LYS A 212 59.78 -33.63 -7.56
N LYS A 213 58.71 -34.43 -7.57
CA LYS A 213 57.46 -34.01 -8.17
C LYS A 213 56.76 -33.03 -7.23
N VAL A 214 56.61 -31.77 -7.66
CA VAL A 214 56.14 -30.71 -6.79
C VAL A 214 55.05 -29.90 -7.48
N ILE A 215 54.28 -29.17 -6.69
CA ILE A 215 53.33 -28.17 -7.17
C ILE A 215 53.78 -26.82 -6.66
N LEU A 216 53.40 -25.76 -7.37
CA LEU A 216 53.82 -24.43 -6.96
C LEU A 216 52.77 -23.40 -7.37
N ARG A 217 52.78 -22.27 -6.66
CA ARG A 217 51.81 -21.20 -6.83
C ARG A 217 52.30 -20.21 -7.88
N SER A 218 51.43 -19.87 -8.81
CA SER A 218 51.81 -18.94 -9.88
C SER A 218 52.27 -17.62 -9.30
N THR A 219 53.39 -17.11 -9.80
CA THR A 219 54.00 -15.89 -9.29
C THR A 219 54.10 -14.89 -10.43
N VAL A 220 53.04 -14.12 -10.65
CA VAL A 220 53.09 -13.04 -11.61
C VAL A 220 54.05 -11.97 -11.09
N CYS A 221 55.15 -11.75 -11.82
CA CYS A 221 56.12 -10.75 -11.43
C CYS A 221 56.83 -10.26 -12.68
N LYS A 222 57.41 -9.07 -12.58
CA LYS A 222 58.16 -8.48 -13.68
C LYS A 222 59.46 -9.23 -13.96
N MET A 223 59.85 -10.15 -13.08
CA MET A 223 61.19 -10.72 -13.09
C MET A 223 61.70 -10.93 -14.51
N ASP A 224 62.89 -10.40 -14.78
CA ASP A 224 63.45 -10.40 -16.13
C ASP A 224 63.79 -11.83 -16.52
N PHE A 225 63.02 -12.39 -17.44
CA PHE A 225 63.37 -13.68 -18.01
C PHE A 225 64.48 -13.47 -19.03
N PRO A 226 65.63 -14.14 -18.90
CA PRO A 226 66.80 -13.73 -19.69
C PRO A 226 66.52 -13.78 -21.18
N LYS A 227 67.12 -12.83 -21.90
CA LYS A 227 67.05 -12.85 -23.36
C LYS A 227 67.74 -14.10 -23.92
N ASP A 228 68.54 -14.79 -23.10
CA ASP A 228 69.21 -15.99 -23.57
C ASP A 228 68.20 -17.05 -24.02
N ASN A 229 67.13 -17.23 -23.24
CA ASN A 229 66.15 -18.29 -23.50
C ASN A 229 64.75 -17.69 -23.53
N LEU A 230 63.81 -18.48 -24.05
CA LEU A 230 62.40 -18.10 -24.10
C LEU A 230 61.60 -18.78 -22.99
N PHE A 231 61.67 -20.11 -22.90
CA PHE A 231 60.88 -20.88 -21.94
C PHE A 231 61.75 -21.16 -20.72
N VAL A 232 61.64 -20.28 -19.72
CA VAL A 232 62.31 -20.45 -18.44
C VAL A 232 61.27 -20.24 -17.36
N VAL A 233 61.56 -20.75 -16.17
CA VAL A 233 60.63 -20.69 -15.05
C VAL A 233 61.43 -20.43 -13.78
N TYR A 234 60.92 -19.52 -12.94
CA TYR A 234 61.66 -18.99 -11.81
C TYR A 234 61.09 -19.50 -10.48
N ILE A 235 61.95 -20.12 -9.67
CA ILE A 235 61.59 -20.51 -8.32
C ILE A 235 62.59 -19.87 -7.35
N SER A 236 62.14 -19.70 -6.11
CA SER A 236 63.02 -19.15 -5.08
C SER A 236 64.21 -20.08 -4.86
N ASP A 237 65.27 -19.51 -4.27
CA ASP A 237 66.48 -20.26 -3.98
C ASP A 237 66.48 -20.85 -2.57
N GLY A 238 65.36 -20.75 -1.85
CA GLY A 238 65.29 -21.37 -0.53
C GLY A 238 65.58 -22.85 -0.57
N ALA A 239 65.09 -23.54 -1.59
CA ALA A 239 65.37 -24.95 -1.79
C ALA A 239 66.59 -25.11 -2.70
N GLN A 240 66.95 -26.35 -2.98
CA GLN A 240 68.07 -26.67 -3.86
C GLN A 240 67.58 -27.56 -4.99
N LEU A 241 68.09 -27.30 -6.19
CA LEU A 241 67.61 -28.02 -7.37
C LEU A 241 68.35 -29.33 -7.53
N PRO A 242 67.68 -30.49 -7.47
CA PRO A 242 68.32 -31.72 -7.94
C PRO A 242 68.45 -31.79 -9.46
N SER A 243 67.82 -30.87 -10.19
CA SER A 243 67.90 -30.86 -11.64
C SER A 243 67.76 -29.44 -12.15
N GLN A 244 68.32 -29.19 -13.33
CA GLN A 244 68.30 -27.88 -13.95
C GLN A 244 67.17 -27.69 -14.95
N LYS A 245 66.30 -28.68 -15.11
CA LYS A 245 65.20 -28.59 -16.06
C LYS A 245 64.05 -29.47 -15.58
N GLY A 246 62.89 -29.32 -16.21
CA GLY A 246 61.73 -30.05 -15.78
C GLY A 246 60.63 -30.01 -16.81
N TYR A 247 59.48 -30.55 -16.42
CA TYR A 247 58.23 -30.28 -17.10
C TYR A 247 57.29 -29.49 -16.19
N ALA A 248 56.42 -28.72 -16.83
CA ALA A 248 55.44 -27.88 -16.14
C ALA A 248 54.07 -28.14 -16.74
N SER A 249 53.04 -27.98 -15.91
CA SER A 249 51.67 -28.27 -16.31
C SER A 249 50.74 -27.42 -15.46
N ILE A 250 49.48 -27.35 -15.88
CA ILE A 250 48.45 -26.64 -15.11
C ILE A 250 47.35 -27.61 -14.73
N VAL A 251 46.34 -27.11 -14.01
CA VAL A 251 45.18 -27.90 -13.62
C VAL A 251 43.93 -27.12 -14.00
N LYS A 252 42.86 -27.87 -14.26
CA LYS A 252 41.62 -27.24 -14.68
C LYS A 252 40.86 -26.71 -13.47
N CYS A 253 39.61 -26.31 -13.67
CA CYS A 253 38.85 -25.67 -12.60
C CYS A 253 37.37 -25.93 -12.80
N SER A 254 36.83 -26.86 -12.00
CA SER A 254 35.39 -27.07 -11.87
C SER A 254 34.73 -27.24 -13.24
N LEU A 255 35.10 -28.34 -13.89
CA LEU A 255 34.53 -28.68 -15.20
C LEU A 255 33.02 -28.39 -15.24
N ARG A 256 32.29 -28.97 -14.29
CA ARG A 256 30.89 -28.62 -14.07
C ARG A 256 30.03 -28.86 -15.31
N GLN A 257 29.99 -30.12 -15.73
CA GLN A 257 29.16 -30.87 -16.68
C GLN A 257 28.03 -31.45 -15.85
N SER A 258 27.15 -30.56 -15.39
CA SER A 258 26.27 -30.90 -14.27
C SER A 258 25.23 -31.94 -14.66
N LYS A 259 24.30 -31.58 -15.54
CA LYS A 259 23.30 -32.53 -16.01
C LYS A 259 23.33 -32.67 -17.53
N LYS A 260 23.16 -31.57 -18.27
CA LYS A 260 23.15 -31.64 -19.73
C LYS A 260 23.47 -30.25 -20.27
N SER A 261 24.70 -30.05 -20.71
CA SER A 261 25.06 -28.83 -21.42
C SER A 261 24.75 -28.94 -22.91
N ASP A 262 24.95 -30.13 -23.48
CA ASP A 262 24.57 -30.41 -24.86
C ASP A 262 24.46 -31.92 -25.01
N SER A 263 23.79 -32.34 -26.08
CA SER A 263 23.60 -33.76 -26.32
C SER A 263 24.94 -34.49 -26.37
N ASP A 264 26.00 -33.82 -26.84
CA ASP A 264 27.34 -34.39 -26.86
C ASP A 264 28.02 -34.02 -25.55
N ASN A 265 27.71 -34.79 -24.50
CA ASN A 265 28.22 -34.52 -23.16
C ASN A 265 29.63 -35.09 -22.98
N LYS A 266 30.54 -34.62 -23.86
CA LYS A 266 31.96 -34.70 -24.16
C LYS A 266 32.52 -33.35 -24.56
N SER A 267 31.87 -32.25 -24.19
CA SER A 267 32.28 -30.93 -24.67
C SER A 267 33.68 -30.58 -24.19
N VAL A 268 34.08 -31.07 -23.01
CA VAL A 268 35.34 -30.70 -22.40
C VAL A 268 36.14 -31.95 -22.07
N GLY A 269 37.44 -31.78 -21.98
CA GLY A 269 38.38 -32.86 -21.75
C GLY A 269 39.63 -32.64 -22.57
N ILE A 270 40.42 -33.70 -22.73
CA ILE A 270 41.62 -33.65 -23.56
C ILE A 270 42.55 -32.57 -23.02
N PRO A 271 43.01 -32.68 -21.78
CA PRO A 271 43.89 -31.64 -21.23
C PRO A 271 45.26 -31.66 -21.90
N SER A 272 45.91 -30.50 -21.85
CA SER A 272 47.24 -30.36 -22.45
C SER A 272 48.31 -31.15 -21.71
N LYS A 273 47.99 -31.69 -20.53
CA LYS A 273 48.93 -32.49 -19.77
C LYS A 273 50.12 -31.65 -19.33
N LYS A 274 51.23 -31.70 -20.08
CA LYS A 274 52.46 -31.05 -19.64
C LYS A 274 53.23 -30.52 -20.83
N ILE A 275 54.22 -29.68 -20.54
CA ILE A 275 55.15 -29.14 -21.53
C ILE A 275 56.50 -28.91 -20.84
N GLY A 276 57.58 -29.17 -21.56
CA GLY A 276 58.91 -29.04 -20.98
C GLY A 276 59.28 -27.59 -20.71
N VAL A 277 60.13 -27.38 -19.71
CA VAL A 277 60.55 -26.06 -19.26
C VAL A 277 61.94 -26.16 -18.63
N PHE A 278 62.60 -25.01 -18.52
CA PHE A 278 63.96 -24.91 -18.00
C PHE A 278 63.92 -24.07 -16.72
N ILE A 279 64.56 -24.58 -15.66
CA ILE A 279 64.47 -23.94 -14.35
C ILE A 279 65.47 -22.80 -14.24
N LYS A 280 65.14 -21.84 -13.40
CA LYS A 280 66.08 -20.83 -12.93
C LYS A 280 65.67 -20.44 -11.51
N CYS A 281 66.65 -20.01 -10.72
CA CYS A 281 66.44 -19.79 -9.30
C CYS A 281 66.72 -18.34 -8.94
N ASP A 282 66.11 -17.91 -7.83
CA ASP A 282 66.27 -16.56 -7.32
C ASP A 282 66.09 -16.59 -5.80
N SER A 283 66.62 -15.56 -5.15
CA SER A 283 66.41 -15.37 -3.72
C SER A 283 65.39 -14.29 -3.40
N GLN A 284 65.25 -13.30 -4.28
CA GLN A 284 64.24 -12.26 -4.08
C GLN A 284 62.84 -12.84 -4.07
N ILE A 285 62.54 -13.72 -5.02
CA ILE A 285 61.18 -14.27 -5.15
C ILE A 285 60.88 -15.13 -3.92
N PRO A 286 59.67 -15.11 -3.38
CA PRO A 286 59.38 -15.92 -2.18
C PRO A 286 59.35 -17.41 -2.49
N GLU A 287 59.46 -18.19 -1.42
CA GLU A 287 59.49 -19.64 -1.54
C GLU A 287 58.11 -20.20 -1.87
N ASN A 288 58.11 -21.44 -2.36
CA ASN A 288 56.89 -22.13 -2.75
C ASN A 288 56.04 -21.25 -3.66
N HIS A 289 56.71 -20.55 -4.58
CA HIS A 289 56.04 -19.65 -5.50
C HIS A 289 56.86 -19.61 -6.77
N ILE A 290 56.18 -19.77 -7.91
CA ILE A 290 56.82 -20.04 -9.19
C ILE A 290 56.34 -19.00 -10.20
N ALA A 291 57.27 -18.46 -10.99
CA ALA A 291 56.97 -17.44 -11.98
C ALA A 291 57.26 -17.97 -13.38
N LEU A 292 56.42 -17.56 -14.34
CA LEU A 292 56.43 -18.11 -15.68
C LEU A 292 56.63 -16.99 -16.69
N SER A 293 57.36 -17.30 -17.77
CA SER A 293 57.59 -16.32 -18.81
C SER A 293 56.33 -16.10 -19.65
N SER A 294 56.26 -14.93 -20.29
CA SER A 294 55.10 -14.62 -21.13
C SER A 294 54.93 -15.66 -22.22
N HIS A 295 56.03 -16.05 -22.87
CA HIS A 295 55.97 -17.11 -23.87
C HIS A 295 55.63 -18.45 -23.23
N LEU A 296 55.85 -18.60 -21.93
CA LEU A 296 55.35 -19.76 -21.22
C LEU A 296 53.89 -19.58 -20.81
N TRP A 297 53.52 -18.37 -20.40
CA TRP A 297 52.15 -18.11 -19.99
C TRP A 297 51.19 -18.37 -21.14
N ASP A 298 51.37 -17.65 -22.25
CA ASP A 298 50.54 -17.88 -23.43
C ASP A 298 50.63 -19.34 -23.88
N ALA A 299 51.82 -19.94 -23.77
CA ALA A 299 51.95 -21.36 -24.07
C ALA A 299 50.98 -22.18 -23.25
N PHE A 300 50.68 -21.75 -22.02
CA PHE A 300 49.61 -22.34 -21.23
C PHE A 300 48.26 -21.67 -21.50
N PHE A 301 48.15 -20.91 -22.59
CA PHE A 301 46.94 -20.19 -22.96
C PHE A 301 46.25 -19.58 -21.74
N THR A 302 47.04 -18.99 -20.83
CA THR A 302 46.50 -18.27 -19.69
C THR A 302 47.25 -16.96 -19.51
N HIS A 303 46.52 -15.90 -19.24
CA HIS A 303 47.15 -14.64 -18.92
C HIS A 303 47.89 -14.76 -17.59
N PRO A 304 48.97 -14.02 -17.38
CA PRO A 304 49.66 -14.09 -16.09
C PRO A 304 48.77 -13.64 -14.94
N MET A 305 48.40 -14.59 -14.08
CA MET A 305 47.56 -14.33 -12.93
C MET A 305 48.18 -14.97 -11.71
N ASN A 306 48.46 -14.16 -10.69
CA ASN A 306 49.09 -14.67 -9.48
C ASN A 306 48.18 -15.69 -8.80
N GLY A 307 48.79 -16.77 -8.32
CA GLY A 307 48.10 -17.74 -7.48
C GLY A 307 47.78 -19.05 -8.16
N ALA A 308 47.82 -19.12 -9.48
CA ALA A 308 47.52 -20.37 -10.16
C ALA A 308 48.53 -21.43 -9.77
N LYS A 309 48.06 -22.67 -9.66
CA LYS A 309 48.88 -23.78 -9.21
C LYS A 309 49.31 -24.61 -10.40
N ILE A 310 50.62 -24.82 -10.52
CA ILE A 310 51.21 -25.53 -11.65
C ILE A 310 52.08 -26.67 -11.13
N LYS A 311 52.08 -27.75 -11.90
CA LYS A 311 52.79 -28.98 -11.56
C LYS A 311 54.16 -28.99 -12.24
N LEU A 312 55.22 -29.08 -11.43
CA LEU A 312 56.59 -29.07 -11.93
C LEU A 312 57.26 -30.38 -11.52
N GLU A 313 57.95 -31.02 -12.46
CA GLU A 313 58.71 -32.23 -12.18
C GLU A 313 60.12 -32.09 -12.73
N PHE A 314 61.10 -32.52 -11.93
CA PHE A 314 62.51 -32.40 -12.24
C PHE A 314 62.98 -33.55 -13.13
N LEU A 315 64.06 -33.31 -13.86
CA LEU A 315 64.65 -34.28 -14.78
C LEU A 315 66.08 -34.59 -14.34
N GLN A 316 66.36 -35.87 -14.11
CA GLN A 316 67.73 -36.27 -13.78
C GLN A 316 68.56 -36.29 -15.06
N MET A 317 69.74 -35.65 -15.00
CA MET A 317 70.62 -35.63 -16.16
C MET A 317 70.99 -37.05 -16.59
N ASN A 318 70.97 -37.27 -17.91
CA ASN A 318 71.44 -38.52 -18.48
C ASN A 318 71.75 -38.27 -19.95
N GLN A 319 72.38 -39.28 -20.56
CA GLN A 319 72.66 -39.26 -22.00
C GLN A 319 71.70 -40.17 -22.77
N ALA A 320 70.65 -40.67 -22.12
CA ALA A 320 69.72 -41.56 -22.78
C ALA A 320 68.81 -40.81 -23.73
N ASN A 321 68.01 -39.87 -23.20
CA ASN A 321 67.10 -39.08 -24.01
C ASN A 321 67.52 -37.63 -24.16
N ILE A 322 68.21 -37.07 -23.16
CA ILE A 322 68.72 -35.71 -23.30
C ILE A 322 69.69 -35.69 -24.46
N ILE A 323 69.36 -34.92 -25.50
CA ILE A 323 70.13 -34.94 -26.73
C ILE A 323 71.49 -34.32 -26.47
N SER A 324 72.55 -35.08 -26.75
CA SER A 324 73.92 -34.58 -26.74
C SER A 324 74.58 -34.77 -28.09
N GLY A 325 73.78 -34.81 -29.15
CA GLY A 325 74.28 -35.09 -30.49
C GLY A 325 73.48 -34.34 -31.54
N ARG A 326 73.50 -34.87 -32.75
CA ARG A 326 72.97 -34.23 -33.94
C ARG A 326 71.63 -34.87 -34.31
N ASN A 327 71.16 -34.58 -35.54
CA ASN A 327 70.03 -35.24 -36.19
C ASN A 327 68.71 -35.02 -35.44
N ALA A 328 68.34 -33.75 -35.35
CA ALA A 328 67.02 -33.34 -34.87
C ALA A 328 66.18 -32.83 -36.03
N THR A 329 64.88 -32.69 -35.78
CA THR A 329 63.95 -32.15 -36.76
C THR A 329 62.89 -31.35 -36.03
N VAL A 330 62.75 -30.06 -36.39
CA VAL A 330 61.80 -29.18 -35.71
C VAL A 330 60.88 -28.51 -36.71
N ASN A 331 60.58 -29.19 -37.82
CA ASN A 331 59.67 -28.64 -38.81
C ASN A 331 58.44 -28.05 -38.14
N ILE A 332 58.01 -26.88 -38.63
CA ILE A 332 56.95 -26.12 -38.00
C ILE A 332 55.76 -26.04 -38.95
N LYS A 333 54.56 -26.02 -38.36
CA LYS A 333 53.32 -25.83 -39.11
C LYS A 333 52.69 -24.53 -38.59
N TYR A 334 52.79 -23.48 -39.38
CA TYR A 334 52.30 -22.16 -38.98
C TYR A 334 51.04 -21.82 -39.76
N PHE A 335 50.03 -21.32 -39.05
CA PHE A 335 48.74 -20.97 -39.67
C PHE A 335 48.35 -19.57 -39.18
N GLY A 336 48.79 -18.55 -39.90
CA GLY A 336 48.38 -17.19 -39.64
C GLY A 336 47.68 -16.60 -40.84
N LYS A 337 47.87 -15.31 -41.08
CA LYS A 337 47.23 -14.61 -42.19
C LYS A 337 48.22 -13.72 -42.91
N ASP A 338 49.44 -14.22 -43.12
CA ASP A 338 50.46 -13.50 -43.85
C ASP A 338 51.61 -14.46 -44.16
N VAL A 339 52.47 -14.04 -45.08
CA VAL A 339 53.65 -14.85 -45.39
C VAL A 339 54.52 -14.95 -44.14
N PRO A 340 55.03 -16.13 -43.78
CA PRO A 340 55.88 -16.21 -42.59
C PRO A 340 57.25 -15.60 -42.83
N THR A 341 57.33 -14.28 -42.73
CA THR A 341 58.58 -13.59 -43.01
C THR A 341 59.73 -14.14 -42.17
N LYS A 342 59.48 -14.35 -40.88
CA LYS A 342 60.51 -14.88 -40.00
C LYS A 342 61.02 -16.21 -40.53
N SER A 343 62.30 -16.25 -40.90
CA SER A 343 62.90 -17.46 -41.40
C SER A 343 63.03 -18.49 -40.28
N GLY A 344 63.22 -19.74 -40.67
CA GLY A 344 63.35 -20.81 -39.69
C GLY A 344 64.48 -20.55 -38.71
N ASP A 345 65.64 -20.14 -39.22
CA ASP A 345 66.75 -19.81 -38.35
C ASP A 345 66.44 -18.58 -37.50
N GLN A 346 65.75 -17.60 -38.08
CA GLN A 346 65.41 -16.39 -37.32
C GLN A 346 64.62 -16.73 -36.07
N TYR A 347 63.80 -17.80 -36.11
CA TYR A 347 63.12 -18.25 -34.90
C TYR A 347 64.09 -18.74 -33.84
N SER A 348 65.32 -19.11 -34.24
CA SER A 348 66.29 -19.69 -33.31
C SER A 348 67.61 -18.92 -33.33
N LYS A 349 67.57 -17.63 -33.67
CA LYS A 349 68.77 -16.81 -33.62
C LYS A 349 68.54 -15.43 -32.99
N LEU A 350 67.31 -15.08 -32.64
CA LEU A 350 67.05 -13.76 -32.07
C LEU A 350 67.39 -13.73 -30.59
N LEU A 351 66.79 -14.62 -29.81
CA LEU A 351 67.07 -14.70 -28.38
C LEU A 351 68.23 -15.62 -28.07
N GLY A 352 68.45 -16.64 -28.90
CA GLY A 352 69.60 -17.52 -28.74
C GLY A 352 69.23 -18.92 -28.27
N GLY A 353 69.16 -19.87 -29.21
CA GLY A 353 68.86 -21.24 -28.86
C GLY A 353 67.55 -21.37 -28.10
N SER A 354 67.23 -22.59 -27.67
CA SER A 354 66.03 -22.80 -26.87
C SER A 354 65.86 -24.26 -26.47
N LEU A 355 65.08 -24.49 -25.41
CA LEU A 355 64.65 -25.83 -25.01
C LEU A 355 63.19 -25.99 -25.38
N LEU A 356 62.82 -27.17 -25.88
CA LEU A 356 61.44 -27.37 -26.29
C LEU A 356 61.19 -28.85 -26.49
N THR A 357 60.02 -29.17 -27.00
CA THR A 357 59.64 -30.56 -27.22
C THR A 357 58.60 -30.62 -28.34
N ASN A 358 57.96 -31.77 -28.48
CA ASN A 358 56.95 -31.96 -29.51
C ASN A 358 55.66 -31.25 -29.12
N ASN A 359 54.95 -30.75 -30.13
CA ASN A 359 53.57 -30.29 -30.01
C ASN A 359 53.45 -29.16 -28.97
N LEU A 360 54.10 -28.05 -29.29
CA LEU A 360 53.92 -26.79 -28.56
C LEU A 360 53.12 -25.84 -29.43
N ILE A 361 51.92 -25.50 -28.98
CA ILE A 361 51.02 -24.60 -29.71
C ILE A 361 51.10 -23.22 -29.08
N LEU A 362 51.36 -22.22 -29.92
CA LEU A 362 51.58 -20.85 -29.44
C LEU A 362 50.63 -19.91 -30.17
N PRO A 363 49.53 -19.50 -29.54
CA PRO A 363 48.64 -18.52 -30.19
C PRO A 363 49.33 -17.22 -30.55
N THR A 364 50.41 -16.86 -29.85
CA THR A 364 51.14 -15.65 -30.21
C THR A 364 51.67 -15.74 -31.63
N GLU A 365 52.23 -16.89 -32.00
CA GLU A 365 52.74 -17.11 -33.34
C GLU A 365 51.88 -18.08 -34.15
N GLN A 366 50.85 -18.67 -33.53
CA GLN A 366 49.95 -19.60 -34.21
C GLN A 366 50.75 -20.66 -34.96
N ILE A 367 51.71 -21.26 -34.27
CA ILE A 367 52.59 -22.26 -34.87
C ILE A 367 52.54 -23.52 -34.02
N ILE A 368 52.76 -24.65 -34.69
CA ILE A 368 52.83 -25.96 -34.04
C ILE A 368 54.19 -26.55 -34.33
N ILE A 369 54.87 -27.01 -33.28
CA ILE A 369 56.23 -27.53 -33.40
C ILE A 369 56.15 -29.04 -33.58
N GLU A 370 56.78 -29.54 -34.65
CA GLU A 370 56.85 -30.96 -34.93
C GLU A 370 58.26 -31.46 -34.62
N ILE A 371 58.38 -32.31 -33.61
CA ILE A 371 59.65 -32.89 -33.19
C ILE A 371 59.63 -34.36 -33.55
N LYS A 372 60.61 -34.79 -34.35
CA LYS A 372 60.67 -36.17 -34.81
C LYS A 372 62.01 -36.38 -35.50
N LYS A 373 62.27 -37.64 -35.85
CA LYS A 373 63.46 -38.01 -36.63
C LYS A 373 63.00 -38.90 -37.79
N GLY A 374 62.60 -38.26 -38.88
CA GLY A 374 62.32 -38.98 -40.11
C GLY A 374 61.08 -39.84 -40.00
N GLU A 375 61.19 -40.91 -39.19
CA GLU A 375 60.09 -41.84 -38.98
C GLU A 375 59.80 -42.06 -37.50
N SER A 376 60.55 -41.40 -36.61
CA SER A 376 60.38 -41.51 -35.17
C SER A 376 59.56 -40.31 -34.68
N GLU A 377 59.49 -40.16 -33.35
CA GLU A 377 58.89 -38.98 -32.74
C GLU A 377 59.64 -38.73 -31.43
N GLN A 378 60.66 -37.89 -31.49
CA GLN A 378 61.48 -37.62 -30.32
C GLN A 378 60.68 -36.84 -29.27
N GLN A 379 60.86 -37.23 -28.01
CA GLN A 379 60.09 -36.62 -26.92
C GLN A 379 60.38 -35.12 -26.83
N LEU A 380 61.65 -34.74 -26.77
CA LEU A 380 62.04 -33.35 -26.57
C LEU A 380 63.18 -33.00 -27.52
N CYS A 381 63.42 -31.70 -27.66
CA CYS A 381 64.54 -31.18 -28.43
C CYS A 381 65.26 -30.10 -27.62
N ASN A 382 66.54 -30.33 -27.39
CA ASN A 382 67.41 -29.40 -26.68
C ASN A 382 68.44 -28.84 -27.65
N LEU A 383 68.66 -27.53 -27.58
CA LEU A 383 69.70 -26.89 -28.39
C LEU A 383 70.07 -25.59 -27.70
N ASN A 384 71.26 -25.55 -27.09
CA ASN A 384 71.70 -24.31 -26.46
C ASN A 384 72.58 -23.50 -27.40
N GLU A 385 73.81 -23.98 -27.64
CA GLU A 385 74.64 -23.43 -28.71
C GLU A 385 75.58 -24.49 -29.27
N ILE A 386 75.08 -25.70 -29.51
CA ILE A 386 75.97 -26.81 -29.85
C ILE A 386 76.83 -26.37 -31.03
N SER A 387 76.21 -26.20 -32.20
CA SER A 387 76.79 -25.36 -33.24
C SER A 387 75.70 -24.63 -34.02
N ASN A 388 74.53 -24.44 -33.42
CA ASN A 388 73.37 -23.88 -34.10
C ASN A 388 73.08 -24.65 -35.38
N GLU A 389 72.79 -25.93 -35.21
CA GLU A 389 72.72 -26.87 -36.32
C GLU A 389 71.91 -28.09 -35.87
N SER A 390 71.97 -29.15 -36.67
CA SER A 390 71.51 -30.53 -36.53
C SER A 390 70.02 -30.58 -36.20
N VAL A 391 69.26 -29.68 -36.82
CA VAL A 391 67.83 -29.59 -36.59
C VAL A 391 67.20 -28.99 -37.84
N GLN A 392 65.94 -29.31 -38.07
CA GLN A 392 65.25 -28.97 -39.33
C GLN A 392 64.21 -27.91 -39.03
N TRP A 393 64.56 -26.65 -39.28
CA TRP A 393 63.69 -25.51 -39.00
C TRP A 393 63.02 -25.10 -40.32
N LYS A 394 61.92 -25.77 -40.63
CA LYS A 394 61.20 -25.55 -41.88
C LYS A 394 60.00 -24.64 -41.62
N VAL A 395 59.98 -23.49 -42.28
CA VAL A 395 58.88 -22.54 -42.19
C VAL A 395 57.80 -23.02 -43.15
N THR A 396 56.88 -23.84 -42.67
CA THR A 396 55.88 -24.48 -43.50
C THR A 396 54.49 -24.07 -43.02
N GLN A 397 53.63 -23.68 -43.96
CA GLN A 397 52.24 -23.39 -43.62
C GLN A 397 51.50 -24.69 -43.30
N MET A 398 50.23 -24.56 -42.94
CA MET A 398 49.41 -25.68 -42.54
C MET A 398 48.08 -25.66 -43.28
N GLY A 399 47.53 -26.85 -43.50
CA GLY A 399 46.26 -26.95 -44.20
C GLY A 399 45.14 -26.29 -43.41
N LYS A 400 44.17 -25.74 -44.14
CA LYS A 400 43.12 -24.97 -43.50
C LYS A 400 42.11 -25.86 -42.76
N GLU A 401 41.80 -27.04 -43.30
CA GLU A 401 40.88 -27.93 -42.61
C GLU A 401 41.48 -28.41 -41.29
N GLU A 402 42.72 -28.91 -41.32
CA GLU A 402 43.39 -29.32 -40.10
C GLU A 402 43.56 -28.14 -39.16
N VAL A 403 43.80 -26.94 -39.71
CA VAL A 403 43.95 -25.76 -38.88
C VAL A 403 42.65 -25.48 -38.13
N LYS A 404 41.51 -25.53 -38.84
CA LYS A 404 40.23 -25.33 -38.19
C LYS A 404 39.99 -26.39 -37.11
N ASP A 405 40.33 -27.64 -37.43
CA ASP A 405 40.12 -28.72 -36.46
C ASP A 405 40.94 -28.50 -35.21
N ILE A 406 42.21 -28.12 -35.36
CA ILE A 406 43.04 -27.87 -34.18
C ILE A 406 42.55 -26.65 -33.42
N ILE A 407 42.06 -25.64 -34.14
CA ILE A 407 41.54 -24.45 -33.48
C ILE A 407 40.36 -24.81 -32.59
N GLU A 408 39.43 -25.63 -33.11
CA GLU A 408 38.26 -26.01 -32.34
C GLU A 408 38.57 -27.05 -31.27
N ARG A 409 39.63 -27.84 -31.44
CA ARG A 409 39.92 -28.93 -30.52
C ARG A 409 40.89 -28.53 -29.41
N HIS A 410 41.67 -27.48 -29.59
CA HIS A 410 42.70 -27.09 -28.63
C HIS A 410 42.52 -25.68 -28.11
N LEU A 411 42.08 -24.74 -28.93
CA LEU A 411 42.04 -23.34 -28.56
C LEU A 411 40.63 -22.98 -28.10
N PRO A 412 40.42 -22.64 -26.82
CA PRO A 412 39.09 -22.20 -26.40
C PRO A 412 38.72 -20.85 -26.98
N LYS A 413 37.55 -20.33 -26.59
CA LYS A 413 36.98 -19.13 -27.19
C LYS A 413 37.42 -17.84 -26.52
N HIS A 414 38.25 -17.90 -25.49
CA HIS A 414 38.53 -16.72 -24.68
C HIS A 414 39.77 -15.95 -25.14
N TYR A 415 40.48 -16.42 -26.16
CA TYR A 415 41.65 -15.72 -26.67
C TYR A 415 41.39 -14.97 -27.97
N HIS A 416 40.19 -15.05 -28.53
CA HIS A 416 39.88 -14.29 -29.74
C HIS A 416 40.08 -12.81 -29.48
N VAL A 417 40.78 -12.14 -30.38
CA VAL A 417 41.09 -10.72 -30.25
C VAL A 417 41.76 -10.49 -28.90
N LYS A 418 43.02 -10.93 -28.78
CA LYS A 418 43.76 -10.82 -27.53
C LYS A 418 45.05 -10.04 -27.66
N GLU A 419 45.41 -9.59 -28.87
CA GLU A 419 46.58 -8.75 -29.07
C GLU A 419 46.23 -7.27 -28.97
N THR A 420 45.62 -6.90 -27.85
CA THR A 420 45.10 -5.54 -27.65
C THR A 420 46.17 -4.66 -26.99
N GLY A 421 47.22 -4.40 -27.76
CA GLY A 421 48.26 -3.50 -27.30
C GLY A 421 49.04 -3.98 -26.10
N GLU A 422 48.96 -5.27 -25.78
CA GLU A 422 49.67 -5.88 -24.65
C GLU A 422 49.69 -4.95 -23.44
N VAL A 423 48.51 -4.47 -23.06
CA VAL A 423 48.34 -3.67 -21.86
C VAL A 423 49.08 -2.34 -22.02
N SER A 424 48.36 -1.30 -22.42
CA SER A 424 48.93 0.03 -22.59
C SER A 424 48.75 0.92 -21.37
N ARG A 425 48.00 0.47 -20.36
CA ARG A 425 47.76 1.24 -19.14
C ARG A 425 46.99 2.52 -19.45
N THR A 426 46.34 3.08 -18.43
CA THR A 426 45.52 4.29 -18.60
C THR A 426 46.42 5.53 -18.56
N SER A 427 47.24 5.65 -19.59
CA SER A 427 48.16 6.79 -19.79
C SER A 427 49.00 6.94 -18.52
N LYS A 428 49.19 8.14 -17.98
CA LYS A 428 50.00 8.37 -16.79
C LYS A 428 49.16 8.38 -15.53
N ASP A 429 48.07 7.60 -15.50
CA ASP A 429 47.16 7.58 -14.36
C ASP A 429 47.79 6.75 -13.24
N GLU A 430 48.79 7.36 -12.61
CA GLU A 430 49.42 6.80 -11.42
C GLU A 430 49.70 7.88 -10.39
N ASP A 431 48.82 8.89 -10.31
CA ASP A 431 49.08 10.04 -9.46
C ASP A 431 49.33 9.61 -8.03
N ASP A 432 50.40 10.15 -7.44
CA ASP A 432 50.76 9.85 -6.05
C ASP A 432 50.18 10.93 -5.15
N PHE A 433 48.87 10.87 -4.96
CA PHE A 433 48.19 11.78 -4.04
C PHE A 433 48.81 11.63 -2.66
N ILE A 434 49.24 12.74 -2.07
CA ILE A 434 50.05 12.68 -0.85
C ILE A 434 49.31 11.94 0.25
N THR A 435 48.17 12.48 0.68
CA THR A 435 47.47 11.89 1.83
C THR A 435 46.81 10.56 1.45
N VAL A 436 46.27 10.47 0.25
CA VAL A 436 45.68 9.22 -0.20
C VAL A 436 46.75 8.14 -0.30
N ASN A 437 47.97 8.51 -0.69
CA ASN A 437 49.06 7.54 -0.67
C ASN A 437 49.45 7.18 0.76
N SER A 438 49.44 8.16 1.66
CA SER A 438 49.63 7.85 3.07
C SER A 438 48.63 6.80 3.52
N ILE A 439 47.40 6.87 3.02
CA ILE A 439 46.41 5.82 3.25
C ILE A 439 46.86 4.52 2.60
N LYS A 440 47.22 4.60 1.32
CA LYS A 440 47.51 3.41 0.52
C LYS A 440 48.58 2.55 1.17
N LYS A 441 49.56 3.19 1.79
CA LYS A 441 50.67 2.45 2.38
C LYS A 441 50.14 1.43 3.38
N GLU A 442 49.47 1.89 4.44
CA GLU A 442 48.97 0.94 5.43
C GLU A 442 47.78 0.13 4.92
N MET A 443 47.02 0.60 3.93
CA MET A 443 46.13 -0.34 3.24
C MET A 443 46.89 -1.58 2.81
N VAL A 444 47.89 -1.42 1.94
CA VAL A 444 48.59 -2.60 1.42
C VAL A 444 49.27 -3.35 2.55
N ASN A 445 49.83 -2.64 3.53
CA ASN A 445 50.53 -3.31 4.61
C ASN A 445 49.59 -4.19 5.43
N TYR A 446 48.48 -3.62 5.90
CA TYR A 446 47.53 -4.38 6.71
C TYR A 446 46.92 -5.51 5.91
N LEU A 447 46.44 -5.21 4.70
CA LEU A 447 45.89 -6.26 3.85
C LEU A 447 46.92 -7.34 3.57
N THR A 448 48.21 -6.99 3.57
CA THR A 448 49.29 -7.95 3.41
C THR A 448 49.92 -8.33 4.74
N SER A 449 49.30 -7.94 5.86
CA SER A 449 49.86 -8.28 7.15
C SER A 449 49.89 -9.79 7.35
N PRO A 450 50.79 -10.29 8.20
CA PRO A 450 50.87 -11.75 8.38
C PRO A 450 49.56 -12.36 8.85
N ILE A 451 48.75 -11.62 9.60
CA ILE A 451 47.50 -12.14 10.14
C ILE A 451 46.44 -11.05 10.07
N ILE A 452 45.18 -11.47 10.21
CA ILE A 452 44.03 -10.59 10.08
C ILE A 452 43.07 -10.88 11.24
N ALA A 453 42.53 -9.81 11.83
CA ALA A 453 41.53 -9.99 12.88
C ALA A 453 40.19 -10.41 12.26
N THR A 454 39.64 -9.55 11.42
CA THR A 454 38.50 -9.89 10.57
C THR A 454 38.82 -9.44 9.15
N PRO A 455 38.35 -10.17 8.15
CA PRO A 455 38.86 -9.97 6.78
C PRO A 455 38.29 -8.76 6.06
N ALA A 456 37.45 -7.96 6.70
CA ALA A 456 36.67 -6.95 6.00
C ALA A 456 37.05 -5.55 6.43
N ILE A 457 37.23 -4.67 5.45
CA ILE A 457 37.39 -3.24 5.67
C ILE A 457 36.65 -2.53 4.56
N ILE A 458 36.38 -1.23 4.77
CA ILE A 458 35.70 -0.42 3.78
C ILE A 458 36.50 0.86 3.58
N LEU A 459 36.32 1.48 2.42
CA LEU A 459 36.91 2.78 2.12
C LEU A 459 35.74 3.75 1.96
N ASP A 460 35.28 4.29 3.09
CA ASP A 460 34.15 5.19 3.07
C ASP A 460 34.51 6.51 2.39
N GLY A 461 33.50 7.16 1.84
CA GLY A 461 33.71 8.44 1.19
C GLY A 461 32.57 8.82 0.26
N LYS A 462 32.24 10.11 0.24
CA LYS A 462 31.23 10.62 -0.66
C LYS A 462 31.59 10.32 -2.11
N GLN A 463 30.65 10.59 -3.01
CA GLN A 463 30.88 10.33 -4.43
C GLN A 463 31.97 11.26 -4.97
N GLY A 464 32.63 10.80 -6.03
CA GLY A 464 33.58 11.62 -6.76
C GLY A 464 35.00 11.61 -6.22
N ILE A 465 35.31 10.79 -5.23
CA ILE A 465 36.64 10.76 -4.65
C ILE A 465 37.49 9.72 -5.38
N GLY A 466 37.01 9.26 -6.53
CA GLY A 466 37.81 8.35 -7.34
C GLY A 466 38.23 7.10 -6.61
N LYS A 467 37.39 6.59 -5.72
CA LYS A 467 37.73 5.35 -5.02
C LYS A 467 38.03 4.24 -6.02
N THR A 468 37.15 4.04 -7.00
CA THR A 468 37.35 3.01 -8.01
C THR A 468 38.80 2.95 -8.47
N ARG A 469 39.36 4.10 -8.85
CA ARG A 469 40.76 4.12 -9.29
C ARG A 469 41.70 3.78 -8.14
N LEU A 470 41.35 4.19 -6.92
CA LEU A 470 42.16 3.80 -5.77
C LEU A 470 42.26 2.29 -5.67
N LEU A 471 41.12 1.61 -5.82
CA LEU A 471 41.09 0.15 -5.74
C LEU A 471 41.86 -0.47 -6.90
N LYS A 472 41.75 0.12 -8.09
CA LYS A 472 42.48 -0.44 -9.23
C LYS A 472 43.99 -0.33 -9.03
N GLU A 473 44.46 0.86 -8.65
CA GLU A 473 45.87 1.04 -8.33
C GLU A 473 46.31 0.07 -7.24
N LEU A 474 45.45 -0.11 -6.23
CA LEU A 474 45.71 -1.06 -5.16
C LEU A 474 45.96 -2.43 -5.76
N ILE A 475 44.93 -2.99 -6.40
CA ILE A 475 44.98 -4.31 -7.02
C ILE A 475 46.31 -4.46 -7.74
N ASN A 476 46.67 -3.45 -8.55
CA ASN A 476 47.93 -3.51 -9.29
C ASN A 476 49.11 -3.68 -8.35
N GLU A 477 49.22 -2.80 -7.34
CA GLU A 477 50.38 -2.83 -6.45
C GLU A 477 50.45 -4.14 -5.68
N VAL A 478 49.31 -4.59 -5.14
CA VAL A 478 49.30 -5.79 -4.34
C VAL A 478 49.70 -6.99 -5.19
N GLU A 479 49.17 -7.08 -6.41
CA GLU A 479 49.59 -8.16 -7.30
C GLU A 479 51.09 -8.10 -7.55
N LYS A 480 51.60 -6.91 -7.89
CA LYS A 480 53.00 -6.79 -8.27
C LYS A 480 53.94 -7.04 -7.10
N ASP A 481 53.51 -6.82 -5.86
CA ASP A 481 54.42 -6.82 -4.73
C ASP A 481 54.23 -7.98 -3.75
N HIS A 482 53.06 -8.62 -3.69
CA HIS A 482 52.82 -9.61 -2.67
C HIS A 482 52.12 -10.88 -3.15
N HIS A 483 51.77 -10.98 -4.43
CA HIS A 483 51.26 -12.22 -5.02
C HIS A 483 49.98 -12.69 -4.32
N ILE A 484 48.94 -11.87 -4.43
CA ILE A 484 47.60 -12.22 -3.99
C ILE A 484 46.70 -12.27 -5.22
N PHE A 485 46.10 -13.43 -5.47
CA PHE A 485 45.01 -13.51 -6.42
C PHE A 485 43.89 -12.59 -5.98
N VAL A 486 43.37 -11.80 -6.91
CA VAL A 486 42.38 -10.78 -6.61
C VAL A 486 41.18 -10.96 -7.52
N LYS A 487 39.98 -10.86 -6.94
CA LYS A 487 38.74 -10.98 -7.68
C LYS A 487 38.02 -9.64 -7.60
N TYR A 488 38.31 -8.76 -8.54
CA TYR A 488 37.56 -7.52 -8.66
C TYR A 488 36.19 -7.79 -9.26
N ALA A 489 35.18 -7.12 -8.72
CA ALA A 489 33.82 -7.26 -9.26
C ALA A 489 33.01 -6.07 -8.77
N ASP A 490 32.60 -5.21 -9.70
CA ASP A 490 31.68 -4.13 -9.34
C ASP A 490 30.33 -4.71 -8.98
N CYS A 491 29.62 -4.00 -8.10
CA CYS A 491 28.32 -4.47 -7.63
C CYS A 491 27.20 -4.20 -8.62
N GLU A 492 27.46 -3.41 -9.65
CA GLU A 492 26.42 -3.12 -10.63
C GLU A 492 25.94 -4.39 -11.33
N THR A 493 26.87 -5.27 -11.71
CA THR A 493 26.49 -6.47 -12.43
C THR A 493 25.64 -7.37 -11.54
N LEU A 494 25.99 -7.50 -10.26
CA LEU A 494 25.20 -8.31 -9.35
C LEU A 494 23.81 -7.71 -9.17
N HIS A 495 23.73 -6.39 -9.02
CA HIS A 495 22.45 -5.71 -9.03
C HIS A 495 21.66 -6.03 -10.29
N GLU A 496 22.35 -6.24 -11.42
CA GLU A 496 21.67 -6.55 -12.67
C GLU A 496 20.75 -7.75 -12.53
N THR A 497 21.11 -8.71 -11.69
CA THR A 497 20.33 -9.93 -11.50
C THR A 497 20.25 -10.28 -10.02
N SER A 498 19.92 -9.28 -9.19
CA SER A 498 19.91 -9.46 -7.74
C SER A 498 18.69 -10.30 -7.34
N ASN A 499 18.75 -11.58 -7.70
CA ASN A 499 17.82 -12.59 -7.22
C ASN A 499 18.56 -13.48 -6.23
N LEU A 500 17.87 -13.86 -5.16
CA LEU A 500 18.58 -14.47 -4.03
C LEU A 500 19.33 -15.72 -4.46
N ASP A 501 18.65 -16.66 -5.11
CA ASP A 501 19.29 -17.94 -5.44
C ASP A 501 20.39 -17.76 -6.48
N LYS A 502 20.09 -17.03 -7.54
CA LYS A 502 21.10 -16.76 -8.56
C LYS A 502 22.36 -16.18 -7.93
N THR A 503 22.18 -15.20 -7.06
CA THR A 503 23.33 -14.59 -6.38
C THR A 503 24.04 -15.63 -5.50
N GLN A 504 23.30 -16.31 -4.62
CA GLN A 504 23.85 -17.33 -3.75
C GLN A 504 24.82 -18.20 -4.54
N LYS A 505 24.40 -18.60 -5.74
CA LYS A 505 25.29 -19.38 -6.60
C LYS A 505 26.57 -18.61 -6.92
N LEU A 506 26.44 -17.32 -7.23
CA LEU A 506 27.61 -16.53 -7.60
C LEU A 506 28.58 -16.41 -6.43
N ILE A 507 28.06 -16.19 -5.23
CA ILE A 507 28.94 -16.08 -4.06
C ILE A 507 29.60 -17.42 -3.75
N MET A 508 28.87 -18.53 -3.93
CA MET A 508 29.51 -19.83 -3.83
C MET A 508 30.69 -19.92 -4.79
N GLU A 509 30.44 -19.61 -6.07
CA GLU A 509 31.49 -19.67 -7.07
C GLU A 509 32.68 -18.82 -6.65
N TRP A 510 32.41 -17.60 -6.20
CA TRP A 510 33.47 -16.69 -5.81
C TRP A 510 34.29 -17.35 -4.72
N CYS A 511 33.69 -17.55 -3.54
CA CYS A 511 34.45 -18.06 -2.41
C CYS A 511 35.23 -19.30 -2.80
N SER A 512 34.62 -20.19 -3.61
CA SER A 512 35.34 -21.37 -4.05
C SER A 512 36.60 -21.00 -4.82
N PHE A 513 36.47 -20.13 -5.83
CA PHE A 513 37.63 -19.77 -6.64
C PHE A 513 38.68 -19.05 -5.79
N CYS A 514 38.25 -18.07 -5.00
CA CYS A 514 39.18 -17.34 -4.16
C CYS A 514 39.95 -18.28 -3.24
N TYR A 515 39.26 -19.26 -2.65
CA TYR A 515 39.97 -20.29 -1.90
C TYR A 515 40.93 -21.05 -2.79
N TRP A 516 40.56 -21.27 -4.05
CA TRP A 516 41.38 -22.06 -4.95
C TRP A 516 42.75 -21.45 -5.16
N TYR A 517 42.91 -20.16 -4.84
CA TYR A 517 44.19 -19.45 -4.97
C TYR A 517 44.46 -18.76 -3.64
N GLY A 518 45.11 -19.47 -2.73
CA GLY A 518 45.43 -18.94 -1.43
C GLY A 518 46.80 -18.31 -1.41
N PRO A 519 46.91 -17.06 -0.95
CA PRO A 519 45.85 -16.16 -0.45
C PRO A 519 45.07 -15.48 -1.56
N SER A 520 43.88 -14.99 -1.23
CA SER A 520 43.00 -14.31 -2.17
C SER A 520 42.60 -12.95 -1.61
N LEU A 521 41.91 -12.16 -2.45
CA LEU A 521 41.41 -10.87 -2.02
C LEU A 521 40.19 -10.54 -2.86
N ILE A 522 39.02 -10.47 -2.22
CA ILE A 522 37.83 -9.99 -2.89
C ILE A 522 37.74 -8.47 -2.73
N VAL A 523 37.02 -7.84 -3.66
CA VAL A 523 36.79 -6.40 -3.58
C VAL A 523 35.53 -6.09 -4.39
N LEU A 524 34.75 -5.13 -3.91
CA LEU A 524 33.48 -4.79 -4.54
C LEU A 524 33.26 -3.29 -4.38
N ASP A 525 33.64 -2.52 -5.40
CA ASP A 525 33.30 -1.10 -5.40
C ASP A 525 31.79 -0.95 -5.41
N ASN A 526 31.29 0.00 -4.62
CA ASN A 526 29.87 0.28 -4.56
C ASN A 526 29.11 -0.88 -3.92
N VAL A 527 29.61 -1.34 -2.76
CA VAL A 527 28.96 -2.45 -2.07
C VAL A 527 27.51 -2.11 -1.76
N GLU A 528 27.25 -0.89 -1.32
CA GLU A 528 25.89 -0.49 -0.96
C GLU A 528 24.91 -0.74 -2.08
N ALA A 529 25.37 -0.68 -3.33
CA ALA A 529 24.48 -0.92 -4.46
C ALA A 529 23.75 -2.25 -4.32
N LEU A 530 24.50 -3.32 -4.01
CA LEU A 530 23.92 -4.65 -3.89
C LEU A 530 23.57 -4.96 -2.44
N PHE A 531 24.57 -4.96 -1.55
CA PHE A 531 24.37 -5.38 -0.17
C PHE A 531 23.85 -4.25 0.72
N GLY A 532 23.83 -3.03 0.24
CA GLY A 532 23.35 -1.92 1.04
C GLY A 532 21.95 -2.16 1.57
N LYS A 533 21.81 -2.27 2.88
CA LYS A 533 20.50 -2.42 3.47
C LYS A 533 19.63 -1.23 3.10
N PRO A 534 18.36 -1.44 2.72
CA PRO A 534 17.47 -0.29 2.53
C PRO A 534 17.60 0.70 3.68
N GLN A 535 17.36 1.98 3.41
CA GLN A 535 17.76 3.03 4.34
C GLN A 535 16.93 2.91 5.61
N ALA A 536 17.53 2.30 6.63
CA ALA A 536 16.93 2.15 7.96
C ALA A 536 15.42 1.98 7.90
N ASN A 537 14.68 3.09 8.01
CA ASN A 537 13.22 3.03 8.10
C ASN A 537 12.62 2.40 6.84
N ASP A 538 12.79 3.07 5.70
CA ASP A 538 12.30 2.57 4.42
C ASP A 538 10.78 2.50 4.36
N GLY A 539 10.11 2.97 5.41
CA GLY A 539 8.66 3.05 5.40
C GLY A 539 7.96 1.98 6.21
N ASP A 540 8.43 0.74 6.12
CA ASP A 540 7.74 -0.38 6.76
C ASP A 540 7.92 -0.31 8.27
N PRO A 541 6.83 -0.28 9.05
CA PRO A 541 6.99 -0.33 10.51
C PRO A 541 7.64 -1.61 11.00
N SER A 542 7.58 -2.69 10.24
CA SER A 542 8.15 -3.97 10.64
C SER A 542 9.64 -3.99 10.29
N ASN A 543 10.37 -3.09 10.95
CA ASN A 543 11.83 -3.05 10.76
C ASN A 543 12.47 -4.36 11.16
N ASN A 544 11.91 -5.04 12.15
CA ASN A 544 12.39 -6.34 12.60
C ASN A 544 11.49 -7.46 12.11
N GLY A 545 11.82 -8.68 12.51
CA GLY A 545 11.04 -9.83 12.11
C GLY A 545 11.37 -10.27 10.69
N GLN A 546 10.99 -9.46 9.71
CA GLN A 546 11.33 -9.72 8.33
C GLN A 546 12.69 -9.14 8.00
N TRP A 547 13.42 -9.83 7.13
CA TRP A 547 14.77 -9.44 6.75
C TRP A 547 14.81 -9.12 5.26
N ASP A 548 15.43 -8.00 4.93
CA ASP A 548 15.57 -7.60 3.54
C ASP A 548 16.38 -8.64 2.77
N ASN A 549 16.03 -8.82 1.49
CA ASN A 549 16.73 -9.80 0.67
C ASN A 549 18.23 -9.58 0.69
N ALA A 550 18.66 -8.34 0.47
CA ALA A 550 20.10 -8.04 0.49
C ALA A 550 20.70 -8.37 1.84
N SER A 551 19.92 -8.21 2.91
CA SER A 551 20.40 -8.61 4.23
C SER A 551 20.68 -10.11 4.28
N LYS A 552 19.76 -10.91 3.72
CA LYS A 552 19.99 -12.35 3.67
C LYS A 552 21.23 -12.68 2.84
N LEU A 553 21.41 -11.97 1.73
CA LEU A 553 22.59 -12.20 0.90
C LEU A 553 23.86 -11.87 1.68
N LEU A 554 23.85 -10.76 2.42
CA LEU A 554 25.01 -10.41 3.23
C LEU A 554 25.26 -11.46 4.30
N ASN A 555 24.21 -11.97 4.93
CA ASN A 555 24.39 -13.04 5.90
C ASN A 555 25.02 -14.27 5.27
N PHE A 556 24.58 -14.60 4.05
CA PHE A 556 25.13 -15.75 3.35
C PHE A 556 26.62 -15.57 3.07
N PHE A 557 26.97 -14.44 2.47
CA PHE A 557 28.36 -14.12 2.21
C PHE A 557 29.17 -14.14 3.49
N ILE A 558 28.61 -13.60 4.57
CA ILE A 558 29.31 -13.57 5.85
C ILE A 558 29.59 -14.99 6.32
N ASN A 559 28.57 -15.85 6.26
CA ASN A 559 28.77 -17.22 6.69
C ASN A 559 29.92 -17.87 5.93
N GLN A 560 29.88 -17.79 4.60
CA GLN A 560 30.93 -18.44 3.82
C GLN A 560 32.30 -17.87 4.15
N VAL A 561 32.46 -16.55 4.07
CA VAL A 561 33.78 -15.97 4.22
C VAL A 561 34.31 -16.18 5.64
N THR A 562 33.47 -15.98 6.65
CA THR A 562 33.93 -16.17 8.03
C THR A 562 34.25 -17.64 8.31
N LYS A 563 33.49 -18.56 7.70
CA LYS A 563 33.82 -19.96 7.85
C LYS A 563 35.20 -20.25 7.29
N ILE A 564 35.49 -19.71 6.10
CA ILE A 564 36.83 -19.90 5.55
C ILE A 564 37.88 -19.23 6.43
N PHE A 565 37.57 -18.05 6.97
CA PHE A 565 38.52 -17.31 7.78
C PHE A 565 38.91 -18.09 9.03
N ASN A 566 37.92 -18.51 9.82
CA ASN A 566 38.21 -19.39 10.94
C ASN A 566 38.95 -20.62 10.44
N LYS A 567 38.55 -21.12 9.27
CA LYS A 567 39.24 -22.23 8.64
C LYS A 567 40.63 -21.81 8.18
N ASP A 568 40.76 -20.60 7.65
CA ASP A 568 42.06 -20.08 7.21
C ASP A 568 42.01 -18.57 7.24
N ASN A 569 42.63 -17.97 8.26
CA ASN A 569 42.76 -16.52 8.32
C ASN A 569 43.57 -15.99 7.15
N LYS A 570 44.64 -16.70 6.79
CA LYS A 570 45.59 -16.18 5.80
C LYS A 570 44.94 -15.98 4.44
N ARG A 571 44.20 -16.98 3.95
CA ARG A 571 43.93 -17.06 2.53
C ARG A 571 43.13 -15.86 2.02
N ILE A 572 41.90 -15.71 2.48
CA ILE A 572 40.96 -14.77 1.89
C ILE A 572 40.76 -13.59 2.83
N ARG A 573 40.87 -12.38 2.28
CA ARG A 573 40.70 -11.14 3.04
C ARG A 573 39.88 -10.19 2.17
N VAL A 574 38.57 -10.09 2.45
CA VAL A 574 37.71 -9.25 1.62
C VAL A 574 38.07 -7.78 1.82
N LEU A 575 37.57 -6.95 0.90
CA LEU A 575 37.75 -5.50 0.99
C LEU A 575 36.49 -4.85 0.42
N PHE A 576 35.64 -4.35 1.30
CA PHE A 576 34.42 -3.70 0.86
C PHE A 576 34.69 -2.24 0.48
N SER A 577 33.70 -1.62 -0.16
CA SER A 577 33.85 -0.25 -0.63
C SER A 577 32.47 0.38 -0.70
N GLY A 578 32.21 1.34 0.20
CA GLY A 578 30.92 2.00 0.27
C GLY A 578 31.08 3.49 0.46
N LYS A 579 29.94 4.18 0.46
CA LYS A 579 29.92 5.64 0.55
C LYS A 579 29.55 6.15 1.93
N GLN A 580 29.09 5.28 2.83
CA GLN A 580 28.76 5.73 4.18
C GLN A 580 28.58 4.51 5.08
N LYS A 581 29.00 4.66 6.33
CA LYS A 581 28.89 3.56 7.29
C LYS A 581 27.43 3.17 7.50
N THR A 582 26.57 4.14 7.80
CA THR A 582 25.16 3.84 8.02
C THR A 582 24.53 3.24 6.78
N GLN A 583 24.87 3.77 5.60
CA GLN A 583 24.32 3.23 4.36
C GLN A 583 24.64 1.74 4.22
N ILE A 584 25.90 1.38 4.44
CA ILE A 584 26.26 -0.03 4.46
C ILE A 584 25.45 -0.74 5.54
N ASN A 585 25.04 -1.96 5.25
CA ASN A 585 24.21 -2.71 6.17
C ASN A 585 24.94 -2.91 7.49
N PRO A 586 24.34 -2.56 8.63
CA PRO A 586 25.04 -2.71 9.91
C PRO A 586 25.29 -4.15 10.32
N LEU A 587 24.64 -5.13 9.68
CA LEU A 587 24.83 -6.53 10.07
C LEU A 587 26.30 -6.90 10.17
N LEU A 588 27.09 -6.57 9.14
CA LEU A 588 28.51 -6.90 9.19
C LEU A 588 29.16 -6.30 10.43
N PHE A 589 28.83 -5.05 10.75
CA PHE A 589 29.33 -4.46 11.99
C PHE A 589 28.88 -5.28 13.21
N ASP A 590 27.58 -5.61 13.29
CA ASP A 590 27.10 -6.35 14.44
C ASP A 590 27.73 -7.73 14.52
N LYS A 591 27.89 -8.39 13.37
CA LYS A 591 28.59 -9.67 13.31
C LYS A 591 30.10 -9.50 13.38
N HIS A 592 30.58 -8.29 13.65
CA HIS A 592 32.01 -8.04 13.83
C HIS A 592 32.81 -8.52 12.63
N PHE A 593 32.23 -8.32 11.43
CA PHE A 593 32.92 -8.74 10.21
C PHE A 593 34.05 -7.80 9.84
N VAL A 594 33.87 -6.50 10.07
CA VAL A 594 34.84 -5.49 9.67
C VAL A 594 35.65 -5.08 10.88
N SER A 595 36.97 -5.22 10.78
CA SER A 595 37.84 -4.81 11.88
C SER A 595 37.90 -3.29 11.99
N GLU A 596 38.29 -2.63 10.91
CA GLU A 596 38.47 -1.19 10.92
C GLU A 596 38.13 -0.65 9.54
N THR A 597 37.77 0.63 9.48
CA THR A 597 37.35 1.28 8.26
C THR A 597 38.05 2.62 8.08
N TRP A 598 38.17 3.04 6.83
CA TRP A 598 38.84 4.29 6.47
C TRP A 598 37.92 5.13 5.60
N SER A 599 37.81 6.41 5.91
CA SER A 599 37.00 7.35 5.15
C SER A 599 37.91 8.22 4.29
N LEU A 600 37.60 8.32 3.00
CA LEU A 600 38.40 9.10 2.07
C LEU A 600 37.89 10.54 2.10
N ARG A 601 38.63 11.40 2.78
CA ARG A 601 38.22 12.78 2.97
C ARG A 601 38.46 13.60 1.70
N ALA A 602 37.83 14.77 1.64
CA ALA A 602 38.03 15.65 0.50
C ALA A 602 39.51 16.03 0.39
N PRO A 603 40.03 16.22 -0.81
CA PRO A 603 41.46 16.50 -0.96
C PRO A 603 41.83 17.86 -0.39
N ASP A 604 43.10 17.97 0.00
CA ASP A 604 43.65 19.20 0.53
C ASP A 604 44.35 19.99 -0.56
N LYS A 605 44.53 21.29 -0.29
CA LYS A 605 45.16 22.17 -1.28
C LYS A 605 46.51 21.64 -1.73
N HIS A 606 47.32 21.17 -0.78
CA HIS A 606 48.64 20.66 -1.13
C HIS A 606 48.52 19.50 -2.11
N ALA A 607 47.53 18.63 -1.91
CA ALA A 607 47.28 17.56 -2.86
C ALA A 607 46.73 18.10 -4.18
N ARG A 608 45.76 19.03 -4.10
CA ARG A 608 45.18 19.59 -5.30
C ARG A 608 46.26 20.15 -6.22
N ALA A 609 47.35 20.66 -5.65
CA ALA A 609 48.49 21.06 -6.46
C ALA A 609 48.85 19.96 -7.46
N LYS A 610 49.21 18.78 -6.95
CA LYS A 610 49.64 17.70 -7.82
C LYS A 610 48.48 17.16 -8.66
N LEU A 611 47.26 17.17 -8.13
CA LEU A 611 46.14 16.70 -8.93
C LEU A 611 46.01 17.52 -10.21
N LEU A 612 46.06 18.85 -10.10
CA LEU A 612 45.99 19.68 -11.29
C LEU A 612 47.26 19.55 -12.14
N GLU A 613 48.43 19.47 -11.48
CA GLU A 613 49.69 19.35 -12.20
C GLU A 613 49.78 18.06 -12.99
N TYR A 614 49.01 17.04 -12.64
CA TYR A 614 48.87 15.86 -13.47
C TYR A 614 47.70 15.95 -14.43
N PHE A 615 46.61 16.61 -14.02
CA PHE A 615 45.43 16.70 -14.87
C PHE A 615 45.74 17.46 -16.15
N PHE A 616 46.13 18.72 -16.04
CA PHE A 616 46.44 19.43 -17.27
C PHE A 616 47.74 18.93 -17.88
N SER A 617 48.51 18.10 -17.17
CA SER A 617 49.56 17.33 -17.83
C SER A 617 48.95 16.32 -18.79
N LYS A 618 47.84 15.69 -18.42
CA LYS A 618 47.21 14.71 -19.29
C LYS A 618 47.02 15.27 -20.70
N ASN A 619 46.53 16.50 -20.79
CA ASN A 619 46.59 17.27 -22.03
C ASN A 619 47.93 17.99 -21.99
N GLN A 620 48.98 17.31 -22.46
CA GLN A 620 50.31 17.88 -22.36
C GLN A 620 50.43 19.19 -23.12
N ILE A 621 49.50 19.46 -24.04
CA ILE A 621 49.61 20.67 -24.86
C ILE A 621 49.48 21.91 -23.99
N MET A 622 48.46 21.98 -23.16
CA MET A 622 48.22 23.18 -22.36
C MET A 622 49.34 23.37 -21.34
N LYS A 623 49.58 24.64 -20.98
CA LYS A 623 50.57 24.98 -19.99
C LYS A 623 50.08 26.20 -19.21
N LEU A 624 50.61 26.35 -18.00
CA LEU A 624 50.24 27.48 -17.15
C LEU A 624 50.99 28.72 -17.61
N ASN A 625 50.84 29.81 -16.87
CA ASN A 625 51.54 31.06 -17.14
C ASN A 625 52.68 31.23 -16.15
N ARG A 626 53.70 31.96 -16.57
CA ARG A 626 54.86 32.18 -15.71
C ARG A 626 54.46 32.84 -14.40
N ASP A 627 53.68 33.93 -14.48
CA ASP A 627 53.27 34.63 -13.28
C ASP A 627 52.39 33.74 -12.39
N LEU A 628 51.44 33.04 -13.00
CA LEU A 628 50.58 32.13 -12.25
C LEU A 628 51.36 30.89 -11.84
N GLN A 629 50.96 30.30 -10.71
CA GLN A 629 51.62 29.12 -10.19
C GLN A 629 50.58 28.15 -9.65
N PHE A 630 50.94 26.86 -9.63
CA PHE A 630 50.02 25.84 -9.14
C PHE A 630 49.53 26.16 -7.73
N SER A 631 50.37 26.81 -6.93
CA SER A 631 49.94 27.21 -5.58
C SER A 631 48.63 27.96 -5.65
N ASP A 632 48.54 28.93 -6.57
CA ASP A 632 47.28 29.62 -6.82
C ASP A 632 46.14 28.61 -7.01
N LEU A 633 46.26 27.77 -8.05
CA LEU A 633 45.27 26.75 -8.33
C LEU A 633 44.79 26.11 -7.03
N SER A 634 45.73 25.73 -6.17
CA SER A 634 45.36 25.14 -4.89
C SER A 634 44.54 26.12 -4.06
N LEU A 635 44.96 27.39 -4.01
CA LEU A 635 44.28 28.34 -3.15
C LEU A 635 42.82 28.51 -3.55
N GLU A 636 42.57 28.81 -4.82
CA GLU A 636 41.18 29.03 -5.22
C GLU A 636 40.39 27.73 -5.24
N THR A 637 41.00 26.65 -5.73
CA THR A 637 40.32 25.36 -5.68
C THR A 637 40.11 24.93 -4.23
N GLU A 638 38.96 24.30 -3.98
CA GLU A 638 38.61 23.85 -2.64
C GLU A 638 37.35 23.02 -2.73
N GLY A 639 37.21 22.07 -1.80
CA GLY A 639 36.04 21.23 -1.76
C GLY A 639 35.76 20.55 -3.09
N PHE A 640 36.82 20.26 -3.85
CA PHE A 640 36.72 19.63 -5.15
C PHE A 640 37.36 18.26 -5.11
N SER A 641 36.58 17.23 -5.39
CA SER A 641 37.11 15.89 -5.51
C SER A 641 37.88 15.75 -6.82
N PRO A 642 38.74 14.73 -6.92
CA PRO A 642 39.52 14.56 -8.16
C PRO A 642 38.66 14.58 -9.41
N LEU A 643 37.45 14.03 -9.35
CA LEU A 643 36.53 14.15 -10.47
C LEU A 643 36.20 15.62 -10.74
N ASP A 644 35.99 16.40 -9.67
CA ASP A 644 35.69 17.81 -9.85
C ASP A 644 36.87 18.55 -10.46
N LEU A 645 38.09 18.23 -10.03
CA LEU A 645 39.26 18.86 -10.64
C LEU A 645 39.39 18.46 -12.10
N GLU A 646 39.10 17.20 -12.42
CA GLU A 646 39.11 16.76 -13.81
C GLU A 646 38.14 17.60 -14.63
N ILE A 647 36.92 17.76 -14.12
CA ILE A 647 35.91 18.49 -14.88
C ILE A 647 36.34 19.94 -15.05
N PHE A 648 36.93 20.52 -14.01
CA PHE A 648 37.35 21.92 -14.09
C PHE A 648 38.46 22.09 -15.11
N THR A 649 39.44 21.18 -15.13
CA THR A 649 40.52 21.31 -16.09
C THR A 649 40.01 21.11 -17.51
N GLU A 650 39.05 20.20 -17.69
CA GLU A 650 38.43 20.07 -19.01
C GLU A 650 37.74 21.36 -19.40
N LYS A 651 37.04 22.00 -18.45
CA LYS A 651 36.41 23.28 -18.72
C LYS A 651 37.44 24.31 -19.16
N ILE A 652 38.54 24.41 -18.43
CA ILE A 652 39.54 25.42 -18.74
C ILE A 652 40.15 25.16 -20.10
N PHE A 653 40.39 23.90 -20.43
CA PHE A 653 40.91 23.57 -21.75
C PHE A 653 39.93 24.00 -22.83
N TYR A 654 38.65 23.70 -22.65
CA TYR A 654 37.67 24.01 -23.69
C TYR A 654 37.52 25.51 -23.89
N ASP A 655 37.32 26.25 -22.81
CA ASP A 655 37.12 27.69 -22.97
C ASP A 655 38.42 28.41 -23.30
N LEU A 656 39.57 27.76 -23.12
CA LEU A 656 40.81 28.28 -23.67
C LEU A 656 40.85 28.08 -25.18
N GLN A 657 40.45 26.88 -25.63
CA GLN A 657 40.37 26.63 -27.06
C GLN A 657 39.35 27.55 -27.72
N LEU A 658 38.39 28.07 -26.95
CA LEU A 658 37.49 29.10 -27.47
C LEU A 658 38.28 30.17 -28.22
N GLU A 659 39.18 30.86 -27.51
CA GLU A 659 39.96 31.95 -28.08
C GLU A 659 41.34 31.43 -28.45
N ARG A 660 41.62 31.34 -29.74
CA ARG A 660 42.91 30.84 -30.23
C ARG A 660 43.87 31.99 -30.57
N ASP A 661 44.28 32.72 -29.54
CA ASP A 661 45.34 33.72 -29.68
C ASP A 661 46.63 33.22 -29.03
N CYS A 662 46.56 32.81 -27.77
CA CYS A 662 47.74 32.34 -27.06
C CYS A 662 48.00 30.87 -27.37
N ASP A 663 49.24 30.46 -27.20
CA ASP A 663 49.66 29.07 -27.42
C ASP A 663 49.26 28.20 -26.21
N ASN A 664 47.96 28.15 -25.98
CA ASN A 664 47.36 27.38 -24.89
C ASN A 664 48.11 27.60 -23.58
N VAL A 665 48.10 28.86 -23.15
CA VAL A 665 48.72 29.29 -21.90
C VAL A 665 47.62 29.78 -20.97
N VAL A 666 47.68 29.32 -19.71
CA VAL A 666 46.66 29.72 -18.75
C VAL A 666 46.71 31.23 -18.54
N THR A 667 45.57 31.80 -18.16
CA THR A 667 45.47 33.22 -17.84
C THR A 667 44.63 33.39 -16.58
N ARG A 668 44.89 34.48 -15.86
CA ARG A 668 44.11 34.78 -14.67
C ARG A 668 42.65 35.01 -15.01
N GLU A 669 42.39 35.68 -16.13
CA GLU A 669 41.04 36.10 -16.46
C GLU A 669 40.17 34.92 -16.89
N LEU A 670 40.69 34.06 -17.76
CA LEU A 670 39.96 32.85 -18.12
C LEU A 670 39.70 31.99 -16.91
N PHE A 671 40.71 31.88 -16.03
CA PHE A 671 40.55 31.14 -14.78
C PHE A 671 39.38 31.71 -13.98
N SER A 672 39.35 33.02 -13.79
CA SER A 672 38.29 33.64 -13.00
C SER A 672 36.92 33.40 -13.65
N LYS A 673 36.83 33.57 -14.96
CA LYS A 673 35.55 33.37 -15.63
C LYS A 673 35.08 31.93 -15.48
N SER A 674 35.98 30.97 -15.67
CA SER A 674 35.63 29.57 -15.50
C SER A 674 35.12 29.31 -14.08
N LEU A 675 35.86 29.78 -13.08
CA LEU A 675 35.44 29.55 -11.71
C LEU A 675 34.06 30.17 -11.45
N SER A 676 33.85 31.39 -11.92
CA SER A 676 32.55 32.03 -11.76
C SER A 676 31.45 31.18 -12.37
N ALA A 677 31.66 30.70 -13.60
CA ALA A 677 30.69 29.83 -14.25
C ALA A 677 30.61 28.44 -13.61
N PHE A 678 31.58 28.09 -12.78
CA PHE A 678 31.67 26.74 -12.25
C PHE A 678 30.66 26.50 -11.14
N THR A 679 30.17 25.26 -11.07
CA THR A 679 29.23 24.84 -10.04
C THR A 679 29.66 23.45 -9.57
N PRO A 680 30.47 23.36 -8.51
CA PRO A 680 31.00 22.06 -8.10
C PRO A 680 29.93 21.15 -7.53
N SER A 681 30.19 19.84 -7.65
CA SER A 681 29.20 18.83 -7.31
C SER A 681 28.68 19.02 -5.88
N ALA A 682 29.60 19.23 -4.93
CA ALA A 682 29.20 19.37 -3.54
C ALA A 682 28.11 20.42 -3.38
N LEU A 683 28.30 21.59 -3.99
CA LEU A 683 27.29 22.63 -3.94
C LEU A 683 26.19 22.41 -4.98
N ARG A 684 26.43 21.59 -5.99
CA ARG A 684 25.39 21.32 -6.99
C ARG A 684 24.20 20.64 -6.34
N GLY A 685 23.02 20.93 -6.87
CA GLY A 685 21.79 20.39 -6.30
C GLY A 685 21.37 21.05 -5.01
N VAL A 686 21.89 22.23 -4.71
CA VAL A 686 21.55 22.96 -3.50
C VAL A 686 21.37 24.44 -3.87
N LYS A 687 20.34 25.07 -3.30
CA LYS A 687 20.06 26.47 -3.55
C LYS A 687 20.69 27.31 -2.44
N LEU A 688 21.98 27.60 -2.62
CA LEU A 688 22.74 28.36 -1.63
C LEU A 688 22.45 29.84 -1.83
N THR A 689 21.60 30.40 -0.97
CA THR A 689 21.30 31.83 -1.00
C THR A 689 22.46 32.57 -0.36
N LYS A 690 23.49 32.79 -1.17
CA LYS A 690 24.73 33.42 -0.72
C LYS A 690 24.95 34.81 -1.31
N GLU A 691 24.61 35.03 -2.57
CA GLU A 691 24.84 36.31 -3.22
C GLU A 691 23.90 37.33 -2.61
N THR A 692 24.43 38.16 -1.72
CA THR A 692 23.64 39.21 -1.06
C THR A 692 24.36 40.54 -1.14
N ASN A 693 25.69 40.51 -1.17
CA ASN A 693 26.51 41.71 -1.31
C ASN A 693 26.16 42.76 -0.26
N ILE A 694 25.98 42.31 0.98
CA ILE A 694 25.80 43.19 2.13
C ILE A 694 27.12 43.20 2.89
N LYS A 695 27.76 44.36 2.94
CA LYS A 695 29.11 44.51 3.44
C LYS A 695 29.12 45.43 4.67
N TRP A 696 30.32 45.77 5.13
CA TRP A 696 30.45 46.69 6.25
C TRP A 696 29.75 48.02 5.95
N GLY A 697 29.99 48.57 4.76
CA GLY A 697 29.33 49.80 4.38
C GLY A 697 27.82 49.68 4.42
N ASP A 698 27.29 48.49 4.15
CA ASP A 698 25.85 48.29 4.21
C ASP A 698 25.33 48.21 5.65
N ILE A 699 26.20 47.96 6.62
CA ILE A 699 25.78 47.91 8.02
C ILE A 699 26.93 48.42 8.89
N GLY A 700 26.70 49.54 9.59
CA GLY A 700 27.75 50.18 10.33
C GLY A 700 27.54 50.25 11.83
N ALA A 701 26.29 50.09 12.27
CA ALA A 701 25.96 50.20 13.69
C ALA A 701 26.17 48.85 14.37
N LEU A 702 25.67 48.71 15.60
CA LEU A 702 25.87 47.51 16.40
C LEU A 702 27.36 47.27 16.63
N ALA A 703 28.03 48.30 17.13
CA ALA A 703 29.48 48.23 17.31
C ALA A 703 29.87 47.04 18.17
N ASN A 704 29.21 46.87 19.32
CA ASN A 704 29.53 45.74 20.18
C ASN A 704 29.29 44.42 19.47
N ALA A 705 28.18 44.31 18.75
CA ALA A 705 27.91 43.09 17.99
C ALA A 705 29.00 42.85 16.95
N LYS A 706 29.44 43.92 16.28
CA LYS A 706 30.51 43.78 15.30
C LYS A 706 31.78 43.26 15.95
N ASP A 707 32.15 43.83 17.10
CA ASP A 707 33.37 43.39 17.78
C ASP A 707 33.26 41.93 18.20
N VAL A 708 32.12 41.53 18.77
CA VAL A 708 31.97 40.15 19.20
C VAL A 708 32.03 39.20 18.02
N LEU A 709 31.33 39.54 16.93
CA LEU A 709 31.33 38.66 15.76
C LEU A 709 32.72 38.55 15.16
N LEU A 710 33.48 39.65 15.14
CA LEU A 710 34.86 39.58 14.69
C LEU A 710 35.69 38.68 15.61
N GLU A 711 35.52 38.83 16.92
CA GLU A 711 36.23 37.99 17.87
C GLU A 711 35.86 36.52 17.69
N THR A 712 34.68 36.25 17.13
CA THR A 712 34.21 34.88 16.97
C THR A 712 34.54 34.31 15.59
N LEU A 713 34.30 35.07 14.53
CA LEU A 713 34.44 34.56 13.16
C LEU A 713 35.72 35.01 12.48
N GLU A 714 35.99 36.31 12.45
CA GLU A 714 37.18 36.80 11.76
C GLU A 714 38.46 36.36 12.46
N TRP A 715 38.48 36.38 13.80
CA TRP A 715 39.70 36.06 14.53
C TRP A 715 40.21 34.65 14.24
N PRO A 716 39.38 33.61 14.23
CA PRO A 716 39.87 32.29 13.81
C PRO A 716 40.48 32.30 12.42
N THR A 717 39.75 32.84 11.44
CA THR A 717 40.19 32.79 10.06
C THR A 717 41.39 33.71 9.83
N LYS A 718 41.71 34.55 10.82
CA LYS A 718 42.82 35.48 10.71
C LYS A 718 44.02 35.11 11.57
N TYR A 719 43.87 34.16 12.49
CA TYR A 719 44.99 33.69 13.29
C TYR A 719 44.94 32.19 13.55
N GLU A 720 44.44 31.41 12.57
CA GLU A 720 44.42 29.96 12.64
C GLU A 720 45.64 29.34 13.33
N PRO A 721 46.86 29.79 13.06
CA PRO A 721 48.01 29.16 13.73
C PRO A 721 47.90 29.15 15.24
N ILE A 722 47.39 30.23 15.82
CA ILE A 722 47.30 30.32 17.28
C ILE A 722 46.21 29.40 17.80
N PHE A 723 45.05 29.40 17.15
CA PHE A 723 43.93 28.56 17.59
C PHE A 723 44.17 27.08 17.31
N VAL A 724 45.11 26.75 16.43
CA VAL A 724 45.38 25.35 16.12
C VAL A 724 45.80 24.62 17.39
N ASN A 725 46.69 25.23 18.17
CA ASN A 725 47.12 24.66 19.43
C ASN A 725 46.28 25.12 20.61
N CYS A 726 45.34 26.05 20.41
CA CYS A 726 44.40 26.39 21.48
C CYS A 726 43.69 25.11 21.91
N PRO A 727 44.02 24.55 23.08
CA PRO A 727 43.66 23.15 23.33
C PRO A 727 42.31 22.90 23.99
N LEU A 728 41.57 23.92 24.40
CA LEU A 728 40.13 23.77 24.60
C LEU A 728 39.45 23.78 23.23
N ARG A 729 38.38 23.00 23.11
CA ARG A 729 37.61 23.01 21.87
C ARG A 729 37.07 24.42 21.61
N LEU A 730 37.17 24.86 20.37
CA LEU A 730 36.78 26.22 20.04
C LEU A 730 35.28 26.43 20.21
N ARG A 731 34.90 27.67 20.50
CA ARG A 731 33.50 28.02 20.64
C ARG A 731 32.75 27.71 19.34
N SER A 732 31.66 26.96 19.46
CA SER A 732 30.98 26.47 18.26
C SER A 732 30.28 27.61 17.53
N GLY A 733 29.33 28.28 18.18
CA GLY A 733 28.61 29.36 17.52
C GLY A 733 27.76 30.12 18.52
N ILE A 734 27.21 31.22 18.04
CA ILE A 734 26.49 32.18 18.87
C ILE A 734 25.10 32.40 18.31
N LEU A 735 24.16 32.73 19.19
CA LEU A 735 22.80 33.07 18.82
C LEU A 735 22.62 34.59 18.73
N LEU A 736 21.57 34.98 18.02
CA LEU A 736 21.22 36.39 17.83
C LEU A 736 19.80 36.60 18.33
N TYR A 737 19.59 37.71 19.03
CA TYR A 737 18.25 38.07 19.50
C TYR A 737 18.15 39.58 19.58
N GLY A 738 16.91 40.06 19.59
CA GLY A 738 16.67 41.49 19.61
C GLY A 738 15.31 41.80 19.02
N TYR A 739 15.15 43.07 18.65
CA TYR A 739 13.88 43.52 18.13
C TYR A 739 13.68 43.01 16.70
N PRO A 740 12.44 42.83 16.27
CA PRO A 740 12.21 42.29 14.92
C PRO A 740 12.78 43.20 13.85
N GLY A 741 13.36 42.59 12.83
CA GLY A 741 13.89 43.36 11.72
C GLY A 741 15.00 44.31 12.08
N CYS A 742 15.64 44.12 13.24
CA CYS A 742 16.67 45.03 13.72
C CYS A 742 18.03 44.75 13.11
N GLY A 743 18.11 43.91 12.08
CA GLY A 743 19.35 43.65 11.38
C GLY A 743 20.05 42.36 11.74
N LYS A 744 19.44 41.51 12.56
CA LYS A 744 20.06 40.23 12.90
C LYS A 744 20.45 39.46 11.65
N THR A 745 19.59 39.49 10.63
CA THR A 745 19.89 38.82 9.37
C THR A 745 20.96 39.54 8.56
N LEU A 746 21.34 40.76 8.95
CA LEU A 746 22.24 41.60 8.17
C LEU A 746 23.68 41.52 8.66
N LEU A 747 23.90 41.72 9.96
CA LEU A 747 25.27 41.72 10.49
C LEU A 747 25.92 40.35 10.27
N ALA A 748 25.14 39.28 10.34
CA ALA A 748 25.69 37.96 10.09
C ALA A 748 26.30 37.88 8.69
N SER A 749 25.53 38.26 7.68
CA SER A 749 26.05 38.24 6.31
C SER A 749 27.22 39.21 6.15
N ALA A 750 27.13 40.38 6.78
CA ALA A 750 28.21 41.36 6.64
C ALA A 750 29.52 40.82 7.18
N VAL A 751 29.48 40.19 8.36
CA VAL A 751 30.73 39.66 8.91
C VAL A 751 31.15 38.39 8.18
N ALA A 752 30.18 37.66 7.58
CA ALA A 752 30.56 36.53 6.73
C ALA A 752 31.37 37.01 5.53
N GLN A 753 30.91 38.10 4.90
CA GLN A 753 31.70 38.68 3.81
C GLN A 753 33.03 39.21 4.34
N GLN A 754 33.04 39.79 5.53
CA GLN A 754 34.29 40.19 6.15
C GLN A 754 35.27 39.03 6.20
N CYS A 755 34.82 37.88 6.68
CA CYS A 755 35.63 36.68 6.69
C CYS A 755 35.73 36.02 5.32
N GLY A 756 34.84 36.37 4.39
CA GLY A 756 34.85 35.76 3.07
C GLY A 756 34.53 34.28 3.14
N LEU A 757 33.99 33.83 4.27
CA LEU A 757 33.71 32.42 4.46
C LEU A 757 32.46 32.01 3.70
N ASN A 758 32.27 30.70 3.57
CA ASN A 758 31.08 30.18 2.90
C ASN A 758 29.84 30.49 3.72
N PHE A 759 28.77 30.88 3.03
CA PHE A 759 27.53 31.31 3.67
C PHE A 759 26.36 30.45 3.21
N ILE A 760 25.54 30.05 4.16
CA ILE A 760 24.27 29.38 3.88
C ILE A 760 23.22 29.96 4.81
N SER A 761 22.06 30.32 4.26
CA SER A 761 20.94 30.83 5.03
C SER A 761 19.87 29.74 5.08
N VAL A 762 19.70 29.15 6.25
CA VAL A 762 18.68 28.12 6.48
C VAL A 762 17.54 28.74 7.27
N LYS A 763 16.33 28.57 6.76
CA LYS A 763 15.13 29.05 7.41
C LYS A 763 14.34 27.86 7.95
N GLY A 764 13.58 28.13 9.01
CA GLY A 764 12.86 27.10 9.72
C GLY A 764 12.21 26.05 8.83
N PRO A 765 11.50 26.49 7.79
CA PRO A 765 10.76 25.52 6.96
C PRO A 765 11.60 24.44 6.32
N GLU A 766 12.84 24.75 5.92
CA GLU A 766 13.57 23.87 5.03
C GLU A 766 13.60 22.44 5.56
N ILE A 767 13.81 22.28 6.87
CA ILE A 767 13.84 20.95 7.46
C ILE A 767 12.43 20.38 7.59
N LEU A 768 11.49 21.20 8.05
CA LEU A 768 10.17 20.70 8.40
C LEU A 768 9.52 20.01 7.20
N ASN A 769 8.93 18.84 7.46
CA ASN A 769 8.38 18.01 6.40
C ASN A 769 7.06 17.37 6.84
N LYS A 770 6.58 16.38 6.09
CA LYS A 770 5.32 15.72 6.40
C LYS A 770 5.50 14.49 7.28
N PHE A 771 6.47 13.64 6.95
CA PHE A 771 6.66 12.38 7.66
C PHE A 771 7.34 12.62 9.01
N ILE A 772 7.20 11.62 9.89
CA ILE A 772 7.88 11.61 11.18
C ILE A 772 9.01 10.60 11.09
N GLY A 773 10.21 11.03 11.47
CA GLY A 773 11.39 10.20 11.33
C GLY A 773 12.19 10.58 10.10
N ALA A 774 11.48 10.86 9.00
CA ALA A 774 12.14 11.39 7.81
C ALA A 774 12.70 12.78 8.07
N SER A 775 12.01 13.58 8.89
CA SER A 775 12.51 14.90 9.25
C SER A 775 13.86 14.79 9.96
N GLU A 776 14.01 13.79 10.82
CA GLU A 776 15.28 13.59 11.51
C GLU A 776 16.40 13.28 10.52
N GLN A 777 16.12 12.45 9.51
CA GLN A 777 17.15 12.14 8.53
C GLN A 777 17.45 13.34 7.63
N ASN A 778 16.44 14.18 7.37
CA ASN A 778 16.70 15.44 6.67
C ASN A 778 17.66 16.29 7.49
N ILE A 779 17.45 16.36 8.81
CA ILE A 779 18.40 17.04 9.68
C ILE A 779 19.77 16.38 9.56
N ARG A 780 19.80 15.06 9.46
CA ARG A 780 21.07 14.34 9.41
C ARG A 780 21.90 14.75 8.19
N GLU A 781 21.32 14.69 7.00
CA GLU A 781 22.14 15.07 5.85
C GLU A 781 22.33 16.58 5.78
N LEU A 782 21.45 17.37 6.40
CA LEU A 782 21.73 18.79 6.56
C LEU A 782 23.03 18.98 7.34
N PHE A 783 23.18 18.28 8.46
CA PHE A 783 24.41 18.37 9.23
C PHE A 783 25.60 17.83 8.44
N GLU A 784 25.36 16.79 7.62
CA GLU A 784 26.43 16.28 6.77
C GLU A 784 26.95 17.36 5.84
N ARG A 785 26.04 18.04 5.13
CA ARG A 785 26.45 19.14 4.27
C ARG A 785 27.16 20.22 5.06
N ALA A 786 26.61 20.58 6.23
CA ALA A 786 27.21 21.65 7.02
C ALA A 786 28.65 21.31 7.42
N GLN A 787 28.88 20.08 7.86
CA GLN A 787 30.21 19.68 8.29
C GLN A 787 31.16 19.54 7.11
N SER A 788 30.63 19.18 5.93
CA SER A 788 31.50 18.92 4.79
C SER A 788 32.30 20.14 4.35
N VAL A 789 31.90 21.35 4.75
CA VAL A 789 32.44 22.57 4.17
C VAL A 789 33.20 23.41 5.19
N LYS A 790 33.88 22.75 6.13
CA LYS A 790 34.73 23.48 7.05
C LYS A 790 35.77 24.29 6.27
N PRO A 791 35.95 25.59 6.55
CA PRO A 791 35.22 26.43 7.52
C PRO A 791 33.97 27.07 6.91
N CYS A 792 32.79 26.74 7.43
CA CYS A 792 31.54 27.24 6.90
C CYS A 792 30.69 27.83 8.02
N ILE A 793 29.79 28.74 7.64
CA ILE A 793 28.80 29.29 8.54
C ILE A 793 27.44 28.72 8.18
N LEU A 794 26.80 28.08 9.15
CA LEU A 794 25.42 27.62 9.04
C LEU A 794 24.57 28.55 9.86
N PHE A 795 23.39 28.92 9.35
CA PHE A 795 22.51 29.84 10.07
C PHE A 795 21.08 29.35 10.02
N PHE A 796 20.37 29.50 11.15
CA PHE A 796 18.97 29.13 11.27
C PHE A 796 18.17 30.37 11.63
N ASP A 797 17.32 30.82 10.71
CA ASP A 797 16.45 31.95 10.98
C ASP A 797 15.16 31.47 11.64
N GLU A 798 14.57 32.33 12.46
CA GLU A 798 13.32 32.04 13.16
C GLU A 798 13.45 30.74 13.97
N PHE A 799 14.56 30.64 14.71
CA PHE A 799 14.78 29.45 15.52
C PHE A 799 13.71 29.25 16.58
N ASP A 800 12.98 30.32 16.92
CA ASP A 800 11.80 30.15 17.77
C ASP A 800 10.76 29.25 17.10
N SER A 801 10.84 29.08 15.78
CA SER A 801 9.97 28.18 15.05
C SER A 801 10.67 26.88 14.67
N ILE A 802 11.81 26.59 15.28
CA ILE A 802 12.61 25.43 14.91
C ILE A 802 12.75 24.47 16.09
N ALA A 803 13.39 24.94 17.16
CA ALA A 803 13.65 24.13 18.34
C ALA A 803 13.27 24.92 19.60
N PRO A 804 11.97 25.14 19.82
CA PRO A 804 11.57 25.85 21.04
C PRO A 804 11.82 25.00 22.28
N LYS A 805 11.42 25.50 23.44
CA LYS A 805 11.49 24.69 24.65
C LYS A 805 10.58 23.47 24.50
N ARG A 806 11.00 22.36 25.10
CA ARG A 806 10.22 21.14 25.02
C ARG A 806 8.85 21.36 25.66
N GLY A 807 7.97 20.39 25.46
CA GLY A 807 6.58 20.58 25.89
C GLY A 807 5.86 21.66 25.13
N HIS A 808 5.98 21.67 23.81
CA HIS A 808 5.19 22.55 22.95
C HIS A 808 4.77 21.82 21.68
N ASP A 809 4.37 20.57 21.81
CA ASP A 809 3.95 19.79 20.65
C ASP A 809 3.26 18.52 21.13
N SER A 810 2.12 18.20 20.51
CA SER A 810 1.38 16.99 20.89
C SER A 810 2.13 15.74 20.43
N THR A 811 2.56 15.71 19.18
CA THR A 811 3.26 14.55 18.64
C THR A 811 4.70 14.45 19.11
N GLY A 812 5.24 15.50 19.71
CA GLY A 812 6.61 15.48 20.18
C GLY A 812 7.66 15.48 19.08
N VAL A 813 7.26 15.69 17.82
CA VAL A 813 8.25 15.75 16.76
C VAL A 813 9.24 16.85 17.03
N THR A 814 8.78 17.97 17.61
CA THR A 814 9.69 19.04 17.99
C THR A 814 10.74 18.52 18.97
N ASP A 815 10.32 17.71 19.95
CA ASP A 815 11.25 17.26 20.98
C ASP A 815 12.33 16.35 20.40
N ARG A 816 11.91 15.32 19.64
CA ARG A 816 12.89 14.43 19.04
C ARG A 816 13.79 15.17 18.06
N VAL A 817 13.22 16.09 17.29
CA VAL A 817 14.05 16.94 16.43
C VAL A 817 15.09 17.68 17.26
N VAL A 818 14.68 18.20 18.42
CA VAL A 818 15.59 18.99 19.25
C VAL A 818 16.74 18.13 19.76
N ASN A 819 16.43 16.93 20.25
CA ASN A 819 17.52 16.05 20.70
C ASN A 819 18.41 15.68 19.52
N GLN A 820 17.83 15.52 18.33
CA GLN A 820 18.65 15.27 17.15
C GLN A 820 19.64 16.41 16.94
N LEU A 821 19.16 17.65 16.99
CA LEU A 821 20.06 18.80 16.84
C LEU A 821 21.14 18.77 17.91
N LEU A 822 20.75 18.52 19.15
CA LEU A 822 21.71 18.51 20.25
C LEU A 822 22.79 17.46 20.04
N THR A 823 22.43 16.32 19.44
CA THR A 823 23.40 15.24 19.26
C THR A 823 24.67 15.75 18.59
N GLN A 824 24.53 16.66 17.62
CA GLN A 824 25.68 17.05 16.81
C GLN A 824 26.59 18.01 17.58
N MET A 825 26.05 19.16 17.98
CA MET A 825 26.87 20.12 18.71
C MET A 825 27.45 19.51 19.98
N ASP A 826 26.59 18.88 20.80
CA ASP A 826 27.11 18.14 21.95
C ASP A 826 27.97 16.97 21.52
N GLY A 827 27.77 16.46 20.30
CA GLY A 827 28.59 15.38 19.79
C GLY A 827 30.00 15.82 19.51
N ALA A 828 30.95 15.37 20.33
CA ALA A 828 32.36 15.73 20.20
C ALA A 828 32.98 14.81 19.17
N GLU A 829 33.02 15.26 17.92
CA GLU A 829 33.56 14.48 16.81
C GLU A 829 34.44 15.37 15.94
N GLY A 830 35.13 16.33 16.55
CA GLY A 830 35.89 17.29 15.79
C GLY A 830 35.03 18.14 14.88
N LEU A 831 33.73 18.19 15.13
CA LEU A 831 32.79 18.92 14.27
C LEU A 831 32.71 20.35 14.80
N ASP A 832 33.68 21.17 14.40
CA ASP A 832 33.77 22.54 14.85
C ASP A 832 34.05 23.53 13.73
N GLY A 833 34.47 23.07 12.55
CA GLY A 833 34.67 24.00 11.44
C GLY A 833 33.40 24.71 11.05
N VAL A 834 32.28 23.98 11.02
CA VAL A 834 30.99 24.62 10.81
C VAL A 834 30.75 25.62 11.93
N TYR A 835 30.42 26.86 11.55
CA TYR A 835 30.15 27.92 12.50
C TYR A 835 28.64 28.03 12.62
N ILE A 836 28.08 27.42 13.66
CA ILE A 836 26.63 27.43 13.83
C ILE A 836 26.18 28.84 14.22
N LEU A 837 24.99 29.20 13.76
CA LEU A 837 24.44 30.52 14.00
C LEU A 837 22.93 30.42 13.90
N ALA A 838 22.25 31.36 14.53
CA ALA A 838 20.80 31.32 14.53
C ALA A 838 20.27 32.63 15.06
N ALA A 839 19.02 32.94 14.70
CA ALA A 839 18.39 34.16 15.12
C ALA A 839 16.94 33.89 15.52
N THR A 840 16.42 34.74 16.40
CA THR A 840 15.05 34.62 16.87
C THR A 840 14.68 35.89 17.62
N SER A 841 13.50 36.42 17.34
CA SER A 841 12.98 37.55 18.10
C SER A 841 12.39 37.12 19.44
N ARG A 842 12.17 35.82 19.64
CA ARG A 842 11.56 35.28 20.84
C ARG A 842 12.48 34.21 21.44
N PRO A 843 13.64 34.63 21.95
CA PRO A 843 14.54 33.64 22.57
C PRO A 843 13.93 32.94 23.76
N ASP A 844 12.94 33.56 24.42
CA ASP A 844 12.28 32.93 25.56
C ASP A 844 11.70 31.58 25.16
N LEU A 845 11.31 31.41 23.89
CA LEU A 845 10.66 30.19 23.45
C LEU A 845 11.64 29.05 23.20
N ILE A 846 12.94 29.30 23.26
CA ILE A 846 13.93 28.25 23.02
C ILE A 846 14.20 27.50 24.31
N ASP A 847 14.73 26.29 24.17
CA ASP A 847 15.06 25.48 25.34
C ASP A 847 16.30 26.02 26.04
N SER A 848 16.27 25.97 27.38
CA SER A 848 17.40 26.48 28.15
C SER A 848 18.67 25.67 27.86
N ALA A 849 18.52 24.35 27.67
CA ALA A 849 19.67 23.53 27.31
C ALA A 849 20.38 24.08 26.10
N LEU A 850 19.64 24.63 25.14
CA LEU A 850 20.23 25.25 23.96
C LEU A 850 20.94 26.57 24.29
N LEU A 851 21.05 26.94 25.57
CA LEU A 851 21.75 28.16 25.95
C LEU A 851 22.64 27.95 27.17
N ARG A 852 23.07 26.73 27.43
CA ARG A 852 23.92 26.44 28.58
C ARG A 852 25.32 27.00 28.35
N PRO A 853 25.84 27.86 29.23
CA PRO A 853 27.20 28.35 29.02
C PRO A 853 28.22 27.22 29.05
N GLY A 854 29.27 27.39 28.25
CA GLY A 854 30.23 26.30 28.06
C GLY A 854 29.72 25.26 27.09
N ARG A 855 28.54 24.71 27.36
CA ARG A 855 27.90 23.83 26.38
C ARG A 855 27.63 24.57 25.08
N LEU A 856 27.12 25.80 25.17
CA LEU A 856 26.93 26.66 24.01
C LEU A 856 27.45 28.04 24.35
N ASP A 857 27.77 28.80 23.30
CA ASP A 857 28.53 30.03 23.45
C ASP A 857 27.60 31.21 23.71
N LYS A 858 28.14 32.41 23.60
CA LYS A 858 27.40 33.63 23.91
C LYS A 858 26.19 33.77 23.00
N SER A 859 25.31 34.71 23.38
CA SER A 859 24.19 35.13 22.55
C SER A 859 24.27 36.64 22.36
N VAL A 860 23.81 37.10 21.20
CA VAL A 860 23.99 38.49 20.79
C VAL A 860 22.63 39.19 20.81
N ILE A 861 22.56 40.28 21.56
CA ILE A 861 21.35 41.10 21.63
C ILE A 861 21.45 42.21 20.60
N CYS A 862 20.30 42.61 20.07
CA CYS A 862 20.21 43.76 19.17
C CYS A 862 19.37 44.83 19.85
N ASN A 863 19.94 46.02 20.00
CA ASN A 863 19.33 47.10 20.77
C ASN A 863 18.68 48.13 19.85
N ILE A 864 17.96 49.05 20.48
CA ILE A 864 17.25 50.08 19.71
C ILE A 864 18.27 51.02 19.09
N PRO A 865 18.08 51.45 17.84
CA PRO A 865 18.99 52.46 17.29
C PRO A 865 18.71 53.84 17.87
N THR A 866 19.62 54.31 18.72
CA THR A 866 19.50 55.64 19.32
C THR A 866 20.12 56.66 18.38
N GLU A 867 20.33 57.88 18.88
CA GLU A 867 20.85 58.96 18.05
C GLU A 867 22.13 58.54 17.34
N SER A 868 23.11 58.04 18.10
CA SER A 868 24.39 57.67 17.51
C SER A 868 24.22 56.58 16.46
N GLU A 869 23.55 55.48 16.84
CA GLU A 869 23.39 54.37 15.90
C GLU A 869 22.52 54.78 14.72
N ARG A 870 21.48 55.58 14.96
CA ARG A 870 20.64 56.03 13.86
C ARG A 870 21.44 56.85 12.86
N LEU A 871 22.26 57.77 13.36
CA LEU A 871 23.10 58.58 12.46
C LEU A 871 24.08 57.69 11.71
N ASP A 872 24.68 56.71 12.41
CA ASP A 872 25.61 55.82 11.74
C ASP A 872 24.94 55.09 10.58
N ILE A 873 23.79 54.47 10.84
CA ILE A 873 23.12 53.70 9.80
C ILE A 873 22.65 54.61 8.68
N LEU A 874 22.11 55.79 9.01
CA LEU A 874 21.64 56.70 7.98
C LEU A 874 22.78 57.13 7.08
N GLN A 875 23.92 57.53 7.67
CA GLN A 875 25.07 57.91 6.86
C GLN A 875 25.53 56.76 5.99
N ALA A 876 25.57 55.55 6.55
CA ALA A 876 26.03 54.40 5.77
C ALA A 876 25.12 54.16 4.56
N ILE A 877 23.81 54.12 4.78
CA ILE A 877 22.90 53.75 3.69
C ILE A 877 22.81 54.87 2.67
N VAL A 878 22.70 56.12 3.10
CA VAL A 878 22.55 57.23 2.16
C VAL A 878 23.81 57.36 1.31
N ASN A 879 24.98 57.19 1.91
CA ASN A 879 26.24 57.24 1.19
C ASN A 879 26.59 55.93 0.51
N SER A 880 25.69 54.94 0.54
CA SER A 880 26.00 53.65 -0.03
C SER A 880 26.34 53.76 -1.50
N LYS A 881 27.42 53.08 -1.90
CA LYS A 881 27.88 53.08 -3.29
C LYS A 881 27.27 51.88 -4.01
N ASP A 882 26.70 52.13 -5.18
CA ASP A 882 25.84 51.13 -5.80
C ASP A 882 26.67 50.01 -6.43
N LYS A 883 26.05 48.84 -6.51
CA LYS A 883 26.65 47.72 -7.22
C LYS A 883 26.56 47.92 -8.73
N ASP A 884 25.44 48.46 -9.21
CA ASP A 884 25.27 48.68 -10.64
C ASP A 884 26.00 49.93 -11.11
N THR A 885 25.98 51.00 -10.32
CA THR A 885 26.48 52.30 -10.75
C THR A 885 27.68 52.80 -9.95
N GLY A 886 27.81 52.42 -8.68
CA GLY A 886 28.92 52.84 -7.85
C GLY A 886 28.70 54.15 -7.11
N GLN A 887 27.83 55.02 -7.60
CA GLN A 887 27.56 56.28 -6.93
C GLN A 887 26.56 56.02 -5.79
N LYS A 888 26.04 57.10 -5.20
CA LYS A 888 25.10 56.98 -4.09
C LYS A 888 23.85 56.22 -4.53
N LYS A 889 23.39 55.30 -3.68
CA LYS A 889 22.14 54.59 -3.95
C LYS A 889 20.99 55.57 -4.09
N PHE A 890 21.03 56.67 -3.35
CA PHE A 890 20.05 57.74 -3.45
C PHE A 890 20.78 59.01 -3.82
N ALA A 891 20.06 59.94 -4.44
CA ALA A 891 20.66 61.24 -4.72
C ALA A 891 20.88 61.92 -3.37
N LEU A 892 22.09 61.81 -2.85
CA LEU A 892 22.38 62.18 -1.48
C LEU A 892 22.76 63.64 -1.40
N GLU A 893 22.11 64.37 -0.49
CA GLU A 893 22.52 65.73 -0.20
C GLU A 893 23.98 65.74 0.22
N LYS A 894 24.77 66.60 -0.41
CA LYS A 894 26.21 66.54 -0.22
C LYS A 894 26.60 66.74 1.24
N ASN A 895 26.12 67.81 1.86
CA ASN A 895 26.45 68.13 3.24
C ASN A 895 25.20 68.62 3.98
N ALA A 896 24.09 67.92 3.78
CA ALA A 896 22.86 68.28 4.48
C ALA A 896 23.01 68.00 5.98
N ASP A 897 21.96 68.35 6.73
CA ASP A 897 21.97 68.20 8.18
C ASP A 897 21.34 66.85 8.54
N LEU A 898 22.13 65.79 8.35
CA LEU A 898 21.69 64.46 8.76
C LEU A 898 21.59 64.32 10.27
N LYS A 899 22.11 65.28 11.03
CA LYS A 899 22.05 65.19 12.49
C LYS A 899 20.61 65.33 12.98
N LEU A 900 19.88 66.32 12.47
CA LEU A 900 18.52 66.56 12.94
C LEU A 900 17.57 65.43 12.56
N ILE A 901 17.88 64.68 11.51
CA ILE A 901 17.00 63.59 11.10
C ILE A 901 16.93 62.53 12.18
N ALA A 902 18.08 62.16 12.77
CA ALA A 902 18.09 61.13 13.80
C ALA A 902 17.27 61.54 15.00
N GLU A 903 17.17 62.84 15.28
CA GLU A 903 16.47 63.29 16.48
C GLU A 903 15.01 62.85 16.47
N LYS A 904 14.33 63.01 15.34
CA LYS A 904 12.90 62.68 15.26
C LYS A 904 12.65 61.19 15.09
N THR A 905 13.70 60.38 14.96
CA THR A 905 13.57 58.94 14.77
C THR A 905 13.85 58.15 16.04
N ALA A 906 13.74 58.79 17.20
CA ALA A 906 13.90 58.07 18.46
C ALA A 906 12.89 56.93 18.55
N GLY A 907 13.38 55.75 18.89
CA GLY A 907 12.55 54.57 18.97
C GLY A 907 12.35 53.83 17.68
N PHE A 908 12.88 54.33 16.57
CA PHE A 908 12.77 53.65 15.29
C PHE A 908 13.66 52.40 15.28
N SER A 909 13.66 51.72 14.15
CA SER A 909 14.55 50.60 13.88
C SER A 909 15.28 50.87 12.57
N GLY A 910 16.48 50.30 12.45
CA GLY A 910 17.24 50.49 11.22
C GLY A 910 16.41 50.20 9.99
N ALA A 911 15.55 49.18 10.08
CA ALA A 911 14.59 48.94 9.00
C ALA A 911 13.67 50.14 8.83
N ASP A 912 13.21 50.73 9.93
CA ASP A 912 12.37 51.91 9.84
C ASP A 912 13.14 53.08 9.23
N LEU A 913 14.40 53.25 9.59
CA LEU A 913 15.20 54.33 9.03
C LEU A 913 15.36 54.17 7.52
N GLN A 914 15.73 52.96 7.08
CA GLN A 914 15.92 52.75 5.65
C GLN A 914 14.60 52.87 4.89
N GLY A 915 13.49 52.46 5.51
CA GLY A 915 12.19 52.67 4.87
C GLY A 915 11.84 54.14 4.76
N LEU A 916 12.16 54.91 5.79
CA LEU A 916 11.96 56.35 5.73
C LEU A 916 12.74 56.94 4.57
N CYS A 917 14.02 56.60 4.47
CA CYS A 917 14.84 57.12 3.38
C CYS A 917 14.32 56.67 2.03
N TYR A 918 13.83 55.44 1.96
CA TYR A 918 13.31 54.91 0.71
C TYR A 918 12.07 55.66 0.24
N ASN A 919 11.11 55.87 1.13
CA ASN A 919 9.93 56.62 0.70
C ASN A 919 10.27 58.08 0.43
N ALA A 920 11.27 58.62 1.13
CA ALA A 920 11.75 59.97 0.79
C ALA A 920 12.33 60.01 -0.62
N TYR A 921 13.08 58.97 -0.98
CA TYR A 921 13.58 58.87 -2.35
C TYR A 921 12.42 58.81 -3.34
N LEU A 922 11.36 58.07 -3.02
CA LEU A 922 10.20 58.09 -3.91
C LEU A 922 9.57 59.48 -4.01
N LYS A 923 9.45 60.19 -2.89
CA LYS A 923 8.88 61.53 -2.97
C LYS A 923 9.74 62.40 -3.87
N SER A 924 11.05 62.27 -3.78
CA SER A 924 11.94 62.97 -4.70
C SER A 924 11.71 62.54 -6.14
N VAL A 925 11.48 61.24 -6.37
CA VAL A 925 11.26 60.75 -7.73
C VAL A 925 9.98 61.35 -8.31
N HIS A 926 8.91 61.37 -7.53
CA HIS A 926 7.67 61.98 -7.98
C HIS A 926 7.87 63.47 -8.25
N ARG A 927 8.59 64.16 -7.36
CA ARG A 927 8.89 65.57 -7.60
C ARG A 927 9.63 65.77 -8.92
N TRP A 928 10.61 64.91 -9.19
CA TRP A 928 11.37 65.02 -10.43
C TRP A 928 10.49 64.77 -11.64
N LEU A 929 9.63 63.75 -11.58
CA LEU A 929 8.74 63.45 -12.70
C LEU A 929 7.80 64.62 -12.94
N SER A 930 7.29 65.23 -11.86
CA SER A 930 6.45 66.41 -12.00
C SER A 930 7.24 67.57 -12.61
N ALA A 931 8.50 67.74 -12.19
CA ALA A 931 9.31 68.84 -12.69
C ALA A 931 9.46 68.79 -14.21
N ALA A 932 9.53 67.58 -14.77
CA ALA A 932 9.67 67.39 -16.20
C ALA A 932 8.35 67.04 -16.88
N ASP A 933 7.22 67.24 -16.20
CA ASP A 933 5.93 66.89 -16.78
C ASP A 933 5.72 67.65 -18.08
N GLN A 934 6.00 68.95 -18.08
CA GLN A 934 5.89 69.78 -19.28
C GLN A 934 7.08 70.73 -19.37
N SER A 935 8.27 70.19 -19.11
CA SER A 935 9.51 70.97 -19.15
C SER A 935 10.44 70.52 -20.28
N GLU A 936 10.70 69.23 -20.39
CA GLU A 936 11.62 68.68 -21.39
C GLU A 936 10.97 67.51 -22.12
N VAL A 937 9.72 67.69 -22.53
CA VAL A 937 8.97 66.65 -23.24
C VAL A 937 9.22 66.87 -24.72
N VAL A 938 10.32 66.32 -25.22
CA VAL A 938 10.66 66.41 -26.63
C VAL A 938 11.80 65.43 -26.94
N PRO A 939 11.73 64.68 -28.02
CA PRO A 939 12.82 63.76 -28.37
C PRO A 939 13.95 64.52 -29.07
N GLY A 940 14.98 63.77 -29.45
CA GLY A 940 16.11 64.35 -30.16
C GLY A 940 15.91 64.30 -31.67
N ASN A 941 16.55 65.25 -32.36
CA ASN A 941 16.50 65.34 -33.82
C ASN A 941 15.06 65.47 -34.30
N ASP A 942 14.42 66.57 -33.90
CA ASP A 942 13.06 66.86 -34.33
C ASP A 942 12.99 67.37 -35.76
N ASN A 943 14.12 67.43 -36.46
CA ASN A 943 14.17 67.94 -37.83
C ASN A 943 13.52 66.92 -38.77
N ILE A 944 12.23 67.10 -39.04
CA ILE A 944 11.51 66.30 -40.03
C ILE A 944 10.85 67.30 -40.98
N GLU A 945 11.56 67.66 -42.03
CA GLU A 945 11.07 68.68 -42.96
C GLU A 945 10.09 68.05 -43.94
N TYR A 946 8.92 68.65 -44.07
CA TYR A 946 7.87 68.16 -44.94
C TYR A 946 6.76 69.20 -44.96
N PHE A 947 5.87 69.06 -45.93
CA PHE A 947 4.68 69.88 -46.02
C PHE A 947 3.52 69.01 -46.50
N SER A 948 2.30 69.46 -46.22
CA SER A 948 1.11 68.67 -46.47
C SER A 948 0.10 69.46 -47.29
N ILE A 949 -0.62 68.74 -48.15
CA ILE A 949 -1.73 69.26 -48.90
C ILE A 949 -2.88 68.27 -48.77
N ASN A 950 -4.11 68.78 -48.69
CA ASN A 950 -5.28 67.93 -48.43
C ASN A 950 -5.10 67.19 -47.11
N GLU A 951 -4.39 67.83 -46.17
CA GLU A 951 -4.12 67.20 -44.88
C GLU A 951 -5.40 66.77 -44.18
N HIS A 952 -6.47 67.56 -44.33
CA HIS A 952 -7.78 67.21 -43.78
C HIS A 952 -7.70 66.95 -42.28
N GLY A 953 -6.92 67.78 -41.58
CA GLY A 953 -6.85 67.73 -40.13
C GLY A 953 -6.31 66.44 -39.56
N ARG A 954 -5.08 66.10 -39.89
CA ARG A 954 -4.40 64.92 -39.35
C ARG A 954 -2.95 65.29 -39.00
N ARG A 955 -2.78 66.44 -38.35
CA ARG A 955 -1.44 67.00 -38.18
C ARG A 955 -0.54 66.10 -37.36
N GLU A 956 -0.88 65.89 -36.09
CA GLU A 956 0.01 65.13 -35.21
C GLU A 956 0.09 63.68 -35.63
N GLU A 957 -1.02 63.09 -36.08
CA GLU A 957 -0.95 61.73 -36.61
C GLU A 957 -0.11 61.67 -37.88
N ASN A 958 -0.17 62.72 -38.70
CA ASN A 958 0.73 62.80 -39.85
C ASN A 958 2.19 62.79 -39.41
N ARG A 959 2.50 63.57 -38.36
CA ARG A 959 3.87 63.57 -37.84
C ARG A 959 4.26 62.20 -37.33
N LEU A 960 3.34 61.50 -36.65
CA LEU A 960 3.64 60.17 -36.14
C LEU A 960 3.93 59.19 -37.26
N ARG A 961 3.10 59.19 -38.31
CA ARG A 961 3.35 58.30 -39.43
C ARG A 961 4.64 58.66 -40.14
N LEU A 962 4.93 59.96 -40.25
CA LEU A 962 6.22 60.37 -40.80
C LEU A 962 7.37 59.82 -39.97
N LYS A 963 7.26 59.89 -38.65
CA LYS A 963 8.32 59.40 -37.77
C LYS A 963 8.53 57.91 -37.97
N THR A 964 7.46 57.12 -37.89
CA THR A 964 7.62 55.68 -38.07
C THR A 964 8.14 55.34 -39.46
N LEU A 965 7.80 56.16 -40.46
CA LEU A 965 8.25 55.89 -41.82
C LEU A 965 9.72 56.20 -41.99
N LEU A 966 10.22 57.24 -41.32
CA LEU A 966 11.62 57.61 -41.43
C LEU A 966 12.50 56.76 -40.51
N GLN A 967 12.04 56.49 -39.30
CA GLN A 967 12.68 55.57 -38.38
C GLN A 967 12.37 54.11 -38.72
N GLN A 968 11.80 53.86 -39.90
CA GLN A 968 11.25 52.54 -40.21
C GLN A 968 12.33 51.48 -40.31
N ASP A 969 13.57 51.85 -40.66
CA ASP A 969 14.57 50.88 -41.09
C ASP A 969 15.55 50.49 -40.00
N VAL A 970 16.29 51.47 -39.47
CA VAL A 970 17.45 51.17 -38.61
C VAL A 970 16.98 51.26 -37.16
N VAL A 971 16.44 50.15 -36.66
CA VAL A 971 16.11 49.96 -35.26
C VAL A 971 16.35 48.49 -34.94
N HIS A 972 17.33 48.19 -34.09
CA HIS A 972 17.70 46.80 -33.85
C HIS A 972 17.45 46.35 -32.42
N GLU A 973 18.12 46.92 -31.42
CA GLU A 973 17.79 46.64 -30.02
C GLU A 973 17.47 47.89 -29.23
N THR A 974 18.43 48.80 -29.08
CA THR A 974 18.23 50.06 -28.37
C THR A 974 18.90 51.25 -29.04
N LYS A 975 19.89 51.03 -29.92
CA LYS A 975 20.68 52.08 -30.59
C LYS A 975 20.96 53.25 -29.65
N THR A 976 21.27 52.95 -28.39
CA THR A 976 21.53 53.98 -27.39
C THR A 976 22.84 53.69 -26.69
N SER A 977 23.61 54.75 -26.48
CA SER A 977 24.82 54.70 -25.68
C SER A 977 24.54 55.37 -24.34
N THR A 978 25.57 55.43 -23.49
CA THR A 978 25.42 56.12 -22.22
C THR A 978 25.39 57.62 -22.46
N SER A 979 24.19 58.17 -22.62
CA SER A 979 24.01 59.58 -22.99
C SER A 979 24.26 60.46 -21.76
N ALA A 980 25.52 60.48 -21.33
CA ALA A 980 25.96 61.30 -20.21
C ALA A 980 25.14 60.97 -18.95
N ALA A 981 25.33 59.74 -18.48
CA ALA A 981 24.59 59.26 -17.31
C ALA A 981 25.04 60.07 -16.10
N SER A 982 24.24 61.06 -15.74
CA SER A 982 24.60 62.06 -14.74
C SER A 982 23.70 61.97 -13.52
N GLU A 983 23.40 60.74 -13.09
CA GLU A 983 22.57 60.52 -11.91
C GLU A 983 21.22 61.20 -12.08
N LEU A 984 20.48 60.75 -13.10
CA LEU A 984 19.18 61.33 -13.42
C LEU A 984 18.17 60.87 -12.36
N THR A 985 18.28 61.48 -11.19
CA THR A 985 17.46 61.14 -10.04
C THR A 985 17.09 62.44 -9.33
N ALA A 986 16.58 62.32 -8.11
CA ALA A 986 16.10 63.45 -7.34
C ALA A 986 16.69 63.41 -5.94
N VAL A 987 17.34 64.48 -5.53
CA VAL A 987 17.81 64.62 -4.16
C VAL A 987 16.63 65.04 -3.29
N VAL A 988 16.36 64.26 -2.25
CA VAL A 988 15.22 64.53 -1.40
C VAL A 988 15.49 65.77 -0.55
N THR A 989 14.54 66.70 -0.54
CA THR A 989 14.68 67.89 0.28
C THR A 989 14.56 67.53 1.75
N ILE A 990 15.18 68.37 2.60
CA ILE A 990 15.13 68.14 4.03
C ILE A 990 13.68 68.14 4.52
N ASN A 991 12.87 69.08 4.01
CA ASN A 991 11.46 69.13 4.39
C ASN A 991 10.77 67.84 3.97
N ASP A 992 11.10 67.32 2.78
CA ASP A 992 10.52 66.06 2.34
C ASP A 992 10.88 64.93 3.31
N LEU A 993 12.14 64.89 3.75
CA LEU A 993 12.55 63.85 4.70
C LEU A 993 11.80 64.00 6.02
N LEU A 994 11.63 65.23 6.50
CA LEU A 994 10.94 65.43 7.76
C LEU A 994 9.47 65.01 7.67
N GLU A 995 8.79 65.38 6.58
CA GLU A 995 7.40 64.99 6.43
C GLU A 995 7.26 63.49 6.25
N ALA A 996 8.23 62.85 5.58
CA ALA A 996 8.22 61.40 5.49
C ALA A 996 8.39 60.77 6.87
N CYS A 997 9.30 61.30 7.68
CA CYS A 997 9.47 60.81 9.04
C CYS A 997 8.17 60.96 9.82
N GLN A 998 7.45 62.06 9.59
CA GLN A 998 6.12 62.20 10.19
C GLN A 998 5.19 61.10 9.70
N GLU A 999 5.24 60.79 8.40
CA GLU A 999 4.28 59.87 7.81
C GLU A 999 4.40 58.47 8.41
N THR A 1000 5.62 57.98 8.58
CA THR A 1000 5.85 56.60 9.01
C THR A 1000 5.91 56.51 10.54
N LYS A 1001 5.69 55.30 11.04
CA LYS A 1001 5.77 54.98 12.46
C LYS A 1001 6.63 53.74 12.62
N PRO A 1002 7.17 53.51 13.82
CA PRO A 1002 7.92 52.27 14.05
C PRO A 1002 7.01 51.06 13.89
N SER A 1003 7.61 49.95 13.43
CA SER A 1003 6.85 48.74 13.17
C SER A 1003 6.24 48.14 14.43
N ILE A 1004 6.65 48.58 15.61
CA ILE A 1004 6.20 48.00 16.87
C ILE A 1004 5.46 49.06 17.65
N SER A 1005 4.55 48.60 18.52
CA SER A 1005 3.76 49.49 19.35
C SER A 1005 4.39 49.60 20.75
N THR A 1006 3.85 50.53 21.54
CA THR A 1006 4.43 50.80 22.85
C THR A 1006 4.38 49.56 23.74
N SER A 1007 3.22 48.91 23.82
CA SER A 1007 3.08 47.74 24.70
C SER A 1007 4.01 46.63 24.26
N GLU A 1008 4.04 46.34 22.95
CA GLU A 1008 4.92 45.29 22.45
C GLU A 1008 6.38 45.62 22.70
N LEU A 1009 6.77 46.88 22.43
CA LEU A 1009 8.15 47.29 22.70
C LEU A 1009 8.50 47.07 24.17
N VAL A 1010 7.62 47.50 25.07
CA VAL A 1010 7.89 47.39 26.50
C VAL A 1010 8.05 45.92 26.87
N LYS A 1011 7.11 45.07 26.46
CA LYS A 1011 7.16 43.68 26.88
C LYS A 1011 8.37 42.98 26.31
N LEU A 1012 8.72 43.24 25.04
CA LEU A 1012 9.86 42.56 24.45
C LEU A 1012 11.16 43.04 25.09
N ARG A 1013 11.28 44.34 25.38
CA ARG A 1013 12.48 44.80 26.07
C ARG A 1013 12.58 44.18 27.45
N GLY A 1014 11.46 44.06 28.16
CA GLY A 1014 11.50 43.44 29.48
C GLY A 1014 11.91 41.98 29.42
N ILE A 1015 11.34 41.23 28.48
CA ILE A 1015 11.67 39.82 28.37
C ILE A 1015 13.13 39.65 27.95
N TYR A 1016 13.63 40.53 27.07
CA TYR A 1016 15.02 40.44 26.66
C TYR A 1016 15.96 40.73 27.83
N ASP A 1017 15.63 41.74 28.63
CA ASP A 1017 16.45 42.02 29.81
C ASP A 1017 16.42 40.86 30.79
N ARG A 1018 15.23 40.27 31.01
CA ARG A 1018 15.14 39.12 31.90
C ARG A 1018 15.95 37.96 31.36
N PHE A 1019 15.93 37.77 30.04
CA PHE A 1019 16.71 36.70 29.41
C PHE A 1019 18.21 36.91 29.63
N GLN A 1020 18.68 38.14 29.38
CA GLN A 1020 20.12 38.39 29.55
C GLN A 1020 20.52 38.25 31.01
N LYS A 1021 19.65 38.66 31.94
CA LYS A 1021 19.93 38.45 33.35
C LYS A 1021 19.98 36.96 33.67
N ASP A 1022 19.10 36.16 33.05
CA ASP A 1022 19.17 34.72 33.22
C ASP A 1022 20.50 34.16 32.73
N ARG A 1023 20.97 34.64 31.57
CA ARG A 1023 22.26 34.20 31.08
C ARG A 1023 23.40 34.63 31.99
N ASN A 1024 23.16 35.60 32.87
CA ASN A 1024 24.14 35.98 33.88
C ASN A 1024 24.06 35.12 35.13
N GLY A 1025 23.18 34.12 35.15
CA GLY A 1025 22.97 33.31 36.33
C GLY A 1025 21.89 33.81 37.26
N GLU A 1026 21.02 34.69 36.78
CA GLU A 1026 19.97 35.26 37.62
C GLU A 1026 18.62 34.61 37.31
N GLY B 206 -3.90 -0.77 -82.20
CA GLY B 206 -4.54 -1.94 -81.63
C GLY B 206 -5.66 -1.59 -80.68
N ALA B 207 -5.29 -1.25 -79.44
CA ALA B 207 -6.28 -0.89 -78.42
C ALA B 207 -6.78 0.52 -78.69
N ILE B 208 -7.56 1.07 -77.76
CA ILE B 208 -8.12 2.41 -77.91
C ILE B 208 -7.08 3.42 -77.45
N GLN B 209 -6.92 4.48 -78.23
CA GLN B 209 -5.91 5.49 -77.92
C GLN B 209 -6.25 6.19 -76.61
N LEU B 210 -5.20 6.56 -75.87
CA LEU B 210 -5.34 7.14 -74.54
C LEU B 210 -5.18 8.66 -74.62
N LEU B 211 -6.25 9.39 -74.30
CA LEU B 211 -6.19 10.84 -74.18
C LEU B 211 -5.61 11.20 -72.81
N LYS B 212 -5.76 12.47 -72.42
CA LYS B 212 -5.27 12.92 -71.12
C LYS B 212 -5.70 11.96 -70.02
N LYS B 213 -4.83 11.81 -69.02
CA LYS B 213 -5.08 10.90 -67.91
C LYS B 213 -4.59 11.56 -66.63
N VAL B 214 -5.49 11.65 -65.63
CA VAL B 214 -5.18 12.27 -64.35
C VAL B 214 -5.85 11.48 -63.24
N ILE B 215 -5.38 11.70 -62.02
CA ILE B 215 -6.04 11.16 -60.84
C ILE B 215 -6.96 12.25 -60.28
N LEU B 216 -7.81 11.86 -59.34
CA LEU B 216 -8.81 12.79 -58.83
C LEU B 216 -9.23 12.37 -57.44
N ARG B 217 -9.85 13.30 -56.72
CA ARG B 217 -10.32 13.07 -55.36
C ARG B 217 -11.83 12.78 -55.35
N SER B 218 -12.24 11.91 -54.44
CA SER B 218 -13.60 11.41 -54.40
C SER B 218 -14.45 12.22 -53.41
N THR B 219 -15.63 12.61 -53.84
CA THR B 219 -16.62 13.27 -53.00
C THR B 219 -17.94 12.53 -53.10
N VAL B 220 -18.62 12.38 -51.96
CA VAL B 220 -19.91 11.70 -51.91
C VAL B 220 -21.06 12.69 -51.98
N CYS B 221 -20.81 13.93 -52.40
CA CYS B 221 -21.89 14.89 -52.54
C CYS B 221 -22.98 14.31 -53.42
N LYS B 222 -24.21 14.34 -52.92
CA LYS B 222 -25.31 13.60 -53.53
C LYS B 222 -25.83 14.37 -54.74
N MET B 223 -25.43 13.94 -55.94
CA MET B 223 -25.96 14.49 -57.17
C MET B 223 -27.21 13.71 -57.58
N ASP B 224 -27.76 14.03 -58.75
CA ASP B 224 -28.98 13.37 -59.19
C ASP B 224 -28.72 11.93 -59.63
N PHE B 225 -27.62 11.70 -60.35
CA PHE B 225 -27.33 10.38 -60.87
C PHE B 225 -28.54 9.84 -61.60
N PRO B 226 -28.82 10.34 -62.81
CA PRO B 226 -30.08 10.01 -63.48
C PRO B 226 -30.34 8.51 -63.51
N LYS B 227 -31.56 8.13 -63.17
CA LYS B 227 -31.92 6.72 -63.09
C LYS B 227 -31.87 6.04 -64.45
N ASP B 228 -32.03 6.79 -65.55
CA ASP B 228 -31.94 6.18 -66.87
C ASP B 228 -30.56 5.59 -67.12
N ASN B 229 -29.52 6.30 -66.70
CA ASN B 229 -28.15 5.84 -66.85
C ASN B 229 -27.74 5.08 -65.60
N LEU B 230 -26.90 4.06 -65.79
CA LEU B 230 -26.40 3.24 -64.70
C LEU B 230 -24.94 3.50 -64.35
N PHE B 231 -24.12 3.87 -65.33
CA PHE B 231 -22.69 4.12 -65.11
C PHE B 231 -22.37 5.50 -65.68
N VAL B 232 -22.24 6.49 -64.79
CA VAL B 232 -21.83 7.83 -65.18
C VAL B 232 -21.02 8.43 -64.02
N VAL B 233 -20.16 9.39 -64.35
CA VAL B 233 -19.31 10.05 -63.36
C VAL B 233 -19.37 11.55 -63.62
N TYR B 234 -19.47 12.32 -62.54
CA TYR B 234 -19.43 13.78 -62.65
C TYR B 234 -18.00 14.29 -62.45
N ILE B 235 -17.68 15.38 -63.14
CA ILE B 235 -16.35 15.97 -63.10
C ILE B 235 -16.51 17.47 -62.90
N SER B 236 -15.49 18.08 -62.29
CA SER B 236 -15.52 19.52 -62.06
C SER B 236 -15.65 20.28 -63.37
N ASP B 237 -16.50 21.32 -63.36
CA ASP B 237 -16.71 22.14 -64.54
C ASP B 237 -15.53 23.03 -64.86
N GLY B 238 -14.63 23.27 -63.89
CA GLY B 238 -13.58 24.24 -64.10
C GLY B 238 -12.73 23.95 -65.32
N ALA B 239 -12.56 22.67 -65.66
CA ALA B 239 -11.79 22.26 -66.82
C ALA B 239 -12.70 21.65 -67.86
N GLN B 240 -12.57 22.10 -69.11
CA GLN B 240 -13.35 21.53 -70.20
C GLN B 240 -12.96 20.07 -70.40
N LEU B 241 -13.96 19.22 -70.56
CA LEU B 241 -13.72 17.79 -70.68
C LEU B 241 -13.14 17.48 -72.06
N PRO B 242 -11.93 16.92 -72.16
CA PRO B 242 -11.40 16.61 -73.49
C PRO B 242 -12.24 15.61 -74.27
N SER B 243 -12.87 14.66 -73.58
CA SER B 243 -13.66 13.63 -74.26
C SER B 243 -14.77 13.14 -73.33
N GLN B 244 -15.93 12.88 -73.91
CA GLN B 244 -17.10 12.47 -73.14
C GLN B 244 -17.01 11.04 -72.63
N LYS B 245 -15.92 10.32 -72.93
CA LYS B 245 -15.78 8.94 -72.50
C LYS B 245 -14.41 8.74 -71.84
N GLY B 246 -14.36 7.78 -70.94
CA GLY B 246 -13.13 7.56 -70.18
C GLY B 246 -13.18 6.28 -69.39
N TYR B 247 -12.01 5.94 -68.85
CA TYR B 247 -11.80 4.79 -68.00
C TYR B 247 -11.44 5.25 -66.60
N ALA B 248 -11.92 4.54 -65.58
CA ALA B 248 -11.69 4.89 -64.19
C ALA B 248 -11.27 3.66 -63.41
N SER B 249 -10.51 3.89 -62.34
CA SER B 249 -10.06 2.84 -61.44
C SER B 249 -9.81 3.44 -60.08
N ILE B 250 -9.65 2.58 -59.08
CA ILE B 250 -9.36 2.99 -57.71
C ILE B 250 -7.95 2.58 -57.37
N VAL B 251 -7.19 3.50 -56.77
CA VAL B 251 -5.83 3.21 -56.35
C VAL B 251 -5.89 2.25 -55.17
N LYS B 252 -4.74 1.68 -54.81
CA LYS B 252 -4.65 0.69 -53.75
C LYS B 252 -4.15 1.33 -52.47
N CYS B 253 -4.56 0.75 -51.33
CA CYS B 253 -4.15 1.21 -50.01
C CYS B 253 -3.43 0.07 -49.30
N SER B 254 -2.11 0.18 -49.21
CA SER B 254 -1.25 -0.89 -48.72
C SER B 254 -0.74 -0.61 -47.30
N LEU B 255 -1.59 -0.04 -46.45
CA LEU B 255 -1.20 0.27 -45.08
C LEU B 255 -0.43 -0.86 -44.43
N ARG B 256 -0.73 -2.10 -44.82
CA ARG B 256 -0.20 -3.27 -44.13
C ARG B 256 1.33 -3.24 -44.07
N GLN B 257 1.86 -3.11 -42.86
CA GLN B 257 3.29 -3.27 -42.61
C GLN B 257 3.59 -4.49 -41.77
N SER B 258 2.73 -4.81 -40.80
CA SER B 258 2.82 -6.08 -40.10
C SER B 258 2.30 -7.21 -40.98
N LYS B 259 2.48 -8.44 -40.52
CA LYS B 259 2.06 -9.61 -41.28
C LYS B 259 2.73 -9.63 -42.65
N LYS B 260 4.04 -9.81 -42.63
CA LYS B 260 4.87 -9.61 -43.81
C LYS B 260 4.64 -10.71 -44.83
N SER B 261 3.43 -10.76 -45.39
CA SER B 261 3.11 -11.63 -46.51
C SER B 261 2.18 -10.92 -47.49
N ASP B 262 2.29 -9.60 -47.60
CA ASP B 262 1.39 -8.79 -48.41
C ASP B 262 2.04 -8.32 -49.70
N SER B 263 3.17 -7.62 -49.61
CA SER B 263 3.90 -7.14 -50.78
C SER B 263 5.33 -7.67 -50.83
N ASP B 264 5.71 -8.54 -49.89
CA ASP B 264 7.05 -9.14 -49.88
C ASP B 264 7.09 -10.28 -50.88
N ASN B 265 7.11 -9.89 -52.16
CA ASN B 265 7.17 -10.85 -53.27
C ASN B 265 5.93 -11.74 -53.30
N LYS B 266 4.75 -11.11 -53.32
CA LYS B 266 3.49 -11.86 -53.39
C LYS B 266 2.46 -10.96 -54.06
N SER B 267 2.26 -11.17 -55.36
CA SER B 267 1.26 -10.42 -56.13
C SER B 267 0.01 -11.28 -56.25
N VAL B 268 -0.74 -11.35 -55.17
CA VAL B 268 -2.01 -12.08 -55.13
C VAL B 268 -3.17 -11.13 -54.82
N GLY B 269 -2.96 -9.83 -54.99
CA GLY B 269 -3.97 -8.83 -54.68
C GLY B 269 -4.18 -7.87 -55.83
N ILE B 270 -4.17 -8.39 -57.05
CA ILE B 270 -4.34 -7.57 -58.25
C ILE B 270 -5.74 -7.80 -58.83
N PRO B 271 -6.72 -7.00 -58.44
CA PRO B 271 -8.07 -7.16 -58.99
C PRO B 271 -8.23 -6.43 -60.32
N SER B 272 -9.39 -6.66 -60.94
CA SER B 272 -9.74 -6.02 -62.20
C SER B 272 -10.21 -4.59 -61.93
N LYS B 273 -9.25 -3.78 -61.45
CA LYS B 273 -9.54 -2.41 -61.06
C LYS B 273 -9.44 -1.49 -62.29
N LYS B 274 -10.42 -1.64 -63.18
CA LYS B 274 -10.47 -0.83 -64.39
C LYS B 274 -11.84 -0.97 -65.01
N ILE B 275 -12.56 0.14 -65.17
CA ILE B 275 -13.92 0.12 -65.73
C ILE B 275 -14.17 1.43 -66.44
N GLY B 276 -14.78 1.36 -67.63
CA GLY B 276 -15.14 2.56 -68.35
C GLY B 276 -16.45 3.16 -67.86
N VAL B 277 -16.65 4.45 -68.14
CA VAL B 277 -17.86 5.15 -67.67
C VAL B 277 -18.02 6.44 -68.45
N PHE B 278 -19.27 6.93 -68.50
CA PHE B 278 -19.56 8.27 -68.99
C PHE B 278 -18.93 9.32 -68.09
N ILE B 279 -18.58 10.46 -68.67
CA ILE B 279 -18.06 11.61 -67.93
C ILE B 279 -18.91 12.82 -68.30
N LYS B 280 -19.45 13.49 -67.28
CA LYS B 280 -20.27 14.70 -67.48
C LYS B 280 -19.79 15.75 -66.49
N CYS B 281 -19.65 16.99 -66.96
CA CYS B 281 -19.19 18.06 -66.09
C CYS B 281 -20.35 18.69 -65.34
N ASP B 282 -20.23 18.75 -64.01
CA ASP B 282 -21.20 19.39 -63.14
C ASP B 282 -20.57 20.62 -62.52
N SER B 283 -21.38 21.67 -62.35
CA SER B 283 -20.87 22.93 -61.85
C SER B 283 -20.59 22.88 -60.35
N GLN B 284 -21.46 22.21 -59.59
CA GLN B 284 -21.36 22.26 -58.14
C GLN B 284 -20.04 21.68 -57.65
N ILE B 285 -19.63 20.54 -58.20
CA ILE B 285 -18.49 19.82 -57.63
C ILE B 285 -17.25 20.70 -57.68
N PRO B 286 -16.43 20.73 -56.62
CA PRO B 286 -15.19 21.52 -56.69
C PRO B 286 -14.15 20.89 -57.60
N GLU B 287 -13.18 21.70 -57.99
CA GLU B 287 -12.13 21.23 -58.87
C GLU B 287 -11.33 20.12 -58.21
N ASN B 288 -10.63 19.35 -59.04
CA ASN B 288 -9.79 18.25 -58.56
C ASN B 288 -10.60 17.27 -57.72
N HIS B 289 -11.82 16.99 -58.14
CA HIS B 289 -12.68 16.04 -57.43
C HIS B 289 -13.57 15.31 -58.41
N ILE B 290 -13.96 14.08 -58.03
CA ILE B 290 -14.78 13.21 -58.86
C ILE B 290 -15.95 12.72 -58.03
N ALA B 291 -17.09 12.53 -58.69
CA ALA B 291 -18.29 12.00 -58.05
C ALA B 291 -18.78 10.79 -58.84
N LEU B 292 -19.05 9.70 -58.12
CA LEU B 292 -19.34 8.41 -58.72
C LEU B 292 -20.70 7.92 -58.24
N SER B 293 -21.40 7.19 -59.12
CA SER B 293 -22.66 6.58 -58.74
C SER B 293 -22.43 5.38 -57.82
N SER B 294 -23.44 5.07 -57.01
CA SER B 294 -23.32 3.95 -56.08
C SER B 294 -22.95 2.66 -56.79
N HIS B 295 -23.43 2.48 -58.02
CA HIS B 295 -23.09 1.28 -58.78
C HIS B 295 -21.60 1.20 -59.04
N LEU B 296 -20.98 2.34 -59.35
CA LEU B 296 -19.53 2.38 -59.47
C LEU B 296 -18.88 1.94 -58.17
N TRP B 297 -19.38 2.42 -57.04
CA TRP B 297 -18.81 2.02 -55.75
C TRP B 297 -18.89 0.52 -55.57
N ASP B 298 -20.07 -0.06 -55.84
CA ASP B 298 -20.22 -1.50 -55.69
C ASP B 298 -19.25 -2.26 -56.59
N ALA B 299 -19.12 -1.81 -57.84
CA ALA B 299 -18.10 -2.40 -58.71
C ALA B 299 -16.72 -2.27 -58.11
N PHE B 300 -16.47 -1.18 -57.38
CA PHE B 300 -15.17 -0.92 -56.76
C PHE B 300 -15.02 -1.61 -55.40
N PHE B 301 -16.05 -2.30 -54.92
CA PHE B 301 -15.99 -2.99 -53.64
C PHE B 301 -15.60 -2.02 -52.53
N THR B 302 -16.19 -0.82 -52.55
CA THR B 302 -15.89 0.19 -51.56
C THR B 302 -17.17 0.95 -51.22
N HIS B 303 -17.36 1.23 -49.94
CA HIS B 303 -18.50 2.01 -49.51
C HIS B 303 -18.32 3.48 -49.93
N PRO B 304 -19.41 4.22 -50.09
CA PRO B 304 -19.27 5.65 -50.39
C PRO B 304 -18.48 6.35 -49.29
N MET B 305 -17.61 7.27 -49.71
CA MET B 305 -16.69 7.91 -48.78
C MET B 305 -15.93 9.00 -49.53
N ASN B 306 -15.26 9.86 -48.76
CA ASN B 306 -14.56 11.01 -49.30
C ASN B 306 -13.10 10.68 -49.58
N GLY B 307 -12.44 11.59 -50.30
CA GLY B 307 -10.99 11.57 -50.44
C GLY B 307 -10.41 10.41 -51.23
N ALA B 308 -11.22 9.45 -51.65
CA ALA B 308 -10.67 8.33 -52.42
C ALA B 308 -10.08 8.84 -53.72
N LYS B 309 -9.00 8.20 -54.16
CA LYS B 309 -8.25 8.64 -55.35
C LYS B 309 -8.66 7.77 -56.52
N ILE B 310 -9.25 8.40 -57.54
CA ILE B 310 -9.70 7.69 -58.74
C ILE B 310 -8.79 8.06 -59.90
N LYS B 311 -8.30 7.03 -60.58
CA LYS B 311 -7.39 7.16 -61.72
C LYS B 311 -8.24 7.13 -62.99
N LEU B 312 -8.24 8.24 -63.73
CA LEU B 312 -9.17 8.48 -64.83
C LEU B 312 -8.39 8.82 -66.09
N GLU B 313 -8.89 8.33 -67.24
CA GLU B 313 -8.36 8.68 -68.55
C GLU B 313 -9.52 8.87 -69.51
N PHE B 314 -9.24 9.48 -70.66
CA PHE B 314 -10.23 9.66 -71.71
C PHE B 314 -9.71 9.04 -73.00
N LEU B 315 -10.64 8.69 -73.88
CA LEU B 315 -10.33 7.98 -75.11
C LEU B 315 -10.92 8.72 -76.31
N GLN B 316 -10.19 8.67 -77.42
CA GLN B 316 -10.67 9.28 -78.66
C GLN B 316 -11.85 8.50 -79.22
N MET B 317 -12.67 9.19 -80.01
CA MET B 317 -13.87 8.58 -80.59
C MET B 317 -13.58 7.99 -81.97
N ASN B 318 -12.54 7.16 -82.05
CA ASN B 318 -12.23 6.42 -83.28
C ASN B 318 -11.51 5.15 -82.86
N GLN B 319 -12.24 4.05 -82.78
CA GLN B 319 -11.68 2.81 -82.26
C GLN B 319 -12.51 1.64 -82.76
N ALA B 320 -11.92 0.80 -83.61
CA ALA B 320 -12.54 -0.46 -83.97
C ALA B 320 -12.62 -1.42 -82.79
N ASN B 321 -11.89 -1.14 -81.71
CA ASN B 321 -11.95 -1.99 -80.53
C ASN B 321 -13.37 -2.08 -79.99
N ILE B 322 -14.04 -0.94 -79.86
CA ILE B 322 -15.44 -0.92 -79.42
C ILE B 322 -16.30 -1.56 -80.50
N ILE B 323 -17.32 -2.29 -80.07
CA ILE B 323 -18.26 -2.92 -81.00
C ILE B 323 -18.99 -1.81 -81.76
N SER B 324 -18.75 -1.74 -83.07
CA SER B 324 -19.38 -0.73 -83.91
C SER B 324 -20.65 -1.30 -84.55
N GLY B 325 -21.56 -1.75 -83.71
CA GLY B 325 -22.85 -2.24 -84.18
C GLY B 325 -23.02 -3.74 -84.14
N ARG B 326 -22.85 -4.38 -85.30
CA ARG B 326 -23.23 -5.77 -85.47
C ARG B 326 -22.64 -6.65 -84.37
N ASN B 327 -23.36 -7.74 -84.07
CA ASN B 327 -22.89 -8.76 -83.15
C ASN B 327 -22.50 -8.16 -81.79
N ALA B 328 -23.32 -7.25 -81.29
CA ALA B 328 -23.13 -6.70 -79.95
C ALA B 328 -23.59 -7.77 -78.95
N THR B 329 -22.74 -8.77 -78.78
CA THR B 329 -23.06 -9.95 -77.97
C THR B 329 -22.38 -9.83 -76.62
N VAL B 330 -23.18 -9.93 -75.55
CA VAL B 330 -22.70 -9.83 -74.18
C VAL B 330 -23.06 -11.13 -73.47
N ASN B 331 -22.07 -11.70 -72.77
CA ASN B 331 -22.27 -12.91 -71.98
C ASN B 331 -22.31 -12.52 -70.51
N ILE B 332 -23.42 -12.86 -69.86
CA ILE B 332 -23.70 -12.48 -68.48
C ILE B 332 -23.73 -13.74 -67.63
N LYS B 333 -23.01 -13.72 -66.52
CA LYS B 333 -22.96 -14.84 -65.59
C LYS B 333 -23.49 -14.38 -64.24
N TYR B 334 -24.41 -15.13 -63.66
CA TYR B 334 -25.09 -14.74 -62.43
C TYR B 334 -24.90 -15.83 -61.38
N PHE B 335 -24.61 -15.41 -60.15
CA PHE B 335 -24.36 -16.35 -59.07
C PHE B 335 -25.18 -16.03 -57.82
N GLY B 336 -26.19 -15.17 -57.91
CA GLY B 336 -27.04 -14.88 -56.78
C GLY B 336 -28.05 -16.00 -56.53
N LYS B 337 -28.90 -15.76 -55.54
CA LYS B 337 -29.86 -16.75 -55.08
C LYS B 337 -31.28 -16.25 -55.37
N ASP B 338 -32.27 -17.01 -54.88
CA ASP B 338 -33.69 -16.68 -55.00
C ASP B 338 -34.21 -16.95 -56.41
N VAL B 339 -33.38 -17.53 -57.28
CA VAL B 339 -33.69 -17.78 -58.69
C VAL B 339 -34.45 -16.60 -59.27
N PRO B 340 -33.81 -15.43 -59.41
CA PRO B 340 -34.54 -14.26 -59.91
C PRO B 340 -35.02 -14.47 -61.34
N THR B 341 -36.09 -13.76 -61.68
CA THR B 341 -36.67 -13.81 -63.02
C THR B 341 -35.95 -12.89 -64.00
N LYS B 342 -34.72 -12.49 -63.69
CA LYS B 342 -33.97 -11.56 -64.55
C LYS B 342 -33.58 -12.29 -65.83
N SER B 343 -34.33 -12.05 -66.90
CA SER B 343 -34.08 -12.70 -68.17
C SER B 343 -32.93 -12.02 -68.90
N GLY B 344 -32.60 -12.54 -70.09
CA GLY B 344 -31.53 -11.96 -70.86
C GLY B 344 -31.80 -10.53 -71.27
N ASP B 345 -33.05 -10.23 -71.62
CA ASP B 345 -33.44 -8.88 -72.03
C ASP B 345 -33.97 -8.03 -70.88
N GLN B 346 -34.42 -8.65 -69.79
CA GLN B 346 -34.89 -7.86 -68.66
C GLN B 346 -33.76 -7.03 -68.08
N TYR B 347 -32.57 -7.62 -67.93
CA TYR B 347 -31.41 -6.86 -67.48
C TYR B 347 -31.13 -5.69 -68.43
N SER B 348 -31.04 -5.99 -69.73
CA SER B 348 -30.76 -4.93 -70.71
C SER B 348 -31.76 -3.80 -70.58
N LYS B 349 -33.04 -4.11 -70.42
CA LYS B 349 -34.03 -3.07 -70.18
C LYS B 349 -33.70 -2.29 -68.91
N LEU B 350 -33.34 -3.01 -67.84
CA LEU B 350 -32.95 -2.35 -66.59
C LEU B 350 -31.57 -1.73 -66.67
N LEU B 351 -30.75 -2.15 -67.64
CA LEU B 351 -29.38 -1.65 -67.80
C LEU B 351 -29.29 -0.59 -68.90
N GLY B 352 -30.31 0.25 -69.03
CA GLY B 352 -30.29 1.30 -70.04
C GLY B 352 -29.08 2.20 -69.90
N GLY B 353 -28.41 2.50 -71.02
CA GLY B 353 -27.22 3.32 -70.98
C GLY B 353 -26.13 2.74 -70.11
N SER B 354 -25.91 1.43 -70.20
CA SER B 354 -24.93 0.72 -69.38
C SER B 354 -23.73 0.36 -70.24
N LEU B 355 -22.59 0.97 -69.95
CA LEU B 355 -21.34 0.60 -70.60
C LEU B 355 -20.72 -0.58 -69.89
N LEU B 356 -20.33 -1.59 -70.65
CA LEU B 356 -19.82 -2.84 -70.10
C LEU B 356 -18.44 -3.11 -70.66
N THR B 357 -17.46 -3.27 -69.78
CA THR B 357 -16.13 -3.72 -70.14
C THR B 357 -15.98 -5.21 -69.83
N ASN B 358 -15.17 -5.89 -70.64
CA ASN B 358 -15.01 -7.33 -70.48
C ASN B 358 -14.54 -7.67 -69.08
N ASN B 359 -15.13 -8.72 -68.51
CA ASN B 359 -14.73 -9.24 -67.20
C ASN B 359 -14.86 -8.17 -66.12
N LEU B 360 -16.10 -7.75 -65.89
CA LEU B 360 -16.42 -6.84 -64.80
C LEU B 360 -17.38 -7.50 -63.83
N ILE B 361 -17.25 -7.17 -62.56
CA ILE B 361 -18.02 -7.82 -61.50
C ILE B 361 -18.93 -6.79 -60.83
N LEU B 362 -20.08 -7.25 -60.36
CA LEU B 362 -21.03 -6.42 -59.63
C LEU B 362 -21.63 -7.24 -58.49
N PRO B 363 -21.35 -6.88 -57.24
CA PRO B 363 -21.81 -7.73 -56.12
C PRO B 363 -23.29 -7.57 -55.82
N THR B 364 -23.83 -6.35 -55.90
CA THR B 364 -25.25 -6.17 -55.59
C THR B 364 -26.12 -7.03 -56.49
N GLU B 365 -25.86 -7.00 -57.79
CA GLU B 365 -26.52 -7.90 -58.72
C GLU B 365 -25.89 -9.29 -58.74
N GLN B 366 -24.70 -9.44 -58.16
CA GLN B 366 -24.00 -10.73 -58.14
C GLN B 366 -23.82 -11.27 -59.55
N ILE B 367 -23.28 -10.44 -60.44
CA ILE B 367 -23.13 -10.81 -61.84
C ILE B 367 -21.79 -10.35 -62.38
N ILE B 368 -21.21 -11.18 -63.23
CA ILE B 368 -20.02 -10.84 -63.99
C ILE B 368 -20.41 -10.72 -65.47
N ILE B 369 -19.91 -9.67 -66.11
CA ILE B 369 -20.23 -9.36 -67.50
C ILE B 369 -18.95 -9.47 -68.32
N GLU B 370 -19.05 -10.10 -69.49
CA GLU B 370 -18.00 -10.05 -70.49
C GLU B 370 -18.65 -9.82 -71.85
N ILE B 371 -17.87 -9.34 -72.80
CA ILE B 371 -18.36 -8.97 -74.12
C ILE B 371 -17.61 -9.79 -75.16
N LYS B 372 -18.37 -10.41 -76.08
CA LYS B 372 -17.77 -11.15 -77.17
C LYS B 372 -18.44 -10.76 -78.46
N LYS B 373 -17.65 -10.58 -79.51
CA LYS B 373 -18.14 -10.30 -80.86
C LYS B 373 -17.41 -11.27 -81.79
N GLY B 374 -18.07 -12.36 -82.15
CA GLY B 374 -17.38 -13.41 -82.86
C GLY B 374 -16.28 -14.00 -82.00
N GLU B 375 -15.11 -14.18 -82.59
CA GLU B 375 -13.95 -14.70 -81.86
C GLU B 375 -13.02 -13.61 -81.36
N SER B 376 -13.29 -12.35 -81.67
CA SER B 376 -12.47 -11.23 -81.23
C SER B 376 -12.97 -10.73 -79.89
N GLU B 377 -12.13 -10.84 -78.86
CA GLU B 377 -12.51 -10.36 -77.53
C GLU B 377 -12.84 -8.88 -77.58
N GLN B 378 -13.91 -8.50 -76.90
CA GLN B 378 -14.38 -7.10 -76.84
C GLN B 378 -14.16 -6.60 -75.42
N GLN B 379 -13.04 -5.90 -75.20
CA GLN B 379 -12.75 -5.37 -73.88
C GLN B 379 -13.82 -4.39 -73.40
N LEU B 380 -14.57 -3.79 -74.32
CA LEU B 380 -15.56 -2.78 -73.97
C LEU B 380 -16.85 -3.03 -74.73
N CYS B 381 -17.96 -2.62 -74.12
CA CYS B 381 -19.27 -2.63 -74.75
C CYS B 381 -19.99 -1.34 -74.44
N ASN B 382 -20.59 -0.73 -75.45
CA ASN B 382 -21.33 0.52 -75.31
C ASN B 382 -22.78 0.27 -75.70
N LEU B 383 -23.71 0.74 -74.86
CA LEU B 383 -25.14 0.59 -75.11
C LEU B 383 -25.70 1.73 -75.93
N ASN B 384 -24.86 2.51 -76.60
CA ASN B 384 -25.31 3.58 -77.49
C ASN B 384 -24.69 3.51 -78.88
N GLU B 385 -23.52 2.91 -79.05
CA GLU B 385 -23.02 2.64 -80.40
C GLU B 385 -23.92 1.65 -81.11
N ILE B 386 -24.44 0.67 -80.38
CA ILE B 386 -25.36 -0.33 -80.91
C ILE B 386 -26.71 -0.13 -80.24
N SER B 387 -27.75 0.04 -81.05
CA SER B 387 -29.08 0.33 -80.54
C SER B 387 -29.75 -0.97 -80.10
N ASN B 388 -31.05 -0.89 -79.81
CA ASN B 388 -31.78 -2.06 -79.31
C ASN B 388 -31.80 -3.17 -80.34
N GLU B 389 -31.94 -2.84 -81.61
CA GLU B 389 -32.10 -3.86 -82.65
C GLU B 389 -30.87 -4.76 -82.73
N SER B 390 -29.67 -4.16 -82.72
CA SER B 390 -28.44 -4.87 -83.03
C SER B 390 -27.72 -5.41 -81.80
N VAL B 391 -28.47 -5.74 -80.73
CA VAL B 391 -27.88 -6.24 -79.50
C VAL B 391 -28.54 -7.55 -79.11
N GLN B 392 -27.81 -8.35 -78.32
CA GLN B 392 -28.28 -9.64 -77.85
C GLN B 392 -27.77 -9.85 -76.44
N TRP B 393 -28.40 -10.77 -75.72
CA TRP B 393 -28.08 -10.99 -74.31
C TRP B 393 -28.21 -12.47 -73.98
N LYS B 394 -27.69 -12.83 -72.80
CA LYS B 394 -27.72 -14.21 -72.34
C LYS B 394 -27.75 -14.23 -70.82
N VAL B 395 -28.23 -15.33 -70.26
CA VAL B 395 -28.27 -15.53 -68.81
C VAL B 395 -27.76 -16.94 -68.51
N THR B 396 -27.01 -17.07 -67.43
CA THR B 396 -26.47 -18.35 -67.02
C THR B 396 -25.96 -18.22 -65.59
N GLN B 397 -25.32 -19.29 -65.10
CA GLN B 397 -24.71 -19.30 -63.78
C GLN B 397 -23.42 -20.11 -63.85
N MET B 398 -22.50 -19.80 -62.95
CA MET B 398 -21.20 -20.45 -62.92
C MET B 398 -21.19 -21.57 -61.90
N GLY B 399 -20.29 -22.53 -62.12
CA GLY B 399 -20.19 -23.65 -61.19
C GLY B 399 -19.86 -23.17 -59.79
N LYS B 400 -20.39 -23.91 -58.81
CA LYS B 400 -20.20 -23.52 -57.41
C LYS B 400 -18.72 -23.32 -57.10
N GLU B 401 -17.86 -24.23 -57.59
CA GLU B 401 -16.44 -24.11 -57.30
C GLU B 401 -15.85 -22.84 -57.91
N GLU B 402 -16.33 -22.42 -59.09
CA GLU B 402 -15.78 -21.23 -59.71
C GLU B 402 -16.25 -19.97 -58.99
N VAL B 403 -17.52 -19.94 -58.60
CA VAL B 403 -18.02 -18.81 -57.81
C VAL B 403 -17.23 -18.70 -56.51
N LYS B 404 -17.03 -19.82 -55.83
CA LYS B 404 -16.28 -19.81 -54.58
C LYS B 404 -14.85 -19.32 -54.81
N ASP B 405 -14.18 -19.83 -55.84
CA ASP B 405 -12.81 -19.41 -56.10
C ASP B 405 -12.73 -17.92 -56.40
N ILE B 406 -13.65 -17.40 -57.21
CA ILE B 406 -13.60 -15.98 -57.55
C ILE B 406 -13.87 -15.12 -56.31
N ILE B 407 -14.88 -15.48 -55.52
CA ILE B 407 -15.22 -14.65 -54.37
C ILE B 407 -14.11 -14.68 -53.34
N GLU B 408 -13.50 -15.84 -53.11
CA GLU B 408 -12.43 -15.97 -52.13
C GLU B 408 -11.07 -15.59 -52.69
N ARG B 409 -11.00 -15.24 -53.98
CA ARG B 409 -9.78 -14.77 -54.61
C ARG B 409 -9.71 -13.26 -54.72
N HIS B 410 -10.85 -12.61 -54.97
CA HIS B 410 -10.90 -11.16 -55.17
C HIS B 410 -11.63 -10.43 -54.06
N LEU B 411 -12.86 -10.82 -53.76
CA LEU B 411 -13.67 -10.07 -52.83
C LEU B 411 -13.06 -10.11 -51.44
N PRO B 412 -13.18 -9.02 -50.66
CA PRO B 412 -12.60 -9.01 -49.31
C PRO B 412 -13.44 -9.77 -48.31
N LYS B 413 -13.03 -9.73 -47.04
CA LYS B 413 -13.74 -10.40 -45.96
C LYS B 413 -14.81 -9.54 -45.32
N HIS B 414 -14.99 -8.30 -45.78
CA HIS B 414 -15.82 -7.33 -45.09
C HIS B 414 -16.95 -6.74 -45.92
N TYR B 415 -16.85 -6.77 -47.25
CA TYR B 415 -17.80 -6.03 -48.10
C TYR B 415 -19.12 -6.78 -48.13
N HIS B 416 -20.03 -6.37 -47.25
CA HIS B 416 -21.42 -6.81 -47.24
C HIS B 416 -22.28 -5.57 -47.50
N VAL B 417 -22.53 -5.29 -48.78
CA VAL B 417 -23.35 -4.14 -49.15
C VAL B 417 -24.73 -4.23 -48.54
N LYS B 418 -25.18 -5.44 -48.18
CA LYS B 418 -26.52 -5.61 -47.63
C LYS B 418 -26.62 -4.89 -46.29
N GLU B 419 -27.35 -3.79 -46.27
CA GLU B 419 -27.50 -2.97 -45.08
C GLU B 419 -28.72 -3.36 -44.24
N THR B 420 -29.44 -4.41 -44.64
CA THR B 420 -30.65 -4.80 -43.91
C THR B 420 -30.37 -5.17 -42.47
N GLY B 421 -29.12 -5.51 -42.14
CA GLY B 421 -28.77 -5.89 -40.79
C GLY B 421 -28.15 -4.76 -39.98
N GLU B 422 -27.93 -3.61 -40.61
CA GLU B 422 -27.34 -2.48 -39.92
C GLU B 422 -28.35 -1.87 -38.95
N VAL B 423 -27.84 -1.05 -38.04
CA VAL B 423 -28.70 -0.36 -37.06
C VAL B 423 -29.11 0.95 -37.73
N SER B 424 -30.13 0.86 -38.59
CA SER B 424 -30.63 2.01 -39.32
C SER B 424 -31.80 2.69 -38.63
N ARG B 425 -32.43 2.02 -37.67
CA ARG B 425 -33.55 2.58 -36.91
C ARG B 425 -33.22 2.81 -35.45
N THR B 426 -32.38 1.97 -34.85
CA THR B 426 -32.03 2.09 -33.44
C THR B 426 -30.94 3.14 -33.28
N SER B 427 -31.25 4.23 -32.58
CA SER B 427 -30.29 5.27 -32.27
C SER B 427 -29.58 5.78 -33.54
N LYS B 428 -30.36 5.92 -34.61
CA LYS B 428 -29.83 6.49 -35.85
C LYS B 428 -30.83 7.42 -36.52
N ASP B 429 -31.90 7.80 -35.83
CA ASP B 429 -32.88 8.72 -36.38
C ASP B 429 -32.21 10.06 -36.72
N GLU B 430 -32.88 10.84 -37.56
CA GLU B 430 -32.45 12.20 -37.83
C GLU B 430 -32.73 13.05 -36.59
N ASP B 431 -31.94 12.84 -35.55
CA ASP B 431 -32.15 13.54 -34.29
C ASP B 431 -31.69 14.99 -34.43
N ASP B 432 -32.59 15.84 -34.90
CA ASP B 432 -32.27 17.23 -35.21
C ASP B 432 -32.78 18.14 -34.09
N PHE B 433 -31.93 19.05 -33.65
CA PHE B 433 -32.19 19.90 -32.49
C PHE B 433 -31.77 21.33 -32.82
N ILE B 434 -32.71 22.11 -33.37
CA ILE B 434 -32.41 23.45 -33.83
C ILE B 434 -31.96 24.34 -32.68
N THR B 435 -32.33 23.99 -31.45
CA THR B 435 -32.01 24.83 -30.31
C THR B 435 -30.51 25.11 -30.22
N VAL B 436 -29.70 24.05 -30.25
CA VAL B 436 -28.26 24.20 -30.05
C VAL B 436 -27.51 24.38 -31.36
N ASN B 437 -28.20 24.37 -32.50
CA ASN B 437 -27.56 24.56 -33.79
C ASN B 437 -26.66 25.78 -33.78
N SER B 438 -27.01 26.78 -32.96
CA SER B 438 -26.16 27.94 -32.79
C SER B 438 -24.68 27.56 -32.74
N ILE B 439 -24.33 26.65 -31.83
CA ILE B 439 -22.95 26.18 -31.76
C ILE B 439 -22.60 25.38 -32.99
N LYS B 440 -23.42 24.38 -33.33
CA LYS B 440 -23.06 23.44 -34.38
C LYS B 440 -22.65 24.17 -35.65
N LYS B 441 -23.53 25.02 -36.18
CA LYS B 441 -23.20 25.74 -37.41
C LYS B 441 -21.85 26.42 -37.29
N GLU B 442 -21.64 27.17 -36.21
CA GLU B 442 -20.33 27.80 -36.01
C GLU B 442 -19.22 26.80 -36.25
N MET B 443 -19.21 25.70 -35.49
CA MET B 443 -18.23 24.66 -35.69
C MET B 443 -18.03 24.39 -37.17
N VAL B 444 -19.09 23.99 -37.86
CA VAL B 444 -18.96 23.66 -39.27
C VAL B 444 -18.20 24.79 -39.98
N ASN B 445 -18.76 26.00 -39.91
CA ASN B 445 -18.08 27.15 -40.49
C ASN B 445 -16.62 27.18 -40.05
N TYR B 446 -16.38 27.23 -38.75
CA TYR B 446 -15.01 27.29 -38.25
C TYR B 446 -14.18 26.15 -38.82
N LEU B 447 -14.72 24.92 -38.78
CA LEU B 447 -13.95 23.79 -39.27
C LEU B 447 -13.78 23.87 -40.78
N THR B 448 -14.79 24.37 -41.48
CA THR B 448 -14.73 24.41 -42.94
C THR B 448 -13.83 25.51 -43.46
N SER B 449 -13.34 26.40 -42.59
CA SER B 449 -12.49 27.49 -43.04
C SER B 449 -11.22 26.92 -43.69
N PRO B 450 -10.68 27.61 -44.70
CA PRO B 450 -9.50 27.07 -45.38
C PRO B 450 -8.29 26.97 -44.47
N ILE B 451 -8.28 27.72 -43.38
CA ILE B 451 -7.20 27.70 -42.40
C ILE B 451 -7.83 27.42 -41.04
N ILE B 452 -7.04 26.88 -40.11
CA ILE B 452 -7.42 26.80 -38.71
C ILE B 452 -6.26 27.23 -37.83
N ALA B 453 -6.60 27.84 -36.70
CA ALA B 453 -5.58 28.41 -35.82
C ALA B 453 -4.59 27.35 -35.36
N THR B 454 -5.10 26.26 -34.80
CA THR B 454 -4.31 25.10 -34.41
C THR B 454 -5.13 23.87 -34.77
N PRO B 455 -4.50 22.70 -34.88
CA PRO B 455 -5.21 21.56 -35.47
C PRO B 455 -6.38 21.08 -34.63
N ALA B 456 -6.58 21.67 -33.45
CA ALA B 456 -7.47 21.09 -32.46
C ALA B 456 -8.54 22.08 -32.02
N ILE B 457 -9.67 21.52 -31.63
CA ILE B 457 -10.72 22.22 -30.91
C ILE B 457 -11.12 21.35 -29.73
N ILE B 458 -12.14 21.78 -28.99
CA ILE B 458 -12.68 20.98 -27.90
C ILE B 458 -14.14 21.35 -27.69
N LEU B 459 -15.01 20.35 -27.69
CA LEU B 459 -16.42 20.53 -27.40
C LEU B 459 -16.67 19.98 -26.00
N ASP B 460 -16.83 20.88 -25.04
CA ASP B 460 -16.95 20.53 -23.63
C ASP B 460 -18.41 20.59 -23.20
N GLY B 461 -18.76 19.71 -22.27
CA GLY B 461 -20.11 19.69 -21.74
C GLY B 461 -20.21 18.71 -20.59
N LYS B 462 -21.36 18.76 -19.92
CA LYS B 462 -21.63 17.86 -18.81
C LYS B 462 -22.06 16.49 -19.33
N GLN B 463 -22.31 15.57 -18.41
CA GLN B 463 -22.83 14.27 -18.79
C GLN B 463 -24.24 14.40 -19.36
N GLY B 464 -24.55 13.55 -20.32
CA GLY B 464 -25.88 13.55 -20.92
C GLY B 464 -26.24 14.87 -21.58
N ILE B 465 -25.28 15.52 -22.21
CA ILE B 465 -25.53 16.78 -22.92
C ILE B 465 -25.52 16.60 -24.43
N GLY B 466 -25.68 15.36 -24.90
CA GLY B 466 -25.88 15.12 -26.31
C GLY B 466 -24.64 15.19 -27.17
N LYS B 467 -23.53 15.76 -26.67
CA LYS B 467 -22.38 15.99 -27.52
C LYS B 467 -21.93 14.68 -28.18
N THR B 468 -22.02 13.58 -27.46
CA THR B 468 -21.60 12.28 -27.98
C THR B 468 -22.45 11.86 -29.18
N ARG B 469 -23.50 12.62 -29.49
CA ARG B 469 -24.29 12.40 -30.70
C ARG B 469 -24.52 13.68 -31.49
N LEU B 470 -24.40 14.86 -30.88
CA LEU B 470 -24.27 16.07 -31.68
C LEU B 470 -23.06 15.96 -32.59
N LEU B 471 -22.06 15.19 -32.18
CA LEU B 471 -20.95 14.90 -33.07
C LEU B 471 -21.42 14.15 -34.30
N LYS B 472 -22.37 13.22 -34.14
CA LYS B 472 -22.97 12.56 -35.29
C LYS B 472 -23.69 13.57 -36.18
N GLU B 473 -24.48 14.44 -35.55
CA GLU B 473 -25.16 15.50 -36.31
C GLU B 473 -24.16 16.31 -37.12
N LEU B 474 -22.98 16.55 -36.56
CA LEU B 474 -21.96 17.31 -37.26
C LEU B 474 -21.39 16.51 -38.42
N ILE B 475 -20.88 15.30 -38.13
CA ILE B 475 -20.19 14.52 -39.15
C ILE B 475 -21.09 14.33 -40.37
N ASN B 476 -22.38 14.10 -40.14
CA ASN B 476 -23.29 13.90 -41.26
C ASN B 476 -23.23 15.10 -42.22
N GLU B 477 -23.43 16.32 -41.70
CA GLU B 477 -23.53 17.46 -42.58
C GLU B 477 -22.18 17.83 -43.17
N VAL B 478 -21.10 17.72 -42.39
CA VAL B 478 -19.79 18.06 -42.93
C VAL B 478 -19.43 17.12 -44.07
N GLU B 479 -19.66 15.81 -43.87
CA GLU B 479 -19.49 14.86 -44.96
C GLU B 479 -20.32 15.26 -46.17
N LYS B 480 -21.61 15.53 -45.94
CA LYS B 480 -22.52 15.72 -47.06
C LYS B 480 -22.19 16.96 -47.86
N ASP B 481 -21.84 18.06 -47.20
CA ASP B 481 -21.80 19.37 -47.85
C ASP B 481 -20.41 19.99 -47.88
N HIS B 482 -19.36 19.29 -47.42
CA HIS B 482 -18.02 19.85 -47.51
C HIS B 482 -16.98 18.81 -47.89
N HIS B 483 -17.39 17.59 -48.24
CA HIS B 483 -16.50 16.56 -48.78
C HIS B 483 -15.20 16.47 -47.99
N ILE B 484 -15.35 16.16 -46.70
CA ILE B 484 -14.22 16.01 -45.79
C ILE B 484 -14.22 14.58 -45.26
N PHE B 485 -13.09 13.89 -45.40
CA PHE B 485 -12.94 12.59 -44.78
C PHE B 485 -13.09 12.73 -43.28
N VAL B 486 -13.77 11.77 -42.65
CA VAL B 486 -14.02 11.80 -41.21
C VAL B 486 -13.50 10.50 -40.62
N LYS B 487 -12.74 10.63 -39.53
CA LYS B 487 -12.15 9.48 -38.83
C LYS B 487 -12.73 9.45 -37.42
N TYR B 488 -13.89 8.83 -37.27
CA TYR B 488 -14.47 8.64 -35.95
C TYR B 488 -13.68 7.60 -35.16
N ALA B 489 -13.48 7.86 -33.88
CA ALA B 489 -12.83 6.90 -33.00
C ALA B 489 -13.36 7.14 -31.59
N ASP B 490 -14.36 6.36 -31.19
CA ASP B 490 -14.85 6.43 -29.83
C ASP B 490 -13.74 6.06 -28.87
N CYS B 491 -13.29 7.02 -28.07
CA CYS B 491 -12.21 6.77 -27.14
C CYS B 491 -12.52 5.61 -26.21
N GLU B 492 -13.81 5.38 -25.91
CA GLU B 492 -14.16 4.41 -24.88
C GLU B 492 -13.92 2.98 -25.32
N THR B 493 -14.13 2.67 -26.61
CA THR B 493 -14.15 1.30 -27.08
C THR B 493 -12.79 0.84 -27.62
N LEU B 494 -11.70 1.36 -27.05
CA LEU B 494 -10.36 0.95 -27.47
C LEU B 494 -9.43 0.70 -26.30
N HIS B 495 -9.89 0.84 -25.06
CA HIS B 495 -8.99 0.86 -23.92
C HIS B 495 -8.41 -0.51 -23.59
N GLU B 496 -9.01 -1.59 -24.08
CA GLU B 496 -8.34 -2.88 -23.97
C GLU B 496 -6.90 -2.78 -24.45
N THR B 497 -6.63 -1.87 -25.37
CA THR B 497 -5.28 -1.55 -25.81
C THR B 497 -4.83 -0.28 -25.09
N SER B 498 -4.34 -0.46 -23.87
CA SER B 498 -3.72 0.62 -23.12
C SER B 498 -2.19 0.57 -23.18
N ASN B 499 -1.64 -0.39 -23.91
CA ASN B 499 -0.20 -0.51 -24.05
C ASN B 499 0.35 0.63 -24.89
N LEU B 500 1.56 1.07 -24.54
CA LEU B 500 2.19 2.18 -25.25
C LEU B 500 2.43 1.82 -26.71
N ASP B 501 3.02 0.65 -26.97
CA ASP B 501 3.39 0.30 -28.34
C ASP B 501 2.16 0.17 -29.23
N LYS B 502 1.16 -0.59 -28.76
CA LYS B 502 -0.03 -0.80 -29.58
C LYS B 502 -0.76 0.51 -29.84
N THR B 503 -0.89 1.35 -28.81
CA THR B 503 -1.54 2.64 -28.99
C THR B 503 -0.75 3.53 -29.97
N GLN B 504 0.57 3.53 -29.85
CA GLN B 504 1.39 4.31 -30.77
C GLN B 504 1.16 3.85 -32.20
N LYS B 505 1.17 2.53 -32.42
CA LYS B 505 0.91 2.00 -33.76
C LYS B 505 -0.48 2.40 -34.23
N LEU B 506 -1.48 2.34 -33.36
CA LEU B 506 -2.85 2.66 -33.75
C LEU B 506 -2.95 4.10 -34.22
N ILE B 507 -2.42 5.04 -33.42
CA ILE B 507 -2.54 6.44 -33.80
C ILE B 507 -1.67 6.76 -35.02
N MET B 508 -0.54 6.08 -35.16
CA MET B 508 0.26 6.24 -36.38
C MET B 508 -0.54 5.80 -37.61
N GLU B 509 -1.24 4.68 -37.50
CA GLU B 509 -2.08 4.22 -38.59
C GLU B 509 -3.18 5.24 -38.88
N TRP B 510 -3.80 5.79 -37.83
CA TRP B 510 -4.81 6.82 -38.03
C TRP B 510 -4.25 7.99 -38.82
N CYS B 511 -3.10 8.50 -38.39
CA CYS B 511 -2.51 9.65 -39.06
C CYS B 511 -2.18 9.32 -40.51
N SER B 512 -1.59 8.16 -40.75
CA SER B 512 -1.24 7.78 -42.11
C SER B 512 -2.49 7.72 -42.99
N PHE B 513 -3.53 7.06 -42.52
CA PHE B 513 -4.76 6.98 -43.30
C PHE B 513 -5.31 8.37 -43.62
N CYS B 514 -5.49 9.19 -42.58
CA CYS B 514 -6.11 10.49 -42.80
C CYS B 514 -5.27 11.35 -43.72
N TYR B 515 -3.96 11.38 -43.51
CA TYR B 515 -3.07 12.08 -44.43
C TYR B 515 -3.25 11.59 -45.85
N TRP B 516 -3.41 10.28 -46.02
CA TRP B 516 -3.61 9.73 -47.36
C TRP B 516 -4.94 10.19 -47.96
N TYR B 517 -5.95 10.41 -47.12
CA TYR B 517 -7.29 10.71 -47.59
C TYR B 517 -7.55 12.21 -47.72
N GLY B 518 -6.50 13.01 -47.86
CA GLY B 518 -6.67 14.43 -48.08
C GLY B 518 -7.29 15.11 -46.87
N PRO B 519 -8.00 16.23 -47.10
CA PRO B 519 -8.67 16.90 -45.98
C PRO B 519 -9.56 15.95 -45.19
N SER B 520 -9.19 15.73 -43.93
CA SER B 520 -9.87 14.77 -43.07
C SER B 520 -10.19 15.41 -41.73
N LEU B 521 -11.25 14.93 -41.10
CA LEU B 521 -11.68 15.38 -39.77
C LEU B 521 -11.60 14.17 -38.84
N ILE B 522 -10.62 14.18 -37.95
CA ILE B 522 -10.46 13.10 -36.97
C ILE B 522 -11.14 13.56 -35.68
N VAL B 523 -12.09 12.75 -35.20
CA VAL B 523 -12.90 13.09 -34.04
C VAL B 523 -12.76 11.98 -33.01
N LEU B 524 -12.52 12.37 -31.76
CA LEU B 524 -12.35 11.43 -30.66
C LEU B 524 -13.39 11.78 -29.59
N ASP B 525 -14.52 11.08 -29.60
CA ASP B 525 -15.54 11.30 -28.60
C ASP B 525 -15.03 10.82 -27.25
N ASN B 526 -15.26 11.63 -26.21
CA ASN B 526 -14.94 11.26 -24.83
C ASN B 526 -13.48 10.84 -24.70
N VAL B 527 -12.59 11.73 -25.15
CA VAL B 527 -11.16 11.49 -25.04
C VAL B 527 -10.73 11.26 -23.61
N GLU B 528 -11.51 11.77 -22.65
CA GLU B 528 -11.17 11.70 -21.22
C GLU B 528 -10.60 10.34 -20.84
N ALA B 529 -11.15 9.27 -21.39
CA ALA B 529 -10.78 7.94 -20.96
C ALA B 529 -9.42 7.49 -21.52
N LEU B 530 -9.00 8.02 -22.67
CA LEU B 530 -7.75 7.59 -23.29
C LEU B 530 -6.58 8.44 -22.81
N PHE B 531 -6.61 9.73 -23.11
CA PHE B 531 -5.58 10.66 -22.62
C PHE B 531 -6.04 11.29 -21.31
N GLY B 532 -6.44 10.45 -20.37
CA GLY B 532 -7.05 10.93 -19.15
C GLY B 532 -6.09 11.63 -18.23
N LYS B 533 -6.68 12.35 -17.28
CA LYS B 533 -5.91 13.08 -16.29
C LYS B 533 -5.26 12.11 -15.31
N PRO B 534 -4.23 12.55 -14.59
CA PRO B 534 -3.61 11.73 -13.55
C PRO B 534 -4.35 11.73 -12.22
N GLN B 535 -5.62 12.12 -12.20
CA GLN B 535 -6.40 12.29 -10.98
C GLN B 535 -5.79 13.40 -10.13
N ALA B 536 -6.64 14.24 -9.55
CA ALA B 536 -6.17 15.28 -8.66
C ALA B 536 -5.78 14.66 -7.32
N ASN B 537 -4.76 15.23 -6.69
CA ASN B 537 -4.27 14.75 -5.40
C ASN B 537 -3.86 13.28 -5.49
N ASP B 538 -2.83 13.03 -6.30
CA ASP B 538 -2.34 11.67 -6.48
C ASP B 538 -1.96 11.05 -5.15
N GLY B 539 -1.45 11.86 -4.22
CA GLY B 539 -0.98 11.38 -2.94
C GLY B 539 0.43 11.85 -2.66
N ASP B 540 1.23 11.96 -3.70
CA ASP B 540 2.60 12.45 -3.61
C ASP B 540 2.72 13.82 -4.27
N PRO B 541 3.57 14.71 -3.74
CA PRO B 541 3.74 16.02 -4.39
C PRO B 541 4.11 15.92 -5.86
N SER B 542 4.98 14.96 -6.22
CA SER B 542 5.34 14.74 -7.61
C SER B 542 5.64 13.25 -7.75
N ASN B 543 4.64 12.48 -8.17
CA ASN B 543 4.78 11.04 -8.24
C ASN B 543 5.71 10.66 -9.39
N ASN B 544 5.83 9.35 -9.62
CA ASN B 544 6.76 8.80 -10.59
C ASN B 544 6.67 9.54 -11.92
N GLY B 545 7.79 10.15 -12.34
CA GLY B 545 7.87 10.84 -13.61
C GLY B 545 6.68 11.72 -13.91
N GLN B 546 6.02 12.21 -12.86
CA GLN B 546 4.78 12.99 -12.96
C GLN B 546 3.91 12.43 -14.09
N TRP B 547 3.58 11.14 -13.94
CA TRP B 547 2.69 10.43 -14.85
C TRP B 547 3.11 10.57 -16.30
N ASP B 548 4.39 10.82 -16.55
CA ASP B 548 4.88 10.82 -17.93
C ASP B 548 5.09 9.37 -18.35
N ASN B 549 4.06 8.55 -18.14
CA ASN B 549 3.68 7.15 -18.34
C ASN B 549 2.29 6.97 -18.93
N ALA B 550 1.36 7.91 -18.73
CA ALA B 550 0.02 7.82 -19.26
C ALA B 550 -0.37 9.00 -20.13
N SER B 551 0.16 10.20 -19.85
CA SER B 551 0.03 11.32 -20.78
C SER B 551 0.95 11.16 -21.98
N LYS B 552 1.92 10.25 -21.91
CA LYS B 552 2.85 10.01 -23.00
C LYS B 552 2.13 9.98 -24.34
N LEU B 553 1.03 9.22 -24.41
CA LEU B 553 0.35 9.02 -25.68
C LEU B 553 -0.18 10.32 -26.25
N LEU B 554 -0.71 11.20 -25.40
CA LEU B 554 -1.16 12.50 -25.86
C LEU B 554 -0.01 13.29 -26.47
N ASN B 555 1.15 13.28 -25.80
CA ASN B 555 2.31 13.98 -26.34
C ASN B 555 2.71 13.43 -27.69
N PHE B 556 2.76 12.11 -27.82
CA PHE B 556 3.14 11.52 -29.10
C PHE B 556 2.15 11.89 -30.19
N PHE B 557 0.85 11.81 -29.88
CA PHE B 557 -0.18 12.11 -30.87
C PHE B 557 -0.10 13.56 -31.31
N ILE B 558 0.05 14.48 -30.36
CA ILE B 558 0.12 15.89 -30.72
C ILE B 558 1.37 16.16 -31.53
N ASN B 559 2.50 15.54 -31.15
CA ASN B 559 3.72 15.73 -31.92
C ASN B 559 3.51 15.29 -33.37
N GLN B 560 2.93 14.11 -33.57
CA GLN B 560 2.73 13.61 -34.93
C GLN B 560 1.78 14.52 -35.70
N VAL B 561 0.67 14.90 -35.07
CA VAL B 561 -0.35 15.69 -35.76
C VAL B 561 0.21 17.05 -36.14
N THR B 562 0.98 17.67 -35.24
CA THR B 562 1.61 18.95 -35.56
C THR B 562 2.65 18.79 -36.66
N LYS B 563 3.41 17.69 -36.62
CA LYS B 563 4.38 17.43 -37.68
C LYS B 563 3.69 17.41 -39.04
N ILE B 564 2.49 16.83 -39.09
CA ILE B 564 1.72 16.86 -40.34
C ILE B 564 1.17 18.27 -40.59
N PHE B 565 0.68 18.93 -39.54
CA PHE B 565 -0.03 20.19 -39.70
C PHE B 565 0.86 21.25 -40.30
N ASN B 566 2.01 21.50 -39.68
CA ASN B 566 2.94 22.48 -40.21
C ASN B 566 3.39 22.09 -41.61
N LYS B 567 3.24 20.81 -41.96
CA LYS B 567 3.56 20.32 -43.28
C LYS B 567 2.39 20.46 -44.24
N ASP B 568 1.17 20.55 -43.71
CA ASP B 568 -0.01 20.80 -44.53
C ASP B 568 -1.18 21.13 -43.59
N ASN B 569 -1.96 22.13 -43.96
CA ASN B 569 -3.00 22.64 -43.07
C ASN B 569 -4.35 21.95 -43.26
N LYS B 570 -4.82 21.82 -44.50
CA LYS B 570 -6.17 21.38 -44.76
C LYS B 570 -6.35 19.87 -44.59
N ARG B 571 -5.30 19.15 -44.23
CA ARG B 571 -5.38 17.69 -44.19
C ARG B 571 -5.96 17.17 -42.88
N ILE B 572 -5.29 17.46 -41.77
CA ILE B 572 -5.64 16.90 -40.47
C ILE B 572 -6.21 17.99 -39.58
N ARG B 573 -7.31 17.69 -38.90
CA ARG B 573 -7.94 18.63 -37.98
C ARG B 573 -8.66 17.83 -36.91
N VAL B 574 -8.19 17.93 -35.67
CA VAL B 574 -8.70 17.11 -34.58
C VAL B 574 -9.79 17.88 -33.85
N LEU B 575 -10.76 17.15 -33.33
CA LEU B 575 -11.87 17.72 -32.56
C LEU B 575 -12.09 16.79 -31.36
N PHE B 576 -11.74 17.29 -30.17
CA PHE B 576 -11.91 16.52 -28.96
C PHE B 576 -13.23 16.85 -28.28
N SER B 577 -13.63 15.99 -27.35
CA SER B 577 -14.88 16.18 -26.62
C SER B 577 -14.75 15.52 -25.25
N GLY B 578 -14.79 16.34 -24.19
CA GLY B 578 -14.60 15.83 -22.85
C GLY B 578 -15.56 16.48 -21.87
N LYS B 579 -15.60 15.91 -20.66
CA LYS B 579 -16.56 16.37 -19.66
C LYS B 579 -16.24 17.78 -19.17
N GLN B 580 -14.95 18.10 -19.01
CA GLN B 580 -14.56 19.38 -18.44
C GLN B 580 -13.17 19.75 -18.93
N LYS B 581 -12.94 21.06 -19.06
CA LYS B 581 -11.63 21.54 -19.47
C LYS B 581 -10.56 21.16 -18.46
N THR B 582 -10.83 21.34 -17.17
CA THR B 582 -9.89 20.91 -16.14
C THR B 582 -9.66 19.41 -16.22
N GLN B 583 -10.74 18.64 -16.41
CA GLN B 583 -10.60 17.19 -16.48
C GLN B 583 -9.67 16.79 -17.62
N ILE B 584 -9.90 17.33 -18.82
CA ILE B 584 -9.01 17.01 -19.93
C ILE B 584 -7.61 17.48 -19.59
N ASN B 585 -6.62 16.71 -20.05
CA ASN B 585 -5.24 16.98 -19.68
C ASN B 585 -4.82 18.37 -20.13
N PRO B 586 -3.95 19.04 -19.37
CA PRO B 586 -3.52 20.39 -19.76
C PRO B 586 -2.41 20.42 -20.80
N LEU B 587 -1.62 19.34 -20.94
CA LEU B 587 -0.50 19.37 -21.88
C LEU B 587 -0.93 19.94 -23.22
N LEU B 588 -2.08 19.50 -23.72
CA LEU B 588 -2.59 20.04 -24.98
C LEU B 588 -2.62 21.56 -24.95
N PHE B 589 -3.06 22.14 -23.84
CA PHE B 589 -2.97 23.59 -23.69
C PHE B 589 -1.53 24.04 -23.54
N ASP B 590 -0.75 23.36 -22.70
CA ASP B 590 0.64 23.78 -22.49
C ASP B 590 1.50 23.57 -23.74
N LYS B 591 1.00 22.83 -24.73
CA LYS B 591 1.64 22.75 -26.03
C LYS B 591 0.89 23.55 -27.08
N HIS B 592 -0.06 24.39 -26.66
CA HIS B 592 -0.79 25.27 -27.57
C HIS B 592 -1.43 24.48 -28.71
N PHE B 593 -2.35 23.59 -28.34
CA PHE B 593 -2.99 22.70 -29.30
C PHE B 593 -4.40 23.16 -29.65
N VAL B 594 -5.26 23.36 -28.65
CA VAL B 594 -6.63 23.79 -28.90
C VAL B 594 -6.64 25.30 -28.96
N SER B 595 -6.98 25.85 -30.13
CA SER B 595 -7.01 27.30 -30.29
C SER B 595 -8.15 27.91 -29.48
N GLU B 596 -9.34 27.34 -29.56
CA GLU B 596 -10.50 27.90 -28.90
C GLU B 596 -11.53 26.80 -28.66
N THR B 597 -12.34 26.98 -27.63
CA THR B 597 -13.25 25.96 -27.14
C THR B 597 -14.70 26.37 -27.35
N TRP B 598 -15.57 25.36 -27.30
CA TRP B 598 -17.02 25.57 -27.33
C TRP B 598 -17.64 24.71 -26.25
N SER B 599 -18.48 25.32 -25.42
CA SER B 599 -19.08 24.66 -24.27
C SER B 599 -20.58 24.52 -24.47
N LEU B 600 -21.12 23.36 -24.11
CA LEU B 600 -22.55 23.10 -24.16
C LEU B 600 -23.13 23.32 -22.78
N ARG B 601 -24.14 24.17 -22.69
CA ARG B 601 -24.86 24.43 -21.46
C ARG B 601 -26.27 23.84 -21.55
N ALA B 602 -26.91 23.71 -20.40
CA ALA B 602 -28.28 23.20 -20.40
C ALA B 602 -29.16 24.09 -21.25
N PRO B 603 -30.08 23.54 -22.03
CA PRO B 603 -30.87 24.37 -22.94
C PRO B 603 -31.66 25.43 -22.20
N ASP B 604 -31.77 26.60 -22.82
CA ASP B 604 -32.58 27.66 -22.25
C ASP B 604 -34.03 27.21 -22.16
N LYS B 605 -34.85 28.02 -21.49
CA LYS B 605 -36.25 27.66 -21.33
C LYS B 605 -36.93 27.52 -22.67
N HIS B 606 -36.66 28.43 -23.61
CA HIS B 606 -37.30 28.37 -24.91
C HIS B 606 -36.94 27.09 -25.65
N ALA B 607 -35.68 26.65 -25.53
CA ALA B 607 -35.19 25.53 -26.32
C ALA B 607 -36.00 24.26 -26.06
N ARG B 608 -36.28 23.98 -24.78
CA ARG B 608 -36.92 22.72 -24.43
C ARG B 608 -38.18 22.48 -25.25
N ALA B 609 -39.00 23.52 -25.44
CA ALA B 609 -40.22 23.35 -26.21
C ALA B 609 -39.94 22.70 -27.56
N LYS B 610 -38.82 23.08 -28.20
CA LYS B 610 -38.44 22.48 -29.46
C LYS B 610 -38.04 21.02 -29.33
N LEU B 611 -37.72 20.57 -28.12
CA LEU B 611 -37.20 19.22 -27.89
C LEU B 611 -38.30 18.25 -27.47
N LEU B 612 -39.18 18.70 -26.58
CA LEU B 612 -40.28 17.86 -26.12
C LEU B 612 -41.16 17.44 -27.30
N GLU B 613 -41.45 18.37 -28.20
CA GLU B 613 -42.28 18.03 -29.37
C GLU B 613 -41.61 16.97 -30.22
N TYR B 614 -40.30 17.10 -30.45
CA TYR B 614 -39.60 16.08 -31.23
C TYR B 614 -39.63 14.73 -30.53
N PHE B 615 -39.40 14.73 -29.22
CA PHE B 615 -39.43 13.48 -28.46
C PHE B 615 -40.78 12.81 -28.62
N PHE B 616 -41.86 13.58 -28.42
CA PHE B 616 -43.19 13.07 -28.69
C PHE B 616 -43.32 12.57 -30.12
N SER B 617 -42.66 13.23 -31.06
CA SER B 617 -42.63 12.72 -32.43
C SER B 617 -42.02 11.33 -32.48
N LYS B 618 -41.05 11.05 -31.61
CA LYS B 618 -40.47 9.72 -31.56
C LYS B 618 -41.54 8.65 -31.35
N ASN B 619 -42.59 8.99 -30.59
CA ASN B 619 -43.76 8.13 -30.43
C ASN B 619 -44.98 9.05 -30.49
N GLN B 620 -45.51 9.22 -31.70
CA GLN B 620 -46.59 10.19 -31.92
C GLN B 620 -47.85 9.85 -31.15
N ILE B 621 -48.00 8.59 -30.71
CA ILE B 621 -49.25 8.15 -30.12
C ILE B 621 -49.71 9.06 -29.00
N MET B 622 -48.80 9.82 -28.40
CA MET B 622 -49.17 10.74 -27.33
C MET B 622 -49.92 11.93 -27.92
N LYS B 623 -50.78 12.53 -27.10
CA LYS B 623 -51.42 13.80 -27.42
C LYS B 623 -51.49 14.64 -26.15
N LEU B 624 -51.50 15.96 -26.34
CA LEU B 624 -51.53 16.90 -25.23
C LEU B 624 -52.79 17.75 -25.33
N ASN B 625 -53.48 17.90 -24.21
CA ASN B 625 -54.77 18.58 -24.19
C ASN B 625 -54.63 20.02 -24.68
N ARG B 626 -55.78 20.63 -24.93
CA ARG B 626 -55.80 21.98 -25.51
C ARG B 626 -55.13 22.98 -24.58
N ASP B 627 -55.45 22.92 -23.29
CA ASP B 627 -54.88 23.87 -22.34
C ASP B 627 -53.36 23.75 -22.29
N LEU B 628 -52.84 22.53 -22.36
CA LEU B 628 -51.41 22.32 -22.27
C LEU B 628 -50.71 22.87 -23.51
N GLN B 629 -49.62 23.60 -23.29
CA GLN B 629 -48.76 24.08 -24.36
C GLN B 629 -47.32 23.75 -24.01
N PHE B 630 -46.53 23.42 -25.03
CA PHE B 630 -45.16 22.96 -24.78
C PHE B 630 -44.36 23.98 -23.99
N SER B 631 -44.64 25.27 -24.17
CA SER B 631 -43.93 26.29 -23.41
C SER B 631 -44.04 26.04 -21.92
N ASP B 632 -45.24 25.66 -21.46
CA ASP B 632 -45.42 25.37 -20.04
C ASP B 632 -44.55 24.20 -19.59
N LEU B 633 -44.46 23.15 -20.41
CA LEU B 633 -43.57 22.05 -20.07
C LEU B 633 -42.14 22.53 -19.96
N SER B 634 -41.73 23.41 -20.88
CA SER B 634 -40.40 23.99 -20.78
C SER B 634 -40.20 24.69 -19.44
N LEU B 635 -41.19 25.50 -19.03
CA LEU B 635 -41.06 26.18 -17.74
C LEU B 635 -40.94 25.17 -16.61
N GLU B 636 -41.73 24.10 -16.66
CA GLU B 636 -41.68 23.07 -15.63
C GLU B 636 -40.42 22.21 -15.70
N THR B 637 -39.62 22.32 -16.76
CA THR B 637 -38.48 21.45 -16.98
C THR B 637 -37.16 22.21 -16.96
N GLU B 638 -37.13 23.33 -16.23
CA GLU B 638 -35.90 24.08 -16.05
C GLU B 638 -34.74 23.15 -15.71
N GLY B 639 -33.58 23.43 -16.30
CA GLY B 639 -32.35 22.74 -15.95
C GLY B 639 -32.39 21.25 -16.16
N PHE B 640 -32.96 20.79 -17.27
CA PHE B 640 -33.01 19.38 -17.62
C PHE B 640 -32.19 19.16 -18.89
N SER B 641 -31.29 18.18 -18.84
CA SER B 641 -30.46 17.87 -19.98
C SER B 641 -31.27 17.14 -21.04
N PRO B 642 -30.83 17.17 -22.30
CA PRO B 642 -31.58 16.45 -23.34
C PRO B 642 -31.77 14.98 -23.01
N LEU B 643 -30.74 14.35 -22.47
CA LEU B 643 -30.89 12.96 -22.01
C LEU B 643 -31.99 12.88 -20.96
N ASP B 644 -31.94 13.78 -19.97
CA ASP B 644 -32.98 13.80 -18.94
C ASP B 644 -34.35 14.04 -19.55
N LEU B 645 -34.42 14.87 -20.59
CA LEU B 645 -35.71 15.06 -21.26
C LEU B 645 -36.19 13.75 -21.87
N GLU B 646 -35.29 12.97 -22.46
CA GLU B 646 -35.68 11.68 -23.00
C GLU B 646 -36.20 10.76 -21.90
N ILE B 647 -35.49 10.72 -20.78
CA ILE B 647 -35.94 9.89 -19.65
C ILE B 647 -37.31 10.34 -19.19
N PHE B 648 -37.51 11.65 -19.06
CA PHE B 648 -38.80 12.15 -18.59
C PHE B 648 -39.92 11.80 -19.56
N THR B 649 -39.65 11.93 -20.86
CA THR B 649 -40.67 11.60 -21.85
C THR B 649 -41.04 10.13 -21.78
N GLU B 650 -40.04 9.26 -21.67
CA GLU B 650 -40.35 7.83 -21.55
C GLU B 650 -41.12 7.55 -20.27
N LYS B 651 -40.73 8.18 -19.16
CA LYS B 651 -41.46 8.01 -17.92
C LYS B 651 -42.92 8.41 -18.08
N ILE B 652 -43.16 9.55 -18.74
CA ILE B 652 -44.53 10.00 -18.97
C ILE B 652 -45.27 8.97 -19.81
N PHE B 653 -44.63 8.45 -20.85
CA PHE B 653 -45.31 7.46 -21.68
C PHE B 653 -45.74 6.26 -20.84
N TYR B 654 -44.82 5.73 -20.02
CA TYR B 654 -45.16 4.57 -19.21
C TYR B 654 -46.28 4.89 -18.22
N ASP B 655 -46.14 5.97 -17.46
CA ASP B 655 -47.13 6.29 -16.45
C ASP B 655 -48.49 6.55 -17.08
N LEU B 656 -48.52 7.28 -18.20
CA LEU B 656 -49.76 7.50 -18.92
C LEU B 656 -50.37 6.18 -19.35
N GLN B 657 -49.55 5.27 -19.88
CA GLN B 657 -50.05 3.96 -20.27
C GLN B 657 -50.58 3.17 -19.08
N LEU B 658 -50.16 3.52 -17.87
CA LEU B 658 -50.76 2.91 -16.69
C LEU B 658 -52.28 3.01 -16.74
N GLU B 659 -52.80 4.18 -17.11
CA GLU B 659 -54.23 4.42 -17.17
C GLU B 659 -54.75 4.02 -18.55
N ARG B 660 -55.54 2.94 -18.60
CA ARG B 660 -56.08 2.48 -19.87
C ARG B 660 -57.13 3.44 -20.42
N ASP B 661 -57.85 4.14 -19.55
CA ASP B 661 -58.92 5.01 -20.00
C ASP B 661 -58.40 6.08 -20.96
N CYS B 662 -57.30 6.73 -20.60
CA CYS B 662 -56.74 7.77 -21.46
C CYS B 662 -56.29 7.16 -22.79
N ASP B 663 -56.62 7.86 -23.87
CA ASP B 663 -56.22 7.42 -25.20
C ASP B 663 -54.80 7.89 -25.50
N ASN B 664 -53.87 7.61 -24.58
CA ASN B 664 -52.48 8.05 -24.72
C ASN B 664 -52.43 9.57 -24.93
N VAL B 665 -52.94 10.28 -23.93
CA VAL B 665 -52.99 11.75 -23.96
C VAL B 665 -52.52 12.26 -22.61
N VAL B 666 -51.70 13.31 -22.63
CA VAL B 666 -51.15 13.87 -21.40
C VAL B 666 -52.09 14.94 -20.86
N THR B 667 -51.98 15.20 -19.56
CA THR B 667 -52.81 16.19 -18.88
C THR B 667 -52.01 16.84 -17.75
N ARG B 668 -52.42 18.06 -17.40
CA ARG B 668 -51.69 18.85 -16.41
C ARG B 668 -51.38 18.04 -15.16
N GLU B 669 -52.42 17.54 -14.50
CA GLU B 669 -52.22 16.83 -13.23
C GLU B 669 -51.30 15.63 -13.40
N LEU B 670 -51.44 14.90 -14.51
CA LEU B 670 -50.59 13.74 -14.73
C LEU B 670 -49.13 14.16 -14.86
N PHE B 671 -48.87 15.21 -15.63
CA PHE B 671 -47.51 15.72 -15.75
C PHE B 671 -46.95 16.10 -14.39
N SER B 672 -47.74 16.84 -13.59
CA SER B 672 -47.27 17.26 -12.28
C SER B 672 -46.93 16.07 -11.40
N LYS B 673 -47.86 15.11 -11.30
CA LYS B 673 -47.62 13.94 -10.46
C LYS B 673 -46.39 13.18 -10.92
N SER B 674 -46.31 12.89 -12.22
CA SER B 674 -45.18 12.13 -12.74
C SER B 674 -43.86 12.84 -12.45
N LEU B 675 -43.80 14.15 -12.68
CA LEU B 675 -42.58 14.88 -12.40
C LEU B 675 -42.23 14.82 -10.91
N SER B 676 -43.25 14.90 -10.06
CA SER B 676 -43.00 14.94 -8.61
C SER B 676 -42.07 13.81 -8.18
N ALA B 677 -42.39 12.59 -8.57
CA ALA B 677 -41.55 11.45 -8.20
C ALA B 677 -40.19 11.52 -8.88
N PHE B 678 -40.17 11.89 -10.16
CA PHE B 678 -38.93 11.89 -10.92
C PHE B 678 -37.97 12.94 -10.40
N THR B 679 -36.67 12.68 -10.60
CA THR B 679 -35.62 13.62 -10.25
C THR B 679 -34.65 13.75 -11.42
N PRO B 680 -34.23 14.98 -11.77
CA PRO B 680 -33.26 15.13 -12.85
C PRO B 680 -31.87 14.69 -12.43
N SER B 681 -31.02 14.47 -13.44
CA SER B 681 -29.70 13.90 -13.18
C SER B 681 -28.86 14.79 -12.29
N ALA B 682 -28.94 16.11 -12.50
CA ALA B 682 -28.04 17.02 -11.78
C ALA B 682 -28.19 16.93 -10.28
N LEU B 683 -29.36 16.55 -9.77
CA LEU B 683 -29.62 16.55 -8.34
C LEU B 683 -29.50 15.17 -7.71
N ARG B 684 -28.99 14.18 -8.44
CA ARG B 684 -28.90 12.83 -7.92
C ARG B 684 -27.51 12.56 -7.34
N GLY B 685 -27.49 11.75 -6.29
CA GLY B 685 -26.24 11.52 -5.56
C GLY B 685 -25.74 12.74 -4.81
N VAL B 686 -26.64 13.56 -4.28
CA VAL B 686 -26.28 14.70 -3.46
C VAL B 686 -27.28 14.83 -2.33
N LYS B 687 -26.79 15.21 -1.16
CA LYS B 687 -27.61 15.25 0.06
C LYS B 687 -28.63 16.37 -0.05
N LEU B 688 -29.90 15.99 -0.24
CA LEU B 688 -31.00 16.94 -0.31
C LEU B 688 -32.12 16.49 0.62
N THR B 689 -32.82 17.45 1.22
CA THR B 689 -33.91 17.17 2.15
C THR B 689 -35.03 18.18 1.88
N LYS B 690 -35.97 17.79 1.02
CA LYS B 690 -37.16 18.59 0.76
C LYS B 690 -38.42 18.02 1.40
N GLU B 691 -38.41 16.74 1.79
CA GLU B 691 -39.57 16.10 2.40
C GLU B 691 -39.65 16.52 3.86
N THR B 692 -40.57 17.44 4.15
CA THR B 692 -40.79 17.91 5.51
C THR B 692 -42.26 17.92 5.91
N ASN B 693 -43.16 17.59 4.99
CA ASN B 693 -44.60 17.47 5.26
C ASN B 693 -45.11 18.57 6.18
N ILE B 694 -44.66 19.80 5.97
CA ILE B 694 -45.10 20.95 6.74
C ILE B 694 -45.37 22.09 5.75
N LYS B 695 -46.64 22.45 5.60
CA LYS B 695 -47.04 23.51 4.68
C LYS B 695 -47.17 24.83 5.43
N TRP B 696 -47.49 25.90 4.69
CA TRP B 696 -47.56 27.21 5.30
C TRP B 696 -48.79 27.36 6.19
N GLY B 697 -49.88 26.67 5.85
CA GLY B 697 -51.02 26.63 6.76
C GLY B 697 -50.67 26.07 8.12
N ASP B 698 -49.64 25.25 8.19
CA ASP B 698 -49.15 24.72 9.46
C ASP B 698 -48.39 25.76 10.27
N ILE B 699 -48.11 26.93 9.69
CA ILE B 699 -47.27 27.93 10.35
C ILE B 699 -47.90 29.30 10.19
N GLY B 700 -48.55 29.78 11.25
CA GLY B 700 -49.17 31.09 11.26
C GLY B 700 -48.35 32.10 12.04
N ALA B 701 -48.90 33.32 12.11
CA ALA B 701 -48.26 34.39 12.86
C ALA B 701 -46.86 34.67 12.33
N LEU B 702 -46.07 35.45 13.06
CA LEU B 702 -44.74 35.86 12.59
C LEU B 702 -44.84 36.53 11.23
N ALA B 703 -45.78 37.47 11.11
CA ALA B 703 -46.04 38.11 9.83
C ALA B 703 -44.81 38.85 9.31
N ASN B 704 -44.14 39.60 10.19
CA ASN B 704 -43.01 40.42 9.74
C ASN B 704 -41.87 39.54 9.23
N ALA B 705 -41.53 38.48 9.96
CA ALA B 705 -40.47 37.59 9.51
C ALA B 705 -40.86 36.90 8.20
N LYS B 706 -42.13 36.49 8.10
CA LYS B 706 -42.60 35.90 6.86
C LYS B 706 -42.40 36.86 5.70
N ASP B 707 -42.81 38.11 5.84
CA ASP B 707 -42.57 39.07 4.77
C ASP B 707 -41.08 39.15 4.45
N VAL B 708 -40.25 39.36 5.47
CA VAL B 708 -38.83 39.62 5.25
C VAL B 708 -38.21 38.48 4.45
N LEU B 709 -38.47 37.24 4.85
CA LEU B 709 -37.83 36.11 4.20
C LEU B 709 -38.50 35.74 2.88
N LEU B 710 -39.84 35.62 2.87
CA LEU B 710 -40.53 35.27 1.65
C LEU B 710 -40.21 36.27 0.55
N GLU B 711 -40.62 37.54 0.71
CA GLU B 711 -40.40 38.50 -0.36
C GLU B 711 -39.05 38.30 -1.02
N THR B 712 -37.99 38.17 -0.20
CA THR B 712 -36.65 37.95 -0.74
C THR B 712 -36.57 36.68 -1.57
N LEU B 713 -37.10 35.57 -1.05
CA LEU B 713 -36.99 34.29 -1.74
C LEU B 713 -38.13 34.02 -2.71
N GLU B 714 -39.02 34.98 -2.90
CA GLU B 714 -40.26 34.83 -3.66
C GLU B 714 -40.29 35.71 -4.90
N TRP B 715 -39.92 36.98 -4.77
CA TRP B 715 -39.78 37.80 -5.98
C TRP B 715 -38.87 37.12 -6.99
N PRO B 716 -37.70 36.59 -6.62
CA PRO B 716 -36.95 35.75 -7.58
C PRO B 716 -37.71 34.51 -8.02
N THR B 717 -38.47 33.90 -7.11
CA THR B 717 -39.17 32.67 -7.46
C THR B 717 -40.21 32.91 -8.54
N LYS B 718 -40.98 34.00 -8.44
CA LYS B 718 -42.10 34.25 -9.32
C LYS B 718 -41.89 35.45 -10.24
N TYR B 719 -40.85 36.24 -10.04
CA TYR B 719 -40.61 37.46 -10.81
C TYR B 719 -39.17 37.54 -11.24
N GLU B 720 -38.54 36.38 -11.46
CA GLU B 720 -37.15 36.36 -11.92
C GLU B 720 -36.93 37.18 -13.19
N PRO B 721 -37.80 37.16 -14.20
CA PRO B 721 -37.42 37.73 -15.50
C PRO B 721 -37.20 39.24 -15.51
N ILE B 722 -37.31 39.93 -14.36
CA ILE B 722 -37.15 41.36 -14.32
C ILE B 722 -36.07 41.82 -13.34
N PHE B 723 -35.47 40.91 -12.57
CA PHE B 723 -34.18 41.20 -11.92
C PHE B 723 -33.04 41.35 -12.92
N VAL B 724 -33.10 40.64 -14.05
CA VAL B 724 -31.93 40.48 -14.90
C VAL B 724 -31.36 41.82 -15.31
N ASN B 725 -32.21 42.83 -15.48
CA ASN B 725 -31.73 44.14 -15.90
C ASN B 725 -30.77 44.73 -14.87
N CYS B 726 -31.09 44.59 -13.59
CA CYS B 726 -30.25 45.19 -12.56
C CYS B 726 -28.88 44.50 -12.54
N PRO B 727 -27.77 45.25 -12.68
CA PRO B 727 -26.43 44.66 -12.50
C PRO B 727 -25.98 44.72 -11.04
N LEU B 728 -26.86 44.30 -10.13
CA LEU B 728 -26.59 44.35 -8.70
C LEU B 728 -26.81 42.98 -8.10
N ARG B 729 -25.85 42.52 -7.30
CA ARG B 729 -26.01 41.27 -6.60
C ARG B 729 -27.14 41.38 -5.58
N LEU B 730 -28.13 40.50 -5.71
CA LEU B 730 -29.31 40.58 -4.88
C LEU B 730 -29.02 40.12 -3.46
N ARG B 731 -29.83 40.59 -2.51
CA ARG B 731 -29.71 40.16 -1.13
C ARG B 731 -30.10 38.68 -1.03
N SER B 732 -29.15 37.84 -0.65
CA SER B 732 -29.37 36.40 -0.59
C SER B 732 -29.02 35.77 0.75
N GLY B 733 -28.27 36.45 1.62
CA GLY B 733 -27.91 35.91 2.91
C GLY B 733 -28.55 36.66 4.05
N ILE B 734 -29.38 35.98 4.83
CA ILE B 734 -30.06 36.58 5.97
C ILE B 734 -29.94 35.62 7.15
N LEU B 735 -29.70 36.18 8.33
CA LEU B 735 -29.52 35.39 9.54
C LEU B 735 -30.86 35.24 10.28
N LEU B 736 -30.96 34.15 11.04
CA LEU B 736 -32.14 33.85 11.84
C LEU B 736 -31.74 33.82 13.31
N TYR B 737 -32.51 34.51 14.15
CA TYR B 737 -32.28 34.45 15.58
C TYR B 737 -33.56 34.88 16.29
N GLY B 738 -33.66 34.53 17.56
CA GLY B 738 -34.84 34.87 18.33
C GLY B 738 -34.94 33.98 19.55
N TYR B 739 -36.13 33.99 20.14
CA TYR B 739 -36.36 33.20 21.33
C TYR B 739 -36.17 31.72 21.02
N PRO B 740 -35.57 30.95 21.92
CA PRO B 740 -35.35 29.53 21.65
C PRO B 740 -36.67 28.82 21.39
N GLY B 741 -36.65 27.91 20.41
CA GLY B 741 -37.84 27.15 20.09
C GLY B 741 -38.99 28.01 19.61
N CYS B 742 -38.69 29.05 18.85
CA CYS B 742 -39.72 29.93 18.29
C CYS B 742 -40.18 29.49 16.90
N GLY B 743 -39.58 28.45 16.35
CA GLY B 743 -40.00 27.90 15.08
C GLY B 743 -39.04 28.10 13.93
N LYS B 744 -37.93 28.80 14.15
CA LYS B 744 -37.03 29.13 13.05
C LYS B 744 -36.62 27.88 12.27
N THR B 745 -36.36 26.78 12.99
CA THR B 745 -35.97 25.54 12.34
C THR B 745 -36.99 25.13 11.29
N LEU B 746 -38.27 25.08 11.67
CA LEU B 746 -39.30 24.71 10.71
C LEU B 746 -39.30 25.67 9.53
N LEU B 747 -39.60 26.95 9.78
CA LEU B 747 -39.66 27.91 8.68
C LEU B 747 -38.48 27.73 7.72
N ALA B 748 -37.27 27.55 8.26
CA ALA B 748 -36.12 27.30 7.42
C ALA B 748 -36.34 26.08 6.53
N SER B 749 -36.72 24.96 7.14
CA SER B 749 -36.92 23.74 6.35
C SER B 749 -38.04 23.92 5.33
N ALA B 750 -39.10 24.63 5.71
CA ALA B 750 -40.33 24.66 4.92
C ALA B 750 -40.20 25.56 3.71
N VAL B 751 -39.51 26.71 3.85
CA VAL B 751 -39.49 27.68 2.77
C VAL B 751 -38.99 27.05 1.48
N ALA B 752 -38.19 25.99 1.58
CA ALA B 752 -37.66 25.34 0.39
C ALA B 752 -38.77 24.90 -0.56
N GLN B 753 -39.75 24.16 -0.04
CA GLN B 753 -40.85 23.71 -0.89
C GLN B 753 -41.65 24.89 -1.42
N GLN B 754 -41.91 25.90 -0.59
CA GLN B 754 -42.71 27.02 -1.02
C GLN B 754 -42.07 27.72 -2.21
N CYS B 755 -40.87 28.28 -2.01
CA CYS B 755 -40.16 28.87 -3.15
C CYS B 755 -39.83 27.80 -4.18
N GLY B 756 -39.20 26.72 -3.75
CA GLY B 756 -38.85 25.63 -4.62
C GLY B 756 -37.41 25.74 -5.05
N LEU B 757 -36.52 25.01 -4.38
CA LEU B 757 -35.09 25.14 -4.62
C LEU B 757 -34.41 23.90 -4.06
N ASN B 758 -33.08 23.87 -4.12
CA ASN B 758 -32.28 22.83 -3.53
C ASN B 758 -31.89 23.25 -2.12
N PHE B 759 -32.50 22.62 -1.12
CA PHE B 759 -32.21 22.91 0.28
C PHE B 759 -31.21 21.86 0.77
N ILE B 760 -29.93 22.15 0.62
CA ILE B 760 -28.87 21.28 1.13
C ILE B 760 -28.73 21.62 2.61
N SER B 761 -29.49 20.93 3.45
CA SER B 761 -29.38 21.13 4.88
C SER B 761 -28.01 20.68 5.36
N VAL B 762 -27.57 21.26 6.48
CA VAL B 762 -26.26 20.97 7.03
C VAL B 762 -26.36 20.94 8.55
N LYS B 763 -25.64 20.01 9.15
CA LYS B 763 -25.56 19.87 10.59
C LYS B 763 -24.23 20.44 11.07
N GLY B 764 -24.30 21.43 11.96
CA GLY B 764 -23.14 22.15 12.42
C GLY B 764 -21.92 21.28 12.66
N PRO B 765 -22.07 20.27 13.51
CA PRO B 765 -20.93 19.37 13.76
C PRO B 765 -20.48 18.59 12.53
N GLU B 766 -21.32 18.42 11.50
CA GLU B 766 -20.85 17.69 10.33
C GLU B 766 -19.71 18.44 9.65
N ILE B 767 -19.80 19.77 9.58
CA ILE B 767 -18.73 20.53 8.92
C ILE B 767 -17.43 20.37 9.69
N LEU B 768 -17.39 20.83 10.94
CA LEU B 768 -16.15 20.77 11.70
C LEU B 768 -15.68 19.33 11.77
N ASN B 769 -14.42 19.11 11.42
CA ASN B 769 -13.83 17.78 11.48
C ASN B 769 -12.62 17.84 12.39
N LYS B 770 -12.51 16.86 13.28
CA LYS B 770 -11.36 16.77 14.15
C LYS B 770 -10.05 17.04 13.43
N PHE B 771 -9.94 16.62 12.17
CA PHE B 771 -8.69 16.64 11.44
C PHE B 771 -8.63 17.86 10.53
N ILE B 772 -7.50 18.58 10.60
CA ILE B 772 -7.28 19.71 9.70
C ILE B 772 -7.27 19.20 8.27
N GLY B 773 -7.45 20.13 7.32
CA GLY B 773 -7.45 19.78 5.92
C GLY B 773 -8.73 19.16 5.42
N ALA B 774 -9.73 19.00 6.28
CA ALA B 774 -11.05 18.52 5.89
C ALA B 774 -12.16 19.49 6.22
N SER B 775 -12.03 20.28 7.29
CA SER B 775 -13.04 21.26 7.64
C SER B 775 -13.23 22.27 6.51
N GLU B 776 -12.15 22.98 6.16
CA GLU B 776 -12.21 23.86 5.00
C GLU B 776 -12.65 23.09 3.77
N GLN B 777 -12.19 21.83 3.65
CA GLN B 777 -12.60 21.01 2.53
C GLN B 777 -14.09 20.70 2.60
N ASN B 778 -14.60 20.45 3.81
CA ASN B 778 -16.03 20.17 3.96
C ASN B 778 -16.87 21.35 3.51
N ILE B 779 -16.52 22.55 3.99
CA ILE B 779 -17.29 23.74 3.59
C ILE B 779 -17.16 23.98 2.09
N ARG B 780 -15.96 23.78 1.55
CA ARG B 780 -15.77 23.97 0.11
C ARG B 780 -16.63 23.01 -0.69
N GLU B 781 -16.67 21.73 -0.28
CA GLU B 781 -17.52 20.76 -0.97
C GLU B 781 -18.99 21.13 -0.85
N LEU B 782 -19.39 21.63 0.32
CA LEU B 782 -20.77 22.11 0.46
C LEU B 782 -21.07 23.19 -0.58
N PHE B 783 -20.14 24.14 -0.74
CA PHE B 783 -20.36 25.22 -1.69
C PHE B 783 -20.35 24.71 -3.14
N GLU B 784 -19.47 23.76 -3.45
CA GLU B 784 -19.46 23.19 -4.79
C GLU B 784 -20.77 22.46 -5.07
N ARG B 785 -21.28 21.72 -4.09
CA ARG B 785 -22.61 21.13 -4.22
C ARG B 785 -23.63 22.22 -4.53
N ALA B 786 -23.64 23.28 -3.71
CA ALA B 786 -24.65 24.32 -3.84
C ALA B 786 -24.66 24.91 -5.25
N GLN B 787 -23.49 25.33 -5.74
CA GLN B 787 -23.44 25.92 -7.07
C GLN B 787 -23.76 24.87 -8.14
N SER B 788 -23.23 23.66 -8.00
CA SER B 788 -23.40 22.64 -9.03
C SER B 788 -24.86 22.31 -9.26
N VAL B 789 -25.73 22.64 -8.32
CA VAL B 789 -27.16 22.49 -8.49
C VAL B 789 -27.76 23.85 -8.84
N LYS B 790 -29.01 23.85 -9.25
CA LYS B 790 -29.70 25.08 -9.63
C LYS B 790 -29.70 26.02 -8.43
N PRO B 791 -30.15 27.27 -8.58
CA PRO B 791 -30.17 28.18 -7.42
C PRO B 791 -30.63 27.47 -6.15
N CYS B 792 -29.74 27.44 -5.15
CA CYS B 792 -29.86 26.53 -4.02
C CYS B 792 -30.10 27.30 -2.73
N ILE B 793 -30.42 26.54 -1.69
CA ILE B 793 -30.59 27.07 -0.34
C ILE B 793 -29.63 26.34 0.58
N LEU B 794 -28.85 27.10 1.34
CA LEU B 794 -27.99 26.54 2.38
C LEU B 794 -28.56 26.93 3.73
N PHE B 795 -28.55 26.00 4.68
CA PHE B 795 -28.92 26.31 6.05
C PHE B 795 -27.90 25.72 7.01
N PHE B 796 -27.55 26.50 8.03
CA PHE B 796 -26.69 26.05 9.11
C PHE B 796 -27.38 26.25 10.45
N ASP B 797 -27.53 25.17 11.20
CA ASP B 797 -28.16 25.17 12.51
C ASP B 797 -27.14 25.48 13.58
N GLU B 798 -27.62 26.00 14.71
CA GLU B 798 -26.77 26.32 15.84
C GLU B 798 -25.56 27.14 15.37
N PHE B 799 -25.86 28.17 14.57
CA PHE B 799 -24.84 28.85 13.79
C PHE B 799 -23.74 29.37 14.71
N ASP B 800 -24.08 29.69 15.96
CA ASP B 800 -23.11 30.22 16.90
C ASP B 800 -21.88 29.31 17.00
N SER B 801 -22.10 27.99 17.03
CA SER B 801 -20.99 27.07 17.20
C SER B 801 -20.02 27.12 16.03
N ILE B 802 -20.55 27.09 14.80
CA ILE B 802 -19.70 26.91 13.64
C ILE B 802 -18.78 28.11 13.45
N ALA B 803 -19.31 29.32 13.66
CA ALA B 803 -18.55 30.56 13.53
C ALA B 803 -18.48 31.24 14.90
N PRO B 804 -17.50 30.89 15.73
CA PRO B 804 -17.24 31.66 16.96
C PRO B 804 -16.44 32.92 16.65
N LYS B 805 -16.37 33.79 17.64
CA LYS B 805 -15.53 34.97 17.53
C LYS B 805 -14.09 34.54 17.28
N ARG B 806 -13.45 35.15 16.29
CA ARG B 806 -12.13 34.71 15.90
C ARG B 806 -11.11 35.01 16.98
N GLY B 807 -10.03 34.24 17.00
CA GLY B 807 -8.91 34.44 17.90
C GLY B 807 -9.00 33.70 19.23
N HIS B 808 -10.18 33.71 19.86
CA HIS B 808 -10.31 33.11 21.19
C HIS B 808 -9.94 31.63 21.16
N ASP B 809 -10.32 30.93 20.09
CA ASP B 809 -9.99 29.52 19.98
C ASP B 809 -8.47 29.32 20.04
N SER B 810 -8.05 28.28 20.77
CA SER B 810 -6.64 27.94 20.86
C SER B 810 -6.20 26.91 19.83
N THR B 811 -7.14 26.10 19.32
CA THR B 811 -6.78 25.14 18.28
C THR B 811 -6.59 25.82 16.92
N GLY B 812 -7.33 26.91 16.68
CA GLY B 812 -7.25 27.63 15.43
C GLY B 812 -8.18 27.13 14.35
N VAL B 813 -8.71 25.91 14.50
CA VAL B 813 -9.59 25.35 13.47
C VAL B 813 -10.84 26.21 13.31
N THR B 814 -11.42 26.65 14.43
CA THR B 814 -12.64 27.45 14.36
C THR B 814 -12.40 28.76 13.61
N ASP B 815 -11.29 29.43 13.90
CA ASP B 815 -11.00 30.70 13.24
C ASP B 815 -10.84 30.52 11.74
N ARG B 816 -10.09 29.49 11.34
CA ARG B 816 -9.83 29.28 9.92
C ARG B 816 -11.10 28.87 9.18
N VAL B 817 -11.95 28.06 9.80
CA VAL B 817 -13.21 27.71 9.14
C VAL B 817 -14.10 28.94 9.04
N VAL B 818 -14.04 29.82 10.04
CA VAL B 818 -14.79 31.08 9.95
C VAL B 818 -14.30 31.90 8.76
N ASN B 819 -12.98 32.00 8.61
CA ASN B 819 -12.43 32.75 7.48
C ASN B 819 -12.82 32.12 6.15
N GLN B 820 -12.81 30.79 6.08
CA GLN B 820 -13.27 30.11 4.88
C GLN B 820 -14.71 30.48 4.56
N LEU B 821 -15.59 30.43 5.56
CA LEU B 821 -16.99 30.73 5.34
C LEU B 821 -17.18 32.18 4.90
N LEU B 822 -16.44 33.11 5.52
CA LEU B 822 -16.52 34.51 5.08
C LEU B 822 -16.03 34.65 3.65
N THR B 823 -14.93 33.98 3.31
CA THR B 823 -14.36 34.08 1.98
C THR B 823 -15.33 33.57 0.91
N GLN B 824 -16.02 32.47 1.20
CA GLN B 824 -16.87 31.87 0.19
C GLN B 824 -18.00 32.78 -0.25
N MET B 825 -18.30 33.84 0.51
CA MET B 825 -19.18 34.90 0.03
C MET B 825 -18.43 35.95 -0.79
N ASP B 826 -17.11 35.86 -0.87
CA ASP B 826 -16.30 36.78 -1.66
C ASP B 826 -15.93 36.21 -3.01
N GLY B 827 -16.53 35.08 -3.40
CA GLY B 827 -16.24 34.52 -4.71
C GLY B 827 -16.65 35.46 -5.82
N ALA B 828 -15.92 35.38 -6.94
CA ALA B 828 -16.17 36.29 -8.06
C ALA B 828 -17.57 36.09 -8.64
N GLU B 829 -17.91 34.84 -8.97
CA GLU B 829 -19.16 34.55 -9.65
C GLU B 829 -19.76 33.29 -9.03
N GLY B 830 -20.87 32.84 -9.63
CA GLY B 830 -21.54 31.65 -9.17
C GLY B 830 -22.38 31.82 -7.93
N LEU B 831 -22.13 32.86 -7.13
CA LEU B 831 -22.92 33.09 -5.94
C LEU B 831 -24.38 33.39 -6.27
N ASP B 832 -24.68 33.72 -7.52
CA ASP B 832 -26.07 33.93 -7.93
C ASP B 832 -26.86 32.64 -7.74
N GLY B 833 -28.03 32.76 -7.11
CA GLY B 833 -28.95 31.67 -6.96
C GLY B 833 -28.80 30.85 -5.70
N VAL B 834 -27.65 30.89 -5.04
CA VAL B 834 -27.43 30.19 -3.79
C VAL B 834 -27.62 31.18 -2.65
N TYR B 835 -28.52 30.85 -1.72
CA TYR B 835 -28.89 31.74 -0.64
C TYR B 835 -28.47 31.10 0.67
N ILE B 836 -27.62 31.81 1.42
CA ILE B 836 -27.10 31.28 2.67
C ILE B 836 -28.04 31.67 3.81
N LEU B 837 -28.34 30.70 4.68
CA LEU B 837 -29.21 30.89 5.83
C LEU B 837 -28.59 30.18 7.02
N ALA B 838 -28.84 30.72 8.20
CA ALA B 838 -28.32 30.06 9.39
C ALA B 838 -29.02 30.62 10.60
N ALA B 839 -29.33 29.73 11.55
CA ALA B 839 -30.12 30.08 12.73
C ALA B 839 -29.31 29.87 14.00
N THR B 840 -29.38 30.86 14.89
CA THR B 840 -28.80 30.76 16.22
C THR B 840 -29.36 31.84 17.12
N SER B 841 -29.85 31.43 18.31
CA SER B 841 -30.36 32.39 19.27
C SER B 841 -29.26 33.26 19.86
N ARG B 842 -27.99 32.92 19.64
CA ARG B 842 -26.88 33.62 20.25
C ARG B 842 -26.08 34.39 19.21
N PRO B 843 -26.62 35.50 18.69
CA PRO B 843 -25.87 36.26 17.66
C PRO B 843 -24.57 36.85 18.17
N ASP B 844 -24.34 36.91 19.49
CA ASP B 844 -23.15 37.56 20.00
C ASP B 844 -21.91 36.69 19.81
N LEU B 845 -22.06 35.37 19.91
CA LEU B 845 -20.91 34.49 19.76
C LEU B 845 -20.38 34.43 18.34
N ILE B 846 -21.11 34.95 17.36
CA ILE B 846 -20.68 34.93 15.96
C ILE B 846 -20.06 36.28 15.63
N ASP B 847 -18.85 36.25 15.11
CA ASP B 847 -18.12 37.48 14.82
C ASP B 847 -18.91 38.35 13.85
N SER B 848 -18.97 39.64 14.15
CA SER B 848 -19.78 40.56 13.35
C SER B 848 -19.25 40.73 11.93
N ALA B 849 -18.02 40.29 11.66
CA ALA B 849 -17.48 40.42 10.31
C ALA B 849 -18.37 39.73 9.29
N LEU B 850 -19.12 38.71 9.72
CA LEU B 850 -20.06 38.06 8.81
C LEU B 850 -21.30 38.90 8.55
N LEU B 851 -21.80 39.62 9.55
CA LEU B 851 -23.00 40.43 9.36
C LEU B 851 -22.83 41.52 8.30
N ARG B 852 -21.61 41.71 7.78
CA ARG B 852 -21.37 42.60 6.66
C ARG B 852 -22.47 42.41 5.62
N PRO B 853 -23.30 43.41 5.36
CA PRO B 853 -24.39 43.22 4.41
C PRO B 853 -23.87 42.72 3.07
N GLY B 854 -24.58 41.73 2.52
CA GLY B 854 -24.10 40.99 1.37
C GLY B 854 -23.81 39.55 1.74
N ARG B 855 -23.22 39.36 2.92
CA ARG B 855 -23.06 38.02 3.48
C ARG B 855 -24.27 37.65 4.34
N LEU B 856 -24.50 38.43 5.40
CA LEU B 856 -25.74 38.34 6.19
C LEU B 856 -26.14 39.79 6.51
N ASP B 857 -26.96 40.36 5.63
CA ASP B 857 -27.41 41.74 5.76
C ASP B 857 -28.60 41.86 6.72
N LYS B 858 -29.66 41.09 6.46
CA LYS B 858 -30.88 41.18 7.23
C LYS B 858 -30.88 40.08 8.29
N SER B 859 -31.19 40.46 9.52
CA SER B 859 -31.30 39.52 10.63
C SER B 859 -32.75 39.48 11.08
N VAL B 860 -33.31 38.28 11.18
CA VAL B 860 -34.71 38.09 11.51
C VAL B 860 -34.82 37.77 12.99
N ILE B 861 -35.72 38.47 13.67
CA ILE B 861 -36.01 38.27 15.09
C ILE B 861 -37.46 37.81 15.20
N CYS B 862 -37.68 36.72 15.92
CA CYS B 862 -39.01 36.15 16.12
C CYS B 862 -39.34 36.25 17.61
N ASN B 863 -40.10 37.28 17.97
CA ASN B 863 -40.45 37.51 19.36
C ASN B 863 -41.40 36.43 19.87
N ILE B 864 -41.50 36.32 21.19
CA ILE B 864 -42.46 35.36 21.77
C ILE B 864 -43.85 35.74 21.29
N PRO B 865 -44.72 34.77 21.01
CA PRO B 865 -46.03 35.11 20.45
C PRO B 865 -46.88 35.92 21.42
N THR B 866 -47.66 36.84 20.86
CA THR B 866 -48.58 37.65 21.63
C THR B 866 -49.94 36.96 21.70
N GLU B 867 -50.94 37.67 22.20
CA GLU B 867 -52.31 37.14 22.21
C GLU B 867 -52.72 36.69 20.82
N SER B 868 -52.69 37.63 19.86
CA SER B 868 -53.14 37.33 18.51
C SER B 868 -52.26 36.27 17.86
N GLU B 869 -50.93 36.38 18.03
CA GLU B 869 -50.03 35.41 17.42
C GLU B 869 -50.27 34.01 18.00
N ARG B 870 -50.43 33.92 19.32
CA ARG B 870 -50.77 32.64 19.93
C ARG B 870 -52.06 32.09 19.34
N LEU B 871 -53.08 32.95 19.20
CA LEU B 871 -54.35 32.50 18.65
C LEU B 871 -54.18 31.97 17.24
N ASP B 872 -53.39 32.66 16.41
CA ASP B 872 -53.15 32.17 15.06
C ASP B 872 -52.40 30.84 15.09
N ILE B 873 -51.51 30.64 16.06
CA ILE B 873 -50.80 29.37 16.16
C ILE B 873 -51.78 28.25 16.49
N LEU B 874 -52.67 28.47 17.45
CA LEU B 874 -53.70 27.46 17.73
C LEU B 874 -54.56 27.20 16.50
N GLN B 875 -54.94 28.26 15.78
CA GLN B 875 -55.75 28.08 14.59
C GLN B 875 -55.01 27.22 13.56
N ALA B 876 -53.72 27.48 13.38
CA ALA B 876 -52.94 26.73 12.40
C ALA B 876 -52.85 25.26 12.80
N ILE B 877 -52.58 24.98 14.07
CA ILE B 877 -52.40 23.59 14.48
C ILE B 877 -53.72 22.83 14.40
N VAL B 878 -54.83 23.46 14.81
CA VAL B 878 -56.11 22.76 14.76
C VAL B 878 -56.54 22.56 13.31
N ASN B 879 -56.45 23.61 12.50
CA ASN B 879 -56.77 23.51 11.08
C ASN B 879 -55.74 22.68 10.32
N SER B 880 -54.54 22.50 10.86
CA SER B 880 -53.53 21.69 10.21
C SER B 880 -54.12 20.33 9.87
N LYS B 881 -54.24 20.04 8.57
CA LYS B 881 -54.83 18.80 8.09
C LYS B 881 -53.73 17.82 7.74
N ASP B 882 -53.87 16.57 8.19
CA ASP B 882 -52.91 15.55 7.83
C ASP B 882 -52.83 15.42 6.31
N LYS B 883 -51.60 15.32 5.80
CA LYS B 883 -51.41 15.32 4.35
C LYS B 883 -52.14 14.15 3.70
N ASP B 884 -52.06 12.96 4.30
CA ASP B 884 -52.52 11.75 3.62
C ASP B 884 -54.03 11.58 3.72
N THR B 885 -54.55 11.41 4.93
CA THR B 885 -55.95 11.04 5.10
C THR B 885 -56.90 12.23 5.06
N GLY B 886 -56.40 13.45 5.19
CA GLY B 886 -57.27 14.61 5.20
C GLY B 886 -58.00 14.84 6.50
N GLN B 887 -57.77 14.02 7.51
CA GLN B 887 -58.40 14.20 8.81
C GLN B 887 -57.75 15.35 9.56
N LYS B 888 -58.56 16.14 10.25
CA LYS B 888 -58.02 17.22 11.06
C LYS B 888 -57.05 16.66 12.09
N LYS B 889 -55.86 17.27 12.17
CA LYS B 889 -54.83 16.78 13.07
C LYS B 889 -55.17 17.02 14.54
N PHE B 890 -56.21 17.79 14.83
CA PHE B 890 -56.63 18.05 16.21
C PHE B 890 -58.14 18.26 16.21
N ALA B 891 -58.88 17.22 16.58
CA ALA B 891 -60.34 17.28 16.63
C ALA B 891 -60.77 17.80 18.00
N LEU B 892 -61.36 18.99 18.01
CA LEU B 892 -61.77 19.65 19.24
C LEU B 892 -63.29 19.75 19.28
N GLU B 893 -63.84 19.80 20.49
CA GLU B 893 -65.28 19.96 20.63
C GLU B 893 -65.73 21.30 20.07
N LYS B 894 -66.96 21.31 19.54
CA LYS B 894 -67.45 22.51 18.85
C LYS B 894 -67.45 23.71 19.77
N ASN B 895 -67.67 23.50 21.07
CA ASN B 895 -67.66 24.59 22.03
C ASN B 895 -66.28 25.21 22.20
N ALA B 896 -65.23 24.57 21.68
CA ALA B 896 -63.87 24.99 21.97
C ALA B 896 -63.67 26.46 21.60
N ASP B 897 -63.05 27.21 22.50
CA ASP B 897 -62.71 28.61 22.29
C ASP B 897 -61.21 28.79 22.47
N LEU B 898 -60.58 29.45 21.50
CA LEU B 898 -59.14 29.68 21.56
C LEU B 898 -58.76 30.85 22.43
N LYS B 899 -59.72 31.72 22.79
CA LYS B 899 -59.40 32.90 23.56
C LYS B 899 -58.81 32.54 24.92
N LEU B 900 -59.41 31.57 25.60
CA LEU B 900 -58.99 31.23 26.96
C LEU B 900 -57.48 30.97 27.03
N ILE B 901 -56.97 30.15 26.11
CA ILE B 901 -55.54 29.93 26.05
C ILE B 901 -54.80 31.19 25.63
N ALA B 902 -55.44 32.05 24.84
CA ALA B 902 -54.77 33.27 24.41
C ALA B 902 -54.25 34.06 25.60
N GLU B 903 -54.99 34.07 26.72
CA GLU B 903 -54.57 34.77 27.91
C GLU B 903 -53.85 33.88 28.93
N LYS B 904 -54.30 32.63 29.12
CA LYS B 904 -53.71 31.82 30.18
C LYS B 904 -52.23 31.58 29.92
N THR B 905 -51.86 31.24 28.69
CA THR B 905 -50.48 30.91 28.35
C THR B 905 -49.71 32.11 27.81
N ALA B 906 -50.02 33.32 28.29
CA ALA B 906 -49.31 34.51 27.83
C ALA B 906 -47.82 34.34 28.05
N GLY B 907 -47.04 34.63 26.99
CA GLY B 907 -45.60 34.48 27.05
C GLY B 907 -45.10 33.08 26.83
N PHE B 908 -45.96 32.11 26.60
CA PHE B 908 -45.53 30.73 26.37
C PHE B 908 -44.94 30.60 24.96
N SER B 909 -44.36 29.43 24.71
CA SER B 909 -43.61 29.18 23.48
C SER B 909 -44.37 28.24 22.56
N GLY B 910 -43.94 28.22 21.30
CA GLY B 910 -44.51 27.28 20.35
C GLY B 910 -44.34 25.84 20.80
N ALA B 911 -43.17 25.52 21.37
CA ALA B 911 -42.98 24.19 21.93
C ALA B 911 -43.97 23.92 23.05
N ASP B 912 -44.22 24.92 23.90
CA ASP B 912 -45.25 24.77 24.93
C ASP B 912 -46.62 24.58 24.31
N LEU B 913 -46.91 25.29 23.22
CA LEU B 913 -48.18 25.12 22.52
C LEU B 913 -48.34 23.68 22.04
N GLN B 914 -47.30 23.13 21.41
CA GLN B 914 -47.36 21.78 20.91
C GLN B 914 -47.52 20.78 22.06
N GLY B 915 -46.77 20.98 23.14
CA GLY B 915 -46.91 20.11 24.29
C GLY B 915 -48.32 20.12 24.85
N LEU B 916 -48.90 21.32 24.96
CA LEU B 916 -50.27 21.44 25.43
C LEU B 916 -51.23 20.67 24.54
N CYS B 917 -51.13 20.89 23.23
CA CYS B 917 -52.06 20.23 22.31
C CYS B 917 -51.92 18.72 22.38
N TYR B 918 -50.68 18.22 22.39
CA TYR B 918 -50.49 16.78 22.39
C TYR B 918 -50.92 16.16 23.71
N ASN B 919 -50.62 16.83 24.83
CA ASN B 919 -51.08 16.32 26.12
C ASN B 919 -52.60 16.26 26.17
N ALA B 920 -53.26 17.28 25.59
CA ALA B 920 -54.72 17.24 25.53
C ALA B 920 -55.20 16.05 24.71
N TYR B 921 -54.59 15.83 23.53
CA TYR B 921 -54.99 14.70 22.71
C TYR B 921 -54.76 13.38 23.44
N LEU B 922 -53.63 13.25 24.12
CA LEU B 922 -53.30 12.00 24.79
C LEU B 922 -54.23 11.74 25.97
N LYS B 923 -54.58 12.80 26.72
CA LYS B 923 -55.58 12.63 27.78
C LYS B 923 -56.92 12.21 27.19
N SER B 924 -57.31 12.83 26.07
CA SER B 924 -58.57 12.49 25.44
C SER B 924 -58.60 11.02 25.03
N VAL B 925 -57.52 10.54 24.42
CA VAL B 925 -57.51 9.15 23.96
C VAL B 925 -57.41 8.19 25.15
N HIS B 926 -56.67 8.57 26.20
CA HIS B 926 -56.59 7.71 27.37
C HIS B 926 -57.97 7.55 28.00
N ARG B 927 -58.75 8.63 28.06
CA ARG B 927 -60.13 8.51 28.53
C ARG B 927 -60.99 7.74 27.53
N TRP B 928 -60.72 7.92 26.24
CA TRP B 928 -61.41 7.19 25.18
C TRP B 928 -61.21 5.69 25.27
N LEU B 929 -60.11 5.26 25.89
CA LEU B 929 -59.82 3.83 25.98
C LEU B 929 -61.03 3.04 26.49
N SER B 930 -61.69 3.57 27.53
CA SER B 930 -62.91 2.96 28.06
C SER B 930 -64.16 3.66 27.55
N ALA B 931 -64.12 4.22 26.33
CA ALA B 931 -65.27 4.89 25.77
C ALA B 931 -66.40 3.94 25.39
N ALA B 932 -66.15 2.63 25.39
CA ALA B 932 -67.17 1.66 25.01
C ALA B 932 -67.28 0.56 26.05
N ASP B 933 -66.18 0.25 26.74
CA ASP B 933 -66.23 -0.80 27.76
C ASP B 933 -67.00 -0.36 28.99
N GLN B 934 -66.94 0.93 29.33
CA GLN B 934 -67.63 1.41 30.53
C GLN B 934 -69.11 1.05 30.48
N SER B 935 -69.75 1.25 29.34
CA SER B 935 -71.14 0.86 29.13
C SER B 935 -71.22 -0.45 28.36
N GLU B 936 -72.40 -1.05 28.37
CA GLU B 936 -72.61 -2.31 27.66
C GLU B 936 -71.71 -3.41 28.20
N VAL B 937 -71.80 -4.60 27.62
CA VAL B 937 -70.96 -5.72 28.01
C VAL B 937 -69.73 -5.86 27.10
N VAL B 938 -69.56 -4.96 26.14
CA VAL B 938 -68.46 -5.07 25.19
C VAL B 938 -67.80 -3.70 25.02
N PRO B 939 -66.50 -3.65 24.75
CA PRO B 939 -65.85 -2.36 24.45
C PRO B 939 -65.94 -2.01 22.98
N GLY B 940 -66.80 -2.71 22.25
CA GLY B 940 -67.00 -2.43 20.85
C GLY B 940 -68.45 -2.15 20.51
N ASN B 941 -68.94 -2.73 19.41
CA ASN B 941 -70.32 -2.56 18.99
C ASN B 941 -71.03 -3.89 18.73
N ASP B 942 -70.30 -5.00 18.75
CA ASP B 942 -70.89 -6.32 18.48
C ASP B 942 -71.25 -6.98 19.80
N ASN B 943 -72.55 -7.17 20.03
CA ASN B 943 -73.01 -7.86 21.22
C ASN B 943 -72.54 -9.32 21.20
N ILE B 944 -72.27 -9.85 22.38
CA ILE B 944 -71.93 -11.26 22.55
C ILE B 944 -73.04 -11.86 23.41
N GLU B 945 -74.08 -12.36 22.76
CA GLU B 945 -75.18 -13.03 23.43
C GLU B 945 -74.85 -14.51 23.57
N TYR B 946 -74.80 -14.99 24.80
CA TYR B 946 -74.36 -16.36 25.02
C TYR B 946 -75.10 -16.91 26.25
N PHE B 947 -75.49 -18.17 26.14
CA PHE B 947 -76.15 -18.89 27.23
C PHE B 947 -75.13 -19.20 28.31
N SER B 948 -75.58 -19.93 29.34
CA SER B 948 -74.72 -20.29 30.45
C SER B 948 -75.15 -21.62 31.03
N ILE B 949 -74.28 -22.61 30.97
CA ILE B 949 -74.50 -23.92 31.58
C ILE B 949 -73.14 -24.49 31.97
N ASN B 950 -72.98 -24.80 33.25
CA ASN B 950 -71.74 -25.38 33.76
C ASN B 950 -70.55 -24.44 33.53
N GLU B 951 -70.83 -23.13 33.48
CA GLU B 951 -69.74 -22.17 33.29
C GLU B 951 -68.73 -22.26 34.42
N HIS B 952 -69.14 -22.76 35.58
CA HIS B 952 -68.26 -22.99 36.72
C HIS B 952 -67.61 -21.71 37.24
N GLY B 953 -68.19 -20.55 36.92
CA GLY B 953 -67.70 -19.29 37.44
C GLY B 953 -66.37 -18.85 36.85
N ARG B 954 -66.34 -18.61 35.55
CA ARG B 954 -65.14 -18.12 34.88
C ARG B 954 -65.50 -17.02 33.88
N ARG B 955 -66.37 -16.10 34.30
CA ARG B 955 -66.82 -15.04 33.38
C ARG B 955 -65.64 -14.24 32.86
N GLU B 956 -64.63 -14.00 33.69
CA GLU B 956 -63.45 -13.28 33.24
C GLU B 956 -62.85 -13.95 32.01
N GLU B 957 -62.69 -15.27 32.05
CA GLU B 957 -62.23 -16.01 30.87
C GLU B 957 -63.36 -16.26 29.89
N ASN B 958 -64.61 -16.30 30.35
CA ASN B 958 -65.73 -16.51 29.44
C ASN B 958 -65.79 -15.42 28.39
N ARG B 959 -65.71 -14.15 28.81
CA ARG B 959 -65.74 -13.05 27.86
C ARG B 959 -64.53 -13.09 26.93
N LEU B 960 -63.35 -13.40 27.48
CA LEU B 960 -62.15 -13.44 26.66
C LEU B 960 -62.29 -14.48 25.55
N ARG B 961 -62.72 -15.69 25.91
CA ARG B 961 -62.95 -16.72 24.89
C ARG B 961 -64.01 -16.26 23.90
N LEU B 962 -65.22 -15.98 24.38
CA LEU B 962 -66.29 -15.51 23.50
C LEU B 962 -65.73 -14.52 22.47
N LYS B 963 -64.96 -13.53 22.92
CA LYS B 963 -64.38 -12.56 22.00
C LYS B 963 -63.43 -13.23 21.02
N THR B 964 -62.52 -14.07 21.51
CA THR B 964 -61.52 -14.66 20.61
C THR B 964 -62.19 -15.50 19.53
N LEU B 965 -63.16 -16.31 19.91
CA LEU B 965 -63.86 -17.15 18.94
C LEU B 965 -64.72 -16.33 17.98
N LEU B 966 -65.48 -15.36 18.49
CA LEU B 966 -66.38 -14.60 17.62
C LEU B 966 -65.63 -13.65 16.70
N GLN B 967 -64.44 -13.19 17.09
CA GLN B 967 -63.64 -12.35 16.20
C GLN B 967 -63.09 -13.12 15.02
N GLN B 968 -63.11 -14.46 15.05
CA GLN B 968 -62.64 -15.23 13.91
C GLN B 968 -63.45 -14.94 12.66
N ASP B 969 -64.68 -14.47 12.80
CA ASP B 969 -65.53 -14.10 11.69
C ASP B 969 -66.04 -12.67 11.85
N VAL B 970 -65.13 -11.77 12.23
CA VAL B 970 -65.45 -10.35 12.40
C VAL B 970 -64.88 -9.52 11.25
N VAL B 971 -63.57 -9.48 11.11
CA VAL B 971 -62.90 -8.84 9.97
C VAL B 971 -61.82 -9.80 9.50
N HIS B 972 -62.15 -10.67 8.56
CA HIS B 972 -61.19 -11.60 7.99
C HIS B 972 -60.64 -11.07 6.66
N GLU B 973 -59.97 -9.92 6.74
CA GLU B 973 -59.42 -9.26 5.57
C GLU B 973 -60.48 -9.06 4.49
N THR B 974 -61.74 -8.96 4.91
CA THR B 974 -62.83 -8.81 3.94
C THR B 974 -62.73 -7.48 3.21
N LYS B 975 -62.79 -6.38 3.96
CA LYS B 975 -62.66 -5.03 3.41
C LYS B 975 -61.39 -4.39 3.96
N THR B 976 -60.84 -3.45 3.19
CA THR B 976 -59.61 -2.79 3.61
C THR B 976 -59.87 -2.01 4.89
N SER B 977 -59.35 -2.51 6.01
CA SER B 977 -59.58 -1.89 7.32
C SER B 977 -58.59 -0.74 7.50
N THR B 978 -58.78 0.31 6.69
CA THR B 978 -57.97 1.51 6.84
C THR B 978 -58.05 2.03 8.28
N SER B 979 -59.27 2.10 8.82
CA SER B 979 -59.47 2.34 10.25
C SER B 979 -59.40 1.00 11.00
N ALA B 980 -58.24 0.35 10.89
CA ALA B 980 -58.05 -0.94 11.54
C ALA B 980 -58.39 -0.85 13.02
N ALA B 981 -58.10 0.29 13.64
CA ALA B 981 -58.51 0.59 15.01
C ALA B 981 -59.04 2.01 15.01
N SER B 982 -60.37 2.15 15.02
CA SER B 982 -60.99 3.46 15.21
C SER B 982 -62.41 3.23 15.70
N GLU B 983 -62.62 3.37 17.01
CA GLU B 983 -63.97 3.37 17.55
C GLU B 983 -64.67 4.71 17.36
N LEU B 984 -63.95 5.82 17.53
CA LEU B 984 -64.45 7.15 17.21
C LEU B 984 -63.32 8.14 17.46
N THR B 985 -63.32 9.22 16.68
CA THR B 985 -62.29 10.25 16.84
C THR B 985 -62.45 10.90 18.20
N ALA B 986 -61.41 10.79 19.03
CA ALA B 986 -61.44 11.36 20.38
C ALA B 986 -61.43 12.88 20.24
N VAL B 987 -62.60 13.49 20.41
CA VAL B 987 -62.77 14.94 20.23
C VAL B 987 -62.25 15.61 21.51
N VAL B 988 -61.04 16.16 21.43
CA VAL B 988 -60.45 16.82 22.60
C VAL B 988 -61.38 17.93 23.06
N THR B 989 -61.47 18.09 24.38
CA THR B 989 -62.46 18.97 25.01
C THR B 989 -61.80 20.22 25.58
N ILE B 990 -62.65 21.18 25.95
CA ILE B 990 -62.16 22.40 26.58
C ILE B 990 -61.50 22.07 27.91
N ASN B 991 -62.11 21.18 28.69
CA ASN B 991 -61.53 20.82 29.99
C ASN B 991 -60.16 20.18 29.82
N ASP B 992 -60.02 19.29 28.84
CA ASP B 992 -58.72 18.66 28.60
C ASP B 992 -57.69 19.70 28.16
N LEU B 993 -58.11 20.64 27.33
CA LEU B 993 -57.27 21.79 27.00
C LEU B 993 -56.84 22.56 28.23
N LEU B 994 -57.76 22.79 29.17
CA LEU B 994 -57.39 23.53 30.38
C LEU B 994 -56.41 22.73 31.23
N GLU B 995 -56.60 21.41 31.31
CA GLU B 995 -55.66 20.58 32.05
C GLU B 995 -54.27 20.64 31.43
N ALA B 996 -54.20 20.56 30.11
CA ALA B 996 -52.91 20.67 29.45
C ALA B 996 -52.28 22.03 29.70
N CYS B 997 -53.09 23.09 29.67
CA CYS B 997 -52.57 24.43 29.95
C CYS B 997 -52.01 24.52 31.36
N GLN B 998 -52.73 23.98 32.34
CA GLN B 998 -52.24 24.01 33.71
C GLN B 998 -50.95 23.23 33.86
N GLU B 999 -50.89 22.05 33.24
CA GLU B 999 -49.67 21.24 33.31
C GLU B 999 -48.49 21.97 32.67
N THR B 1000 -48.72 22.60 31.53
CA THR B 1000 -47.62 23.22 30.78
C THR B 1000 -46.97 24.33 31.58
N LYS B 1001 -45.66 24.46 31.43
CA LYS B 1001 -44.85 25.53 32.00
C LYS B 1001 -43.98 26.11 30.91
N PRO B 1002 -43.57 27.37 31.04
CA PRO B 1002 -42.80 28.00 29.96
C PRO B 1002 -41.50 27.26 29.70
N SER B 1003 -41.26 26.93 28.43
CA SER B 1003 -40.01 26.30 28.05
C SER B 1003 -38.81 27.18 28.39
N ILE B 1004 -39.03 28.48 28.54
CA ILE B 1004 -37.99 29.44 28.87
C ILE B 1004 -38.30 30.00 30.26
N SER B 1005 -37.36 29.86 31.19
CA SER B 1005 -37.52 30.51 32.48
C SER B 1005 -37.33 32.01 32.33
N THR B 1006 -38.02 32.76 33.19
CA THR B 1006 -38.05 34.22 33.03
C THR B 1006 -36.65 34.81 32.99
N SER B 1007 -35.70 34.21 33.69
CA SER B 1007 -34.33 34.70 33.65
C SER B 1007 -33.80 34.73 32.23
N GLU B 1008 -33.91 33.60 31.51
CA GLU B 1008 -33.43 33.56 30.15
C GLU B 1008 -34.28 34.44 29.23
N LEU B 1009 -35.58 34.52 29.50
CA LEU B 1009 -36.43 35.39 28.69
C LEU B 1009 -35.92 36.83 28.74
N VAL B 1010 -35.72 37.36 29.94
CA VAL B 1010 -35.31 38.76 30.06
C VAL B 1010 -33.88 38.93 29.56
N LYS B 1011 -33.00 37.95 29.83
CA LYS B 1011 -31.63 38.05 29.34
C LYS B 1011 -31.59 38.14 27.82
N LEU B 1012 -32.28 37.22 27.15
CA LEU B 1012 -32.29 37.22 25.69
C LEU B 1012 -32.99 38.46 25.14
N ARG B 1013 -34.05 38.93 25.81
CA ARG B 1013 -34.71 40.15 25.36
C ARG B 1013 -33.75 41.33 25.41
N GLY B 1014 -33.01 41.46 26.51
CA GLY B 1014 -32.03 42.53 26.60
C GLY B 1014 -30.93 42.41 25.56
N ILE B 1015 -30.42 41.20 25.37
CA ILE B 1015 -29.36 40.99 24.38
C ILE B 1015 -29.84 41.35 22.99
N TYR B 1016 -31.06 40.91 22.65
CA TYR B 1016 -31.58 41.14 21.31
C TYR B 1016 -31.91 42.61 21.09
N ASP B 1017 -32.46 43.27 22.10
CA ASP B 1017 -32.72 44.70 21.98
C ASP B 1017 -31.42 45.48 21.82
N ARG B 1018 -30.39 45.13 22.60
CA ARG B 1018 -29.13 45.83 22.46
C ARG B 1018 -28.53 45.59 21.09
N PHE B 1019 -28.68 44.38 20.55
CA PHE B 1019 -28.16 44.11 19.21
C PHE B 1019 -28.94 44.89 18.15
N GLN B 1020 -30.26 44.97 18.28
CA GLN B 1020 -31.04 45.75 17.33
C GLN B 1020 -30.64 47.22 17.38
N LYS B 1021 -30.45 47.76 18.58
CA LYS B 1021 -30.04 49.15 18.71
C LYS B 1021 -28.63 49.36 18.15
N ASP B 1022 -27.71 48.44 18.44
CA ASP B 1022 -26.36 48.52 17.89
C ASP B 1022 -26.41 48.54 16.37
N ARG B 1023 -27.18 47.64 15.78
CA ARG B 1023 -27.38 47.70 14.33
C ARG B 1023 -27.93 49.04 13.92
N ASN B 1024 -28.85 49.60 14.71
CA ASN B 1024 -29.36 50.94 14.44
C ASN B 1024 -28.30 52.02 14.63
N GLY B 1025 -27.17 51.69 15.23
CA GLY B 1025 -26.05 52.62 15.33
C GLY B 1025 -26.40 53.90 16.07
N GLU B 1026 -27.05 53.78 17.21
CA GLU B 1026 -27.41 54.95 18.01
C GLU B 1026 -27.01 54.74 19.48
N GLY C 206 -33.81 -71.40 -16.03
CA GLY C 206 -33.09 -72.22 -15.07
C GLY C 206 -32.52 -71.41 -13.93
N ALA C 207 -32.23 -70.14 -14.20
CA ALA C 207 -31.71 -69.25 -13.17
C ALA C 207 -32.64 -69.22 -11.97
N ILE C 208 -32.09 -68.82 -10.83
CA ILE C 208 -32.88 -68.78 -9.60
C ILE C 208 -33.92 -67.67 -9.72
N GLN C 209 -35.18 -68.03 -9.55
CA GLN C 209 -36.24 -67.03 -9.58
C GLN C 209 -35.98 -65.97 -8.51
N LEU C 210 -36.21 -64.72 -8.86
CA LEU C 210 -35.79 -63.58 -8.06
C LEU C 210 -37.01 -62.99 -7.34
N LEU C 211 -36.89 -62.81 -6.04
CA LEU C 211 -37.94 -62.20 -5.23
C LEU C 211 -37.74 -60.69 -5.21
N LYS C 212 -38.44 -60.01 -4.30
CA LYS C 212 -38.44 -58.55 -4.29
C LYS C 212 -37.02 -58.00 -4.20
N LYS C 213 -36.77 -56.95 -4.97
CA LYS C 213 -35.48 -56.27 -5.00
C LYS C 213 -35.65 -54.85 -4.48
N VAL C 214 -34.72 -54.39 -3.65
CA VAL C 214 -34.82 -53.10 -2.98
C VAL C 214 -33.43 -52.53 -2.73
N ILE C 215 -33.37 -51.22 -2.55
CA ILE C 215 -32.15 -50.53 -2.16
C ILE C 215 -32.25 -50.21 -0.67
N LEU C 216 -31.10 -50.00 -0.05
CA LEU C 216 -31.06 -49.75 1.38
C LEU C 216 -29.88 -48.85 1.72
N ARG C 217 -29.99 -48.17 2.85
CA ARG C 217 -29.00 -47.18 3.29
C ARG C 217 -27.95 -47.87 4.15
N SER C 218 -26.69 -47.78 3.72
CA SER C 218 -25.60 -48.38 4.49
C SER C 218 -25.50 -47.76 5.87
N THR C 219 -25.20 -48.58 6.86
CA THR C 219 -25.06 -48.15 8.24
C THR C 219 -23.81 -48.76 8.84
N VAL C 220 -23.04 -47.95 9.58
CA VAL C 220 -21.82 -48.42 10.22
C VAL C 220 -22.11 -48.79 11.67
N CYS C 221 -23.39 -48.76 12.05
CA CYS C 221 -23.75 -49.21 13.39
C CYS C 221 -23.27 -50.64 13.56
N LYS C 222 -22.28 -50.85 14.43
CA LYS C 222 -21.63 -52.14 14.54
C LYS C 222 -22.49 -53.09 15.37
N MET C 223 -22.94 -54.17 14.75
CA MET C 223 -23.74 -55.18 15.43
C MET C 223 -22.86 -56.33 15.87
N ASP C 224 -23.51 -57.36 16.42
CA ASP C 224 -22.77 -58.57 16.83
C ASP C 224 -22.10 -59.21 15.64
N PHE C 225 -22.85 -59.46 14.56
CA PHE C 225 -22.32 -60.12 13.38
C PHE C 225 -21.62 -61.40 13.80
N PRO C 226 -22.35 -62.44 14.19
CA PRO C 226 -21.72 -63.63 14.75
C PRO C 226 -20.61 -64.15 13.84
N LYS C 227 -19.46 -64.44 14.46
CA LYS C 227 -18.29 -64.87 13.68
C LYS C 227 -18.52 -66.21 13.00
N ASP C 228 -19.55 -66.96 13.42
CA ASP C 228 -19.81 -68.26 12.80
C ASP C 228 -19.90 -68.15 11.28
N ASN C 229 -20.64 -67.16 10.79
CA ASN C 229 -20.80 -66.95 9.36
C ASN C 229 -19.85 -65.86 8.88
N LEU C 230 -19.72 -65.76 7.56
CA LEU C 230 -18.78 -64.85 6.92
C LEU C 230 -19.46 -63.74 6.15
N PHE C 231 -20.47 -64.07 5.36
CA PHE C 231 -21.19 -63.10 4.52
C PHE C 231 -22.64 -63.06 4.98
N VAL C 232 -22.92 -62.21 5.97
CA VAL C 232 -24.27 -62.00 6.47
C VAL C 232 -24.45 -60.51 6.76
N VAL C 233 -25.72 -60.09 6.86
CA VAL C 233 -26.09 -58.70 7.04
C VAL C 233 -27.20 -58.60 8.08
N TYR C 234 -27.63 -57.37 8.34
CA TYR C 234 -28.71 -57.08 9.25
C TYR C 234 -29.67 -56.09 8.60
N ILE C 235 -30.97 -56.38 8.72
CA ILE C 235 -32.03 -55.53 8.19
C ILE C 235 -33.08 -55.37 9.28
N SER C 236 -33.82 -54.25 9.20
CA SER C 236 -34.87 -54.00 10.18
C SER C 236 -35.95 -55.07 10.11
N ASP C 237 -36.47 -55.44 11.27
CA ASP C 237 -37.54 -56.42 11.35
C ASP C 237 -38.91 -55.83 11.04
N GLY C 238 -39.02 -54.50 10.95
CA GLY C 238 -40.31 -53.91 10.67
C GLY C 238 -40.95 -54.41 9.40
N ALA C 239 -40.13 -54.81 8.42
CA ALA C 239 -40.61 -55.32 7.15
C ALA C 239 -40.37 -56.82 7.06
N GLN C 240 -41.15 -57.47 6.21
CA GLN C 240 -41.05 -58.91 6.00
C GLN C 240 -39.86 -59.23 5.10
N LEU C 241 -39.11 -60.27 5.47
CA LEU C 241 -37.99 -60.74 4.68
C LEU C 241 -38.37 -62.07 4.03
N PRO C 242 -38.69 -62.10 2.74
CA PRO C 242 -39.13 -63.37 2.13
C PRO C 242 -38.06 -64.45 2.19
N SER C 243 -36.79 -64.09 2.07
CA SER C 243 -35.71 -65.08 2.03
C SER C 243 -34.53 -64.58 2.84
N GLN C 244 -33.70 -65.54 3.26
CA GLN C 244 -32.51 -65.25 4.05
C GLN C 244 -31.26 -65.12 3.20
N LYS C 245 -31.32 -65.52 1.93
CA LYS C 245 -30.19 -65.46 1.02
C LYS C 245 -30.49 -64.49 -0.11
N GLY C 246 -29.49 -63.70 -0.49
CA GLY C 246 -29.68 -62.71 -1.51
C GLY C 246 -28.35 -62.24 -2.05
N TYR C 247 -28.40 -61.17 -2.84
CA TYR C 247 -27.21 -60.50 -3.33
C TYR C 247 -27.28 -59.03 -2.98
N ALA C 248 -26.10 -58.47 -2.71
CA ALA C 248 -25.90 -57.05 -2.47
C ALA C 248 -24.94 -56.48 -3.50
N SER C 249 -25.05 -55.18 -3.73
CA SER C 249 -24.26 -54.51 -4.76
C SER C 249 -24.26 -53.02 -4.46
N ILE C 250 -23.09 -52.44 -4.19
CA ILE C 250 -23.01 -51.00 -4.02
C ILE C 250 -23.38 -50.35 -5.34
N VAL C 251 -23.80 -49.09 -5.30
CA VAL C 251 -24.07 -48.31 -6.48
C VAL C 251 -23.01 -47.22 -6.56
N LYS C 252 -22.05 -47.41 -7.45
CA LYS C 252 -20.97 -46.44 -7.58
C LYS C 252 -21.52 -45.07 -7.95
N CYS C 253 -21.07 -44.06 -7.21
CA CYS C 253 -21.37 -42.68 -7.51
C CYS C 253 -20.16 -42.03 -8.17
N SER C 254 -20.26 -41.81 -9.47
CA SER C 254 -19.16 -41.23 -10.23
C SER C 254 -19.14 -39.71 -10.05
N LEU C 255 -18.13 -39.25 -9.32
CA LEU C 255 -17.96 -37.82 -9.10
C LEU C 255 -16.91 -37.24 -10.04
N ARG C 256 -16.03 -38.09 -10.55
CA ARG C 256 -14.94 -37.64 -11.43
C ARG C 256 -15.31 -37.77 -12.89
N GLN C 257 -16.21 -36.89 -13.35
CA GLN C 257 -16.51 -36.72 -14.77
C GLN C 257 -15.95 -35.42 -15.31
N SER C 258 -15.08 -34.76 -14.55
CA SER C 258 -14.41 -33.56 -15.05
C SER C 258 -13.68 -33.93 -16.33
N LYS C 259 -13.21 -32.92 -17.07
CA LYS C 259 -12.60 -33.12 -18.39
C LYS C 259 -13.41 -34.13 -19.20
N LYS C 260 -14.74 -34.08 -19.06
CA LYS C 260 -15.65 -34.86 -19.88
C LYS C 260 -15.55 -36.36 -19.62
N SER C 261 -14.41 -36.96 -19.96
CA SER C 261 -14.29 -38.42 -19.95
C SER C 261 -14.69 -39.00 -18.60
N ASP C 262 -15.11 -40.26 -18.62
CA ASP C 262 -15.56 -40.96 -17.42
C ASP C 262 -14.96 -42.37 -17.35
N SER C 263 -15.42 -43.16 -16.38
CA SER C 263 -14.95 -44.53 -16.19
C SER C 263 -16.10 -45.52 -16.37
N ASP C 264 -16.92 -45.29 -17.40
CA ASP C 264 -18.07 -46.15 -17.68
C ASP C 264 -17.60 -47.42 -18.39
N ASN C 265 -18.54 -48.15 -18.97
CA ASN C 265 -18.21 -49.42 -19.63
C ASN C 265 -17.16 -49.22 -20.72
N LYS C 266 -17.08 -48.02 -21.29
CA LYS C 266 -16.08 -47.74 -22.31
C LYS C 266 -14.68 -47.88 -21.75
N SER C 267 -13.95 -48.91 -22.19
CA SER C 267 -12.57 -49.17 -21.80
C SER C 267 -12.41 -49.52 -20.33
N VAL C 268 -13.50 -49.62 -19.58
CA VAL C 268 -13.44 -49.93 -18.15
C VAL C 268 -14.65 -50.78 -17.81
N GLY C 269 -14.41 -52.04 -17.44
CA GLY C 269 -15.50 -52.90 -17.02
C GLY C 269 -16.01 -52.53 -15.65
N ILE C 270 -17.11 -53.19 -15.27
CA ILE C 270 -17.78 -52.96 -14.00
C ILE C 270 -17.46 -54.14 -13.09
N PRO C 271 -16.79 -53.94 -11.95
CA PRO C 271 -16.49 -55.07 -11.06
C PRO C 271 -17.77 -55.77 -10.62
N SER C 272 -17.59 -56.92 -9.97
CA SER C 272 -18.70 -57.76 -9.57
C SER C 272 -19.43 -57.09 -8.40
N LYS C 273 -20.46 -56.29 -8.74
CA LYS C 273 -21.27 -55.67 -7.69
C LYS C 273 -22.13 -56.71 -6.99
N LYS C 274 -22.72 -57.62 -7.77
CA LYS C 274 -23.64 -58.61 -7.23
C LYS C 274 -22.85 -59.67 -6.47
N ILE C 275 -22.98 -59.68 -5.14
CA ILE C 275 -22.27 -60.61 -4.29
C ILE C 275 -23.28 -61.27 -3.36
N GLY C 276 -23.21 -62.60 -3.25
CA GLY C 276 -24.17 -63.32 -2.44
C GLY C 276 -23.89 -63.15 -0.96
N VAL C 277 -24.96 -63.04 -0.17
CA VAL C 277 -24.87 -62.79 1.25
C VAL C 277 -26.15 -63.29 1.91
N PHE C 278 -26.03 -63.77 3.14
CA PHE C 278 -27.20 -64.16 3.92
C PHE C 278 -27.94 -62.92 4.40
N ILE C 279 -29.18 -63.13 4.86
CA ILE C 279 -30.06 -62.06 5.31
C ILE C 279 -30.73 -62.49 6.61
N LYS C 280 -30.87 -61.55 7.53
CA LYS C 280 -31.56 -61.81 8.79
C LYS C 280 -31.98 -60.48 9.40
N CYS C 281 -33.16 -60.47 10.02
CA CYS C 281 -33.76 -59.24 10.50
C CYS C 281 -33.07 -58.73 11.76
N ASP C 282 -33.51 -57.56 12.21
CA ASP C 282 -33.10 -57.01 13.50
C ASP C 282 -34.12 -55.95 13.89
N SER C 283 -34.39 -55.89 15.20
CA SER C 283 -35.34 -54.92 15.73
C SER C 283 -34.69 -53.58 16.08
N GLN C 284 -33.43 -53.60 16.52
CA GLN C 284 -32.77 -52.36 16.92
C GLN C 284 -32.38 -51.52 15.71
N ILE C 285 -31.93 -52.17 14.63
CA ILE C 285 -31.45 -51.41 13.47
C ILE C 285 -32.57 -50.52 12.96
N PRO C 286 -32.29 -49.26 12.59
CA PRO C 286 -33.38 -48.39 12.12
C PRO C 286 -34.06 -48.96 10.88
N GLU C 287 -35.34 -48.62 10.74
CA GLU C 287 -36.10 -49.09 9.59
C GLU C 287 -35.48 -48.56 8.30
N ASN C 288 -35.60 -49.35 7.24
CA ASN C 288 -35.06 -48.98 5.94
C ASN C 288 -33.56 -48.73 6.02
N HIS C 289 -32.85 -49.68 6.64
CA HIS C 289 -31.41 -49.57 6.80
C HIS C 289 -30.79 -50.96 6.79
N ILE C 290 -29.50 -50.99 6.52
CA ILE C 290 -28.76 -52.23 6.25
C ILE C 290 -27.41 -52.13 6.97
N ALA C 291 -26.99 -53.23 7.59
CA ALA C 291 -25.65 -53.35 8.15
C ALA C 291 -24.95 -54.53 7.50
N LEU C 292 -23.70 -54.33 7.10
CA LEU C 292 -22.92 -55.34 6.37
C LEU C 292 -21.77 -55.86 7.22
N SER C 293 -21.52 -57.15 7.11
CA SER C 293 -20.35 -57.74 7.75
C SER C 293 -19.08 -57.14 7.17
N SER C 294 -18.07 -56.99 8.03
CA SER C 294 -16.81 -56.40 7.61
C SER C 294 -16.26 -57.11 6.38
N HIS C 295 -16.39 -58.44 6.34
CA HIS C 295 -15.96 -59.18 5.16
C HIS C 295 -16.67 -58.69 3.91
N LEU C 296 -17.93 -58.29 4.04
CA LEU C 296 -18.64 -57.73 2.89
C LEU C 296 -18.02 -56.40 2.48
N TRP C 297 -17.68 -55.55 3.45
CA TRP C 297 -17.06 -54.27 3.11
C TRP C 297 -15.74 -54.49 2.37
N ASP C 298 -14.92 -55.43 2.86
CA ASP C 298 -13.68 -55.73 2.17
C ASP C 298 -13.93 -56.31 0.78
N ALA C 299 -14.94 -57.18 0.66
CA ALA C 299 -15.27 -57.76 -0.64
C ALA C 299 -15.65 -56.68 -1.64
N PHE C 300 -16.45 -55.71 -1.20
CA PHE C 300 -16.81 -54.59 -2.05
C PHE C 300 -15.67 -53.60 -2.22
N PHE C 301 -14.54 -53.84 -1.56
CA PHE C 301 -13.35 -53.00 -1.69
C PHE C 301 -13.61 -51.60 -1.14
N THR C 302 -14.28 -51.55 0.01
CA THR C 302 -14.58 -50.27 0.66
C THR C 302 -14.50 -50.44 2.17
N HIS C 303 -14.20 -49.35 2.85
CA HIS C 303 -14.22 -49.33 4.30
C HIS C 303 -15.65 -49.15 4.81
N PRO C 304 -15.88 -49.44 6.09
CA PRO C 304 -17.22 -49.16 6.66
C PRO C 304 -17.57 -47.69 6.51
N MET C 305 -18.83 -47.43 6.14
CA MET C 305 -19.27 -46.08 5.84
C MET C 305 -20.79 -46.03 5.75
N ASN C 306 -21.40 -45.08 6.45
CA ASN C 306 -22.85 -44.99 6.50
C ASN C 306 -23.37 -44.19 5.31
N GLY C 307 -24.61 -44.49 4.92
CA GLY C 307 -25.30 -43.77 3.88
C GLY C 307 -25.13 -44.33 2.49
N ALA C 308 -24.14 -45.20 2.27
CA ALA C 308 -24.00 -45.81 0.95
C ALA C 308 -25.25 -46.59 0.59
N LYS C 309 -25.66 -46.47 -0.66
CA LYS C 309 -26.90 -47.09 -1.11
C LYS C 309 -26.59 -48.43 -1.77
N ILE C 310 -27.14 -49.50 -1.20
CA ILE C 310 -26.87 -50.86 -1.64
C ILE C 310 -28.12 -51.39 -2.33
N LYS C 311 -27.97 -51.76 -3.60
CA LYS C 311 -28.96 -52.53 -4.33
C LYS C 311 -28.90 -53.96 -3.82
N LEU C 312 -30.05 -54.60 -3.65
CA LEU C 312 -30.08 -55.93 -3.07
C LEU C 312 -31.32 -56.65 -3.56
N GLU C 313 -31.23 -57.98 -3.60
CA GLU C 313 -32.36 -58.78 -4.04
C GLU C 313 -32.21 -60.21 -3.53
N PHE C 314 -33.32 -60.78 -3.05
CA PHE C 314 -33.32 -62.07 -2.40
C PHE C 314 -33.39 -63.19 -3.44
N LEU C 315 -33.56 -64.42 -2.96
CA LEU C 315 -33.80 -65.59 -3.80
C LEU C 315 -34.80 -66.48 -3.09
N GLN C 316 -34.91 -67.73 -3.55
CA GLN C 316 -35.79 -68.71 -2.93
C GLN C 316 -35.05 -70.04 -2.81
N MET C 317 -35.60 -70.92 -1.97
CA MET C 317 -34.98 -72.22 -1.71
C MET C 317 -35.66 -73.31 -2.53
N ASN C 318 -35.45 -73.24 -3.84
CA ASN C 318 -35.87 -74.31 -4.75
C ASN C 318 -34.90 -74.31 -5.93
N GLN C 319 -33.92 -75.20 -5.89
CA GLN C 319 -32.88 -75.22 -6.90
C GLN C 319 -32.05 -76.50 -6.74
N ALA C 320 -31.74 -77.13 -7.87
CA ALA C 320 -30.86 -78.29 -7.89
C ALA C 320 -29.48 -77.97 -8.46
N ASN C 321 -29.35 -76.87 -9.21
CA ASN C 321 -28.05 -76.48 -9.72
C ASN C 321 -27.05 -76.30 -8.58
N ILE C 322 -27.53 -75.84 -7.42
CA ILE C 322 -26.69 -75.79 -6.24
C ILE C 322 -25.96 -77.11 -6.08
N ILE C 323 -24.70 -77.05 -5.68
CA ILE C 323 -23.88 -78.24 -5.56
C ILE C 323 -24.33 -79.01 -4.32
N SER C 324 -25.17 -80.04 -4.55
CA SER C 324 -25.73 -80.83 -3.46
C SER C 324 -24.71 -81.88 -3.03
N GLY C 325 -23.68 -81.41 -2.36
CA GLY C 325 -22.64 -82.30 -1.86
C GLY C 325 -21.46 -82.44 -2.79
N ARG C 326 -21.50 -83.47 -3.64
CA ARG C 326 -20.35 -83.94 -4.40
C ARG C 326 -19.50 -82.79 -4.94
N ASN C 327 -18.20 -82.85 -4.67
CA ASN C 327 -17.18 -82.10 -5.39
C ASN C 327 -17.46 -80.60 -5.34
N ALA C 328 -17.36 -80.04 -4.14
CA ALA C 328 -17.36 -78.58 -3.95
C ALA C 328 -15.92 -78.08 -3.91
N THR C 329 -15.28 -78.15 -5.08
CA THR C 329 -13.87 -77.81 -5.21
C THR C 329 -13.71 -76.29 -5.19
N VAL C 330 -13.35 -75.76 -4.03
CA VAL C 330 -13.12 -74.32 -3.90
C VAL C 330 -11.72 -74.01 -4.41
N ASN C 331 -11.64 -73.06 -5.35
CA ASN C 331 -10.36 -72.64 -5.92
C ASN C 331 -9.82 -71.48 -5.09
N ILE C 332 -9.09 -71.81 -4.04
CA ILE C 332 -8.46 -70.78 -3.21
C ILE C 332 -7.17 -70.34 -3.90
N LYS C 333 -7.27 -69.37 -4.81
CA LYS C 333 -6.12 -68.98 -5.63
C LYS C 333 -5.36 -67.85 -4.94
N TYR C 334 -4.74 -68.20 -3.82
CA TYR C 334 -3.93 -67.24 -3.09
C TYR C 334 -2.80 -66.75 -3.99
N PHE C 335 -2.71 -65.44 -4.17
CA PHE C 335 -1.72 -64.83 -5.06
C PHE C 335 -0.79 -63.88 -4.30
N GLY C 336 -0.70 -64.00 -2.98
CA GLY C 336 0.16 -63.16 -2.19
C GLY C 336 1.58 -63.67 -2.14
N LYS C 337 2.38 -63.03 -1.28
CA LYS C 337 3.78 -63.34 -1.11
C LYS C 337 4.00 -64.01 0.24
N ASP C 338 5.26 -64.30 0.55
CA ASP C 338 5.71 -64.98 1.76
C ASP C 338 5.49 -66.49 1.67
N VAL C 339 5.03 -67.01 0.53
CA VAL C 339 4.66 -68.41 0.37
C VAL C 339 4.04 -68.93 1.66
N PRO C 340 3.00 -68.28 2.18
CA PRO C 340 2.44 -68.73 3.46
C PRO C 340 1.90 -70.15 3.35
N THR C 341 2.04 -70.89 4.45
CA THR C 341 1.62 -72.28 4.49
C THR C 341 0.12 -72.43 4.76
N LYS C 342 -0.68 -71.40 4.53
CA LYS C 342 -2.10 -71.48 4.76
C LYS C 342 -2.67 -72.67 4.00
N SER C 343 -3.12 -73.68 4.73
CA SER C 343 -3.58 -74.92 4.13
C SER C 343 -5.03 -74.82 3.69
N GLY C 344 -5.42 -75.68 2.76
CA GLY C 344 -6.81 -75.77 2.38
C GLY C 344 -7.70 -76.10 3.56
N ASP C 345 -7.24 -77.00 4.44
CA ASP C 345 -7.96 -77.28 5.67
C ASP C 345 -8.01 -76.04 6.56
N GLN C 346 -6.89 -75.31 6.66
CA GLN C 346 -6.88 -74.10 7.47
C GLN C 346 -7.88 -73.08 6.95
N TYR C 347 -7.87 -72.86 5.63
CA TYR C 347 -8.84 -71.93 5.04
C TYR C 347 -10.27 -72.40 5.28
N SER C 348 -10.52 -73.70 5.12
CA SER C 348 -11.84 -74.25 5.43
C SER C 348 -12.26 -73.89 6.84
N LYS C 349 -11.39 -74.16 7.82
CA LYS C 349 -11.66 -73.77 9.19
C LYS C 349 -11.96 -72.28 9.27
N LEU C 350 -11.26 -71.48 8.47
CA LEU C 350 -11.47 -70.04 8.43
C LEU C 350 -12.56 -69.61 7.46
N LEU C 351 -13.04 -70.51 6.60
CA LEU C 351 -13.97 -70.15 5.55
C LEU C 351 -15.31 -70.87 5.64
N GLY C 352 -15.50 -71.75 6.63
CA GLY C 352 -16.77 -72.44 6.77
C GLY C 352 -17.94 -71.49 6.88
N GLY C 353 -19.15 -72.00 6.65
CA GLY C 353 -20.33 -71.17 6.72
C GLY C 353 -20.31 -70.03 5.73
N SER C 354 -19.97 -70.34 4.48
CA SER C 354 -19.78 -69.34 3.44
C SER C 354 -20.63 -69.67 2.22
N LEU C 355 -21.20 -68.63 1.62
CA LEU C 355 -21.98 -68.75 0.38
C LEU C 355 -21.11 -68.20 -0.74
N LEU C 356 -20.32 -69.08 -1.36
CA LEU C 356 -19.34 -68.66 -2.33
C LEU C 356 -19.98 -68.39 -3.69
N THR C 357 -19.24 -67.68 -4.54
CA THR C 357 -19.67 -67.38 -5.90
C THR C 357 -18.43 -67.16 -6.75
N ASN C 358 -18.56 -67.45 -8.03
CA ASN C 358 -17.40 -67.40 -8.91
C ASN C 358 -16.85 -65.98 -8.99
N ASN C 359 -15.52 -65.89 -9.05
CA ASN C 359 -14.81 -64.63 -9.27
C ASN C 359 -15.17 -63.60 -8.19
N LEU C 360 -14.79 -63.92 -6.96
CA LEU C 360 -14.90 -62.96 -5.87
C LEU C 360 -13.62 -62.97 -5.05
N ILE C 361 -13.27 -61.80 -4.51
CA ILE C 361 -11.97 -61.59 -3.88
C ILE C 361 -12.17 -61.06 -2.47
N LEU C 362 -11.30 -61.49 -1.56
CA LEU C 362 -11.20 -60.94 -0.21
C LEU C 362 -9.79 -60.37 -0.07
N PRO C 363 -9.62 -59.05 -0.16
CA PRO C 363 -8.27 -58.49 -0.08
C PRO C 363 -7.64 -58.57 1.29
N THR C 364 -8.44 -58.76 2.35
CA THR C 364 -7.86 -58.91 3.68
C THR C 364 -6.92 -60.11 3.73
N GLU C 365 -7.36 -61.24 3.19
CA GLU C 365 -6.49 -62.40 2.98
C GLU C 365 -5.85 -62.40 1.59
N GLN C 366 -6.20 -61.42 0.76
CA GLN C 366 -5.65 -61.31 -0.60
C GLN C 366 -5.93 -62.58 -1.39
N ILE C 367 -7.13 -63.13 -1.23
CA ILE C 367 -7.50 -64.42 -1.79
C ILE C 367 -8.60 -64.22 -2.82
N ILE C 368 -8.38 -64.72 -4.03
CA ILE C 368 -9.37 -64.73 -5.09
C ILE C 368 -9.90 -66.14 -5.24
N ILE C 369 -11.21 -66.27 -5.40
CA ILE C 369 -11.87 -67.56 -5.46
C ILE C 369 -12.84 -67.57 -6.64
N GLU C 370 -12.73 -68.61 -7.47
CA GLU C 370 -13.69 -68.94 -8.53
C GLU C 370 -14.15 -70.36 -8.24
N ILE C 371 -15.20 -70.50 -7.43
CA ILE C 371 -15.66 -71.83 -7.02
C ILE C 371 -15.88 -72.69 -8.26
N LYS C 372 -15.35 -73.91 -8.22
CA LYS C 372 -15.41 -74.83 -9.34
C LYS C 372 -15.86 -76.20 -8.87
N LYS C 373 -16.61 -76.89 -9.73
CA LYS C 373 -17.01 -78.27 -9.50
C LYS C 373 -16.41 -79.09 -10.65
N GLY C 374 -15.17 -79.53 -10.47
CA GLY C 374 -14.46 -80.19 -11.56
C GLY C 374 -14.15 -79.19 -12.65
N GLU C 375 -14.85 -79.29 -13.77
CA GLU C 375 -14.81 -78.27 -14.81
C GLU C 375 -16.12 -77.51 -14.91
N SER C 376 -17.10 -77.82 -14.07
CA SER C 376 -18.36 -77.10 -14.00
C SER C 376 -18.27 -76.06 -12.89
N GLU C 377 -18.56 -74.80 -13.23
CA GLU C 377 -18.47 -73.71 -12.27
C GLU C 377 -19.69 -73.73 -11.35
N GLN C 378 -19.82 -72.70 -10.52
CA GLN C 378 -20.96 -72.55 -9.64
C GLN C 378 -20.94 -71.15 -9.08
N GLN C 379 -22.11 -70.66 -8.66
CA GLN C 379 -22.24 -69.34 -8.07
C GLN C 379 -22.75 -69.35 -6.64
N LEU C 380 -23.26 -70.48 -6.15
CA LEU C 380 -23.88 -70.53 -4.84
C LEU C 380 -23.52 -71.84 -4.16
N CYS C 381 -23.56 -71.82 -2.83
CA CYS C 381 -23.31 -72.99 -2.00
C CYS C 381 -23.61 -72.61 -0.56
N ASN C 382 -23.93 -73.61 0.26
CA ASN C 382 -24.21 -73.38 1.67
C ASN C 382 -23.53 -74.46 2.50
N LEU C 383 -22.93 -74.04 3.62
CA LEU C 383 -22.34 -75.01 4.54
C LEU C 383 -23.40 -75.96 5.08
N ASN C 384 -24.57 -75.42 5.43
CA ASN C 384 -25.58 -76.23 6.11
C ASN C 384 -26.08 -77.36 5.21
N GLU C 385 -26.30 -77.06 3.93
CA GLU C 385 -26.86 -78.03 3.00
C GLU C 385 -25.82 -78.96 2.39
N ILE C 386 -24.54 -78.76 2.69
CA ILE C 386 -23.47 -79.58 2.13
C ILE C 386 -22.77 -80.31 3.26
N SER C 387 -22.11 -81.41 2.90
CA SER C 387 -21.26 -82.15 3.83
C SER C 387 -19.85 -81.58 3.75
N ASN C 388 -19.27 -81.30 4.91
CA ASN C 388 -17.93 -80.69 4.95
C ASN C 388 -16.90 -81.54 4.23
N GLU C 389 -17.13 -82.86 4.14
CA GLU C 389 -16.18 -83.72 3.42
C GLU C 389 -16.16 -83.40 1.93
N SER C 390 -17.31 -83.07 1.36
CA SER C 390 -17.46 -82.94 -0.09
C SER C 390 -16.97 -81.60 -0.63
N VAL C 391 -16.23 -80.83 0.16
CA VAL C 391 -15.65 -79.57 -0.29
C VAL C 391 -14.14 -79.72 -0.30
N GLN C 392 -13.52 -79.40 -1.43
CA GLN C 392 -12.11 -79.65 -1.67
C GLN C 392 -11.38 -78.32 -1.76
N TRP C 393 -10.28 -78.19 -1.02
CA TRP C 393 -9.55 -76.94 -0.89
C TRP C 393 -8.20 -77.07 -1.58
N LYS C 394 -7.89 -76.12 -2.46
CA LYS C 394 -6.66 -76.13 -3.24
C LYS C 394 -5.85 -74.89 -2.89
N VAL C 395 -4.57 -75.09 -2.58
CA VAL C 395 -3.66 -74.01 -2.21
C VAL C 395 -2.56 -73.94 -3.26
N THR C 396 -2.42 -72.80 -3.90
CA THR C 396 -1.40 -72.59 -4.94
C THR C 396 -1.16 -71.09 -5.06
N GLN C 397 -0.29 -70.72 -5.99
CA GLN C 397 -0.09 -69.32 -6.35
C GLN C 397 -0.19 -69.20 -7.87
N MET C 398 -1.10 -68.34 -8.33
CA MET C 398 -1.28 -68.15 -9.76
C MET C 398 -0.16 -67.29 -10.34
N GLY C 399 -0.01 -67.38 -11.66
CA GLY C 399 1.02 -66.59 -12.32
C GLY C 399 0.87 -65.12 -12.02
N LYS C 400 1.98 -64.50 -11.62
CA LYS C 400 1.95 -63.10 -11.23
C LYS C 400 1.48 -62.20 -12.36
N GLU C 401 1.65 -62.62 -13.61
CA GLU C 401 1.20 -61.81 -14.73
C GLU C 401 -0.32 -61.65 -14.71
N GLU C 402 -1.05 -62.76 -14.62
CA GLU C 402 -2.50 -62.68 -14.57
C GLU C 402 -2.98 -62.00 -13.29
N VAL C 403 -2.25 -62.18 -12.19
CA VAL C 403 -2.61 -61.48 -10.95
C VAL C 403 -2.49 -59.98 -11.13
N LYS C 404 -1.40 -59.52 -11.76
CA LYS C 404 -1.23 -58.11 -12.03
C LYS C 404 -2.35 -57.60 -12.94
N ASP C 405 -2.69 -58.36 -13.97
CA ASP C 405 -3.77 -57.95 -14.86
C ASP C 405 -5.10 -57.88 -14.10
N ILE C 406 -5.36 -58.85 -13.23
CA ILE C 406 -6.61 -58.89 -12.49
C ILE C 406 -6.72 -57.69 -11.57
N ILE C 407 -5.65 -57.37 -10.85
CA ILE C 407 -5.69 -56.21 -9.96
C ILE C 407 -5.84 -54.93 -10.76
N GLU C 408 -5.14 -54.83 -11.90
CA GLU C 408 -5.24 -53.63 -12.73
C GLU C 408 -6.65 -53.45 -13.27
N ARG C 409 -7.35 -54.56 -13.54
CA ARG C 409 -8.68 -54.47 -14.12
C ARG C 409 -9.78 -54.32 -13.07
N HIS C 410 -9.56 -54.80 -11.86
CA HIS C 410 -10.59 -54.82 -10.82
C HIS C 410 -10.23 -54.00 -9.60
N LEU C 411 -9.02 -54.16 -9.06
CA LEU C 411 -8.62 -53.44 -7.88
C LEU C 411 -8.21 -52.01 -8.27
N PRO C 412 -8.91 -50.98 -7.80
CA PRO C 412 -8.48 -49.61 -8.12
C PRO C 412 -7.16 -49.29 -7.44
N LYS C 413 -6.40 -48.39 -8.08
CA LYS C 413 -5.07 -48.05 -7.57
C LYS C 413 -5.13 -47.32 -6.24
N HIS C 414 -6.27 -46.74 -5.88
CA HIS C 414 -6.39 -46.02 -4.62
C HIS C 414 -6.76 -46.90 -3.44
N TYR C 415 -7.44 -48.02 -3.68
CA TYR C 415 -7.96 -48.83 -2.59
C TYR C 415 -6.86 -49.71 -2.00
N HIS C 416 -6.76 -49.72 -0.68
CA HIS C 416 -5.86 -50.59 0.05
C HIS C 416 -6.56 -50.96 1.35
N VAL C 417 -7.22 -52.12 1.36
CA VAL C 417 -8.06 -52.51 2.50
C VAL C 417 -7.28 -52.54 3.79
N LYS C 418 -5.95 -52.66 3.71
CA LYS C 418 -5.13 -52.88 4.90
C LYS C 418 -5.41 -51.80 5.94
N GLU C 419 -6.03 -52.18 7.06
CA GLU C 419 -6.33 -51.21 8.10
C GLU C 419 -5.06 -50.69 8.75
N THR C 420 -4.08 -51.57 8.97
CA THR C 420 -2.81 -51.13 9.54
C THR C 420 -1.96 -50.39 8.50
N GLY C 421 -2.17 -50.69 7.21
CA GLY C 421 -1.45 -49.97 6.18
C GLY C 421 -1.66 -48.48 6.25
N GLU C 422 -2.91 -48.07 6.50
CA GLU C 422 -3.25 -46.67 6.73
C GLU C 422 -3.42 -46.49 8.24
N VAL C 423 -2.38 -45.95 8.88
CA VAL C 423 -2.36 -45.85 10.34
C VAL C 423 -3.43 -44.85 10.78
N SER C 424 -4.47 -45.36 11.43
CA SER C 424 -5.49 -44.53 12.04
C SER C 424 -5.43 -44.52 13.56
N ARG C 425 -4.92 -45.59 14.17
CA ARG C 425 -4.74 -45.64 15.62
C ARG C 425 -3.41 -44.99 16.02
N THR C 426 -3.26 -43.74 15.60
CA THR C 426 -2.04 -42.97 15.89
C THR C 426 -2.20 -42.24 17.24
N SER C 427 -2.32 -43.05 18.29
CA SER C 427 -2.52 -42.54 19.65
C SER C 427 -3.81 -41.73 19.73
N LYS C 428 -4.92 -42.39 19.40
CA LYS C 428 -6.24 -41.79 19.43
C LYS C 428 -7.08 -42.35 20.58
N ASP C 429 -6.45 -42.52 21.74
CA ASP C 429 -7.15 -43.09 22.89
C ASP C 429 -8.50 -42.40 23.08
N GLU C 430 -9.48 -43.18 23.56
CA GLU C 430 -10.83 -42.68 23.71
C GLU C 430 -10.89 -41.69 24.86
N ASP C 431 -10.19 -40.57 24.71
CA ASP C 431 -10.17 -39.55 25.76
C ASP C 431 -11.57 -39.03 26.02
N ASP C 432 -11.96 -38.98 27.29
CA ASP C 432 -13.24 -38.43 27.70
C ASP C 432 -12.98 -37.18 28.52
N PHE C 433 -13.52 -36.05 28.06
CA PHE C 433 -13.47 -34.79 28.80
C PHE C 433 -14.86 -34.61 29.40
N ILE C 434 -15.03 -35.16 30.60
CA ILE C 434 -16.37 -35.45 31.11
C ILE C 434 -17.18 -34.17 31.30
N THR C 435 -16.60 -33.15 31.94
CA THR C 435 -17.36 -31.94 32.21
C THR C 435 -17.84 -31.30 30.91
N VAL C 436 -16.94 -31.21 29.93
CA VAL C 436 -17.29 -30.58 28.66
C VAL C 436 -18.35 -31.39 27.92
N ASN C 437 -18.54 -32.67 28.28
CA ASN C 437 -19.63 -33.42 27.69
C ASN C 437 -20.98 -32.80 27.98
N SER C 438 -21.09 -32.01 29.06
CA SER C 438 -22.30 -31.23 29.30
C SER C 438 -22.73 -30.47 28.06
N ILE C 439 -21.80 -30.19 27.15
CA ILE C 439 -22.13 -29.60 25.86
C ILE C 439 -22.33 -30.68 24.81
N LYS C 440 -21.41 -31.64 24.73
CA LYS C 440 -21.47 -32.65 23.69
C LYS C 440 -22.82 -33.34 23.68
N LYS C 441 -23.27 -33.82 24.85
CA LYS C 441 -24.56 -34.50 24.93
C LYS C 441 -25.65 -33.67 24.30
N GLU C 442 -25.64 -32.35 24.55
CA GLU C 442 -26.63 -31.48 23.93
C GLU C 442 -26.44 -31.44 22.42
N MET C 443 -25.21 -31.17 21.98
CA MET C 443 -24.97 -30.93 20.56
C MET C 443 -25.51 -32.06 19.72
N VAL C 444 -25.12 -33.29 20.04
CA VAL C 444 -25.58 -34.43 19.26
C VAL C 444 -27.09 -34.42 19.18
N ASN C 445 -27.77 -34.25 20.32
CA ASN C 445 -29.21 -34.18 20.31
C ASN C 445 -29.68 -33.11 19.34
N TYR C 446 -29.17 -31.88 19.50
CA TYR C 446 -29.54 -30.83 18.58
C TYR C 446 -29.21 -31.23 17.14
N LEU C 447 -28.02 -31.82 16.94
CA LEU C 447 -27.67 -32.27 15.60
C LEU C 447 -28.57 -33.42 15.17
N THR C 448 -28.88 -34.33 16.10
CA THR C 448 -29.74 -35.46 15.79
C THR C 448 -31.21 -35.09 15.85
N SER C 449 -31.55 -33.89 16.27
CA SER C 449 -32.93 -33.46 16.28
C SER C 449 -33.51 -33.56 14.87
N PRO C 450 -34.76 -34.00 14.71
CA PRO C 450 -35.30 -34.15 13.36
C PRO C 450 -35.29 -32.85 12.56
N ILE C 451 -35.44 -31.71 13.23
CA ILE C 451 -35.58 -30.41 12.56
C ILE C 451 -34.52 -29.47 13.11
N ILE C 452 -33.90 -28.69 12.22
CA ILE C 452 -32.87 -27.73 12.58
C ILE C 452 -33.27 -26.37 12.01
N ALA C 453 -33.32 -25.36 12.88
CA ALA C 453 -33.88 -24.07 12.49
C ALA C 453 -33.08 -23.47 11.34
N THR C 454 -31.76 -23.53 11.44
CA THR C 454 -30.86 -23.20 10.37
C THR C 454 -29.85 -24.33 10.27
N PRO C 455 -29.29 -24.58 9.09
CA PRO C 455 -28.45 -25.78 8.92
C PRO C 455 -27.17 -25.75 9.74
N ALA C 456 -26.82 -24.61 10.34
CA ALA C 456 -25.49 -24.44 10.90
C ALA C 456 -25.54 -24.27 12.41
N ILE C 457 -24.49 -24.79 13.06
CA ILE C 457 -24.19 -24.50 14.46
C ILE C 457 -22.69 -24.25 14.55
N ILE C 458 -22.31 -23.27 15.36
CA ILE C 458 -20.91 -22.89 15.52
C ILE C 458 -20.47 -23.26 16.92
N LEU C 459 -19.37 -24.00 17.01
CA LEU C 459 -18.72 -24.28 18.29
C LEU C 459 -17.53 -23.34 18.42
N ASP C 460 -17.50 -22.57 19.50
CA ASP C 460 -16.51 -21.53 19.68
C ASP C 460 -15.65 -21.82 20.90
N GLY C 461 -14.38 -21.41 20.84
CA GLY C 461 -13.48 -21.62 21.95
C GLY C 461 -12.27 -20.70 21.84
N LYS C 462 -11.59 -20.55 22.98
CA LYS C 462 -10.43 -19.70 23.06
C LYS C 462 -9.26 -20.33 22.30
N GLN C 463 -8.33 -19.48 21.86
CA GLN C 463 -7.12 -19.95 21.22
C GLN C 463 -6.39 -20.94 22.11
N GLY C 464 -5.96 -22.06 21.52
CA GLY C 464 -5.23 -23.07 22.24
C GLY C 464 -6.09 -24.14 22.88
N ILE C 465 -7.41 -23.96 22.92
CA ILE C 465 -8.28 -25.01 23.45
C ILE C 465 -8.11 -26.29 22.64
N GLY C 466 -7.76 -26.17 21.37
CA GLY C 466 -7.64 -27.35 20.53
C GLY C 466 -8.94 -28.14 20.47
N LYS C 467 -10.07 -27.45 20.46
CA LYS C 467 -11.37 -28.10 20.43
C LYS C 467 -11.51 -29.05 19.25
N THR C 468 -10.62 -28.99 18.27
CA THR C 468 -10.76 -29.80 17.07
C THR C 468 -10.86 -31.28 17.44
N ARG C 469 -9.96 -31.76 18.31
CA ARG C 469 -10.00 -33.16 18.68
C ARG C 469 -11.23 -33.52 19.50
N LEU C 470 -11.92 -32.53 20.08
CA LEU C 470 -13.25 -32.79 20.60
C LEU C 470 -14.16 -33.31 19.50
N LEU C 471 -14.21 -32.62 18.37
CA LEU C 471 -15.07 -33.03 17.27
C LEU C 471 -14.72 -34.43 16.81
N LYS C 472 -13.43 -34.77 16.80
CA LYS C 472 -13.02 -36.11 16.40
C LYS C 472 -13.78 -37.16 17.20
N GLU C 473 -14.00 -36.90 18.48
CA GLU C 473 -14.88 -37.75 19.28
C GLU C 473 -16.29 -37.74 18.71
N LEU C 474 -16.91 -36.57 18.67
CA LEU C 474 -18.31 -36.48 18.29
C LEU C 474 -18.57 -37.14 16.95
N ILE C 475 -17.72 -36.86 15.96
CA ILE C 475 -17.96 -37.42 14.63
C ILE C 475 -18.06 -38.93 14.70
N ASN C 476 -17.17 -39.56 15.46
CA ASN C 476 -17.29 -41.00 15.67
C ASN C 476 -18.59 -41.33 16.40
N GLU C 477 -18.85 -40.63 17.50
CA GLU C 477 -20.05 -40.90 18.30
C GLU C 477 -21.29 -40.82 17.43
N VAL C 478 -21.47 -39.68 16.74
CA VAL C 478 -22.64 -39.53 15.88
C VAL C 478 -22.60 -40.58 14.78
N GLU C 479 -21.40 -40.92 14.29
CA GLU C 479 -21.29 -41.98 13.30
C GLU C 479 -21.72 -43.32 13.88
N LYS C 480 -21.40 -43.57 15.15
CA LYS C 480 -21.62 -44.90 15.72
C LYS C 480 -23.08 -45.12 16.09
N ASP C 481 -23.59 -44.35 17.06
CA ASP C 481 -24.90 -44.61 17.63
C ASP C 481 -26.03 -43.90 16.89
N HIS C 482 -25.73 -43.10 15.87
CA HIS C 482 -26.75 -42.38 15.13
C HIS C 482 -26.60 -42.49 13.63
N HIS C 483 -25.54 -43.14 13.15
CA HIS C 483 -25.41 -43.57 11.75
C HIS C 483 -25.76 -42.44 10.77
N ILE C 484 -24.98 -41.36 10.87
CA ILE C 484 -25.04 -40.27 9.91
C ILE C 484 -23.65 -40.08 9.31
N PHE C 485 -23.58 -40.06 7.99
CA PHE C 485 -22.30 -39.83 7.32
C PHE C 485 -21.74 -38.47 7.72
N VAL C 486 -20.41 -38.43 7.88
CA VAL C 486 -19.70 -37.20 8.23
C VAL C 486 -18.60 -36.99 7.20
N LYS C 487 -18.48 -35.76 6.71
CA LYS C 487 -17.44 -35.40 5.75
C LYS C 487 -16.50 -34.41 6.43
N TYR C 488 -15.42 -34.94 7.01
CA TYR C 488 -14.42 -34.10 7.65
C TYR C 488 -13.52 -33.50 6.58
N ALA C 489 -13.57 -32.18 6.44
CA ALA C 489 -12.69 -31.44 5.54
C ALA C 489 -12.09 -30.28 6.34
N ASP C 490 -10.85 -30.44 6.78
CA ASP C 490 -10.18 -29.37 7.52
C ASP C 490 -10.10 -28.13 6.64
N CYS C 491 -10.37 -26.98 7.24
CA CYS C 491 -10.36 -25.72 6.51
C CYS C 491 -8.99 -25.08 6.47
N GLU C 492 -8.19 -25.21 7.55
CA GLU C 492 -6.88 -24.59 7.58
C GLU C 492 -5.96 -25.20 6.52
N THR C 493 -6.01 -26.52 6.33
CA THR C 493 -5.11 -27.23 5.44
C THR C 493 -5.59 -27.22 4.00
N LEU C 494 -6.45 -26.28 3.62
CA LEU C 494 -7.05 -26.27 2.30
C LEU C 494 -6.84 -24.97 1.54
N HIS C 495 -6.34 -23.91 2.19
CA HIS C 495 -6.23 -22.63 1.51
C HIS C 495 -5.29 -22.69 0.31
N GLU C 496 -4.31 -23.60 0.31
CA GLU C 496 -3.42 -23.72 -0.85
C GLU C 496 -4.22 -23.76 -2.14
N THR C 497 -5.43 -24.34 -2.08
CA THR C 497 -6.41 -24.22 -3.15
C THR C 497 -7.36 -23.09 -2.76
N SER C 498 -6.90 -21.85 -2.95
CA SER C 498 -7.67 -20.66 -2.64
C SER C 498 -8.30 -20.03 -3.87
N ASN C 499 -8.12 -20.61 -5.04
CA ASN C 499 -8.68 -20.04 -6.26
C ASN C 499 -10.20 -20.06 -6.19
N LEU C 500 -10.82 -19.03 -6.75
CA LEU C 500 -12.27 -18.95 -6.78
C LEU C 500 -12.87 -20.17 -7.48
N ASP C 501 -12.37 -20.49 -8.67
CA ASP C 501 -12.91 -21.64 -9.41
C ASP C 501 -12.63 -22.95 -8.70
N LYS C 502 -11.38 -23.15 -8.27
CA LYS C 502 -11.03 -24.40 -7.61
C LYS C 502 -11.82 -24.59 -6.33
N THR C 503 -11.86 -23.57 -5.48
CA THR C 503 -12.63 -23.66 -4.24
C THR C 503 -14.11 -23.87 -4.54
N GLN C 504 -14.62 -23.19 -5.56
CA GLN C 504 -16.03 -23.33 -5.93
C GLN C 504 -16.34 -24.78 -6.28
N LYS C 505 -15.55 -25.38 -7.17
CA LYS C 505 -15.78 -26.77 -7.54
C LYS C 505 -15.60 -27.69 -6.32
N LEU C 506 -14.64 -27.37 -5.45
CA LEU C 506 -14.39 -28.20 -4.29
C LEU C 506 -15.62 -28.24 -3.37
N ILE C 507 -16.15 -27.07 -3.03
CA ILE C 507 -17.32 -27.02 -2.16
C ILE C 507 -18.55 -27.59 -2.86
N MET C 508 -18.66 -27.39 -4.18
CA MET C 508 -19.72 -28.05 -4.93
C MET C 508 -19.64 -29.56 -4.73
N GLU C 509 -18.44 -30.12 -4.88
CA GLU C 509 -18.23 -31.54 -4.63
C GLU C 509 -18.66 -31.90 -3.22
N TRP C 510 -18.18 -31.17 -2.23
CA TRP C 510 -18.56 -31.46 -0.84
C TRP C 510 -20.07 -31.57 -0.70
N CYS C 511 -20.79 -30.49 -1.05
CA CYS C 511 -22.22 -30.46 -0.78
C CYS C 511 -22.95 -31.55 -1.55
N SER C 512 -22.69 -31.66 -2.86
CA SER C 512 -23.42 -32.64 -3.66
C SER C 512 -23.10 -34.06 -3.19
N PHE C 513 -21.82 -34.38 -3.07
CA PHE C 513 -21.41 -35.67 -2.53
C PHE C 513 -22.18 -36.01 -1.26
N CYS C 514 -22.10 -35.13 -0.26
CA CYS C 514 -22.76 -35.43 1.00
C CYS C 514 -24.26 -35.60 0.81
N TYR C 515 -24.88 -34.77 -0.02
CA TYR C 515 -26.29 -34.96 -0.33
C TYR C 515 -26.54 -36.38 -0.84
N TRP C 516 -25.62 -36.90 -1.67
CA TRP C 516 -25.77 -38.27 -2.15
C TRP C 516 -25.76 -39.27 -1.01
N TYR C 517 -25.16 -38.90 0.13
CA TYR C 517 -25.06 -39.80 1.27
C TYR C 517 -26.19 -39.59 2.27
N GLY C 518 -27.37 -39.19 1.81
CA GLY C 518 -28.51 -39.03 2.67
C GLY C 518 -28.24 -38.06 3.78
N PRO C 519 -28.79 -38.30 4.98
CA PRO C 519 -28.41 -37.47 6.13
C PRO C 519 -26.90 -37.50 6.33
N SER C 520 -26.28 -36.33 6.20
CA SER C 520 -24.84 -36.22 6.29
C SER C 520 -24.48 -35.00 7.13
N LEU C 521 -23.25 -35.00 7.63
CA LEU C 521 -22.73 -33.93 8.49
C LEU C 521 -21.48 -33.34 7.85
N ILE C 522 -21.64 -32.16 7.26
CA ILE C 522 -20.49 -31.41 6.75
C ILE C 522 -19.90 -30.65 7.91
N VAL C 523 -18.63 -30.92 8.22
CA VAL C 523 -17.93 -30.28 9.32
C VAL C 523 -16.70 -29.58 8.76
N LEU C 524 -16.55 -28.30 9.07
CA LEU C 524 -15.43 -27.50 8.62
C LEU C 524 -14.69 -27.00 9.86
N ASP C 525 -13.67 -27.74 10.26
CA ASP C 525 -12.88 -27.37 11.43
C ASP C 525 -12.05 -26.13 11.11
N ASN C 526 -12.07 -25.15 12.01
CA ASN C 526 -11.33 -23.90 11.85
C ASN C 526 -11.78 -23.16 10.59
N VAL C 527 -13.06 -22.78 10.61
CA VAL C 527 -13.70 -22.16 9.46
C VAL C 527 -13.07 -20.83 9.07
N GLU C 528 -12.25 -20.24 9.95
CA GLU C 528 -11.72 -18.91 9.67
C GLU C 528 -10.85 -18.91 8.43
N ALA C 529 -10.03 -19.95 8.24
CA ALA C 529 -9.00 -19.91 7.20
C ALA C 529 -9.62 -19.75 5.82
N LEU C 530 -10.74 -20.41 5.56
CA LEU C 530 -11.37 -20.30 4.25
C LEU C 530 -12.22 -19.03 4.16
N PHE C 531 -13.22 -18.90 5.03
CA PHE C 531 -14.09 -17.73 5.03
C PHE C 531 -13.55 -16.70 6.01
N GLY C 532 -12.54 -15.96 5.55
CA GLY C 532 -11.93 -14.96 6.40
C GLY C 532 -12.83 -13.76 6.64
N LYS C 533 -12.63 -13.14 7.81
CA LYS C 533 -13.45 -12.01 8.20
C LYS C 533 -13.28 -10.85 7.21
N PRO C 534 -14.15 -9.84 7.29
CA PRO C 534 -14.02 -8.69 6.38
C PRO C 534 -12.84 -7.78 6.69
N GLN C 535 -12.07 -8.05 7.75
CA GLN C 535 -10.95 -7.20 8.13
C GLN C 535 -11.42 -5.78 8.39
N ALA C 536 -12.30 -5.66 9.39
CA ALA C 536 -13.00 -4.41 9.64
C ALA C 536 -12.03 -3.33 10.13
N ASN C 537 -12.41 -2.08 9.88
CA ASN C 537 -11.69 -0.91 10.36
C ASN C 537 -10.23 -0.95 9.91
N ASP C 538 -10.04 -0.89 8.59
CA ASP C 538 -8.72 -0.81 7.97
C ASP C 538 -8.61 0.43 7.08
N GLY C 539 -9.27 1.52 7.48
CA GLY C 539 -9.19 2.77 6.75
C GLY C 539 -10.54 3.27 6.24
N ASP C 540 -11.36 2.36 5.72
CA ASP C 540 -12.66 2.75 5.18
C ASP C 540 -13.55 1.52 5.13
N PRO C 541 -14.88 1.69 5.13
CA PRO C 541 -15.79 0.54 4.98
C PRO C 541 -16.05 0.20 3.51
N SER C 542 -15.04 -0.41 2.87
CA SER C 542 -15.13 -0.80 1.47
C SER C 542 -15.82 -2.17 1.38
N ASN C 543 -17.10 -2.17 1.76
CA ASN C 543 -17.89 -3.40 1.69
C ASN C 543 -17.96 -3.90 0.25
N ASN C 544 -18.19 -2.99 -0.70
CA ASN C 544 -18.36 -3.11 -2.14
C ASN C 544 -17.21 -3.89 -2.78
N GLY C 545 -15.97 -3.54 -2.44
CA GLY C 545 -14.82 -4.09 -3.13
C GLY C 545 -14.21 -5.28 -2.43
N GLN C 546 -13.09 -5.06 -1.75
CA GLN C 546 -12.36 -6.16 -1.12
C GLN C 546 -13.27 -6.98 -0.23
N TRP C 547 -12.95 -8.28 -0.12
CA TRP C 547 -13.64 -9.23 0.73
C TRP C 547 -15.02 -9.59 0.20
N ASP C 548 -15.49 -8.90 -0.83
CA ASP C 548 -16.81 -9.16 -1.40
C ASP C 548 -16.77 -10.24 -2.48
N ASN C 549 -15.60 -10.80 -2.76
CA ASN C 549 -15.00 -11.82 -3.60
C ASN C 549 -14.32 -12.89 -2.75
N ALA C 550 -13.53 -12.47 -1.76
CA ALA C 550 -12.89 -13.43 -0.88
C ALA C 550 -13.91 -14.21 -0.06
N SER C 551 -14.84 -13.51 0.60
CA SER C 551 -15.93 -14.15 1.32
C SER C 551 -17.06 -14.58 0.41
N LYS C 552 -17.09 -14.09 -0.83
CA LYS C 552 -18.07 -14.53 -1.81
C LYS C 552 -18.25 -16.04 -1.77
N LEU C 553 -17.15 -16.77 -1.57
CA LEU C 553 -17.22 -18.21 -1.42
C LEU C 553 -18.25 -18.59 -0.37
N LEU C 554 -18.26 -17.86 0.75
CA LEU C 554 -19.24 -18.14 1.80
C LEU C 554 -20.66 -17.96 1.29
N ASN C 555 -20.89 -16.89 0.52
CA ASN C 555 -22.23 -16.64 0.01
C ASN C 555 -22.69 -17.77 -0.89
N PHE C 556 -21.82 -18.22 -1.78
CA PHE C 556 -22.18 -19.36 -2.63
C PHE C 556 -22.44 -20.60 -1.79
N PHE C 557 -21.57 -20.85 -0.81
CA PHE C 557 -21.67 -22.04 0.02
C PHE C 557 -23.04 -22.07 0.72
N ILE C 558 -23.40 -20.97 1.37
CA ILE C 558 -24.72 -20.90 1.99
C ILE C 558 -25.79 -21.11 0.93
N ASN C 559 -25.86 -20.20 -0.05
CA ASN C 559 -26.91 -20.31 -1.05
C ASN C 559 -27.07 -21.74 -1.56
N GLN C 560 -26.00 -22.53 -1.56
CA GLN C 560 -26.12 -23.95 -1.92
C GLN C 560 -26.81 -24.74 -0.81
N VAL C 561 -26.24 -24.72 0.39
CA VAL C 561 -26.78 -25.56 1.47
C VAL C 561 -28.19 -25.14 1.82
N THR C 562 -28.52 -23.86 1.62
CA THR C 562 -29.88 -23.39 1.85
C THR C 562 -30.84 -23.93 0.81
N LYS C 563 -30.42 -23.97 -0.46
CA LYS C 563 -31.21 -24.68 -1.46
C LYS C 563 -31.49 -26.08 -1.00
N ILE C 564 -30.45 -26.78 -0.53
CA ILE C 564 -30.67 -28.15 -0.04
C ILE C 564 -31.64 -28.15 1.14
N PHE C 565 -31.45 -27.22 2.08
CA PHE C 565 -32.25 -27.19 3.30
C PHE C 565 -33.74 -27.06 2.98
N ASN C 566 -34.08 -26.05 2.18
CA ASN C 566 -35.47 -25.93 1.73
C ASN C 566 -35.88 -27.12 0.88
N LYS C 567 -34.90 -27.77 0.24
CA LYS C 567 -35.16 -29.01 -0.47
C LYS C 567 -35.43 -30.15 0.51
N ASP C 568 -34.63 -30.23 1.57
CA ASP C 568 -34.82 -31.23 2.60
C ASP C 568 -34.05 -30.79 3.84
N ASN C 569 -34.70 -30.89 4.99
CA ASN C 569 -34.11 -30.53 6.28
C ASN C 569 -33.30 -31.65 6.90
N LYS C 570 -33.26 -32.82 6.25
CA LYS C 570 -32.68 -34.02 6.85
C LYS C 570 -31.36 -34.43 6.23
N ARG C 571 -30.99 -33.91 5.06
CA ARG C 571 -29.77 -34.36 4.40
C ARG C 571 -28.54 -33.69 4.99
N ILE C 572 -28.45 -32.37 4.87
CA ILE C 572 -27.23 -31.63 5.15
C ILE C 572 -27.42 -30.79 6.41
N ARG C 573 -26.49 -30.95 7.35
CA ARG C 573 -26.38 -30.09 8.51
C ARG C 573 -24.90 -29.75 8.65
N VAL C 574 -24.59 -28.47 8.86
CA VAL C 574 -23.20 -28.04 8.97
C VAL C 574 -22.89 -27.73 10.42
N LEU C 575 -21.62 -27.91 10.79
CA LEU C 575 -21.14 -27.66 12.15
C LEU C 575 -19.81 -26.91 12.02
N PHE C 576 -19.89 -25.58 12.04
CA PHE C 576 -18.69 -24.76 11.94
C PHE C 576 -17.85 -24.90 13.22
N SER C 577 -16.65 -24.33 13.17
CA SER C 577 -15.79 -24.26 14.34
C SER C 577 -14.83 -23.09 14.16
N GLY C 578 -14.95 -22.08 15.01
CA GLY C 578 -14.13 -20.90 14.90
C GLY C 578 -13.64 -20.45 16.26
N LYS C 579 -12.59 -19.62 16.23
CA LYS C 579 -11.95 -19.20 17.46
C LYS C 579 -12.74 -18.14 18.21
N GLN C 580 -13.60 -17.38 17.53
CA GLN C 580 -14.41 -16.37 18.19
C GLN C 580 -15.66 -16.12 17.36
N LYS C 581 -16.77 -15.84 18.05
CA LYS C 581 -18.03 -15.62 17.36
C LYS C 581 -17.95 -14.42 16.43
N THR C 582 -17.42 -13.30 16.93
CA THR C 582 -17.46 -12.06 16.16
C THR C 582 -16.60 -12.16 14.91
N GLN C 583 -15.39 -12.70 15.04
CA GLN C 583 -14.50 -12.76 13.88
C GLN C 583 -15.10 -13.57 12.75
N ILE C 584 -15.98 -14.53 13.07
CA ILE C 584 -16.71 -15.23 12.02
C ILE C 584 -17.46 -14.20 11.19
N ASN C 585 -17.65 -14.51 9.92
CA ASN C 585 -18.16 -13.55 8.96
C ASN C 585 -19.62 -13.25 9.23
N PRO C 586 -20.00 -11.99 9.50
CA PRO C 586 -21.39 -11.73 9.92
C PRO C 586 -22.42 -12.08 8.87
N LEU C 587 -22.05 -12.03 7.59
CA LEU C 587 -23.00 -12.36 6.53
C LEU C 587 -23.92 -13.50 6.91
N LEU C 588 -23.36 -14.57 7.49
CA LEU C 588 -24.20 -15.71 7.86
C LEU C 588 -25.24 -15.31 8.90
N PHE C 589 -24.83 -14.55 9.92
CA PHE C 589 -25.80 -14.08 10.91
C PHE C 589 -26.88 -13.23 10.26
N ASP C 590 -26.49 -12.31 9.38
CA ASP C 590 -27.48 -11.49 8.70
C ASP C 590 -28.39 -12.33 7.83
N LYS C 591 -27.90 -13.48 7.35
CA LYS C 591 -28.75 -14.43 6.64
C LYS C 591 -29.29 -15.52 7.55
N HIS C 592 -29.04 -15.44 8.86
CA HIS C 592 -29.58 -16.39 9.83
C HIS C 592 -29.20 -17.82 9.46
N PHE C 593 -27.89 -18.07 9.45
CA PHE C 593 -27.39 -19.39 9.09
C PHE C 593 -27.19 -20.28 10.32
N VAL C 594 -26.81 -19.69 11.45
CA VAL C 594 -26.60 -20.45 12.68
C VAL C 594 -27.72 -20.10 13.65
N SER C 595 -28.47 -21.12 14.08
CA SER C 595 -29.60 -20.90 14.97
C SER C 595 -29.13 -20.52 16.36
N GLU C 596 -28.38 -21.40 17.01
CA GLU C 596 -27.74 -21.11 18.29
C GLU C 596 -26.29 -21.57 18.22
N THR C 597 -25.58 -21.45 19.34
CA THR C 597 -24.15 -21.68 19.36
C THR C 597 -23.75 -22.33 20.67
N TRP C 598 -22.48 -22.73 20.75
CA TRP C 598 -21.91 -23.34 21.93
C TRP C 598 -20.47 -22.87 22.08
N SER C 599 -20.07 -22.63 23.33
CA SER C 599 -18.74 -22.14 23.64
C SER C 599 -18.09 -23.05 24.68
N LEU C 600 -16.81 -23.33 24.49
CA LEU C 600 -16.03 -24.18 25.39
C LEU C 600 -15.20 -23.28 26.29
N ARG C 601 -15.78 -22.88 27.42
CA ARG C 601 -15.06 -22.06 28.37
C ARG C 601 -13.91 -22.86 28.97
N ALA C 602 -13.06 -22.17 29.74
CA ALA C 602 -11.92 -22.82 30.35
C ALA C 602 -12.39 -23.90 31.31
N PRO C 603 -11.64 -25.01 31.43
CA PRO C 603 -12.10 -26.11 32.29
C PRO C 603 -12.16 -25.70 33.75
N ASP C 604 -13.09 -26.33 34.47
CA ASP C 604 -13.29 -26.04 35.88
C ASP C 604 -12.45 -26.98 36.75
N LYS C 605 -12.43 -26.69 38.05
CA LYS C 605 -11.56 -27.40 38.96
C LYS C 605 -11.85 -28.90 38.96
N HIS C 606 -13.13 -29.27 38.98
CA HIS C 606 -13.47 -30.70 38.93
C HIS C 606 -13.12 -31.28 37.57
N ALA C 607 -13.43 -30.54 36.50
CA ALA C 607 -12.96 -30.91 35.18
C ALA C 607 -11.45 -31.11 35.20
N ARG C 608 -10.73 -30.21 35.86
CA ARG C 608 -9.28 -30.34 35.92
C ARG C 608 -8.86 -31.59 36.68
N ALA C 609 -9.54 -31.91 37.78
CA ALA C 609 -9.20 -33.13 38.49
C ALA C 609 -9.31 -34.33 37.56
N LYS C 610 -10.46 -34.47 36.90
CA LYS C 610 -10.65 -35.61 36.00
C LYS C 610 -9.63 -35.60 34.86
N LEU C 611 -9.41 -34.43 34.25
CA LEU C 611 -8.52 -34.35 33.10
C LEU C 611 -7.08 -34.66 33.48
N LEU C 612 -6.63 -34.15 34.62
CA LEU C 612 -5.28 -34.44 35.08
C LEU C 612 -5.13 -35.92 35.37
N GLU C 613 -6.14 -36.52 36.01
CA GLU C 613 -6.06 -37.95 36.28
C GLU C 613 -5.93 -38.72 34.97
N TYR C 614 -6.77 -38.40 33.99
CA TYR C 614 -6.73 -39.14 32.73
C TYR C 614 -5.41 -38.90 32.00
N PHE C 615 -4.92 -37.66 32.00
CA PHE C 615 -3.68 -37.35 31.29
C PHE C 615 -2.51 -38.09 31.90
N PHE C 616 -2.44 -38.12 33.23
CA PHE C 616 -1.44 -38.97 33.88
C PHE C 616 -1.62 -40.42 33.45
N SER C 617 -2.86 -40.90 33.40
CA SER C 617 -3.11 -42.28 32.99
C SER C 617 -2.56 -42.55 31.60
N LYS C 618 -2.72 -41.61 30.67
CA LYS C 618 -2.30 -41.83 29.30
C LYS C 618 -0.85 -42.27 29.23
N ASN C 619 0.03 -41.56 29.93
CA ASN C 619 1.40 -42.01 30.14
C ASN C 619 1.40 -42.81 31.44
N GLN C 620 0.71 -43.95 31.41
CA GLN C 620 0.50 -44.74 32.61
C GLN C 620 1.76 -44.93 33.42
N ILE C 621 2.93 -44.82 32.78
CA ILE C 621 4.19 -44.99 33.49
C ILE C 621 4.29 -44.07 34.71
N MET C 622 3.53 -42.97 34.72
CA MET C 622 3.63 -42.05 35.84
C MET C 622 3.11 -42.68 37.13
N LYS C 623 3.46 -42.04 38.24
CA LYS C 623 2.91 -42.37 39.54
C LYS C 623 2.96 -41.12 40.41
N LEU C 624 2.23 -41.15 41.51
CA LEU C 624 2.12 -39.99 42.38
C LEU C 624 2.21 -40.42 43.84
N ASN C 625 2.63 -39.49 44.69
CA ASN C 625 2.70 -39.75 46.12
C ASN C 625 1.30 -39.94 46.68
N ARG C 626 1.23 -40.71 47.77
CA ARG C 626 -0.07 -40.99 48.38
C ARG C 626 -0.75 -39.70 48.83
N ASP C 627 0.01 -38.80 49.46
CA ASP C 627 -0.59 -37.58 49.98
C ASP C 627 -1.17 -36.72 48.87
N LEU C 628 -0.45 -36.60 47.75
CA LEU C 628 -0.92 -35.77 46.64
C LEU C 628 -2.16 -36.40 46.03
N GLN C 629 -3.28 -35.67 46.07
CA GLN C 629 -4.55 -36.14 45.52
C GLN C 629 -4.97 -35.21 44.39
N PHE C 630 -5.55 -35.80 43.34
CA PHE C 630 -5.91 -35.03 42.15
C PHE C 630 -6.80 -33.85 42.49
N SER C 631 -7.77 -34.05 43.40
CA SER C 631 -8.62 -32.94 43.81
C SER C 631 -7.80 -31.81 44.39
N ASP C 632 -6.84 -32.13 45.25
CA ASP C 632 -5.93 -31.11 45.76
C ASP C 632 -5.13 -30.49 44.62
N LEU C 633 -4.72 -31.31 43.65
CA LEU C 633 -3.91 -30.80 42.55
C LEU C 633 -4.65 -29.74 41.75
N SER C 634 -5.93 -29.98 41.45
CA SER C 634 -6.68 -29.07 40.60
C SER C 634 -6.83 -27.68 41.22
N LEU C 635 -6.76 -27.57 42.54
CA LEU C 635 -7.02 -26.28 43.19
C LEU C 635 -6.04 -25.20 42.78
N GLU C 636 -4.86 -25.57 42.29
CA GLU C 636 -3.81 -24.62 41.95
C GLU C 636 -3.43 -24.70 40.48
N THR C 637 -4.39 -25.00 39.61
CA THR C 637 -4.18 -25.07 38.17
C THR C 637 -5.35 -24.41 37.44
N GLU C 638 -5.91 -23.36 38.04
CA GLU C 638 -7.05 -22.68 37.46
C GLU C 638 -6.66 -21.97 36.15
N GLY C 639 -7.66 -21.74 35.32
CA GLY C 639 -7.46 -20.98 34.09
C GLY C 639 -6.44 -21.58 33.15
N PHE C 640 -6.41 -22.90 33.05
CA PHE C 640 -5.51 -23.60 32.15
C PHE C 640 -6.31 -24.36 31.10
N SER C 641 -5.90 -24.23 29.84
CA SER C 641 -6.54 -24.98 28.77
C SER C 641 -6.10 -26.44 28.81
N PRO C 642 -6.92 -27.34 28.29
CA PRO C 642 -6.53 -28.76 28.32
C PRO C 642 -5.18 -29.04 27.69
N LEU C 643 -4.86 -28.34 26.58
CA LEU C 643 -3.53 -28.47 25.99
C LEU C 643 -2.46 -27.98 26.95
N ASP C 644 -2.76 -26.91 27.69
CA ASP C 644 -1.82 -26.45 28.71
C ASP C 644 -1.56 -27.53 29.74
N LEU C 645 -2.62 -28.23 30.17
CA LEU C 645 -2.43 -29.32 31.12
C LEU C 645 -1.62 -30.45 30.50
N GLU C 646 -1.87 -30.75 29.22
CA GLU C 646 -1.05 -31.72 28.51
C GLU C 646 0.43 -31.37 28.65
N ILE C 647 0.79 -30.17 28.20
CA ILE C 647 2.20 -29.78 28.20
C ILE C 647 2.74 -29.77 29.61
N PHE C 648 1.92 -29.36 30.59
CA PHE C 648 2.37 -29.32 31.97
C PHE C 648 2.68 -30.71 32.49
N THR C 649 1.81 -31.69 32.20
CA THR C 649 2.06 -33.06 32.65
C THR C 649 3.29 -33.65 31.98
N GLU C 650 3.48 -33.40 30.68
CA GLU C 650 4.70 -33.89 30.03
C GLU C 650 5.93 -33.24 30.63
N LYS C 651 5.86 -31.94 30.92
CA LYS C 651 6.98 -31.26 31.58
C LYS C 651 7.26 -31.88 32.93
N ILE C 652 6.21 -32.22 33.68
CA ILE C 652 6.38 -32.86 34.98
C ILE C 652 7.03 -34.23 34.83
N PHE C 653 6.61 -34.99 33.83
CA PHE C 653 7.23 -36.29 33.56
C PHE C 653 8.72 -36.11 33.33
N TYR C 654 9.07 -35.14 32.49
CA TYR C 654 10.48 -34.85 32.24
C TYR C 654 11.20 -34.44 33.53
N ASP C 655 10.57 -33.58 34.33
CA ASP C 655 11.18 -33.13 35.56
C ASP C 655 11.50 -34.31 36.47
N LEU C 656 10.55 -35.25 36.58
CA LEU C 656 10.83 -36.45 37.35
C LEU C 656 12.00 -37.22 36.75
N GLN C 657 12.03 -37.34 35.42
CA GLN C 657 13.14 -38.05 34.78
C GLN C 657 14.49 -37.42 35.11
N LEU C 658 14.55 -36.10 35.27
CA LEU C 658 15.82 -35.47 35.58
C LEU C 658 16.40 -36.03 36.87
N GLU C 659 15.59 -36.14 37.92
CA GLU C 659 16.02 -36.68 39.21
C GLU C 659 15.68 -38.18 39.21
N ARG C 660 16.67 -39.00 38.88
CA ARG C 660 16.47 -40.45 38.91
C ARG C 660 16.10 -40.94 40.29
N ASP C 661 16.40 -40.16 41.35
CA ASP C 661 16.05 -40.57 42.70
C ASP C 661 14.54 -40.76 42.84
N CYS C 662 13.76 -39.84 42.27
CA CYS C 662 12.32 -39.98 42.31
C CYS C 662 11.89 -41.24 41.59
N ASP C 663 11.10 -42.08 42.27
CA ASP C 663 10.67 -43.35 41.71
C ASP C 663 9.31 -43.21 41.03
N ASN C 664 9.28 -42.30 40.06
CA ASN C 664 8.11 -42.06 39.22
C ASN C 664 6.93 -41.51 40.02
N VAL C 665 7.19 -40.99 41.23
CA VAL C 665 6.14 -40.48 42.11
C VAL C 665 6.32 -38.98 42.25
N VAL C 666 5.30 -38.22 41.87
CA VAL C 666 5.36 -36.77 42.03
C VAL C 666 5.36 -36.41 43.51
N THR C 667 5.87 -35.22 43.81
CA THR C 667 5.91 -34.70 45.17
C THR C 667 5.39 -33.28 45.18
N ARG C 668 4.79 -32.88 46.31
CA ARG C 668 4.23 -31.55 46.44
C ARG C 668 5.25 -30.48 46.08
N GLU C 669 6.46 -30.59 46.64
CA GLU C 669 7.50 -29.61 46.36
C GLU C 669 7.88 -29.61 44.88
N LEU C 670 7.96 -30.79 44.27
CA LEU C 670 8.28 -30.85 42.85
C LEU C 670 7.19 -30.16 42.02
N PHE C 671 5.93 -30.40 42.36
CA PHE C 671 4.85 -29.75 41.62
C PHE C 671 4.88 -28.25 41.81
N SER C 672 5.17 -27.78 43.02
CA SER C 672 5.27 -26.33 43.24
C SER C 672 6.40 -25.72 42.42
N LYS C 673 7.56 -26.38 42.41
CA LYS C 673 8.68 -25.89 41.61
C LYS C 673 8.29 -25.84 40.14
N SER C 674 7.60 -26.88 39.65
CA SER C 674 7.16 -26.89 38.27
C SER C 674 6.21 -25.73 37.98
N LEU C 675 5.19 -25.57 38.83
CA LEU C 675 4.23 -24.49 38.64
C LEU C 675 4.95 -23.15 38.56
N SER C 676 5.93 -22.93 39.43
CA SER C 676 6.75 -21.73 39.31
C SER C 676 7.52 -21.71 38.00
N ALA C 677 7.88 -22.88 37.48
CA ALA C 677 8.73 -22.97 36.29
C ALA C 677 7.96 -22.92 34.99
N PHE C 678 6.63 -22.87 35.02
CA PHE C 678 5.82 -22.89 33.81
C PHE C 678 4.73 -21.83 33.90
N THR C 679 4.29 -21.36 32.74
CA THR C 679 3.18 -20.42 32.63
C THR C 679 2.22 -20.91 31.56
N PRO C 680 0.92 -20.68 31.75
CA PRO C 680 -0.07 -21.16 30.78
C PRO C 680 -0.15 -20.27 29.56
N SER C 681 -0.85 -20.77 28.54
CA SER C 681 -1.01 -20.01 27.30
C SER C 681 -1.75 -18.71 27.56
N ALA C 682 -2.76 -18.73 28.44
CA ALA C 682 -3.53 -17.52 28.71
C ALA C 682 -2.63 -16.41 29.24
N LEU C 683 -1.75 -16.73 30.20
CA LEU C 683 -0.88 -15.71 30.77
C LEU C 683 0.17 -15.21 29.80
N ARG C 684 0.36 -15.89 28.67
CA ARG C 684 1.34 -15.45 27.68
C ARG C 684 0.82 -14.18 27.00
N GLY C 685 1.30 -13.04 27.46
CA GLY C 685 0.89 -11.76 26.91
C GLY C 685 0.30 -10.83 27.95
N VAL C 686 -0.49 -11.38 28.87
CA VAL C 686 -1.16 -10.57 29.89
C VAL C 686 -0.10 -10.01 30.84
N LYS C 687 -0.49 -9.01 31.64
CA LYS C 687 0.40 -8.35 32.59
C LYS C 687 -0.07 -8.69 34.00
N LEU C 688 0.76 -9.43 34.73
CA LEU C 688 0.44 -9.78 36.11
C LEU C 688 1.69 -10.32 36.79
N THR C 689 2.00 -9.78 37.97
CA THR C 689 3.16 -10.22 38.75
C THR C 689 2.68 -10.47 40.18
N LYS C 690 2.33 -11.73 40.47
CA LYS C 690 1.78 -12.08 41.77
C LYS C 690 2.83 -12.13 42.87
N GLU C 691 4.11 -12.06 42.55
CA GLU C 691 5.16 -12.15 43.55
C GLU C 691 5.18 -10.84 44.34
N THR C 692 4.59 -10.87 45.53
CA THR C 692 4.62 -9.73 46.45
C THR C 692 5.61 -9.93 47.59
N ASN C 693 6.35 -11.03 47.59
CA ASN C 693 7.37 -11.34 48.59
C ASN C 693 6.85 -11.16 50.02
N ILE C 694 5.53 -11.24 50.21
CA ILE C 694 4.92 -11.07 51.52
C ILE C 694 3.69 -11.97 51.59
N LYS C 695 3.49 -12.59 52.75
CA LYS C 695 2.32 -13.44 52.98
C LYS C 695 1.56 -12.96 54.19
N TRP C 696 0.54 -13.74 54.61
CA TRP C 696 -0.33 -13.29 55.69
C TRP C 696 0.44 -13.06 56.98
N GLY C 697 1.35 -13.97 57.32
CA GLY C 697 2.07 -13.85 58.58
C GLY C 697 2.86 -12.56 58.67
N ASP C 698 3.43 -12.12 57.55
CA ASP C 698 4.28 -10.94 57.56
C ASP C 698 3.51 -9.66 57.90
N ILE C 699 2.19 -9.67 57.77
CA ILE C 699 1.36 -8.50 58.05
C ILE C 699 0.40 -8.87 59.18
N GLY C 700 0.79 -8.53 60.40
CA GLY C 700 -0.06 -8.73 61.56
C GLY C 700 -0.94 -7.52 61.82
N ALA C 701 -1.54 -7.51 63.01
CA ALA C 701 -2.41 -6.42 63.42
C ALA C 701 -3.50 -6.18 62.38
N LEU C 702 -4.16 -5.04 62.44
CA LEU C 702 -5.19 -4.67 61.47
C LEU C 702 -6.32 -5.70 61.44
N ALA C 703 -6.48 -6.46 62.53
CA ALA C 703 -7.52 -7.48 62.55
C ALA C 703 -8.90 -6.88 62.38
N ASN C 704 -9.16 -5.74 63.04
CA ASN C 704 -10.45 -5.09 62.89
C ASN C 704 -10.68 -4.64 61.46
N ALA C 705 -9.63 -4.17 60.78
CA ALA C 705 -9.75 -3.84 59.37
C ALA C 705 -9.69 -5.09 58.50
N LYS C 706 -8.83 -6.05 58.85
CA LYS C 706 -8.60 -7.19 57.98
C LYS C 706 -9.83 -8.09 57.89
N ASP C 707 -10.53 -8.28 59.01
CA ASP C 707 -11.54 -9.34 59.07
C ASP C 707 -12.69 -9.09 58.11
N VAL C 708 -13.17 -7.85 58.02
CA VAL C 708 -14.34 -7.58 57.20
C VAL C 708 -14.02 -7.86 55.73
N LEU C 709 -12.90 -7.33 55.24
CA LEU C 709 -12.55 -7.54 53.84
C LEU C 709 -12.21 -9.00 53.57
N LEU C 710 -11.55 -9.68 54.52
CA LEU C 710 -11.28 -11.11 54.33
C LEU C 710 -12.58 -11.89 54.23
N GLU C 711 -13.55 -11.59 55.10
CA GLU C 711 -14.86 -12.20 54.99
C GLU C 711 -15.43 -11.97 53.61
N THR C 712 -15.47 -10.71 53.17
CA THR C 712 -16.13 -10.39 51.90
C THR C 712 -15.47 -11.11 50.73
N LEU C 713 -14.13 -11.15 50.71
CA LEU C 713 -13.41 -11.69 49.55
C LEU C 713 -13.06 -13.16 49.68
N GLU C 714 -13.41 -13.81 50.79
CA GLU C 714 -13.10 -15.23 50.94
C GLU C 714 -14.31 -16.10 51.20
N TRP C 715 -15.32 -15.63 51.93
CA TRP C 715 -16.49 -16.45 52.17
C TRP C 715 -17.08 -17.01 50.89
N PRO C 716 -17.24 -16.23 49.82
CA PRO C 716 -17.60 -16.86 48.54
C PRO C 716 -16.60 -17.90 48.08
N THR C 717 -15.31 -17.66 48.31
CA THR C 717 -14.28 -18.57 47.82
C THR C 717 -14.47 -19.99 48.35
N LYS C 718 -15.14 -20.14 49.48
CA LYS C 718 -15.39 -21.45 50.08
C LYS C 718 -16.85 -21.83 50.13
N TYR C 719 -17.77 -20.89 49.88
CA TYR C 719 -19.20 -21.15 49.95
C TYR C 719 -19.92 -20.76 48.67
N GLU C 720 -19.23 -20.80 47.54
CA GLU C 720 -19.90 -20.51 46.26
C GLU C 720 -21.15 -21.36 46.02
N PRO C 721 -21.20 -22.64 46.38
CA PRO C 721 -22.41 -23.41 46.02
C PRO C 721 -23.70 -22.82 46.58
N ILE C 722 -23.68 -22.34 47.83
CA ILE C 722 -24.90 -21.74 48.37
C ILE C 722 -25.15 -20.37 47.73
N PHE C 723 -24.09 -19.61 47.46
CA PHE C 723 -24.25 -18.36 46.73
C PHE C 723 -24.83 -18.56 45.35
N VAL C 724 -24.73 -19.78 44.79
CA VAL C 724 -25.28 -20.02 43.46
C VAL C 724 -26.78 -19.71 43.43
N ASN C 725 -27.47 -19.96 44.54
CA ASN C 725 -28.89 -19.64 44.64
C ASN C 725 -29.13 -18.28 45.30
N CYS C 726 -28.08 -17.55 45.63
CA CYS C 726 -28.25 -16.21 46.18
C CYS C 726 -28.90 -15.33 45.12
N PRO C 727 -30.06 -14.71 45.39
CA PRO C 727 -30.75 -13.96 44.34
C PRO C 727 -30.31 -12.51 44.21
N LEU C 728 -29.49 -12.01 45.13
CA LEU C 728 -29.07 -10.62 45.15
C LEU C 728 -27.60 -10.53 44.79
N ARG C 729 -27.26 -9.58 43.90
CA ARG C 729 -25.87 -9.36 43.55
C ARG C 729 -25.06 -9.02 44.79
N LEU C 730 -23.97 -9.75 44.99
CA LEU C 730 -23.17 -9.61 46.21
C LEU C 730 -22.30 -8.37 46.14
N ARG C 731 -22.18 -7.69 47.29
CA ARG C 731 -21.30 -6.54 47.42
C ARG C 731 -19.92 -6.86 46.86
N SER C 732 -19.54 -6.18 45.77
CA SER C 732 -18.32 -6.50 45.04
C SER C 732 -17.19 -5.52 45.33
N GLY C 733 -17.47 -4.22 45.31
CA GLY C 733 -16.44 -3.20 45.45
C GLY C 733 -16.36 -2.69 46.88
N ILE C 734 -15.13 -2.46 47.34
CA ILE C 734 -14.87 -1.89 48.65
C ILE C 734 -13.71 -0.90 48.51
N LEU C 735 -13.82 0.23 49.20
CA LEU C 735 -12.76 1.22 49.21
C LEU C 735 -11.88 1.04 50.45
N LEU C 736 -10.68 1.59 50.39
CA LEU C 736 -9.77 1.59 51.53
C LEU C 736 -9.35 3.03 51.82
N TYR C 737 -9.14 3.33 53.10
CA TYR C 737 -8.71 4.67 53.48
C TYR C 737 -8.15 4.68 54.90
N GLY C 738 -6.99 5.30 55.07
CA GLY C 738 -6.39 5.34 56.38
C GLY C 738 -5.10 6.15 56.37
N TYR C 739 -4.32 5.97 57.43
CA TYR C 739 -3.13 6.77 57.63
C TYR C 739 -2.11 6.48 56.53
N PRO C 740 -1.26 7.45 56.20
CA PRO C 740 -0.23 7.21 55.18
C PRO C 740 0.72 6.10 55.62
N GLY C 741 1.14 5.30 54.64
CA GLY C 741 2.05 4.20 54.94
C GLY C 741 1.53 3.24 55.99
N CYS C 742 0.21 3.10 56.09
CA CYS C 742 -0.41 2.19 57.04
C CYS C 742 -0.53 0.77 56.52
N GLY C 743 0.25 0.42 55.50
CA GLY C 743 0.21 -0.91 54.94
C GLY C 743 -0.92 -1.16 53.97
N LYS C 744 -1.73 -0.14 53.65
CA LYS C 744 -2.78 -0.32 52.67
C LYS C 744 -2.25 -0.91 51.38
N THR C 745 -1.10 -0.40 50.92
CA THR C 745 -0.47 -0.97 49.74
C THR C 745 -0.08 -2.42 49.98
N LEU C 746 0.49 -2.72 51.14
CA LEU C 746 0.88 -4.09 51.45
C LEU C 746 -0.33 -5.00 51.54
N LEU C 747 -1.43 -4.52 52.14
CA LEU C 747 -2.63 -5.34 52.22
C LEU C 747 -3.19 -5.61 50.82
N ALA C 748 -3.21 -4.59 49.97
CA ALA C 748 -3.70 -4.79 48.61
C ALA C 748 -2.82 -5.79 47.85
N SER C 749 -1.50 -5.70 48.04
CA SER C 749 -0.60 -6.66 47.41
C SER C 749 -0.85 -8.06 47.93
N ALA C 750 -1.07 -8.20 49.24
CA ALA C 750 -1.16 -9.53 49.85
C ALA C 750 -2.47 -10.22 49.48
N VAL C 751 -3.56 -9.47 49.42
CA VAL C 751 -4.85 -10.09 49.12
C VAL C 751 -4.83 -10.82 47.78
N ALA C 752 -3.86 -10.49 46.92
CA ALA C 752 -3.75 -11.21 45.64
C ALA C 752 -3.45 -12.68 45.87
N GLN C 753 -2.55 -12.99 46.80
CA GLN C 753 -2.19 -14.38 47.09
C GLN C 753 -3.04 -14.98 48.20
N GLN C 754 -3.49 -14.16 49.16
CA GLN C 754 -4.26 -14.71 50.28
C GLN C 754 -5.47 -15.47 49.79
N CYS C 755 -6.23 -14.87 48.87
CA CYS C 755 -7.36 -15.55 48.25
C CYS C 755 -6.94 -16.26 46.97
N GLY C 756 -6.32 -15.52 46.05
CA GLY C 756 -5.85 -16.09 44.80
C GLY C 756 -6.79 -15.78 43.65
N LEU C 757 -6.47 -14.76 42.87
CA LEU C 757 -7.32 -14.32 41.77
C LEU C 757 -6.47 -13.51 40.80
N ASN C 758 -7.10 -12.93 39.79
CA ASN C 758 -6.42 -12.05 38.85
C ASN C 758 -6.43 -10.64 39.43
N PHE C 759 -5.28 -10.17 39.90
CA PHE C 759 -5.19 -8.89 40.59
C PHE C 759 -4.80 -7.82 39.58
N ILE C 760 -5.80 -7.13 39.04
CA ILE C 760 -5.57 -6.01 38.14
C ILE C 760 -5.18 -4.81 38.99
N SER C 761 -4.03 -4.21 38.68
CA SER C 761 -3.46 -3.12 39.45
C SER C 761 -3.31 -1.89 38.56
N VAL C 762 -3.64 -0.73 39.11
CA VAL C 762 -3.49 0.54 38.40
C VAL C 762 -3.30 1.64 39.43
N LYS C 763 -2.55 2.67 39.05
CA LYS C 763 -2.29 3.79 39.93
C LYS C 763 -3.31 4.89 39.68
N GLY C 764 -3.15 6.01 40.37
CA GLY C 764 -4.01 7.16 40.18
C GLY C 764 -3.68 7.93 38.92
N PRO C 765 -2.49 8.52 38.89
CA PRO C 765 -2.13 9.35 37.72
C PRO C 765 -2.05 8.57 36.41
N GLU C 766 -1.66 7.29 36.46
CA GLU C 766 -1.36 6.57 35.23
C GLU C 766 -2.54 6.60 34.26
N ILE C 767 -3.76 6.47 34.77
CA ILE C 767 -4.93 6.53 33.91
C ILE C 767 -5.02 7.90 33.23
N LEU C 768 -4.83 8.96 34.00
CA LEU C 768 -4.94 10.31 33.45
C LEU C 768 -3.82 10.57 32.45
N ASN C 769 -4.19 11.07 31.27
CA ASN C 769 -3.23 11.49 30.26
C ASN C 769 -3.72 12.79 29.64
N LYS C 770 -2.76 13.64 29.24
CA LYS C 770 -3.13 14.97 28.78
C LYS C 770 -3.94 14.95 27.50
N PHE C 771 -3.94 13.83 26.77
CA PHE C 771 -4.85 13.68 25.65
C PHE C 771 -6.26 13.42 26.18
N ILE C 772 -7.21 14.29 25.85
CA ILE C 772 -8.58 14.10 26.30
C ILE C 772 -9.06 12.74 25.77
N GLY C 773 -10.09 12.21 26.40
CA GLY C 773 -10.59 10.88 26.06
C GLY C 773 -9.72 9.76 26.59
N ALA C 774 -8.39 9.93 26.51
CA ALA C 774 -7.48 8.84 26.89
C ALA C 774 -7.63 8.47 28.36
N SER C 775 -7.90 9.44 29.23
CA SER C 775 -8.01 9.13 30.66
C SER C 775 -9.17 8.18 30.92
N GLU C 776 -10.37 8.51 30.43
CA GLU C 776 -11.50 7.60 30.56
C GLU C 776 -11.31 6.36 29.71
N GLN C 777 -10.64 6.49 28.56
CA GLN C 777 -10.45 5.36 27.67
C GLN C 777 -9.61 4.27 28.34
N ASN C 778 -8.56 4.66 29.06
CA ASN C 778 -7.70 3.68 29.71
C ASN C 778 -8.46 2.90 30.78
N ILE C 779 -9.24 3.58 31.61
CA ILE C 779 -10.03 2.88 32.62
C ILE C 779 -11.05 1.99 31.96
N ARG C 780 -11.68 2.45 30.87
CA ARG C 780 -12.66 1.63 30.17
C ARG C 780 -12.02 0.35 29.65
N GLU C 781 -10.83 0.45 29.04
CA GLU C 781 -10.18 -0.75 28.52
C GLU C 781 -9.63 -1.62 29.63
N LEU C 782 -9.28 -1.03 30.78
CA LEU C 782 -8.93 -1.85 31.93
C LEU C 782 -10.13 -2.69 32.38
N PHE C 783 -11.32 -2.09 32.38
CA PHE C 783 -12.52 -2.87 32.71
C PHE C 783 -12.81 -3.90 31.63
N GLU C 784 -12.52 -3.59 30.37
CA GLU C 784 -12.63 -4.62 29.34
C GLU C 784 -11.72 -5.80 29.63
N ARG C 785 -10.46 -5.52 29.98
CA ARG C 785 -9.55 -6.59 30.40
C ARG C 785 -10.14 -7.37 31.57
N ALA C 786 -10.71 -6.67 32.53
CA ALA C 786 -11.31 -7.33 33.69
C ALA C 786 -12.40 -8.30 33.25
N GLN C 787 -13.33 -7.83 32.42
CA GLN C 787 -14.35 -8.72 31.87
C GLN C 787 -13.75 -9.85 31.06
N SER C 788 -12.53 -9.68 30.55
CA SER C 788 -11.90 -10.70 29.72
C SER C 788 -11.58 -11.97 30.51
N VAL C 789 -11.23 -11.85 31.78
CA VAL C 789 -10.66 -12.97 32.53
C VAL C 789 -11.58 -13.37 33.69
N LYS C 790 -11.14 -14.40 34.43
CA LYS C 790 -11.87 -14.97 35.56
C LYS C 790 -11.97 -13.92 36.66
N PRO C 791 -12.67 -14.18 37.80
CA PRO C 791 -12.92 -13.09 38.74
C PRO C 791 -11.64 -12.41 39.20
N CYS C 792 -11.69 -11.09 39.35
CA CYS C 792 -10.47 -10.29 39.49
C CYS C 792 -10.66 -9.24 40.58
N ILE C 793 -9.52 -8.79 41.10
CA ILE C 793 -9.45 -7.75 42.10
C ILE C 793 -8.92 -6.50 41.42
N LEU C 794 -9.77 -5.47 41.31
CA LEU C 794 -9.37 -4.20 40.72
C LEU C 794 -8.85 -3.29 41.81
N PHE C 795 -7.60 -2.85 41.69
CA PHE C 795 -6.98 -1.97 42.66
C PHE C 795 -6.57 -0.68 41.98
N PHE C 796 -6.96 0.45 42.57
CA PHE C 796 -6.54 1.77 42.12
C PHE C 796 -5.83 2.46 43.27
N ASP C 797 -4.66 3.04 42.98
CA ASP C 797 -3.94 3.84 43.96
C ASP C 797 -4.35 5.31 43.83
N GLU C 798 -4.25 6.02 44.95
CA GLU C 798 -4.60 7.44 44.99
C GLU C 798 -5.97 7.66 44.36
N PHE C 799 -6.97 7.02 44.96
CA PHE C 799 -8.35 7.08 44.46
C PHE C 799 -8.90 8.50 44.47
N ASP C 800 -8.27 9.41 45.22
CA ASP C 800 -8.74 10.79 45.25
C ASP C 800 -8.56 11.48 43.91
N SER C 801 -7.34 11.40 43.35
CA SER C 801 -7.07 12.10 42.09
C SER C 801 -7.93 11.56 40.96
N ILE C 802 -8.06 10.23 40.88
CA ILE C 802 -8.86 9.64 39.81
C ILE C 802 -10.35 9.77 40.10
N ALA C 803 -10.73 9.98 41.36
CA ALA C 803 -12.13 10.23 41.73
C ALA C 803 -12.20 11.38 42.73
N PRO C 804 -11.92 12.60 42.29
CA PRO C 804 -12.07 13.76 43.17
C PRO C 804 -13.50 14.27 43.13
N LYS C 805 -13.73 15.37 43.84
CA LYS C 805 -15.03 16.04 43.77
C LYS C 805 -15.26 16.57 42.36
N ARG C 806 -16.50 16.42 41.89
CA ARG C 806 -16.83 16.80 40.53
C ARG C 806 -17.00 18.31 40.41
N GLY C 807 -17.29 18.76 39.20
CA GLY C 807 -17.66 20.14 38.96
C GLY C 807 -16.47 21.08 38.73
N HIS C 808 -15.70 21.33 39.79
CA HIS C 808 -14.70 22.39 39.75
C HIS C 808 -13.57 22.12 38.77
N ASP C 809 -13.41 20.90 38.28
CA ASP C 809 -12.36 20.62 37.32
C ASP C 809 -12.53 21.50 36.08
N SER C 810 -11.58 22.42 35.87
CA SER C 810 -11.69 23.34 34.76
C SER C 810 -11.76 22.60 33.43
N THR C 811 -10.81 21.69 33.19
CA THR C 811 -10.81 20.91 31.95
C THR C 811 -11.90 19.85 31.95
N GLY C 812 -12.35 19.41 33.13
CA GLY C 812 -13.33 18.35 33.22
C GLY C 812 -12.78 16.96 33.03
N VAL C 813 -11.46 16.83 32.85
CA VAL C 813 -10.87 15.49 32.68
C VAL C 813 -11.11 14.65 33.92
N THR C 814 -10.88 15.23 35.10
CA THR C 814 -11.21 14.52 36.33
C THR C 814 -12.72 14.30 36.42
N ASP C 815 -13.52 15.29 36.03
CA ASP C 815 -14.97 15.12 36.00
C ASP C 815 -15.37 13.96 35.11
N ARG C 816 -14.87 13.92 33.87
CA ARG C 816 -15.35 12.88 32.96
C ARG C 816 -14.80 11.51 33.35
N VAL C 817 -13.60 11.45 33.93
CA VAL C 817 -13.09 10.18 34.44
C VAL C 817 -13.97 9.68 35.58
N VAL C 818 -14.31 10.57 36.51
CA VAL C 818 -15.22 10.22 37.60
C VAL C 818 -16.52 9.70 37.03
N ASN C 819 -17.06 10.39 36.02
CA ASN C 819 -18.33 9.99 35.43
C ASN C 819 -18.23 8.62 34.77
N GLN C 820 -17.15 8.37 34.04
CA GLN C 820 -17.00 7.09 33.35
C GLN C 820 -16.91 5.96 34.36
N LEU C 821 -16.13 6.15 35.42
CA LEU C 821 -16.07 5.15 36.47
C LEU C 821 -17.44 4.95 37.10
N LEU C 822 -18.12 6.04 37.44
CA LEU C 822 -19.44 5.93 38.07
C LEU C 822 -20.40 5.12 37.21
N THR C 823 -20.43 5.41 35.92
CA THR C 823 -21.36 4.75 35.01
C THR C 823 -20.95 3.34 34.63
N GLN C 824 -19.68 2.99 34.79
CA GLN C 824 -19.19 1.70 34.30
C GLN C 824 -19.88 0.54 35.03
N MET C 825 -19.94 0.60 36.36
CA MET C 825 -20.70 -0.42 37.09
C MET C 825 -22.20 -0.28 36.93
N ASP C 826 -22.69 0.93 36.67
CA ASP C 826 -24.12 1.15 36.42
C ASP C 826 -24.60 0.54 35.11
N GLY C 827 -23.68 0.08 34.26
CA GLY C 827 -24.08 -0.46 32.98
C GLY C 827 -24.59 -1.89 33.05
N ALA C 828 -25.19 -2.26 34.18
CA ALA C 828 -25.79 -3.58 34.34
C ALA C 828 -24.76 -4.69 34.17
N GLU C 829 -24.15 -4.79 32.99
CA GLU C 829 -23.06 -5.72 32.76
C GLU C 829 -21.73 -5.05 33.12
N GLY C 830 -20.63 -5.73 32.80
CA GLY C 830 -19.32 -5.24 33.19
C GLY C 830 -19.00 -5.45 34.64
N LEU C 831 -19.71 -6.35 35.32
CA LEU C 831 -19.52 -6.60 36.74
C LEU C 831 -19.22 -8.06 37.06
N ASP C 832 -19.71 -8.99 36.25
CA ASP C 832 -19.53 -10.41 36.57
C ASP C 832 -18.05 -10.75 36.64
N GLY C 833 -17.67 -11.45 37.70
CA GLY C 833 -16.26 -11.78 37.90
C GLY C 833 -15.38 -10.56 38.06
N VAL C 834 -15.83 -9.58 38.84
CA VAL C 834 -15.05 -8.37 39.06
C VAL C 834 -15.29 -7.87 40.48
N TYR C 835 -14.22 -7.80 41.28
CA TYR C 835 -14.26 -7.22 42.61
C TYR C 835 -13.38 -5.98 42.60
N ILE C 836 -13.92 -4.86 43.08
CA ILE C 836 -13.31 -3.55 42.90
C ILE C 836 -12.68 -3.10 44.21
N LEU C 837 -11.44 -2.66 44.13
CA LEU C 837 -10.68 -2.19 45.29
C LEU C 837 -9.88 -0.97 44.93
N ALA C 838 -9.44 -0.25 45.96
CA ALA C 838 -8.59 0.94 45.80
C ALA C 838 -8.17 1.37 47.20
N ALA C 839 -7.41 2.46 47.26
CA ALA C 839 -6.95 2.98 48.53
C ALA C 839 -6.67 4.47 48.42
N THR C 840 -7.05 5.21 49.45
CA THR C 840 -6.77 6.64 49.54
C THR C 840 -7.04 7.16 50.95
N SER C 841 -6.06 7.85 51.52
CA SER C 841 -6.20 8.31 52.91
C SER C 841 -7.35 9.31 53.05
N ARG C 842 -7.46 10.25 52.12
CA ARG C 842 -8.46 11.31 52.20
C ARG C 842 -9.73 10.88 51.49
N PRO C 843 -10.88 10.83 52.17
CA PRO C 843 -12.14 10.53 51.47
C PRO C 843 -12.94 11.75 51.03
N ASP C 844 -12.52 12.96 51.41
CA ASP C 844 -13.32 14.14 51.10
C ASP C 844 -13.45 14.37 49.61
N LEU C 845 -12.32 14.34 48.89
CA LEU C 845 -12.34 14.62 47.46
C LEU C 845 -13.30 13.68 46.73
N ILE C 846 -13.35 12.41 47.13
CA ILE C 846 -14.31 11.48 46.52
C ILE C 846 -15.72 12.03 46.71
N ASP C 847 -16.48 12.05 45.61
CA ASP C 847 -17.85 12.53 45.67
C ASP C 847 -18.73 11.54 46.42
N SER C 848 -19.79 12.07 47.05
CA SER C 848 -20.73 11.21 47.74
C SER C 848 -21.38 10.20 46.80
N ALA C 849 -21.39 10.48 45.50
CA ALA C 849 -21.93 9.51 44.55
C ALA C 849 -21.14 8.22 44.57
N LEU C 850 -19.81 8.32 44.71
CA LEU C 850 -19.00 7.10 44.83
C LEU C 850 -19.39 6.29 46.05
N LEU C 851 -19.75 6.97 47.15
CA LEU C 851 -20.16 6.29 48.36
C LEU C 851 -21.46 5.51 48.19
N ARG C 852 -22.20 5.75 47.10
CA ARG C 852 -23.45 5.07 46.81
C ARG C 852 -23.32 3.59 47.10
N PRO C 853 -24.28 2.97 47.77
CA PRO C 853 -24.19 1.52 47.99
C PRO C 853 -24.23 0.76 46.67
N GLY C 854 -23.62 -0.41 46.67
CA GLY C 854 -23.48 -1.20 45.46
C GLY C 854 -22.19 -0.86 44.74
N ARG C 855 -22.07 0.38 44.27
CA ARG C 855 -20.81 0.83 43.69
C ARG C 855 -19.69 0.75 44.72
N LEU C 856 -19.86 1.44 45.85
CA LEU C 856 -18.97 1.29 46.99
C LEU C 856 -19.81 1.52 48.24
N ASP C 857 -20.34 0.43 48.80
CA ASP C 857 -21.14 0.49 50.00
C ASP C 857 -20.26 0.39 51.25
N LYS C 858 -19.54 -0.72 51.39
CA LYS C 858 -18.67 -0.94 52.52
C LYS C 858 -17.26 -0.42 52.22
N SER C 859 -16.53 -0.12 53.28
CA SER C 859 -15.19 0.43 53.17
C SER C 859 -14.31 -0.17 54.27
N VAL C 860 -13.02 0.11 54.17
CA VAL C 860 -12.03 -0.43 55.10
C VAL C 860 -11.20 0.74 55.63
N ILE C 861 -11.06 0.80 56.95
CA ILE C 861 -10.28 1.83 57.62
C ILE C 861 -9.22 1.12 58.46
N CYS C 862 -7.95 1.46 58.22
CA CYS C 862 -6.83 0.93 59.00
C CYS C 862 -6.53 1.94 60.09
N ASN C 863 -7.10 1.72 61.27
CA ASN C 863 -7.00 2.66 62.36
C ASN C 863 -5.56 2.76 62.86
N ILE C 864 -5.34 3.65 63.81
CA ILE C 864 -4.02 3.86 64.40
C ILE C 864 -3.55 2.57 65.06
N PRO C 865 -2.24 2.28 65.07
CA PRO C 865 -1.76 1.06 65.72
C PRO C 865 -1.73 1.22 67.23
N THR C 866 -2.55 0.44 67.92
CA THR C 866 -2.61 0.45 69.37
C THR C 866 -1.47 -0.39 69.94
N GLU C 867 -1.42 -0.48 71.27
CA GLU C 867 -0.38 -1.26 71.93
C GLU C 867 -0.40 -2.71 71.45
N SER C 868 -1.56 -3.34 71.51
CA SER C 868 -1.67 -4.73 71.04
C SER C 868 -1.38 -4.82 69.55
N GLU C 869 -1.89 -3.86 68.77
CA GLU C 869 -1.62 -3.88 67.34
C GLU C 869 -0.14 -3.67 67.04
N ARG C 870 0.50 -2.76 67.78
CA ARG C 870 1.94 -2.56 67.59
C ARG C 870 2.72 -3.83 67.91
N LEU C 871 2.36 -4.49 69.02
CA LEU C 871 3.03 -5.73 69.39
C LEU C 871 2.79 -6.80 68.32
N ASP C 872 1.58 -6.85 67.77
CA ASP C 872 1.29 -7.81 66.71
C ASP C 872 2.15 -7.53 65.48
N ILE C 873 2.32 -6.26 65.12
CA ILE C 873 3.15 -5.92 63.97
C ILE C 873 4.60 -6.35 64.22
N LEU C 874 5.10 -6.06 65.42
CA LEU C 874 6.46 -6.47 65.75
C LEU C 874 6.62 -7.98 65.69
N GLN C 875 5.66 -8.72 66.24
CA GLN C 875 5.72 -10.18 66.19
C GLN C 875 5.68 -10.67 64.75
N ALA C 876 4.82 -10.08 63.92
CA ALA C 876 4.71 -10.50 62.53
C ALA C 876 6.03 -10.30 61.79
N ILE C 877 6.63 -9.12 61.97
CA ILE C 877 7.90 -8.87 61.27
C ILE C 877 8.99 -9.80 61.80
N VAL C 878 9.00 -10.06 63.10
CA VAL C 878 10.01 -10.94 63.68
C VAL C 878 9.87 -12.34 63.10
N ASN C 879 8.65 -12.87 63.07
CA ASN C 879 8.43 -14.24 62.64
C ASN C 879 8.43 -14.41 61.13
N SER C 880 8.53 -13.32 60.37
CA SER C 880 8.59 -13.43 58.92
C SER C 880 9.75 -14.33 58.51
N LYS C 881 9.47 -15.27 57.62
CA LYS C 881 10.47 -16.22 57.13
C LYS C 881 10.66 -16.00 55.64
N ASP C 882 11.92 -15.89 55.21
CA ASP C 882 12.21 -15.69 53.80
C ASP C 882 11.80 -16.93 53.01
N LYS C 883 11.38 -16.70 51.76
CA LYS C 883 10.79 -17.76 50.96
C LYS C 883 11.77 -18.88 50.68
N ASP C 884 12.97 -18.53 50.20
CA ASP C 884 13.87 -19.55 49.66
C ASP C 884 14.63 -20.28 50.75
N THR C 885 15.47 -19.56 51.51
CA THR C 885 16.32 -20.23 52.48
C THR C 885 15.52 -20.74 53.67
N GLY C 886 14.45 -20.03 54.04
CA GLY C 886 13.69 -20.36 55.23
C GLY C 886 14.30 -19.87 56.52
N GLN C 887 15.40 -19.14 56.47
CA GLN C 887 16.02 -18.61 57.67
C GLN C 887 15.20 -17.44 58.22
N LYS C 888 15.46 -17.09 59.47
CA LYS C 888 14.76 -15.99 60.12
C LYS C 888 15.11 -14.68 59.42
N LYS C 889 14.09 -14.00 58.89
CA LYS C 889 14.32 -12.71 58.26
C LYS C 889 14.86 -11.70 59.26
N PHE C 890 14.32 -11.69 60.47
CA PHE C 890 14.65 -10.72 61.50
C PHE C 890 15.41 -11.44 62.61
N ALA C 891 16.74 -11.47 62.48
CA ALA C 891 17.57 -12.12 63.49
C ALA C 891 17.63 -11.25 64.73
N LEU C 892 17.21 -11.81 65.86
CA LEU C 892 17.08 -11.06 67.11
C LEU C 892 17.64 -11.88 68.26
N GLU C 893 18.14 -11.18 69.28
CA GLU C 893 18.57 -11.85 70.50
C GLU C 893 17.37 -12.43 71.24
N LYS C 894 17.56 -13.60 71.85
CA LYS C 894 16.50 -14.18 72.66
C LYS C 894 16.10 -13.26 73.80
N ASN C 895 17.01 -12.41 74.26
CA ASN C 895 16.76 -11.50 75.37
C ASN C 895 16.13 -10.19 74.95
N ALA C 896 16.06 -9.91 73.64
CA ALA C 896 15.50 -8.67 73.14
C ALA C 896 13.99 -8.84 72.96
N ASP C 897 13.22 -8.13 73.75
CA ASP C 897 11.77 -8.23 73.73
C ASP C 897 11.16 -7.03 73.02
N LEU C 898 9.99 -7.24 72.41
CA LEU C 898 9.30 -6.20 71.68
C LEU C 898 8.38 -5.36 72.57
N LYS C 899 8.15 -5.77 73.82
CA LYS C 899 7.29 -5.01 74.71
C LYS C 899 7.83 -3.61 74.96
N LEU C 900 9.13 -3.39 74.74
CA LEU C 900 9.69 -2.06 74.92
C LEU C 900 9.20 -1.09 73.84
N ILE C 901 8.73 -1.60 72.71
CA ILE C 901 8.44 -0.77 71.55
C ILE C 901 6.95 -0.50 71.44
N ALA C 902 6.12 -1.45 71.88
CA ALA C 902 4.67 -1.30 71.75
C ALA C 902 4.22 0.05 72.27
N GLU C 903 4.68 0.42 73.47
CA GLU C 903 4.34 1.73 74.01
C GLU C 903 5.13 2.85 73.32
N LYS C 904 6.40 2.61 73.03
CA LYS C 904 7.24 3.68 72.49
C LYS C 904 6.77 4.12 71.12
N THR C 905 6.39 3.18 70.26
CA THR C 905 6.04 3.46 68.87
C THR C 905 4.59 3.88 68.70
N ALA C 906 3.96 4.38 69.75
CA ALA C 906 2.61 4.91 69.61
C ALA C 906 2.59 6.01 68.54
N GLY C 907 1.64 5.90 67.62
CA GLY C 907 1.56 6.81 66.49
C GLY C 907 2.47 6.47 65.32
N PHE C 908 3.17 5.34 65.38
CA PHE C 908 4.03 4.89 64.30
C PHE C 908 3.28 3.85 63.48
N SER C 909 2.97 4.18 62.23
CA SER C 909 2.20 3.29 61.37
C SER C 909 2.92 1.96 61.19
N GLY C 910 2.23 1.01 60.56
CA GLY C 910 2.84 -0.28 60.29
C GLY C 910 4.11 -0.15 59.48
N ALA C 911 4.09 0.67 58.43
CA ALA C 911 5.32 0.93 57.68
C ALA C 911 6.37 1.59 58.56
N ASP C 912 5.94 2.42 59.52
CA ASP C 912 6.91 3.03 60.43
C ASP C 912 7.64 1.97 61.24
N LEU C 913 6.91 0.99 61.77
CA LEU C 913 7.56 -0.07 62.54
C LEU C 913 8.41 -0.96 61.65
N GLN C 914 7.96 -1.22 60.42
CA GLN C 914 8.75 -2.01 59.49
C GLN C 914 10.08 -1.32 59.21
N GLY C 915 10.04 -0.01 58.92
CA GLY C 915 11.27 0.74 58.73
C GLY C 915 12.10 0.82 59.99
N LEU C 916 11.46 0.85 61.16
CA LEU C 916 12.19 0.82 62.41
C LEU C 916 12.99 -0.46 62.56
N CYS C 917 12.36 -1.60 62.27
CA CYS C 917 13.08 -2.87 62.32
C CYS C 917 14.19 -2.90 61.28
N TYR C 918 13.93 -2.36 60.09
CA TYR C 918 14.96 -2.31 59.06
C TYR C 918 16.15 -1.47 59.51
N ASN C 919 15.89 -0.34 60.18
CA ASN C 919 16.95 0.51 60.69
C ASN C 919 17.74 -0.19 61.79
N ALA C 920 17.04 -0.92 62.67
CA ALA C 920 17.73 -1.70 63.68
C ALA C 920 18.63 -2.73 63.04
N TYR C 921 18.15 -3.39 61.99
CA TYR C 921 18.98 -4.35 61.27
C TYR C 921 20.17 -3.67 60.62
N LEU C 922 19.97 -2.47 60.06
CA LEU C 922 21.06 -1.71 59.48
C LEU C 922 22.15 -1.41 60.51
N LYS C 923 21.75 -0.91 61.68
CA LYS C 923 22.74 -0.60 62.71
C LYS C 923 23.39 -1.87 63.26
N SER C 924 22.64 -2.97 63.32
CA SER C 924 23.23 -4.23 63.77
C SER C 924 24.29 -4.72 62.79
N VAL C 925 24.04 -4.60 61.48
CA VAL C 925 25.05 -5.00 60.51
C VAL C 925 26.24 -4.06 60.55
N HIS C 926 26.00 -2.77 60.83
CA HIS C 926 27.12 -1.85 61.01
C HIS C 926 27.98 -2.27 62.20
N ARG C 927 27.34 -2.66 63.30
CA ARG C 927 28.08 -3.20 64.43
C ARG C 927 28.85 -4.45 64.05
N TRP C 928 28.19 -5.37 63.33
CA TRP C 928 28.78 -6.64 62.94
C TRP C 928 29.95 -6.46 61.97
N LEU C 929 29.98 -5.34 61.24
CA LEU C 929 31.11 -5.07 60.35
C LEU C 929 32.44 -5.09 61.06
N SER C 930 32.46 -5.04 62.40
CA SER C 930 33.67 -5.22 63.19
C SER C 930 33.63 -6.51 63.99
N ALA C 931 32.74 -7.43 63.65
CA ALA C 931 32.60 -8.71 64.33
C ALA C 931 33.00 -9.88 63.46
N ALA C 932 32.53 -9.92 62.21
CA ALA C 932 32.90 -10.98 61.27
C ALA C 932 33.99 -10.57 60.30
N ASP C 933 34.04 -9.28 59.94
CA ASP C 933 35.12 -8.80 59.08
C ASP C 933 36.44 -8.71 59.86
N GLN C 934 36.36 -8.46 61.16
CA GLN C 934 37.57 -8.43 61.98
C GLN C 934 38.30 -9.77 61.96
N SER C 935 37.61 -10.85 61.61
CA SER C 935 38.23 -12.17 61.60
C SER C 935 39.49 -12.16 60.74
N GLU C 936 40.54 -12.81 61.24
CA GLU C 936 41.83 -12.86 60.57
C GLU C 936 42.23 -11.50 60.01
N VAL C 937 42.51 -11.45 58.72
CA VAL C 937 42.92 -10.22 58.05
C VAL C 937 41.78 -9.81 57.12
N VAL C 938 41.89 -8.63 56.51
CA VAL C 938 40.88 -8.09 55.60
C VAL C 938 40.35 -9.21 54.71
N PRO C 939 39.04 -9.20 54.39
CA PRO C 939 38.43 -10.34 53.69
C PRO C 939 39.31 -10.96 52.61
N GLY C 940 39.53 -12.26 52.72
CA GLY C 940 40.39 -12.97 51.77
C GLY C 940 41.50 -13.73 52.46
N ASN C 941 42.59 -13.97 51.76
CA ASN C 941 43.76 -14.65 52.30
C ASN C 941 44.94 -13.70 52.35
N ASP C 942 45.66 -13.70 53.47
CA ASP C 942 46.78 -12.80 53.66
C ASP C 942 47.78 -13.50 54.59
N ASN C 943 48.68 -12.71 55.18
CA ASN C 943 49.68 -13.20 56.14
C ASN C 943 50.54 -14.32 55.56
N ILE C 944 50.76 -14.30 54.25
CA ILE C 944 51.74 -15.16 53.61
C ILE C 944 53.06 -14.43 53.35
N GLU C 945 53.07 -13.11 53.49
CA GLU C 945 54.28 -12.27 53.48
C GLU C 945 55.19 -12.54 52.29
N TYR C 946 56.43 -12.07 52.40
CA TYR C 946 57.47 -12.27 51.39
C TYR C 946 58.74 -12.71 52.11
N PHE C 947 59.48 -13.63 51.50
CA PHE C 947 60.52 -14.33 52.26
C PHE C 947 61.83 -13.55 52.26
N SER C 948 62.42 -13.31 51.10
CA SER C 948 63.66 -12.55 51.04
C SER C 948 64.03 -12.30 49.58
N ILE C 949 64.99 -11.39 49.39
CA ILE C 949 65.38 -10.92 48.06
C ILE C 949 66.89 -10.93 47.96
N ASN C 950 67.37 -10.84 46.71
CA ASN C 950 68.80 -10.88 46.42
C ASN C 950 69.28 -9.80 45.47
N GLU C 951 68.53 -8.71 45.30
CA GLU C 951 68.80 -7.79 44.21
C GLU C 951 69.90 -6.79 44.58
N HIS C 952 70.61 -6.31 43.56
CA HIS C 952 71.61 -5.26 43.73
C HIS C 952 70.95 -3.92 43.40
N GLY C 953 69.96 -3.56 44.20
CA GLY C 953 69.21 -2.33 44.04
C GLY C 953 67.72 -2.53 43.84
N ARG C 954 67.33 -3.59 43.16
CA ARG C 954 65.92 -3.85 42.86
C ARG C 954 65.26 -4.41 44.12
N ARG C 955 64.82 -3.52 45.00
CA ARG C 955 64.23 -3.89 46.28
C ARG C 955 62.70 -3.91 46.23
N GLU C 956 62.12 -4.20 45.08
CA GLU C 956 60.67 -4.18 44.92
C GLU C 956 60.07 -5.35 45.69
N GLU C 957 59.48 -5.07 46.85
CA GLU C 957 58.74 -6.06 47.62
C GLU C 957 57.24 -5.93 47.43
N ASN C 958 56.79 -5.06 46.53
CA ASN C 958 55.37 -4.78 46.37
C ASN C 958 54.63 -6.02 45.85
N ARG C 959 53.30 -5.93 45.88
CA ARG C 959 52.46 -7.08 45.55
C ARG C 959 52.60 -7.52 44.10
N LEU C 960 53.12 -6.67 43.22
CA LEU C 960 53.25 -7.06 41.81
C LEU C 960 53.98 -8.38 41.66
N ARG C 961 55.12 -8.51 42.33
CA ARG C 961 55.87 -9.77 42.33
C ARG C 961 55.59 -10.61 43.57
N LEU C 962 54.68 -10.17 44.43
CA LEU C 962 54.29 -10.93 45.61
C LEU C 962 52.97 -11.68 45.42
N LYS C 963 51.90 -10.97 45.09
CA LYS C 963 50.62 -11.64 44.85
C LYS C 963 50.73 -12.59 43.66
N THR C 964 51.38 -12.15 42.59
CA THR C 964 51.60 -12.99 41.42
C THR C 964 52.79 -13.91 41.68
N LEU C 965 53.29 -14.54 40.62
CA LEU C 965 54.51 -15.35 40.73
C LEU C 965 54.28 -16.55 41.63
N LEU C 966 54.69 -16.43 42.90
CA LEU C 966 54.56 -17.55 43.82
C LEU C 966 53.13 -18.09 43.85
N GLN C 967 52.17 -17.20 44.07
CA GLN C 967 50.75 -17.53 44.14
C GLN C 967 49.94 -16.55 43.30
N GLN C 968 50.39 -16.36 42.06
CA GLN C 968 49.68 -15.45 41.15
C GLN C 968 48.19 -15.75 41.12
N ASP C 969 47.84 -17.02 41.07
CA ASP C 969 46.47 -17.44 41.35
C ASP C 969 46.23 -17.37 42.86
N VAL C 970 45.06 -16.87 43.24
CA VAL C 970 44.73 -16.76 44.65
C VAL C 970 44.87 -18.12 45.32
N VAL C 971 44.32 -19.16 44.69
CA VAL C 971 44.56 -20.54 45.09
C VAL C 971 44.70 -21.36 43.81
N HIS C 972 45.22 -22.58 43.97
CA HIS C 972 45.36 -23.46 42.82
C HIS C 972 44.00 -23.70 42.18
N GLU C 973 43.81 -23.16 40.97
CA GLU C 973 42.53 -23.23 40.27
C GLU C 973 41.41 -22.75 41.20
N THR C 974 41.48 -21.48 41.55
CA THR C 974 40.58 -20.92 42.56
C THR C 974 39.13 -21.02 42.11
N LYS C 975 38.25 -21.21 43.10
CA LYS C 975 36.82 -21.31 42.86
C LYS C 975 36.09 -20.83 44.14
N THR C 976 34.79 -21.08 44.20
CA THR C 976 33.98 -20.71 45.34
C THR C 976 33.82 -21.90 46.29
N SER C 977 33.12 -21.68 47.38
CA SER C 977 32.92 -22.69 48.41
C SER C 977 31.67 -22.36 49.21
N THR C 978 31.51 -23.01 50.35
CA THR C 978 30.33 -22.83 51.19
C THR C 978 30.27 -21.42 51.75
N SER C 979 29.21 -21.14 52.51
CA SER C 979 28.98 -19.81 53.06
C SER C 979 30.13 -19.35 53.93
N ALA C 980 30.85 -18.32 53.49
CA ALA C 980 31.94 -17.73 54.25
C ALA C 980 31.85 -16.22 54.33
N ALA C 981 31.38 -15.55 53.27
CA ALA C 981 31.37 -14.10 53.25
C ALA C 981 30.45 -13.53 54.33
N SER C 982 29.24 -14.10 54.46
CA SER C 982 28.25 -13.66 55.41
C SER C 982 27.96 -14.75 56.44
N GLU C 983 29.03 -15.39 56.92
CA GLU C 983 28.88 -16.52 57.82
C GLU C 983 28.01 -16.18 59.02
N LEU C 984 28.12 -14.95 59.52
CA LEU C 984 27.43 -14.53 60.73
C LEU C 984 26.37 -13.49 60.37
N THR C 985 25.15 -13.71 60.84
CA THR C 985 24.09 -12.73 60.69
C THR C 985 24.17 -11.72 61.83
N ALA C 986 24.09 -10.43 61.47
CA ALA C 986 24.18 -9.35 62.45
C ALA C 986 22.88 -9.30 63.24
N VAL C 987 22.75 -10.22 64.18
CA VAL C 987 21.55 -10.32 64.99
C VAL C 987 21.37 -9.03 65.79
N VAL C 988 20.27 -8.32 65.54
CA VAL C 988 20.03 -7.08 66.26
C VAL C 988 19.86 -7.40 67.74
N THR C 989 20.17 -6.42 68.58
CA THR C 989 20.11 -6.56 70.02
C THR C 989 19.01 -5.65 70.58
N ILE C 990 18.70 -5.86 71.86
CA ILE C 990 17.70 -5.03 72.52
C ILE C 990 18.14 -3.58 72.52
N ASN C 991 19.43 -3.32 72.73
CA ASN C 991 19.92 -1.95 72.67
C ASN C 991 19.78 -1.37 71.27
N ASP C 992 20.05 -2.17 70.24
CA ASP C 992 19.90 -1.70 68.87
C ASP C 992 18.46 -1.29 68.59
N LEU C 993 17.51 -2.14 68.96
CA LEU C 993 16.10 -1.82 68.78
C LEU C 993 15.70 -0.59 69.59
N LEU C 994 16.16 -0.50 70.84
CA LEU C 994 15.89 0.65 71.68
C LEU C 994 16.33 1.95 71.00
N GLU C 995 17.60 1.99 70.56
CA GLU C 995 18.12 3.20 69.96
C GLU C 995 17.48 3.48 68.61
N ALA C 996 17.14 2.44 67.85
CA ALA C 996 16.47 2.64 66.57
C ALA C 996 15.12 3.31 66.76
N CYS C 997 14.39 2.93 67.82
CA CYS C 997 13.10 3.55 68.07
C CYS C 997 13.24 5.06 68.24
N GLN C 998 14.16 5.50 69.09
CA GLN C 998 14.33 6.93 69.33
C GLN C 998 14.89 7.64 68.09
N GLU C 999 15.86 7.03 67.41
CA GLU C 999 16.40 7.63 66.19
C GLU C 999 15.32 7.76 65.13
N THR C 1000 14.48 6.74 64.97
CA THR C 1000 13.41 6.75 63.98
C THR C 1000 12.28 7.62 64.51
N LYS C 1001 12.21 8.86 64.02
CA LYS C 1001 11.17 9.78 64.45
C LYS C 1001 9.82 9.33 63.91
N PRO C 1002 8.72 9.76 64.53
CA PRO C 1002 7.41 9.45 63.97
C PRO C 1002 7.27 10.00 62.56
N SER C 1003 6.69 9.19 61.68
CA SER C 1003 6.53 9.57 60.28
C SER C 1003 5.31 10.45 60.04
N ILE C 1004 4.48 10.67 61.07
CA ILE C 1004 3.25 11.43 60.94
C ILE C 1004 3.29 12.57 61.95
N SER C 1005 2.97 13.78 61.47
CA SER C 1005 2.81 14.91 62.37
C SER C 1005 1.43 14.88 63.02
N THR C 1006 1.37 15.33 64.28
CA THR C 1006 0.11 15.28 65.01
C THR C 1006 -0.99 16.04 64.29
N SER C 1007 -0.63 17.08 63.54
CA SER C 1007 -1.64 17.84 62.79
C SER C 1007 -2.34 16.95 61.78
N GLU C 1008 -1.57 16.18 61.01
CA GLU C 1008 -2.17 15.28 60.04
C GLU C 1008 -3.06 14.25 60.74
N LEU C 1009 -2.57 13.69 61.84
CA LEU C 1009 -3.34 12.68 62.57
C LEU C 1009 -4.68 13.24 63.03
N VAL C 1010 -4.66 14.40 63.71
CA VAL C 1010 -5.90 14.95 64.24
C VAL C 1010 -6.83 15.38 63.10
N LYS C 1011 -6.28 15.96 62.03
CA LYS C 1011 -7.11 16.38 60.91
C LYS C 1011 -7.83 15.19 60.29
N LEU C 1012 -7.07 14.14 59.96
CA LEU C 1012 -7.68 12.98 59.32
C LEU C 1012 -8.64 12.27 60.25
N ARG C 1013 -8.34 12.22 61.55
CA ARG C 1013 -9.27 11.62 62.50
C ARG C 1013 -10.58 12.39 62.56
N GLY C 1014 -10.49 13.73 62.62
CA GLY C 1014 -11.70 14.53 62.64
C GLY C 1014 -12.52 14.36 61.39
N ILE C 1015 -11.86 14.31 60.24
CA ILE C 1015 -12.58 14.10 58.98
C ILE C 1015 -13.20 12.71 58.93
N TYR C 1016 -12.50 11.72 59.48
CA TYR C 1016 -13.02 10.36 59.53
C TYR C 1016 -14.26 10.30 60.42
N ASP C 1017 -14.26 11.07 61.52
CA ASP C 1017 -15.47 11.16 62.32
C ASP C 1017 -16.59 11.89 61.59
N ARG C 1018 -16.26 12.95 60.85
CA ARG C 1018 -17.28 13.66 60.08
C ARG C 1018 -17.97 12.72 59.11
N PHE C 1019 -17.21 11.93 58.36
CA PHE C 1019 -17.81 10.91 57.52
C PHE C 1019 -18.36 9.75 58.33
N GLN C 1020 -17.98 9.63 59.61
CA GLN C 1020 -18.60 8.65 60.49
C GLN C 1020 -20.02 9.04 60.82
N LYS C 1021 -20.31 10.33 60.92
CA LYS C 1021 -21.68 10.78 61.10
C LYS C 1021 -22.57 10.21 59.99
N ASP C 1022 -22.02 10.08 58.79
CA ASP C 1022 -22.76 9.52 57.66
C ASP C 1022 -22.38 8.06 57.38
N ARG C 1023 -21.10 7.79 57.06
CA ARG C 1023 -20.69 6.46 56.64
C ARG C 1023 -19.59 5.85 57.48
N ASN C 1024 -18.49 6.58 57.70
CA ASN C 1024 -17.21 6.00 58.14
C ASN C 1024 -17.38 4.84 59.12
N GLY C 1025 -18.24 5.01 60.11
CA GLY C 1025 -18.43 3.99 61.13
C GLY C 1025 -19.59 3.07 60.82
N GLU C 1026 -20.47 2.88 61.80
CA GLU C 1026 -21.64 2.01 61.63
C GLU C 1026 -22.63 2.64 60.67
N MET D 15 67.09 -26.80 12.71
CA MET D 15 67.54 -27.81 11.77
C MET D 15 67.54 -29.21 12.39
N LYS D 16 67.41 -30.23 11.54
CA LYS D 16 67.17 -31.61 11.96
C LYS D 16 68.49 -32.21 12.46
N ALA D 17 68.56 -32.49 13.76
CA ALA D 17 69.77 -33.03 14.35
C ALA D 17 69.42 -34.16 15.31
N SER D 18 70.22 -35.23 15.26
CA SER D 18 70.02 -36.35 16.17
C SER D 18 70.09 -35.88 17.62
N LEU D 19 69.39 -36.60 18.49
CA LEU D 19 69.24 -36.19 19.87
C LEU D 19 69.34 -37.39 20.79
N THR D 20 69.94 -37.17 21.97
CA THR D 20 69.97 -38.16 23.03
C THR D 20 69.97 -37.44 24.37
N PHE D 21 69.57 -38.16 25.41
CA PHE D 21 69.39 -37.56 26.73
C PHE D 21 70.39 -38.13 27.73
N SER D 22 71.12 -37.24 28.39
CA SER D 22 71.99 -37.58 29.51
C SER D 22 71.35 -37.14 30.82
N LEU D 23 71.53 -37.95 31.85
CA LEU D 23 70.98 -37.69 33.17
C LEU D 23 71.91 -36.88 34.06
N SER D 24 72.88 -36.18 33.47
CA SER D 24 73.90 -35.45 34.22
C SER D 24 73.36 -34.21 34.93
N GLY D 25 72.07 -33.93 34.91
CA GLY D 25 71.56 -32.77 35.61
C GLY D 25 70.99 -31.74 34.65
N ILE D 26 70.07 -30.92 35.18
CA ILE D 26 69.37 -29.95 34.35
C ILE D 26 70.37 -28.96 33.73
N TYR D 27 71.29 -28.44 34.53
CA TYR D 27 72.24 -27.44 34.07
C TYR D 27 73.59 -28.02 33.69
N ALA D 28 73.65 -29.30 33.37
CA ALA D 28 74.88 -29.88 32.86
C ALA D 28 75.13 -29.42 31.43
N PRO D 29 76.38 -29.33 31.01
CA PRO D 29 76.67 -28.91 29.64
C PRO D 29 76.09 -29.89 28.63
N CYS D 30 75.70 -29.37 27.47
N CYS D 30 75.70 -29.38 27.47
CA CYS D 30 75.08 -30.15 26.41
CA CYS D 30 75.08 -30.17 26.41
C CYS D 30 76.14 -30.47 25.35
C CYS D 30 76.14 -30.47 25.35
N SER D 31 76.39 -31.75 25.13
CA SER D 31 77.37 -32.14 24.11
C SER D 31 76.84 -31.84 22.72
N ILE D 32 77.69 -31.29 21.87
CA ILE D 32 77.34 -30.96 20.50
C ILE D 32 78.38 -31.55 19.56
N SER D 33 77.91 -32.21 18.51
CA SER D 33 78.82 -32.78 17.53
C SER D 33 79.64 -31.68 16.85
N ARG D 34 80.89 -31.99 16.53
CA ARG D 34 81.79 -30.99 15.96
C ARG D 34 81.18 -30.28 14.76
N ASP D 35 80.49 -31.03 13.89
CA ASP D 35 79.83 -30.41 12.76
C ASP D 35 78.93 -29.26 13.22
N ILE D 36 78.27 -29.43 14.36
CA ILE D 36 77.49 -28.34 14.95
C ILE D 36 78.40 -27.22 15.43
N TYR D 37 79.51 -27.58 16.08
CA TYR D 37 80.39 -26.56 16.65
C TYR D 37 80.91 -25.61 15.58
N LEU D 38 81.17 -26.14 14.37
CA LEU D 38 81.80 -25.31 13.34
C LEU D 38 80.98 -24.08 13.01
N GLU D 39 79.64 -24.21 12.98
CA GLU D 39 78.81 -23.09 12.57
C GLU D 39 79.02 -21.87 13.46
N TYR D 40 79.27 -22.09 14.75
CA TYR D 40 79.56 -20.95 15.62
C TYR D 40 80.79 -20.20 15.16
N GLY D 41 81.88 -20.90 14.85
CA GLY D 41 83.02 -20.30 14.20
C GLY D 41 83.58 -19.07 14.89
N ASP D 42 83.35 -17.90 14.29
CA ASP D 42 83.94 -16.67 14.77
C ASP D 42 83.60 -16.38 16.23
N LYS D 43 82.48 -16.88 16.73
CA LYS D 43 82.11 -16.64 18.11
C LYS D 43 83.12 -17.31 19.05
N LYS D 44 82.88 -17.18 20.35
CA LYS D 44 83.82 -17.67 21.35
C LYS D 44 84.16 -19.14 21.13
N ALA D 45 83.21 -19.92 20.64
CA ALA D 45 83.44 -21.33 20.33
C ALA D 45 83.56 -22.15 21.61
N GLU D 46 83.47 -21.50 22.77
CA GLU D 46 83.53 -22.16 24.05
C GLU D 46 82.26 -22.02 24.88
N CYS D 47 81.58 -20.89 24.78
CA CYS D 47 80.32 -20.64 25.48
C CYS D 47 79.15 -20.76 24.52
N LEU D 48 79.25 -21.68 23.57
CA LEU D 48 78.24 -21.77 22.50
C LEU D 48 76.86 -21.99 23.10
N TYR D 49 75.89 -21.22 22.61
CA TYR D 49 74.51 -21.32 23.07
C TYR D 49 73.62 -21.69 21.88
N GLY D 50 72.72 -22.64 22.10
CA GLY D 50 71.82 -23.05 21.04
C GLY D 50 70.41 -23.29 21.52
N THR D 51 69.42 -22.99 20.69
CA THR D 51 68.03 -23.26 21.02
C THR D 51 67.60 -24.57 20.38
N ILE D 52 66.64 -25.23 21.01
CA ILE D 52 66.15 -26.52 20.53
C ILE D 52 64.63 -26.51 20.48
N ARG D 53 64.11 -27.39 19.63
CA ARG D 53 62.68 -27.65 19.57
C ARG D 53 62.49 -29.15 19.50
N LEU D 54 61.53 -29.66 20.27
CA LEU D 54 61.27 -31.08 20.36
C LEU D 54 59.93 -31.41 19.72
N PRO D 55 59.84 -32.50 18.97
CA PRO D 55 58.54 -32.85 18.39
C PRO D 55 57.48 -33.02 19.47
N GLN D 56 56.29 -32.51 19.20
CA GLN D 56 55.18 -32.58 20.13
C GLN D 56 54.12 -33.52 19.57
N TYR D 57 53.61 -34.39 20.44
CA TYR D 57 52.65 -35.41 20.02
C TYR D 57 51.31 -34.74 19.74
N GLY D 58 51.27 -34.02 18.62
CA GLY D 58 50.07 -33.31 18.22
C GLY D 58 50.39 -32.06 17.43
N PRO D 59 49.34 -31.35 16.99
CA PRO D 59 49.56 -30.11 16.24
C PRO D 59 50.33 -29.10 17.08
N GLY D 60 51.16 -28.32 16.39
CA GLY D 60 52.02 -27.36 17.05
C GLY D 60 53.38 -27.95 17.38
N CYS D 61 54.26 -27.09 17.87
CA CYS D 61 55.62 -27.47 18.20
C CYS D 61 55.97 -26.95 19.58
N THR D 62 56.75 -27.74 20.31
CA THR D 62 57.23 -27.30 21.62
C THR D 62 58.17 -26.10 21.44
N PRO D 63 57.97 -25.03 22.21
CA PRO D 63 58.83 -23.86 22.06
C PRO D 63 60.28 -24.19 22.34
N GLY D 64 61.16 -23.60 21.53
CA GLY D 64 62.58 -23.84 21.66
C GLY D 64 63.15 -23.38 22.99
N LYS D 65 63.97 -24.21 23.60
CA LYS D 65 64.65 -23.89 24.85
C LYS D 65 66.12 -23.59 24.54
N ILE D 66 66.62 -22.51 25.13
CA ILE D 66 68.00 -22.08 24.93
C ILE D 66 68.87 -22.79 25.96
N VAL D 67 70.02 -23.30 25.52
CA VAL D 67 70.91 -24.05 26.38
C VAL D 67 72.36 -23.70 26.06
N HIS D 68 73.20 -23.75 27.09
CA HIS D 68 74.64 -23.63 26.92
C HIS D 68 75.21 -24.96 26.45
N CYS D 69 75.91 -24.95 25.33
CA CYS D 69 76.43 -26.17 24.72
C CYS D 69 77.96 -26.13 24.69
N VAL D 70 78.55 -27.33 24.66
CA VAL D 70 79.99 -27.50 24.55
C VAL D 70 80.27 -28.55 23.49
N LEU D 71 81.39 -28.39 22.80
CA LEU D 71 81.75 -29.26 21.69
C LEU D 71 82.19 -30.63 22.19
N ASP D 72 81.96 -31.65 21.35
CA ASP D 72 82.43 -33.00 21.65
C ASP D 72 82.50 -33.77 20.33
N ASP D 73 83.73 -34.10 19.90
CA ASP D 73 83.90 -34.85 18.66
C ASP D 73 83.43 -36.29 18.82
N SER D 74 83.46 -36.82 20.04
CA SER D 74 82.99 -38.19 20.26
C SER D 74 81.57 -38.38 19.75
N LEU D 75 80.75 -37.34 19.81
CA LEU D 75 79.41 -37.44 19.27
C LEU D 75 79.46 -37.66 17.77
N PRO D 76 78.75 -38.66 17.24
CA PRO D 76 78.80 -38.91 15.79
C PRO D 76 78.25 -37.74 15.00
N PHE D 77 78.30 -37.91 13.68
CA PHE D 77 77.84 -36.88 12.76
C PHE D 77 76.48 -36.34 13.17
N CYS D 78 76.41 -35.03 13.39
CA CYS D 78 75.16 -34.35 13.74
C CYS D 78 74.51 -35.01 14.97
N SER D 79 75.32 -35.27 15.98
CA SER D 79 74.86 -35.90 17.21
C SER D 79 75.01 -34.92 18.38
N ILE D 80 73.97 -34.87 19.21
CA ILE D 80 73.92 -33.94 20.34
C ILE D 80 73.43 -34.70 21.56
N VAL D 81 73.78 -34.18 22.74
CA VAL D 81 73.34 -34.73 24.01
C VAL D 81 72.76 -33.59 24.85
N VAL D 82 71.58 -33.81 25.42
CA VAL D 82 70.94 -32.81 26.25
C VAL D 82 70.47 -33.45 27.54
N PRO D 83 70.43 -32.72 28.66
CA PRO D 83 69.95 -33.32 29.91
C PRO D 83 68.45 -33.55 29.86
N SER D 84 68.05 -34.80 30.09
CA SER D 84 66.63 -35.10 30.24
C SER D 84 66.08 -34.52 31.53
N LYS D 85 66.87 -34.53 32.61
CA LYS D 85 66.46 -33.92 33.86
C LYS D 85 66.11 -32.45 33.68
N LEU D 86 66.73 -31.79 32.70
CA LEU D 86 66.33 -30.42 32.39
C LEU D 86 64.82 -30.34 32.18
N PHE D 87 64.25 -31.30 31.49
CA PHE D 87 62.81 -31.48 31.44
C PHE D 87 62.38 -32.39 32.60
N GLY D 88 61.08 -32.44 32.85
CA GLY D 88 60.57 -33.24 33.94
C GLY D 88 60.55 -34.73 33.64
N PHE D 89 61.70 -35.30 33.31
CA PHE D 89 61.75 -36.72 33.03
C PHE D 89 63.19 -37.15 32.81
N MET D 90 63.47 -38.46 33.05
CA MET D 90 64.70 -39.14 32.72
C MET D 90 64.44 -40.21 31.66
N PRO D 91 65.40 -40.45 30.77
CA PRO D 91 65.14 -41.32 29.60
C PRO D 91 65.23 -42.81 29.94
N THR D 92 64.35 -43.26 30.84
CA THR D 92 64.27 -44.68 31.14
C THR D 92 63.89 -45.43 29.87
N GLN D 93 62.71 -45.16 29.34
CA GLN D 93 62.32 -45.67 28.04
C GLN D 93 62.88 -44.78 26.93
N PRO D 94 62.91 -45.27 25.70
CA PRO D 94 63.41 -44.45 24.60
C PRO D 94 62.61 -43.16 24.45
N THR D 95 63.32 -42.08 24.16
CA THR D 95 62.73 -40.77 23.90
C THR D 95 62.89 -40.43 22.42
N MET D 96 62.48 -39.22 22.04
CA MET D 96 62.59 -38.82 20.66
C MET D 96 64.04 -38.88 20.21
N ASP D 97 64.26 -39.47 19.02
CA ASP D 97 65.63 -39.64 18.54
C ASP D 97 66.23 -38.32 18.09
N PHE D 98 65.42 -37.44 17.53
CA PHE D 98 65.91 -36.22 16.89
C PHE D 98 65.27 -34.99 17.50
N CYS D 99 65.75 -33.83 17.05
CA CYS D 99 65.26 -32.53 17.49
C CYS D 99 65.59 -31.51 16.40
N TYR D 100 65.13 -30.27 16.61
CA TYR D 100 65.39 -29.18 15.69
C TYR D 100 66.27 -28.16 16.40
N PHE D 101 67.54 -28.08 16.01
CA PHE D 101 68.52 -27.24 16.69
C PHE D 101 68.75 -25.97 15.87
N GLU D 102 68.99 -24.86 16.58
CA GLU D 102 69.31 -23.59 15.93
C GLU D 102 70.32 -22.82 16.76
N PRO D 103 71.55 -22.65 16.26
CA PRO D 103 72.53 -21.79 16.94
C PRO D 103 72.39 -20.35 16.51
N ILE D 104 72.11 -19.47 17.48
CA ILE D 104 72.02 -18.05 17.18
C ILE D 104 73.42 -17.46 17.05
N LEU D 105 73.69 -16.85 15.91
CA LEU D 105 75.00 -16.28 15.62
C LEU D 105 75.03 -14.76 15.81
N ASP D 106 74.16 -14.03 15.10
CA ASP D 106 74.20 -12.58 15.19
C ASP D 106 73.88 -12.09 16.59
N ASN D 107 72.76 -12.55 17.15
CA ASN D 107 72.34 -12.11 18.47
C ASN D 107 73.01 -12.92 19.56
N VAL D 108 73.13 -12.33 20.74
CA VAL D 108 73.72 -12.99 21.88
C VAL D 108 72.61 -13.31 22.88
N VAL D 109 72.92 -14.16 23.84
CA VAL D 109 71.91 -14.57 24.83
C VAL D 109 71.50 -13.37 25.66
N PRO D 110 70.23 -12.99 25.69
CA PRO D 110 69.78 -11.94 26.59
C PRO D 110 69.87 -12.39 28.04
N VAL D 111 70.13 -11.41 28.92
CA VAL D 111 70.25 -11.66 30.34
C VAL D 111 68.99 -11.13 31.03
N LEU D 112 68.29 -12.03 31.72
CA LEU D 112 67.08 -11.65 32.43
C LEU D 112 67.45 -10.87 33.69
N ASP D 113 66.98 -9.63 33.78
CA ASP D 113 67.22 -8.85 34.98
C ASP D 113 66.55 -9.45 36.20
N SER D 114 65.33 -9.97 36.08
CA SER D 114 64.60 -10.48 37.22
C SER D 114 64.04 -11.87 36.90
N VAL D 115 63.99 -12.72 37.93
CA VAL D 115 63.52 -14.08 37.78
C VAL D 115 62.80 -14.48 39.06
N THR D 116 62.04 -15.56 39.01
CA THR D 116 61.30 -16.08 40.15
C THR D 116 61.67 -17.54 40.39
N PHE D 117 61.69 -17.94 41.65
CA PHE D 117 62.12 -19.27 42.04
C PHE D 117 61.17 -19.82 43.09
N LEU D 118 61.58 -20.96 43.67
CA LEU D 118 60.84 -21.61 44.74
C LEU D 118 61.76 -22.62 45.41
N ILE D 119 61.89 -22.52 46.73
CA ILE D 119 62.73 -23.40 47.52
C ILE D 119 61.88 -24.01 48.61
N ASN D 120 62.13 -25.28 48.94
CA ASN D 120 61.36 -25.94 49.98
C ASN D 120 61.64 -25.29 51.33
N GLU D 121 60.72 -25.49 52.28
CA GLU D 121 60.83 -24.88 53.59
C GLU D 121 62.19 -25.15 54.23
N GLN D 122 62.64 -26.40 54.19
CA GLN D 122 63.89 -26.76 54.85
C GLN D 122 65.08 -26.04 54.24
N LEU D 123 65.15 -25.99 52.91
CA LEU D 123 66.24 -25.24 52.28
C LEU D 123 66.20 -23.77 52.66
N TYR D 124 65.01 -23.16 52.68
CA TYR D 124 64.91 -21.78 53.10
C TYR D 124 65.44 -21.59 54.51
N SER D 125 64.99 -22.41 55.46
CA SER D 125 65.37 -22.26 56.85
C SER D 125 66.79 -22.71 57.14
N LYS D 126 67.46 -23.38 56.21
CA LYS D 126 68.84 -23.81 56.41
C LYS D 126 69.85 -22.89 55.73
N LEU D 127 69.67 -22.64 54.43
CA LEU D 127 70.64 -21.82 53.71
C LEU D 127 70.48 -20.34 54.04
N MET D 128 69.26 -19.92 54.41
CA MET D 128 69.04 -18.53 54.78
C MET D 128 69.84 -18.15 56.02
N ASP D 129 70.33 -19.14 56.77
CA ASP D 129 71.09 -18.86 57.98
C ASP D 129 72.23 -17.88 57.70
N LEU D 130 72.91 -18.05 56.58
CA LEU D 130 73.96 -17.11 56.21
C LEU D 130 73.35 -15.73 55.98
N PRO D 131 74.01 -14.67 56.47
CA PRO D 131 73.49 -13.31 56.26
C PRO D 131 73.86 -12.70 54.92
N GLN D 132 74.79 -13.30 54.18
CA GLN D 132 75.25 -12.76 52.91
C GLN D 132 74.61 -13.52 51.75
N GLU D 133 74.07 -12.75 50.80
CA GLU D 133 73.42 -13.34 49.63
C GLU D 133 74.44 -13.88 48.62
N MET D 134 75.62 -13.26 48.53
CA MET D 134 76.62 -13.72 47.58
C MET D 134 77.09 -15.12 47.89
N GLN D 135 77.34 -15.43 49.17
CA GLN D 135 77.72 -16.80 49.53
C GLN D 135 76.58 -17.77 49.25
N GLN D 136 75.34 -17.36 49.51
CA GLN D 136 74.20 -18.23 49.23
C GLN D 136 74.11 -18.56 47.74
N ILE D 137 74.31 -17.55 46.88
CA ILE D 137 74.24 -17.78 45.44
C ILE D 137 75.44 -18.59 44.97
N GLN D 138 76.59 -18.41 45.60
CA GLN D 138 77.74 -19.24 45.28
C GLN D 138 77.46 -20.70 45.61
N PHE D 139 76.84 -20.95 46.77
CA PHE D 139 76.40 -22.30 47.11
C PHE D 139 75.38 -22.81 46.10
N LEU D 140 74.47 -21.94 45.65
CA LEU D 140 73.50 -22.33 44.64
C LEU D 140 74.20 -22.80 43.37
N HIS D 141 75.20 -22.03 42.92
CA HIS D 141 75.98 -22.42 41.75
C HIS D 141 76.66 -23.76 41.98
N TYR D 142 77.28 -23.95 43.14
CA TYR D 142 77.99 -25.20 43.40
C TYR D 142 77.03 -26.38 43.41
N LYS D 143 75.85 -26.21 44.00
CA LYS D 143 74.86 -27.27 44.12
C LYS D 143 74.06 -27.50 42.85
N TYR D 144 74.10 -26.57 41.89
CA TYR D 144 73.30 -26.68 40.69
C TYR D 144 74.08 -26.45 39.40
N ASN D 145 75.37 -26.14 39.48
CA ASN D 145 76.22 -25.98 38.30
C ASN D 145 75.67 -24.88 37.37
N ILE D 146 75.45 -23.71 37.95
CA ILE D 146 74.98 -22.54 37.23
C ILE D 146 76.07 -21.48 37.26
N ASN D 147 76.43 -20.96 36.09
CA ASN D 147 77.53 -20.02 35.96
C ASN D 147 77.03 -18.68 35.45
N SER D 148 77.36 -17.63 36.20
CA SER D 148 76.95 -16.28 35.82
C SER D 148 77.69 -15.84 34.56
N MET D 149 76.96 -15.16 33.67
CA MET D 149 77.40 -14.88 32.31
C MET D 149 77.62 -16.15 31.50
N GLU D 150 77.29 -17.31 32.05
CA GLU D 150 77.47 -18.59 31.39
C GLU D 150 76.19 -19.41 31.32
N THR D 151 75.34 -19.32 32.34
CA THR D 151 74.13 -20.12 32.42
C THR D 151 72.92 -19.34 31.92
N VAL D 152 72.00 -20.06 31.30
CA VAL D 152 70.72 -19.51 30.84
C VAL D 152 69.62 -20.16 31.65
N VAL D 153 68.69 -19.35 32.13
CA VAL D 153 67.64 -19.80 33.04
C VAL D 153 66.29 -19.65 32.36
N HIS D 154 65.43 -20.65 32.54
CA HIS D 154 64.08 -20.64 32.01
C HIS D 154 63.08 -20.71 33.15
N SER D 155 61.87 -20.24 32.87
CA SER D 155 60.80 -20.30 33.85
C SER D 155 60.24 -21.72 33.95
N ARG D 156 59.64 -22.03 35.09
CA ARG D 156 59.04 -23.34 35.33
C ARG D 156 60.07 -24.45 35.16
N ASP D 157 61.29 -24.19 35.59
CA ASP D 157 62.37 -25.16 35.58
C ASP D 157 62.53 -25.75 36.98
N ILE D 158 62.76 -27.05 37.04
CA ILE D 158 62.91 -27.76 38.32
C ILE D 158 64.35 -28.23 38.43
N LEU D 159 65.00 -27.88 39.55
CA LEU D 159 66.36 -28.30 39.83
C LEU D 159 66.38 -29.51 40.77
N THR D 160 65.66 -29.43 41.87
CA THR D 160 65.51 -30.56 42.78
C THR D 160 64.15 -31.22 42.55
N SER D 161 64.12 -32.53 42.78
CA SER D 161 62.91 -33.32 42.53
C SER D 161 61.89 -32.96 43.60
N GLY D 162 61.09 -31.93 43.32
CA GLY D 162 60.13 -31.45 44.28
C GLY D 162 60.71 -30.62 45.40
N LEU D 163 61.91 -30.07 45.22
CA LEU D 163 62.50 -29.21 46.23
C LEU D 163 63.12 -27.94 45.65
N CYS D 164 63.33 -27.85 44.34
CA CYS D 164 63.84 -26.64 43.73
C CYS D 164 63.01 -26.34 42.50
N GLN D 165 62.67 -25.06 42.33
CA GLN D 165 61.76 -24.65 41.27
C GLN D 165 62.20 -23.29 40.74
N ILE D 166 61.98 -23.09 39.45
CA ILE D 166 62.08 -21.78 38.81
C ILE D 166 60.68 -21.37 38.37
N LEU D 167 60.27 -20.18 38.78
CA LEU D 167 58.87 -19.78 38.63
C LEU D 167 58.65 -18.80 37.49
N ASN D 168 59.35 -17.66 37.49
CA ASN D 168 59.15 -16.65 36.45
C ASN D 168 60.48 -15.98 36.15
N CYS D 169 60.59 -15.47 34.93
CA CYS D 169 61.78 -14.73 34.51
C CYS D 169 61.34 -13.45 33.81
N SER D 170 62.08 -12.38 34.05
CA SER D 170 61.84 -11.09 33.43
C SER D 170 63.16 -10.44 33.07
N PRO D 171 63.16 -9.55 32.06
CA PRO D 171 62.03 -9.15 31.22
C PRO D 171 61.50 -10.29 30.37
N PHE D 172 62.39 -11.15 29.89
CA PHE D 172 62.02 -12.31 29.11
C PHE D 172 61.78 -13.52 30.00
N PRO D 173 61.15 -14.57 29.49
CA PRO D 173 60.94 -15.77 30.29
C PRO D 173 62.17 -16.67 30.32
N GLN D 174 63.25 -16.23 29.69
CA GLN D 174 64.50 -16.98 29.69
C GLN D 174 65.61 -16.06 29.21
N GLY D 175 66.80 -16.28 29.74
CA GLY D 175 67.94 -15.45 29.41
C GLY D 175 69.14 -15.82 30.25
N LEU D 176 70.25 -15.14 29.94
CA LEU D 176 71.51 -15.42 30.60
C LEU D 176 71.45 -15.04 32.08
N VAL D 177 72.26 -15.71 32.89
CA VAL D 177 72.27 -15.51 34.33
C VAL D 177 73.44 -14.60 34.71
N ASP D 178 73.14 -13.59 35.51
CA ASP D 178 74.17 -12.70 36.05
C ASP D 178 74.00 -12.71 37.57
N PHE D 179 74.89 -13.42 38.27
CA PHE D 179 74.75 -13.58 39.71
C PHE D 179 74.59 -12.24 40.41
N THR D 180 75.45 -11.28 40.09
CA THR D 180 75.42 -9.99 40.79
C THR D 180 74.29 -9.10 40.31
N GLU D 181 74.22 -8.84 39.00
CA GLU D 181 73.33 -7.81 38.47
C GLU D 181 71.88 -8.29 38.33
N THR D 182 71.64 -9.58 38.28
CA THR D 182 70.30 -10.08 38.00
C THR D 182 69.41 -9.97 39.23
N GLN D 183 68.13 -9.73 39.01
CA GLN D 183 67.12 -9.77 40.05
C GLN D 183 66.76 -11.22 40.36
N LEU D 184 66.99 -11.63 41.61
CA LEU D 184 66.68 -12.99 42.04
C LEU D 184 65.77 -12.93 43.26
N ILE D 185 64.67 -13.66 43.21
CA ILE D 185 63.67 -13.64 44.27
C ILE D 185 63.88 -14.85 45.18
N LEU D 186 64.12 -14.59 46.46
CA LEU D 186 64.35 -15.65 47.45
C LEU D 186 63.00 -15.91 48.12
N VAL D 187 62.34 -16.99 47.71
CA VAL D 187 61.03 -17.37 48.22
C VAL D 187 61.07 -18.80 48.70
N ASN D 188 60.12 -19.14 49.55
CA ASN D 188 60.02 -20.46 50.16
C ASN D 188 58.73 -21.14 49.74
N ASP D 189 58.61 -22.41 50.13
CA ASP D 189 57.43 -23.23 49.87
C ASP D 189 56.83 -23.58 51.22
N THR D 190 55.98 -22.69 51.75
CA THR D 190 55.30 -22.93 53.00
C THR D 190 53.99 -23.69 52.84
N GLU D 191 53.51 -23.84 51.61
CA GLU D 191 52.27 -24.56 51.33
C GLU D 191 52.51 -26.03 51.03
N GLN D 192 53.75 -26.50 51.10
CA GLN D 192 54.09 -27.91 50.85
C GLN D 192 53.81 -28.30 49.40
N LYS D 193 53.87 -27.34 48.49
CA LYS D 193 53.63 -27.64 47.08
C LYS D 193 54.79 -28.42 46.47
N LEU D 194 56.02 -28.08 46.85
CA LEU D 194 57.19 -28.76 46.26
C LEU D 194 57.15 -30.26 46.48
N SER D 195 56.53 -30.71 47.57
CA SER D 195 56.53 -32.15 47.87
C SER D 195 55.92 -32.96 46.73
N ALA D 196 54.80 -32.47 46.17
CA ALA D 196 54.14 -33.19 45.10
C ALA D 196 54.83 -33.03 43.75
N LEU D 197 55.75 -32.09 43.62
CA LEU D 197 56.40 -31.84 42.34
C LEU D 197 57.40 -32.94 42.05
N LYS D 198 57.20 -33.66 40.94
CA LYS D 198 58.10 -34.72 40.52
C LYS D 198 58.12 -34.80 39.00
N TYR D 199 59.29 -35.17 38.47
CA TYR D 199 59.46 -35.31 37.04
C TYR D 199 58.62 -36.45 36.49
N ALA D 200 58.22 -36.32 35.23
CA ALA D 200 57.59 -37.43 34.53
C ALA D 200 58.58 -38.57 34.40
N ASN D 201 58.09 -39.80 34.58
CA ASN D 201 58.90 -41.02 34.51
C ASN D 201 59.80 -41.22 35.73
N GLU D 202 59.85 -40.25 36.64
CA GLU D 202 60.60 -40.40 37.87
C GLU D 202 59.81 -41.07 38.98
N ASP D 203 58.49 -41.21 38.81
CA ASP D 203 57.65 -41.71 39.88
C ASP D 203 58.04 -43.12 40.31
N GLU D 204 58.26 -44.01 39.34
CA GLU D 204 58.50 -45.42 39.62
C GLU D 204 59.99 -45.65 39.77
N GLU D 205 60.42 -46.01 40.98
CA GLU D 205 61.79 -46.44 41.21
C GLU D 205 61.91 -47.90 40.82
N TYR D 206 61.56 -48.21 39.58
CA TYR D 206 61.48 -49.59 39.10
C TYR D 206 60.64 -50.44 40.03
N ALA D 207 59.39 -50.03 40.27
CA ALA D 207 58.44 -50.85 41.01
C ALA D 207 58.00 -51.97 40.08
N LEU D 208 58.78 -53.05 40.09
CA LEU D 208 58.70 -54.12 39.10
C LEU D 208 57.26 -54.58 38.89
N PRO D 209 56.66 -54.27 37.75
CA PRO D 209 55.35 -54.85 37.42
C PRO D 209 55.49 -56.34 37.19
N LYS D 210 54.39 -57.06 37.43
CA LYS D 210 54.37 -58.50 37.20
C LYS D 210 54.78 -58.81 35.78
N ILE D 211 55.77 -59.68 35.62
CA ILE D 211 56.25 -60.11 34.32
C ILE D 211 55.61 -61.45 33.97
N GLY D 212 54.88 -61.48 32.86
CA GLY D 212 54.22 -62.71 32.46
C GLY D 212 53.90 -62.69 30.98
N THR D 213 53.54 -63.86 30.47
CA THR D 213 53.16 -64.05 29.08
C THR D 213 51.64 -64.06 28.91
N ASN D 214 50.94 -63.30 29.73
CA ASN D 214 49.48 -63.30 29.69
C ASN D 214 48.99 -62.92 28.30
N SER D 215 48.01 -63.70 27.81
CA SER D 215 47.45 -63.48 26.49
C SER D 215 46.64 -62.19 26.42
N ALA D 216 45.83 -61.92 27.45
CA ALA D 216 44.93 -60.77 27.43
C ALA D 216 45.13 -59.95 28.69
N LEU D 217 45.08 -58.63 28.51
CA LEU D 217 45.19 -57.68 29.62
C LEU D 217 44.17 -56.58 29.42
N SER D 218 43.12 -56.58 30.24
CA SER D 218 42.08 -55.56 30.14
C SER D 218 42.63 -54.21 30.55
N ILE D 219 42.48 -53.21 29.68
CA ILE D 219 43.00 -51.88 29.92
C ILE D 219 41.99 -50.85 29.43
N ASP D 220 42.17 -49.62 29.89
CA ASP D 220 41.29 -48.53 29.49
C ASP D 220 41.68 -48.01 28.11
N LEU D 221 40.67 -47.56 27.37
CA LEU D 221 40.81 -47.07 26.00
C LEU D 221 40.62 -45.56 25.97
N GLU D 222 41.35 -44.89 25.08
CA GLU D 222 41.27 -43.45 24.94
C GLU D 222 41.49 -43.06 23.49
N SER D 223 40.64 -42.16 22.99
CA SER D 223 40.83 -41.62 21.65
C SER D 223 42.08 -40.75 21.60
N LEU D 224 42.79 -40.84 20.48
CA LEU D 224 43.99 -40.02 20.33
C LEU D 224 43.60 -38.55 20.35
N PRO D 225 44.19 -37.74 21.23
CA PRO D 225 43.85 -36.32 21.25
C PRO D 225 44.18 -35.62 19.94
N CYS D 226 45.23 -36.06 19.26
CA CYS D 226 45.68 -35.42 18.04
C CYS D 226 46.48 -36.40 17.20
N THR D 227 46.63 -36.09 15.92
CA THR D 227 47.34 -36.96 15.01
C THR D 227 48.82 -37.09 15.41
N ILE D 228 49.38 -38.25 15.12
CA ILE D 228 50.79 -38.54 15.42
C ILE D 228 51.52 -38.68 14.10
N SER D 229 52.61 -37.94 13.96
CA SER D 229 53.38 -37.96 12.72
C SER D 229 54.20 -39.26 12.63
N ARG D 230 54.33 -39.78 11.41
CA ARG D 230 54.97 -41.07 11.22
C ARG D 230 56.44 -41.03 11.61
N ASP D 231 57.06 -39.86 11.58
CA ASP D 231 58.48 -39.76 11.90
C ASP D 231 58.72 -40.07 13.38
N LEU D 232 57.65 -40.21 14.16
CA LEU D 232 57.75 -40.54 15.57
C LEU D 232 57.48 -42.01 15.86
N LEU D 233 57.42 -42.85 14.82
CA LEU D 233 57.19 -44.28 14.99
C LEU D 233 58.54 -44.99 15.09
N ARG D 234 58.87 -45.45 16.29
CA ARG D 234 60.09 -46.20 16.54
C ARG D 234 59.75 -47.67 16.73
N PRO D 235 60.15 -48.57 15.82
CA PRO D 235 60.91 -48.32 14.59
C PRO D 235 60.02 -47.76 13.49
N ALA D 236 60.61 -47.10 12.49
CA ALA D 236 59.81 -46.56 11.40
C ALA D 236 59.15 -47.70 10.61
N PRO D 237 57.91 -47.52 10.18
CA PRO D 237 57.22 -48.56 9.41
C PRO D 237 57.50 -48.43 7.91
N HIS D 238 56.98 -49.40 7.17
CA HIS D 238 57.16 -49.39 5.73
C HIS D 238 56.34 -48.28 5.09
N ILE D 239 56.83 -47.79 3.94
CA ILE D 239 56.20 -46.63 3.30
C ILE D 239 54.76 -46.96 2.88
N ASN D 240 54.55 -48.14 2.32
CA ASN D 240 53.25 -48.49 1.76
C ASN D 240 52.29 -49.06 2.79
N ASP D 241 52.71 -49.25 4.03
CA ASP D 241 51.81 -49.75 5.06
C ASP D 241 50.64 -48.78 5.24
N ASP D 242 49.44 -49.33 5.38
CA ASP D 242 48.26 -48.51 5.61
C ASP D 242 48.43 -47.72 6.90
N ASN D 243 48.01 -46.46 6.87
CA ASN D 243 48.30 -45.54 7.97
C ASN D 243 47.13 -45.32 8.91
N SER D 244 46.08 -46.14 8.83
CA SER D 244 44.85 -45.89 9.57
C SER D 244 44.57 -46.89 10.68
N ILE D 245 45.53 -47.75 11.03
CA ILE D 245 45.25 -48.83 11.98
C ILE D 245 46.25 -48.84 13.12
N TYR D 246 46.75 -47.68 13.52
CA TYR D 246 47.77 -47.57 14.54
C TYR D 246 47.17 -47.23 15.89
N ALA D 247 47.68 -47.88 16.94
CA ALA D 247 47.35 -47.57 18.32
C ALA D 247 48.62 -47.65 19.15
N PHE D 248 48.61 -46.98 20.30
CA PHE D 248 49.84 -46.73 21.03
C PHE D 248 49.59 -46.79 22.53
N THR D 249 50.68 -46.86 23.29
CA THR D 249 50.62 -46.99 24.74
C THR D 249 52.04 -46.96 25.29
N ASP D 250 52.15 -46.88 26.62
CA ASP D 250 53.43 -46.92 27.29
C ASP D 250 54.16 -48.24 26.99
N ALA D 251 55.49 -48.17 27.02
CA ALA D 251 56.30 -49.34 26.71
C ALA D 251 56.03 -50.48 27.69
N GLU D 252 55.79 -50.14 28.96
CA GLU D 252 55.54 -51.17 29.97
C GLU D 252 54.42 -52.12 29.55
N THR D 253 53.36 -51.57 28.97
CA THR D 253 52.28 -52.42 28.48
C THR D 253 52.78 -53.40 27.43
N LEU D 254 53.59 -52.93 26.49
CA LEU D 254 54.13 -53.81 25.46
C LEU D 254 55.00 -54.90 26.07
N LEU D 255 55.90 -54.53 26.97
CA LEU D 255 56.74 -55.54 27.62
C LEU D 255 55.89 -56.55 28.36
N ARG D 256 54.78 -56.11 28.95
CA ARG D 256 53.83 -57.05 29.53
C ARG D 256 53.27 -57.98 28.46
N LEU D 257 52.98 -57.44 27.28
CA LEU D 257 52.61 -58.28 26.14
C LEU D 257 53.83 -58.77 25.37
N ASP D 258 55.03 -58.42 25.83
CA ASP D 258 56.30 -58.85 25.23
C ASP D 258 56.25 -58.79 23.71
N VAL D 259 55.74 -57.66 23.21
CA VAL D 259 55.68 -57.36 21.79
C VAL D 259 56.34 -56.01 21.56
N THR D 260 56.78 -55.78 20.33
CA THR D 260 57.60 -54.62 19.99
C THR D 260 56.77 -53.58 19.25
N SER D 261 57.19 -52.32 19.34
CA SER D 261 56.56 -51.25 18.59
C SER D 261 56.60 -51.57 17.10
N GLY D 262 55.48 -51.37 16.42
CA GLY D 262 55.35 -51.77 15.04
C GLY D 262 54.84 -53.17 14.83
N SER D 263 54.08 -53.72 15.78
CA SER D 263 53.56 -55.07 15.69
C SER D 263 52.04 -55.03 15.64
N PHE D 264 51.44 -56.17 15.30
CA PHE D 264 50.00 -56.30 15.21
C PHE D 264 49.46 -56.99 16.46
N ILE D 265 48.49 -56.32 17.10
CA ILE D 265 47.88 -56.81 18.33
C ILE D 265 46.38 -56.65 18.21
N THR D 266 45.65 -57.63 18.75
CA THR D 266 44.21 -57.72 18.57
C THR D 266 43.49 -57.22 19.83
N VAL D 267 42.63 -56.24 19.65
CA VAL D 267 41.79 -55.71 20.73
C VAL D 267 40.40 -56.31 20.58
N SER D 268 39.93 -56.97 21.64
CA SER D 268 38.65 -57.66 21.62
C SER D 268 37.84 -57.27 22.84
N ASN D 269 36.52 -57.27 22.68
CA ASN D 269 35.60 -57.05 23.78
C ASN D 269 34.28 -57.70 23.42
N MET D 270 33.78 -58.56 24.32
CA MET D 270 32.52 -59.29 24.18
C MET D 270 32.21 -59.65 22.72
N GLY D 271 33.19 -60.21 22.03
CA GLY D 271 32.98 -60.74 20.69
C GLY D 271 33.50 -59.84 19.58
N CYS D 272 33.26 -58.54 19.70
CA CYS D 272 33.74 -57.59 18.72
C CYS D 272 35.24 -57.41 18.87
N VAL D 273 36.00 -57.80 17.83
CA VAL D 273 37.45 -57.75 17.87
C VAL D 273 37.97 -57.08 16.60
N ARG D 274 39.19 -56.56 16.70
CA ARG D 274 39.85 -55.92 15.58
C ARG D 274 41.35 -56.01 15.79
N LEU D 275 42.10 -55.80 14.71
CA LEU D 275 43.55 -55.74 14.77
C LEU D 275 43.99 -54.28 14.88
N VAL D 276 45.25 -54.08 15.25
CA VAL D 276 45.80 -52.74 15.30
C VAL D 276 47.32 -52.83 15.25
N LYS D 277 47.94 -51.83 14.63
CA LYS D 277 49.38 -51.64 14.71
C LYS D 277 49.71 -50.84 15.95
N LEU D 278 50.59 -51.36 16.79
CA LEU D 278 50.90 -50.78 18.08
C LEU D 278 52.36 -50.38 18.15
N PHE D 279 52.62 -49.16 18.61
CA PHE D 279 53.95 -48.63 18.83
C PHE D 279 54.06 -48.14 20.27
N VAL D 280 55.19 -47.52 20.60
CA VAL D 280 55.46 -47.03 21.94
C VAL D 280 55.42 -45.51 21.92
N LEU D 281 55.20 -44.92 23.09
CA LEU D 281 55.15 -43.47 23.20
C LEU D 281 56.49 -42.96 23.71
N LEU D 282 57.17 -42.16 22.90
CA LEU D 282 58.50 -41.66 23.22
C LEU D 282 58.39 -40.62 24.32
N LEU D 283 59.18 -40.78 25.38
CA LEU D 283 59.23 -39.79 26.44
C LEU D 283 59.82 -38.48 25.89
N PRO D 284 59.39 -37.34 26.43
CA PRO D 284 58.52 -37.20 27.61
C PRO D 284 57.07 -37.56 27.34
N ASN D 285 56.36 -37.91 28.41
CA ASN D 285 54.95 -38.31 28.35
C ASN D 285 54.05 -37.08 28.33
N GLY D 286 52.78 -37.26 28.66
CA GLY D 286 51.75 -36.27 28.43
C GLY D 286 50.44 -36.96 28.13
N PHE D 287 50.47 -38.29 28.15
CA PHE D 287 49.29 -39.12 28.00
C PHE D 287 49.16 -40.01 29.23
N LYS D 288 47.91 -40.30 29.61
CA LYS D 288 47.66 -41.10 30.80
C LYS D 288 48.39 -42.44 30.70
N LYS D 289 49.03 -42.83 31.80
CA LYS D 289 49.69 -44.12 31.84
C LYS D 289 48.66 -45.25 31.85
N ARG D 290 49.17 -46.48 31.75
CA ARG D 290 48.34 -47.68 31.81
C ARG D 290 47.08 -47.54 30.96
N THR D 291 47.25 -46.99 29.74
CA THR D 291 46.13 -46.70 28.87
C THR D 291 46.50 -47.06 27.44
N ILE D 292 45.49 -47.38 26.63
CA ILE D 292 45.68 -47.66 25.21
C ILE D 292 45.01 -46.55 24.41
N TYR D 293 45.77 -45.88 23.56
CA TYR D 293 45.27 -44.77 22.76
C TYR D 293 45.08 -45.23 21.33
N ALA D 294 43.88 -45.03 20.81
CA ALA D 294 43.52 -45.47 19.47
C ALA D 294 42.77 -44.36 18.76
N PRO D 295 42.95 -44.24 17.45
CA PRO D 295 42.19 -43.24 16.68
C PRO D 295 40.71 -43.51 16.72
N PRO D 296 39.89 -42.60 16.23
CA PRO D 296 38.44 -42.85 16.21
C PRO D 296 38.07 -44.11 15.45
N LYS D 297 38.87 -44.50 14.46
CA LYS D 297 38.62 -45.73 13.73
C LYS D 297 38.28 -46.88 14.67
N ILE D 298 39.14 -47.12 15.65
CA ILE D 298 38.92 -48.21 16.60
C ILE D 298 37.76 -47.88 17.54
N ILE D 299 37.72 -46.64 18.02
CA ILE D 299 36.76 -46.28 19.07
C ILE D 299 35.33 -46.47 18.59
N ALA D 300 35.05 -46.08 17.35
CA ALA D 300 33.69 -46.17 16.82
C ALA D 300 33.15 -47.60 16.95
N SER D 301 33.94 -48.60 16.58
CA SER D 301 33.52 -49.98 16.73
C SER D 301 33.28 -50.36 18.19
N PHE D 302 33.85 -49.63 19.14
CA PHE D 302 33.67 -49.88 20.57
C PHE D 302 32.97 -48.68 21.19
N PRO D 303 31.79 -48.31 20.69
CA PRO D 303 31.14 -47.09 21.19
C PRO D 303 30.87 -47.11 22.68
N ASP D 304 30.46 -48.25 23.23
CA ASP D 304 30.08 -48.35 24.63
C ASP D 304 31.15 -49.00 25.49
N CYS D 305 32.36 -49.20 24.95
CA CYS D 305 33.43 -49.89 25.66
C CYS D 305 34.54 -48.90 25.96
N SER D 306 34.72 -48.58 27.25
CA SER D 306 35.87 -47.82 27.71
C SER D 306 37.02 -48.72 28.13
N VAL D 307 36.74 -49.70 28.99
CA VAL D 307 37.69 -50.77 29.28
C VAL D 307 37.51 -51.86 28.24
N VAL D 308 38.63 -52.41 27.77
CA VAL D 308 38.61 -53.41 26.71
C VAL D 308 39.80 -54.33 26.87
N THR D 309 39.65 -55.57 26.40
CA THR D 309 40.69 -56.58 26.50
C THR D 309 41.61 -56.47 25.28
N ILE D 310 42.91 -56.63 25.51
CA ILE D 310 43.90 -56.59 24.44
C ILE D 310 44.77 -57.84 24.56
N SER D 311 45.00 -58.49 23.43
CA SER D 311 45.79 -59.70 23.38
C SER D 311 46.76 -59.62 22.22
N LYS D 312 47.86 -60.35 22.35
CA LYS D 312 48.87 -60.37 21.29
C LYS D 312 48.28 -60.96 20.02
N SER D 313 49.02 -60.78 18.92
CA SER D 313 48.65 -61.37 17.64
C SER D 313 49.87 -62.02 17.01
N ASN D 314 49.65 -63.14 16.35
CA ASN D 314 50.70 -63.86 15.65
C ASN D 314 50.53 -63.84 14.14
N ILE D 315 49.55 -63.10 13.63
CA ILE D 315 49.31 -63.05 12.20
C ILE D 315 50.37 -62.22 11.52
N GLY D 316 51.01 -62.79 10.50
CA GLY D 316 52.06 -62.12 9.76
C GLY D 316 51.46 -61.36 8.59
N HIS D 317 52.21 -60.37 8.10
CA HIS D 317 51.72 -59.55 6.99
C HIS D 317 51.41 -60.41 5.77
N THR D 318 52.29 -61.35 5.45
CA THR D 318 52.06 -62.20 4.28
C THR D 318 50.80 -63.03 4.41
N ASP D 319 50.42 -63.38 5.63
CA ASP D 319 49.28 -64.27 5.86
C ASP D 319 47.94 -63.61 5.59
N ILE D 320 47.88 -62.28 5.48
CA ILE D 320 46.61 -61.57 5.35
C ILE D 320 46.02 -61.85 3.97
N PRO D 321 44.79 -62.34 3.90
CA PRO D 321 44.16 -62.55 2.59
C PRO D 321 43.86 -61.23 1.90
N ILE D 322 43.82 -61.28 0.57
CA ILE D 322 43.48 -60.12 -0.26
C ILE D 322 42.06 -60.32 -0.79
N ALA D 323 41.24 -59.29 -0.65
CA ALA D 323 39.87 -59.35 -1.15
C ALA D 323 39.80 -58.82 -2.57
N ASN D 324 38.71 -59.19 -3.27
CA ASN D 324 38.48 -58.74 -4.63
C ASN D 324 37.34 -57.74 -4.71
N GLN D 325 36.17 -58.09 -4.19
CA GLN D 325 35.00 -57.22 -4.20
C GLN D 325 34.52 -57.01 -2.79
N VAL D 326 34.33 -55.75 -2.41
CA VAL D 326 33.87 -55.37 -1.07
C VAL D 326 32.68 -54.43 -1.22
N PHE D 327 31.59 -54.75 -0.54
CA PHE D 327 30.41 -53.92 -0.52
C PHE D 327 30.45 -53.02 0.70
N ILE D 328 30.34 -51.71 0.49
CA ILE D 328 30.37 -50.73 1.57
C ILE D 328 29.08 -49.94 1.52
N SER D 329 28.38 -49.87 2.66
CA SER D 329 27.16 -49.08 2.76
C SER D 329 27.50 -47.77 3.46
N ARG D 330 27.31 -46.66 2.76
CA ARG D 330 27.66 -45.35 3.32
C ARG D 330 26.88 -45.11 4.60
N VAL D 331 27.59 -44.66 5.63
CA VAL D 331 26.97 -44.41 6.93
C VAL D 331 26.03 -43.22 6.80
N GLY D 332 24.78 -43.41 7.22
CA GLY D 332 23.81 -42.33 7.19
C GLY D 332 24.27 -41.13 7.97
N GLY D 333 24.15 -39.95 7.39
CA GLY D 333 24.60 -38.74 8.05
C GLY D 333 24.13 -37.51 7.32
N TRP D 334 24.06 -36.40 8.05
CA TRP D 334 23.61 -35.15 7.46
C TRP D 334 24.49 -34.75 6.30
N LEU D 335 25.81 -34.89 6.45
CA LEU D 335 26.71 -34.62 5.32
C LEU D 335 26.41 -35.55 4.15
N GLN D 336 26.18 -36.83 4.42
CA GLN D 336 26.01 -37.81 3.35
C GLN D 336 24.84 -37.47 2.44
N SER D 337 23.87 -36.69 2.92
CA SER D 337 22.69 -36.40 2.13
C SER D 337 22.83 -35.18 1.23
N GLN D 338 23.94 -34.45 1.33
CA GLN D 338 24.13 -33.25 0.53
C GLN D 338 24.53 -33.58 -0.90
N LYS D 339 23.61 -33.36 -1.84
CA LYS D 339 23.90 -33.59 -3.25
C LYS D 339 25.11 -32.79 -3.70
N CYS D 340 25.35 -31.63 -3.08
CA CYS D 340 26.47 -30.79 -3.45
C CYS D 340 27.82 -31.42 -3.16
N PHE D 341 27.87 -32.49 -2.37
CA PHE D 341 29.13 -33.06 -1.91
C PHE D 341 29.39 -34.48 -2.39
N GLN D 342 28.37 -35.16 -2.91
CA GLN D 342 28.50 -36.56 -3.31
C GLN D 342 29.74 -36.78 -4.18
N ASN D 343 29.93 -35.91 -5.17
CA ASN D 343 31.07 -36.07 -6.08
C ASN D 343 32.39 -36.00 -5.32
N ILE D 344 32.57 -34.95 -4.53
CA ILE D 344 33.85 -34.77 -3.83
C ILE D 344 34.07 -35.87 -2.81
N ILE D 345 33.01 -36.27 -2.10
CA ILE D 345 33.17 -37.33 -1.12
C ILE D 345 33.58 -38.63 -1.79
N LEU D 346 32.95 -38.96 -2.92
CA LEU D 346 33.34 -40.17 -3.64
C LEU D 346 34.78 -40.08 -4.13
N THR D 347 35.18 -38.92 -4.65
CA THR D 347 36.56 -38.77 -5.11
C THR D 347 37.56 -38.96 -3.98
N THR D 348 37.30 -38.35 -2.83
CA THR D 348 38.22 -38.52 -1.70
C THR D 348 38.20 -39.96 -1.20
N LEU D 349 37.05 -40.61 -1.29
CA LEU D 349 36.93 -42.03 -0.94
C LEU D 349 37.86 -42.88 -1.81
N LYS D 350 37.74 -42.70 -3.12
CA LYS D 350 38.58 -43.44 -4.06
C LYS D 350 40.04 -43.15 -3.83
N LYS D 351 40.36 -41.88 -3.53
CA LYS D 351 41.73 -41.52 -3.22
C LYS D 351 42.21 -42.26 -1.97
N PHE D 352 41.34 -42.37 -0.97
CA PHE D 352 41.74 -43.01 0.29
C PHE D 352 42.13 -44.47 0.06
N PHE D 353 41.34 -45.22 -0.69
CA PHE D 353 41.85 -46.54 -1.07
C PHE D 353 43.09 -46.48 -1.96
N SER D 354 43.13 -45.56 -2.92
CA SER D 354 44.28 -45.52 -3.81
C SER D 354 45.58 -45.20 -3.08
N GLU D 355 45.50 -44.69 -1.86
CA GLU D 355 46.71 -44.32 -1.12
C GLU D 355 47.65 -45.51 -0.98
N SER D 356 47.14 -46.64 -0.49
CA SER D 356 47.97 -47.83 -0.30
C SER D 356 47.07 -48.98 0.12
N LYS D 357 47.68 -50.12 0.43
CA LYS D 357 46.96 -51.33 0.83
C LYS D 357 46.17 -51.03 2.10
N ARG D 358 44.91 -51.42 2.14
CA ARG D 358 44.07 -51.16 3.30
C ARG D 358 43.82 -52.44 4.08
N ILE D 359 43.68 -52.30 5.40
CA ILE D 359 43.35 -53.40 6.30
C ILE D 359 41.93 -53.17 6.80
N LEU D 360 41.09 -54.21 6.72
CA LEU D 360 39.70 -54.07 7.12
C LEU D 360 39.17 -55.41 7.62
N CYS D 361 38.06 -55.33 8.34
CA CYS D 361 37.32 -56.52 8.76
C CYS D 361 35.86 -56.30 8.39
N GLN D 362 35.07 -57.36 8.52
CA GLN D 362 33.64 -57.22 8.27
C GLN D 362 33.00 -56.32 9.32
N ASN D 363 31.98 -55.57 8.91
CA ASN D 363 31.23 -54.67 9.76
C ASN D 363 32.07 -53.53 10.31
N ASP D 364 33.21 -53.23 9.71
CA ASP D 364 34.06 -52.15 10.18
C ASP D 364 33.52 -50.81 9.68
N LEU D 365 33.99 -49.73 10.31
CA LEU D 365 33.58 -48.38 9.95
C LEU D 365 34.78 -47.63 9.37
N ILE D 366 34.49 -46.65 8.53
CA ILE D 366 35.54 -45.90 7.85
C ILE D 366 35.29 -44.40 7.97
N PRO D 367 36.19 -43.64 8.59
CA PRO D 367 36.08 -42.18 8.58
C PRO D 367 36.82 -41.58 7.40
N ILE D 368 36.18 -40.62 6.75
CA ILE D 368 36.80 -39.89 5.65
C ILE D 368 36.61 -38.40 5.89
N ALA D 369 37.69 -37.63 5.71
CA ALA D 369 37.67 -36.19 5.94
C ALA D 369 37.92 -35.48 4.62
N PHE D 370 37.35 -34.28 4.47
CA PHE D 370 37.49 -33.51 3.26
C PHE D 370 37.27 -32.04 3.57
N ASP D 371 37.91 -31.18 2.77
CA ASP D 371 37.70 -29.74 2.87
C ASP D 371 36.47 -29.36 2.05
N SER D 372 35.34 -29.18 2.74
CA SER D 372 34.08 -28.88 2.06
C SER D 372 34.20 -27.66 1.16
N SER D 373 35.03 -26.69 1.54
CA SER D 373 35.19 -25.50 0.72
C SER D 373 35.65 -25.84 -0.70
N MET D 374 36.36 -26.95 -0.87
CA MET D 374 36.81 -27.43 -2.17
C MET D 374 35.73 -28.27 -2.87
N ALA D 375 34.48 -28.20 -2.38
CA ALA D 375 33.44 -29.11 -2.84
C ALA D 375 33.17 -28.95 -4.33
N ASP D 376 32.65 -27.79 -4.73
CA ASP D 376 32.18 -27.61 -6.09
C ASP D 376 33.29 -27.59 -7.12
N LEU D 377 34.52 -27.33 -6.71
CA LEU D 377 35.65 -27.19 -7.63
C LEU D 377 36.24 -28.57 -7.90
N ASN D 378 35.61 -29.32 -8.80
CA ASN D 378 36.17 -30.62 -9.21
C ASN D 378 37.49 -30.38 -9.94
N ILE D 379 38.57 -30.85 -9.30
CA ILE D 379 39.92 -30.49 -9.73
C ILE D 379 40.66 -31.74 -10.18
N ALA D 380 41.16 -31.71 -11.41
CA ALA D 380 42.12 -32.68 -11.93
C ALA D 380 41.72 -34.12 -11.62
N GLU D 381 40.55 -34.51 -12.14
CA GLU D 381 40.20 -35.93 -12.15
C GLU D 381 40.81 -36.66 -13.33
N GLU D 382 41.02 -35.98 -14.45
CA GLU D 382 41.64 -36.61 -15.61
C GLU D 382 43.09 -37.03 -15.35
N ASN D 383 43.71 -36.53 -14.29
CA ASN D 383 45.10 -36.87 -13.99
C ASN D 383 45.21 -38.35 -13.66
N ASP D 384 45.78 -39.13 -14.56
CA ASP D 384 45.79 -40.58 -14.43
C ASP D 384 46.92 -41.03 -13.52
N GLU D 385 46.56 -41.70 -12.42
CA GLU D 385 47.51 -42.33 -11.51
C GLU D 385 48.73 -41.44 -11.26
N SER D 386 48.45 -40.26 -10.71
CA SER D 386 49.48 -39.28 -10.41
C SER D 386 49.68 -39.21 -8.90
N ASP D 387 50.94 -39.31 -8.46
CA ASP D 387 51.23 -39.24 -7.04
C ASP D 387 51.10 -37.81 -6.52
N ASP D 388 51.18 -36.83 -7.43
CA ASP D 388 51.15 -35.42 -7.07
C ASP D 388 49.94 -35.09 -6.21
N GLU D 389 48.91 -35.93 -6.25
CA GLU D 389 47.71 -35.71 -5.45
C GLU D 389 48.04 -35.55 -3.97
N ASP D 390 49.12 -36.19 -3.49
CA ASP D 390 49.49 -36.02 -2.09
C ASP D 390 49.73 -34.56 -1.76
N GLU D 391 50.39 -33.83 -2.66
CA GLU D 391 50.83 -32.48 -2.34
C GLU D 391 49.79 -31.43 -2.69
N LEU D 392 48.61 -31.82 -3.18
CA LEU D 392 47.46 -30.94 -3.06
C LEU D 392 46.84 -31.06 -1.67
N GLY D 393 47.18 -32.14 -0.96
CA GLY D 393 46.59 -32.37 0.35
C GLY D 393 46.85 -31.23 1.32
N GLN D 394 48.10 -30.77 1.42
CA GLN D 394 48.37 -29.58 2.22
C GLN D 394 47.80 -28.32 1.58
N TYR D 395 47.70 -28.28 0.26
CA TYR D 395 46.92 -27.21 -0.37
C TYR D 395 45.44 -27.36 -0.03
N TYR D 396 44.97 -28.60 0.12
CA TYR D 396 43.72 -28.85 0.81
C TYR D 396 43.94 -28.69 2.32
N LYS D 397 42.83 -28.64 3.07
CA LYS D 397 42.88 -28.96 4.50
C LYS D 397 41.52 -29.58 4.83
N ASN D 398 41.52 -30.84 5.20
CA ASN D 398 40.28 -31.53 5.53
C ASN D 398 39.53 -30.78 6.62
N ASP D 399 38.23 -30.61 6.43
CA ASP D 399 37.42 -29.81 7.35
C ASP D 399 36.28 -30.58 7.98
N SER D 400 35.59 -31.44 7.24
CA SER D 400 34.46 -32.18 7.76
C SER D 400 34.59 -33.66 7.43
N LEU D 401 33.95 -34.49 8.25
CA LEU D 401 34.08 -35.94 8.16
C LEU D 401 32.74 -36.59 7.84
N VAL D 402 32.83 -37.75 7.21
CA VAL D 402 31.69 -38.63 6.96
C VAL D 402 32.12 -40.06 7.26
N TRP D 403 31.12 -40.94 7.35
CA TRP D 403 31.30 -42.28 7.90
C TRP D 403 30.94 -43.33 6.85
N PHE D 404 31.62 -44.48 6.95
CA PHE D 404 31.40 -45.58 6.02
C PHE D 404 31.35 -46.89 6.80
N PHE D 405 30.55 -47.83 6.32
CA PHE D 405 30.31 -49.09 7.00
C PHE D 405 30.77 -50.24 6.12
N VAL D 406 31.55 -51.15 6.69
CA VAL D 406 32.01 -52.34 5.98
C VAL D 406 30.88 -53.35 5.99
N THR D 407 30.07 -53.37 4.93
CA THR D 407 28.90 -54.22 4.85
C THR D 407 29.21 -55.64 4.44
N SER D 408 30.25 -55.87 3.64
CA SER D 408 30.57 -57.21 3.19
C SER D 408 31.92 -57.18 2.49
N ALA D 409 32.65 -58.29 2.59
CA ALA D 409 33.92 -58.46 1.89
C ALA D 409 33.92 -59.81 1.19
N GLU D 410 34.41 -59.83 -0.04
CA GLU D 410 34.45 -61.05 -0.85
C GLU D 410 35.90 -61.51 -0.97
N LEU D 411 36.15 -62.75 -0.58
CA LEU D 411 37.47 -63.36 -0.63
C LEU D 411 37.47 -64.51 -1.62
N ASP D 412 38.66 -64.86 -2.11
CA ASP D 412 38.81 -65.89 -3.13
C ASP D 412 39.63 -67.08 -2.63
N CYS D 413 39.98 -67.10 -1.35
CA CYS D 413 40.76 -68.19 -0.80
C CYS D 413 40.68 -68.15 0.72
N PHE D 414 40.54 -69.32 1.33
CA PHE D 414 40.52 -69.42 2.78
C PHE D 414 41.93 -69.30 3.32
N SER D 415 42.18 -68.27 4.12
CA SER D 415 43.48 -68.00 4.70
C SER D 415 43.42 -68.15 6.21
N LYS D 416 44.58 -67.99 6.85
CA LYS D 416 44.62 -68.01 8.31
C LYS D 416 43.81 -66.85 8.89
N ASP D 417 43.96 -65.67 8.31
CA ASP D 417 43.24 -64.48 8.77
C ASP D 417 42.00 -64.23 7.91
N ASN D 418 41.04 -65.15 7.99
CA ASN D 418 39.81 -64.99 7.21
C ASN D 418 39.01 -63.77 7.64
N SER D 419 38.87 -63.55 8.96
CA SER D 419 38.05 -62.43 9.43
C SER D 419 38.57 -61.11 8.90
N HIS D 420 39.87 -60.86 9.06
CA HIS D 420 40.47 -59.64 8.53
C HIS D 420 40.78 -59.82 7.04
N PHE D 421 41.21 -58.74 6.40
CA PHE D 421 41.55 -58.82 4.98
C PHE D 421 42.17 -57.52 4.49
N ILE D 422 42.79 -57.57 3.31
CA ILE D 422 43.48 -56.44 2.72
C ILE D 422 42.82 -56.07 1.41
N ILE D 423 42.86 -54.79 1.10
CA ILE D 423 42.26 -54.23 -0.11
C ILE D 423 43.35 -53.54 -0.93
N ASP D 424 43.42 -53.91 -2.20
CA ASP D 424 44.37 -53.33 -3.15
C ASP D 424 43.57 -52.75 -4.31
N PRO D 425 43.77 -51.48 -4.66
CA PRO D 425 43.01 -50.91 -5.78
C PRO D 425 43.24 -51.65 -7.09
N ASN D 426 44.45 -52.15 -7.32
CA ASN D 426 44.75 -52.87 -8.56
C ASN D 426 44.18 -54.27 -8.59
N ARG D 427 43.68 -54.78 -7.46
CA ARG D 427 43.19 -56.16 -7.41
C ARG D 427 41.81 -56.24 -6.79
N THR D 428 41.46 -55.28 -5.95
CA THR D 428 40.20 -55.29 -5.21
C THR D 428 39.23 -54.29 -5.80
N LYS D 429 37.98 -54.71 -5.95
CA LYS D 429 36.89 -53.86 -6.41
C LYS D 429 36.02 -53.47 -5.23
N LEU D 430 35.42 -52.30 -5.30
CA LEU D 430 34.55 -51.79 -4.25
C LEU D 430 33.23 -51.33 -4.83
N ILE D 431 32.13 -51.66 -4.14
CA ILE D 431 30.80 -51.28 -4.57
C ILE D 431 30.08 -50.58 -3.43
N THR D 432 29.64 -49.35 -3.68
CA THR D 432 28.79 -48.65 -2.73
C THR D 432 27.38 -49.23 -2.78
N THR D 433 26.72 -49.27 -1.62
CA THR D 433 25.42 -49.90 -1.48
C THR D 433 24.50 -48.95 -0.72
N ASN D 434 23.32 -49.45 -0.35
CA ASN D 434 22.35 -48.66 0.40
C ASN D 434 22.98 -48.12 1.67
N ILE D 435 22.26 -47.20 2.31
CA ILE D 435 22.77 -46.49 3.47
C ILE D 435 22.31 -47.21 4.74
N THR D 436 23.17 -47.19 5.76
CA THR D 436 22.88 -47.83 7.03
C THR D 436 23.03 -46.81 8.16
N ASN D 437 22.09 -46.88 9.11
CA ASN D 437 22.10 -45.99 10.25
C ASN D 437 23.16 -46.43 11.25
N ARG D 438 23.66 -45.47 12.02
CA ARG D 438 24.61 -45.75 13.09
C ARG D 438 24.77 -44.52 13.98
N ARG D 439 24.65 -44.71 15.28
CA ARG D 439 24.75 -43.59 16.21
C ARG D 439 26.14 -42.99 16.17
N PRO D 440 26.27 -41.67 16.23
CA PRO D 440 27.60 -41.06 16.30
C PRO D 440 28.17 -41.13 17.71
N LEU D 441 29.50 -41.25 17.77
CA LEU D 441 30.17 -41.40 19.04
C LEU D 441 29.92 -40.18 19.92
N PRO D 442 29.68 -40.36 21.21
CA PRO D 442 29.58 -39.21 22.11
C PRO D 442 30.94 -38.54 22.30
N LEU D 443 30.89 -37.24 22.57
CA LEU D 443 32.14 -36.47 22.67
C LEU D 443 33.07 -37.05 23.71
N SER D 444 32.51 -37.73 24.72
CA SER D 444 33.35 -38.25 25.79
C SER D 444 34.40 -39.21 25.28
N ARG D 445 34.03 -40.13 24.38
CA ARG D 445 34.97 -41.11 23.87
C ARG D 445 36.00 -40.53 22.93
N SER D 446 35.77 -39.34 22.38
CA SER D 446 36.72 -38.72 21.47
C SER D 446 36.25 -37.32 21.12
N ASN D 447 37.19 -36.46 20.78
CA ASN D 447 36.92 -35.10 20.31
C ASN D 447 37.33 -35.07 18.85
N LEU D 448 36.39 -35.43 17.97
CA LEU D 448 36.70 -35.54 16.54
C LEU D 448 37.27 -34.23 16.01
N GLN D 449 36.64 -33.11 16.35
CA GLN D 449 37.17 -31.82 15.92
C GLN D 449 38.63 -31.65 16.33
N ARG D 450 38.93 -31.94 17.60
CA ARG D 450 40.30 -31.76 18.09
C ARG D 450 41.27 -32.66 17.34
N TYR D 451 40.91 -33.94 17.16
CA TYR D 451 41.80 -34.85 16.47
C TYR D 451 42.04 -34.40 15.02
N TYR D 452 40.98 -33.96 14.35
CA TYR D 452 41.09 -33.49 12.98
C TYR D 452 41.37 -32.00 12.90
N GLY D 453 41.54 -31.32 14.03
CA GLY D 453 41.92 -29.93 14.02
C GLY D 453 40.95 -28.99 13.34
N PHE D 454 39.65 -29.26 13.44
CA PHE D 454 38.66 -28.34 12.89
C PHE D 454 38.45 -27.20 13.88
N ALA D 455 37.43 -26.38 13.64
CA ALA D 455 37.10 -25.29 14.55
C ALA D 455 36.43 -25.91 15.77
N GLU D 456 37.23 -26.33 16.74
CA GLU D 456 36.70 -27.00 17.92
C GLU D 456 35.66 -26.10 18.60
N THR D 457 34.50 -26.67 18.87
CA THR D 457 33.39 -25.96 19.48
C THR D 457 33.63 -25.86 20.98
N PHE D 458 33.42 -24.66 21.53
CA PHE D 458 33.73 -24.41 22.93
C PHE D 458 33.05 -25.44 23.84
N TYR D 459 33.84 -26.00 24.76
CA TYR D 459 33.38 -27.05 25.65
C TYR D 459 32.83 -26.40 26.92
N TYR D 460 31.53 -26.54 27.14
CA TYR D 460 30.92 -26.00 28.33
C TYR D 460 31.25 -26.84 29.56
N ASP D 461 31.25 -26.18 30.72
CA ASP D 461 31.30 -26.84 32.01
C ASP D 461 29.89 -26.76 32.59
N LEU D 462 29.11 -27.81 32.34
CA LEU D 462 27.67 -27.82 32.63
C LEU D 462 27.38 -27.19 33.99
N HIS D 463 28.27 -27.41 34.96
CA HIS D 463 28.08 -26.84 36.29
C HIS D 463 28.03 -25.32 36.27
N ILE D 464 28.58 -24.68 35.24
CA ILE D 464 28.65 -23.24 35.17
C ILE D 464 27.73 -22.66 34.11
N PHE D 465 27.01 -23.50 33.36
CA PHE D 465 26.07 -23.07 32.32
C PHE D 465 24.73 -23.75 32.60
N PRO D 466 24.01 -23.29 33.61
CA PRO D 466 22.79 -24.03 34.03
C PRO D 466 21.77 -24.17 32.92
N TYR D 467 21.62 -23.18 32.05
CA TYR D 467 20.66 -23.30 30.96
C TYR D 467 21.03 -24.44 30.03
N VAL D 468 22.32 -24.56 29.70
CA VAL D 468 22.77 -25.66 28.86
C VAL D 468 22.50 -27.00 29.54
N ARG D 469 22.74 -27.07 30.85
CA ARG D 469 22.44 -28.30 31.58
C ARG D 469 20.96 -28.62 31.51
N GLN D 470 20.10 -27.61 31.69
CA GLN D 470 18.66 -27.84 31.65
C GLN D 470 18.25 -28.37 30.29
N LEU D 471 18.78 -27.78 29.22
CA LEU D 471 18.39 -28.23 27.89
C LEU D 471 18.91 -29.64 27.62
N VAL D 472 20.16 -29.93 28.00
CA VAL D 472 20.67 -31.28 27.83
C VAL D 472 19.81 -32.26 28.60
N ASN D 473 19.30 -31.87 29.76
CA ASN D 473 18.51 -32.76 30.61
C ASN D 473 17.24 -33.21 29.89
N ILE D 474 17.08 -32.77 28.64
CA ILE D 474 15.93 -33.12 27.81
C ILE D 474 16.28 -34.25 26.83
N LEU D 475 17.40 -34.10 26.13
CA LEU D 475 17.70 -34.97 25.00
C LEU D 475 17.93 -36.41 25.45
N GLU D 476 18.81 -36.62 26.44
CA GLU D 476 19.10 -37.99 26.84
C GLU D 476 17.89 -38.66 27.44
N THR D 477 17.08 -37.92 28.20
CA THR D 477 15.87 -38.51 28.76
C THR D 477 14.92 -38.94 27.65
N SER D 478 14.73 -38.09 26.64
CA SER D 478 13.90 -38.48 25.50
C SER D 478 14.47 -39.71 24.81
N PHE D 479 15.78 -39.72 24.61
CA PHE D 479 16.44 -40.82 23.91
C PHE D 479 16.26 -42.13 24.66
N ASN D 480 16.42 -42.09 25.98
CA ASN D 480 16.22 -43.28 26.80
C ASN D 480 14.77 -43.74 26.76
N CYS D 481 13.83 -42.83 27.00
CA CYS D 481 12.43 -43.23 27.00
C CYS D 481 12.03 -43.83 25.66
N SER D 482 12.59 -43.30 24.56
CA SER D 482 12.38 -43.93 23.26
C SER D 482 12.96 -45.34 23.25
N GLN D 483 14.20 -45.49 23.70
CA GLN D 483 14.78 -46.83 23.79
C GLN D 483 13.99 -47.72 24.74
N ARG D 484 13.50 -47.15 25.84
CA ARG D 484 12.68 -47.90 26.78
C ARG D 484 11.25 -48.10 26.26
N GLY D 485 11.01 -47.81 24.99
CA GLY D 485 9.70 -48.01 24.41
C GLY D 485 8.70 -46.91 24.71
N ILE D 486 9.15 -45.77 25.22
CA ILE D 486 8.27 -44.66 25.57
C ILE D 486 8.50 -43.54 24.54
N THR D 487 7.46 -43.24 23.76
CA THR D 487 7.52 -42.17 22.79
C THR D 487 7.00 -40.88 23.41
N LEU D 488 7.66 -39.77 23.07
CA LEU D 488 7.24 -38.46 23.57
C LEU D 488 7.88 -37.39 22.70
N ASN D 489 7.05 -36.50 22.15
CA ASN D 489 7.51 -35.46 21.24
C ASN D 489 8.14 -34.32 22.05
N ALA D 490 9.45 -34.45 22.25
CA ALA D 490 10.21 -33.45 22.99
C ALA D 490 10.70 -32.37 22.02
N SER D 491 10.15 -31.17 22.15
CA SER D 491 10.56 -30.03 21.34
C SER D 491 10.95 -28.88 22.26
N VAL D 492 11.80 -27.99 21.76
CA VAL D 492 12.27 -26.85 22.54
C VAL D 492 12.63 -25.72 21.61
N LEU D 493 12.43 -24.49 22.08
CA LEU D 493 12.67 -23.28 21.31
C LEU D 493 13.58 -22.36 22.10
N LEU D 494 14.64 -21.89 21.44
CA LEU D 494 15.60 -20.97 22.05
C LEU D 494 15.27 -19.54 21.66
N HIS D 495 15.29 -18.66 22.67
CA HIS D 495 15.07 -17.24 22.42
C HIS D 495 16.02 -16.45 23.30
N SER D 496 16.22 -15.19 22.94
CA SER D 496 17.15 -14.33 23.65
C SER D 496 16.75 -12.88 23.42
N THR D 497 17.31 -12.01 24.26
CA THR D 497 17.08 -10.57 24.13
C THR D 497 18.14 -9.89 23.26
N THR D 498 19.25 -10.56 23.00
CA THR D 498 20.32 -9.99 22.19
C THR D 498 20.91 -11.08 21.30
N ASN D 499 21.37 -10.68 20.12
CA ASN D 499 21.97 -11.61 19.19
C ASN D 499 23.36 -12.01 19.68
N ASN D 500 24.07 -12.76 18.83
CA ASN D 500 25.49 -13.03 19.01
C ASN D 500 25.76 -13.73 20.35
N VAL D 501 24.88 -14.64 20.72
CA VAL D 501 25.03 -15.38 21.96
C VAL D 501 25.33 -16.85 21.73
N GLY D 502 25.42 -17.28 20.47
CA GLY D 502 25.83 -18.64 20.16
C GLY D 502 24.86 -19.72 20.58
N LYS D 503 23.56 -19.41 20.63
CA LYS D 503 22.57 -20.45 20.93
C LYS D 503 22.72 -21.63 19.98
N ALA D 504 22.97 -21.35 18.69
CA ALA D 504 23.27 -22.43 17.76
C ALA D 504 24.53 -23.17 18.16
N THR D 505 25.53 -22.43 18.64
CA THR D 505 26.76 -23.08 19.11
C THR D 505 26.46 -24.04 20.26
N MET D 506 25.62 -23.61 21.20
CA MET D 506 25.27 -24.50 22.30
C MET D 506 24.45 -25.69 21.82
N VAL D 507 23.60 -25.48 20.81
CA VAL D 507 22.87 -26.60 20.23
C VAL D 507 23.84 -27.64 19.68
N ARG D 508 24.83 -27.18 18.90
CA ARG D 508 25.82 -28.10 18.37
C ARG D 508 26.59 -28.78 19.49
N PHE D 509 26.97 -28.02 20.52
CA PHE D 509 27.69 -28.59 21.65
C PHE D 509 26.88 -29.71 22.29
N ALA D 510 25.60 -29.46 22.55
CA ALA D 510 24.76 -30.50 23.14
C ALA D 510 24.65 -31.71 22.22
N SER D 511 24.50 -31.47 20.92
CA SER D 511 24.38 -32.58 19.98
C SER D 511 25.61 -33.47 20.03
N LYS D 512 26.80 -32.88 19.99
CA LYS D 512 28.02 -33.68 20.07
C LYS D 512 28.17 -34.33 21.43
N TYR D 513 27.71 -33.67 22.49
CA TYR D 513 27.85 -34.21 23.83
C TYR D 513 27.20 -35.58 23.95
N LEU D 514 25.98 -35.73 23.41
CA LEU D 514 25.26 -36.99 23.46
C LEU D 514 25.58 -37.90 22.28
N GLY D 515 26.44 -37.46 21.37
CA GLY D 515 26.72 -38.26 20.18
C GLY D 515 25.46 -38.51 19.37
N ILE D 516 24.74 -37.44 19.03
CA ILE D 516 23.49 -37.53 18.30
C ILE D 516 23.65 -36.81 16.97
N HIS D 517 23.00 -37.35 15.93
CA HIS D 517 23.05 -36.71 14.62
C HIS D 517 22.39 -35.35 14.67
N LEU D 518 22.98 -34.40 13.95
CA LEU D 518 22.49 -33.03 13.89
C LEU D 518 21.93 -32.73 12.51
N LEU D 519 20.78 -32.07 12.47
CA LEU D 519 20.13 -31.67 11.22
C LEU D 519 19.91 -30.16 11.28
N GLU D 520 20.89 -29.41 10.79
CA GLU D 520 20.86 -27.95 10.83
C GLU D 520 20.30 -27.42 9.52
N ILE D 521 19.36 -26.48 9.63
CA ILE D 521 18.77 -25.86 8.45
C ILE D 521 18.67 -24.35 8.67
N ASP D 522 19.59 -23.60 8.07
CA ASP D 522 19.57 -22.15 8.19
C ASP D 522 18.34 -21.60 7.49
N CYS D 523 17.53 -20.85 8.23
CA CYS D 523 16.38 -20.17 7.62
C CYS D 523 16.82 -19.15 6.58
N LEU D 524 17.87 -18.38 6.87
CA LEU D 524 18.30 -17.27 6.02
C LEU D 524 19.16 -17.73 4.86
N SER D 525 19.13 -19.02 4.52
CA SER D 525 19.92 -19.55 3.41
C SER D 525 19.04 -20.00 2.25
N LEU D 526 18.10 -20.92 2.49
CA LEU D 526 17.20 -21.39 1.45
C LEU D 526 15.81 -20.85 1.75
N THR D 527 15.47 -19.77 1.06
CA THR D 527 14.16 -19.13 1.22
C THR D 527 13.42 -18.93 -0.11
N SER D 528 14.13 -18.75 -1.21
CA SER D 528 13.52 -18.50 -2.51
C SER D 528 12.69 -17.22 -2.38
N ASN D 529 11.50 -17.15 -2.97
CA ASN D 529 10.65 -15.97 -2.89
C ASN D 529 9.53 -16.25 -1.89
N SER D 530 9.73 -15.82 -0.65
CA SER D 530 8.68 -15.94 0.35
C SER D 530 7.66 -14.80 0.25
N ARG D 531 7.20 -14.51 -0.95
CA ARG D 531 6.17 -13.54 -1.26
C ARG D 531 5.12 -14.09 -2.20
N GLN D 532 5.50 -14.92 -3.16
CA GLN D 532 4.59 -15.44 -4.17
C GLN D 532 3.86 -16.67 -3.65
N LEU D 533 2.94 -17.18 -4.46
CA LEU D 533 2.20 -18.38 -4.08
C LEU D 533 3.02 -19.62 -4.39
N ASP D 534 4.29 -19.61 -3.98
CA ASP D 534 5.16 -20.77 -4.06
C ASP D 534 5.97 -20.86 -2.78
N SER D 535 6.09 -19.73 -2.08
CA SER D 535 6.97 -19.65 -0.92
C SER D 535 6.63 -20.73 0.09
N THR D 536 5.37 -20.82 0.50
CA THR D 536 4.98 -21.86 1.44
C THR D 536 5.35 -23.23 0.90
N SER D 537 4.92 -23.52 -0.33
CA SER D 537 5.17 -24.84 -0.92
C SER D 537 6.66 -25.09 -1.10
N LYS D 538 7.40 -24.11 -1.63
CA LYS D 538 8.82 -24.32 -1.86
C LYS D 538 9.56 -24.59 -0.55
N ILE D 539 9.27 -23.80 0.48
CA ILE D 539 9.96 -23.98 1.75
C ILE D 539 9.63 -25.34 2.35
N ILE D 540 8.34 -25.70 2.38
CA ILE D 540 7.96 -26.98 2.98
C ILE D 540 8.62 -28.12 2.22
N GLY D 541 8.57 -28.07 0.88
CA GLY D 541 9.15 -29.13 0.09
C GLY D 541 10.65 -29.22 0.28
N TYR D 542 11.34 -28.08 0.31
CA TYR D 542 12.80 -28.12 0.48
C TYR D 542 13.18 -28.70 1.83
N ILE D 543 12.51 -28.27 2.89
CA ILE D 543 12.83 -28.82 4.20
C ILE D 543 12.51 -30.30 4.25
N ARG D 544 11.36 -30.70 3.71
CA ARG D 544 10.95 -32.10 3.73
C ARG D 544 11.95 -32.96 2.98
N ALA D 545 12.42 -32.47 1.82
CA ALA D 545 13.40 -33.23 1.06
C ALA D 545 14.73 -33.30 1.80
N LYS D 546 15.19 -32.18 2.35
CA LYS D 546 16.45 -32.18 3.09
C LYS D 546 16.37 -33.12 4.28
N CYS D 547 15.16 -33.40 4.77
CA CYS D 547 15.03 -34.28 5.92
C CYS D 547 14.89 -35.75 5.51
N GLU D 548 13.87 -36.08 4.70
CA GLU D 548 13.56 -37.48 4.42
C GLU D 548 14.77 -38.25 3.88
N ASN D 549 15.70 -37.58 3.21
CA ASN D 549 16.83 -38.28 2.62
C ASN D 549 17.85 -38.73 3.65
N VAL D 550 17.85 -38.16 4.86
CA VAL D 550 18.84 -38.49 5.88
C VAL D 550 18.18 -39.07 7.13
N LEU D 551 17.02 -38.54 7.52
CA LEU D 551 16.38 -38.97 8.76
C LEU D 551 16.13 -40.47 8.84
N PRO D 552 15.69 -41.16 7.79
CA PRO D 552 15.39 -42.59 7.93
C PRO D 552 16.56 -43.41 8.46
N TYR D 553 17.79 -43.08 8.05
CA TYR D 553 18.97 -43.82 8.50
C TYR D 553 19.85 -43.01 9.44
N ALA D 554 19.27 -42.02 10.13
CA ALA D 554 20.06 -41.11 10.95
C ALA D 554 19.59 -41.01 12.40
N SER D 555 18.44 -41.57 12.74
CA SER D 555 17.94 -41.44 14.10
C SER D 555 18.83 -42.22 15.06
N PRO D 556 18.94 -41.77 16.31
CA PRO D 556 18.31 -40.57 16.89
C PRO D 556 19.04 -39.31 16.48
N ALA D 557 18.30 -38.22 16.25
CA ALA D 557 18.90 -36.95 15.85
C ALA D 557 17.93 -35.83 16.22
N VAL D 558 18.21 -34.62 15.73
CA VAL D 558 17.39 -33.45 16.04
C VAL D 558 17.22 -32.62 14.78
N ILE D 559 16.02 -32.09 14.59
CA ILE D 559 15.74 -31.13 13.52
C ILE D 559 15.92 -29.74 14.08
N PHE D 560 16.98 -29.05 13.65
CA PHE D 560 17.28 -27.71 14.12
C PHE D 560 16.97 -26.69 13.04
N LEU D 561 16.19 -25.69 13.40
CA LEU D 561 15.81 -24.61 12.50
C LEU D 561 16.43 -23.31 13.02
N ALA D 562 17.45 -22.83 12.32
CA ALA D 562 18.11 -21.59 12.73
C ALA D 562 17.28 -20.38 12.30
N HIS D 563 17.17 -19.41 13.19
CA HIS D 563 16.45 -18.17 12.90
C HIS D 563 15.04 -18.48 12.41
N LEU D 564 14.39 -19.44 13.08
CA LEU D 564 13.07 -19.88 12.65
C LEU D 564 12.09 -18.72 12.54
N ASP D 565 12.19 -17.73 13.43
CA ASP D 565 11.23 -16.63 13.41
C ASP D 565 11.16 -15.96 12.05
N SER D 566 12.26 -15.96 11.29
CA SER D 566 12.28 -15.29 9.99
C SER D 566 11.12 -15.75 9.11
N ILE D 567 10.82 -17.04 9.08
CA ILE D 567 9.69 -17.52 8.30
C ILE D 567 8.38 -17.12 8.97
N LEU D 568 8.21 -17.49 10.24
CA LEU D 568 6.95 -17.29 10.96
C LEU D 568 6.89 -15.85 11.46
N LEU D 569 6.45 -14.97 10.58
CA LEU D 569 6.27 -13.55 10.92
C LEU D 569 4.80 -13.27 11.18
N ASP D 570 4.44 -13.07 12.44
CA ASP D 570 3.10 -12.61 12.75
C ASP D 570 2.86 -11.25 12.09
N VAL D 571 1.66 -11.07 11.55
CA VAL D 571 1.35 -9.92 10.70
C VAL D 571 0.14 -9.19 11.25
N ASN D 572 0.18 -7.86 11.18
CA ASN D 572 -0.94 -7.05 11.61
C ASN D 572 -2.05 -7.07 10.55
N ALA D 573 -3.27 -6.77 11.01
CA ALA D 573 -4.43 -6.85 10.12
C ALA D 573 -4.33 -5.89 8.94
N ASN D 574 -3.90 -4.65 9.18
CA ASN D 574 -3.96 -3.64 8.13
C ASN D 574 -3.04 -3.94 6.96
N GLN D 575 -2.11 -4.88 7.10
CA GLN D 575 -1.23 -5.26 6.00
C GLN D 575 -2.06 -5.87 4.87
N ASP D 576 -1.38 -6.19 3.77
CA ASP D 576 -2.07 -6.80 2.64
C ASP D 576 -2.70 -8.13 3.09
N PRO D 577 -4.01 -8.31 2.90
CA PRO D 577 -4.63 -9.56 3.34
C PRO D 577 -4.01 -10.80 2.71
N GLU D 578 -3.56 -10.71 1.47
CA GLU D 578 -2.95 -11.87 0.83
C GLU D 578 -1.68 -12.28 1.56
N ALA D 579 -0.87 -11.30 1.97
CA ALA D 579 0.32 -11.61 2.76
C ALA D 579 -0.07 -12.25 4.09
N ILE D 580 -1.14 -11.76 4.72
CA ILE D 580 -1.61 -12.37 5.95
C ILE D 580 -1.95 -13.84 5.71
N LYS D 581 -2.67 -14.12 4.64
CA LYS D 581 -3.06 -15.50 4.34
C LYS D 581 -1.84 -16.37 4.09
N LEU D 582 -0.87 -15.85 3.33
CA LEU D 582 0.33 -16.62 3.04
C LEU D 582 1.11 -16.92 4.31
N GLN D 583 1.23 -15.94 5.22
CA GLN D 583 1.90 -16.18 6.49
C GLN D 583 1.16 -17.22 7.31
N LYS D 584 -0.17 -17.11 7.38
CA LYS D 584 -0.95 -18.09 8.13
C LYS D 584 -0.68 -19.49 7.59
N SER D 585 -0.71 -19.65 6.26
CA SER D 585 -0.35 -20.93 5.68
C SER D 585 1.04 -21.36 6.14
N ILE D 586 2.06 -20.61 5.75
CA ILE D 586 3.43 -21.02 6.03
C ILE D 586 3.53 -21.52 7.47
N ASN D 587 2.97 -20.77 8.41
CA ASN D 587 3.12 -21.17 9.81
C ASN D 587 2.34 -22.44 10.14
N PHE D 588 1.08 -22.53 9.67
CA PHE D 588 0.26 -23.68 10.04
C PHE D 588 0.82 -24.96 9.45
N GLU D 589 1.09 -24.96 8.15
CA GLU D 589 1.78 -26.10 7.54
C GLU D 589 3.16 -26.36 8.11
N MET D 590 3.87 -25.34 8.61
CA MET D 590 5.14 -25.61 9.28
C MET D 590 4.90 -26.44 10.54
N SER D 591 3.93 -26.04 11.35
CA SER D 591 3.60 -26.82 12.54
C SER D 591 3.14 -28.23 12.17
N LYS D 592 2.31 -28.33 11.12
CA LYS D 592 1.83 -29.63 10.68
C LYS D 592 2.98 -30.52 10.24
N LEU D 593 3.96 -29.94 9.54
CA LEU D 593 5.14 -30.70 9.13
C LEU D 593 5.91 -31.18 10.34
N LEU D 594 6.04 -30.33 11.37
CA LEU D 594 6.71 -30.78 12.59
C LEU D 594 5.98 -31.96 13.23
N ASP D 595 4.65 -31.87 13.32
CA ASP D 595 3.90 -32.97 13.91
C ASP D 595 4.05 -34.25 13.09
N ASP D 596 3.98 -34.13 11.76
CA ASP D 596 4.13 -35.30 10.91
C ASP D 596 5.51 -35.91 11.07
N PHE D 597 6.54 -35.07 11.16
CA PHE D 597 7.89 -35.57 11.39
C PHE D 597 7.98 -36.34 12.70
N THR D 598 7.47 -35.75 13.77
CA THR D 598 7.51 -36.42 15.06
C THR D 598 6.79 -37.76 15.01
N PHE D 599 5.62 -37.80 14.39
CA PHE D 599 4.86 -39.04 14.32
C PHE D 599 5.60 -40.09 13.50
N LYS D 600 5.93 -39.77 12.25
CA LYS D 600 6.53 -40.74 11.35
C LYS D 600 7.79 -41.36 11.93
N PHE D 601 8.60 -40.57 12.63
CA PHE D 601 9.88 -41.03 13.16
C PHE D 601 9.92 -40.74 14.66
N PRO D 602 9.48 -41.69 15.48
CA PRO D 602 9.59 -41.51 16.93
C PRO D 602 11.04 -41.36 17.35
N GLY D 603 11.25 -40.59 18.41
CA GLY D 603 12.58 -40.27 18.89
C GLY D 603 13.18 -39.01 18.31
N THR D 604 12.62 -38.49 17.22
CA THR D 604 13.09 -37.24 16.67
C THR D 604 12.53 -36.06 17.46
N THR D 605 13.39 -35.06 17.68
CA THR D 605 13.02 -33.87 18.44
C THR D 605 13.39 -32.65 17.62
N PHE D 606 12.66 -31.56 17.85
CA PHE D 606 12.80 -30.34 17.06
C PHE D 606 13.26 -29.22 17.98
N VAL D 607 14.28 -28.47 17.54
CA VAL D 607 14.79 -27.31 18.25
C VAL D 607 14.89 -26.16 17.26
N GLY D 608 14.50 -24.97 17.70
CA GLY D 608 14.52 -23.80 16.86
C GLY D 608 15.17 -22.62 17.56
N SER D 609 15.89 -21.83 16.77
CA SER D 609 16.58 -20.63 17.26
C SER D 609 15.83 -19.40 16.80
N VAL D 610 15.52 -18.50 17.74
CA VAL D 610 14.80 -17.28 17.44
C VAL D 610 15.44 -16.11 18.16
N ASN D 611 15.57 -14.99 17.46
CA ASN D 611 16.12 -13.78 18.05
C ASN D 611 15.17 -13.09 19.01
N ASN D 612 13.86 -13.17 18.78
CA ASN D 612 12.89 -12.56 19.67
C ASN D 612 11.74 -13.52 19.86
N ILE D 613 11.55 -13.99 21.09
CA ILE D 613 10.50 -14.97 21.38
C ILE D 613 9.14 -14.40 21.01
N ASP D 614 8.91 -13.12 21.29
CA ASP D 614 7.57 -12.54 21.13
C ASP D 614 7.10 -12.62 19.69
N ASN D 615 7.98 -12.35 18.72
CA ASN D 615 7.55 -12.27 17.33
C ASN D 615 6.93 -13.56 16.83
N VAL D 616 7.21 -14.68 17.47
CA VAL D 616 6.63 -15.94 17.01
C VAL D 616 5.11 -15.90 17.19
N PRO D 617 4.33 -16.46 16.27
CA PRO D 617 2.87 -16.51 16.48
C PRO D 617 2.52 -17.29 17.73
N SER D 618 1.47 -16.83 18.42
CA SER D 618 1.10 -17.44 19.69
C SER D 618 0.69 -18.90 19.52
N SER D 619 -0.04 -19.22 18.45
CA SER D 619 -0.54 -20.58 18.27
C SER D 619 0.60 -21.59 18.29
N PHE D 620 1.54 -21.46 17.36
CA PHE D 620 2.66 -22.40 17.30
C PHE D 620 3.41 -22.38 18.63
N ARG D 621 3.68 -21.19 19.17
CA ARG D 621 4.40 -21.09 20.43
C ARG D 621 3.77 -21.98 21.49
N SER D 622 2.45 -21.87 21.67
CA SER D 622 1.76 -22.77 22.56
C SER D 622 1.96 -24.22 22.14
N HIS D 623 1.92 -24.48 20.84
CA HIS D 623 2.14 -25.84 20.36
C HIS D 623 3.53 -26.34 20.72
N MET D 624 4.48 -25.41 20.93
CA MET D 624 5.82 -25.81 21.32
C MET D 624 5.81 -26.35 22.75
N ARG D 625 6.77 -27.21 23.04
CA ARG D 625 6.85 -27.91 24.32
C ARG D 625 7.71 -27.20 25.34
N PHE D 626 8.98 -26.97 25.04
CA PHE D 626 9.92 -26.35 25.97
C PHE D 626 10.33 -25.00 25.40
N GLU D 627 10.47 -24.00 26.26
CA GLU D 627 10.84 -22.65 25.85
C GLU D 627 11.96 -22.17 26.77
N ILE D 628 13.14 -21.92 26.21
CA ILE D 628 14.29 -21.51 26.99
C ILE D 628 14.92 -20.28 26.35
N LEU D 629 15.32 -19.33 27.19
CA LEU D 629 16.12 -18.19 26.75
C LEU D 629 17.58 -18.41 27.15
N VAL D 630 18.47 -17.99 26.28
CA VAL D 630 19.91 -18.03 26.55
C VAL D 630 20.36 -16.61 26.87
N PRO D 631 20.79 -16.33 28.09
CA PRO D 631 21.14 -14.96 28.47
C PRO D 631 22.58 -14.62 28.12
N VAL D 632 22.95 -13.39 28.43
CA VAL D 632 24.33 -12.94 28.21
C VAL D 632 25.26 -13.72 29.14
N PRO D 633 26.50 -13.98 28.76
CA PRO D 633 27.41 -14.70 29.66
C PRO D 633 27.65 -13.93 30.94
N SER D 634 27.86 -14.68 32.03
CA SER D 634 28.06 -14.09 33.35
C SER D 634 29.55 -14.10 33.69
N GLU D 635 29.88 -13.67 34.90
CA GLU D 635 31.28 -13.50 35.28
C GLU D 635 32.07 -14.80 35.13
N ALA D 636 31.66 -15.86 35.84
CA ALA D 636 32.36 -17.13 35.73
C ALA D 636 32.28 -17.67 34.31
N GLN D 637 31.13 -17.46 33.64
CA GLN D 637 31.01 -17.87 32.25
C GLN D 637 32.02 -17.15 31.38
N ARG D 638 32.20 -15.85 31.58
CA ARG D 638 33.22 -15.11 30.85
C ARG D 638 34.61 -15.67 31.16
N LEU D 639 34.86 -16.03 32.42
CA LEU D 639 36.12 -16.65 32.78
C LEU D 639 36.36 -17.91 31.95
N ARG D 640 35.35 -18.78 31.86
CA ARG D 640 35.48 -20.01 31.10
C ARG D 640 35.69 -19.73 29.62
N ILE D 641 34.96 -18.75 29.06
CA ILE D 641 35.12 -18.43 27.65
C ILE D 641 36.54 -17.94 27.37
N PHE D 642 37.07 -17.10 28.26
CA PHE D 642 38.44 -16.64 28.10
C PHE D 642 39.42 -17.80 28.16
N GLN D 643 39.22 -18.71 29.13
CA GLN D 643 40.06 -19.90 29.18
C GLN D 643 40.02 -20.65 27.86
N TRP D 644 38.82 -20.84 27.31
CA TRP D 644 38.66 -21.57 26.06
C TRP D 644 39.43 -20.90 24.94
N TYR D 645 39.10 -19.64 24.64
CA TYR D 645 39.71 -18.97 23.51
C TYR D 645 41.22 -18.85 23.68
N LEU D 646 41.67 -18.40 24.86
CA LEU D 646 43.11 -18.27 25.08
C LEU D 646 43.81 -19.62 25.11
N SER D 647 43.06 -20.71 25.18
CA SER D 647 43.67 -22.04 25.10
C SER D 647 44.55 -22.15 23.86
N SER D 648 45.76 -22.68 24.06
CA SER D 648 46.72 -22.79 22.96
C SER D 648 46.09 -23.51 21.76
N HIS D 649 45.27 -24.52 22.03
CA HIS D 649 44.59 -25.21 20.95
C HIS D 649 43.68 -24.26 20.18
N GLU D 650 42.94 -23.40 20.90
CA GLU D 650 42.10 -22.43 20.22
C GLU D 650 42.93 -21.35 19.53
N LEU D 651 44.10 -21.02 20.09
CA LEU D 651 44.92 -19.95 19.53
C LEU D 651 45.65 -20.38 18.27
N ASN D 652 46.07 -21.64 18.19
CA ASN D 652 46.94 -22.11 17.12
C ASN D 652 46.20 -22.92 16.07
N ARG D 653 44.88 -22.76 15.99
CA ARG D 653 44.10 -23.44 14.96
C ARG D 653 44.67 -23.17 13.57
N ASP D 654 44.97 -21.90 13.28
CA ASP D 654 45.38 -21.49 11.94
C ASP D 654 46.63 -20.63 11.97
N VAL D 655 47.64 -21.06 12.71
CA VAL D 655 48.96 -20.44 12.69
C VAL D 655 49.81 -21.24 11.71
N GLN D 656 49.70 -20.89 10.43
CA GLN D 656 50.53 -21.55 9.42
C GLN D 656 52.00 -21.21 9.60
N GLN D 657 52.29 -19.96 9.97
CA GLN D 657 53.64 -19.59 10.39
C GLN D 657 54.13 -20.57 11.45
N LYS D 658 55.37 -21.02 11.30
CA LYS D 658 55.89 -22.06 12.18
C LYS D 658 55.84 -21.65 13.64
N VAL D 659 56.12 -20.38 13.92
CA VAL D 659 56.17 -19.93 15.32
C VAL D 659 54.79 -20.09 15.94
N PRO D 660 54.69 -20.57 17.18
CA PRO D 660 53.39 -20.67 17.85
C PRO D 660 53.05 -19.37 18.57
N VAL D 661 51.78 -19.26 18.95
CA VAL D 661 51.27 -18.11 19.68
C VAL D 661 50.91 -18.55 21.09
N SER D 662 51.09 -17.66 22.06
CA SER D 662 50.79 -17.97 23.45
C SER D 662 50.85 -16.68 24.26
N TYR D 663 50.35 -16.75 25.49
CA TYR D 663 50.31 -15.62 26.40
C TYR D 663 51.01 -15.98 27.70
N MET D 664 51.57 -14.95 28.35
CA MET D 664 52.25 -15.17 29.62
C MET D 664 51.25 -15.61 30.69
N ASP D 665 51.75 -16.41 31.64
CA ASP D 665 50.94 -16.88 32.76
C ASP D 665 50.52 -15.77 33.70
N ASN D 666 51.10 -14.57 33.59
CA ASN D 666 50.85 -13.48 34.52
C ASN D 666 49.55 -12.74 34.22
N ILE D 667 48.64 -13.33 33.47
CA ILE D 667 47.39 -12.67 33.12
C ILE D 667 46.34 -13.01 34.18
N SER D 668 45.67 -11.99 34.69
CA SER D 668 44.64 -12.16 35.71
C SER D 668 43.31 -12.41 35.01
N PHE D 669 43.13 -13.65 34.54
CA PHE D 669 41.92 -14.01 33.81
C PHE D 669 40.67 -13.49 34.49
N SER D 670 40.62 -13.58 35.82
CA SER D 670 39.46 -13.09 36.55
C SER D 670 39.18 -11.63 36.23
N SER D 671 40.22 -10.79 36.20
CA SER D 671 40.01 -9.41 35.82
C SER D 671 39.41 -9.29 34.43
N LEU D 672 40.07 -9.89 33.43
CA LEU D 672 39.57 -9.79 32.06
C LEU D 672 38.10 -10.16 32.00
N SER D 673 37.71 -11.20 32.75
CA SER D 673 36.29 -11.50 32.87
C SER D 673 35.54 -10.31 33.43
N SER D 674 36.00 -9.77 34.55
CA SER D 674 35.33 -8.64 35.19
C SER D 674 35.05 -7.52 34.18
N TYR D 675 36.10 -7.03 33.51
CA TYR D 675 35.90 -6.04 32.47
C TYR D 675 35.08 -6.56 31.30
N SER D 676 34.93 -7.88 31.15
CA SER D 676 34.19 -8.44 30.03
C SER D 676 32.68 -8.35 30.23
N ALA D 677 32.20 -7.68 31.26
CA ALA D 677 30.78 -7.60 31.50
C ALA D 677 30.06 -6.93 30.33
N GLY D 678 28.83 -7.36 30.09
CA GLY D 678 28.04 -6.76 29.02
C GLY D 678 28.57 -6.99 27.62
N LEU D 679 29.01 -8.21 27.32
CA LEU D 679 29.49 -8.57 25.99
C LEU D 679 28.95 -9.95 25.60
N THR D 680 29.41 -10.44 24.47
CA THR D 680 28.96 -11.71 23.90
C THR D 680 30.15 -12.51 23.43
N PRO D 681 29.95 -13.80 23.16
CA PRO D 681 31.09 -14.64 22.75
C PRO D 681 31.84 -14.13 21.53
N LEU D 682 31.12 -13.60 20.53
CA LEU D 682 31.81 -13.02 19.37
C LEU D 682 32.66 -11.83 19.77
N ASP D 683 32.18 -11.00 20.69
CA ASP D 683 33.02 -9.92 21.17
C ASP D 683 34.29 -10.44 21.81
N ILE D 684 34.19 -11.49 22.62
CA ILE D 684 35.38 -12.05 23.26
C ILE D 684 36.34 -12.60 22.22
N LYS D 685 35.81 -13.31 21.21
CA LYS D 685 36.66 -13.81 20.15
C LYS D 685 37.35 -12.67 19.41
N SER D 686 36.62 -11.58 19.17
CA SER D 686 37.21 -10.41 18.55
C SER D 686 38.34 -9.84 19.40
N ILE D 687 38.14 -9.75 20.71
CA ILE D 687 39.19 -9.24 21.60
C ILE D 687 40.41 -10.14 21.55
N VAL D 688 40.20 -11.46 21.59
CA VAL D 688 41.35 -12.36 21.57
C VAL D 688 42.10 -12.24 20.26
N GLU D 689 41.38 -12.15 19.14
CA GLU D 689 42.04 -12.00 17.86
C GLU D 689 42.73 -10.65 17.72
N THR D 690 42.19 -9.61 18.38
CA THR D 690 42.85 -8.31 18.37
C THR D 690 44.14 -8.36 19.17
N ALA D 691 44.12 -9.05 20.30
CA ALA D 691 45.36 -9.30 21.04
C ALA D 691 46.33 -10.08 20.17
N ARG D 692 45.83 -11.04 19.40
CA ARG D 692 46.65 -11.73 18.42
C ARG D 692 47.28 -10.74 17.45
N MET D 693 46.48 -9.82 16.94
CA MET D 693 46.98 -8.71 16.14
C MET D 693 48.18 -8.04 16.78
N THR D 694 47.96 -7.47 17.97
CA THR D 694 49.02 -6.71 18.61
C THR D 694 50.27 -7.57 18.81
N ALA D 695 50.07 -8.81 19.24
CA ALA D 695 51.20 -9.70 19.48
C ALA D 695 52.00 -9.92 18.20
N THR D 696 51.34 -10.32 17.11
CA THR D 696 52.07 -10.58 15.88
C THR D 696 52.73 -9.33 15.34
N ALA D 697 52.03 -8.19 15.39
CA ALA D 697 52.61 -6.96 14.88
C ALA D 697 53.87 -6.58 15.64
N ARG D 698 53.80 -6.58 16.97
CA ARG D 698 54.97 -6.24 17.77
C ARG D 698 56.08 -7.26 17.59
N PHE D 699 55.71 -8.54 17.44
CA PHE D 699 56.72 -9.58 17.26
C PHE D 699 57.48 -9.38 15.96
N TYR D 700 56.77 -9.11 14.87
CA TYR D 700 57.47 -8.86 13.60
C TYR D 700 58.27 -7.57 13.66
N GLN D 701 57.73 -6.55 14.33
CA GLN D 701 58.50 -5.33 14.54
C GLN D 701 59.83 -5.62 15.20
N GLU D 702 59.81 -6.35 16.32
CA GLU D 702 61.04 -6.69 17.02
C GLU D 702 61.94 -7.55 16.15
N SER D 703 61.34 -8.48 15.38
CA SER D 703 62.15 -9.35 14.53
C SER D 703 62.95 -8.55 13.53
N LYS D 704 62.34 -7.55 12.88
CA LYS D 704 63.12 -6.70 11.99
C LYS D 704 64.07 -5.80 12.76
N LYS D 705 63.65 -5.32 13.94
CA LYS D 705 64.49 -4.41 14.71
C LYS D 705 65.80 -5.06 15.10
N CYS D 706 65.73 -6.11 15.91
CA CYS D 706 66.93 -6.76 16.43
C CYS D 706 67.44 -7.89 15.55
N GLY D 707 66.56 -8.51 14.75
CA GLY D 707 66.92 -9.66 13.96
C GLY D 707 66.83 -10.98 14.68
N TRP D 708 66.68 -10.97 16.00
CA TRP D 708 66.50 -12.17 16.79
C TRP D 708 65.03 -12.34 17.15
N LEU D 709 64.53 -13.56 17.01
CA LEU D 709 63.14 -13.82 17.35
C LEU D 709 63.02 -14.14 18.83
N PRO D 710 62.23 -13.38 19.59
CA PRO D 710 61.98 -13.74 20.99
C PRO D 710 61.09 -14.98 21.07
N GLN D 711 61.56 -16.07 20.43
CA GLN D 711 60.80 -17.29 20.28
C GLN D 711 59.35 -17.00 19.88
N SER D 712 58.39 -17.58 20.60
CA SER D 712 57.00 -17.46 20.22
C SER D 712 56.48 -16.05 20.46
N ILE D 713 55.22 -15.83 20.14
CA ILE D 713 54.57 -14.54 20.33
C ILE D 713 53.80 -14.59 21.64
N LEU D 714 53.69 -13.43 22.29
CA LEU D 714 53.03 -13.33 23.59
C LEU D 714 51.98 -12.25 23.53
N ILE D 715 50.98 -12.38 24.41
CA ILE D 715 49.90 -11.41 24.52
C ILE D 715 49.88 -10.88 25.96
N THR D 716 50.01 -9.57 26.10
CA THR D 716 50.09 -8.94 27.40
C THR D 716 48.74 -8.36 27.81
N GLN D 717 48.50 -8.34 29.11
CA GLN D 717 47.19 -7.95 29.63
C GLN D 717 46.77 -6.58 29.11
N GLU D 718 47.73 -5.69 28.87
CA GLU D 718 47.38 -4.39 28.31
C GLU D 718 46.78 -4.52 26.92
N ASP D 719 47.29 -5.45 26.12
CA ASP D 719 46.72 -5.66 24.78
C ASP D 719 45.25 -6.06 24.88
N LEU D 720 44.93 -7.05 25.70
CA LEU D 720 43.54 -7.44 25.86
C LEU D 720 42.71 -6.31 26.46
N SER D 721 43.25 -5.57 27.41
CA SER D 721 42.51 -4.46 28.00
C SER D 721 42.14 -3.44 26.94
N LYS D 722 43.10 -3.07 26.09
CA LYS D 722 42.83 -2.11 25.03
C LYS D 722 41.88 -2.67 23.98
N ALA D 723 41.98 -3.97 23.69
CA ALA D 723 41.02 -4.57 22.76
C ALA D 723 39.61 -4.50 23.30
N THR D 724 39.44 -4.80 24.59
CA THR D 724 38.13 -4.66 25.21
C THR D 724 37.68 -3.20 25.20
N SER D 725 38.61 -2.27 25.41
CA SER D 725 38.29 -0.86 25.33
C SER D 725 37.70 -0.51 23.97
N LYS D 726 38.40 -0.90 22.90
CA LYS D 726 37.93 -0.57 21.55
C LYS D 726 36.61 -1.26 21.24
N ALA D 727 36.47 -2.53 21.64
CA ALA D 727 35.21 -3.23 21.41
C ALA D 727 34.07 -2.56 22.15
N ARG D 728 34.33 -2.10 23.38
CA ARG D 728 33.31 -1.40 24.15
C ARG D 728 32.98 -0.06 23.51
N ASN D 729 33.99 0.60 22.93
CA ASN D 729 33.72 1.84 22.22
C ASN D 729 32.77 1.60 21.05
N GLU D 730 33.05 0.57 20.25
CA GLU D 730 32.16 0.26 19.13
C GLU D 730 30.77 -0.13 19.61
N PHE D 731 30.68 -0.94 20.66
CA PHE D 731 29.39 -1.32 21.19
C PHE D 731 28.63 -0.09 21.69
N SER D 732 29.33 0.82 22.35
CA SER D 732 28.71 2.05 22.84
C SER D 732 28.20 2.91 21.70
N VAL D 733 28.99 3.04 20.62
CA VAL D 733 28.50 3.77 19.45
C VAL D 733 27.26 3.10 18.90
N SER D 734 27.21 1.77 18.96
CA SER D 734 25.99 1.05 18.62
C SER D 734 24.85 1.41 19.58
N ILE D 735 25.14 1.48 20.88
CA ILE D 735 24.10 1.78 21.86
C ILE D 735 23.97 3.29 22.02
N GLY D 736 22.89 3.70 22.70
CA GLY D 736 22.61 5.11 22.89
C GLY D 736 23.62 5.88 23.70
N ALA D 737 24.05 5.34 24.85
CA ALA D 737 24.84 6.09 25.83
C ALA D 737 26.03 6.78 25.18
N PRO D 738 25.97 8.10 24.98
CA PRO D 738 27.13 8.83 24.43
C PRO D 738 28.00 9.53 25.47
N GLN D 739 27.75 9.32 26.76
CA GLN D 739 28.27 10.16 27.82
C GLN D 739 29.37 9.48 28.63
N ILE D 740 30.29 8.80 27.95
CA ILE D 740 31.43 8.19 28.62
C ILE D 740 32.68 8.43 27.79
N PRO D 741 32.88 9.64 27.23
CA PRO D 741 33.97 9.82 26.26
C PRO D 741 35.37 9.74 26.85
N ASN D 742 35.69 10.67 27.77
CA ASN D 742 37.01 10.70 28.39
C ASN D 742 37.05 11.67 29.57
N VAL D 743 37.35 11.16 30.76
CA VAL D 743 37.56 12.00 31.94
C VAL D 743 38.43 11.22 32.91
N THR D 744 39.25 11.94 33.68
CA THR D 744 40.10 11.33 34.69
C THR D 744 40.24 12.29 35.86
N TRP D 745 40.90 11.82 36.92
CA TRP D 745 41.08 12.64 38.11
C TRP D 745 42.01 13.81 37.85
N ASP D 746 42.96 13.65 36.93
CA ASP D 746 43.89 14.74 36.61
C ASP D 746 43.15 15.98 36.16
N ASP D 747 41.98 15.84 35.56
CA ASP D 747 41.20 16.96 35.06
C ASP D 747 40.44 17.71 36.14
N ILE D 748 40.25 17.10 37.32
CA ILE D 748 39.46 17.73 38.38
C ILE D 748 40.20 17.56 39.71
N GLY D 749 40.26 18.65 40.46
CA GLY D 749 40.79 18.61 41.82
C GLY D 749 39.68 18.54 42.84
N GLY D 750 39.98 18.78 44.11
CA GLY D 750 38.98 18.71 45.14
C GLY D 750 38.30 17.36 45.26
N ILE D 751 39.00 16.30 44.87
CA ILE D 751 38.41 14.96 44.83
C ILE D 751 38.77 14.15 46.07
N ASP D 752 39.94 14.41 46.66
CA ASP D 752 40.43 13.61 47.78
C ASP D 752 39.57 13.76 49.03
N PHE D 753 38.76 14.80 49.12
CA PHE D 753 38.05 15.08 50.37
C PHE D 753 37.05 13.97 50.71
N VAL D 754 36.35 13.45 49.70
CA VAL D 754 35.34 12.41 49.90
C VAL D 754 35.73 11.12 49.19
N LYS D 755 37.02 10.90 48.96
CA LYS D 755 37.46 9.72 48.23
C LYS D 755 36.98 8.43 48.88
N GLY D 756 37.21 8.30 50.19
CA GLY D 756 36.83 7.07 50.85
C GLY D 756 35.35 6.78 50.77
N GLU D 757 34.52 7.80 51.03
CA GLU D 757 33.08 7.60 51.03
C GLU D 757 32.58 7.21 49.64
N ILE D 758 33.05 7.93 48.60
CA ILE D 758 32.57 7.65 47.24
C ILE D 758 33.00 6.25 46.81
N LEU D 759 34.26 5.90 47.05
CA LEU D 759 34.72 4.56 46.66
C LEU D 759 33.94 3.48 47.40
N ASP D 760 33.78 3.63 48.72
CA ASP D 760 33.05 2.63 49.50
C ASP D 760 31.61 2.50 49.02
N THR D 761 30.95 3.62 48.74
CA THR D 761 29.57 3.58 48.30
C THR D 761 29.40 2.97 46.92
N ILE D 762 30.34 3.22 45.99
CA ILE D 762 30.15 2.81 44.61
C ILE D 762 30.76 1.44 44.35
N ASP D 763 32.07 1.29 44.53
CA ASP D 763 32.76 0.12 44.00
C ASP D 763 32.78 -1.06 44.94
N MET D 764 32.70 -0.85 46.24
CA MET D 764 32.74 -1.98 47.18
C MET D 764 31.60 -2.96 46.94
N PRO D 765 30.35 -2.53 46.80
CA PRO D 765 29.29 -3.50 46.44
C PRO D 765 29.57 -4.20 45.11
N LEU D 766 30.13 -3.47 44.14
CA LEU D 766 30.49 -4.08 42.87
C LEU D 766 31.69 -5.00 43.02
N LYS D 767 32.70 -4.56 43.78
CA LYS D 767 33.92 -5.33 43.95
C LYS D 767 33.78 -6.43 45.00
N HIS D 768 32.74 -6.38 45.82
CA HIS D 768 32.48 -7.45 46.79
C HIS D 768 30.99 -7.76 46.85
N PRO D 769 30.40 -8.27 45.77
CA PRO D 769 28.96 -8.61 45.83
C PRO D 769 28.65 -9.73 46.80
N GLU D 770 29.47 -10.79 46.80
CA GLU D 770 29.23 -11.91 47.70
C GLU D 770 29.17 -11.44 49.15
N LEU D 771 30.01 -10.47 49.51
CA LEU D 771 29.91 -9.85 50.82
C LEU D 771 28.59 -9.09 50.96
N PHE D 772 28.15 -8.46 49.87
CA PHE D 772 26.86 -7.76 49.87
C PHE D 772 25.70 -8.69 49.55
N THR D 773 25.95 -9.97 49.28
CA THR D 773 24.89 -10.93 49.03
C THR D 773 24.22 -11.41 50.34
N SER D 774 24.48 -10.72 51.44
CA SER D 774 23.86 -11.00 52.73
C SER D 774 22.42 -10.50 52.81
N GLY D 775 21.81 -10.13 51.69
CA GLY D 775 20.49 -9.55 51.72
C GLY D 775 20.47 -8.19 52.39
N MET D 776 21.50 -7.39 52.19
CA MET D 776 21.66 -6.11 52.85
C MET D 776 21.27 -4.99 51.88
N LYS D 777 20.78 -3.90 52.46
CA LYS D 777 20.47 -2.69 51.71
C LYS D 777 21.76 -2.12 51.14
N LYS D 778 21.94 -2.27 49.83
CA LYS D 778 23.07 -1.65 49.16
C LYS D 778 22.87 -0.13 49.11
N ARG D 779 23.98 0.60 49.23
CA ARG D 779 23.91 2.05 49.34
C ARG D 779 23.04 2.63 48.22
N SER D 780 21.99 3.33 48.62
CA SER D 780 20.98 3.79 47.65
C SER D 780 21.60 4.71 46.61
N GLY D 781 22.17 5.82 47.05
CA GLY D 781 22.72 6.78 46.10
C GLY D 781 23.44 7.90 46.81
N ILE D 782 23.86 8.88 46.03
CA ILE D 782 24.60 10.03 46.52
C ILE D 782 23.93 11.30 46.01
N LEU D 783 23.92 12.34 46.84
CA LEU D 783 23.39 13.64 46.47
C LEU D 783 24.44 14.68 46.78
N PHE D 784 24.79 15.48 45.76
CA PHE D 784 25.82 16.50 45.88
C PHE D 784 25.19 17.89 45.82
N TYR D 785 25.74 18.81 46.61
CA TYR D 785 25.26 20.19 46.62
C TYR D 785 26.44 21.10 46.91
N GLY D 786 26.27 22.38 46.56
CA GLY D 786 27.31 23.36 46.68
C GLY D 786 27.32 24.30 45.50
N PRO D 787 28.32 25.17 45.43
CA PRO D 787 28.38 26.15 44.33
C PRO D 787 28.43 25.46 42.99
N PRO D 788 27.77 26.01 41.98
CA PRO D 788 27.81 25.39 40.65
C PRO D 788 29.19 25.48 40.02
N GLY D 789 29.49 24.51 39.17
CA GLY D 789 30.77 24.48 38.50
C GLY D 789 31.93 24.02 39.35
N THR D 790 31.67 23.54 40.58
CA THR D 790 32.72 23.05 41.45
C THR D 790 33.24 21.68 41.04
N GLY D 791 32.64 21.06 40.03
CA GLY D 791 33.06 19.75 39.57
C GLY D 791 32.15 18.61 39.95
N LYS D 792 30.94 18.90 40.44
CA LYS D 792 30.04 17.83 40.85
C LYS D 792 29.71 16.91 39.68
N THR D 793 29.24 17.50 38.57
CA THR D 793 28.97 16.71 37.38
C THR D 793 30.27 16.09 36.85
N LEU D 794 31.36 16.86 36.89
CA LEU D 794 32.64 16.33 36.45
C LEU D 794 33.10 15.18 37.32
N MET D 795 32.89 15.28 38.64
CA MET D 795 33.27 14.17 39.52
C MET D 795 32.42 12.94 39.25
N ALA D 796 31.12 13.13 39.02
CA ALA D 796 30.25 12.00 38.69
C ALA D 796 30.70 11.34 37.40
N LYS D 797 31.05 12.14 36.39
CA LYS D 797 31.56 11.59 35.15
C LYS D 797 32.88 10.88 35.35
N ALA D 798 33.73 11.38 36.26
CA ALA D 798 34.96 10.67 36.60
C ALA D 798 34.64 9.30 37.17
N ILE D 799 33.69 9.24 38.11
CA ILE D 799 33.27 7.95 38.65
C ILE D 799 32.82 7.03 37.53
N ALA D 800 31.96 7.53 36.64
CA ALA D 800 31.41 6.69 35.58
C ALA D 800 32.50 6.16 34.66
N THR D 801 33.34 7.06 34.14
CA THR D 801 34.36 6.65 33.17
C THR D 801 35.41 5.75 33.80
N ASN D 802 35.90 6.11 34.98
CA ASN D 802 36.90 5.27 35.64
C ASN D 802 36.33 3.89 35.93
N PHE D 803 35.07 3.83 36.35
CA PHE D 803 34.43 2.57 36.70
C PHE D 803 33.60 1.99 35.56
N SER D 804 33.46 2.72 34.46
CA SER D 804 32.92 2.18 33.21
C SER D 804 31.50 1.63 33.40
N LEU D 805 30.59 2.56 33.70
CA LEU D 805 29.17 2.25 33.78
C LEU D 805 28.41 3.17 32.83
N ASN D 806 27.41 2.60 32.15
CA ASN D 806 26.63 3.37 31.20
C ASN D 806 25.96 4.56 31.90
N PHE D 807 26.05 5.73 31.27
CA PHE D 807 25.64 6.98 31.90
C PHE D 807 24.63 7.71 31.04
N PHE D 808 23.56 8.17 31.69
CA PHE D 808 22.60 9.10 31.10
C PHE D 808 22.39 10.25 32.05
N SER D 809 22.36 11.47 31.51
CA SER D 809 22.11 12.67 32.30
C SER D 809 20.70 13.18 32.02
N VAL D 810 19.93 13.38 33.08
CA VAL D 810 18.55 13.86 32.99
C VAL D 810 18.47 15.13 33.80
N LYS D 811 17.93 16.19 33.20
CA LYS D 811 17.69 17.45 33.89
C LYS D 811 16.25 17.44 34.37
N GLY D 812 16.07 17.49 35.70
CA GLY D 812 14.76 17.50 36.29
C GLY D 812 13.80 18.45 35.61
N PRO D 813 14.21 19.71 35.43
CA PRO D 813 13.29 20.69 34.83
C PRO D 813 12.78 20.28 33.46
N GLU D 814 13.61 19.62 32.65
CA GLU D 814 13.18 19.26 31.30
C GLU D 814 12.00 18.31 31.31
N LEU D 815 11.80 17.57 32.41
CA LEU D 815 10.71 16.62 32.48
C LEU D 815 9.36 17.32 32.53
N LEU D 816 9.29 18.44 33.23
CA LEU D 816 8.02 19.14 33.42
C LEU D 816 7.49 19.64 32.09
N ASN D 817 6.20 19.40 31.84
CA ASN D 817 5.53 19.76 30.61
C ASN D 817 4.54 20.90 30.88
N MET D 818 3.74 21.26 29.86
CA MET D 818 2.79 22.35 30.01
C MET D 818 1.88 22.13 31.22
N TYR D 819 1.24 20.96 31.28
CA TYR D 819 0.28 20.67 32.33
C TYR D 819 0.64 19.39 33.06
N ILE D 820 1.14 18.39 32.35
CA ILE D 820 1.63 17.02 32.52
C ILE D 820 1.40 16.20 31.26
N GLY D 821 2.27 16.39 30.27
CA GLY D 821 2.27 15.53 29.11
C GLY D 821 2.76 14.13 29.44
N GLU D 822 4.07 14.02 29.75
CA GLU D 822 4.65 12.72 30.13
C GLU D 822 5.86 13.02 31.02
N SER D 823 5.70 12.86 32.33
CA SER D 823 6.78 13.06 33.28
C SER D 823 7.13 11.81 34.06
N GLU D 824 6.13 11.12 34.63
CA GLU D 824 6.42 9.89 35.36
C GLU D 824 6.82 8.78 34.40
N ALA D 825 6.09 8.66 33.29
CA ALA D 825 6.44 7.66 32.29
C ALA D 825 7.88 7.84 31.83
N ASN D 826 8.35 9.09 31.76
CA ASN D 826 9.71 9.36 31.29
C ASN D 826 10.76 8.78 32.24
N VAL D 827 10.61 9.04 33.54
CA VAL D 827 11.55 8.49 34.50
C VAL D 827 11.47 6.96 34.46
N ARG D 828 10.28 6.41 34.24
CA ARG D 828 10.16 4.97 34.11
C ARG D 828 10.94 4.45 32.90
N ARG D 829 10.86 5.16 31.76
CA ARG D 829 11.62 4.70 30.59
C ARG D 829 13.11 4.73 30.85
N VAL D 830 13.60 5.82 31.46
CA VAL D 830 15.04 5.90 31.70
C VAL D 830 15.47 4.78 32.63
N PHE D 831 14.68 4.51 33.68
CA PHE D 831 15.04 3.44 34.60
C PHE D 831 15.06 2.08 33.91
N GLN D 832 14.05 1.78 33.08
CA GLN D 832 14.02 0.46 32.44
C GLN D 832 15.14 0.31 31.41
N LYS D 833 15.39 1.35 30.60
CA LYS D 833 16.49 1.25 29.65
C LYS D 833 17.82 1.14 30.38
N ALA D 834 17.94 1.76 31.55
CA ALA D 834 19.11 1.52 32.39
C ALA D 834 19.18 0.05 32.79
N ARG D 835 18.05 -0.53 33.19
CA ARG D 835 18.04 -1.95 33.53
C ARG D 835 18.51 -2.81 32.36
N GLU D 836 18.22 -2.40 31.13
CA GLU D 836 18.75 -3.14 29.99
C GLU D 836 20.27 -2.97 29.88
N ALA D 837 20.76 -1.75 30.02
CA ALA D 837 22.18 -1.46 29.80
C ALA D 837 22.98 -1.57 31.10
N LYS D 838 22.87 -2.73 31.79
CA LYS D 838 23.64 -2.89 33.01
C LYS D 838 25.09 -3.29 32.69
N PRO D 839 26.06 -2.83 33.49
CA PRO D 839 25.95 -1.91 34.64
C PRO D 839 25.76 -0.49 34.14
N CYS D 840 25.25 0.42 34.97
CA CYS D 840 24.97 1.77 34.49
C CYS D 840 24.83 2.71 35.67
N VAL D 841 24.91 4.00 35.37
CA VAL D 841 24.76 5.07 36.34
C VAL D 841 23.78 6.10 35.78
N ILE D 842 22.83 6.53 36.61
CA ILE D 842 21.82 7.49 36.21
C ILE D 842 21.97 8.73 37.08
N PHE D 843 21.88 9.90 36.44
CA PHE D 843 22.06 11.18 37.09
C PHE D 843 20.84 12.05 36.90
N PHE D 844 20.47 12.79 37.95
CA PHE D 844 19.41 13.77 37.90
C PHE D 844 20.02 15.13 38.16
N ASP D 845 19.84 16.06 37.20
CA ASP D 845 20.40 17.39 37.32
C ASP D 845 19.37 18.31 37.95
N GLU D 846 19.75 18.96 39.05
CA GLU D 846 18.87 19.87 39.78
C GLU D 846 17.61 19.15 40.25
N ILE D 847 17.83 18.12 41.09
CA ILE D 847 16.69 17.41 41.66
C ILE D 847 15.81 18.36 42.46
N ASP D 848 16.42 19.40 43.04
CA ASP D 848 15.64 20.40 43.76
C ASP D 848 14.54 20.99 42.89
N SER D 849 14.79 21.16 41.59
CA SER D 849 13.74 21.63 40.68
C SER D 849 12.67 20.59 40.45
N VAL D 850 12.93 19.32 40.78
CA VAL D 850 11.94 18.26 40.69
C VAL D 850 11.71 17.55 42.02
N ALA D 851 12.46 17.91 43.06
CA ALA D 851 12.30 17.33 44.39
C ALA D 851 12.21 18.43 45.43
N PRO D 852 11.15 19.26 45.38
CA PRO D 852 10.98 20.30 46.38
C PRO D 852 10.17 19.83 47.58
N LYS D 853 10.33 20.57 48.68
CA LYS D 853 9.58 20.28 49.89
C LYS D 853 8.08 20.36 49.64
N ARG D 854 7.38 19.27 49.89
CA ARG D 854 5.95 19.16 49.66
C ARG D 854 5.22 18.84 50.95
N GLY D 855 3.95 19.24 51.01
CA GLY D 855 3.13 19.01 52.18
C GLY D 855 2.68 20.31 52.83
N ASN D 856 3.45 21.38 52.62
CA ASN D 856 3.11 22.68 53.19
C ASN D 856 2.36 23.55 52.17
N GLN D 857 2.97 23.80 51.02
CA GLN D 857 2.35 24.63 49.99
C GLN D 857 1.41 23.80 49.13
N GLY D 858 0.47 24.49 48.49
CA GLY D 858 -0.43 23.87 47.54
C GLY D 858 -0.20 24.38 46.12
N ASP D 859 0.31 23.52 45.26
CA ASP D 859 0.57 23.89 43.87
C ASP D 859 -0.76 23.91 43.11
N SER D 860 -0.68 24.10 41.80
CA SER D 860 -1.86 24.14 40.93
C SER D 860 -1.91 22.82 40.16
N GLY D 861 -2.63 21.85 40.71
CA GLY D 861 -2.78 20.53 40.12
C GLY D 861 -2.23 19.41 40.96
N GLY D 862 -1.22 19.69 41.78
CA GLY D 862 -0.63 18.65 42.63
C GLY D 862 -0.03 17.51 41.85
N VAL D 863 0.39 17.76 40.61
CA VAL D 863 0.99 16.71 39.79
C VAL D 863 2.28 16.20 40.42
N MET D 864 3.04 17.10 41.05
CA MET D 864 4.39 16.77 41.47
C MET D 864 4.38 15.76 42.61
N ASP D 865 3.31 15.74 43.40
CA ASP D 865 3.24 14.83 44.55
C ASP D 865 3.38 13.39 44.10
N ARG D 866 2.66 13.02 43.04
CA ARG D 866 2.75 11.66 42.53
C ARG D 866 4.14 11.37 41.98
N ILE D 867 4.79 12.37 41.36
CA ILE D 867 6.15 12.16 40.86
C ILE D 867 7.10 11.84 42.01
N VAL D 868 7.02 12.62 43.09
CA VAL D 868 7.94 12.40 44.20
C VAL D 868 7.64 11.06 44.88
N SER D 869 6.35 10.71 45.01
CA SER D 869 6.01 9.42 45.59
C SER D 869 6.56 8.28 44.72
N GLN D 870 6.41 8.40 43.41
CA GLN D 870 6.88 7.35 42.50
C GLN D 870 8.39 7.20 42.58
N LEU D 871 9.12 8.32 42.58
CA LEU D 871 10.57 8.21 42.65
C LEU D 871 11.02 7.63 43.98
N LEU D 872 10.36 8.02 45.08
CA LEU D 872 10.69 7.42 46.37
C LEU D 872 10.48 5.91 46.34
N ALA D 873 9.31 5.48 45.86
CA ALA D 873 8.99 4.05 45.84
C ALA D 873 9.98 3.28 44.99
N GLU D 874 10.30 3.81 43.80
CA GLU D 874 11.23 3.11 42.91
C GLU D 874 12.62 3.04 43.53
N LEU D 875 13.12 4.17 44.05
CA LEU D 875 14.45 4.18 44.65
C LEU D 875 14.54 3.19 45.78
N ASP D 876 13.45 3.02 46.54
CA ASP D 876 13.45 2.01 47.59
C ASP D 876 13.32 0.60 47.04
N GLY D 877 12.64 0.42 45.91
CA GLY D 877 12.45 -0.91 45.37
C GLY D 877 13.60 -1.47 44.56
N MET D 878 14.53 -0.61 44.10
CA MET D 878 15.66 -1.12 43.33
C MET D 878 16.73 -1.72 44.23
N SER D 879 16.97 -1.11 45.41
CA SER D 879 18.13 -1.49 46.21
C SER D 879 18.07 -2.95 46.64
N THR D 880 16.88 -3.54 46.70
CA THR D 880 16.76 -4.89 47.24
C THR D 880 17.53 -5.91 46.39
N ASP D 881 17.36 -5.86 45.06
CA ASP D 881 17.95 -6.87 44.20
C ASP D 881 18.67 -6.25 43.00
N ALA D 882 18.28 -5.03 42.61
CA ALA D 882 18.82 -4.43 41.40
C ALA D 882 20.25 -3.95 41.60
N ASP D 883 21.18 -4.89 41.72
CA ASP D 883 22.60 -4.57 41.81
C ASP D 883 23.13 -4.28 40.41
N GLY D 884 24.01 -3.29 40.31
CA GLY D 884 24.53 -2.85 39.02
C GLY D 884 23.91 -1.57 38.51
N VAL D 885 22.81 -1.12 39.09
CA VAL D 885 22.17 0.14 38.73
C VAL D 885 22.12 1.01 39.97
N PHE D 886 22.58 2.26 39.85
CA PHE D 886 22.70 3.16 40.98
C PHE D 886 22.16 4.52 40.60
N VAL D 887 21.57 5.19 41.59
CA VAL D 887 20.90 6.47 41.40
C VAL D 887 21.71 7.56 42.07
N ILE D 888 21.90 8.67 41.35
CA ILE D 888 22.59 9.84 41.88
C ILE D 888 21.81 11.08 41.47
N GLY D 889 21.65 12.01 42.40
CA GLY D 889 20.95 13.25 42.13
C GLY D 889 21.86 14.44 42.35
N ALA D 890 21.52 15.54 41.68
CA ALA D 890 22.30 16.76 41.74
C ALA D 890 21.43 17.91 42.22
N THR D 891 21.95 18.68 43.17
CA THR D 891 21.25 19.84 43.70
C THR D 891 22.22 21.00 43.81
N ASN D 892 21.70 22.21 43.62
CA ASN D 892 22.44 23.44 43.88
C ASN D 892 21.82 24.29 44.97
N ARG D 893 20.53 24.12 45.23
CA ARG D 893 19.82 24.79 46.32
C ARG D 893 19.08 23.73 47.12
N PRO D 894 19.80 22.92 47.90
CA PRO D 894 19.15 21.85 48.64
C PRO D 894 18.12 22.34 49.64
N ASP D 895 18.21 23.59 50.08
CA ASP D 895 17.23 24.13 51.02
C ASP D 895 15.81 23.96 50.48
N LEU D 896 15.64 24.03 49.17
CA LEU D 896 14.36 23.72 48.54
C LEU D 896 14.06 22.23 48.50
N LEU D 897 15.08 21.38 48.65
CA LEU D 897 14.89 19.95 48.49
C LEU D 897 13.99 19.38 49.58
N ASP D 898 13.08 18.48 49.18
CA ASP D 898 12.22 17.82 50.15
C ASP D 898 13.06 16.99 51.12
N GLU D 899 12.66 17.01 52.39
CA GLU D 899 13.41 16.29 53.41
C GLU D 899 13.32 14.78 53.22
N ALA D 900 12.26 14.30 52.57
CA ALA D 900 12.07 12.86 52.42
C ALA D 900 13.24 12.19 51.73
N LEU D 901 13.92 12.91 50.82
CA LEU D 901 15.07 12.32 50.14
C LEU D 901 16.28 12.23 51.06
N LEU D 902 16.41 13.18 51.99
CA LEU D 902 17.57 13.19 52.87
C LEU D 902 17.68 11.92 53.71
N ARG D 903 16.58 11.22 53.91
CA ARG D 903 16.62 9.99 54.71
C ARG D 903 17.50 8.96 54.02
N PRO D 904 18.28 8.17 54.78
CA PRO D 904 18.94 7.01 54.17
C PRO D 904 17.94 6.14 53.43
N GLY D 905 18.40 5.39 52.44
CA GLY D 905 17.50 4.68 51.56
C GLY D 905 17.23 5.47 50.31
N ARG D 906 16.94 6.77 50.46
CA ARG D 906 16.93 7.66 49.30
C ARG D 906 18.31 8.26 49.09
N PHE D 907 18.84 8.92 50.12
CA PHE D 907 20.23 9.34 50.12
C PHE D 907 20.74 9.28 51.55
N ASP D 908 21.91 8.67 51.72
CA ASP D 908 22.50 8.45 53.04
C ASP D 908 23.83 9.16 53.22
N LYS D 909 24.62 9.29 52.16
CA LYS D 909 25.88 10.03 52.19
C LYS D 909 25.65 11.35 51.48
N LEU D 910 25.35 12.39 52.26
CA LEU D 910 25.09 13.72 51.70
C LEU D 910 26.43 14.43 51.48
N LEU D 911 27.17 13.90 50.51
CA LEU D 911 28.49 14.42 50.22
C LEU D 911 28.40 15.86 49.72
N TYR D 912 29.45 16.63 49.99
CA TYR D 912 29.46 18.06 49.75
C TYR D 912 30.64 18.44 48.89
N LEU D 913 30.43 19.43 48.02
CA LEU D 913 31.49 19.99 47.20
C LEU D 913 31.33 21.52 47.26
N GLY D 914 32.00 22.14 48.21
CA GLY D 914 31.78 23.54 48.50
C GLY D 914 32.77 24.48 47.84
N ILE D 915 32.68 25.76 48.23
CA ILE D 915 33.58 26.78 47.70
C ILE D 915 35.01 26.46 48.15
N PRO D 916 36.02 26.61 47.29
CA PRO D 916 37.39 26.31 47.72
C PRO D 916 37.87 27.30 48.77
N ASP D 917 38.05 26.81 50.00
CA ASP D 917 38.45 27.67 51.10
C ASP D 917 39.96 27.84 51.15
N THR D 918 40.70 26.73 51.15
CA THR D 918 42.15 26.77 51.28
C THR D 918 42.81 26.89 49.91
N ASP D 919 44.03 27.42 49.91
CA ASP D 919 44.76 27.59 48.65
C ASP D 919 45.07 26.26 48.00
N THR D 920 45.07 25.16 48.76
CA THR D 920 45.33 23.86 48.17
C THR D 920 44.21 23.45 47.20
N LYS D 921 42.96 23.75 47.56
CA LYS D 921 41.84 23.43 46.67
C LYS D 921 41.99 24.15 45.35
N GLN D 922 42.20 25.47 45.39
CA GLN D 922 42.37 26.25 44.17
C GLN D 922 43.61 25.81 43.40
N LEU D 923 44.68 25.46 44.11
CA LEU D 923 45.90 25.00 43.45
C LEU D 923 45.64 23.72 42.67
N ASN D 924 44.99 22.74 43.29
CA ASN D 924 44.66 21.51 42.60
C ASN D 924 43.75 21.78 41.41
N ILE D 925 42.74 22.63 41.60
CA ILE D 925 41.81 22.91 40.52
C ILE D 925 42.53 23.56 39.34
N LEU D 926 43.41 24.52 39.60
CA LEU D 926 44.09 25.22 38.53
C LEU D 926 45.11 24.33 37.83
N GLU D 927 45.87 23.53 38.58
CA GLU D 927 46.82 22.63 37.93
C GLU D 927 46.10 21.58 37.10
N ALA D 928 44.94 21.11 37.56
CA ALA D 928 44.14 20.20 36.75
C ALA D 928 43.59 20.90 35.51
N LEU D 929 43.25 22.19 35.63
CA LEU D 929 42.70 22.92 34.50
C LEU D 929 43.76 23.19 33.44
N THR D 930 44.93 23.68 33.85
CA THR D 930 45.99 24.05 32.93
C THR D 930 47.02 22.94 32.74
N ARG D 931 46.65 21.70 33.05
CA ARG D 931 47.58 20.58 32.90
C ARG D 931 48.13 20.50 31.47
N LYS D 932 47.30 20.86 30.49
CA LYS D 932 47.66 20.76 29.07
C LYS D 932 47.88 22.12 28.44
N PHE D 933 48.06 23.16 29.25
CA PHE D 933 48.40 24.49 28.76
C PHE D 933 49.89 24.56 28.43
N VAL D 934 50.24 25.24 27.34
CA VAL D 934 51.65 25.45 26.98
C VAL D 934 52.09 26.72 27.71
N LEU D 935 52.44 26.55 28.98
CA LEU D 935 52.69 27.68 29.86
C LEU D 935 54.17 28.04 29.88
N ASP D 936 54.46 29.34 29.81
CA ASP D 936 55.82 29.81 30.04
C ASP D 936 56.21 29.55 31.49
N ASN D 937 57.52 29.38 31.70
CA ASN D 937 58.00 29.06 33.04
C ASN D 937 57.68 30.16 34.04
N ASP D 938 57.38 31.37 33.57
CA ASP D 938 57.05 32.47 34.48
C ASP D 938 55.84 32.17 35.35
N VAL D 939 54.97 31.25 34.93
CA VAL D 939 53.76 30.97 35.68
C VAL D 939 54.13 30.40 37.04
N LYS D 940 53.61 31.02 38.11
CA LYS D 940 53.80 30.55 39.48
C LYS D 940 52.42 30.52 40.12
N LEU D 941 51.69 29.41 39.94
CA LEU D 941 50.27 29.36 40.24
C LEU D 941 49.97 29.59 41.72
N ILE D 942 50.96 29.50 42.60
CA ILE D 942 50.72 29.84 44.00
C ILE D 942 50.32 31.30 44.12
N GLU D 943 50.98 32.17 43.36
CA GLU D 943 50.65 33.59 43.41
C GLU D 943 49.22 33.83 42.97
N LEU D 944 48.79 33.17 41.90
CA LEU D 944 47.41 33.31 41.43
C LEU D 944 46.43 32.75 42.45
N ALA D 945 46.76 31.61 43.05
CA ALA D 945 45.86 31.01 44.03
C ALA D 945 45.66 31.95 45.21
N LYS D 946 46.74 32.58 45.69
CA LYS D 946 46.57 33.62 46.70
C LYS D 946 45.75 34.79 46.15
N LEU D 947 45.98 35.18 44.90
CA LEU D 947 45.23 36.27 44.31
C LEU D 947 43.74 35.95 44.24
N CYS D 948 43.40 34.76 43.77
CA CYS D 948 41.99 34.42 43.58
C CYS D 948 41.28 34.45 44.93
N PRO D 949 40.25 35.28 45.09
CA PRO D 949 39.44 35.17 46.30
C PRO D 949 38.78 33.81 46.37
N PHE D 950 38.65 33.28 47.59
CA PHE D 950 38.14 31.93 47.77
C PHE D 950 36.73 31.77 47.21
N ASN D 951 36.00 32.87 47.01
CA ASN D 951 34.67 32.79 46.43
C ASN D 951 34.66 32.29 44.99
N TYR D 952 35.81 32.30 44.32
CA TYR D 952 35.89 31.75 42.97
C TYR D 952 35.64 30.24 43.01
N THR D 953 34.84 29.76 42.06
CA THR D 953 34.49 28.35 41.99
C THR D 953 35.32 27.66 40.91
N GLY D 954 35.03 26.37 40.69
CA GLY D 954 35.68 25.65 39.61
C GLY D 954 35.36 26.23 38.24
N ALA D 955 34.08 26.56 38.01
CA ALA D 955 33.70 27.19 36.76
C ALA D 955 34.37 28.55 36.61
N ASP D 956 34.55 29.27 37.72
CA ASP D 956 35.30 30.51 37.67
C ASP D 956 36.72 30.26 37.16
N PHE D 957 37.35 29.17 37.63
CA PHE D 957 38.69 28.85 37.17
C PHE D 957 38.70 28.43 35.71
N TYR D 958 37.67 27.72 35.26
CA TYR D 958 37.57 27.38 33.84
C TYR D 958 37.47 28.63 32.98
N ALA D 959 36.62 29.57 33.38
CA ALA D 959 36.51 30.83 32.66
C ALA D 959 37.83 31.60 32.71
N LEU D 960 38.52 31.54 33.85
CA LEU D 960 39.80 32.22 33.98
C LEU D 960 40.82 31.67 32.99
N CYS D 961 40.92 30.34 32.92
CA CYS D 961 41.88 29.72 32.02
C CYS D 961 41.53 30.02 30.56
N SER D 962 40.23 29.97 30.23
CA SER D 962 39.81 30.29 28.88
C SER D 962 40.15 31.73 28.52
N ASP D 963 39.94 32.66 29.45
CA ASP D 963 40.25 34.06 29.17
C ASP D 963 41.75 34.29 29.09
N ALA D 964 42.55 33.53 29.86
CA ALA D 964 44.00 33.66 29.74
C ALA D 964 44.49 33.15 28.40
N MET D 965 43.97 32.01 27.94
CA MET D 965 44.18 31.59 26.55
C MET D 965 43.76 32.65 25.55
N LEU D 966 42.60 33.29 25.74
CA LEU D 966 42.17 34.31 24.79
C LEU D 966 43.15 35.48 24.77
N ASN D 967 43.59 35.93 25.95
CA ASN D 967 44.56 37.03 26.01
C ASN D 967 45.88 36.65 25.36
N ALA D 968 46.41 35.46 25.66
CA ALA D 968 47.68 35.03 25.09
C ALA D 968 47.57 34.91 23.58
N MET D 969 46.45 34.37 23.09
CA MET D 969 46.25 34.27 21.65
C MET D 969 46.14 35.64 21.02
N SER D 970 45.59 36.61 21.76
CA SER D 970 45.55 37.98 21.26
C SER D 970 46.96 38.56 21.14
N ARG D 971 47.82 38.31 22.14
CA ARG D 971 49.19 38.82 22.04
C ARG D 971 49.90 38.18 20.85
N ILE D 972 49.77 36.87 20.71
CA ILE D 972 50.43 36.18 19.60
C ILE D 972 49.86 36.67 18.27
N ALA D 973 48.57 36.97 18.23
CA ALA D 973 47.96 37.49 17.01
C ALA D 973 48.52 38.86 16.66
N ARG D 974 48.65 39.74 17.64
CA ARG D 974 49.22 41.06 17.37
C ARG D 974 50.66 40.93 16.91
N MET D 975 51.43 40.05 17.53
CA MET D 975 52.82 39.83 17.12
C MET D 975 52.87 39.29 15.70
N VAL D 976 51.96 38.38 15.36
CA VAL D 976 51.92 37.82 14.01
C VAL D 976 51.56 38.89 13.00
N GLU D 977 50.64 39.79 13.36
CA GLU D 977 50.27 40.87 12.46
C GLU D 977 51.44 41.83 12.25
N LYS D 978 52.20 42.11 13.31
CA LYS D 978 53.39 42.93 13.16
C LYS D 978 54.40 42.26 12.23
N LYS D 979 54.64 40.96 12.42
CA LYS D 979 55.51 40.23 11.51
C LYS D 979 55.00 40.34 10.07
N VAL D 980 53.69 40.17 9.90
CA VAL D 980 53.10 40.20 8.57
C VAL D 980 53.36 41.53 7.91
N SER D 981 53.08 42.63 8.62
CA SER D 981 53.28 43.95 8.04
C SER D 981 54.75 44.20 7.73
N GLN D 982 55.64 43.86 8.67
CA GLN D 982 57.06 44.11 8.47
C GLN D 982 57.57 43.37 7.24
N HIS D 983 57.31 42.06 7.18
CA HIS D 983 57.73 41.25 6.04
C HIS D 983 57.04 41.67 4.75
N ASN D 984 55.81 42.19 4.82
CA ASN D 984 55.12 42.69 3.63
C ASN D 984 55.85 43.89 3.06
N GLU D 985 56.19 44.86 3.91
CA GLU D 985 56.94 46.01 3.44
C GLU D 985 58.31 45.59 2.92
N LEU D 986 58.96 44.64 3.60
CA LEU D 986 60.29 44.21 3.19
C LEU D 986 60.26 43.53 1.83
N THR D 987 59.29 42.64 1.61
CA THR D 987 59.26 41.85 0.39
C THR D 987 58.52 42.53 -0.76
N GLY D 988 57.69 43.52 -0.48
CA GLY D 988 57.04 44.31 -1.51
C GLY D 988 55.73 43.76 -2.03
N GLU D 989 55.33 42.57 -1.61
CA GLU D 989 54.05 41.97 -2.02
C GLU D 989 53.05 42.09 -0.87
N ASN D 990 51.87 41.49 -1.07
CA ASN D 990 50.80 41.48 -0.08
C ASN D 990 50.32 40.04 0.08
N ILE D 991 50.94 39.31 1.01
CA ILE D 991 50.56 37.93 1.26
C ILE D 991 49.40 37.91 2.25
N SER D 992 48.31 37.24 1.88
CA SER D 992 47.15 37.16 2.75
C SER D 992 47.51 36.39 4.02
N THR D 993 46.73 36.66 5.08
CA THR D 993 46.96 35.97 6.34
C THR D 993 46.86 34.46 6.16
N ARG D 994 45.91 34.01 5.35
CA ARG D 994 45.76 32.58 5.11
C ARG D 994 47.02 32.01 4.46
N ARG D 995 47.56 32.70 3.45
CA ARG D 995 48.80 32.25 2.83
C ARG D 995 49.96 32.32 3.81
N TRP D 996 50.01 33.39 4.62
CA TRP D 996 51.04 33.48 5.65
C TRP D 996 50.99 32.28 6.58
N PHE D 997 49.79 31.74 6.81
CA PHE D 997 49.64 30.68 7.80
C PHE D 997 49.82 29.30 7.19
N ASP D 998 49.55 29.15 5.89
CA ASP D 998 49.66 27.84 5.27
C ASP D 998 51.12 27.45 5.04
N LYS D 999 51.96 28.39 4.60
CA LYS D 999 53.33 28.07 4.24
C LYS D 999 54.37 28.94 4.91
N ILE D 1000 54.10 30.24 5.07
CA ILE D 1000 55.07 31.10 5.75
C ILE D 1000 55.13 30.78 7.23
N ALA D 1001 53.98 30.53 7.85
CA ALA D 1001 53.93 30.25 9.28
C ALA D 1001 54.82 29.06 9.63
N THR D 1002 55.87 29.31 10.40
CA THR D 1002 56.67 28.26 10.98
C THR D 1002 56.05 27.80 12.31
N LYS D 1003 56.71 26.84 12.95
CA LYS D 1003 56.11 26.21 14.12
C LYS D 1003 55.86 27.21 15.24
N GLU D 1004 56.76 28.16 15.46
CA GLU D 1004 56.56 29.13 16.52
C GLU D 1004 55.31 29.98 16.26
N ASP D 1005 54.97 30.18 14.98
CA ASP D 1005 53.72 30.88 14.66
C ASP D 1005 52.52 30.06 15.11
N THR D 1006 52.59 28.74 14.95
CA THR D 1006 51.51 27.84 15.32
C THR D 1006 51.61 27.39 16.78
N LYS D 1007 52.57 27.93 17.53
CA LYS D 1007 52.78 27.57 18.93
C LYS D 1007 52.27 28.70 19.82
N VAL D 1008 51.65 28.33 20.94
CA VAL D 1008 51.03 29.27 21.86
C VAL D 1008 51.84 29.26 23.16
N VAL D 1009 52.22 30.45 23.61
CA VAL D 1009 53.00 30.61 24.83
C VAL D 1009 52.19 31.45 25.80
N VAL D 1010 52.13 31.02 27.06
CA VAL D 1010 51.31 31.66 28.09
C VAL D 1010 52.22 32.23 29.18
N LYS D 1011 51.94 33.47 29.58
CA LYS D 1011 52.67 34.14 30.64
C LYS D 1011 51.77 34.39 31.84
N MET D 1012 52.38 34.61 33.00
CA MET D 1012 51.61 34.95 34.19
C MET D 1012 50.77 36.20 33.97
N GLU D 1013 51.22 37.07 33.07
CA GLU D 1013 50.47 38.30 32.81
C GLU D 1013 49.09 37.98 32.25
N ASP D 1014 48.97 36.92 31.44
CA ASP D 1014 47.67 36.52 30.92
C ASP D 1014 46.74 36.11 32.05
N PHE D 1015 47.25 35.31 33.00
CA PHE D 1015 46.41 34.91 34.13
C PHE D 1015 46.03 36.10 35.00
N LEU D 1016 46.97 37.02 35.22
CA LEU D 1016 46.64 38.21 35.99
C LEU D 1016 45.54 39.03 35.31
N LYS D 1017 45.65 39.19 33.98
CA LYS D 1017 44.62 39.93 33.24
C LYS D 1017 43.28 39.23 33.33
N ALA D 1018 43.26 37.90 33.19
CA ALA D 1018 42.00 37.17 33.29
C ALA D 1018 41.39 37.31 34.67
N GLN D 1019 42.22 37.21 35.71
CA GLN D 1019 41.71 37.31 37.08
C GLN D 1019 41.16 38.71 37.36
N GLU D 1020 41.85 39.75 36.90
CA GLU D 1020 41.32 41.10 37.08
C GLU D 1020 40.05 41.30 36.27
N GLN D 1021 39.95 40.67 35.11
CA GLN D 1021 38.74 40.73 34.30
C GLN D 1021 37.60 39.88 34.84
N LEU D 1022 37.90 38.84 35.60
CA LEU D 1022 36.87 37.97 36.14
C LEU D 1022 36.31 38.56 37.44
N THR D 1023 35.04 38.27 37.69
CA THR D 1023 34.31 38.76 38.85
C THR D 1023 33.67 37.58 39.56
N PRO D 1024 33.34 37.74 40.85
CA PRO D 1024 32.71 36.64 41.59
C PRO D 1024 31.49 36.08 40.85
N SER D 1025 31.56 34.80 40.49
CA SER D 1025 30.38 34.11 39.98
C SER D 1025 29.33 33.92 41.06
N VAL D 1026 29.72 33.99 42.33
CA VAL D 1026 28.82 33.84 43.46
C VAL D 1026 29.09 34.98 44.42
N SER D 1027 28.03 35.64 44.87
CA SER D 1027 28.17 36.71 45.86
C SER D 1027 28.54 36.14 47.21
N ARG D 1028 29.26 36.94 48.00
CA ARG D 1028 29.62 36.52 49.36
C ARG D 1028 28.38 36.24 50.19
N ALA D 1029 27.30 37.01 49.98
CA ALA D 1029 26.04 36.70 50.63
C ALA D 1029 25.54 35.33 50.20
N GLU D 1030 25.69 35.01 48.91
CA GLU D 1030 25.35 33.66 48.46
C GLU D 1030 26.26 32.62 49.10
N LEU D 1031 27.54 32.95 49.31
CA LEU D 1031 28.41 32.02 50.02
C LEU D 1031 27.90 31.75 51.43
N ASN D 1032 27.49 32.79 52.15
CA ASN D 1032 26.98 32.60 53.50
C ASN D 1032 25.68 31.80 53.47
N HIS D 1033 24.81 32.07 52.50
CA HIS D 1033 23.58 31.29 52.38
C HIS D 1033 23.88 29.82 52.13
N TYR D 1034 24.83 29.55 51.23
CA TYR D 1034 25.21 28.16 50.94
C TYR D 1034 25.78 27.49 52.18
N GLU D 1035 26.62 28.20 52.93
CA GLU D 1035 27.20 27.62 54.14
C GLU D 1035 26.13 27.33 55.18
N ALA D 1036 25.16 28.24 55.34
CA ALA D 1036 24.08 28.01 56.29
C ALA D 1036 23.22 26.82 55.88
N VAL D 1037 22.89 26.72 54.60
CA VAL D 1037 22.12 25.58 54.13
C VAL D 1037 22.90 24.29 54.35
N ARG D 1038 24.20 24.31 54.04
CA ARG D 1038 25.06 23.17 54.34
C ARG D 1038 24.90 22.78 55.81
N ALA D 1039 25.28 23.68 56.71
CA ALA D 1039 25.20 23.41 58.14
C ALA D 1039 23.86 22.80 58.52
N ASN D 1040 22.76 23.39 58.07
CA ASN D 1040 21.45 22.89 58.48
C ASN D 1040 21.20 21.47 57.99
N PHE D 1041 21.61 21.17 56.75
CA PHE D 1041 21.41 19.81 56.24
C PHE D 1041 22.35 18.82 56.92
N GLU D 1042 23.61 19.20 57.13
CA GLU D 1042 24.58 18.31 57.72
C GLU D 1042 24.23 17.98 59.17
N GLY D 1043 23.67 18.95 59.89
CA GLY D 1043 23.32 18.74 61.28
C GLY D 1043 22.44 17.53 61.49
N ALA D 1044 21.40 17.39 60.67
CA ALA D 1044 20.52 16.23 60.74
C ALA D 1044 20.84 15.25 59.61
N MET E 15 -3.68 35.13 -67.07
CA MET E 15 -3.60 34.03 -68.07
C MET E 15 -2.28 34.09 -68.82
N LYS E 16 -1.86 32.94 -69.33
CA LYS E 16 -0.58 32.79 -70.03
C LYS E 16 -0.55 33.73 -71.23
N ALA E 17 0.30 34.75 -71.19
CA ALA E 17 0.48 35.62 -72.34
C ALA E 17 1.94 36.06 -72.40
N SER E 18 2.39 36.46 -73.59
CA SER E 18 3.76 36.92 -73.72
C SER E 18 3.90 38.33 -73.16
N LEU E 19 5.14 38.72 -72.89
CA LEU E 19 5.42 39.99 -72.24
C LEU E 19 6.62 40.64 -72.89
N THR E 20 6.58 41.97 -73.01
CA THR E 20 7.71 42.77 -73.47
C THR E 20 7.85 43.98 -72.58
N PHE E 21 9.07 44.51 -72.51
CA PHE E 21 9.37 45.66 -71.66
C PHE E 21 9.66 46.88 -72.51
N SER E 22 9.11 48.02 -72.09
CA SER E 22 9.32 49.31 -72.74
C SER E 22 10.15 50.19 -71.82
N LEU E 23 11.13 50.90 -72.39
CA LEU E 23 12.03 51.73 -71.60
C LEU E 23 11.36 53.01 -71.11
N SER E 24 10.10 53.26 -71.48
CA SER E 24 9.43 54.51 -71.14
C SER E 24 9.27 54.67 -69.64
N GLY E 25 8.72 55.81 -69.23
CA GLY E 25 8.55 56.10 -67.81
C GLY E 25 7.71 55.04 -67.10
N ILE E 26 7.67 55.17 -65.78
CA ILE E 26 7.02 54.15 -64.95
C ILE E 26 5.54 54.05 -65.26
N TYR E 27 4.87 55.20 -65.43
CA TYR E 27 3.42 55.24 -65.59
C TYR E 27 3.01 55.35 -67.05
N ALA E 28 3.79 54.81 -67.97
CA ALA E 28 3.32 54.69 -69.33
C ALA E 28 2.28 53.57 -69.42
N PRO E 29 1.14 53.81 -70.07
CA PRO E 29 0.08 52.80 -70.07
C PRO E 29 0.54 51.51 -70.73
N CYS E 30 0.08 50.39 -70.18
CA CYS E 30 0.40 49.07 -70.70
C CYS E 30 -0.47 48.81 -71.92
N SER E 31 0.16 48.66 -73.09
CA SER E 31 -0.62 48.38 -74.28
C SER E 31 -1.07 46.92 -74.27
N ILE E 32 -2.34 46.71 -74.59
CA ILE E 32 -2.95 45.38 -74.61
C ILE E 32 -3.25 45.03 -76.06
N SER E 33 -2.75 43.88 -76.50
CA SER E 33 -2.99 43.44 -77.86
C SER E 33 -4.49 43.30 -78.12
N ARG E 34 -4.90 43.63 -79.34
CA ARG E 34 -6.32 43.63 -79.67
C ARG E 34 -6.99 42.32 -79.27
N ASP E 35 -6.31 41.19 -79.53
CA ASP E 35 -6.87 39.89 -79.18
C ASP E 35 -7.10 39.77 -77.68
N ILE E 36 -6.14 40.20 -76.88
CA ILE E 36 -6.26 40.06 -75.43
C ILE E 36 -7.48 40.82 -74.93
N TYR E 37 -7.61 42.08 -75.31
CA TYR E 37 -8.74 42.88 -74.87
C TYR E 37 -10.06 42.30 -75.38
N LEU E 38 -10.11 41.94 -76.66
CA LEU E 38 -11.39 41.68 -77.31
C LEU E 38 -12.05 40.41 -76.79
N GLU E 39 -11.31 39.52 -76.14
CA GLU E 39 -11.90 38.27 -75.68
C GLU E 39 -13.08 38.55 -74.75
N TYR E 40 -12.90 39.43 -73.76
CA TYR E 40 -13.98 39.80 -72.86
C TYR E 40 -14.04 41.28 -72.53
N GLY E 41 -13.04 42.08 -72.90
CA GLY E 41 -13.03 43.47 -72.48
C GLY E 41 -14.23 44.23 -73.03
N ASP E 42 -14.80 45.09 -72.18
CA ASP E 42 -15.93 45.91 -72.57
C ASP E 42 -15.49 47.03 -73.51
N LYS E 43 -16.42 47.48 -74.35
CA LYS E 43 -16.09 48.40 -75.44
C LYS E 43 -16.13 49.85 -74.98
N LYS E 44 -17.27 50.28 -74.44
CA LYS E 44 -17.45 51.67 -74.04
C LYS E 44 -16.69 52.05 -72.77
N ALA E 45 -16.06 51.09 -72.10
CA ALA E 45 -15.34 51.38 -70.87
C ALA E 45 -14.37 52.54 -71.08
N GLU E 46 -14.42 53.51 -70.17
CA GLU E 46 -13.66 54.75 -70.33
C GLU E 46 -12.17 54.45 -70.36
N CYS E 47 -11.63 53.93 -69.27
CA CYS E 47 -10.23 53.54 -69.18
C CYS E 47 -10.13 52.10 -68.70
N LEU E 48 -9.24 51.34 -69.33
CA LEU E 48 -9.04 49.94 -69.01
C LEU E 48 -7.93 49.82 -67.98
N TYR E 49 -8.07 48.88 -67.06
CA TYR E 49 -7.02 48.52 -66.13
C TYR E 49 -6.86 47.01 -66.13
N GLY E 50 -5.69 46.56 -65.68
CA GLY E 50 -5.43 45.13 -65.64
C GLY E 50 -4.34 44.76 -64.66
N THR E 51 -4.56 43.68 -63.91
CA THR E 51 -3.52 43.16 -63.04
C THR E 51 -2.69 42.14 -63.81
N ILE E 52 -1.46 41.92 -63.32
CA ILE E 52 -0.52 41.04 -64.00
C ILE E 52 0.32 40.34 -62.95
N ARG E 53 0.48 39.03 -63.09
CA ARG E 53 1.26 38.22 -62.17
C ARG E 53 2.45 37.63 -62.90
N LEU E 54 3.64 37.83 -62.36
CA LEU E 54 4.87 37.39 -62.99
C LEU E 54 5.27 36.02 -62.50
N PRO E 55 6.10 35.29 -63.25
CA PRO E 55 6.82 34.18 -62.65
C PRO E 55 7.86 34.68 -61.65
N GLN E 56 8.14 33.85 -60.66
CA GLN E 56 9.06 34.23 -59.59
C GLN E 56 10.01 33.07 -59.34
N TYR E 57 11.31 33.38 -59.24
CA TYR E 57 12.31 32.38 -58.90
C TYR E 57 12.24 32.05 -57.41
N GLY E 58 11.07 31.55 -57.01
CA GLY E 58 10.80 31.21 -55.63
C GLY E 58 9.36 30.75 -55.47
N PRO E 59 9.12 29.86 -54.51
CA PRO E 59 7.74 29.32 -54.37
C PRO E 59 6.70 30.40 -54.19
N GLY E 60 7.00 31.45 -53.44
CA GLY E 60 6.07 32.55 -53.27
C GLY E 60 5.81 33.26 -54.58
N CYS E 61 4.53 33.33 -54.98
CA CYS E 61 4.14 34.04 -56.19
C CYS E 61 3.85 35.49 -55.82
N THR E 62 4.69 36.40 -56.31
CA THR E 62 4.62 37.78 -55.87
C THR E 62 3.27 38.39 -56.25
N PRO E 63 2.79 39.38 -55.50
CA PRO E 63 1.52 40.01 -55.83
C PRO E 63 1.55 40.66 -57.21
N GLY E 64 0.42 40.58 -57.90
CA GLY E 64 0.33 41.10 -59.25
C GLY E 64 0.03 42.58 -59.31
N LYS E 65 0.90 43.34 -59.98
CA LYS E 65 0.68 44.77 -60.10
C LYS E 65 -0.54 45.04 -60.96
N ILE E 66 -1.22 46.15 -60.65
CA ILE E 66 -2.36 46.63 -61.43
C ILE E 66 -1.91 47.86 -62.19
N VAL E 67 -2.12 47.86 -63.50
CA VAL E 67 -1.63 48.91 -64.38
C VAL E 67 -2.76 49.35 -65.30
N HIS E 68 -2.83 50.65 -65.54
CA HIS E 68 -3.72 51.17 -66.57
C HIS E 68 -3.26 50.69 -67.93
N CYS E 69 -4.20 50.26 -68.76
CA CYS E 69 -3.91 49.67 -70.05
C CYS E 69 -4.64 50.42 -71.15
N VAL E 70 -4.10 50.30 -72.36
CA VAL E 70 -4.63 50.97 -73.54
C VAL E 70 -4.67 49.97 -74.68
N LEU E 71 -5.78 49.95 -75.42
CA LEU E 71 -5.94 49.02 -76.51
C LEU E 71 -4.85 49.24 -77.56
N ASP E 72 -4.56 48.17 -78.31
CA ASP E 72 -3.65 48.28 -79.44
C ASP E 72 -3.85 47.05 -80.32
N ASP E 73 -3.44 47.19 -81.59
CA ASP E 73 -3.49 46.11 -82.55
C ASP E 73 -2.13 45.64 -83.01
N SER E 74 -1.10 46.48 -82.88
CA SER E 74 0.24 46.12 -83.37
C SER E 74 0.79 44.91 -82.63
N LEU E 75 0.57 44.83 -81.33
CA LEU E 75 1.13 43.75 -80.55
C LEU E 75 0.63 42.40 -81.10
N PRO E 76 1.49 41.38 -81.20
CA PRO E 76 1.03 40.10 -81.75
C PRO E 76 0.00 39.42 -80.87
N PHE E 77 -0.45 38.23 -81.30
CA PHE E 77 -1.44 37.49 -80.54
C PHE E 77 -0.95 37.23 -79.13
N CYS E 78 -1.64 37.80 -78.14
CA CYS E 78 -1.36 37.56 -76.73
C CYS E 78 0.05 38.05 -76.36
N SER E 79 0.25 39.35 -76.53
CA SER E 79 1.48 40.02 -76.11
C SER E 79 1.13 41.29 -75.35
N ILE E 80 2.04 41.69 -74.46
CA ILE E 80 1.87 42.88 -73.63
C ILE E 80 3.20 43.62 -73.55
N VAL E 81 3.14 44.94 -73.59
CA VAL E 81 4.31 45.79 -73.38
C VAL E 81 4.08 46.60 -72.11
N VAL E 82 5.01 46.50 -71.18
CA VAL E 82 4.87 47.16 -69.87
C VAL E 82 6.15 47.92 -69.56
N PRO E 83 6.04 49.02 -68.82
CA PRO E 83 7.26 49.76 -68.44
C PRO E 83 8.09 48.96 -67.45
N SER E 84 9.33 48.66 -67.84
CA SER E 84 10.24 47.97 -66.92
C SER E 84 10.49 48.81 -65.67
N LYS E 85 10.33 50.13 -65.77
CA LYS E 85 10.54 50.98 -64.60
C LYS E 85 9.56 50.64 -63.48
N LEU E 86 8.41 50.07 -63.81
CA LEU E 86 7.44 49.64 -62.81
C LEU E 86 7.99 48.51 -61.95
N PHE E 87 9.05 47.83 -62.37
CA PHE E 87 9.65 46.73 -61.64
C PHE E 87 11.05 47.07 -61.16
N GLY E 88 11.32 48.37 -60.97
CA GLY E 88 12.59 48.79 -60.41
C GLY E 88 13.80 48.42 -61.24
N PHE E 89 13.62 48.13 -62.53
CA PHE E 89 14.75 47.72 -63.36
C PHE E 89 14.46 48.09 -64.80
N MET E 90 15.53 48.13 -65.61
CA MET E 90 15.44 48.32 -67.04
C MET E 90 15.91 47.06 -67.75
N PRO E 91 15.41 46.78 -68.97
CA PRO E 91 15.72 45.53 -69.66
C PRO E 91 17.11 45.48 -70.29
N THR E 92 18.12 45.85 -69.51
CA THR E 92 19.50 45.74 -69.94
C THR E 92 19.99 44.30 -70.00
N GLN E 93 19.20 43.36 -69.47
CA GLN E 93 19.54 41.95 -69.42
C GLN E 93 18.41 41.15 -70.04
N PRO E 94 18.69 39.99 -70.63
CA PRO E 94 17.58 39.14 -71.09
C PRO E 94 16.54 38.93 -70.00
N THR E 95 15.35 39.47 -70.22
CA THR E 95 14.31 39.51 -69.20
C THR E 95 13.34 38.35 -69.41
N MET E 96 12.40 38.23 -68.46
CA MET E 96 11.38 37.19 -68.55
C MET E 96 10.54 37.44 -69.79
N ASP E 97 10.21 36.35 -70.49
CA ASP E 97 9.53 36.48 -71.77
C ASP E 97 8.04 36.75 -71.61
N PHE E 98 7.37 35.98 -70.76
CA PHE E 98 5.92 36.01 -70.64
C PHE E 98 5.49 36.47 -69.26
N CYS E 99 4.20 36.74 -69.12
CA CYS E 99 3.59 36.98 -67.83
C CYS E 99 2.17 36.42 -67.82
N TYR E 100 1.63 36.27 -66.61
CA TYR E 100 0.24 35.88 -66.41
C TYR E 100 -0.57 37.16 -66.18
N PHE E 101 -1.50 37.43 -67.10
CA PHE E 101 -2.35 38.61 -67.01
C PHE E 101 -3.78 38.21 -66.70
N GLU E 102 -4.46 39.05 -65.92
CA GLU E 102 -5.86 38.86 -65.61
C GLU E 102 -6.62 40.13 -65.99
N PRO E 103 -7.66 40.04 -66.82
CA PRO E 103 -8.47 41.23 -67.09
C PRO E 103 -9.55 41.44 -66.04
N ILE E 104 -9.53 42.60 -65.39
CA ILE E 104 -10.52 42.91 -64.36
C ILE E 104 -11.86 43.21 -65.03
N LEU E 105 -12.93 42.75 -64.41
CA LEU E 105 -14.28 43.00 -64.90
C LEU E 105 -14.95 44.08 -64.05
N ASP E 106 -15.74 44.94 -64.70
CA ASP E 106 -16.46 46.02 -64.05
C ASP E 106 -15.54 47.17 -63.65
N ASN E 107 -14.23 46.98 -63.83
CA ASN E 107 -13.23 48.02 -63.58
C ASN E 107 -13.54 48.81 -62.31
N VAL E 108 -13.74 48.09 -61.21
CA VAL E 108 -13.95 48.71 -59.91
C VAL E 108 -12.56 48.89 -59.30
N VAL E 109 -11.89 49.97 -59.70
CA VAL E 109 -10.52 50.23 -59.28
C VAL E 109 -10.54 51.05 -57.99
N PRO E 110 -9.85 50.62 -56.94
CA PRO E 110 -9.84 51.42 -55.71
C PRO E 110 -9.16 52.76 -55.92
N VAL E 111 -9.67 53.77 -55.21
CA VAL E 111 -9.10 55.11 -55.19
C VAL E 111 -8.37 55.28 -53.87
N LEU E 112 -7.15 55.85 -53.93
CA LEU E 112 -6.32 55.94 -52.74
C LEU E 112 -6.72 57.18 -51.95
N ASP E 113 -7.15 56.97 -50.70
CA ASP E 113 -7.46 58.09 -49.83
C ASP E 113 -6.27 59.03 -49.71
N SER E 114 -5.07 58.45 -49.54
CA SER E 114 -3.86 59.24 -49.39
C SER E 114 -2.68 58.54 -50.05
N VAL E 115 -1.51 59.16 -49.97
CA VAL E 115 -0.30 58.63 -50.59
C VAL E 115 0.90 59.33 -49.98
N THR E 116 2.07 58.69 -49.99
CA THR E 116 3.29 59.23 -49.39
C THR E 116 4.42 59.14 -50.41
N PHE E 117 4.84 60.29 -50.94
CA PHE E 117 5.98 60.35 -51.84
C PHE E 117 7.28 60.40 -51.04
N LEU E 118 8.38 60.70 -51.73
CA LEU E 118 9.67 60.88 -51.08
C LEU E 118 10.56 61.69 -51.99
N ILE E 119 11.03 62.84 -51.51
CA ILE E 119 11.81 63.77 -52.31
C ILE E 119 13.02 64.23 -51.51
N ASN E 120 14.05 64.70 -52.22
CA ASN E 120 15.28 65.16 -51.60
C ASN E 120 15.13 66.60 -51.12
N GLU E 121 16.02 66.99 -50.20
CA GLU E 121 15.93 68.33 -49.61
C GLU E 121 16.07 69.41 -50.67
N GLN E 122 17.03 69.25 -51.58
CA GLN E 122 17.22 70.27 -52.61
C GLN E 122 16.00 70.37 -53.53
N LEU E 123 15.44 69.23 -53.92
CA LEU E 123 14.23 69.25 -54.73
C LEU E 123 13.02 69.63 -53.89
N TYR E 124 12.97 69.17 -52.64
CA TYR E 124 11.84 69.51 -51.78
C TYR E 124 11.72 71.02 -51.60
N SER E 125 12.84 71.68 -51.34
CA SER E 125 12.82 73.12 -51.11
C SER E 125 12.17 73.87 -52.26
N LYS E 126 12.58 73.55 -53.49
CA LYS E 126 12.02 74.18 -54.68
C LYS E 126 10.68 73.56 -55.07
N LEU E 127 10.24 72.53 -54.34
CA LEU E 127 8.90 72.00 -54.53
C LEU E 127 7.86 72.66 -53.64
N MET E 128 8.24 73.18 -52.47
CA MET E 128 7.26 73.82 -51.59
C MET E 128 7.61 75.27 -51.27
N ASP E 129 8.52 75.87 -52.03
CA ASP E 129 8.81 77.30 -51.88
C ASP E 129 7.77 78.17 -52.57
N LEU E 130 6.79 77.55 -53.23
CA LEU E 130 5.83 78.29 -54.03
C LEU E 130 4.72 78.87 -53.16
N PRO E 131 4.09 79.96 -53.61
CA PRO E 131 2.98 80.54 -52.85
C PRO E 131 1.76 79.64 -52.83
N GLN E 132 1.31 79.19 -54.00
CA GLN E 132 0.15 78.34 -54.12
C GLN E 132 0.52 76.87 -53.92
N GLU E 133 -0.50 76.03 -53.81
CA GLU E 133 -0.34 74.60 -53.66
C GLU E 133 -0.75 73.80 -54.88
N MET E 134 -1.73 74.26 -55.64
CA MET E 134 -2.14 73.55 -56.85
C MET E 134 -1.01 73.47 -57.86
N GLN E 135 -0.13 74.48 -57.89
CA GLN E 135 0.98 74.47 -58.84
C GLN E 135 1.74 73.16 -58.78
N GLN E 136 2.04 72.69 -57.56
CA GLN E 136 2.80 71.45 -57.43
C GLN E 136 2.14 70.31 -58.19
N ILE E 137 0.82 70.20 -58.09
CA ILE E 137 0.11 69.18 -58.87
C ILE E 137 0.58 69.23 -60.32
N GLN E 138 0.45 70.41 -60.95
CA GLN E 138 0.85 70.54 -62.34
C GLN E 138 2.26 70.03 -62.55
N PHE E 139 3.20 70.38 -61.66
CA PHE E 139 4.56 69.88 -61.78
C PHE E 139 4.56 68.40 -62.09
N LEU E 140 3.97 67.59 -61.20
CA LEU E 140 3.95 66.16 -61.43
C LEU E 140 3.27 65.83 -62.75
N HIS E 141 2.12 66.45 -63.00
CA HIS E 141 1.43 66.19 -64.27
C HIS E 141 2.34 66.48 -65.44
N TYR E 142 3.15 67.54 -65.34
CA TYR E 142 4.12 67.81 -66.39
C TYR E 142 5.31 66.87 -66.31
N LYS E 143 5.80 66.59 -65.09
CA LYS E 143 7.04 65.85 -64.94
C LYS E 143 6.86 64.35 -64.97
N TYR E 144 5.72 63.84 -64.48
CA TYR E 144 5.46 62.42 -64.43
C TYR E 144 4.23 61.99 -65.21
N ASN E 145 3.46 62.92 -65.75
CA ASN E 145 2.27 62.61 -66.54
C ASN E 145 1.27 61.79 -65.72
N ILE E 146 0.86 62.36 -64.60
CA ILE E 146 -0.14 61.76 -63.74
C ILE E 146 -1.49 62.35 -64.09
N ASN E 147 -2.56 61.60 -63.79
CA ASN E 147 -3.90 62.01 -64.18
C ASN E 147 -4.90 61.61 -63.11
N SER E 148 -5.82 62.53 -62.81
CA SER E 148 -6.84 62.28 -61.81
C SER E 148 -7.78 61.16 -62.28
N MET E 149 -8.03 60.20 -61.39
CA MET E 149 -8.92 59.07 -61.58
C MET E 149 -8.43 58.17 -62.72
N GLU E 150 -7.30 58.48 -63.36
CA GLU E 150 -6.74 57.63 -64.41
C GLU E 150 -5.47 56.94 -63.95
N THR E 151 -4.47 57.69 -63.52
CA THR E 151 -3.17 57.10 -63.20
C THR E 151 -3.28 56.22 -61.96
N VAL E 152 -2.55 55.11 -61.96
CA VAL E 152 -2.54 54.14 -60.87
C VAL E 152 -1.16 54.12 -60.26
N VAL E 153 -1.10 54.19 -58.93
CA VAL E 153 0.17 54.18 -58.21
C VAL E 153 0.22 52.95 -57.33
N HIS E 154 1.44 52.57 -56.94
CA HIS E 154 1.67 51.43 -56.07
C HIS E 154 2.70 51.79 -55.03
N SER E 155 2.76 50.99 -53.97
CA SER E 155 3.73 51.22 -52.92
C SER E 155 5.14 50.96 -53.45
N ARG E 156 6.11 51.65 -52.86
CA ARG E 156 7.52 51.53 -53.20
C ARG E 156 7.82 51.94 -54.64
N ASP E 157 6.87 52.57 -55.33
CA ASP E 157 7.12 52.98 -56.71
C ASP E 157 8.15 54.10 -56.75
N ILE E 158 9.06 54.00 -57.71
CA ILE E 158 10.16 54.95 -57.88
C ILE E 158 9.90 55.77 -59.13
N LEU E 159 10.08 57.09 -59.02
CA LEU E 159 9.85 58.01 -60.13
C LEU E 159 11.14 58.58 -60.68
N THR E 160 11.96 59.21 -59.85
CA THR E 160 13.24 59.75 -60.25
C THR E 160 14.33 58.99 -59.50
N SER E 161 15.29 58.47 -60.25
CA SER E 161 16.32 57.61 -59.67
C SER E 161 16.97 58.31 -58.49
N GLY E 162 16.73 57.81 -57.28
CA GLY E 162 17.29 58.40 -56.08
C GLY E 162 16.85 59.83 -55.84
N LEU E 163 15.78 60.26 -56.49
CA LEU E 163 15.28 61.62 -56.31
C LEU E 163 13.80 61.68 -55.99
N CYS E 164 12.98 60.81 -56.60
CA CYS E 164 11.54 60.82 -56.38
C CYS E 164 11.05 59.38 -56.29
N GLN E 165 10.27 59.09 -55.26
CA GLN E 165 9.87 57.72 -54.97
C GLN E 165 8.60 57.75 -54.14
N ILE E 166 7.85 56.64 -54.21
CA ILE E 166 6.60 56.47 -53.47
C ILE E 166 6.89 55.52 -52.32
N LEU E 167 6.85 56.04 -51.10
CA LEU E 167 7.16 55.24 -49.93
C LEU E 167 6.04 54.26 -49.60
N ASN E 168 4.79 54.73 -49.62
CA ASN E 168 3.63 53.86 -49.44
C ASN E 168 2.39 54.67 -49.80
N CYS E 169 1.22 54.03 -49.66
CA CYS E 169 -0.01 54.67 -50.09
C CYS E 169 -1.16 54.56 -49.09
N SER E 170 -0.99 53.80 -47.99
CA SER E 170 -1.93 53.63 -46.88
C SER E 170 -2.97 52.56 -47.20
N PRO E 171 -4.20 52.90 -47.57
CA PRO E 171 -5.28 51.90 -47.50
C PRO E 171 -5.01 50.68 -48.36
N PHE E 172 -4.34 50.87 -49.48
CA PHE E 172 -3.98 49.80 -50.39
C PHE E 172 -2.63 50.15 -51.01
N PRO E 173 -1.62 49.27 -50.91
CA PRO E 173 -0.30 49.63 -51.47
C PRO E 173 -0.39 50.07 -52.91
N GLN E 174 -1.44 49.63 -53.61
CA GLN E 174 -1.75 50.10 -54.94
C GLN E 174 -3.14 50.70 -54.97
N GLY E 175 -3.38 51.57 -55.94
CA GLY E 175 -4.71 52.11 -56.12
C GLY E 175 -4.72 53.25 -57.13
N LEU E 176 -5.94 53.69 -57.44
CA LEU E 176 -6.15 54.79 -58.36
C LEU E 176 -5.93 56.12 -57.65
N VAL E 177 -5.62 57.16 -58.42
CA VAL E 177 -5.32 58.48 -57.91
C VAL E 177 -6.33 59.47 -58.48
N ASP E 178 -6.83 60.36 -57.64
CA ASP E 178 -7.70 61.46 -58.06
C ASP E 178 -7.19 62.74 -57.41
N PHE E 179 -6.84 63.72 -58.24
CA PHE E 179 -6.18 64.92 -57.74
C PHE E 179 -7.05 65.66 -56.73
N THR E 180 -8.32 65.90 -57.08
CA THR E 180 -9.20 66.69 -56.23
C THR E 180 -9.52 66.01 -54.91
N GLU E 181 -9.26 64.71 -54.79
CA GLU E 181 -9.62 63.96 -53.59
C GLU E 181 -8.44 63.30 -52.90
N THR E 182 -7.38 62.95 -53.61
CA THR E 182 -6.26 62.26 -53.00
C THR E 182 -5.59 63.16 -51.96
N GLN E 183 -5.09 62.53 -50.90
CA GLN E 183 -4.38 63.22 -49.82
C GLN E 183 -2.89 62.92 -49.98
N LEU E 184 -2.18 63.86 -50.62
CA LEU E 184 -0.77 63.67 -50.91
C LEU E 184 0.09 64.18 -49.76
N ILE E 185 0.98 63.33 -49.28
CA ILE E 185 1.98 63.68 -48.28
C ILE E 185 3.34 63.45 -48.94
N LEU E 186 4.29 64.32 -48.64
CA LEU E 186 5.63 64.24 -49.19
C LEU E 186 6.62 64.80 -48.17
N VAL E 187 7.88 64.36 -48.27
CA VAL E 187 8.87 64.61 -47.24
C VAL E 187 10.23 64.89 -47.88
N ASN E 188 11.09 65.51 -47.08
CA ASN E 188 12.49 65.68 -47.43
C ASN E 188 13.32 64.61 -46.73
N ASP E 189 14.41 64.20 -47.38
CA ASP E 189 15.26 63.12 -46.89
C ASP E 189 16.54 63.73 -46.33
N THR E 190 16.58 63.91 -45.01
CA THR E 190 17.82 64.32 -44.36
C THR E 190 18.82 63.17 -44.33
N GLU E 191 18.34 61.95 -44.09
CA GLU E 191 19.20 60.77 -44.09
C GLU E 191 19.74 60.45 -45.48
N GLN E 192 19.21 61.08 -46.52
CA GLN E 192 19.68 60.86 -47.89
C GLN E 192 19.49 59.40 -48.30
N LYS E 193 18.38 58.80 -47.85
CA LYS E 193 18.06 57.44 -48.27
C LYS E 193 18.02 57.32 -49.78
N LEU E 194 17.43 58.32 -50.45
CA LEU E 194 17.25 58.22 -51.90
C LEU E 194 18.58 58.10 -52.63
N SER E 195 19.62 58.77 -52.12
CA SER E 195 20.90 58.77 -52.81
C SER E 195 21.39 57.36 -53.11
N ALA E 196 21.14 56.43 -52.19
CA ALA E 196 21.58 55.05 -52.35
C ALA E 196 20.58 54.19 -53.12
N LEU E 197 19.44 54.75 -53.52
CA LEU E 197 18.39 53.98 -54.18
C LEU E 197 18.46 54.24 -55.67
N LYS E 198 18.70 53.19 -56.45
CA LYS E 198 18.71 53.26 -57.91
C LYS E 198 18.17 51.96 -58.47
N TYR E 199 17.61 52.04 -59.68
CA TYR E 199 17.01 50.87 -60.30
C TYR E 199 18.03 49.75 -60.45
N ALA E 200 17.53 48.54 -60.70
CA ALA E 200 18.39 47.38 -60.82
C ALA E 200 19.13 47.40 -62.15
N ASN E 201 20.44 47.18 -62.09
CA ASN E 201 21.29 47.25 -63.28
C ASN E 201 21.18 48.62 -63.95
N GLU E 202 21.01 49.65 -63.13
CA GLU E 202 20.94 51.03 -63.60
C GLU E 202 22.33 51.68 -63.66
N ASP E 203 23.05 51.67 -62.54
CA ASP E 203 24.37 52.28 -62.49
C ASP E 203 25.46 51.41 -63.09
N GLU E 204 25.19 50.13 -63.35
CA GLU E 204 26.17 49.22 -63.92
C GLU E 204 26.17 49.42 -65.44
N GLU E 205 27.04 50.33 -65.90
CA GLU E 205 27.15 50.60 -67.32
C GLU E 205 27.79 49.41 -68.02
N TYR E 206 27.72 49.43 -69.36
CA TYR E 206 28.31 48.38 -70.16
C TYR E 206 29.83 48.48 -70.13
N ALA E 207 30.46 47.77 -69.18
CA ALA E 207 31.91 47.73 -69.05
C ALA E 207 32.31 46.26 -69.16
N LEU E 208 32.50 45.81 -70.40
CA LEU E 208 32.81 44.41 -70.69
C LEU E 208 34.13 44.00 -70.04
N PRO E 209 34.11 43.13 -69.02
CA PRO E 209 35.38 42.67 -68.46
C PRO E 209 36.05 41.62 -69.33
N LYS E 210 37.07 42.02 -70.09
CA LYS E 210 37.83 41.09 -70.92
C LYS E 210 36.88 40.17 -71.71
N ILE E 211 36.09 40.80 -72.58
CA ILE E 211 35.01 40.12 -73.28
C ILE E 211 35.53 38.88 -74.01
N GLY E 212 35.05 37.71 -73.61
CA GLY E 212 35.31 36.50 -74.37
C GLY E 212 36.78 36.22 -74.62
N THR E 213 37.61 36.39 -73.59
CA THR E 213 39.06 36.20 -73.72
C THR E 213 39.56 35.03 -72.89
N ASN E 214 39.31 35.03 -71.59
CA ASN E 214 39.89 34.03 -70.71
C ASN E 214 39.32 32.64 -71.01
N SER E 215 40.17 31.63 -70.83
CA SER E 215 39.75 30.25 -71.08
C SER E 215 38.90 29.72 -69.94
N ALA E 216 39.45 29.70 -68.73
CA ALA E 216 38.72 29.27 -67.54
C ALA E 216 38.90 30.30 -66.45
N LEU E 217 37.88 30.44 -65.61
CA LEU E 217 37.85 31.44 -64.56
C LEU E 217 37.73 30.76 -63.20
N SER E 218 37.77 31.59 -62.16
CA SER E 218 37.48 31.15 -60.79
C SER E 218 36.34 32.03 -60.27
N ILE E 219 35.22 31.40 -59.94
CA ILE E 219 34.01 32.13 -59.59
C ILE E 219 33.42 31.55 -58.32
N ASP E 220 32.70 32.40 -57.58
CA ASP E 220 31.96 31.94 -56.42
C ASP E 220 30.82 31.04 -56.86
N LEU E 221 30.66 29.91 -56.19
CA LEU E 221 29.63 28.93 -56.50
C LEU E 221 28.68 28.87 -55.31
N GLU E 222 27.42 29.23 -55.54
CA GLU E 222 26.43 29.36 -54.48
C GLU E 222 25.34 28.31 -54.64
N SER E 223 24.82 27.84 -53.52
CA SER E 223 23.69 26.92 -53.55
C SER E 223 22.42 27.66 -53.96
N LEU E 224 21.56 26.96 -54.70
CA LEU E 224 20.30 27.56 -55.10
C LEU E 224 19.41 27.77 -53.87
N PRO E 225 18.93 29.00 -53.62
CA PRO E 225 18.04 29.20 -52.47
C PRO E 225 16.73 28.46 -52.58
N CYS E 226 16.31 28.09 -53.79
CA CYS E 226 15.03 27.44 -53.99
C CYS E 226 15.04 26.72 -55.32
N THR E 227 14.14 25.75 -55.46
CA THR E 227 14.02 24.99 -56.70
C THR E 227 13.56 25.91 -57.83
N ILE E 228 13.58 25.36 -59.04
CA ILE E 228 13.20 26.11 -60.24
C ILE E 228 12.17 25.29 -61.00
N SER E 229 11.11 25.94 -61.47
CA SER E 229 10.13 25.30 -62.32
C SER E 229 10.68 25.12 -63.73
N ARG E 230 10.22 24.07 -64.41
CA ARG E 230 10.69 23.79 -65.75
C ARG E 230 10.33 24.90 -66.73
N ASP E 231 9.39 25.77 -66.38
CA ASP E 231 8.92 26.79 -67.30
C ASP E 231 10.02 27.79 -67.65
N LEU E 232 10.86 28.15 -66.68
CA LEU E 232 11.71 29.33 -66.76
C LEU E 232 13.11 29.03 -67.26
N LEU E 233 13.28 28.04 -68.14
CA LEU E 233 14.59 27.64 -68.65
C LEU E 233 14.65 27.91 -70.15
N ARG E 234 15.40 28.95 -70.52
CA ARG E 234 15.74 29.19 -71.92
C ARG E 234 17.15 28.67 -72.20
N PRO E 235 17.33 27.81 -73.20
CA PRO E 235 16.36 27.29 -74.17
C PRO E 235 15.40 26.28 -73.55
N ALA E 236 14.26 26.03 -74.20
CA ALA E 236 13.33 25.03 -73.72
C ALA E 236 14.04 23.70 -73.59
N PRO E 237 14.29 23.21 -72.38
CA PRO E 237 15.07 21.98 -72.23
C PRO E 237 14.34 20.77 -72.79
N HIS E 238 15.11 19.81 -73.26
CA HIS E 238 14.53 18.56 -73.76
C HIS E 238 13.76 17.88 -72.64
N ILE E 239 12.56 17.39 -72.98
CA ILE E 239 11.67 16.87 -71.94
C ILE E 239 12.31 15.69 -71.22
N ASN E 240 12.92 14.77 -71.96
CA ASN E 240 13.54 13.61 -71.34
C ASN E 240 14.79 13.97 -70.57
N ASP E 241 15.34 15.16 -70.78
CA ASP E 241 16.60 15.55 -70.16
C ASP E 241 16.52 15.45 -68.63
N ASP E 242 17.69 15.40 -68.01
CA ASP E 242 17.79 15.30 -66.56
C ASP E 242 17.65 16.70 -65.95
N ASN E 243 16.55 16.91 -65.23
CA ASN E 243 16.34 18.21 -64.60
C ASN E 243 17.39 18.51 -63.54
N SER E 244 17.89 17.47 -62.88
CA SER E 244 18.69 17.61 -61.67
C SER E 244 20.10 18.13 -61.92
N ILE E 245 20.47 18.45 -63.17
CA ILE E 245 21.85 18.84 -63.48
C ILE E 245 21.85 20.26 -64.03
N TYR E 246 20.94 21.10 -63.56
CA TYR E 246 20.78 22.46 -64.05
C TYR E 246 21.38 23.45 -63.04
N ALA E 247 22.32 24.27 -63.50
CA ALA E 247 22.90 25.33 -62.71
C ALA E 247 22.71 26.66 -63.45
N PHE E 248 22.50 27.72 -62.70
CA PHE E 248 22.10 29.01 -63.24
C PHE E 248 23.22 30.02 -63.06
N THR E 249 23.12 31.15 -63.75
CA THR E 249 24.07 32.24 -63.57
C THR E 249 23.61 33.43 -64.40
N ASP E 250 24.21 34.58 -64.12
CA ASP E 250 23.84 35.81 -64.83
C ASP E 250 24.33 35.77 -66.27
N ALA E 251 23.62 36.50 -67.13
CA ALA E 251 23.90 36.46 -68.56
C ALA E 251 25.32 36.95 -68.86
N GLU E 252 25.74 38.04 -68.21
CA GLU E 252 27.04 38.62 -68.51
C GLU E 252 28.16 37.60 -68.33
N THR E 253 28.08 36.77 -67.30
CA THR E 253 29.05 35.70 -67.14
C THR E 253 28.97 34.72 -68.29
N LEU E 254 27.75 34.37 -68.71
CA LEU E 254 27.59 33.46 -69.85
C LEU E 254 28.29 34.01 -71.08
N LEU E 255 28.10 35.30 -71.37
CA LEU E 255 28.80 35.92 -72.49
C LEU E 255 30.31 35.87 -72.27
N ARG E 256 30.76 36.11 -71.05
CA ARG E 256 32.19 36.14 -70.76
C ARG E 256 32.87 34.87 -71.24
N LEU E 257 32.23 33.72 -71.02
CA LEU E 257 32.79 32.43 -71.43
C LEU E 257 32.25 31.96 -72.78
N ASP E 258 31.67 32.87 -73.56
CA ASP E 258 31.24 32.61 -74.93
C ASP E 258 30.56 31.24 -75.05
N VAL E 259 29.48 31.09 -74.30
CA VAL E 259 28.64 29.90 -74.34
C VAL E 259 27.19 30.33 -74.53
N THR E 260 26.28 29.36 -74.47
CA THR E 260 24.86 29.60 -74.60
C THR E 260 24.13 28.88 -73.49
N SER E 261 22.94 29.38 -73.17
CA SER E 261 22.12 28.76 -72.13
C SER E 261 21.82 27.31 -72.50
N GLY E 262 21.55 26.51 -71.47
CA GLY E 262 21.31 25.09 -71.69
C GLY E 262 22.50 24.33 -72.21
N SER E 263 23.71 24.86 -72.06
CA SER E 263 24.91 24.21 -72.55
C SER E 263 25.47 23.28 -71.48
N PHE E 264 26.69 22.80 -71.68
CA PHE E 264 27.35 21.88 -70.76
C PHE E 264 28.71 22.45 -70.39
N ILE E 265 29.01 22.49 -69.08
CA ILE E 265 30.24 23.09 -68.58
C ILE E 265 30.77 22.25 -67.43
N THR E 266 32.06 22.40 -67.16
CA THR E 266 32.74 21.66 -66.10
C THR E 266 32.98 22.57 -64.90
N VAL E 267 32.66 22.06 -63.72
CA VAL E 267 32.91 22.75 -62.45
C VAL E 267 33.84 21.88 -61.63
N SER E 268 34.93 22.46 -61.14
CA SER E 268 35.95 21.62 -60.55
C SER E 268 36.78 22.40 -59.53
N ASN E 269 37.64 21.66 -58.84
CA ASN E 269 38.65 22.21 -57.95
C ASN E 269 39.63 21.11 -57.61
N MET E 270 40.90 21.47 -57.45
CA MET E 270 41.99 20.61 -56.98
C MET E 270 41.99 19.23 -57.65
N GLY E 271 41.39 19.13 -58.84
CA GLY E 271 41.39 17.88 -59.60
C GLY E 271 40.01 17.27 -59.73
N CYS E 272 39.23 17.26 -58.64
CA CYS E 272 37.86 16.79 -58.69
C CYS E 272 37.04 17.66 -59.64
N VAL E 273 36.22 17.01 -60.46
CA VAL E 273 35.44 17.70 -61.48
C VAL E 273 34.02 17.13 -61.52
N ARG E 274 33.12 17.93 -62.07
CA ARG E 274 31.73 17.53 -62.30
C ARG E 274 31.23 18.31 -63.50
N LEU E 275 30.13 17.84 -64.07
CA LEU E 275 29.56 18.44 -65.27
C LEU E 275 28.15 18.93 -64.97
N VAL E 276 27.81 20.11 -65.48
CA VAL E 276 26.52 20.72 -65.18
C VAL E 276 26.04 21.50 -66.41
N LYS E 277 24.72 21.62 -66.51
CA LYS E 277 24.12 22.51 -67.50
C LYS E 277 24.36 23.96 -67.11
N LEU E 278 23.83 24.88 -67.90
CA LEU E 278 23.89 26.29 -67.55
C LEU E 278 22.74 27.02 -68.21
N PHE E 279 22.20 28.01 -67.50
CA PHE E 279 21.11 28.84 -68.01
C PHE E 279 21.34 30.26 -67.51
N VAL E 280 20.32 31.10 -67.69
CA VAL E 280 20.41 32.52 -67.34
C VAL E 280 19.18 32.90 -66.53
N LEU E 281 19.37 33.78 -65.54
CA LEU E 281 18.27 34.30 -64.74
C LEU E 281 17.59 35.40 -65.52
N LEU E 282 16.46 35.07 -66.15
CA LEU E 282 15.68 36.09 -66.85
C LEU E 282 15.23 37.16 -65.87
N LEU E 283 15.50 38.42 -66.20
CA LEU E 283 15.05 39.51 -65.36
C LEU E 283 13.53 39.56 -65.33
N PRO E 284 12.93 40.07 -64.25
CA PRO E 284 13.56 40.65 -63.06
C PRO E 284 14.06 39.59 -62.08
N ASN E 285 14.99 39.95 -61.21
CA ASN E 285 15.48 39.04 -60.18
C ASN E 285 16.38 39.82 -59.22
N GLY E 286 16.34 39.43 -57.95
CA GLY E 286 17.20 39.99 -56.93
C GLY E 286 18.40 39.14 -56.60
N PHE E 287 18.68 38.09 -57.38
CA PHE E 287 19.78 37.20 -57.08
C PHE E 287 21.11 37.96 -57.20
N LYS E 288 22.08 37.56 -56.38
CA LYS E 288 23.40 38.15 -56.46
C LYS E 288 23.96 37.98 -57.88
N LYS E 289 24.53 39.05 -58.41
CA LYS E 289 25.09 39.05 -59.75
C LYS E 289 26.49 38.43 -59.74
N ARG E 290 27.01 38.19 -60.95
CA ARG E 290 28.37 37.69 -61.14
C ARG E 290 28.61 36.43 -60.31
N THR E 291 27.63 35.52 -60.31
CA THR E 291 27.73 34.30 -59.54
C THR E 291 27.12 33.15 -60.34
N ILE E 292 27.43 31.93 -59.90
CA ILE E 292 26.84 30.72 -60.45
C ILE E 292 26.13 29.99 -59.32
N TYR E 293 24.84 29.74 -59.49
CA TYR E 293 24.02 29.03 -58.53
C TYR E 293 23.84 27.58 -59.00
N ALA E 294 23.62 26.68 -58.05
CA ALA E 294 23.41 25.28 -58.38
C ALA E 294 22.61 24.64 -57.26
N PRO E 295 21.90 23.55 -57.53
CA PRO E 295 21.20 22.82 -56.47
C PRO E 295 22.19 22.08 -55.59
N PRO E 296 21.74 21.61 -54.41
CA PRO E 296 22.68 20.99 -53.47
C PRO E 296 23.41 19.79 -54.03
N LYS E 297 22.85 19.14 -55.05
CA LYS E 297 23.51 18.00 -55.68
C LYS E 297 24.99 18.27 -55.91
N ILE E 298 25.30 19.33 -56.65
CA ILE E 298 26.70 19.62 -57.01
C ILE E 298 27.45 20.22 -55.83
N ILE E 299 26.78 21.11 -55.08
CA ILE E 299 27.45 21.73 -53.94
C ILE E 299 27.95 20.69 -52.96
N ALA E 300 27.30 19.52 -52.93
CA ALA E 300 27.68 18.50 -51.96
C ALA E 300 29.12 18.05 -52.14
N SER E 301 29.59 17.93 -53.38
CA SER E 301 30.92 17.41 -53.66
C SER E 301 32.03 18.43 -53.43
N PHE E 302 31.70 19.69 -53.19
CA PHE E 302 32.68 20.74 -52.92
C PHE E 302 32.24 21.52 -51.69
N PRO E 303 32.18 20.85 -50.54
CA PRO E 303 31.67 21.53 -49.33
C PRO E 303 32.56 22.67 -48.87
N ASP E 304 33.85 22.37 -48.64
CA ASP E 304 34.76 23.40 -48.13
C ASP E 304 35.04 24.47 -49.17
N CYS E 305 35.13 24.09 -50.44
CA CYS E 305 35.57 25.00 -51.49
C CYS E 305 34.45 26.02 -51.75
N SER E 306 34.60 27.22 -51.18
CA SER E 306 33.64 28.28 -51.46
C SER E 306 33.68 28.69 -52.92
N VAL E 307 34.87 28.89 -53.46
CA VAL E 307 35.06 29.27 -54.86
C VAL E 307 35.37 28.01 -55.66
N VAL E 308 35.03 28.05 -56.95
CA VAL E 308 35.22 26.91 -57.84
C VAL E 308 35.89 27.43 -59.11
N THR E 309 36.48 26.51 -59.87
CA THR E 309 37.02 26.84 -61.18
C THR E 309 36.01 26.47 -62.24
N ILE E 310 35.72 27.41 -63.13
CA ILE E 310 34.67 27.26 -64.14
C ILE E 310 35.36 27.19 -65.49
N SER E 311 35.07 26.13 -66.25
CA SER E 311 35.70 25.91 -67.54
C SER E 311 34.67 25.34 -68.52
N LYS E 312 34.57 25.96 -69.68
CA LYS E 312 33.69 25.48 -70.74
C LYS E 312 33.94 23.99 -70.99
N SER E 313 32.90 23.26 -71.38
CA SER E 313 33.01 21.86 -71.73
C SER E 313 32.70 21.70 -73.21
N ASN E 314 33.61 21.03 -73.93
CA ASN E 314 33.45 20.78 -75.35
C ASN E 314 32.79 19.44 -75.64
N ILE E 315 32.00 18.93 -74.69
CA ILE E 315 31.35 17.63 -74.80
C ILE E 315 29.86 17.84 -75.03
N GLY E 316 29.34 17.24 -76.09
CA GLY E 316 27.92 17.29 -76.37
C GLY E 316 27.18 16.13 -75.74
N HIS E 317 25.84 16.21 -75.81
CA HIS E 317 25.01 15.15 -75.24
C HIS E 317 25.29 13.82 -75.91
N THR E 318 25.39 13.82 -77.24
CA THR E 318 25.62 12.58 -77.98
C THR E 318 26.90 11.89 -77.51
N ASP E 319 27.94 12.67 -77.20
CA ASP E 319 29.21 12.10 -76.80
C ASP E 319 29.09 11.30 -75.51
N ILE E 320 28.04 11.51 -74.73
CA ILE E 320 27.94 10.83 -73.43
C ILE E 320 27.85 9.32 -73.65
N PRO E 321 28.64 8.50 -72.96
CA PRO E 321 28.52 7.05 -73.11
C PRO E 321 27.54 6.43 -72.14
N ILE E 322 26.73 5.50 -72.66
CA ILE E 322 25.77 4.80 -71.81
C ILE E 322 26.52 3.91 -70.82
N ALA E 323 25.91 3.68 -69.67
CA ALA E 323 26.52 2.90 -68.60
C ALA E 323 26.13 1.43 -68.74
N ASN E 324 26.90 0.57 -68.06
CA ASN E 324 26.67 -0.86 -68.04
C ASN E 324 26.31 -1.35 -66.64
N GLN E 325 27.15 -1.04 -65.65
CA GLN E 325 26.93 -1.42 -64.27
C GLN E 325 27.15 -0.21 -63.38
N VAL E 326 26.26 -0.02 -62.40
CA VAL E 326 26.39 1.07 -61.45
C VAL E 326 26.16 0.54 -60.05
N PHE E 327 27.11 0.79 -59.16
CA PHE E 327 27.05 0.34 -57.78
C PHE E 327 26.97 1.57 -56.88
N ILE E 328 26.02 1.57 -55.95
CA ILE E 328 25.76 2.72 -55.11
C ILE E 328 25.72 2.28 -53.65
N SER E 329 26.30 3.10 -52.78
CA SER E 329 26.29 2.85 -51.35
C SER E 329 25.47 3.92 -50.66
N ARG E 330 24.46 3.49 -49.89
CA ARG E 330 23.69 4.43 -49.09
C ARG E 330 24.62 5.20 -48.15
N VAL E 331 24.40 6.51 -48.07
CA VAL E 331 25.20 7.35 -47.18
C VAL E 331 24.67 7.21 -45.76
N GLY E 332 25.59 7.06 -44.81
CA GLY E 332 25.22 6.93 -43.42
C GLY E 332 24.37 8.10 -42.95
N GLY E 333 23.33 7.80 -42.17
CA GLY E 333 22.44 8.84 -41.68
C GLY E 333 21.43 8.30 -40.69
N TRP E 334 20.92 9.17 -39.81
CA TRP E 334 19.95 8.74 -38.83
C TRP E 334 18.76 8.05 -39.49
N LEU E 335 18.32 8.58 -40.63
CA LEU E 335 17.17 8.00 -41.32
C LEU E 335 17.47 6.58 -41.78
N GLN E 336 18.70 6.33 -42.23
CA GLN E 336 19.04 5.02 -42.81
C GLN E 336 18.69 3.90 -41.85
N SER E 337 19.01 4.07 -40.57
CA SER E 337 18.71 3.05 -39.58
C SER E 337 17.22 2.88 -39.32
N GLN E 338 16.39 3.79 -39.84
CA GLN E 338 14.95 3.71 -39.61
C GLN E 338 14.36 2.59 -40.46
N LYS E 339 14.33 1.38 -39.90
CA LYS E 339 13.79 0.24 -40.63
C LYS E 339 12.33 0.45 -41.00
N CYS E 340 11.60 1.28 -40.25
CA CYS E 340 10.26 1.67 -40.62
C CYS E 340 10.21 2.48 -41.90
N PHE E 341 11.36 3.00 -42.36
CA PHE E 341 11.42 3.85 -43.54
C PHE E 341 12.06 3.19 -44.75
N GLN E 342 12.78 2.08 -44.57
CA GLN E 342 13.67 1.59 -45.62
C GLN E 342 12.96 1.45 -46.97
N ASN E 343 11.77 0.86 -46.97
CA ASN E 343 11.13 0.50 -48.23
C ASN E 343 10.84 1.74 -49.08
N ILE E 344 10.29 2.79 -48.46
CA ILE E 344 9.97 4.00 -49.21
C ILE E 344 11.20 4.67 -49.77
N ILE E 345 12.37 4.51 -49.12
CA ILE E 345 13.57 5.18 -49.60
C ILE E 345 13.99 4.64 -50.96
N LEU E 346 14.24 3.33 -51.04
CA LEU E 346 14.62 2.75 -52.32
C LEU E 346 13.48 2.80 -53.32
N THR E 347 12.23 2.76 -52.85
CA THR E 347 11.12 2.95 -53.78
C THR E 347 11.20 4.31 -54.47
N THR E 348 11.44 5.35 -53.67
CA THR E 348 11.59 6.70 -54.23
C THR E 348 12.80 6.77 -55.16
N LEU E 349 13.90 6.13 -54.78
CA LEU E 349 15.07 6.13 -55.64
C LEU E 349 14.78 5.49 -56.99
N LYS E 350 14.14 4.32 -56.97
CA LYS E 350 13.81 3.65 -58.22
C LYS E 350 12.88 4.49 -59.07
N LYS E 351 11.86 5.11 -58.46
CA LYS E 351 10.97 5.97 -59.22
C LYS E 351 11.75 7.15 -59.82
N PHE E 352 12.61 7.77 -59.03
CA PHE E 352 13.37 8.92 -59.50
C PHE E 352 14.22 8.55 -60.71
N PHE E 353 14.94 7.44 -60.63
CA PHE E 353 15.76 7.04 -61.78
C PHE E 353 14.89 6.66 -62.97
N SER E 354 13.77 5.97 -62.72
CA SER E 354 12.88 5.58 -63.81
C SER E 354 12.27 6.78 -64.51
N GLU E 355 12.18 7.93 -63.83
CA GLU E 355 11.57 9.10 -64.45
C GLU E 355 12.28 9.43 -65.77
N SER E 356 13.60 9.55 -65.74
CA SER E 356 14.36 9.91 -66.93
C SER E 356 15.81 9.52 -66.73
N LYS E 357 16.56 9.54 -67.83
CA LYS E 357 17.96 9.18 -67.80
C LYS E 357 18.75 10.23 -67.03
N ARG E 358 19.41 9.80 -65.95
CA ARG E 358 20.21 10.69 -65.12
C ARG E 358 21.69 10.57 -65.47
N ILE E 359 22.43 11.63 -65.16
CA ILE E 359 23.85 11.73 -65.46
C ILE E 359 24.62 11.77 -64.15
N LEU E 360 25.60 10.89 -64.01
CA LEU E 360 26.39 10.82 -62.77
C LEU E 360 27.86 10.55 -63.10
N CYS E 361 28.65 10.31 -62.06
CA CYS E 361 30.08 10.04 -62.22
C CYS E 361 30.52 9.12 -61.11
N GLN E 362 31.84 8.98 -60.94
CA GLN E 362 32.40 8.19 -59.86
C GLN E 362 32.58 9.08 -58.63
N ASN E 363 32.27 8.53 -57.46
CA ASN E 363 32.36 9.26 -56.19
C ASN E 363 31.48 10.50 -56.22
N ASP E 364 30.17 10.24 -56.32
CA ASP E 364 29.16 11.29 -56.27
C ASP E 364 28.08 10.91 -55.28
N LEU E 365 27.24 11.88 -54.94
CA LEU E 365 26.19 11.70 -53.95
C LEU E 365 24.85 12.14 -54.53
N ILE E 366 23.80 11.41 -54.16
CA ILE E 366 22.47 11.62 -54.72
C ILE E 366 21.51 11.90 -53.57
N PRO E 367 20.81 13.04 -53.55
CA PRO E 367 19.75 13.25 -52.57
C PRO E 367 18.39 12.79 -53.10
N ILE E 368 17.64 12.14 -52.22
CA ILE E 368 16.30 11.66 -52.54
C ILE E 368 15.35 12.20 -51.47
N ALA E 369 14.42 13.05 -51.89
CA ALA E 369 13.36 13.52 -51.01
C ALA E 369 12.17 12.56 -51.06
N PHE E 370 11.36 12.59 -50.01
CA PHE E 370 10.26 11.63 -49.91
C PHE E 370 9.33 12.03 -48.78
N ASP E 371 8.03 11.78 -48.97
CA ASP E 371 7.04 12.03 -47.93
C ASP E 371 7.17 11.02 -46.81
N SER E 372 7.70 11.46 -45.66
CA SER E 372 7.85 10.56 -44.52
C SER E 372 6.49 10.03 -44.06
N SER E 373 5.51 10.91 -43.92
CA SER E 373 4.21 10.50 -43.44
C SER E 373 3.56 9.45 -44.33
N MET E 374 3.94 9.40 -45.61
CA MET E 374 3.36 8.47 -46.56
C MET E 374 4.12 7.15 -46.59
N ALA E 375 5.14 7.00 -45.72
CA ALA E 375 6.04 5.86 -45.81
C ALA E 375 5.30 4.55 -45.57
N ASP E 376 4.41 4.52 -44.57
CA ASP E 376 3.86 3.26 -44.09
C ASP E 376 2.79 2.68 -45.02
N LEU E 377 2.62 3.20 -46.23
CA LEU E 377 1.68 2.64 -47.21
C LEU E 377 2.50 2.10 -48.36
N ASN E 378 2.72 0.78 -48.38
CA ASN E 378 3.56 0.14 -49.39
C ASN E 378 2.76 0.02 -50.67
N ILE E 379 2.52 1.15 -51.34
CA ILE E 379 1.74 1.14 -52.57
C ILE E 379 2.55 0.39 -53.61
N ALA E 380 2.13 -0.83 -53.91
CA ALA E 380 2.91 -1.73 -54.75
C ALA E 380 3.05 -1.18 -56.17
N GLU E 381 3.85 -1.86 -56.97
CA GLU E 381 4.22 -1.42 -58.30
C GLU E 381 3.35 -2.00 -59.41
N GLU E 382 2.26 -2.69 -59.07
CA GLU E 382 1.40 -3.26 -60.09
C GLU E 382 0.91 -2.17 -61.05
N ASN E 383 1.02 -0.92 -60.64
CA ASN E 383 0.76 0.21 -61.53
C ASN E 383 1.87 0.30 -62.57
N ASP E 384 1.65 -0.32 -63.73
CA ASP E 384 2.65 -0.31 -64.78
C ASP E 384 2.97 1.13 -65.19
N GLU E 385 4.17 1.60 -64.87
CA GLU E 385 4.62 2.95 -65.16
C GLU E 385 3.50 3.96 -64.90
N SER E 386 3.10 4.03 -63.63
CA SER E 386 1.96 4.87 -63.25
C SER E 386 2.01 6.20 -63.97
N ASP E 387 1.01 6.45 -64.80
CA ASP E 387 1.09 7.57 -65.74
C ASP E 387 1.17 8.90 -65.00
N ASP E 388 0.49 9.01 -63.86
CA ASP E 388 0.27 10.28 -63.19
C ASP E 388 1.31 10.53 -62.09
N GLU E 389 2.53 10.03 -62.27
CA GLU E 389 3.60 10.25 -61.30
C GLU E 389 3.55 11.67 -60.77
N ASP E 390 3.36 12.63 -61.66
CA ASP E 390 3.26 14.03 -61.24
C ASP E 390 2.13 14.23 -60.23
N GLU E 391 1.02 13.50 -60.39
CA GLU E 391 -0.15 13.80 -59.57
C GLU E 391 -0.06 13.11 -58.21
N LEU E 392 0.42 11.87 -58.16
CA LEU E 392 0.77 11.30 -56.87
C LEU E 392 1.82 12.16 -56.17
N GLY E 393 2.74 12.72 -56.94
CA GLY E 393 3.74 13.60 -56.36
C GLY E 393 3.14 14.84 -55.73
N GLN E 394 2.23 15.51 -56.46
CA GLN E 394 1.63 16.71 -55.91
C GLN E 394 0.73 16.38 -54.72
N TYR E 395 0.07 15.22 -54.73
CA TYR E 395 -0.56 14.75 -53.51
C TYR E 395 0.46 14.52 -52.40
N TYR E 396 1.72 14.30 -52.76
CA TYR E 396 2.83 14.36 -51.80
C TYR E 396 3.32 15.79 -51.69
N LYS E 397 3.93 16.10 -50.55
CA LYS E 397 4.75 17.30 -50.40
C LYS E 397 6.02 16.89 -49.67
N ASN E 398 7.01 16.44 -50.45
CA ASN E 398 8.25 15.90 -49.89
C ASN E 398 8.71 16.66 -48.65
N ASP E 399 9.23 15.89 -47.68
CA ASP E 399 9.60 16.46 -46.39
C ASP E 399 10.98 16.00 -45.91
N SER E 400 11.38 14.78 -46.27
CA SER E 400 12.57 14.15 -45.74
C SER E 400 13.56 13.89 -46.87
N LEU E 401 14.85 14.12 -46.59
CA LEU E 401 15.91 13.98 -47.56
C LEU E 401 16.88 12.88 -47.14
N VAL E 402 17.53 12.26 -48.12
CA VAL E 402 18.53 11.23 -47.86
C VAL E 402 19.76 11.51 -48.72
N TRP E 403 20.73 10.60 -48.68
CA TRP E 403 21.92 10.71 -49.51
C TRP E 403 22.35 9.32 -49.95
N PHE E 404 22.53 9.14 -51.26
CA PHE E 404 22.98 7.89 -51.85
C PHE E 404 24.31 8.14 -52.54
N PHE E 405 25.29 7.27 -52.27
CA PHE E 405 26.62 7.41 -52.84
C PHE E 405 26.78 6.49 -54.04
N VAL E 406 27.71 6.86 -54.92
CA VAL E 406 28.06 6.04 -56.07
C VAL E 406 29.44 5.45 -55.83
N THR E 407 29.50 4.26 -55.23
CA THR E 407 30.78 3.65 -54.94
C THR E 407 31.56 3.33 -56.21
N SER E 408 30.87 2.81 -57.23
CA SER E 408 31.54 2.45 -58.47
C SER E 408 30.50 2.22 -59.55
N ALA E 409 30.95 2.31 -60.79
CA ALA E 409 30.13 1.99 -61.94
C ALA E 409 31.04 1.61 -63.09
N GLU E 410 30.48 0.89 -64.06
CA GLU E 410 31.21 0.47 -65.24
C GLU E 410 30.51 1.02 -66.48
N LEU E 411 31.28 1.45 -67.46
CA LEU E 411 30.71 1.79 -68.75
C LEU E 411 30.70 0.55 -69.65
N ASP E 412 29.78 0.56 -70.61
CA ASP E 412 29.74 -0.52 -71.59
C ASP E 412 30.78 -0.30 -72.68
N CYS E 413 30.86 0.91 -73.22
CA CYS E 413 31.89 1.24 -74.19
C CYS E 413 33.20 1.55 -73.48
N PHE E 414 34.28 0.91 -73.91
CA PHE E 414 35.60 1.29 -73.44
C PHE E 414 35.86 2.75 -73.76
N SER E 415 36.43 3.48 -72.81
CA SER E 415 36.61 4.91 -73.00
C SER E 415 37.70 5.43 -72.09
N LYS E 416 38.43 6.43 -72.59
CA LYS E 416 39.36 7.17 -71.74
C LYS E 416 38.62 7.85 -70.60
N ASP E 417 37.41 8.34 -70.87
CA ASP E 417 36.61 9.00 -69.84
C ASP E 417 36.30 8.02 -68.72
N ASN E 418 36.93 8.22 -67.56
CA ASN E 418 36.70 7.40 -66.38
C ASN E 418 35.78 8.08 -65.38
N SER E 419 35.19 9.22 -65.75
CA SER E 419 34.40 10.02 -64.81
C SER E 419 32.92 10.05 -65.19
N HIS E 420 32.58 10.50 -66.39
CA HIS E 420 31.20 10.82 -66.73
C HIS E 420 30.54 9.67 -67.47
N PHE E 421 29.22 9.58 -67.32
CA PHE E 421 28.41 8.58 -67.98
C PHE E 421 26.93 8.85 -67.73
N ILE E 422 26.05 8.03 -68.29
CA ILE E 422 24.61 8.25 -68.19
C ILE E 422 23.96 6.93 -67.80
N ILE E 423 22.77 7.04 -67.20
CA ILE E 423 22.02 5.88 -66.72
C ILE E 423 20.70 5.81 -67.46
N ASP E 424 20.39 4.64 -67.98
CA ASP E 424 19.13 4.37 -68.64
C ASP E 424 18.18 3.66 -67.67
N PRO E 425 16.86 3.90 -67.76
CA PRO E 425 15.94 3.22 -66.84
C PRO E 425 16.03 1.70 -66.90
N ASN E 426 16.28 1.13 -68.07
CA ASN E 426 16.28 -0.33 -68.23
C ASN E 426 17.59 -0.88 -68.79
N ARG E 427 18.22 -0.18 -69.74
CA ARG E 427 19.44 -0.70 -70.34
C ARG E 427 20.53 -0.92 -69.29
N THR E 428 20.57 -0.09 -68.26
CA THR E 428 21.60 -0.15 -67.24
C THR E 428 21.19 -1.11 -66.12
N LYS E 429 22.18 -1.56 -65.37
CA LYS E 429 21.98 -2.44 -64.23
C LYS E 429 22.63 -1.81 -63.00
N LEU E 430 21.87 -1.71 -61.91
CA LEU E 430 22.31 -1.07 -60.69
C LEU E 430 22.38 -2.10 -59.56
N ILE E 431 23.06 -1.69 -58.48
CA ILE E 431 23.06 -2.48 -57.25
C ILE E 431 23.30 -1.51 -56.09
N THR E 432 22.77 -1.87 -54.93
CA THR E 432 22.99 -1.12 -53.69
C THR E 432 23.82 -1.99 -52.74
N THR E 433 24.77 -1.35 -52.05
CA THR E 433 25.77 -2.06 -51.29
C THR E 433 25.93 -1.39 -49.93
N ASN E 434 26.98 -1.78 -49.21
CA ASN E 434 27.21 -1.34 -47.83
C ASN E 434 27.16 0.17 -47.69
N ILE E 435 27.02 0.64 -46.45
CA ILE E 435 26.86 2.06 -46.17
C ILE E 435 28.23 2.74 -46.19
N THR E 436 28.23 4.04 -46.49
CA THR E 436 29.44 4.84 -46.51
C THR E 436 29.25 6.07 -45.65
N ASN E 437 30.35 6.55 -45.08
CA ASN E 437 30.35 7.74 -44.25
C ASN E 437 30.59 9.00 -45.09
N ARG E 438 30.03 10.12 -44.64
CA ARG E 438 30.25 11.39 -45.29
C ARG E 438 29.78 12.53 -44.39
N ARG E 439 30.62 13.53 -44.18
CA ARG E 439 30.24 14.64 -43.33
C ARG E 439 29.20 15.49 -44.04
N PRO E 440 28.03 15.73 -43.45
CA PRO E 440 27.01 16.51 -44.15
C PRO E 440 27.41 17.97 -44.28
N LEU E 441 26.83 18.62 -45.29
CA LEU E 441 27.16 20.00 -45.57
C LEU E 441 26.72 20.91 -44.42
N PRO E 442 27.43 22.01 -44.19
CA PRO E 442 26.99 22.99 -43.20
C PRO E 442 25.96 23.95 -43.80
N LEU E 443 25.32 24.71 -42.91
CA LEU E 443 24.26 25.60 -43.36
C LEU E 443 24.81 26.68 -44.29
N SER E 444 26.01 27.18 -44.01
CA SER E 444 26.57 28.27 -44.80
C SER E 444 26.55 27.95 -46.29
N ARG E 445 27.06 26.78 -46.66
CA ARG E 445 27.11 26.42 -48.07
C ARG E 445 25.73 26.20 -48.67
N SER E 446 24.73 25.85 -47.86
CA SER E 446 23.40 25.64 -48.40
C SER E 446 22.42 25.47 -47.25
N ASN E 447 21.17 25.89 -47.49
CA ASN E 447 20.07 25.64 -46.58
C ASN E 447 19.23 24.51 -47.18
N LEU E 448 19.68 23.28 -46.93
CA LEU E 448 18.99 22.12 -47.48
C LEU E 448 17.50 22.16 -47.16
N GLN E 449 17.15 22.52 -45.92
CA GLN E 449 15.75 22.60 -45.54
C GLN E 449 14.99 23.51 -46.48
N ARG E 450 15.52 24.70 -46.74
CA ARG E 450 14.80 25.68 -47.55
C ARG E 450 14.63 25.20 -48.99
N TYR E 451 15.68 24.62 -49.56
CA TYR E 451 15.68 24.33 -51.00
C TYR E 451 14.47 23.48 -51.38
N TYR E 452 14.26 22.39 -50.67
CA TYR E 452 13.11 21.52 -50.94
C TYR E 452 11.84 21.99 -50.24
N GLY E 453 11.96 22.77 -49.18
CA GLY E 453 10.81 23.39 -48.56
C GLY E 453 10.20 22.59 -47.42
N PHE E 454 11.01 22.20 -46.43
CA PHE E 454 10.49 21.58 -45.23
C PHE E 454 10.12 22.68 -44.24
N ALA E 455 9.81 22.28 -43.01
CA ALA E 455 9.57 23.26 -41.96
C ALA E 455 10.88 23.94 -41.59
N GLU E 456 11.21 24.99 -42.32
CA GLU E 456 12.50 25.66 -42.14
C GLU E 456 12.77 25.92 -40.67
N THR E 457 13.83 25.30 -40.15
CA THR E 457 14.21 25.50 -38.76
C THR E 457 14.51 26.97 -38.52
N PHE E 458 14.08 27.46 -37.37
CA PHE E 458 14.29 28.87 -37.03
C PHE E 458 15.78 29.19 -37.10
N TYR E 459 16.11 30.24 -37.85
CA TYR E 459 17.50 30.63 -37.99
C TYR E 459 17.95 31.44 -36.78
N TYR E 460 19.20 31.26 -36.39
CA TYR E 460 19.76 31.83 -35.18
C TYR E 460 20.90 32.78 -35.51
N ASP E 461 20.93 33.90 -34.80
CA ASP E 461 22.06 34.84 -34.85
C ASP E 461 22.71 34.76 -33.47
N LEU E 462 23.69 33.86 -33.35
CA LEU E 462 24.39 33.67 -32.09
C LEU E 462 24.84 34.99 -31.47
N HIS E 463 25.06 36.02 -32.30
CA HIS E 463 25.42 37.33 -31.76
C HIS E 463 24.40 37.79 -30.73
N ILE E 464 23.13 37.46 -30.92
CA ILE E 464 22.06 37.89 -30.03
C ILE E 464 21.61 36.79 -29.09
N PHE E 465 22.17 35.58 -29.22
CA PHE E 465 21.79 34.44 -28.39
C PHE E 465 23.07 33.81 -27.84
N PRO E 466 23.68 34.43 -26.83
CA PRO E 466 25.01 33.98 -26.39
C PRO E 466 25.06 32.55 -25.91
N TYR E 467 23.96 32.00 -25.37
CA TYR E 467 23.99 30.62 -24.90
C TYR E 467 24.15 29.63 -26.05
N VAL E 468 23.48 29.91 -27.17
CA VAL E 468 23.67 29.06 -28.34
C VAL E 468 25.11 29.18 -28.84
N ARG E 469 25.69 30.37 -28.76
CA ARG E 469 27.12 30.50 -29.01
C ARG E 469 27.91 29.62 -28.06
N GLN E 470 27.48 29.55 -26.79
CA GLN E 470 28.14 28.69 -25.83
C GLN E 470 28.17 27.25 -26.34
N LEU E 471 27.01 26.73 -26.73
CA LEU E 471 26.95 25.33 -27.15
C LEU E 471 27.73 25.09 -28.43
N VAL E 472 27.49 25.92 -29.45
CA VAL E 472 28.18 25.74 -30.72
C VAL E 472 29.68 25.96 -30.56
N ASN E 473 30.10 26.59 -29.46
CA ASN E 473 31.53 26.70 -29.18
C ASN E 473 32.09 25.40 -28.62
N ILE E 474 31.24 24.55 -28.05
CA ILE E 474 31.67 23.23 -27.59
C ILE E 474 31.69 22.24 -28.74
N LEU E 475 30.66 22.29 -29.58
CA LEU E 475 30.53 21.29 -30.63
C LEU E 475 31.70 21.34 -31.60
N GLU E 476 32.01 22.53 -32.13
CA GLU E 476 33.08 22.61 -33.12
C GLU E 476 34.45 22.40 -32.50
N THR E 477 34.60 22.76 -31.21
CA THR E 477 35.85 22.47 -30.52
C THR E 477 36.08 20.98 -30.41
N SER E 478 35.04 20.23 -30.04
CA SER E 478 35.16 18.78 -30.00
C SER E 478 35.46 18.22 -31.39
N PHE E 479 34.79 18.75 -32.41
CA PHE E 479 35.07 18.31 -33.78
C PHE E 479 36.53 18.53 -34.13
N ASN E 480 37.05 19.72 -33.85
CA ASN E 480 38.44 20.02 -34.17
C ASN E 480 39.39 19.11 -33.40
N CYS E 481 39.13 18.93 -32.11
CA CYS E 481 39.95 17.99 -31.32
C CYS E 481 39.99 16.63 -31.99
N SER E 482 38.82 16.12 -32.40
CA SER E 482 38.77 14.83 -33.08
C SER E 482 39.63 14.86 -34.34
N GLN E 483 39.43 15.87 -35.19
CA GLN E 483 40.27 16.03 -36.37
C GLN E 483 41.70 16.39 -36.01
N ARG E 484 41.97 16.80 -34.77
CA ARG E 484 43.30 17.07 -34.27
C ARG E 484 43.96 15.82 -33.69
N GLY E 485 43.32 14.66 -33.80
CA GLY E 485 43.79 13.49 -33.10
C GLY E 485 43.69 13.64 -31.60
N ILE E 486 42.64 14.33 -31.14
CA ILE E 486 42.43 14.59 -29.72
C ILE E 486 40.98 14.27 -29.40
N THR E 487 40.75 13.60 -28.27
CA THR E 487 39.40 13.23 -27.85
C THR E 487 39.19 13.66 -26.41
N LEU E 488 38.13 14.43 -26.17
CA LEU E 488 37.73 14.83 -24.82
C LEU E 488 36.20 14.83 -24.83
N ASN E 489 35.60 13.79 -24.24
CA ASN E 489 34.15 13.62 -24.31
C ASN E 489 33.44 14.85 -23.76
N ALA E 490 32.36 15.23 -24.42
CA ALA E 490 31.55 16.38 -24.05
C ALA E 490 30.16 15.92 -23.62
N SER E 491 29.49 16.77 -22.85
CA SER E 491 28.15 16.47 -22.37
C SER E 491 27.45 17.76 -21.94
N VAL E 492 26.34 18.09 -22.58
CA VAL E 492 25.62 19.33 -22.33
C VAL E 492 24.19 18.98 -21.94
N LEU E 493 23.68 19.62 -20.89
CA LEU E 493 22.30 19.48 -20.48
C LEU E 493 21.59 20.82 -20.53
N LEU E 494 20.42 20.83 -21.16
CA LEU E 494 19.60 22.03 -21.32
C LEU E 494 18.47 21.97 -20.30
N HIS E 495 18.36 23.02 -19.49
CA HIS E 495 17.33 23.09 -18.46
C HIS E 495 16.70 24.48 -18.46
N SER E 496 15.37 24.52 -18.38
CA SER E 496 14.63 25.77 -18.39
C SER E 496 13.54 25.73 -17.34
N THR E 497 13.18 26.91 -16.83
CA THR E 497 12.11 26.99 -15.85
C THR E 497 10.77 26.57 -16.45
N THR E 498 10.50 27.01 -17.67
CA THR E 498 9.26 26.67 -18.37
C THR E 498 9.56 25.75 -19.55
N ASN E 499 8.50 25.26 -20.18
CA ASN E 499 8.63 24.39 -21.33
C ASN E 499 8.54 25.20 -22.62
N ASN E 500 8.85 24.54 -23.73
CA ASN E 500 8.72 25.15 -25.06
C ASN E 500 9.56 26.41 -25.18
N VAL E 501 10.74 26.39 -24.56
CA VAL E 501 11.66 27.52 -24.62
C VAL E 501 12.64 27.42 -25.77
N GLY E 502 12.65 26.30 -26.49
CA GLY E 502 13.46 26.15 -27.68
C GLY E 502 14.66 25.24 -27.56
N LYS E 503 14.88 24.61 -26.39
CA LYS E 503 16.04 23.75 -26.22
C LYS E 503 16.23 22.82 -27.41
N ALA E 504 15.20 22.06 -27.76
CA ALA E 504 15.31 21.16 -28.90
C ALA E 504 15.56 21.93 -30.19
N THR E 505 14.87 23.06 -30.35
CA THR E 505 15.06 23.86 -31.56
C THR E 505 16.50 24.32 -31.71
N MET E 506 17.10 24.81 -30.61
CA MET E 506 18.44 25.33 -30.70
C MET E 506 19.45 24.19 -30.88
N VAL E 507 19.19 23.05 -30.26
CA VAL E 507 20.01 21.86 -30.54
C VAL E 507 19.99 21.55 -32.03
N ARG E 508 18.80 21.54 -32.63
CA ARG E 508 18.68 21.23 -34.04
C ARG E 508 19.42 22.25 -34.89
N PHE E 509 19.25 23.54 -34.59
CA PHE E 509 19.92 24.56 -35.38
C PHE E 509 21.43 24.41 -35.29
N ALA E 510 21.94 24.19 -34.08
CA ALA E 510 23.38 24.03 -33.91
C ALA E 510 23.87 22.82 -34.67
N SER E 511 23.12 21.71 -34.63
CA SER E 511 23.48 20.54 -35.40
C SER E 511 23.62 20.88 -36.88
N LYS E 512 22.61 21.55 -37.44
CA LYS E 512 22.66 21.86 -38.86
C LYS E 512 23.78 22.85 -39.18
N TYR E 513 24.02 23.81 -38.30
CA TYR E 513 24.98 24.88 -38.58
C TYR E 513 26.38 24.30 -38.80
N LEU E 514 26.80 23.39 -37.94
CA LEU E 514 28.13 22.81 -38.01
C LEU E 514 28.21 21.60 -38.93
N GLY E 515 27.11 21.24 -39.58
CA GLY E 515 27.11 20.10 -40.46
C GLY E 515 27.42 18.79 -39.76
N ILE E 516 26.85 18.59 -38.57
CA ILE E 516 27.08 17.40 -37.77
C ILE E 516 25.85 16.52 -37.87
N HIS E 517 26.06 15.24 -38.18
CA HIS E 517 24.94 14.31 -38.25
C HIS E 517 24.21 14.28 -36.91
N LEU E 518 22.89 14.24 -36.97
CA LEU E 518 22.03 14.44 -35.81
C LEU E 518 21.46 13.09 -35.40
N LEU E 519 21.84 12.62 -34.21
CA LEU E 519 21.24 11.44 -33.59
C LEU E 519 20.37 11.91 -32.44
N GLU E 520 19.10 11.53 -32.48
CA GLU E 520 18.13 12.10 -31.54
C GLU E 520 17.05 11.07 -31.24
N ILE E 521 16.74 10.93 -29.95
CA ILE E 521 15.66 10.06 -29.49
C ILE E 521 14.90 10.79 -28.40
N ASP E 522 13.59 10.63 -28.41
CA ASP E 522 12.74 11.15 -27.34
C ASP E 522 12.36 9.99 -26.43
N CYS E 523 13.02 9.89 -25.29
CA CYS E 523 12.64 8.91 -24.28
C CYS E 523 11.24 9.11 -23.76
N LEU E 524 10.55 10.17 -24.17
CA LEU E 524 9.16 10.40 -23.80
C LEU E 524 8.18 9.72 -24.74
N SER E 525 8.64 9.15 -25.86
CA SER E 525 7.75 8.66 -26.90
C SER E 525 7.79 7.15 -27.07
N LEU E 526 8.95 6.58 -27.39
CA LEU E 526 9.03 5.22 -27.90
C LEU E 526 9.34 4.19 -26.82
N THR E 527 9.49 4.62 -25.57
CA THR E 527 9.83 3.67 -24.50
C THR E 527 9.09 2.35 -24.68
N SER E 528 7.77 2.41 -24.81
CA SER E 528 6.92 1.24 -25.02
C SER E 528 6.89 0.31 -23.81
N ASN E 529 7.62 0.65 -22.74
CA ASN E 529 7.67 -0.17 -21.54
C ASN E 529 8.31 0.62 -20.41
N SER E 530 7.62 0.73 -19.27
CA SER E 530 8.16 1.49 -18.14
C SER E 530 8.07 0.77 -16.81
N ARG E 531 7.22 -0.24 -16.65
CA ARG E 531 7.12 -0.95 -15.38
C ARG E 531 7.96 -2.22 -15.38
N GLN E 532 7.68 -3.13 -16.31
CA GLN E 532 8.23 -4.48 -16.24
C GLN E 532 9.71 -4.45 -15.87
N LEU E 533 10.14 -5.42 -15.06
CA LEU E 533 11.53 -5.46 -14.66
C LEU E 533 12.45 -5.51 -15.88
N ASP E 534 11.97 -6.11 -16.97
CA ASP E 534 12.67 -6.04 -18.25
C ASP E 534 12.75 -4.61 -18.78
N SER E 535 11.94 -3.69 -18.27
CA SER E 535 11.93 -2.32 -18.78
C SER E 535 13.35 -1.78 -18.92
N THR E 536 14.07 -1.67 -17.81
CA THR E 536 15.42 -1.10 -17.86
C THR E 536 16.23 -1.75 -18.96
N SER E 537 16.23 -3.08 -19.02
CA SER E 537 16.97 -3.79 -20.05
C SER E 537 16.46 -3.42 -21.43
N LYS E 538 15.14 -3.37 -21.60
CA LYS E 538 14.57 -3.07 -22.91
C LYS E 538 15.00 -1.67 -23.38
N ILE E 539 14.86 -0.68 -22.51
CA ILE E 539 15.17 0.70 -22.88
C ILE E 539 16.65 0.84 -23.21
N ILE E 540 17.51 0.34 -22.31
CA ILE E 540 18.95 0.49 -22.54
C ILE E 540 19.35 -0.26 -23.80
N GLY E 541 18.83 -1.47 -23.99
CA GLY E 541 19.15 -2.23 -25.19
C GLY E 541 18.69 -1.54 -26.45
N TYR E 542 17.50 -0.94 -26.43
CA TYR E 542 17.00 -0.26 -27.62
C TYR E 542 17.87 0.94 -27.97
N ILE E 543 18.15 1.79 -26.98
CA ILE E 543 18.96 2.97 -27.27
C ILE E 543 20.34 2.54 -27.78
N ARG E 544 20.93 1.55 -27.12
CA ARG E 544 22.23 1.04 -27.54
C ARG E 544 22.16 0.50 -28.96
N ALA E 545 21.12 -0.26 -29.27
CA ALA E 545 20.99 -0.87 -30.58
C ALA E 545 20.93 0.19 -31.66
N LYS E 546 20.02 1.16 -31.51
CA LYS E 546 19.91 2.20 -32.54
C LYS E 546 21.21 2.96 -32.69
N CYS E 547 21.78 3.40 -31.57
CA CYS E 547 22.94 4.27 -31.65
C CYS E 547 24.12 3.55 -32.27
N GLU E 548 24.42 2.33 -31.82
CA GLU E 548 25.54 1.60 -32.43
C GLU E 548 25.20 1.15 -33.83
N ASN E 549 23.91 1.03 -34.17
CA ASN E 549 23.53 0.64 -35.52
C ASN E 549 23.90 1.74 -36.51
N VAL E 550 23.62 2.99 -36.18
CA VAL E 550 23.79 4.08 -37.13
C VAL E 550 25.12 4.80 -36.95
N LEU E 551 25.55 5.03 -35.71
CA LEU E 551 26.72 5.87 -35.43
C LEU E 551 27.98 5.47 -36.18
N PRO E 552 28.37 4.20 -36.25
CA PRO E 552 29.73 3.88 -36.71
C PRO E 552 30.08 4.48 -38.07
N TYR E 553 29.10 4.59 -38.97
CA TYR E 553 29.35 5.11 -40.30
C TYR E 553 28.96 6.57 -40.45
N ALA E 554 28.53 7.23 -39.38
CA ALA E 554 27.96 8.56 -39.47
C ALA E 554 28.75 9.62 -38.68
N SER E 555 29.88 9.24 -38.10
CA SER E 555 30.66 10.23 -37.34
C SER E 555 31.21 11.29 -38.29
N PRO E 556 31.29 12.55 -37.86
CA PRO E 556 30.90 13.08 -36.54
C PRO E 556 29.37 13.19 -36.41
N ALA E 557 28.85 13.05 -35.21
CA ALA E 557 27.41 13.14 -35.00
C ALA E 557 27.14 13.46 -33.53
N VAL E 558 25.88 13.74 -33.23
CA VAL E 558 25.46 14.10 -31.89
C VAL E 558 24.27 13.23 -31.51
N ILE E 559 24.32 12.63 -30.33
CA ILE E 559 23.21 11.85 -29.79
C ILE E 559 22.39 12.78 -28.90
N PHE E 560 21.09 12.88 -29.17
CA PHE E 560 20.21 13.78 -28.44
C PHE E 560 19.11 12.97 -27.77
N LEU E 561 18.88 13.24 -26.49
CA LEU E 561 17.80 12.63 -25.72
C LEU E 561 16.80 13.71 -25.34
N ALA E 562 15.54 13.51 -25.69
CA ALA E 562 14.48 14.48 -25.43
C ALA E 562 13.79 14.11 -24.12
N HIS E 563 13.68 15.09 -23.22
CA HIS E 563 13.10 14.86 -21.90
C HIS E 563 13.78 13.67 -21.23
N LEU E 564 15.10 13.61 -21.36
CA LEU E 564 15.90 12.53 -20.78
C LEU E 564 15.51 12.28 -19.33
N ASP E 565 15.13 13.35 -18.62
CA ASP E 565 14.73 13.20 -17.23
C ASP E 565 13.59 12.21 -17.06
N SER E 566 12.70 12.11 -18.05
CA SER E 566 11.54 11.24 -17.92
C SER E 566 11.94 9.79 -17.65
N ILE E 567 13.21 9.42 -17.86
CA ILE E 567 13.72 8.12 -17.49
C ILE E 567 14.58 8.20 -16.24
N LEU E 568 15.54 9.12 -16.21
CA LEU E 568 16.44 9.26 -15.07
C LEU E 568 15.83 10.21 -14.05
N LEU E 569 15.82 9.78 -12.79
CA LEU E 569 15.34 10.63 -11.70
C LEU E 569 15.85 10.06 -10.38
N ASP E 570 15.56 10.77 -9.30
CA ASP E 570 15.96 10.38 -7.96
C ASP E 570 14.72 9.95 -7.20
N VAL E 571 14.38 8.68 -7.29
CA VAL E 571 13.20 8.17 -6.60
C VAL E 571 13.32 8.46 -5.11
N ASN E 572 12.22 8.94 -4.54
CA ASN E 572 12.20 9.22 -3.11
C ASN E 572 12.28 7.94 -2.30
N ALA E 573 12.80 8.06 -1.08
CA ALA E 573 12.77 6.94 -0.16
C ALA E 573 11.35 6.51 0.15
N ASN E 574 10.39 7.42 -0.01
CA ASN E 574 8.98 7.11 0.17
C ASN E 574 8.47 6.30 -1.02
N GLN E 575 8.98 5.08 -1.17
CA GLN E 575 8.55 4.20 -2.26
C GLN E 575 9.14 2.83 -1.98
N ASP E 576 8.55 1.82 -2.62
CA ASP E 576 9.00 0.46 -2.39
C ASP E 576 10.45 0.28 -2.84
N PRO E 577 11.22 -0.57 -2.17
CA PRO E 577 12.67 -0.64 -2.43
C PRO E 577 13.01 -1.19 -3.81
N GLU E 578 12.42 -2.31 -4.21
CA GLU E 578 12.84 -2.97 -5.44
C GLU E 578 12.73 -2.05 -6.65
N ALA E 579 11.72 -1.17 -6.68
CA ALA E 579 11.66 -0.19 -7.76
C ALA E 579 12.82 0.79 -7.69
N ILE E 580 13.22 1.17 -6.47
CA ILE E 580 14.38 2.02 -6.31
C ILE E 580 15.63 1.33 -6.85
N LYS E 581 15.77 0.03 -6.55
CA LYS E 581 16.88 -0.73 -7.10
C LYS E 581 16.84 -0.74 -8.62
N LEU E 582 15.66 -0.95 -9.20
CA LEU E 582 15.54 -0.97 -10.65
C LEU E 582 15.95 0.38 -11.25
N GLN E 583 15.52 1.46 -10.62
CA GLN E 583 15.86 2.79 -11.14
C GLN E 583 17.35 3.07 -11.00
N LYS E 584 17.95 2.65 -9.88
CA LYS E 584 19.39 2.80 -9.72
C LYS E 584 20.13 2.04 -10.82
N SER E 585 19.68 0.83 -11.12
CA SER E 585 20.23 0.06 -12.22
C SER E 585 20.17 0.88 -13.49
N ILE E 586 18.95 1.21 -13.94
CA ILE E 586 18.79 1.87 -15.24
C ILE E 586 19.66 3.11 -15.32
N ASN E 587 19.74 3.88 -14.23
CA ASN E 587 20.65 5.02 -14.18
C ASN E 587 22.08 4.59 -14.47
N PHE E 588 22.57 3.58 -13.76
CA PHE E 588 23.97 3.19 -13.92
C PHE E 588 24.24 2.75 -15.35
N GLU E 589 23.33 1.95 -15.93
CA GLU E 589 23.58 1.47 -17.28
C GLU E 589 23.47 2.59 -18.30
N MET E 590 22.62 3.60 -18.07
CA MET E 590 22.67 4.79 -18.93
C MET E 590 24.04 5.45 -18.88
N SER E 591 24.58 5.63 -17.68
CA SER E 591 25.90 6.26 -17.58
C SER E 591 26.96 5.43 -18.29
N LYS E 592 26.93 4.11 -18.07
CA LYS E 592 27.89 3.23 -18.72
C LYS E 592 27.72 3.29 -20.23
N LEU E 593 26.48 3.40 -20.69
CA LEU E 593 26.21 3.44 -22.13
C LEU E 593 26.84 4.68 -22.76
N LEU E 594 26.63 5.84 -22.14
CA LEU E 594 27.23 7.06 -22.68
C LEU E 594 28.75 6.96 -22.67
N ASP E 595 29.32 6.48 -21.56
CA ASP E 595 30.78 6.37 -21.49
C ASP E 595 31.31 5.41 -22.56
N ASP E 596 30.65 4.27 -22.73
CA ASP E 596 31.10 3.29 -23.72
C ASP E 596 30.99 3.86 -25.13
N PHE E 597 29.90 4.60 -25.41
CA PHE E 597 29.75 5.18 -26.73
C PHE E 597 30.87 6.17 -27.01
N THR E 598 31.15 7.07 -26.06
CA THR E 598 32.20 8.05 -26.31
C THR E 598 33.56 7.39 -26.46
N PHE E 599 33.84 6.37 -25.64
CA PHE E 599 35.13 5.69 -25.75
C PHE E 599 35.26 4.95 -27.07
N LYS E 600 34.22 4.21 -27.47
CA LYS E 600 34.29 3.37 -28.66
C LYS E 600 34.22 4.18 -29.95
N PHE E 601 33.66 5.38 -29.90
CA PHE E 601 33.46 6.21 -31.09
C PHE E 601 34.05 7.59 -30.85
N PRO E 602 35.35 7.77 -31.10
CA PRO E 602 35.95 9.10 -30.96
C PRO E 602 35.26 10.11 -31.88
N GLY E 603 35.36 11.38 -31.51
CA GLY E 603 34.67 12.42 -32.24
C GLY E 603 33.17 12.27 -32.18
N THR E 604 32.64 11.87 -31.03
CA THR E 604 31.20 11.71 -30.82
C THR E 604 30.80 12.40 -29.53
N THR E 605 29.62 13.01 -29.55
CA THR E 605 29.12 13.75 -28.40
C THR E 605 27.61 13.59 -28.33
N PHE E 606 27.05 13.98 -27.19
CA PHE E 606 25.61 13.92 -26.98
C PHE E 606 25.14 15.14 -26.23
N VAL E 607 23.85 15.43 -26.35
CA VAL E 607 23.19 16.52 -25.63
C VAL E 607 21.90 15.98 -25.03
N GLY E 608 21.60 16.42 -23.81
CA GLY E 608 20.38 16.01 -23.12
C GLY E 608 19.52 17.23 -22.82
N SER E 609 18.21 17.03 -22.87
CA SER E 609 17.24 18.08 -22.58
C SER E 609 16.41 17.69 -21.37
N VAL E 610 16.23 18.64 -20.46
CA VAL E 610 15.51 18.42 -19.22
C VAL E 610 14.77 19.71 -18.87
N ASN E 611 13.59 19.56 -18.28
CA ASN E 611 12.80 20.73 -17.90
C ASN E 611 13.00 21.13 -16.44
N ASN E 612 13.76 20.36 -15.67
CA ASN E 612 14.07 20.73 -14.30
C ASN E 612 15.30 19.97 -13.83
N ILE E 613 16.33 20.69 -13.38
CA ILE E 613 17.58 20.06 -13.00
C ILE E 613 17.39 19.19 -11.76
N ASP E 614 16.52 19.60 -10.85
CA ASP E 614 16.45 18.96 -9.54
C ASP E 614 16.12 17.48 -9.65
N ASN E 615 15.52 17.04 -10.76
CA ASN E 615 15.06 15.65 -10.84
C ASN E 615 16.16 14.67 -11.22
N VAL E 616 17.11 15.05 -12.06
CA VAL E 616 18.08 14.10 -12.61
C VAL E 616 19.01 13.62 -11.51
N PRO E 617 19.44 12.36 -11.53
CA PRO E 617 20.33 11.86 -10.46
C PRO E 617 21.59 12.68 -10.31
N SER E 618 21.75 13.26 -9.12
CA SER E 618 22.92 14.10 -8.84
C SER E 618 24.21 13.36 -9.18
N SER E 619 24.30 12.07 -8.85
CA SER E 619 25.46 11.28 -9.22
C SER E 619 25.69 11.37 -10.72
N PHE E 620 24.63 11.23 -11.50
CA PHE E 620 24.75 11.36 -12.95
C PHE E 620 25.22 12.76 -13.32
N ARG E 621 24.54 13.79 -12.80
CA ARG E 621 24.88 15.17 -13.16
C ARG E 621 26.36 15.43 -12.98
N SER E 622 26.89 15.08 -11.81
CA SER E 622 28.31 15.30 -11.53
C SER E 622 29.17 14.70 -12.62
N HIS E 623 28.79 13.52 -13.12
CA HIS E 623 29.58 12.82 -14.12
C HIS E 623 29.65 13.54 -15.46
N MET E 624 28.74 14.47 -15.74
CA MET E 624 28.69 15.14 -17.02
C MET E 624 29.63 16.34 -17.07
N ARG E 625 29.68 16.95 -18.25
CA ARG E 625 30.68 17.95 -18.58
C ARG E 625 30.12 19.36 -18.60
N PHE E 626 29.08 19.61 -19.39
CA PHE E 626 28.60 20.97 -19.65
C PHE E 626 27.14 21.12 -19.24
N GLU E 627 26.80 22.35 -18.90
CA GLU E 627 25.48 22.72 -18.40
C GLU E 627 25.07 24.01 -19.07
N ILE E 628 23.79 24.15 -19.38
CA ILE E 628 23.31 25.39 -19.98
C ILE E 628 21.80 25.46 -19.78
N LEU E 629 21.31 26.64 -19.47
CA LEU E 629 19.88 26.89 -19.33
C LEU E 629 19.45 27.80 -20.47
N VAL E 630 18.40 27.40 -21.20
CA VAL E 630 17.82 28.20 -22.26
C VAL E 630 16.77 29.10 -21.62
N PRO E 631 17.01 30.41 -21.53
CA PRO E 631 16.05 31.29 -20.85
C PRO E 631 14.85 31.60 -21.73
N VAL E 632 13.81 32.11 -21.09
CA VAL E 632 12.63 32.59 -21.79
C VAL E 632 13.12 33.70 -22.72
N PRO E 633 12.56 33.85 -23.92
CA PRO E 633 13.10 34.86 -24.84
C PRO E 633 13.09 36.24 -24.19
N SER E 634 14.19 36.96 -24.37
CA SER E 634 14.26 38.33 -23.89
C SER E 634 13.82 39.28 -25.00
N GLU E 635 13.68 40.56 -24.63
CA GLU E 635 13.02 41.52 -25.49
C GLU E 635 13.61 41.51 -26.90
N ALA E 636 14.95 41.63 -27.00
CA ALA E 636 15.59 41.58 -28.31
C ALA E 636 15.39 40.23 -28.96
N GLN E 637 15.49 39.14 -28.18
CA GLN E 637 15.26 37.82 -28.74
C GLN E 637 13.85 37.72 -29.30
N ARG E 638 12.88 38.27 -28.58
CA ARG E 638 11.51 38.28 -29.10
C ARG E 638 11.43 39.07 -30.40
N LEU E 639 12.11 40.21 -30.46
CA LEU E 639 12.09 41.01 -31.68
C LEU E 639 12.60 40.20 -32.86
N ARG E 640 13.76 39.54 -32.69
CA ARG E 640 14.32 38.76 -33.78
C ARG E 640 13.44 37.57 -34.14
N ILE E 641 12.86 36.92 -33.13
CA ILE E 641 11.98 35.78 -33.39
C ILE E 641 10.79 36.22 -34.23
N PHE E 642 10.26 37.41 -33.93
CA PHE E 642 9.20 37.96 -34.76
C PHE E 642 9.69 38.22 -36.17
N GLN E 643 10.81 38.94 -36.31
CA GLN E 643 11.40 39.17 -37.62
C GLN E 643 11.38 37.88 -38.44
N TRP E 644 11.80 36.78 -37.84
CA TRP E 644 11.80 35.51 -38.55
C TRP E 644 10.39 35.07 -38.92
N TYR E 645 9.52 34.92 -37.91
CA TYR E 645 8.19 34.38 -38.18
C TYR E 645 7.41 35.25 -39.15
N LEU E 646 7.47 36.57 -39.00
CA LEU E 646 6.79 37.46 -39.94
C LEU E 646 7.40 37.43 -41.33
N SER E 647 8.49 36.69 -41.54
CA SER E 647 9.05 36.56 -42.89
C SER E 647 8.02 35.93 -43.83
N SER E 648 7.86 36.53 -44.99
CA SER E 648 6.86 36.07 -45.95
C SER E 648 7.13 34.65 -46.39
N HIS E 649 8.38 34.36 -46.77
CA HIS E 649 8.70 33.03 -47.29
C HIS E 649 8.27 31.95 -46.31
N GLU E 650 8.53 32.14 -45.02
CA GLU E 650 8.15 31.15 -44.02
C GLU E 650 6.67 31.25 -43.66
N LEU E 651 6.02 32.37 -43.98
CA LEU E 651 4.60 32.52 -43.67
C LEU E 651 3.73 31.69 -44.60
N ASN E 652 4.05 31.69 -45.90
CA ASN E 652 3.23 31.06 -46.92
C ASN E 652 3.67 29.63 -47.20
N ARG E 653 4.45 29.01 -46.32
CA ARG E 653 4.92 27.65 -46.57
C ARG E 653 3.77 26.67 -46.66
N ASP E 654 2.79 26.79 -45.76
CA ASP E 654 1.73 25.80 -45.61
C ASP E 654 0.37 26.39 -45.97
N VAL E 655 0.30 27.11 -47.09
CA VAL E 655 -0.95 27.63 -47.62
C VAL E 655 -0.92 27.43 -49.12
N GLN E 656 -1.57 26.36 -49.60
CA GLN E 656 -1.64 26.10 -51.03
C GLN E 656 -2.51 27.11 -51.77
N GLN E 657 -3.27 27.93 -51.04
CA GLN E 657 -4.16 28.88 -51.67
C GLN E 657 -3.33 29.84 -52.53
N LYS E 658 -3.84 30.16 -53.73
CA LYS E 658 -3.02 30.85 -54.72
C LYS E 658 -2.56 32.22 -54.22
N VAL E 659 -3.46 32.98 -53.61
CA VAL E 659 -3.10 34.34 -53.18
C VAL E 659 -2.17 34.24 -51.98
N PRO E 660 -1.07 34.99 -51.95
CA PRO E 660 -0.17 34.96 -50.79
C PRO E 660 -0.71 35.84 -49.65
N VAL E 661 0.07 35.92 -48.58
CA VAL E 661 -0.25 36.74 -47.42
C VAL E 661 0.96 37.59 -47.08
N SER E 662 0.73 38.66 -46.35
CA SER E 662 1.81 39.55 -45.94
C SER E 662 1.27 40.53 -44.90
N TYR E 663 2.15 41.41 -44.44
CA TYR E 663 1.84 42.36 -43.38
C TYR E 663 2.28 43.76 -43.80
N MET E 664 1.65 44.77 -43.19
CA MET E 664 2.03 46.16 -43.43
C MET E 664 3.52 46.36 -43.24
N ASP E 665 4.08 47.36 -43.91
CA ASP E 665 5.42 47.82 -43.59
C ASP E 665 5.45 48.73 -42.37
N ASN E 666 4.28 49.15 -41.88
CA ASN E 666 4.18 50.06 -40.74
C ASN E 666 3.99 49.32 -39.42
N ILE E 667 4.51 48.10 -39.31
CA ILE E 667 4.39 47.31 -38.10
C ILE E 667 5.61 47.59 -37.23
N SER E 668 5.38 48.19 -36.07
CA SER E 668 6.45 48.51 -35.13
C SER E 668 6.79 47.24 -34.35
N PHE E 669 7.71 46.45 -34.90
CA PHE E 669 8.10 45.20 -34.25
C PHE E 669 8.55 45.46 -32.82
N SER E 670 9.24 46.58 -32.59
CA SER E 670 9.64 46.93 -31.24
C SER E 670 8.43 47.01 -30.32
N SER E 671 7.35 47.60 -30.80
CA SER E 671 6.13 47.65 -30.00
C SER E 671 5.72 46.25 -29.56
N LEU E 672 5.44 45.36 -30.53
CA LEU E 672 5.03 44.00 -30.19
C LEU E 672 5.99 43.37 -29.20
N SER E 673 7.29 43.52 -29.44
CA SER E 673 8.28 42.99 -28.52
C SER E 673 8.04 43.53 -27.11
N SER E 674 7.64 44.80 -27.01
CA SER E 674 7.40 45.38 -25.68
C SER E 674 6.27 44.67 -24.96
N TYR E 675 5.16 44.38 -25.65
CA TYR E 675 4.03 43.71 -25.03
C TYR E 675 4.11 42.20 -25.12
N SER E 676 5.32 41.64 -25.32
CA SER E 676 5.52 40.20 -25.36
C SER E 676 6.34 39.74 -24.16
N ALA E 677 6.25 40.47 -23.05
CA ALA E 677 7.01 40.10 -21.86
C ALA E 677 6.65 38.70 -21.41
N GLY E 678 7.67 37.92 -21.05
CA GLY E 678 7.50 36.59 -20.50
C GLY E 678 7.06 35.53 -21.48
N LEU E 679 6.61 35.89 -22.68
CA LEU E 679 6.13 34.90 -23.63
C LEU E 679 7.31 34.06 -24.14
N THR E 680 6.98 33.03 -24.91
CA THR E 680 7.94 32.04 -25.37
C THR E 680 7.67 31.73 -26.84
N PRO E 681 8.62 31.09 -27.51
CA PRO E 681 8.50 30.86 -28.96
C PRO E 681 7.16 30.26 -29.37
N LEU E 682 6.70 29.22 -28.68
CA LEU E 682 5.40 28.63 -29.00
C LEU E 682 4.32 29.70 -28.93
N ASP E 683 4.36 30.56 -27.91
CA ASP E 683 3.40 31.65 -27.85
C ASP E 683 3.53 32.56 -29.07
N ILE E 684 4.76 32.77 -29.55
CA ILE E 684 4.95 33.65 -30.69
C ILE E 684 4.32 33.05 -31.94
N LYS E 685 4.53 31.74 -32.14
CA LYS E 685 3.88 31.07 -33.27
C LYS E 685 2.37 31.15 -33.15
N SER E 686 1.83 30.89 -31.97
CA SER E 686 0.40 31.04 -31.76
C SER E 686 -0.06 32.44 -32.19
N ILE E 687 0.67 33.46 -31.74
CA ILE E 687 0.28 34.84 -32.00
C ILE E 687 0.29 35.13 -33.49
N VAL E 688 1.39 34.78 -34.16
CA VAL E 688 1.53 35.12 -35.56
C VAL E 688 0.49 34.38 -36.39
N GLU E 689 0.27 33.10 -36.11
CA GLU E 689 -0.66 32.35 -36.92
C GLU E 689 -2.10 32.78 -36.62
N THR E 690 -2.36 33.26 -35.40
CA THR E 690 -3.67 33.80 -35.07
C THR E 690 -3.93 35.11 -35.80
N ALA E 691 -2.89 35.94 -35.92
CA ALA E 691 -3.03 37.16 -36.71
C ALA E 691 -3.29 36.82 -38.17
N ARG E 692 -2.54 35.85 -38.70
CA ARG E 692 -2.83 35.33 -40.03
C ARG E 692 -4.29 34.90 -40.13
N MET E 693 -4.79 34.22 -39.11
CA MET E 693 -6.19 33.86 -39.04
C MET E 693 -7.12 35.05 -39.23
N THR E 694 -7.03 36.02 -38.32
CA THR E 694 -7.97 37.13 -38.37
C THR E 694 -7.88 37.86 -39.70
N ALA E 695 -6.66 38.03 -40.21
CA ALA E 695 -6.49 38.67 -41.50
C ALA E 695 -7.17 37.90 -42.61
N THR E 696 -6.97 36.58 -42.66
CA THR E 696 -7.58 35.79 -43.72
C THR E 696 -9.10 35.83 -43.65
N ALA E 697 -9.65 35.71 -42.44
CA ALA E 697 -11.10 35.76 -42.30
C ALA E 697 -11.66 37.09 -42.78
N ARG E 698 -11.04 38.18 -42.35
CA ARG E 698 -11.50 39.49 -42.78
C ARG E 698 -11.36 39.65 -44.29
N PHE E 699 -10.29 39.12 -44.87
CA PHE E 699 -10.11 39.20 -46.32
C PHE E 699 -11.22 38.46 -47.05
N TYR E 700 -11.53 37.25 -46.61
CA TYR E 700 -12.56 36.48 -47.28
C TYR E 700 -13.94 37.09 -47.10
N GLN E 701 -14.17 37.82 -46.01
CA GLN E 701 -15.42 38.57 -45.89
C GLN E 701 -15.43 39.79 -46.81
N GLU E 702 -14.30 40.50 -46.89
CA GLU E 702 -14.23 41.70 -47.73
C GLU E 702 -14.43 41.36 -49.19
N SER E 703 -13.83 40.26 -49.66
CA SER E 703 -13.99 39.87 -51.05
C SER E 703 -15.46 39.78 -51.42
N LYS E 704 -16.28 39.21 -50.53
CA LYS E 704 -17.71 39.20 -50.75
C LYS E 704 -18.30 40.60 -50.64
N LYS E 705 -17.90 41.37 -49.63
CA LYS E 705 -18.50 42.67 -49.37
C LYS E 705 -18.37 43.57 -50.58
N CYS E 706 -17.15 43.94 -50.95
CA CYS E 706 -16.95 44.94 -52.00
C CYS E 706 -16.85 44.32 -53.39
N GLY E 707 -17.00 43.01 -53.51
CA GLY E 707 -16.92 42.36 -54.82
C GLY E 707 -15.53 42.28 -55.38
N TRP E 708 -14.87 43.43 -55.55
CA TRP E 708 -13.49 43.44 -56.03
C TRP E 708 -12.57 42.80 -55.00
N LEU E 709 -11.68 41.94 -55.48
CA LEU E 709 -10.80 41.19 -54.58
C LEU E 709 -9.42 41.85 -54.52
N PRO E 710 -8.95 42.26 -53.33
CA PRO E 710 -7.58 42.75 -53.24
C PRO E 710 -6.59 41.70 -53.71
N GLN E 711 -5.50 42.16 -54.33
CA GLN E 711 -4.55 41.24 -54.94
C GLN E 711 -4.02 40.24 -53.93
N SER E 712 -3.67 40.72 -52.73
CA SER E 712 -3.05 39.86 -51.72
C SER E 712 -3.79 39.94 -50.39
N ILE E 713 -3.26 39.24 -49.39
CA ILE E 713 -3.81 39.27 -48.04
C ILE E 713 -2.83 40.05 -47.17
N LEU E 714 -3.39 40.86 -46.27
CA LEU E 714 -2.60 41.79 -45.48
C LEU E 714 -2.85 41.55 -43.99
N ILE E 715 -1.87 41.93 -43.18
CA ILE E 715 -1.94 41.82 -41.73
C ILE E 715 -1.70 43.20 -41.15
N THR E 716 -2.37 43.51 -40.04
CA THR E 716 -2.37 44.84 -39.45
C THR E 716 -2.09 44.76 -37.96
N GLN E 717 -1.53 45.84 -37.42
CA GLN E 717 -1.06 45.87 -36.03
C GLN E 717 -2.16 45.45 -35.07
N GLU E 718 -3.35 46.04 -35.19
CA GLU E 718 -4.40 45.75 -34.23
C GLU E 718 -4.72 44.27 -34.17
N ASP E 719 -4.52 43.54 -35.27
CA ASP E 719 -4.72 42.10 -35.24
C ASP E 719 -3.73 41.44 -34.28
N LEU E 720 -2.47 41.86 -34.33
CA LEU E 720 -1.48 41.28 -33.42
C LEU E 720 -1.71 41.74 -31.99
N SER E 721 -2.23 42.95 -31.80
CA SER E 721 -2.64 43.37 -30.47
C SER E 721 -3.73 42.46 -29.91
N LYS E 722 -4.74 42.18 -30.74
CA LYS E 722 -5.78 41.25 -30.33
C LYS E 722 -5.20 39.88 -30.00
N ALA E 723 -4.29 39.42 -30.83
CA ALA E 723 -3.68 38.11 -30.61
C ALA E 723 -2.93 38.06 -29.30
N THR E 724 -2.16 39.10 -28.99
CA THR E 724 -1.40 39.09 -27.74
C THR E 724 -2.34 39.19 -26.54
N SER E 725 -3.43 39.95 -26.66
CA SER E 725 -4.42 39.96 -25.59
C SER E 725 -4.99 38.57 -25.38
N LYS E 726 -5.31 37.87 -26.46
CA LYS E 726 -5.83 36.50 -26.35
C LYS E 726 -4.79 35.59 -25.71
N ALA E 727 -3.52 35.75 -26.07
CA ALA E 727 -2.47 34.92 -25.48
C ALA E 727 -2.33 35.18 -24.00
N ARG E 728 -2.42 36.45 -23.59
CA ARG E 728 -2.39 36.75 -22.15
C ARG E 728 -3.58 36.10 -21.44
N ASN E 729 -4.76 36.16 -22.06
CA ASN E 729 -5.93 35.51 -21.47
C ASN E 729 -5.70 34.02 -21.32
N GLU E 730 -5.15 33.38 -22.37
CA GLU E 730 -4.89 31.94 -22.30
C GLU E 730 -3.83 31.63 -21.24
N PHE E 731 -2.83 32.49 -21.11
CA PHE E 731 -1.81 32.31 -20.08
C PHE E 731 -2.45 32.35 -18.70
N SER E 732 -3.34 33.32 -18.48
CA SER E 732 -4.07 33.38 -17.21
C SER E 732 -4.88 32.11 -16.99
N VAL E 733 -5.56 31.63 -18.05
CA VAL E 733 -6.33 30.40 -17.94
C VAL E 733 -5.44 29.26 -17.49
N SER E 734 -4.25 29.15 -18.10
CA SER E 734 -3.31 28.11 -17.71
C SER E 734 -2.91 28.26 -16.25
N ILE E 735 -2.65 29.50 -15.80
CA ILE E 735 -2.29 29.75 -14.41
C ILE E 735 -3.50 29.94 -13.52
N GLY E 736 -4.68 30.16 -14.09
CA GLY E 736 -5.88 30.37 -13.30
C GLY E 736 -6.34 31.81 -13.32
N ALA E 737 -6.22 32.49 -12.19
CA ALA E 737 -6.62 33.89 -12.05
C ALA E 737 -8.03 34.14 -12.58
N PRO E 738 -9.03 33.41 -12.07
CA PRO E 738 -10.40 33.59 -12.58
C PRO E 738 -11.15 34.71 -11.89
N GLN E 739 -10.72 35.07 -10.67
CA GLN E 739 -11.43 36.04 -9.84
C GLN E 739 -11.15 37.46 -10.36
N ILE E 740 -11.63 37.70 -11.58
CA ILE E 740 -11.47 39.01 -12.22
C ILE E 740 -12.59 39.20 -13.23
N PRO E 741 -13.87 39.11 -12.83
CA PRO E 741 -14.94 39.25 -13.82
C PRO E 741 -14.92 40.60 -14.51
N ASN E 742 -15.12 41.67 -13.74
CA ASN E 742 -14.97 43.02 -14.23
C ASN E 742 -15.12 44.01 -13.08
N VAL E 743 -14.24 45.01 -13.01
CA VAL E 743 -14.36 46.07 -12.03
C VAL E 743 -13.72 47.32 -12.60
N THR E 744 -14.25 48.49 -12.24
CA THR E 744 -13.72 49.76 -12.69
C THR E 744 -13.79 50.76 -11.56
N TRP E 745 -12.94 51.79 -11.67
CA TRP E 745 -12.96 52.85 -10.67
C TRP E 745 -14.32 53.54 -10.60
N ASP E 746 -15.04 53.59 -11.73
CA ASP E 746 -16.33 54.25 -11.77
C ASP E 746 -17.41 53.49 -10.99
N ASP E 747 -17.15 52.25 -10.60
CA ASP E 747 -18.07 51.48 -9.78
C ASP E 747 -17.90 51.75 -8.29
N ILE E 748 -16.93 52.60 -7.92
CA ILE E 748 -16.59 52.85 -6.53
C ILE E 748 -16.37 54.35 -6.34
N GLY E 749 -16.30 54.75 -5.08
CA GLY E 749 -16.06 56.14 -4.73
C GLY E 749 -15.39 56.24 -3.39
N GLY E 750 -15.04 57.47 -3.02
CA GLY E 750 -14.37 57.71 -1.76
C GLY E 750 -13.03 57.02 -1.67
N ILE E 751 -12.24 57.11 -2.74
CA ILE E 751 -10.93 56.49 -2.82
C ILE E 751 -9.79 57.50 -2.87
N ASP E 752 -10.10 58.79 -2.65
CA ASP E 752 -9.18 59.88 -2.96
C ASP E 752 -7.75 59.66 -2.46
N PHE E 753 -7.56 59.58 -1.15
CA PHE E 753 -6.20 59.56 -0.61
C PHE E 753 -5.48 58.27 -0.97
N VAL E 754 -6.17 57.13 -0.84
CA VAL E 754 -5.53 55.85 -1.10
C VAL E 754 -5.18 55.68 -2.58
N LYS E 755 -5.85 56.41 -3.46
CA LYS E 755 -5.51 56.35 -4.89
C LYS E 755 -4.04 56.68 -5.11
N GLY E 756 -3.56 57.76 -4.49
CA GLY E 756 -2.17 58.14 -4.68
C GLY E 756 -1.22 57.06 -4.20
N GLU E 757 -1.48 56.51 -3.01
CA GLU E 757 -0.62 55.46 -2.48
C GLU E 757 -0.58 54.26 -3.41
N ILE E 758 -1.76 53.75 -3.82
CA ILE E 758 -1.79 52.55 -4.65
C ILE E 758 -1.08 52.80 -5.97
N LEU E 759 -1.37 53.95 -6.60
CA LEU E 759 -0.77 54.24 -7.89
C LEU E 759 0.74 54.35 -7.78
N ASP E 760 1.24 55.13 -6.82
CA ASP E 760 2.68 55.28 -6.68
C ASP E 760 3.34 53.95 -6.37
N THR E 761 2.73 53.14 -5.51
CA THR E 761 3.33 51.88 -5.13
C THR E 761 3.41 50.91 -6.31
N ILE E 762 2.35 50.83 -7.12
CA ILE E 762 2.26 49.79 -8.13
C ILE E 762 2.75 50.28 -9.49
N ASP E 763 2.10 51.31 -10.04
CA ASP E 763 2.37 51.69 -11.42
C ASP E 763 3.72 52.36 -11.55
N MET E 764 4.06 53.26 -10.63
CA MET E 764 5.29 54.05 -10.78
C MET E 764 6.52 53.18 -10.99
N PRO E 765 6.77 52.14 -10.21
CA PRO E 765 7.88 51.23 -10.57
C PRO E 765 7.69 50.58 -11.93
N LEU E 766 6.45 50.21 -12.29
CA LEU E 766 6.21 49.60 -13.59
C LEU E 766 6.48 50.59 -14.71
N LYS E 767 6.08 51.85 -14.55
CA LYS E 767 6.28 52.84 -15.60
C LYS E 767 7.75 53.16 -15.78
N HIS E 768 8.47 53.40 -14.68
CA HIS E 768 9.86 53.82 -14.71
C HIS E 768 10.69 52.97 -13.76
N PRO E 769 10.80 51.66 -14.04
CA PRO E 769 11.64 50.80 -13.18
C PRO E 769 13.11 51.17 -13.20
N GLU E 770 13.59 51.81 -14.27
CA GLU E 770 15.02 52.12 -14.35
C GLU E 770 15.46 53.00 -13.19
N LEU E 771 14.63 53.97 -12.80
CA LEU E 771 14.99 54.84 -11.68
C LEU E 771 15.18 54.02 -10.41
N PHE E 772 14.27 53.08 -10.16
CA PHE E 772 14.36 52.20 -9.00
C PHE E 772 15.29 51.02 -9.22
N THR E 773 15.74 50.80 -10.46
CA THR E 773 16.70 49.73 -10.76
C THR E 773 18.10 50.20 -10.40
N SER E 774 18.33 50.39 -9.11
CA SER E 774 19.59 50.92 -8.59
C SER E 774 20.06 50.08 -7.41
N GLY E 775 19.86 48.77 -7.48
CA GLY E 775 20.22 47.91 -6.36
C GLY E 775 19.52 48.31 -5.09
N MET E 776 18.21 48.54 -5.17
CA MET E 776 17.45 49.19 -4.11
C MET E 776 16.28 48.31 -3.67
N LYS E 777 15.97 48.39 -2.38
CA LYS E 777 14.82 47.70 -1.80
C LYS E 777 13.58 48.44 -2.27
N LYS E 778 12.85 47.84 -3.21
CA LYS E 778 11.68 48.47 -3.78
C LYS E 778 10.47 48.24 -2.86
N ARG E 779 9.33 48.80 -3.25
CA ARG E 779 8.11 48.63 -2.49
C ARG E 779 7.79 47.16 -2.24
N SER E 780 7.42 46.86 -1.00
CA SER E 780 7.25 45.49 -0.53
C SER E 780 5.80 45.03 -0.62
N GLY E 781 4.90 45.72 0.06
CA GLY E 781 3.52 45.28 0.13
C GLY E 781 2.63 46.34 0.74
N ILE E 782 1.33 46.18 0.48
CA ILE E 782 0.30 47.10 0.96
C ILE E 782 -0.73 46.28 1.72
N LEU E 783 -0.83 46.54 3.02
CA LEU E 783 -1.83 45.89 3.86
C LEU E 783 -3.07 46.78 3.92
N PHE E 784 -4.24 46.16 3.88
CA PHE E 784 -5.51 46.87 3.80
C PHE E 784 -6.29 46.57 5.08
N TYR E 785 -6.32 47.51 6.01
CA TYR E 785 -7.04 47.32 7.27
C TYR E 785 -8.06 48.44 7.45
N GLY E 786 -9.25 48.08 7.90
CA GLY E 786 -10.29 49.05 8.12
C GLY E 786 -11.58 48.41 8.63
N PRO E 787 -12.54 49.24 8.99
CA PRO E 787 -13.80 48.72 9.52
C PRO E 787 -14.52 47.87 8.50
N PRO E 788 -15.26 46.86 8.92
CA PRO E 788 -15.96 46.01 7.97
C PRO E 788 -17.02 46.78 7.19
N GLY E 789 -17.23 46.37 5.95
CA GLY E 789 -18.20 46.99 5.08
C GLY E 789 -17.66 48.13 4.25
N THR E 790 -16.43 48.58 4.51
CA THR E 790 -15.83 49.62 3.69
C THR E 790 -15.57 49.13 2.27
N GLY E 791 -15.10 47.89 2.12
CA GLY E 791 -14.99 47.29 0.81
C GLY E 791 -13.57 47.11 0.31
N LYS E 792 -12.65 46.77 1.21
CA LYS E 792 -11.28 46.50 0.78
C LYS E 792 -11.23 45.43 -0.30
N THR E 793 -12.15 44.46 -0.23
CA THR E 793 -12.17 43.40 -1.24
C THR E 793 -12.55 43.96 -2.60
N LEU E 794 -13.54 44.84 -2.65
CA LEU E 794 -13.89 45.50 -3.91
C LEU E 794 -12.69 46.28 -4.46
N MET E 795 -11.96 46.98 -3.59
CA MET E 795 -10.80 47.73 -4.07
C MET E 795 -9.73 46.80 -4.61
N ALA E 796 -9.51 45.66 -3.97
CA ALA E 796 -8.55 44.70 -4.46
C ALA E 796 -8.96 44.19 -5.84
N LYS E 797 -10.23 43.81 -6.00
CA LYS E 797 -10.69 43.36 -7.31
C LYS E 797 -10.55 44.46 -8.35
N ALA E 798 -10.82 45.72 -7.95
CA ALA E 798 -10.71 46.83 -8.87
C ALA E 798 -9.27 47.02 -9.36
N ILE E 799 -8.32 46.94 -8.44
CA ILE E 799 -6.92 47.09 -8.84
C ILE E 799 -6.50 45.91 -9.71
N ALA E 800 -6.99 44.72 -9.39
CA ALA E 800 -6.63 43.55 -10.20
C ALA E 800 -7.13 43.70 -11.63
N THR E 801 -8.40 44.09 -11.80
CA THR E 801 -8.96 44.17 -13.14
C THR E 801 -8.46 45.39 -13.90
N ASN E 802 -8.34 46.55 -13.24
CA ASN E 802 -8.02 47.78 -13.93
C ASN E 802 -6.61 47.75 -14.51
N PHE E 803 -5.62 47.38 -13.69
CA PHE E 803 -4.24 47.42 -14.12
C PHE E 803 -3.89 46.31 -15.11
N SER E 804 -4.76 45.33 -15.29
CA SER E 804 -4.54 44.25 -16.25
C SER E 804 -3.16 43.62 -16.05
N LEU E 805 -2.98 43.05 -14.86
CA LEU E 805 -1.72 42.43 -14.48
C LEU E 805 -1.99 41.00 -14.02
N ASN E 806 -0.94 40.19 -13.98
CA ASN E 806 -1.08 38.79 -13.57
C ASN E 806 -1.45 38.77 -12.09
N PHE E 807 -2.72 38.50 -11.81
CA PHE E 807 -3.26 38.46 -10.46
C PHE E 807 -3.53 37.02 -10.06
N PHE E 808 -3.00 36.63 -8.90
CA PHE E 808 -3.29 35.31 -8.34
C PHE E 808 -3.50 35.46 -6.84
N SER E 809 -4.70 35.15 -6.38
CA SER E 809 -5.04 35.25 -4.97
C SER E 809 -4.92 33.88 -4.31
N VAL E 810 -4.24 33.84 -3.18
CA VAL E 810 -4.10 32.63 -2.37
C VAL E 810 -4.78 32.92 -1.04
N LYS E 811 -5.93 32.31 -0.82
CA LYS E 811 -6.65 32.50 0.43
C LYS E 811 -6.01 31.66 1.52
N GLY E 812 -5.74 32.31 2.66
CA GLY E 812 -5.00 31.68 3.73
C GLY E 812 -5.56 30.35 4.16
N PRO E 813 -6.84 30.34 4.55
CA PRO E 813 -7.45 29.09 5.05
C PRO E 813 -7.35 27.92 4.09
N GLU E 814 -7.53 28.14 2.80
CA GLU E 814 -7.50 27.05 1.83
C GLU E 814 -6.09 26.56 1.52
N LEU E 815 -5.08 27.02 2.27
CA LEU E 815 -3.71 26.64 2.03
C LEU E 815 -3.22 25.53 2.97
N LEU E 816 -3.92 25.28 4.07
CA LEU E 816 -3.54 24.23 5.00
C LEU E 816 -3.86 22.88 4.36
N ASN E 817 -3.53 21.79 5.07
CA ASN E 817 -3.71 20.45 4.55
C ASN E 817 -3.81 19.48 5.72
N MET E 818 -4.36 18.30 5.43
CA MET E 818 -4.46 17.23 6.43
C MET E 818 -3.19 17.12 7.26
N TYR E 819 -2.07 16.85 6.60
CA TYR E 819 -0.80 16.68 7.28
C TYR E 819 0.01 17.96 7.22
N ILE E 820 1.06 18.01 8.02
CA ILE E 820 1.82 19.23 8.26
C ILE E 820 3.06 19.24 7.38
N GLY E 821 3.18 20.27 6.54
CA GLY E 821 4.35 20.41 5.70
C GLY E 821 4.02 20.67 4.25
N GLU E 822 2.97 20.02 3.74
CA GLU E 822 2.55 20.24 2.37
C GLU E 822 1.99 21.65 2.15
N SER E 823 1.34 22.22 3.16
CA SER E 823 0.90 23.61 3.08
C SER E 823 2.08 24.51 2.67
N GLU E 824 3.22 24.28 3.29
CA GLU E 824 4.39 25.10 2.99
C GLU E 824 4.96 24.76 1.62
N ALA E 825 4.76 23.53 1.16
CA ALA E 825 5.11 23.19 -0.22
C ALA E 825 4.28 24.02 -1.20
N ASN E 826 2.97 24.13 -0.96
CA ASN E 826 2.17 24.99 -1.81
C ASN E 826 2.64 26.44 -1.72
N VAL E 827 3.00 26.90 -0.52
CA VAL E 827 3.49 28.28 -0.40
C VAL E 827 4.72 28.50 -1.27
N ARG E 828 5.71 27.61 -1.15
CA ARG E 828 6.94 27.78 -1.92
C ARG E 828 6.64 27.75 -3.41
N ARG E 829 5.85 26.77 -3.86
CA ARG E 829 5.63 26.63 -5.29
C ARG E 829 4.81 27.80 -5.83
N VAL E 830 3.85 28.31 -5.07
CA VAL E 830 3.06 29.43 -5.58
C VAL E 830 3.94 30.67 -5.69
N PHE E 831 4.81 30.89 -4.70
CA PHE E 831 5.70 32.04 -4.80
C PHE E 831 6.61 31.92 -6.03
N GLN E 832 7.17 30.74 -6.27
CA GLN E 832 7.99 30.56 -7.45
C GLN E 832 7.20 30.76 -8.74
N LYS E 833 5.99 30.18 -8.80
CA LYS E 833 5.17 30.29 -9.99
C LYS E 833 4.79 31.73 -10.27
N ALA E 834 4.46 32.49 -9.23
CA ALA E 834 4.25 33.93 -9.41
C ALA E 834 5.51 34.60 -9.93
N ARG E 835 6.67 34.23 -9.38
CA ARG E 835 7.93 34.76 -9.90
C ARG E 835 8.02 34.56 -11.40
N GLU E 836 7.60 33.39 -11.89
CA GLU E 836 7.59 33.20 -13.35
C GLU E 836 6.65 34.19 -14.02
N ALA E 837 5.43 34.33 -13.51
CA ALA E 837 4.43 35.19 -14.14
C ALA E 837 4.61 36.65 -13.73
N LYS E 838 5.82 37.16 -13.88
CA LYS E 838 6.08 38.55 -13.54
C LYS E 838 5.75 39.45 -14.73
N PRO E 839 5.26 40.67 -14.48
CA PRO E 839 4.97 41.26 -13.17
C PRO E 839 3.69 40.69 -12.60
N CYS E 840 3.68 40.34 -11.33
CA CYS E 840 2.58 39.59 -10.72
C CYS E 840 2.06 40.33 -9.50
N VAL E 841 0.78 40.11 -9.22
CA VAL E 841 0.13 40.56 -7.99
C VAL E 841 -0.39 39.32 -7.28
N ILE E 842 0.05 39.12 -6.04
CA ILE E 842 -0.42 38.02 -5.21
C ILE E 842 -1.24 38.63 -4.09
N PHE E 843 -2.38 38.02 -3.79
CA PHE E 843 -3.30 38.54 -2.78
C PHE E 843 -3.55 37.48 -1.72
N PHE E 844 -3.40 37.87 -0.45
CA PHE E 844 -3.74 37.03 0.69
C PHE E 844 -4.93 37.69 1.39
N ASP E 845 -6.02 36.95 1.53
CA ASP E 845 -7.28 37.50 2.03
C ASP E 845 -7.54 36.94 3.42
N GLU E 846 -7.86 37.83 4.36
CA GLU E 846 -7.93 37.49 5.78
C GLU E 846 -6.71 36.66 6.21
N ILE E 847 -5.53 37.26 6.00
CA ILE E 847 -4.29 36.61 6.42
C ILE E 847 -4.30 36.34 7.92
N ASP E 848 -5.12 37.06 8.68
CA ASP E 848 -5.13 36.91 10.13
C ASP E 848 -5.49 35.49 10.55
N SER E 849 -6.06 34.69 9.65
CA SER E 849 -6.35 33.30 9.97
C SER E 849 -5.11 32.51 10.34
N VAL E 850 -3.91 33.01 9.97
CA VAL E 850 -2.67 32.27 10.20
C VAL E 850 -1.71 33.08 11.06
N ALA E 851 -2.24 33.84 12.02
CA ALA E 851 -1.40 34.71 12.86
C ALA E 851 -1.76 34.63 14.35
N PRO E 852 -1.98 33.42 14.90
CA PRO E 852 -1.92 33.29 16.37
C PRO E 852 -0.51 32.95 16.86
N LYS E 853 0.04 33.78 17.73
CA LYS E 853 1.42 33.59 18.17
C LYS E 853 1.53 32.38 19.09
N ARG E 854 2.76 32.11 19.54
CA ARG E 854 3.02 30.93 20.36
C ARG E 854 2.28 31.02 21.68
N GLY E 855 2.04 29.85 22.28
CA GLY E 855 1.37 29.78 23.56
C GLY E 855 0.44 28.58 23.65
N ASN E 856 0.25 28.07 24.86
CA ASN E 856 -0.69 26.96 25.05
C ASN E 856 -2.10 27.35 24.63
N GLN E 857 -2.40 28.65 24.57
CA GLN E 857 -3.70 29.15 24.14
C GLN E 857 -3.71 29.58 22.69
N GLY E 858 -2.62 29.35 21.95
CA GLY E 858 -2.61 29.66 20.54
C GLY E 858 -1.74 28.72 19.72
N ASP E 859 -2.34 28.07 18.74
CA ASP E 859 -1.67 27.21 17.79
C ASP E 859 -0.62 26.32 18.46
N SER E 860 -1.08 25.50 19.40
CA SER E 860 -0.22 24.48 19.97
C SER E 860 0.06 23.43 18.91
N GLY E 861 1.24 23.51 18.30
CA GLY E 861 1.58 22.68 17.16
C GLY E 861 2.44 23.41 16.15
N GLY E 862 2.43 24.74 16.22
CA GLY E 862 3.34 25.55 15.44
C GLY E 862 3.17 25.50 13.94
N VAL E 863 2.05 24.98 13.44
CA VAL E 863 1.85 24.93 12.00
C VAL E 863 1.79 26.35 11.44
N MET E 864 1.01 27.22 12.08
CA MET E 864 0.96 28.61 11.64
C MET E 864 2.33 29.25 11.68
N ASP E 865 3.14 28.88 12.68
CA ASP E 865 4.46 29.47 12.80
C ASP E 865 5.31 29.15 11.58
N ARG E 866 5.28 27.89 11.15
CA ARG E 866 6.03 27.51 9.96
C ARG E 866 5.44 28.15 8.70
N ILE E 867 4.12 28.34 8.68
CA ILE E 867 3.48 28.97 7.53
C ILE E 867 3.93 30.44 7.43
N VAL E 868 3.89 31.15 8.54
CA VAL E 868 4.35 32.54 8.54
C VAL E 868 5.85 32.60 8.27
N SER E 869 6.59 31.55 8.63
CA SER E 869 7.99 31.48 8.23
C SER E 869 8.11 31.43 6.71
N GLN E 870 7.29 30.58 6.07
CA GLN E 870 7.22 30.63 4.60
C GLN E 870 6.98 32.06 4.13
N LEU E 871 5.96 32.70 4.70
CA LEU E 871 5.55 34.01 4.23
C LEU E 871 6.71 35.00 4.31
N LEU E 872 7.25 35.18 5.52
CA LEU E 872 8.34 36.14 5.71
C LEU E 872 9.56 35.77 4.88
N ALA E 873 9.91 34.48 4.85
CA ALA E 873 11.13 34.04 4.15
C ALA E 873 11.05 34.37 2.67
N GLU E 874 9.99 33.93 2.01
CA GLU E 874 9.85 34.25 0.60
C GLU E 874 9.67 35.74 0.38
N LEU E 875 9.15 36.46 1.39
CA LEU E 875 8.98 37.90 1.26
C LEU E 875 10.34 38.60 1.21
N ASP E 876 11.29 38.19 2.04
CA ASP E 876 12.62 38.81 1.92
C ASP E 876 13.33 38.32 0.67
N GLY E 877 13.13 37.05 0.31
CA GLY E 877 13.75 36.55 -0.90
C GLY E 877 13.33 37.32 -2.14
N MET E 878 12.03 37.60 -2.26
CA MET E 878 11.53 38.31 -3.42
C MET E 878 12.08 39.73 -3.49
N SER E 879 12.17 40.40 -2.33
CA SER E 879 12.56 41.80 -2.30
C SER E 879 13.90 42.06 -2.96
N THR E 880 14.69 41.02 -3.26
CA THR E 880 15.96 41.19 -3.92
C THR E 880 15.82 41.22 -5.44
N ASP E 881 15.23 40.18 -6.01
CA ASP E 881 15.19 40.00 -7.47
C ASP E 881 13.78 39.79 -8.01
N ALA E 882 12.74 40.05 -7.22
CA ALA E 882 11.36 39.88 -7.68
C ALA E 882 10.87 41.18 -8.31
N ASP E 883 11.41 41.46 -9.49
CA ASP E 883 11.07 42.67 -10.24
C ASP E 883 9.74 42.44 -10.95
N GLY E 884 8.66 42.61 -10.19
CA GLY E 884 7.33 42.47 -10.76
C GLY E 884 6.29 41.85 -9.84
N VAL E 885 6.69 41.37 -8.68
CA VAL E 885 5.77 40.81 -7.71
C VAL E 885 5.28 41.92 -6.79
N PHE E 886 4.00 41.91 -6.47
CA PHE E 886 3.41 42.87 -5.54
C PHE E 886 2.37 42.16 -4.67
N VAL E 887 2.47 42.35 -3.37
CA VAL E 887 1.58 41.73 -2.41
C VAL E 887 0.67 42.79 -1.83
N ILE E 888 -0.62 42.48 -1.74
CA ILE E 888 -1.61 43.32 -1.08
C ILE E 888 -2.22 42.52 0.06
N GLY E 889 -2.32 43.14 1.23
CA GLY E 889 -2.82 42.50 2.43
C GLY E 889 -4.22 42.99 2.76
N ALA E 890 -5.13 42.05 2.97
CA ALA E 890 -6.50 42.33 3.34
C ALA E 890 -6.81 41.69 4.68
N THR E 891 -7.39 42.48 5.59
CA THR E 891 -7.75 41.97 6.91
C THR E 891 -8.56 43.02 7.63
N ASN E 892 -9.50 42.56 8.45
CA ASN E 892 -10.33 43.46 9.25
C ASN E 892 -9.68 43.78 10.60
N ARG E 893 -9.00 42.81 11.21
CA ARG E 893 -8.30 43.03 12.47
C ARG E 893 -6.79 42.87 12.25
N PRO E 894 -6.00 43.96 12.33
CA PRO E 894 -4.56 43.81 12.13
C PRO E 894 -3.82 43.42 13.40
N ASP E 895 -4.43 43.71 14.55
CA ASP E 895 -3.76 43.41 15.82
C ASP E 895 -3.42 41.94 15.93
N LEU E 896 -4.37 41.07 15.61
CA LEU E 896 -4.12 39.62 15.68
C LEU E 896 -3.00 39.21 14.75
N LEU E 897 -2.75 39.97 13.68
CA LEU E 897 -1.71 39.62 12.74
C LEU E 897 -0.35 39.56 13.43
N ASP E 898 0.52 38.71 12.89
CA ASP E 898 1.86 38.57 13.44
C ASP E 898 2.63 39.88 13.28
N GLU E 899 3.18 40.37 14.40
CA GLU E 899 3.99 41.58 14.34
C GLU E 899 5.18 41.40 13.40
N ALA E 900 5.62 40.16 13.20
CA ALA E 900 6.75 39.91 12.32
C ALA E 900 6.49 40.43 10.91
N LEU E 901 5.22 40.50 10.50
CA LEU E 901 4.91 40.95 9.14
C LEU E 901 4.80 42.46 9.04
N LEU E 902 4.43 43.14 10.13
CA LEU E 902 4.27 44.59 10.07
C LEU E 902 5.58 45.30 9.73
N ARG E 903 6.72 44.64 9.90
CA ARG E 903 7.98 45.26 9.60
C ARG E 903 8.06 45.66 8.13
N PRO E 904 8.65 46.82 7.80
CA PRO E 904 8.94 47.11 6.39
C PRO E 904 9.74 46.00 5.74
N GLY E 905 9.79 46.00 4.41
CA GLY E 905 10.31 44.86 3.66
C GLY E 905 9.22 43.84 3.44
N ARG E 906 8.43 43.58 4.48
CA ARG E 906 7.21 42.79 4.37
C ARG E 906 5.97 43.65 4.15
N PHE E 907 5.92 44.82 4.77
CA PHE E 907 4.80 45.74 4.61
C PHE E 907 5.24 47.12 5.04
N ASP E 908 5.11 48.09 4.14
CA ASP E 908 5.41 49.49 4.42
C ASP E 908 4.15 50.35 4.47
N LYS E 909 3.23 50.15 3.54
CA LYS E 909 1.97 50.90 3.51
C LYS E 909 0.90 50.07 4.21
N LEU E 910 0.67 50.40 5.48
CA LEU E 910 -0.44 49.80 6.24
C LEU E 910 -1.71 50.63 5.99
N LEU E 911 -2.14 50.60 4.74
CA LEU E 911 -3.27 51.42 4.29
C LEU E 911 -4.48 51.18 5.16
N TYR E 912 -5.13 52.28 5.54
CA TYR E 912 -6.33 52.24 6.38
C TYR E 912 -7.52 52.62 5.50
N LEU E 913 -8.35 51.64 5.16
CA LEU E 913 -9.57 51.90 4.42
C LEU E 913 -10.66 52.24 5.44
N GLY E 914 -10.68 53.52 5.82
CA GLY E 914 -11.56 53.98 6.87
C GLY E 914 -12.98 54.25 6.39
N ILE E 915 -13.82 54.64 7.36
CA ILE E 915 -15.21 54.97 7.09
C ILE E 915 -15.27 56.27 6.30
N PRO E 916 -16.24 56.44 5.40
CA PRO E 916 -16.45 57.77 4.80
C PRO E 916 -17.06 58.73 5.80
N ASP E 917 -16.25 59.68 6.29
CA ASP E 917 -16.68 60.61 7.32
C ASP E 917 -17.11 61.96 6.76
N THR E 918 -16.48 62.43 5.69
CA THR E 918 -16.93 63.65 5.04
C THR E 918 -18.10 63.35 4.12
N ASP E 919 -19.02 64.32 4.00
CA ASP E 919 -20.10 64.17 3.04
C ASP E 919 -19.58 63.98 1.63
N THR E 920 -18.36 64.47 1.35
CA THR E 920 -17.77 64.26 0.04
C THR E 920 -17.61 62.77 -0.26
N LYS E 921 -17.10 62.01 0.70
CA LYS E 921 -16.83 60.59 0.47
C LYS E 921 -18.12 59.84 0.16
N GLN E 922 -19.16 60.06 0.97
CA GLN E 922 -20.42 59.35 0.73
C GLN E 922 -21.12 59.84 -0.52
N LEU E 923 -20.97 61.12 -0.87
CA LEU E 923 -21.50 61.58 -2.15
C LEU E 923 -20.84 60.85 -3.31
N ASN E 924 -19.50 60.73 -3.27
CA ASN E 924 -18.79 59.99 -4.31
C ASN E 924 -19.24 58.54 -4.34
N ILE E 925 -19.39 57.93 -3.16
CA ILE E 925 -19.80 56.54 -3.08
C ILE E 925 -21.16 56.36 -3.73
N LEU E 926 -22.11 57.23 -3.39
CA LEU E 926 -23.46 57.10 -3.92
C LEU E 926 -23.47 57.28 -5.43
N GLU E 927 -22.79 58.32 -5.94
CA GLU E 927 -22.78 58.51 -7.39
C GLU E 927 -22.15 57.32 -8.09
N ALA E 928 -21.13 56.71 -7.47
CA ALA E 928 -20.54 55.51 -8.06
C ALA E 928 -21.53 54.35 -8.08
N LEU E 929 -22.26 54.14 -6.98
CA LEU E 929 -23.19 53.02 -6.90
C LEU E 929 -24.30 53.15 -7.94
N THR E 930 -24.84 54.35 -8.11
CA THR E 930 -25.97 54.58 -9.00
C THR E 930 -25.57 54.70 -10.46
N ARG E 931 -24.40 54.19 -10.83
CA ARG E 931 -23.90 54.42 -12.19
C ARG E 931 -24.86 53.86 -13.24
N LYS E 932 -25.39 52.65 -13.02
CA LYS E 932 -26.34 52.04 -13.95
C LYS E 932 -27.78 52.15 -13.46
N PHE E 933 -28.02 52.84 -12.36
CA PHE E 933 -29.37 52.96 -11.84
C PHE E 933 -30.24 53.80 -12.76
N VAL E 934 -31.48 53.36 -12.96
CA VAL E 934 -32.49 54.16 -13.66
C VAL E 934 -33.19 54.97 -12.57
N LEU E 935 -32.59 56.10 -12.22
CA LEU E 935 -33.11 56.95 -11.16
C LEU E 935 -34.01 58.03 -11.75
N ASP E 936 -35.21 58.14 -11.20
CA ASP E 936 -36.11 59.21 -11.61
C ASP E 936 -35.54 60.55 -11.16
N ASN E 937 -35.92 61.61 -11.87
CA ASN E 937 -35.38 62.94 -11.58
C ASN E 937 -35.66 63.37 -10.14
N ASP E 938 -36.67 62.77 -9.50
CA ASP E 938 -36.96 63.09 -8.11
C ASP E 938 -35.80 62.78 -7.17
N VAL E 939 -34.90 61.87 -7.58
CA VAL E 939 -33.80 61.49 -6.69
C VAL E 939 -32.93 62.69 -6.39
N LYS E 940 -32.49 62.79 -5.14
CA LYS E 940 -31.58 63.84 -4.68
C LYS E 940 -30.50 63.17 -3.85
N LEU E 941 -29.42 62.75 -4.53
CA LEU E 941 -28.34 62.05 -3.85
C LEU E 941 -27.74 62.90 -2.73
N ILE E 942 -27.69 64.22 -2.91
CA ILE E 942 -27.12 65.08 -1.89
C ILE E 942 -27.94 65.02 -0.61
N GLU E 943 -29.26 64.91 -0.73
CA GLU E 943 -30.09 64.76 0.46
C GLU E 943 -29.73 63.48 1.22
N LEU E 944 -29.58 62.37 0.50
CA LEU E 944 -29.20 61.12 1.15
C LEU E 944 -27.85 61.26 1.82
N ALA E 945 -26.90 61.93 1.16
CA ALA E 945 -25.61 62.17 1.79
C ALA E 945 -25.77 62.98 3.07
N LYS E 946 -26.68 63.95 3.06
CA LYS E 946 -26.94 64.75 4.26
C LYS E 946 -27.45 63.86 5.39
N LEU E 947 -28.46 63.03 5.10
CA LEU E 947 -29.10 62.26 6.17
C LEU E 947 -28.15 61.25 6.79
N CYS E 948 -27.35 60.58 5.96
CA CYS E 948 -26.56 59.46 6.46
C CYS E 948 -25.56 59.94 7.51
N PRO E 949 -25.51 59.34 8.70
CA PRO E 949 -24.43 59.64 9.64
C PRO E 949 -23.09 59.16 9.13
N PHE E 950 -22.04 59.33 9.93
CA PHE E 950 -20.67 59.01 9.52
C PHE E 950 -20.24 57.62 9.99
N ASN E 951 -21.19 56.69 10.08
CA ASN E 951 -20.90 55.29 10.36
C ASN E 951 -21.19 54.39 9.17
N TYR E 952 -21.77 54.91 8.09
CA TYR E 952 -22.05 54.11 6.92
C TYR E 952 -20.76 53.65 6.25
N THR E 953 -20.86 52.53 5.55
CA THR E 953 -19.76 51.98 4.77
C THR E 953 -20.29 51.59 3.39
N GLY E 954 -19.35 51.30 2.49
CA GLY E 954 -19.75 50.92 1.14
C GLY E 954 -20.75 49.79 1.14
N ALA E 955 -20.59 48.83 2.05
CA ALA E 955 -21.58 47.77 2.19
C ALA E 955 -22.93 48.33 2.59
N ASP E 956 -22.94 49.30 3.52
CA ASP E 956 -24.20 49.89 3.95
C ASP E 956 -24.90 50.61 2.80
N PHE E 957 -24.15 51.40 2.03
CA PHE E 957 -24.74 52.10 0.90
C PHE E 957 -25.26 51.12 -0.15
N TYR E 958 -24.49 50.05 -0.41
CA TYR E 958 -24.94 49.04 -1.35
C TYR E 958 -26.23 48.39 -0.87
N ALA E 959 -26.31 48.07 0.42
CA ALA E 959 -27.53 47.48 0.97
C ALA E 959 -28.69 48.44 0.84
N LEU E 960 -28.47 49.73 1.13
CA LEU E 960 -29.54 50.71 1.03
C LEU E 960 -30.06 50.82 -0.39
N CYS E 961 -29.15 50.91 -1.36
CA CYS E 961 -29.58 51.00 -2.76
C CYS E 961 -30.29 49.73 -3.19
N SER E 962 -29.82 48.57 -2.71
CA SER E 962 -30.49 47.31 -3.03
C SER E 962 -31.91 47.30 -2.48
N ASP E 963 -32.10 47.77 -1.25
CA ASP E 963 -33.46 47.83 -0.68
C ASP E 963 -34.34 48.78 -1.47
N ALA E 964 -33.80 49.94 -1.86
CA ALA E 964 -34.59 50.89 -2.63
C ALA E 964 -35.01 50.28 -3.98
N MET E 965 -34.08 49.63 -4.65
CA MET E 965 -34.42 48.95 -5.91
C MET E 965 -35.44 47.85 -5.67
N LEU E 966 -35.32 47.13 -4.55
CA LEU E 966 -36.29 46.09 -4.24
C LEU E 966 -37.67 46.68 -4.01
N ASN E 967 -37.75 47.85 -3.38
CA ASN E 967 -39.05 48.49 -3.19
C ASN E 967 -39.64 48.93 -4.52
N ALA E 968 -38.83 49.53 -5.39
CA ALA E 968 -39.32 49.87 -6.72
C ALA E 968 -39.80 48.63 -7.45
N MET E 969 -39.06 47.53 -7.31
CA MET E 969 -39.45 46.28 -7.96
C MET E 969 -40.71 45.71 -7.36
N SER E 970 -40.91 45.88 -6.05
CA SER E 970 -42.17 45.47 -5.44
C SER E 970 -43.32 46.25 -6.05
N ARG E 971 -43.12 47.56 -6.23
CA ARG E 971 -44.14 48.37 -6.92
C ARG E 971 -44.45 47.79 -8.29
N ILE E 972 -43.39 47.53 -9.07
CA ILE E 972 -43.59 47.05 -10.45
C ILE E 972 -44.27 45.69 -10.45
N ALA E 973 -43.83 44.78 -9.58
CA ALA E 973 -44.41 43.45 -9.53
C ALA E 973 -45.87 43.50 -9.12
N ARG E 974 -46.21 44.34 -8.14
CA ARG E 974 -47.60 44.49 -7.76
C ARG E 974 -48.42 45.04 -8.92
N MET E 975 -47.87 45.99 -9.67
CA MET E 975 -48.63 46.56 -10.77
C MET E 975 -48.85 45.53 -11.87
N VAL E 976 -47.84 44.70 -12.15
CA VAL E 976 -48.04 43.60 -13.10
C VAL E 976 -49.08 42.62 -12.57
N GLU E 977 -49.05 42.34 -11.26
CA GLU E 977 -50.05 41.43 -10.69
C GLU E 977 -51.45 41.99 -10.87
N LYS E 978 -51.63 43.29 -10.64
CA LYS E 978 -52.93 43.91 -10.91
C LYS E 978 -53.29 43.83 -12.39
N LYS E 979 -52.32 44.07 -13.28
CA LYS E 979 -52.58 43.90 -14.70
C LYS E 979 -53.15 42.53 -14.99
N VAL E 980 -52.47 41.48 -14.53
CA VAL E 980 -52.89 40.11 -14.82
C VAL E 980 -54.25 39.83 -14.20
N SER E 981 -54.44 40.21 -12.93
CA SER E 981 -55.70 39.92 -12.25
C SER E 981 -56.87 40.59 -12.95
N GLN E 982 -56.75 41.91 -13.21
CA GLN E 982 -57.84 42.64 -13.84
C GLN E 982 -58.12 42.10 -15.23
N HIS E 983 -57.07 41.79 -16.00
CA HIS E 983 -57.28 41.24 -17.33
C HIS E 983 -57.90 39.85 -17.29
N ASN E 984 -57.71 39.12 -16.19
CA ASN E 984 -58.38 37.83 -16.04
C ASN E 984 -59.90 37.98 -16.08
N GLU E 985 -60.42 39.12 -15.64
CA GLU E 985 -61.86 39.38 -15.66
C GLU E 985 -62.31 40.14 -16.89
N LEU E 986 -61.60 41.21 -17.26
CA LEU E 986 -62.04 42.03 -18.39
C LEU E 986 -62.18 41.18 -19.65
N THR E 987 -61.14 40.45 -20.00
CA THR E 987 -61.18 39.53 -21.14
C THR E 987 -61.62 38.12 -20.74
N GLY E 988 -61.73 37.84 -19.45
CA GLY E 988 -62.05 36.49 -19.00
C GLY E 988 -60.93 35.50 -19.21
N GLU E 989 -59.74 35.96 -19.59
CA GLU E 989 -58.60 35.09 -19.90
C GLU E 989 -57.67 35.08 -18.69
N ASN E 990 -57.73 33.99 -17.92
CA ASN E 990 -56.87 33.83 -16.75
C ASN E 990 -55.46 33.47 -17.22
N ILE E 991 -54.81 34.45 -17.85
CA ILE E 991 -53.46 34.30 -18.36
C ILE E 991 -52.50 34.53 -17.21
N SER E 992 -51.96 33.44 -16.66
CA SER E 992 -51.07 33.54 -15.52
C SER E 992 -49.92 34.49 -15.81
N THR E 993 -49.32 35.02 -14.74
CA THR E 993 -48.24 35.99 -14.87
C THR E 993 -47.12 35.44 -15.73
N ARG E 994 -47.03 34.12 -15.85
CA ARG E 994 -45.98 33.51 -16.68
C ARG E 994 -46.10 33.98 -18.13
N ARG E 995 -47.28 33.84 -18.71
CA ARG E 995 -47.48 34.25 -20.09
C ARG E 995 -47.22 35.74 -20.27
N TRP E 996 -47.55 36.54 -19.25
CA TRP E 996 -47.23 37.96 -19.30
C TRP E 996 -45.72 38.17 -19.35
N PHE E 997 -44.98 37.43 -18.51
CA PHE E 997 -43.54 37.58 -18.50
C PHE E 997 -42.92 37.18 -19.83
N ASP E 998 -43.51 36.19 -20.50
CA ASP E 998 -42.99 35.76 -21.80
C ASP E 998 -43.40 36.67 -22.96
N LYS E 999 -44.63 37.19 -22.96
CA LYS E 999 -45.18 37.89 -24.12
C LYS E 999 -45.71 39.27 -23.82
N ILE E 1000 -46.36 39.48 -22.67
CA ILE E 1000 -47.04 40.75 -22.40
C ILE E 1000 -46.26 41.64 -21.44
N ALA E 1001 -45.17 41.15 -20.84
CA ALA E 1001 -44.32 41.97 -19.99
C ALA E 1001 -43.40 42.78 -20.88
N THR E 1002 -43.93 43.90 -21.37
CA THR E 1002 -43.19 44.73 -22.32
C THR E 1002 -41.93 45.30 -21.68
N LYS E 1003 -41.13 46.01 -22.48
CA LYS E 1003 -39.85 46.51 -21.97
C LYS E 1003 -40.06 47.50 -20.84
N GLU E 1004 -41.06 48.38 -20.97
CA GLU E 1004 -41.30 49.37 -19.93
C GLU E 1004 -41.66 48.70 -18.60
N ASP E 1005 -42.51 47.66 -18.64
CA ASP E 1005 -42.79 46.91 -17.43
C ASP E 1005 -41.53 46.28 -16.87
N THR E 1006 -40.69 45.72 -17.75
CA THR E 1006 -39.39 45.22 -17.31
C THR E 1006 -38.48 46.36 -16.87
N LYS E 1007 -38.64 47.54 -17.46
CA LYS E 1007 -37.83 48.68 -17.07
C LYS E 1007 -38.04 48.98 -15.58
N VAL E 1008 -36.93 49.24 -14.88
CA VAL E 1008 -36.95 49.50 -13.45
C VAL E 1008 -36.84 51.01 -13.25
N VAL E 1009 -37.80 51.58 -12.52
CA VAL E 1009 -37.82 53.00 -12.20
C VAL E 1009 -37.96 53.13 -10.69
N VAL E 1010 -37.14 54.00 -10.09
CA VAL E 1010 -37.09 54.16 -8.64
C VAL E 1010 -37.37 55.61 -8.31
N LYS E 1011 -37.86 55.84 -7.09
CA LYS E 1011 -38.22 57.16 -6.60
C LYS E 1011 -37.49 57.45 -5.29
N MET E 1012 -37.33 58.75 -5.01
CA MET E 1012 -36.63 59.16 -3.79
C MET E 1012 -37.21 58.47 -2.57
N GLU E 1013 -38.53 58.39 -2.49
CA GLU E 1013 -39.17 57.81 -1.31
C GLU E 1013 -38.67 56.39 -1.03
N ASP E 1014 -38.33 55.64 -2.06
CA ASP E 1014 -37.82 54.28 -1.83
C ASP E 1014 -36.53 54.33 -1.01
N PHE E 1015 -35.55 55.12 -1.45
CA PHE E 1015 -34.31 55.22 -0.70
C PHE E 1015 -34.54 55.81 0.68
N LEU E 1016 -35.41 56.81 0.78
CA LEU E 1016 -35.65 57.43 2.08
C LEU E 1016 -36.28 56.43 3.06
N LYS E 1017 -37.28 55.66 2.61
CA LYS E 1017 -37.90 54.67 3.46
C LYS E 1017 -36.92 53.59 3.86
N ALA E 1018 -36.08 53.14 2.93
CA ALA E 1018 -35.06 52.16 3.29
C ALA E 1018 -34.08 52.75 4.30
N GLN E 1019 -33.77 54.04 4.16
CA GLN E 1019 -32.89 54.71 5.11
C GLN E 1019 -33.51 54.72 6.51
N GLU E 1020 -34.80 55.01 6.60
CA GLU E 1020 -35.47 54.91 7.88
C GLU E 1020 -35.41 53.48 8.41
N GLN E 1021 -35.65 52.51 7.54
CA GLN E 1021 -35.47 51.10 7.89
C GLN E 1021 -34.00 50.74 8.04
N LEU E 1022 -33.10 51.51 7.43
CA LEU E 1022 -31.69 51.16 7.45
C LEU E 1022 -31.17 51.09 8.88
N THR E 1023 -30.26 50.14 9.11
CA THR E 1023 -29.59 50.00 10.40
C THR E 1023 -28.13 49.69 10.09
N PRO E 1024 -27.19 50.52 10.52
CA PRO E 1024 -25.77 50.19 10.32
C PRO E 1024 -25.45 48.77 10.74
N SER E 1025 -24.34 48.26 10.23
CA SER E 1025 -23.92 46.89 10.50
C SER E 1025 -22.74 46.82 11.46
N VAL E 1026 -22.47 47.89 12.20
CA VAL E 1026 -21.35 47.91 13.15
C VAL E 1026 -21.74 48.80 14.32
N SER E 1027 -21.26 48.45 15.50
CA SER E 1027 -21.51 49.24 16.69
C SER E 1027 -20.52 50.39 16.79
N ARG E 1028 -21.00 51.52 17.32
CA ARG E 1028 -20.11 52.65 17.56
C ARG E 1028 -18.94 52.24 18.45
N ALA E 1029 -19.14 51.24 19.31
CA ALA E 1029 -18.04 50.71 20.10
C ALA E 1029 -16.96 50.11 19.20
N GLU E 1030 -17.38 49.32 18.20
CA GLU E 1030 -16.41 48.76 17.25
C GLU E 1030 -15.74 49.84 16.42
N LEU E 1031 -16.50 50.88 16.03
CA LEU E 1031 -15.88 52.00 15.34
C LEU E 1031 -14.82 52.66 16.20
N ASN E 1032 -15.11 52.82 17.51
CA ASN E 1032 -14.13 53.41 18.41
C ASN E 1032 -12.92 52.49 18.59
N HIS E 1033 -13.15 51.18 18.60
CA HIS E 1033 -12.03 50.24 18.68
C HIS E 1033 -11.12 50.38 17.46
N TYR E 1034 -11.71 50.46 16.27
CA TYR E 1034 -10.91 50.62 15.07
C TYR E 1034 -10.25 51.99 15.02
N GLU E 1035 -10.89 53.00 15.60
CA GLU E 1035 -10.26 54.31 15.74
C GLU E 1035 -9.06 54.23 16.67
N ALA E 1036 -9.16 53.44 17.74
CA ALA E 1036 -8.02 53.23 18.62
C ALA E 1036 -6.88 52.56 17.86
N VAL E 1037 -7.21 51.57 17.02
CA VAL E 1037 -6.19 50.95 16.17
C VAL E 1037 -5.55 52.01 15.27
N ARG E 1038 -6.38 52.84 14.65
CA ARG E 1038 -5.88 53.88 13.75
C ARG E 1038 -4.97 54.85 14.47
N ALA E 1039 -5.31 55.19 15.71
CA ALA E 1039 -4.54 56.18 16.45
C ALA E 1039 -3.09 55.72 16.60
N ASN E 1040 -2.89 54.47 17.01
CA ASN E 1040 -1.53 53.96 17.14
C ASN E 1040 -0.87 53.67 15.81
N PHE E 1041 -1.66 53.37 14.77
CA PHE E 1041 -1.08 53.02 13.47
C PHE E 1041 -0.97 54.19 12.51
N GLU E 1042 -1.31 55.40 12.94
CA GLU E 1042 -1.24 56.57 12.06
C GLU E 1042 -0.60 57.80 12.69
N GLY E 1043 -0.58 57.92 14.02
CA GLY E 1043 -0.05 59.14 14.63
C GLY E 1043 1.44 59.17 14.79
N ALA E 1044 2.10 58.00 14.79
CA ALA E 1044 3.54 57.94 14.98
C ALA E 1044 4.29 58.05 13.66
N MET F 15 -53.81 -48.32 8.81
CA MET F 15 -53.79 -49.34 7.72
C MET F 15 -54.92 -49.12 6.72
N LYS F 16 -54.84 -49.83 5.60
CA LYS F 16 -55.78 -49.66 4.51
C LYS F 16 -57.00 -50.55 4.75
N ALA F 17 -58.18 -49.93 4.80
CA ALA F 17 -59.42 -50.65 4.98
C ALA F 17 -60.50 -50.02 4.10
N SER F 18 -61.34 -50.86 3.50
CA SER F 18 -62.43 -50.35 2.69
C SER F 18 -63.34 -49.46 3.53
N LEU F 19 -64.15 -48.65 2.86
CA LEU F 19 -64.98 -47.68 3.55
C LEU F 19 -66.28 -47.50 2.79
N THR F 20 -67.37 -47.35 3.54
CA THR F 20 -68.64 -46.90 2.99
C THR F 20 -69.34 -46.03 4.02
N PHE F 21 -70.25 -45.19 3.52
CA PHE F 21 -70.80 -44.10 4.31
C PHE F 21 -72.24 -44.41 4.70
N SER F 22 -72.44 -44.71 5.98
CA SER F 22 -73.78 -44.71 6.55
C SER F 22 -74.30 -43.28 6.67
N LEU F 23 -75.62 -43.16 6.79
CA LEU F 23 -76.27 -41.86 6.86
C LEU F 23 -76.98 -41.63 8.18
N SER F 24 -76.63 -42.39 9.22
CA SER F 24 -77.24 -42.22 10.52
C SER F 24 -76.75 -40.93 11.17
N GLY F 25 -77.17 -40.73 12.43
CA GLY F 25 -76.69 -39.60 13.20
C GLY F 25 -75.20 -39.42 13.08
N ILE F 26 -74.75 -38.16 13.02
CA ILE F 26 -73.34 -37.89 12.75
C ILE F 26 -72.46 -38.58 13.79
N TYR F 27 -72.87 -38.53 15.06
CA TYR F 27 -72.11 -39.15 16.14
C TYR F 27 -72.54 -40.57 16.42
N ALA F 28 -73.08 -41.27 15.43
CA ALA F 28 -73.43 -42.66 15.60
C ALA F 28 -72.16 -43.50 15.80
N PRO F 29 -72.24 -44.60 16.54
CA PRO F 29 -71.05 -45.43 16.73
C PRO F 29 -70.49 -45.92 15.41
N CYS F 30 -69.16 -45.96 15.32
CA CYS F 30 -68.49 -46.37 14.10
C CYS F 30 -68.34 -47.88 14.07
N SER F 31 -69.03 -48.54 13.14
CA SER F 31 -68.96 -49.99 13.03
C SER F 31 -67.60 -50.42 12.50
N ILE F 32 -67.05 -51.49 13.07
CA ILE F 32 -65.75 -52.02 12.66
C ILE F 32 -65.86 -53.52 12.49
N SER F 33 -65.16 -54.04 11.48
CA SER F 33 -65.07 -55.48 11.31
C SER F 33 -64.41 -56.11 12.54
N ARG F 34 -64.98 -57.22 13.00
CA ARG F 34 -64.47 -57.86 14.19
C ARG F 34 -63.03 -58.29 14.03
N ASP F 35 -62.56 -58.47 12.80
CA ASP F 35 -61.20 -58.95 12.59
C ASP F 35 -60.20 -57.99 13.20
N ILE F 36 -60.31 -56.70 12.87
CA ILE F 36 -59.33 -55.74 13.36
C ILE F 36 -59.39 -55.64 14.87
N TYR F 37 -60.60 -55.63 15.44
CA TYR F 37 -60.75 -55.64 16.89
C TYR F 37 -60.00 -56.80 17.50
N LEU F 38 -60.18 -58.01 16.96
CA LEU F 38 -59.53 -59.17 17.54
C LEU F 38 -58.02 -59.09 17.42
N GLU F 39 -57.50 -58.66 16.25
CA GLU F 39 -56.05 -58.61 16.10
C GLU F 39 -55.44 -57.57 17.03
N TYR F 40 -56.09 -56.41 17.21
CA TYR F 40 -55.49 -55.41 18.09
C TYR F 40 -56.44 -54.89 19.17
N GLY F 41 -57.73 -54.81 18.86
CA GLY F 41 -58.67 -54.30 19.84
C GLY F 41 -58.73 -55.13 21.11
N ASP F 42 -58.64 -54.48 22.27
CA ASP F 42 -58.74 -55.19 23.53
C ASP F 42 -60.04 -55.97 23.59
N LYS F 43 -59.96 -57.24 24.01
CA LYS F 43 -61.08 -58.15 23.89
C LYS F 43 -62.34 -57.62 24.56
N LYS F 44 -62.21 -56.85 25.64
CA LYS F 44 -63.37 -56.31 26.37
C LYS F 44 -63.58 -54.84 26.04
N ALA F 45 -63.33 -54.46 24.80
CA ALA F 45 -63.53 -53.07 24.36
C ALA F 45 -65.02 -52.82 24.23
N GLU F 46 -65.60 -52.10 25.19
CA GLU F 46 -67.02 -51.78 25.13
C GLU F 46 -67.29 -50.70 24.09
N CYS F 47 -66.72 -49.52 24.29
CA CYS F 47 -66.72 -48.44 23.30
C CYS F 47 -65.28 -48.29 22.85
N LEU F 48 -64.88 -49.09 21.87
CA LEU F 48 -63.51 -49.01 21.37
C LEU F 48 -63.23 -47.59 20.90
N TYR F 49 -61.96 -47.23 20.85
CA TYR F 49 -61.52 -45.96 20.31
C TYR F 49 -60.51 -46.21 19.21
N GLY F 50 -60.71 -45.58 18.06
CA GLY F 50 -59.83 -45.77 16.93
C GLY F 50 -59.55 -44.48 16.19
N THR F 51 -58.29 -44.24 15.87
CA THR F 51 -57.95 -43.07 15.08
C THR F 51 -57.85 -43.43 13.60
N ILE F 52 -58.38 -42.55 12.75
CA ILE F 52 -58.45 -42.78 11.32
C ILE F 52 -57.78 -41.62 10.60
N ARG F 53 -57.32 -41.90 9.39
CA ARG F 53 -56.77 -40.89 8.51
C ARG F 53 -57.33 -41.15 7.11
N LEU F 54 -57.52 -40.08 6.35
CA LEU F 54 -58.07 -40.16 5.02
C LEU F 54 -57.10 -39.57 4.02
N PRO F 55 -56.79 -40.25 2.92
CA PRO F 55 -55.84 -39.69 1.96
C PRO F 55 -56.32 -38.35 1.42
N GLN F 56 -55.38 -37.44 1.23
CA GLN F 56 -55.67 -36.08 0.79
C GLN F 56 -55.22 -35.89 -0.65
N TYR F 57 -56.00 -35.11 -1.40
CA TYR F 57 -55.69 -34.81 -2.79
C TYR F 57 -54.54 -33.81 -2.81
N GLY F 58 -53.35 -34.33 -2.53
CA GLY F 58 -52.15 -33.52 -2.48
C GLY F 58 -51.08 -34.17 -1.63
N PRO F 59 -49.91 -33.52 -1.55
CA PRO F 59 -48.83 -34.09 -0.73
C PRO F 59 -49.20 -34.24 0.73
N GLY F 60 -50.09 -33.40 1.24
CA GLY F 60 -50.48 -33.47 2.64
C GLY F 60 -51.37 -34.67 2.92
N CYS F 61 -51.77 -34.79 4.19
CA CYS F 61 -52.67 -35.83 4.65
C CYS F 61 -53.55 -35.27 5.74
N THR F 62 -54.82 -35.68 5.74
CA THR F 62 -55.76 -35.15 6.72
C THR F 62 -55.34 -35.57 8.12
N PRO F 63 -55.57 -34.71 9.12
CA PRO F 63 -55.16 -35.07 10.49
C PRO F 63 -55.97 -36.22 11.03
N GLY F 64 -55.33 -37.01 11.89
CA GLY F 64 -55.97 -38.16 12.50
C GLY F 64 -57.17 -37.78 13.35
N LYS F 65 -58.28 -38.48 13.14
CA LYS F 65 -59.50 -38.25 13.90
C LYS F 65 -59.82 -39.49 14.72
N ILE F 66 -59.98 -39.32 16.03
CA ILE F 66 -60.26 -40.41 16.95
C ILE F 66 -61.77 -40.52 17.12
N VAL F 67 -62.30 -41.74 16.98
CA VAL F 67 -63.74 -41.96 17.00
C VAL F 67 -64.06 -43.16 17.87
N HIS F 68 -65.31 -43.17 18.35
CA HIS F 68 -65.84 -44.29 19.12
C HIS F 68 -66.36 -45.36 18.18
N CYS F 69 -65.94 -46.60 18.41
CA CYS F 69 -66.15 -47.71 17.52
C CYS F 69 -66.78 -48.88 18.26
N VAL F 70 -67.62 -49.63 17.53
CA VAL F 70 -68.28 -50.82 18.04
C VAL F 70 -68.12 -51.95 17.02
N LEU F 71 -68.15 -53.17 17.53
CA LEU F 71 -67.84 -54.34 16.73
C LEU F 71 -68.98 -54.69 15.79
N ASP F 72 -68.61 -55.15 14.58
CA ASP F 72 -69.58 -55.74 13.67
C ASP F 72 -68.80 -56.63 12.70
N ASP F 73 -68.82 -57.94 12.96
CA ASP F 73 -68.12 -58.88 12.09
C ASP F 73 -68.74 -58.94 10.71
N SER F 74 -70.00 -58.51 10.55
CA SER F 74 -70.63 -58.52 9.24
C SER F 74 -69.80 -57.76 8.23
N LEU F 75 -69.11 -56.72 8.65
CA LEU F 75 -68.22 -56.00 7.74
C LEU F 75 -67.14 -56.96 7.25
N PRO F 76 -66.94 -57.08 5.94
CA PRO F 76 -65.97 -58.06 5.43
C PRO F 76 -64.57 -57.82 5.99
N PHE F 77 -63.67 -58.74 5.65
CA PHE F 77 -62.30 -58.67 6.14
C PHE F 77 -61.73 -57.27 5.96
N CYS F 78 -61.40 -56.64 7.08
CA CYS F 78 -60.81 -55.30 7.08
C CYS F 78 -61.78 -54.28 6.47
N SER F 79 -63.05 -54.38 6.85
CA SER F 79 -64.09 -53.49 6.37
C SER F 79 -64.56 -52.59 7.51
N ILE F 80 -64.76 -51.31 7.20
CA ILE F 80 -65.22 -50.33 8.16
C ILE F 80 -66.33 -49.50 7.51
N VAL F 81 -67.20 -48.95 8.35
CA VAL F 81 -68.31 -48.10 7.91
C VAL F 81 -68.32 -46.85 8.77
N VAL F 82 -68.53 -45.70 8.14
CA VAL F 82 -68.51 -44.44 8.89
C VAL F 82 -69.60 -43.52 8.38
N PRO F 83 -70.04 -42.57 9.20
CA PRO F 83 -70.98 -41.56 8.70
C PRO F 83 -70.29 -40.53 7.83
N SER F 84 -71.00 -40.10 6.78
CA SER F 84 -70.48 -39.04 5.92
C SER F 84 -70.63 -37.67 6.56
N LYS F 85 -71.69 -37.45 7.34
CA LYS F 85 -71.84 -36.18 8.03
C LYS F 85 -70.69 -35.91 8.99
N LEU F 86 -70.02 -36.97 9.44
CA LEU F 86 -68.86 -36.79 10.31
C LEU F 86 -67.84 -35.85 9.67
N PHE F 87 -67.52 -36.09 8.39
CA PHE F 87 -66.71 -35.17 7.61
C PHE F 87 -67.52 -34.04 7.00
N GLY F 88 -68.85 -34.13 7.02
CA GLY F 88 -69.68 -33.04 6.56
C GLY F 88 -69.95 -33.04 5.07
N PHE F 89 -70.52 -34.13 4.56
CA PHE F 89 -70.88 -34.20 3.14
C PHE F 89 -71.67 -35.48 2.92
N MET F 90 -72.41 -35.52 1.80
CA MET F 90 -73.16 -36.72 1.43
C MET F 90 -72.56 -37.34 0.17
N PRO F 91 -72.47 -38.67 0.10
CA PRO F 91 -71.85 -39.34 -1.07
C PRO F 91 -72.83 -39.70 -2.18
N THR F 92 -73.30 -38.70 -2.94
CA THR F 92 -74.10 -39.00 -4.12
C THR F 92 -73.28 -39.82 -5.12
N GLN F 93 -72.23 -39.21 -5.65
CA GLN F 93 -71.28 -39.93 -6.50
C GLN F 93 -70.38 -40.81 -5.63
N PRO F 94 -69.69 -41.78 -6.23
CA PRO F 94 -68.80 -42.63 -5.45
C PRO F 94 -67.75 -41.81 -4.71
N THR F 95 -67.41 -42.27 -3.51
CA THR F 95 -66.48 -41.60 -2.63
C THR F 95 -65.18 -42.40 -2.54
N MET F 96 -64.28 -41.93 -1.67
CA MET F 96 -62.97 -42.57 -1.54
C MET F 96 -63.16 -44.00 -1.05
N ASP F 97 -62.43 -44.93 -1.68
CA ASP F 97 -62.64 -46.35 -1.42
C ASP F 97 -62.21 -46.73 -0.01
N PHE F 98 -61.02 -46.32 0.41
CA PHE F 98 -60.44 -46.76 1.66
C PHE F 98 -60.23 -45.59 2.60
N CYS F 99 -59.81 -45.91 3.83
CA CYS F 99 -59.46 -44.92 4.83
C CYS F 99 -58.36 -45.48 5.71
N TYR F 100 -57.22 -44.80 5.74
CA TYR F 100 -56.16 -45.15 6.69
C TYR F 100 -56.76 -45.26 8.09
N PHE F 101 -56.72 -46.47 8.66
CA PHE F 101 -57.33 -46.75 9.95
C PHE F 101 -56.27 -47.25 10.92
N GLU F 102 -56.31 -46.73 12.14
CA GLU F 102 -55.42 -47.17 13.21
C GLU F 102 -56.20 -47.23 14.51
N PRO F 103 -56.48 -48.42 15.06
CA PRO F 103 -57.20 -48.49 16.34
C PRO F 103 -56.26 -48.27 17.52
N ILE F 104 -56.41 -47.13 18.19
CA ILE F 104 -55.62 -46.87 19.38
C ILE F 104 -55.98 -47.89 20.45
N LEU F 105 -54.97 -48.34 21.19
CA LEU F 105 -55.13 -49.35 22.22
C LEU F 105 -55.11 -48.72 23.60
N ASP F 106 -55.47 -49.54 24.59
CA ASP F 106 -55.56 -49.20 26.02
C ASP F 106 -56.53 -48.05 26.30
N ASN F 107 -57.28 -47.60 25.30
CA ASN F 107 -58.32 -46.59 25.48
C ASN F 107 -57.82 -45.43 26.34
N VAL F 108 -56.79 -44.74 25.84
CA VAL F 108 -56.23 -43.57 26.49
C VAL F 108 -56.83 -42.35 25.80
N VAL F 109 -57.91 -41.82 26.37
CA VAL F 109 -58.64 -40.71 25.77
C VAL F 109 -58.62 -39.52 26.72
N PRO F 110 -58.45 -38.29 26.22
CA PRO F 110 -58.62 -37.11 27.08
C PRO F 110 -60.10 -36.73 27.17
N VAL F 111 -60.38 -35.85 28.13
CA VAL F 111 -61.71 -35.32 28.36
C VAL F 111 -61.66 -33.81 28.21
N LEU F 112 -62.67 -33.24 27.58
CA LEU F 112 -62.71 -31.81 27.28
C LEU F 112 -63.37 -31.06 28.43
N ASP F 113 -62.58 -30.30 29.17
CA ASP F 113 -63.11 -29.51 30.28
C ASP F 113 -64.05 -28.41 29.81
N SER F 114 -64.00 -28.03 28.53
CA SER F 114 -64.90 -27.03 27.99
C SER F 114 -65.08 -27.30 26.51
N VAL F 115 -66.16 -26.75 25.94
CA VAL F 115 -66.50 -26.97 24.55
C VAL F 115 -67.42 -25.86 24.10
N THR F 116 -67.47 -25.62 22.80
CA THR F 116 -68.28 -24.58 22.18
C THR F 116 -69.44 -25.22 21.42
N PHE F 117 -70.48 -24.43 21.20
CA PHE F 117 -71.63 -24.93 20.43
C PHE F 117 -72.46 -23.74 19.96
N LEU F 118 -72.53 -23.54 18.65
CA LEU F 118 -73.37 -22.49 18.08
C LEU F 118 -74.80 -22.98 17.94
N ILE F 119 -75.75 -22.07 18.20
CA ILE F 119 -77.17 -22.35 18.03
C ILE F 119 -77.79 -21.21 17.24
N ASN F 120 -78.59 -21.55 16.24
CA ASN F 120 -79.31 -20.54 15.47
C ASN F 120 -80.19 -19.72 16.40
N GLU F 121 -80.32 -18.43 16.13
CA GLU F 121 -81.08 -17.55 17.00
C GLU F 121 -82.48 -18.10 17.26
N GLN F 122 -83.16 -18.54 16.19
CA GLN F 122 -84.48 -19.13 16.36
C GLN F 122 -84.43 -20.36 17.26
N LEU F 123 -83.55 -21.31 16.94
CA LEU F 123 -83.39 -22.48 17.79
C LEU F 123 -82.86 -22.07 19.16
N TYR F 124 -81.97 -21.08 19.19
CA TYR F 124 -81.41 -20.59 20.44
C TYR F 124 -82.49 -20.13 21.40
N SER F 125 -83.56 -19.53 20.88
CA SER F 125 -84.62 -19.00 21.72
C SER F 125 -85.80 -19.96 21.93
N LYS F 126 -86.04 -20.89 21.00
CA LYS F 126 -87.26 -21.69 21.05
C LYS F 126 -87.09 -22.99 21.82
N LEU F 127 -86.20 -23.88 21.36
CA LEU F 127 -86.17 -25.23 21.90
C LEU F 127 -85.89 -25.21 23.40
N MET F 128 -84.83 -24.53 23.83
CA MET F 128 -84.57 -24.38 25.25
C MET F 128 -85.29 -23.11 25.68
N ASP F 129 -86.31 -23.27 26.51
CA ASP F 129 -87.05 -22.14 27.07
C ASP F 129 -87.33 -22.43 28.54
N LEU F 130 -86.33 -22.96 29.23
CA LEU F 130 -86.48 -23.51 30.56
C LEU F 130 -85.49 -22.88 31.51
N PRO F 131 -85.84 -22.78 32.80
CA PRO F 131 -84.88 -22.25 33.79
C PRO F 131 -83.96 -23.28 34.41
N GLN F 132 -84.16 -24.57 34.12
CA GLN F 132 -83.35 -25.63 34.71
C GLN F 132 -82.26 -26.07 33.74
N GLU F 133 -81.02 -26.11 34.22
CA GLU F 133 -79.89 -26.44 33.35
C GLU F 133 -79.99 -27.87 32.82
N MET F 134 -80.34 -28.82 33.70
CA MET F 134 -80.28 -30.23 33.31
C MET F 134 -81.21 -30.55 32.14
N GLN F 135 -82.39 -29.94 32.11
CA GLN F 135 -83.33 -30.24 31.02
C GLN F 135 -82.76 -29.84 29.67
N GLN F 136 -81.97 -28.77 29.63
CA GLN F 136 -81.36 -28.36 28.37
C GLN F 136 -80.44 -29.44 27.81
N ILE F 137 -79.52 -29.94 28.64
CA ILE F 137 -78.64 -31.02 28.18
C ILE F 137 -79.47 -32.27 27.89
N GLN F 138 -80.59 -32.45 28.59
CA GLN F 138 -81.43 -33.61 28.31
C GLN F 138 -81.99 -33.54 26.89
N PHE F 139 -82.52 -32.38 26.49
CA PHE F 139 -82.96 -32.23 25.11
C PHE F 139 -81.78 -32.40 24.14
N LEU F 140 -80.62 -31.85 24.50
CA LEU F 140 -79.45 -31.98 23.63
C LEU F 140 -79.14 -33.45 23.38
N HIS F 141 -79.07 -34.25 24.44
CA HIS F 141 -78.76 -35.67 24.28
C HIS F 141 -79.86 -36.40 23.53
N TYR F 142 -81.13 -36.05 23.79
CA TYR F 142 -82.22 -36.73 23.12
C TYR F 142 -82.19 -36.46 21.61
N LYS F 143 -81.89 -35.22 21.21
CA LYS F 143 -81.82 -34.88 19.80
C LYS F 143 -80.47 -35.20 19.17
N TYR F 144 -79.48 -35.60 19.97
CA TYR F 144 -78.16 -35.93 19.46
C TYR F 144 -77.71 -37.34 19.80
N ASN F 145 -78.22 -37.95 20.86
CA ASN F 145 -77.81 -39.28 21.28
C ASN F 145 -76.33 -39.29 21.67
N ILE F 146 -75.94 -38.32 22.50
CA ILE F 146 -74.57 -38.17 22.97
C ILE F 146 -74.60 -38.27 24.49
N ASN F 147 -73.59 -38.94 25.05
CA ASN F 147 -73.57 -39.25 26.47
C ASN F 147 -72.22 -38.90 27.09
N SER F 148 -72.27 -38.47 28.35
CA SER F 148 -71.06 -38.15 29.09
C SER F 148 -70.19 -39.38 29.30
N MET F 149 -68.88 -39.19 29.18
CA MET F 149 -67.86 -40.22 29.38
C MET F 149 -67.91 -41.32 28.34
N GLU F 150 -68.79 -41.23 27.34
CA GLU F 150 -68.86 -42.21 26.26
C GLU F 150 -68.57 -41.60 24.90
N THR F 151 -69.23 -40.49 24.55
CA THR F 151 -69.04 -39.84 23.27
C THR F 151 -67.80 -38.96 23.29
N VAL F 152 -67.16 -38.84 22.13
CA VAL F 152 -66.02 -37.96 21.95
C VAL F 152 -66.36 -36.99 20.82
N VAL F 153 -66.15 -35.71 21.06
CA VAL F 153 -66.50 -34.67 20.11
C VAL F 153 -65.23 -33.98 19.64
N HIS F 154 -65.28 -33.37 18.46
CA HIS F 154 -64.17 -32.61 17.89
C HIS F 154 -64.59 -31.16 17.70
N SER F 155 -63.59 -30.32 17.42
CA SER F 155 -63.87 -28.93 17.10
C SER F 155 -64.32 -28.80 15.64
N ARG F 156 -65.08 -27.74 15.39
CA ARG F 156 -65.59 -27.46 14.04
C ARG F 156 -66.43 -28.64 13.52
N ASP F 157 -67.34 -29.11 14.36
CA ASP F 157 -68.23 -30.22 14.02
C ASP F 157 -69.66 -29.69 13.85
N ILE F 158 -70.29 -30.07 12.74
CA ILE F 158 -71.67 -29.69 12.46
C ILE F 158 -72.55 -30.91 12.66
N LEU F 159 -73.60 -30.77 13.47
CA LEU F 159 -74.58 -31.82 13.67
C LEU F 159 -75.83 -31.58 12.84
N THR F 160 -76.46 -30.43 13.00
CA THR F 160 -77.64 -30.05 12.24
C THR F 160 -77.22 -29.32 10.97
N SER F 161 -78.03 -29.46 9.92
CA SER F 161 -77.73 -28.88 8.61
C SER F 161 -77.97 -27.38 8.69
N GLY F 162 -76.93 -26.64 9.09
CA GLY F 162 -77.02 -25.20 9.13
C GLY F 162 -77.64 -24.62 10.37
N LEU F 163 -77.66 -25.37 11.48
CA LEU F 163 -78.22 -24.86 12.73
C LEU F 163 -77.38 -25.21 13.95
N CYS F 164 -76.29 -25.97 13.80
CA CYS F 164 -75.46 -26.34 14.92
C CYS F 164 -74.01 -26.42 14.46
N GLN F 165 -73.09 -26.31 15.42
CA GLN F 165 -71.67 -26.30 15.10
C GLN F 165 -70.87 -26.35 16.39
N ILE F 166 -69.60 -26.73 16.26
CA ILE F 166 -68.64 -26.67 17.36
C ILE F 166 -67.49 -25.76 16.91
N LEU F 167 -66.81 -25.16 17.89
CA LEU F 167 -65.71 -24.24 17.61
C LEU F 167 -64.39 -24.72 18.18
N ASN F 168 -64.34 -25.02 19.48
CA ASN F 168 -63.12 -25.49 20.11
C ASN F 168 -63.48 -26.29 21.34
N CYS F 169 -62.50 -27.05 21.84
CA CYS F 169 -62.70 -27.94 22.98
C CYS F 169 -61.55 -27.82 23.97
N SER F 170 -61.16 -26.59 24.28
CA SER F 170 -60.15 -26.27 25.29
C SER F 170 -58.89 -27.12 25.10
N PRO F 171 -58.48 -27.98 26.04
CA PRO F 171 -57.08 -28.44 26.01
C PRO F 171 -56.70 -29.12 24.71
N PHE F 172 -57.64 -29.81 24.07
CA PHE F 172 -57.40 -30.51 22.81
C PHE F 172 -58.57 -30.21 21.87
N PRO F 173 -58.34 -30.31 20.55
CA PRO F 173 -59.42 -30.03 19.61
C PRO F 173 -60.48 -31.13 19.58
N GLN F 174 -60.28 -32.17 20.37
CA GLN F 174 -61.31 -33.21 20.52
C GLN F 174 -61.07 -33.96 21.82
N GLY F 175 -62.10 -34.67 22.25
CA GLY F 175 -61.98 -35.48 23.45
C GLY F 175 -63.34 -35.90 23.97
N LEU F 176 -63.30 -36.52 25.16
CA LEU F 176 -64.47 -37.11 25.76
C LEU F 176 -65.45 -36.03 26.22
N VAL F 177 -66.67 -36.46 26.52
CA VAL F 177 -67.77 -35.57 26.88
C VAL F 177 -68.14 -35.80 28.34
N ASP F 178 -68.40 -34.70 29.05
CA ASP F 178 -68.82 -34.79 30.45
C ASP F 178 -69.78 -33.63 30.71
N PHE F 179 -71.08 -33.90 30.58
CA PHE F 179 -72.08 -32.83 30.60
C PHE F 179 -71.98 -32.02 31.88
N THR F 180 -72.00 -32.68 33.04
CA THR F 180 -72.08 -31.97 34.31
C THR F 180 -70.77 -31.30 34.66
N GLU F 181 -69.64 -32.00 34.46
CA GLU F 181 -68.36 -31.52 34.95
C GLU F 181 -67.59 -30.67 33.94
N THR F 182 -67.81 -30.87 32.64
CA THR F 182 -67.14 -30.04 31.65
C THR F 182 -67.68 -28.62 31.72
N GLN F 183 -66.79 -27.63 31.63
CA GLN F 183 -67.21 -26.24 31.53
C GLN F 183 -67.67 -25.93 30.09
N LEU F 184 -68.73 -26.63 29.69
CA LEU F 184 -69.29 -26.42 28.37
C LEU F 184 -69.74 -24.97 28.22
N ILE F 185 -69.51 -24.40 27.04
CA ILE F 185 -69.89 -23.03 26.74
C ILE F 185 -71.20 -23.06 25.95
N LEU F 186 -72.17 -22.29 26.41
CA LEU F 186 -73.51 -22.28 25.82
C LEU F 186 -73.69 -20.92 25.17
N VAL F 187 -73.62 -20.88 23.84
CA VAL F 187 -73.43 -19.63 23.10
C VAL F 187 -74.44 -19.54 21.96
N ASN F 188 -74.65 -18.32 21.49
CA ASN F 188 -75.64 -18.01 20.47
C ASN F 188 -75.00 -17.90 19.09
N ASP F 189 -75.85 -17.78 18.08
CA ASP F 189 -75.47 -17.34 16.74
C ASP F 189 -76.51 -16.31 16.31
N THR F 190 -76.27 -15.05 16.67
CA THR F 190 -77.14 -13.95 16.24
C THR F 190 -76.73 -13.39 14.88
N GLU F 191 -75.59 -13.81 14.35
CA GLU F 191 -75.08 -13.31 13.08
C GLU F 191 -75.61 -14.10 11.88
N GLN F 192 -76.45 -15.11 12.12
CA GLN F 192 -77.05 -15.91 11.05
C GLN F 192 -75.98 -16.61 10.21
N LYS F 193 -74.86 -16.96 10.83
CA LYS F 193 -73.82 -17.70 10.12
C LYS F 193 -74.21 -19.16 9.93
N LEU F 194 -74.97 -19.72 10.88
CA LEU F 194 -75.41 -21.11 10.75
C LEU F 194 -76.26 -21.30 9.50
N SER F 195 -77.01 -20.27 9.08
CA SER F 195 -77.88 -20.40 7.93
C SER F 195 -77.10 -20.80 6.68
N ALA F 196 -75.98 -20.13 6.44
CA ALA F 196 -75.17 -20.44 5.26
C ALA F 196 -74.45 -21.76 5.40
N LEU F 197 -74.05 -22.14 6.61
CA LEU F 197 -73.28 -23.37 6.80
C LEU F 197 -74.06 -24.58 6.30
N LYS F 198 -73.40 -25.39 5.48
CA LYS F 198 -74.02 -26.58 4.91
C LYS F 198 -72.94 -27.60 4.59
N TYR F 199 -73.35 -28.85 4.42
CA TYR F 199 -72.41 -29.90 4.07
C TYR F 199 -72.16 -29.91 2.57
N ALA F 200 -70.95 -30.33 2.19
CA ALA F 200 -70.60 -30.44 0.78
C ALA F 200 -71.54 -31.40 0.08
N ASN F 201 -71.99 -31.03 -1.12
CA ASN F 201 -72.95 -31.77 -1.91
C ASN F 201 -74.35 -31.75 -1.31
N GLU F 202 -74.57 -30.99 -0.24
CA GLU F 202 -75.86 -30.95 0.43
C GLU F 202 -76.68 -29.72 0.07
N ASP F 203 -76.05 -28.64 -0.41
CA ASP F 203 -76.81 -27.46 -0.80
C ASP F 203 -77.92 -27.80 -1.78
N GLU F 204 -77.65 -28.77 -2.66
CA GLU F 204 -78.59 -29.15 -3.71
C GLU F 204 -79.12 -30.55 -3.44
N GLU F 205 -80.43 -30.69 -3.40
CA GLU F 205 -81.06 -32.00 -3.46
C GLU F 205 -81.19 -32.39 -4.92
N TYR F 206 -80.54 -33.49 -5.30
CA TYR F 206 -80.43 -33.86 -6.70
C TYR F 206 -81.78 -34.31 -7.22
N ALA F 207 -82.53 -33.36 -7.80
CA ALA F 207 -83.83 -33.64 -8.40
C ALA F 207 -83.62 -33.79 -9.90
N LEU F 208 -83.15 -34.98 -10.30
CA LEU F 208 -82.92 -35.30 -11.69
C LEU F 208 -82.03 -34.26 -12.36
N PRO F 209 -80.74 -34.24 -12.05
CA PRO F 209 -79.83 -33.34 -12.77
C PRO F 209 -79.85 -33.65 -14.27
N LYS F 210 -79.64 -32.60 -15.06
CA LYS F 210 -79.87 -32.69 -16.50
C LYS F 210 -79.10 -33.85 -17.11
N ILE F 211 -79.76 -34.60 -17.98
CA ILE F 211 -79.17 -35.72 -18.71
C ILE F 211 -79.38 -35.46 -20.20
N GLY F 212 -78.33 -35.65 -20.98
CA GLY F 212 -78.41 -35.43 -22.41
C GLY F 212 -77.33 -36.18 -23.15
N THR F 213 -77.42 -36.14 -24.48
CA THR F 213 -76.46 -36.78 -25.36
C THR F 213 -75.71 -35.76 -26.21
N ASN F 214 -75.49 -34.57 -25.67
CA ASN F 214 -74.79 -33.53 -26.40
C ASN F 214 -73.41 -34.03 -26.83
N SER F 215 -72.87 -33.39 -27.87
CA SER F 215 -71.57 -33.76 -28.43
C SER F 215 -70.43 -33.00 -27.78
N ALA F 216 -70.60 -31.71 -27.50
CA ALA F 216 -69.54 -30.91 -26.91
C ALA F 216 -70.13 -29.87 -25.98
N LEU F 217 -69.30 -29.39 -25.07
CA LEU F 217 -69.72 -28.40 -24.08
C LEU F 217 -68.60 -27.39 -23.89
N SER F 218 -68.96 -26.23 -23.31
CA SER F 218 -68.01 -25.17 -23.03
C SER F 218 -67.81 -25.06 -21.53
N ILE F 219 -66.59 -25.34 -21.06
CA ILE F 219 -66.26 -25.28 -19.65
C ILE F 219 -64.90 -24.62 -19.49
N ASP F 220 -64.66 -24.11 -18.28
CA ASP F 220 -63.36 -23.51 -18.00
C ASP F 220 -62.26 -24.57 -18.03
N LEU F 221 -61.02 -24.11 -17.96
CA LEU F 221 -59.85 -24.97 -17.83
C LEU F 221 -59.07 -24.54 -16.60
N GLU F 222 -58.60 -25.51 -15.82
CA GLU F 222 -57.86 -25.22 -14.60
C GLU F 222 -56.70 -26.18 -14.48
N SER F 223 -55.54 -25.66 -14.08
CA SER F 223 -54.39 -26.50 -13.82
C SER F 223 -54.59 -27.31 -12.54
N LEU F 224 -54.04 -28.51 -12.50
CA LEU F 224 -54.11 -29.32 -11.30
C LEU F 224 -53.27 -28.69 -10.19
N PRO F 225 -53.81 -28.51 -8.99
CA PRO F 225 -53.01 -27.86 -7.94
C PRO F 225 -51.83 -28.68 -7.49
N CYS F 226 -52.03 -29.98 -7.24
CA CYS F 226 -50.97 -30.82 -6.70
C CYS F 226 -51.15 -32.24 -7.23
N THR F 227 -50.09 -33.03 -7.11
CA THR F 227 -50.12 -34.40 -7.60
C THR F 227 -51.24 -35.18 -6.94
N ILE F 228 -51.70 -36.22 -7.64
CA ILE F 228 -52.69 -37.15 -7.14
C ILE F 228 -52.13 -38.55 -7.30
N SER F 229 -52.03 -39.29 -6.20
CA SER F 229 -51.42 -40.60 -6.24
C SER F 229 -52.30 -41.58 -7.00
N ARG F 230 -51.65 -42.54 -7.67
CA ARG F 230 -52.36 -43.47 -8.53
C ARG F 230 -53.40 -44.28 -7.76
N ASP F 231 -53.12 -44.59 -6.49
CA ASP F 231 -54.02 -45.46 -5.73
C ASP F 231 -55.42 -44.88 -5.61
N LEU F 232 -55.61 -43.59 -5.85
CA LEU F 232 -56.90 -42.94 -5.77
C LEU F 232 -57.58 -42.84 -7.14
N LEU F 233 -57.25 -43.75 -8.05
CA LEU F 233 -57.81 -43.75 -9.40
C LEU F 233 -58.88 -44.83 -9.47
N ARG F 234 -60.13 -44.41 -9.59
CA ARG F 234 -61.26 -45.32 -9.72
C ARG F 234 -61.81 -45.24 -11.14
N PRO F 235 -61.64 -46.28 -11.98
CA PRO F 235 -60.94 -47.54 -11.74
C PRO F 235 -59.43 -47.37 -11.78
N ALA F 236 -58.67 -48.27 -11.16
CA ALA F 236 -57.23 -48.17 -11.21
C ALA F 236 -56.74 -48.43 -12.64
N PRO F 237 -55.63 -47.81 -13.03
CA PRO F 237 -55.12 -47.98 -14.40
C PRO F 237 -54.15 -49.15 -14.50
N HIS F 238 -53.87 -49.54 -15.73
CA HIS F 238 -52.87 -50.57 -15.99
C HIS F 238 -51.47 -50.02 -15.69
N ILE F 239 -50.54 -50.94 -15.43
CA ILE F 239 -49.23 -50.53 -14.92
C ILE F 239 -48.52 -49.61 -15.90
N ASN F 240 -48.58 -49.95 -17.20
CA ASN F 240 -47.77 -49.26 -18.20
C ASN F 240 -48.45 -48.02 -18.78
N ASP F 241 -49.64 -47.65 -18.33
CA ASP F 241 -50.32 -46.49 -18.89
C ASP F 241 -49.53 -45.21 -18.60
N ASP F 242 -49.55 -44.30 -19.57
CA ASP F 242 -48.92 -43.00 -19.37
C ASP F 242 -49.58 -42.27 -18.21
N ASN F 243 -48.77 -41.74 -17.31
CA ASN F 243 -49.27 -41.07 -16.11
C ASN F 243 -49.74 -39.66 -16.37
N SER F 244 -49.16 -38.97 -17.36
CA SER F 244 -49.32 -37.53 -17.53
C SER F 244 -50.48 -37.15 -18.44
N ILE F 245 -51.51 -37.99 -18.55
CA ILE F 245 -52.63 -37.71 -19.44
C ILE F 245 -53.94 -37.77 -18.67
N TYR F 246 -53.91 -37.42 -17.39
CA TYR F 246 -55.07 -37.54 -16.52
C TYR F 246 -55.66 -36.16 -16.20
N ALA F 247 -56.99 -36.09 -16.26
CA ALA F 247 -57.74 -34.90 -15.88
C ALA F 247 -59.01 -35.33 -15.17
N PHE F 248 -59.59 -34.43 -14.38
CA PHE F 248 -60.71 -34.78 -13.52
C PHE F 248 -61.74 -33.67 -13.48
N THR F 249 -62.97 -34.05 -13.19
CA THR F 249 -64.08 -33.10 -13.02
C THR F 249 -65.01 -33.63 -11.94
N ASP F 250 -66.09 -32.88 -11.70
CA ASP F 250 -67.17 -33.37 -10.85
C ASP F 250 -67.91 -34.49 -11.56
N ALA F 251 -68.50 -35.39 -10.77
CA ALA F 251 -69.23 -36.52 -11.36
C ALA F 251 -70.31 -36.02 -12.31
N GLU F 252 -71.12 -35.07 -11.87
CA GLU F 252 -72.25 -34.62 -12.70
C GLU F 252 -71.81 -34.25 -14.10
N THR F 253 -70.64 -33.62 -14.23
CA THR F 253 -70.10 -33.33 -15.55
C THR F 253 -69.92 -34.61 -16.35
N LEU F 254 -69.30 -35.63 -15.74
CA LEU F 254 -69.08 -36.88 -16.45
C LEU F 254 -70.40 -37.51 -16.88
N LEU F 255 -71.38 -37.55 -15.97
CA LEU F 255 -72.69 -38.09 -16.34
C LEU F 255 -73.32 -37.30 -17.47
N ARG F 256 -73.06 -35.99 -17.53
CA ARG F 256 -73.49 -35.23 -18.70
C ARG F 256 -72.78 -35.72 -19.96
N LEU F 257 -71.48 -35.97 -19.86
CA LEU F 257 -70.77 -36.61 -20.97
C LEU F 257 -71.11 -38.08 -21.12
N ASP F 258 -71.65 -38.71 -20.07
CA ASP F 258 -71.98 -40.13 -20.09
C ASP F 258 -70.75 -40.97 -20.46
N VAL F 259 -69.72 -40.87 -19.62
CA VAL F 259 -68.47 -41.58 -19.82
C VAL F 259 -68.06 -42.23 -18.50
N THR F 260 -66.98 -43.00 -18.55
CA THR F 260 -66.45 -43.71 -17.40
C THR F 260 -65.05 -43.21 -17.09
N SER F 261 -64.70 -43.23 -15.81
CA SER F 261 -63.36 -42.85 -15.41
C SER F 261 -62.35 -43.73 -16.14
N GLY F 262 -61.33 -43.09 -16.72
CA GLY F 262 -60.39 -43.74 -17.61
C GLY F 262 -60.71 -43.57 -19.06
N SER F 263 -61.92 -43.11 -19.38
CA SER F 263 -62.29 -42.86 -20.77
C SER F 263 -61.40 -41.77 -21.37
N PHE F 264 -61.38 -41.73 -22.70
CA PHE F 264 -60.60 -40.75 -23.43
C PHE F 264 -61.54 -39.68 -23.93
N ILE F 265 -61.08 -38.42 -23.91
CA ILE F 265 -61.91 -37.30 -24.34
C ILE F 265 -61.02 -36.29 -25.06
N THR F 266 -61.61 -35.57 -26.00
CA THR F 266 -60.92 -34.54 -26.78
C THR F 266 -61.20 -33.17 -26.16
N VAL F 267 -60.17 -32.33 -26.13
CA VAL F 267 -60.28 -30.94 -25.69
C VAL F 267 -59.75 -30.06 -26.81
N SER F 268 -60.56 -29.12 -27.28
CA SER F 268 -60.20 -28.34 -28.45
C SER F 268 -60.30 -26.85 -28.15
N ASN F 269 -59.56 -26.07 -28.94
CA ASN F 269 -59.54 -24.62 -28.81
C ASN F 269 -59.10 -24.04 -30.16
N MET F 270 -60.05 -23.44 -30.87
CA MET F 270 -59.79 -22.78 -32.15
C MET F 270 -58.74 -23.53 -32.97
N GLY F 271 -58.93 -24.84 -33.08
CA GLY F 271 -58.09 -25.65 -33.94
C GLY F 271 -57.13 -26.57 -33.20
N CYS F 272 -56.49 -26.06 -32.14
CA CYS F 272 -55.55 -26.87 -31.37
C CYS F 272 -56.34 -27.84 -30.49
N VAL F 273 -56.16 -29.14 -30.72
CA VAL F 273 -56.92 -30.16 -30.02
C VAL F 273 -55.97 -31.18 -29.42
N ARG F 274 -56.42 -31.81 -28.34
CA ARG F 274 -55.62 -32.79 -27.61
C ARG F 274 -56.56 -33.83 -27.04
N LEU F 275 -55.98 -34.96 -26.62
CA LEU F 275 -56.72 -36.00 -25.92
C LEU F 275 -56.35 -35.99 -24.45
N VAL F 276 -57.19 -36.63 -23.64
CA VAL F 276 -56.91 -36.75 -22.22
C VAL F 276 -57.76 -37.85 -21.62
N LYS F 277 -57.16 -38.59 -20.69
CA LYS F 277 -57.90 -39.52 -19.86
C LYS F 277 -58.66 -38.74 -18.80
N LEU F 278 -59.86 -39.19 -18.45
CA LEU F 278 -60.67 -38.52 -17.44
C LEU F 278 -60.98 -39.50 -16.32
N PHE F 279 -60.71 -39.08 -15.09
CA PHE F 279 -61.11 -39.78 -13.88
C PHE F 279 -61.91 -38.83 -13.00
N VAL F 280 -62.47 -39.34 -11.92
CA VAL F 280 -63.39 -38.58 -11.09
C VAL F 280 -62.76 -38.34 -9.72
N LEU F 281 -62.94 -37.14 -9.18
CA LEU F 281 -62.53 -36.83 -7.82
C LEU F 281 -63.48 -37.50 -6.85
N LEU F 282 -62.92 -38.14 -5.82
CA LEU F 282 -63.71 -38.87 -4.83
C LEU F 282 -63.86 -38.00 -3.60
N LEU F 283 -65.12 -37.77 -3.20
CA LEU F 283 -65.40 -36.82 -2.14
C LEU F 283 -64.93 -37.35 -0.79
N PRO F 284 -64.72 -36.46 0.19
CA PRO F 284 -64.88 -34.99 0.12
C PRO F 284 -63.64 -34.30 -0.42
N ASN F 285 -63.82 -33.14 -1.05
CA ASN F 285 -62.71 -32.33 -1.54
C ASN F 285 -63.24 -30.98 -1.96
N GLY F 286 -62.47 -29.93 -1.70
CA GLY F 286 -62.90 -28.57 -1.96
C GLY F 286 -62.74 -28.10 -3.38
N PHE F 287 -62.36 -28.98 -4.31
CA PHE F 287 -62.15 -28.56 -5.68
C PHE F 287 -63.45 -28.06 -6.29
N LYS F 288 -63.36 -26.97 -7.05
CA LYS F 288 -64.54 -26.31 -7.58
C LYS F 288 -65.30 -27.23 -8.53
N LYS F 289 -66.62 -27.11 -8.50
CA LYS F 289 -67.50 -27.87 -9.37
C LYS F 289 -67.48 -27.30 -10.79
N ARG F 290 -68.03 -28.08 -11.72
CA ARG F 290 -68.15 -27.65 -13.11
C ARG F 290 -66.80 -27.23 -13.68
N THR F 291 -65.74 -27.97 -13.32
CA THR F 291 -64.39 -27.60 -13.69
C THR F 291 -63.63 -28.83 -14.18
N ILE F 292 -62.70 -28.59 -15.08
CA ILE F 292 -61.75 -29.60 -15.54
C ILE F 292 -60.37 -29.24 -15.00
N TYR F 293 -59.71 -30.21 -14.39
CA TYR F 293 -58.40 -30.01 -13.77
C TYR F 293 -57.39 -30.86 -14.52
N ALA F 294 -56.35 -30.22 -15.05
CA ALA F 294 -55.34 -30.88 -15.87
C ALA F 294 -53.96 -30.47 -15.39
N PRO F 295 -52.94 -31.25 -15.71
CA PRO F 295 -51.58 -30.89 -15.32
C PRO F 295 -50.98 -29.89 -16.30
N PRO F 296 -49.72 -29.51 -16.12
CA PRO F 296 -49.10 -28.58 -17.07
C PRO F 296 -49.14 -29.07 -18.51
N LYS F 297 -49.15 -30.39 -18.72
CA LYS F 297 -49.24 -30.94 -20.07
C LYS F 297 -50.31 -30.22 -20.87
N ILE F 298 -51.55 -30.29 -20.40
CA ILE F 298 -52.67 -29.76 -21.16
C ILE F 298 -52.60 -28.24 -21.23
N ILE F 299 -52.38 -27.59 -20.08
CA ILE F 299 -52.49 -26.13 -20.02
C ILE F 299 -51.44 -25.49 -20.91
N ALA F 300 -50.23 -26.05 -20.96
CA ALA F 300 -49.18 -25.47 -21.77
C ALA F 300 -49.57 -25.37 -23.24
N SER F 301 -50.45 -26.24 -23.71
CA SER F 301 -50.94 -26.19 -25.09
C SER F 301 -52.09 -25.20 -25.26
N PHE F 302 -52.61 -24.63 -24.18
CA PHE F 302 -53.64 -23.60 -24.23
C PHE F 302 -53.20 -22.46 -23.31
N PRO F 303 -52.12 -21.76 -23.66
CA PRO F 303 -51.55 -20.80 -22.71
C PRO F 303 -52.50 -19.70 -22.30
N ASP F 304 -53.35 -19.23 -23.21
CA ASP F 304 -54.18 -18.05 -22.97
C ASP F 304 -55.67 -18.36 -22.95
N CYS F 305 -56.05 -19.63 -22.86
CA CYS F 305 -57.45 -20.03 -22.91
C CYS F 305 -57.85 -20.62 -21.56
N SER F 306 -58.78 -19.95 -20.87
CA SER F 306 -59.43 -20.50 -19.69
C SER F 306 -60.73 -21.21 -20.05
N VAL F 307 -61.58 -20.56 -20.84
CA VAL F 307 -62.75 -21.22 -21.42
C VAL F 307 -62.30 -22.10 -22.57
N VAL F 308 -62.81 -23.33 -22.63
CA VAL F 308 -62.41 -24.32 -23.61
C VAL F 308 -63.63 -25.17 -23.96
N THR F 309 -63.52 -25.89 -25.07
CA THR F 309 -64.57 -26.77 -25.53
C THR F 309 -64.14 -28.22 -25.40
N ILE F 310 -65.04 -29.05 -24.89
CA ILE F 310 -64.77 -30.42 -24.51
C ILE F 310 -65.72 -31.33 -25.29
N SER F 311 -65.16 -32.37 -25.90
CA SER F 311 -65.95 -33.23 -26.77
C SER F 311 -65.56 -34.67 -26.56
N LYS F 312 -66.47 -35.57 -26.88
CA LYS F 312 -66.24 -36.99 -26.63
C LYS F 312 -65.13 -37.51 -27.54
N SER F 313 -64.58 -38.66 -27.15
CA SER F 313 -63.56 -39.35 -27.93
C SER F 313 -63.99 -40.77 -28.22
N ASN F 314 -63.50 -41.31 -29.32
CA ASN F 314 -63.74 -42.69 -29.72
C ASN F 314 -62.46 -43.48 -29.93
N ILE F 315 -61.31 -42.81 -30.04
CA ILE F 315 -60.05 -43.52 -30.27
C ILE F 315 -59.79 -44.48 -29.13
N GLY F 316 -59.38 -45.70 -29.48
CA GLY F 316 -58.91 -46.66 -28.51
C GLY F 316 -57.39 -46.68 -28.49
N HIS F 317 -56.82 -46.99 -27.31
CA HIS F 317 -55.37 -47.03 -27.19
C HIS F 317 -54.76 -47.99 -28.21
N THR F 318 -55.49 -49.04 -28.58
CA THR F 318 -55.00 -49.97 -29.60
C THR F 318 -54.79 -49.25 -30.93
N ASP F 319 -55.74 -48.40 -31.33
CA ASP F 319 -55.73 -47.80 -32.65
C ASP F 319 -54.69 -46.70 -32.82
N ILE F 320 -54.04 -46.26 -31.74
CA ILE F 320 -53.09 -45.16 -31.83
C ILE F 320 -51.84 -45.65 -32.55
N PRO F 321 -51.42 -45.02 -33.65
CA PRO F 321 -50.24 -45.52 -34.36
C PRO F 321 -48.96 -45.28 -33.58
N ILE F 322 -47.98 -46.13 -33.84
CA ILE F 322 -46.66 -46.05 -33.21
C ILE F 322 -45.68 -45.45 -34.21
N ALA F 323 -44.94 -44.44 -33.76
CA ALA F 323 -43.95 -43.79 -34.60
C ALA F 323 -42.60 -44.50 -34.49
N ASN F 324 -41.70 -44.16 -35.40
CA ASN F 324 -40.35 -44.73 -35.43
C ASN F 324 -39.28 -43.68 -35.12
N GLN F 325 -39.25 -42.59 -35.87
CA GLN F 325 -38.35 -41.48 -35.61
C GLN F 325 -39.16 -40.27 -35.17
N VAL F 326 -38.75 -39.66 -34.06
CA VAL F 326 -39.41 -38.46 -33.55
C VAL F 326 -38.36 -37.39 -33.35
N PHE F 327 -38.51 -36.29 -34.06
CA PHE F 327 -37.67 -35.11 -33.90
C PHE F 327 -38.28 -34.22 -32.83
N ILE F 328 -37.49 -33.89 -31.81
CA ILE F 328 -37.93 -33.05 -30.71
C ILE F 328 -36.95 -31.89 -30.60
N SER F 329 -37.46 -30.67 -30.69
CA SER F 329 -36.65 -29.47 -30.52
C SER F 329 -36.68 -29.08 -29.05
N ARG F 330 -35.52 -29.12 -28.40
CA ARG F 330 -35.44 -28.73 -27.00
C ARG F 330 -35.95 -27.29 -26.86
N VAL F 331 -36.85 -27.09 -25.90
CA VAL F 331 -37.45 -25.78 -25.71
C VAL F 331 -36.44 -24.84 -25.07
N GLY F 332 -36.23 -23.68 -25.71
CA GLY F 332 -35.31 -22.72 -25.14
C GLY F 332 -35.70 -22.34 -23.73
N GLY F 333 -34.73 -22.39 -22.83
CA GLY F 333 -34.98 -22.07 -21.45
C GLY F 333 -33.67 -21.87 -20.71
N TRP F 334 -33.74 -21.04 -19.66
CA TRP F 334 -32.55 -20.76 -18.87
C TRP F 334 -31.92 -22.05 -18.36
N LEU F 335 -32.74 -23.04 -18.01
CA LEU F 335 -32.22 -24.33 -17.55
C LEU F 335 -31.49 -25.04 -18.69
N GLN F 336 -32.10 -25.09 -19.87
CA GLN F 336 -31.52 -25.84 -20.98
C GLN F 336 -30.14 -25.34 -21.35
N SER F 337 -29.81 -24.10 -20.99
CA SER F 337 -28.56 -23.49 -21.44
C SER F 337 -27.35 -24.01 -20.68
N GLN F 338 -27.47 -24.24 -19.38
CA GLN F 338 -26.31 -24.54 -18.56
C GLN F 338 -25.55 -25.75 -19.07
N LYS F 339 -24.32 -25.52 -19.54
CA LYS F 339 -23.48 -26.62 -20.00
C LYS F 339 -23.30 -27.66 -18.92
N CYS F 340 -23.25 -27.24 -17.66
CA CYS F 340 -23.04 -28.16 -16.54
C CYS F 340 -24.21 -29.11 -16.34
N PHE F 341 -25.35 -28.86 -16.97
CA PHE F 341 -26.57 -29.63 -16.72
C PHE F 341 -26.96 -30.55 -17.87
N GLN F 342 -26.72 -30.14 -19.12
CA GLN F 342 -27.31 -30.79 -20.29
C GLN F 342 -27.35 -32.31 -20.19
N ASN F 343 -26.24 -32.92 -19.75
CA ASN F 343 -26.15 -34.38 -19.78
C ASN F 343 -27.19 -35.02 -18.87
N ILE F 344 -27.34 -34.49 -17.65
CA ILE F 344 -28.36 -35.02 -16.75
C ILE F 344 -29.74 -34.83 -17.36
N ILE F 345 -29.94 -33.74 -18.10
CA ILE F 345 -31.25 -33.50 -18.69
C ILE F 345 -31.56 -34.57 -19.73
N LEU F 346 -30.63 -34.79 -20.67
CA LEU F 346 -30.89 -35.79 -21.71
C LEU F 346 -31.01 -37.18 -21.12
N THR F 347 -30.24 -37.49 -20.06
CA THR F 347 -30.40 -38.76 -19.38
C THR F 347 -31.80 -38.87 -18.77
N THR F 348 -32.29 -37.78 -18.19
CA THR F 348 -33.64 -37.77 -17.63
C THR F 348 -34.68 -38.07 -18.70
N LEU F 349 -34.53 -37.45 -19.88
CA LEU F 349 -35.45 -37.75 -20.97
C LEU F 349 -35.39 -39.21 -21.36
N LYS F 350 -34.17 -39.73 -21.55
CA LYS F 350 -34.03 -41.12 -21.96
C LYS F 350 -34.71 -42.04 -20.96
N LYS F 351 -34.51 -41.81 -19.67
CA LYS F 351 -35.20 -42.62 -18.66
C LYS F 351 -36.71 -42.46 -18.76
N PHE F 352 -37.18 -41.21 -18.81
CA PHE F 352 -38.62 -40.97 -18.75
C PHE F 352 -39.33 -41.69 -19.88
N PHE F 353 -38.75 -41.65 -21.08
CA PHE F 353 -39.34 -42.43 -22.17
C PHE F 353 -39.12 -43.92 -21.98
N SER F 354 -38.02 -44.33 -21.34
CA SER F 354 -37.78 -45.74 -21.11
C SER F 354 -38.73 -46.35 -20.08
N GLU F 355 -39.39 -45.54 -19.26
CA GLU F 355 -40.23 -46.09 -18.20
C GLU F 355 -41.38 -46.89 -18.78
N SER F 356 -42.04 -46.36 -19.81
CA SER F 356 -43.20 -47.04 -20.40
C SER F 356 -43.59 -46.30 -21.67
N LYS F 357 -44.66 -46.79 -22.29
CA LYS F 357 -45.22 -46.14 -23.47
C LYS F 357 -45.73 -44.75 -23.13
N ARG F 358 -45.73 -43.87 -24.13
CA ARG F 358 -46.22 -42.51 -23.93
C ARG F 358 -47.10 -42.12 -25.11
N ILE F 359 -47.97 -41.13 -24.89
CA ILE F 359 -48.88 -40.63 -25.90
C ILE F 359 -48.53 -39.17 -26.16
N LEU F 360 -48.49 -38.78 -27.43
CA LEU F 360 -48.05 -37.44 -27.79
C LEU F 360 -48.79 -36.96 -29.02
N CYS F 361 -48.76 -35.64 -29.21
CA CYS F 361 -49.39 -34.99 -30.35
C CYS F 361 -48.40 -34.02 -30.97
N GLN F 362 -48.60 -33.74 -32.25
CA GLN F 362 -47.75 -32.78 -32.94
C GLN F 362 -47.86 -31.42 -32.27
N ASN F 363 -46.76 -30.67 -32.30
CA ASN F 363 -46.69 -29.31 -31.79
C ASN F 363 -46.83 -29.25 -30.27
N ASP F 364 -46.84 -30.40 -29.60
CA ASP F 364 -47.09 -30.44 -28.16
C ASP F 364 -45.80 -30.10 -27.40
N LEU F 365 -45.91 -30.11 -26.07
CA LEU F 365 -44.80 -29.82 -25.16
C LEU F 365 -44.74 -30.88 -24.07
N ILE F 366 -43.52 -31.12 -23.58
CA ILE F 366 -43.23 -32.17 -22.60
C ILE F 366 -42.44 -31.55 -21.46
N PRO F 367 -42.95 -31.51 -20.23
CA PRO F 367 -42.15 -31.04 -19.10
C PRO F 367 -41.44 -32.14 -18.37
N ILE F 368 -40.24 -31.82 -17.88
CA ILE F 368 -39.43 -32.74 -17.08
C ILE F 368 -39.04 -32.03 -15.80
N ALA F 369 -39.18 -32.73 -14.68
CA ALA F 369 -38.76 -32.24 -13.37
C ALA F 369 -37.60 -33.08 -12.88
N PHE F 370 -36.51 -32.43 -12.48
CA PHE F 370 -35.31 -33.14 -12.11
C PHE F 370 -34.66 -32.48 -10.90
N ASP F 371 -33.89 -33.27 -10.17
CA ASP F 371 -33.14 -32.82 -9.00
C ASP F 371 -31.79 -32.30 -9.47
N SER F 372 -31.68 -30.97 -9.58
CA SER F 372 -30.43 -30.37 -10.04
C SER F 372 -29.26 -30.73 -9.14
N SER F 373 -29.53 -31.07 -7.87
CA SER F 373 -28.44 -31.34 -6.94
C SER F 373 -27.58 -32.52 -7.40
N MET F 374 -28.13 -33.39 -8.26
CA MET F 374 -27.39 -34.52 -8.79
C MET F 374 -26.50 -34.15 -9.97
N ALA F 375 -26.25 -32.86 -10.18
CA ALA F 375 -25.59 -32.40 -11.40
C ALA F 375 -24.25 -33.08 -11.60
N ASP F 376 -23.27 -32.77 -10.75
CA ASP F 376 -21.94 -33.35 -10.90
C ASP F 376 -21.88 -34.80 -10.43
N LEU F 377 -22.90 -35.27 -9.73
CA LEU F 377 -22.97 -36.66 -9.28
C LEU F 377 -23.46 -37.51 -10.44
N ASN F 378 -22.50 -37.93 -11.27
CA ASN F 378 -22.81 -38.55 -12.56
C ASN F 378 -22.80 -40.07 -12.40
N ILE F 379 -23.63 -40.54 -11.49
CA ILE F 379 -23.74 -41.97 -11.22
C ILE F 379 -23.90 -42.71 -12.54
N ALA F 380 -23.12 -43.78 -12.72
CA ALA F 380 -22.96 -44.39 -14.02
C ALA F 380 -24.29 -44.96 -14.54
N GLU F 381 -24.36 -45.10 -15.87
CA GLU F 381 -25.55 -45.65 -16.49
C GLU F 381 -25.67 -47.16 -16.29
N GLU F 382 -24.56 -47.82 -15.93
CA GLU F 382 -24.60 -49.27 -15.74
C GLU F 382 -25.59 -49.70 -14.68
N ASN F 383 -26.16 -48.77 -13.91
CA ASN F 383 -27.26 -49.07 -13.00
C ASN F 383 -28.52 -49.22 -13.85
N ASP F 384 -28.56 -50.34 -14.58
CA ASP F 384 -29.58 -50.54 -15.60
C ASP F 384 -30.98 -50.51 -14.99
N GLU F 385 -31.82 -49.62 -15.52
CA GLU F 385 -33.22 -49.50 -15.13
C GLU F 385 -33.39 -49.68 -13.62
N SER F 386 -32.76 -48.77 -12.88
CA SER F 386 -32.68 -48.86 -11.43
C SER F 386 -34.00 -49.30 -10.84
N ASP F 387 -33.98 -50.44 -10.15
CA ASP F 387 -35.22 -51.07 -9.71
C ASP F 387 -36.03 -50.14 -8.82
N ASP F 388 -35.41 -49.62 -7.78
CA ASP F 388 -36.11 -48.77 -6.81
C ASP F 388 -35.99 -47.30 -7.19
N GLU F 389 -36.39 -47.00 -8.43
CA GLU F 389 -36.48 -45.61 -8.86
C GLU F 389 -37.33 -44.78 -7.91
N ASP F 390 -38.15 -45.40 -7.06
CA ASP F 390 -38.93 -44.67 -6.08
C ASP F 390 -38.09 -44.29 -4.87
N GLU F 391 -37.37 -45.27 -4.29
CA GLU F 391 -36.42 -44.93 -3.23
C GLU F 391 -35.33 -44.01 -3.75
N LEU F 392 -35.03 -44.09 -5.05
CA LEU F 392 -34.10 -43.13 -5.65
C LEU F 392 -34.73 -41.75 -5.76
N GLY F 393 -35.99 -41.69 -6.20
CA GLY F 393 -36.65 -40.40 -6.30
C GLY F 393 -36.73 -39.70 -4.96
N GLN F 394 -37.03 -40.44 -3.90
CA GLN F 394 -36.96 -39.84 -2.57
C GLN F 394 -35.51 -39.58 -2.17
N TYR F 395 -34.57 -40.38 -2.67
CA TYR F 395 -33.17 -39.98 -2.58
C TYR F 395 -32.93 -38.71 -3.37
N TYR F 396 -33.64 -38.53 -4.48
CA TYR F 396 -33.66 -37.26 -5.19
C TYR F 396 -34.73 -36.35 -4.59
N LYS F 397 -34.86 -35.17 -5.19
CA LYS F 397 -36.07 -34.36 -5.03
C LYS F 397 -36.10 -33.42 -6.23
N ASN F 398 -36.96 -33.74 -7.20
CA ASN F 398 -37.07 -32.90 -8.38
C ASN F 398 -37.24 -31.44 -7.96
N ASP F 399 -36.33 -30.59 -8.41
CA ASP F 399 -36.33 -29.18 -8.04
C ASP F 399 -36.52 -28.25 -9.22
N SER F 400 -35.91 -28.55 -10.36
CA SER F 400 -35.96 -27.66 -11.51
C SER F 400 -36.68 -28.32 -12.67
N LEU F 401 -37.33 -27.50 -13.49
CA LEU F 401 -38.18 -27.98 -14.56
C LEU F 401 -37.65 -27.49 -15.91
N VAL F 402 -37.92 -28.30 -16.94
CA VAL F 402 -37.55 -27.99 -18.32
C VAL F 402 -38.70 -28.39 -19.22
N TRP F 403 -38.70 -27.88 -20.45
CA TRP F 403 -39.73 -28.18 -21.43
C TRP F 403 -39.08 -28.62 -22.73
N PHE F 404 -39.84 -29.39 -23.52
CA PHE F 404 -39.36 -29.97 -24.77
C PHE F 404 -40.46 -29.95 -25.81
N PHE F 405 -40.09 -29.59 -27.03
CA PHE F 405 -41.05 -29.41 -28.12
C PHE F 405 -40.95 -30.58 -29.09
N VAL F 406 -42.09 -31.21 -29.37
CA VAL F 406 -42.17 -32.27 -30.38
C VAL F 406 -42.43 -31.62 -31.73
N THR F 407 -41.45 -31.71 -32.62
CA THR F 407 -41.56 -31.09 -33.94
C THR F 407 -41.95 -32.07 -35.03
N SER F 408 -41.64 -33.36 -34.89
CA SER F 408 -42.06 -34.30 -35.91
C SER F 408 -42.07 -35.71 -35.33
N ALA F 409 -42.86 -36.59 -35.94
CA ALA F 409 -42.87 -38.00 -35.63
C ALA F 409 -42.99 -38.79 -36.93
N GLU F 410 -42.22 -39.87 -37.03
CA GLU F 410 -42.16 -40.67 -38.25
C GLU F 410 -42.97 -41.95 -38.06
N LEU F 411 -43.89 -42.20 -38.98
CA LEU F 411 -44.69 -43.41 -38.97
C LEU F 411 -45.15 -43.69 -40.39
N ASP F 412 -45.45 -44.97 -40.65
CA ASP F 412 -45.96 -45.40 -41.95
C ASP F 412 -47.34 -46.03 -41.85
N CYS F 413 -48.03 -45.80 -40.72
CA CYS F 413 -49.41 -46.27 -40.53
C CYS F 413 -50.29 -45.02 -40.47
N PHE F 414 -50.70 -44.55 -41.64
CA PHE F 414 -51.48 -43.31 -41.71
C PHE F 414 -52.84 -43.52 -41.04
N SER F 415 -53.28 -42.50 -40.30
CA SER F 415 -54.56 -42.52 -39.62
C SER F 415 -55.17 -41.13 -39.70
N LYS F 416 -56.48 -41.05 -39.43
CA LYS F 416 -57.14 -39.74 -39.39
C LYS F 416 -56.50 -38.84 -38.35
N ASP F 417 -56.25 -39.38 -37.16
CA ASP F 417 -55.63 -38.62 -36.08
C ASP F 417 -54.13 -38.89 -36.04
N ASN F 418 -53.44 -38.50 -37.11
CA ASN F 418 -51.98 -38.61 -37.13
C ASN F 418 -51.38 -37.85 -35.95
N SER F 419 -52.05 -36.80 -35.49
CA SER F 419 -51.54 -36.06 -34.34
C SER F 419 -51.35 -36.96 -33.14
N HIS F 420 -52.39 -37.71 -32.77
CA HIS F 420 -52.33 -38.56 -31.58
C HIS F 420 -51.57 -39.83 -31.94
N PHE F 421 -50.31 -39.91 -31.52
CA PHE F 421 -49.49 -41.08 -31.78
C PHE F 421 -48.81 -41.53 -30.50
N ILE F 422 -48.55 -42.84 -30.42
CA ILE F 422 -47.91 -43.45 -29.27
C ILE F 422 -46.43 -43.62 -29.56
N ILE F 423 -45.64 -43.70 -28.50
CA ILE F 423 -44.21 -43.97 -28.57
C ILE F 423 -43.88 -45.09 -27.60
N ASP F 424 -43.17 -46.10 -28.09
CA ASP F 424 -42.59 -47.14 -27.27
C ASP F 424 -41.08 -47.11 -27.51
N PRO F 425 -40.25 -46.97 -26.47
CA PRO F 425 -38.81 -46.82 -26.72
C PRO F 425 -38.20 -48.00 -27.44
N ASN F 426 -38.78 -49.20 -27.31
CA ASN F 426 -38.18 -50.39 -27.89
C ASN F 426 -38.07 -50.31 -29.41
N ARG F 427 -38.92 -49.50 -30.06
CA ARG F 427 -38.97 -49.49 -31.51
C ARG F 427 -38.76 -48.09 -32.07
N THR F 428 -39.24 -47.07 -31.36
CA THR F 428 -39.18 -45.70 -31.84
C THR F 428 -37.89 -45.04 -31.39
N LYS F 429 -37.22 -44.39 -32.33
CA LYS F 429 -36.03 -43.60 -32.04
C LYS F 429 -36.41 -42.13 -31.92
N LEU F 430 -35.65 -41.40 -31.12
CA LEU F 430 -35.87 -39.97 -30.92
C LEU F 430 -34.57 -39.23 -31.17
N ILE F 431 -34.69 -38.03 -31.74
CA ILE F 431 -33.54 -37.20 -32.06
C ILE F 431 -33.80 -35.78 -31.58
N THR F 432 -32.85 -35.23 -30.82
CA THR F 432 -32.90 -33.84 -30.41
C THR F 432 -32.52 -32.93 -31.58
N THR F 433 -33.16 -31.78 -31.65
CA THR F 433 -33.01 -30.85 -32.76
C THR F 433 -32.69 -29.45 -32.23
N ASN F 434 -32.72 -28.48 -33.13
CA ASN F 434 -32.47 -27.10 -32.78
C ASN F 434 -33.42 -26.65 -31.67
N ILE F 435 -33.13 -25.48 -31.12
CA ILE F 435 -33.93 -24.90 -30.06
C ILE F 435 -35.08 -24.12 -30.68
N THR F 436 -36.24 -24.17 -30.04
CA THR F 436 -37.41 -23.39 -30.46
C THR F 436 -37.96 -22.64 -29.27
N ASN F 437 -38.33 -21.38 -29.50
CA ASN F 437 -38.81 -20.51 -28.44
C ASN F 437 -40.27 -20.80 -28.12
N ARG F 438 -40.66 -20.47 -26.89
CA ARG F 438 -42.04 -20.59 -26.45
C ARG F 438 -42.22 -19.85 -25.13
N ARG F 439 -43.23 -18.99 -25.04
CA ARG F 439 -43.43 -18.21 -23.83
C ARG F 439 -43.73 -19.14 -22.66
N PRO F 440 -43.26 -18.82 -21.46
CA PRO F 440 -43.63 -19.62 -20.30
C PRO F 440 -45.00 -19.24 -19.77
N LEU F 441 -45.70 -20.24 -19.25
CA LEU F 441 -47.09 -20.03 -18.86
C LEU F 441 -47.17 -19.03 -17.71
N PRO F 442 -48.17 -18.15 -17.72
CA PRO F 442 -48.31 -17.20 -16.61
C PRO F 442 -48.77 -17.88 -15.35
N LEU F 443 -48.40 -17.30 -14.21
CA LEU F 443 -48.72 -17.91 -12.92
C LEU F 443 -50.23 -18.05 -12.73
N SER F 444 -51.00 -17.12 -13.29
CA SER F 444 -52.44 -17.15 -13.10
C SER F 444 -53.03 -18.50 -13.52
N ARG F 445 -52.46 -19.11 -14.55
CA ARG F 445 -52.97 -20.38 -15.07
C ARG F 445 -52.35 -21.60 -14.41
N SER F 446 -51.34 -21.44 -13.57
CA SER F 446 -50.72 -22.58 -12.91
C SER F 446 -49.66 -22.10 -11.95
N ASN F 447 -49.33 -22.96 -10.99
CA ASN F 447 -48.27 -22.71 -10.02
C ASN F 447 -47.34 -23.92 -10.04
N LEU F 448 -46.35 -23.88 -10.93
CA LEU F 448 -45.46 -25.01 -11.10
C LEU F 448 -44.77 -25.36 -9.79
N GLN F 449 -44.24 -24.35 -9.09
CA GLN F 449 -43.59 -24.60 -7.82
C GLN F 449 -44.50 -25.40 -6.89
N ARG F 450 -45.78 -25.01 -6.84
CA ARG F 450 -46.74 -25.72 -6.00
C ARG F 450 -46.91 -27.16 -6.48
N TYR F 451 -47.40 -27.34 -7.70
CA TYR F 451 -47.79 -28.67 -8.15
C TYR F 451 -46.64 -29.64 -8.05
N TYR F 452 -45.46 -29.25 -8.53
CA TYR F 452 -44.31 -30.14 -8.45
C TYR F 452 -43.60 -30.07 -7.11
N GLY F 453 -44.15 -29.34 -6.15
CA GLY F 453 -43.58 -29.30 -4.82
C GLY F 453 -42.19 -28.72 -4.75
N PHE F 454 -41.85 -27.79 -5.65
CA PHE F 454 -40.58 -27.10 -5.58
C PHE F 454 -40.65 -26.06 -4.46
N ALA F 455 -39.64 -25.21 -4.36
CA ALA F 455 -39.63 -24.13 -3.39
C ALA F 455 -40.52 -23.01 -3.92
N GLU F 456 -41.76 -22.95 -3.45
CA GLU F 456 -42.65 -21.88 -3.87
C GLU F 456 -42.05 -20.52 -3.51
N THR F 457 -42.63 -19.48 -4.10
CA THR F 457 -42.23 -18.10 -3.85
C THR F 457 -43.45 -17.32 -3.38
N PHE F 458 -43.26 -16.51 -2.34
CA PHE F 458 -44.34 -15.72 -1.78
C PHE F 458 -45.13 -15.03 -2.89
N TYR F 459 -46.45 -15.26 -2.89
CA TYR F 459 -47.33 -14.63 -3.86
C TYR F 459 -47.78 -13.30 -3.30
N TYR F 460 -47.22 -12.21 -3.84
CA TYR F 460 -47.61 -10.88 -3.39
C TYR F 460 -49.06 -10.58 -3.78
N ASP F 461 -49.68 -9.72 -2.98
CA ASP F 461 -50.96 -9.11 -3.33
C ASP F 461 -50.61 -7.66 -3.70
N LEU F 462 -50.41 -7.42 -4.99
CA LEU F 462 -49.94 -6.14 -5.50
C LEU F 462 -50.76 -4.99 -4.92
N HIS F 463 -52.05 -5.23 -4.68
CA HIS F 463 -52.90 -4.21 -4.09
C HIS F 463 -52.34 -3.71 -2.76
N ILE F 464 -51.49 -4.49 -2.10
CA ILE F 464 -50.91 -4.12 -0.81
C ILE F 464 -49.39 -4.02 -0.86
N PHE F 465 -48.78 -4.19 -2.03
CA PHE F 465 -47.34 -4.01 -2.22
C PHE F 465 -47.17 -3.06 -3.40
N PRO F 466 -47.32 -1.76 -3.18
CA PRO F 466 -47.43 -0.84 -4.33
C PRO F 466 -46.25 -0.89 -5.28
N TYR F 467 -45.03 -0.99 -4.73
CA TYR F 467 -43.85 -1.04 -5.59
C TYR F 467 -43.86 -2.28 -6.48
N VAL F 468 -44.31 -3.41 -5.94
CA VAL F 468 -44.45 -4.61 -6.76
C VAL F 468 -45.41 -4.35 -7.91
N ARG F 469 -46.54 -3.70 -7.63
CA ARG F 469 -47.49 -3.36 -8.67
C ARG F 469 -46.85 -2.47 -9.73
N GLN F 470 -46.08 -1.48 -9.29
CA GLN F 470 -45.43 -0.57 -10.24
C GLN F 470 -44.46 -1.33 -11.14
N LEU F 471 -43.67 -2.24 -10.56
CA LEU F 471 -42.69 -2.97 -11.36
C LEU F 471 -43.37 -3.91 -12.35
N VAL F 472 -44.39 -4.65 -11.91
CA VAL F 472 -45.07 -5.54 -12.83
C VAL F 472 -45.76 -4.73 -13.93
N ASN F 473 -46.28 -3.55 -13.57
CA ASN F 473 -46.83 -2.65 -14.58
C ASN F 473 -45.76 -2.29 -15.61
N ILE F 474 -44.56 -1.95 -15.14
CA ILE F 474 -43.48 -1.63 -16.06
C ILE F 474 -43.23 -2.78 -17.01
N LEU F 475 -43.17 -4.00 -16.46
CA LEU F 475 -42.89 -5.17 -17.28
C LEU F 475 -43.96 -5.35 -18.36
N GLU F 476 -45.24 -5.30 -17.97
CA GLU F 476 -46.28 -5.56 -18.96
C GLU F 476 -46.36 -4.43 -19.97
N THR F 477 -46.08 -3.20 -19.54
CA THR F 477 -46.05 -2.09 -20.48
C THR F 477 -44.97 -2.30 -21.53
N SER F 478 -43.76 -2.63 -21.10
CA SER F 478 -42.68 -2.87 -22.05
C SER F 478 -43.05 -4.01 -22.99
N PHE F 479 -43.56 -5.11 -22.44
CA PHE F 479 -43.88 -6.26 -23.27
C PHE F 479 -44.93 -5.89 -24.31
N ASN F 480 -46.02 -5.26 -23.89
CA ASN F 480 -47.09 -4.94 -24.83
C ASN F 480 -46.62 -3.95 -25.88
N CYS F 481 -45.86 -2.93 -25.47
CA CYS F 481 -45.35 -1.96 -26.44
C CYS F 481 -44.48 -2.65 -27.47
N SER F 482 -43.65 -3.61 -27.04
CA SER F 482 -42.87 -4.39 -27.99
C SER F 482 -43.80 -5.19 -28.91
N GLN F 483 -44.85 -5.79 -28.35
CA GLN F 483 -45.73 -6.65 -29.14
C GLN F 483 -46.44 -5.86 -30.23
N ARG F 484 -46.78 -4.59 -29.96
CA ARG F 484 -47.40 -3.75 -30.96
C ARG F 484 -46.38 -3.12 -31.92
N GLY F 485 -45.18 -3.68 -31.99
CA GLY F 485 -44.20 -3.22 -32.96
C GLY F 485 -43.52 -1.93 -32.60
N ILE F 486 -43.54 -1.52 -31.34
CA ILE F 486 -42.89 -0.30 -30.88
C ILE F 486 -41.87 -0.67 -29.82
N THR F 487 -40.62 -0.27 -30.04
CA THR F 487 -39.53 -0.61 -29.13
C THR F 487 -39.38 0.44 -28.04
N LEU F 488 -38.88 -0.01 -26.90
CA LEU F 488 -38.65 0.87 -25.76
C LEU F 488 -37.68 0.17 -24.81
N ASN F 489 -36.50 0.75 -24.63
CA ASN F 489 -35.44 0.13 -23.82
C ASN F 489 -35.73 0.37 -22.34
N ALA F 490 -36.72 -0.36 -21.84
CA ALA F 490 -37.09 -0.30 -20.44
C ALA F 490 -36.10 -1.11 -19.60
N SER F 491 -35.60 -0.51 -18.53
CA SER F 491 -34.70 -1.18 -17.61
C SER F 491 -34.89 -0.60 -16.22
N VAL F 492 -34.67 -1.42 -15.20
CA VAL F 492 -34.98 -1.03 -13.83
C VAL F 492 -33.85 -1.42 -12.89
N LEU F 493 -33.78 -0.70 -11.77
CA LEU F 493 -32.75 -0.91 -10.76
C LEU F 493 -33.40 -0.92 -9.39
N LEU F 494 -33.15 -1.97 -8.62
CA LEU F 494 -33.73 -2.18 -7.31
C LEU F 494 -32.70 -1.83 -6.24
N HIS F 495 -33.17 -1.27 -5.13
CA HIS F 495 -32.28 -0.89 -4.05
C HIS F 495 -33.07 -0.83 -2.75
N SER F 496 -32.34 -0.86 -1.65
CA SER F 496 -32.95 -0.73 -0.34
C SER F 496 -31.90 -0.29 0.67
N THR F 497 -32.37 0.26 1.79
CA THR F 497 -31.48 0.65 2.87
C THR F 497 -31.10 -0.51 3.77
N THR F 498 -31.71 -1.67 3.60
CA THR F 498 -31.41 -2.85 4.40
C THR F 498 -31.37 -4.07 3.51
N ASN F 499 -30.62 -5.07 3.96
CA ASN F 499 -30.49 -6.32 3.21
C ASN F 499 -31.66 -7.24 3.50
N ASN F 500 -31.63 -8.42 2.89
CA ASN F 500 -32.59 -9.49 3.16
C ASN F 500 -34.03 -8.99 3.01
N VAL F 501 -34.34 -8.52 1.80
CA VAL F 501 -35.68 -8.09 1.45
C VAL F 501 -36.20 -8.77 0.19
N GLY F 502 -35.46 -9.71 -0.36
CA GLY F 502 -35.94 -10.51 -1.48
C GLY F 502 -36.24 -9.74 -2.74
N LYS F 503 -35.45 -8.71 -3.05
CA LYS F 503 -35.55 -8.06 -4.36
C LYS F 503 -35.56 -9.11 -5.47
N ALA F 504 -34.68 -10.10 -5.36
CA ALA F 504 -34.71 -11.22 -6.29
C ALA F 504 -36.04 -11.97 -6.19
N THR F 505 -36.56 -12.12 -4.97
CA THR F 505 -37.83 -12.83 -4.80
C THR F 505 -38.96 -12.13 -5.54
N MET F 506 -39.09 -10.81 -5.35
CA MET F 506 -40.12 -10.08 -6.08
C MET F 506 -39.90 -10.14 -7.58
N VAL F 507 -38.65 -10.02 -8.04
CA VAL F 507 -38.41 -10.11 -9.48
C VAL F 507 -38.91 -11.45 -10.01
N ARG F 508 -38.56 -12.53 -9.31
CA ARG F 508 -39.00 -13.86 -9.72
C ARG F 508 -40.51 -13.94 -9.74
N PHE F 509 -41.17 -13.42 -8.70
CA PHE F 509 -42.63 -13.48 -8.63
C PHE F 509 -43.25 -12.75 -9.80
N ALA F 510 -42.85 -11.49 -10.03
CA ALA F 510 -43.39 -10.74 -11.13
C ALA F 510 -43.19 -11.47 -12.45
N SER F 511 -42.01 -12.07 -12.63
CA SER F 511 -41.78 -12.88 -13.83
C SER F 511 -42.83 -13.96 -13.96
N LYS F 512 -43.06 -14.73 -12.89
CA LYS F 512 -44.03 -15.81 -12.95
C LYS F 512 -45.44 -15.28 -13.24
N TYR F 513 -45.76 -14.11 -12.69
CA TYR F 513 -47.11 -13.56 -12.83
C TYR F 513 -47.46 -13.33 -14.29
N LEU F 514 -46.51 -12.76 -15.06
CA LEU F 514 -46.71 -12.51 -16.48
C LEU F 514 -46.12 -13.59 -17.36
N GLY F 515 -45.66 -14.69 -16.78
CA GLY F 515 -45.07 -15.76 -17.56
C GLY F 515 -43.99 -15.26 -18.50
N ILE F 516 -42.89 -14.77 -17.94
CA ILE F 516 -41.77 -14.23 -18.71
C ILE F 516 -40.51 -14.98 -18.32
N HIS F 517 -39.76 -15.44 -19.33
CA HIS F 517 -38.52 -16.14 -19.06
C HIS F 517 -37.55 -15.24 -18.31
N LEU F 518 -36.76 -15.85 -17.43
CA LEU F 518 -35.79 -15.14 -16.61
C LEU F 518 -34.37 -15.62 -16.87
N LEU F 519 -33.46 -14.66 -16.95
CA LEU F 519 -32.03 -14.90 -17.06
C LEU F 519 -31.40 -14.27 -15.82
N GLU F 520 -31.40 -15.01 -14.72
CA GLU F 520 -30.85 -14.52 -13.46
C GLU F 520 -29.39 -14.94 -13.37
N ILE F 521 -28.52 -13.96 -13.17
CA ILE F 521 -27.08 -14.21 -13.09
C ILE F 521 -26.51 -13.36 -11.96
N ASP F 522 -26.29 -13.97 -10.80
CA ASP F 522 -25.75 -13.21 -9.68
C ASP F 522 -24.29 -12.90 -9.93
N CYS F 523 -23.94 -11.63 -9.79
CA CYS F 523 -22.57 -11.20 -10.07
C CYS F 523 -21.59 -11.71 -9.03
N LEU F 524 -22.02 -11.88 -7.78
CA LEU F 524 -21.15 -12.40 -6.74
C LEU F 524 -21.39 -13.90 -6.50
N SER F 525 -21.71 -14.65 -7.55
CA SER F 525 -21.79 -16.10 -7.47
C SER F 525 -20.73 -16.79 -8.34
N LEU F 526 -20.71 -16.51 -9.64
CA LEU F 526 -19.80 -17.19 -10.56
C LEU F 526 -18.83 -16.24 -11.25
N THR F 527 -19.07 -14.93 -11.19
CA THR F 527 -18.15 -13.99 -11.83
C THR F 527 -16.71 -14.24 -11.39
N SER F 528 -16.52 -14.84 -10.22
CA SER F 528 -15.21 -15.28 -9.79
C SER F 528 -14.26 -14.10 -9.62
N ASN F 529 -13.36 -13.90 -10.58
CA ASN F 529 -12.28 -12.93 -10.44
C ASN F 529 -12.65 -11.64 -11.16
N SER F 530 -12.45 -10.51 -10.47
CA SER F 530 -12.72 -9.19 -11.01
C SER F 530 -11.57 -8.25 -10.66
N ARG F 531 -10.34 -8.72 -10.80
CA ARG F 531 -9.17 -7.98 -10.32
C ARG F 531 -8.11 -7.81 -11.40
N GLN F 532 -7.92 -8.82 -12.24
CA GLN F 532 -6.79 -8.84 -13.15
C GLN F 532 -7.12 -8.11 -14.45
N LEU F 533 -6.09 -7.95 -15.29
CA LEU F 533 -6.27 -7.25 -16.54
C LEU F 533 -7.30 -7.95 -17.42
N ASP F 534 -7.20 -9.28 -17.53
CA ASP F 534 -8.19 -10.04 -18.28
C ASP F 534 -9.51 -10.18 -17.52
N SER F 535 -9.52 -9.88 -16.22
CA SER F 535 -10.73 -10.08 -15.42
C SER F 535 -11.92 -9.36 -16.04
N THR F 536 -11.74 -8.09 -16.43
CA THR F 536 -12.83 -7.35 -17.04
C THR F 536 -13.31 -8.04 -18.31
N SER F 537 -12.37 -8.38 -19.20
CA SER F 537 -12.74 -9.06 -20.44
C SER F 537 -13.39 -10.40 -20.14
N LYS F 538 -12.86 -11.14 -19.17
CA LYS F 538 -13.45 -12.42 -18.82
C LYS F 538 -14.90 -12.26 -18.39
N ILE F 539 -15.18 -11.31 -17.51
CA ILE F 539 -16.53 -11.16 -17.00
C ILE F 539 -17.48 -10.77 -18.12
N ILE F 540 -17.07 -9.80 -18.96
CA ILE F 540 -17.99 -9.34 -19.99
C ILE F 540 -18.24 -10.44 -21.00
N GLY F 541 -17.18 -11.14 -21.42
CA GLY F 541 -17.37 -12.25 -22.34
C GLY F 541 -18.26 -13.33 -21.77
N TYR F 542 -18.08 -13.65 -20.48
CA TYR F 542 -18.88 -14.69 -19.86
C TYR F 542 -20.36 -14.30 -19.84
N ILE F 543 -20.66 -13.07 -19.41
CA ILE F 543 -22.06 -12.65 -19.35
C ILE F 543 -22.65 -12.56 -20.75
N ARG F 544 -21.87 -12.06 -21.72
CA ARG F 544 -22.35 -11.97 -23.08
C ARG F 544 -22.68 -13.34 -23.64
N ALA F 545 -21.79 -14.31 -23.44
CA ALA F 545 -22.09 -15.68 -23.86
C ALA F 545 -23.35 -16.18 -23.17
N LYS F 546 -23.40 -16.06 -21.84
CA LYS F 546 -24.55 -16.57 -21.09
C LYS F 546 -25.86 -16.03 -21.65
N CYS F 547 -25.93 -14.72 -21.87
CA CYS F 547 -27.18 -14.14 -22.34
C CYS F 547 -27.44 -14.48 -23.80
N GLU F 548 -26.52 -14.09 -24.69
CA GLU F 548 -26.75 -14.28 -26.12
C GLU F 548 -26.97 -15.74 -26.49
N ASN F 549 -26.53 -16.69 -25.67
CA ASN F 549 -26.73 -18.10 -25.99
C ASN F 549 -28.16 -18.55 -25.77
N VAL F 550 -28.97 -17.80 -25.04
CA VAL F 550 -30.33 -18.18 -24.70
C VAL F 550 -31.35 -17.17 -25.22
N LEU F 551 -31.05 -15.89 -25.10
CA LEU F 551 -32.01 -14.85 -25.47
C LEU F 551 -32.55 -15.01 -26.89
N PRO F 552 -31.74 -15.37 -27.89
CA PRO F 552 -32.30 -15.47 -29.25
C PRO F 552 -33.51 -16.40 -29.35
N TYR F 553 -33.59 -17.43 -28.51
CA TYR F 553 -34.71 -18.35 -28.51
C TYR F 553 -35.57 -18.24 -27.25
N ALA F 554 -35.43 -17.14 -26.50
CA ALA F 554 -36.05 -17.04 -25.19
C ALA F 554 -36.93 -15.80 -25.00
N SER F 555 -36.98 -14.87 -25.96
CA SER F 555 -37.80 -13.69 -25.77
C SER F 555 -39.27 -14.05 -25.78
N PRO F 556 -40.11 -13.32 -25.02
CA PRO F 556 -39.77 -12.21 -24.12
C PRO F 556 -39.20 -12.73 -22.81
N ALA F 557 -38.19 -12.07 -22.26
CA ALA F 557 -37.56 -12.53 -21.03
C ALA F 557 -37.08 -11.29 -20.26
N VAL F 558 -36.33 -11.53 -19.19
CA VAL F 558 -35.78 -10.45 -18.37
C VAL F 558 -34.36 -10.82 -17.98
N ILE F 559 -33.40 -9.96 -18.33
CA ILE F 559 -32.03 -10.12 -17.89
C ILE F 559 -31.94 -9.56 -16.46
N PHE F 560 -31.81 -10.44 -15.49
CA PHE F 560 -31.70 -10.04 -14.09
C PHE F 560 -30.26 -10.16 -13.63
N LEU F 561 -29.78 -9.14 -12.93
CA LEU F 561 -28.44 -9.17 -12.33
C LEU F 561 -28.57 -9.03 -10.82
N ALA F 562 -28.24 -10.11 -10.10
CA ALA F 562 -28.31 -10.12 -8.65
C ALA F 562 -27.09 -9.42 -8.07
N HIS F 563 -27.32 -8.52 -7.12
CA HIS F 563 -26.24 -7.77 -6.48
C HIS F 563 -25.35 -7.12 -7.53
N LEU F 564 -25.99 -6.51 -8.52
CA LEU F 564 -25.26 -5.87 -9.61
C LEU F 564 -24.21 -4.91 -9.08
N ASP F 565 -24.46 -4.30 -7.92
CA ASP F 565 -23.53 -3.32 -7.36
C ASP F 565 -22.15 -3.93 -7.19
N SER F 566 -22.07 -5.20 -6.83
CA SER F 566 -20.79 -5.82 -6.49
C SER F 566 -19.75 -5.59 -7.57
N ILE F 567 -20.17 -5.52 -8.84
CA ILE F 567 -19.22 -5.33 -9.93
C ILE F 567 -18.91 -3.85 -10.11
N LEU F 568 -19.93 -3.05 -10.41
CA LEU F 568 -19.74 -1.65 -10.77
C LEU F 568 -19.47 -0.85 -9.50
N LEU F 569 -18.27 -1.03 -8.97
CA LEU F 569 -17.79 -0.23 -7.84
C LEU F 569 -17.31 1.11 -8.38
N ASP F 570 -17.97 2.19 -7.98
CA ASP F 570 -17.54 3.52 -8.38
C ASP F 570 -16.27 3.87 -7.63
N VAL F 571 -15.12 3.50 -8.21
CA VAL F 571 -13.85 3.58 -7.52
C VAL F 571 -13.63 4.98 -6.98
N ASN F 572 -13.07 5.06 -5.78
CA ASN F 572 -12.62 6.33 -5.23
C ASN F 572 -11.35 6.79 -5.93
N ALA F 573 -11.11 8.10 -5.89
CA ALA F 573 -9.97 8.67 -6.58
C ALA F 573 -8.66 8.14 -6.01
N ASN F 574 -8.56 8.03 -4.68
CA ASN F 574 -7.29 7.73 -4.02
C ASN F 574 -6.76 6.34 -4.35
N GLN F 575 -7.59 5.42 -4.79
CA GLN F 575 -7.12 4.07 -5.09
C GLN F 575 -6.21 4.09 -6.32
N ASP F 576 -5.64 2.93 -6.64
CA ASP F 576 -4.65 2.85 -7.69
C ASP F 576 -5.26 3.29 -9.02
N PRO F 577 -4.63 4.21 -9.76
CA PRO F 577 -5.25 4.69 -11.01
C PRO F 577 -5.51 3.60 -12.03
N GLU F 578 -4.66 2.57 -12.09
CA GLU F 578 -4.91 1.49 -13.05
C GLU F 578 -6.21 0.76 -12.73
N ALA F 579 -6.48 0.53 -11.45
CA ALA F 579 -7.77 -0.05 -11.06
C ALA F 579 -8.91 0.88 -11.44
N ILE F 580 -8.70 2.19 -11.32
CA ILE F 580 -9.72 3.14 -11.77
C ILE F 580 -9.98 2.99 -13.26
N LYS F 581 -8.91 2.85 -14.04
CA LYS F 581 -9.07 2.64 -15.48
C LYS F 581 -9.85 1.37 -15.77
N LEU F 582 -9.52 0.29 -15.07
CA LEU F 582 -10.24 -0.97 -15.27
C LEU F 582 -11.72 -0.81 -14.92
N GLN F 583 -12.01 -0.14 -13.80
CA GLN F 583 -13.39 0.05 -13.38
C GLN F 583 -14.15 0.87 -14.40
N LYS F 584 -13.54 1.95 -14.91
CA LYS F 584 -14.21 2.75 -15.92
C LYS F 584 -14.48 1.94 -17.18
N SER F 585 -13.51 1.11 -17.59
CA SER F 585 -13.71 0.27 -18.76
C SER F 585 -14.90 -0.66 -18.56
N ILE F 586 -14.98 -1.31 -17.41
CA ILE F 586 -16.06 -2.27 -17.17
C ILE F 586 -17.40 -1.54 -17.14
N ASN F 587 -17.47 -0.39 -16.48
CA ASN F 587 -18.70 0.39 -16.49
C ASN F 587 -19.14 0.69 -17.92
N PHE F 588 -18.22 1.25 -18.72
CA PHE F 588 -18.58 1.67 -20.07
C PHE F 588 -19.09 0.49 -20.87
N GLU F 589 -18.26 -0.53 -21.07
CA GLU F 589 -18.67 -1.59 -22.00
C GLU F 589 -19.78 -2.45 -21.40
N MET F 590 -20.02 -2.38 -20.08
CA MET F 590 -21.17 -3.07 -19.51
C MET F 590 -22.45 -2.37 -19.91
N SER F 591 -22.48 -1.04 -19.82
CA SER F 591 -23.62 -0.28 -20.34
C SER F 591 -23.80 -0.52 -21.82
N LYS F 592 -22.69 -0.55 -22.57
CA LYS F 592 -22.75 -0.83 -23.99
C LYS F 592 -23.37 -2.19 -24.26
N LEU F 593 -23.01 -3.20 -23.47
CA LEU F 593 -23.60 -4.52 -23.62
C LEU F 593 -25.09 -4.49 -23.36
N LEU F 594 -25.51 -3.77 -22.32
CA LEU F 594 -26.94 -3.64 -22.08
C LEU F 594 -27.66 -3.08 -23.30
N ASP F 595 -27.15 -1.96 -23.83
CA ASP F 595 -27.81 -1.33 -24.97
C ASP F 595 -27.82 -2.25 -26.19
N ASP F 596 -26.69 -2.90 -26.46
CA ASP F 596 -26.60 -3.80 -27.60
C ASP F 596 -27.58 -4.95 -27.47
N PHE F 597 -27.70 -5.52 -26.28
CA PHE F 597 -28.60 -6.66 -26.10
C PHE F 597 -30.05 -6.23 -26.24
N THR F 598 -30.43 -5.10 -25.64
CA THR F 598 -31.82 -4.66 -25.78
C THR F 598 -32.14 -4.37 -27.25
N PHE F 599 -31.21 -3.75 -27.97
CA PHE F 599 -31.44 -3.50 -29.39
C PHE F 599 -31.58 -4.80 -30.16
N LYS F 600 -30.55 -5.65 -30.11
CA LYS F 600 -30.49 -6.83 -30.96
C LYS F 600 -31.71 -7.72 -30.75
N PHE F 601 -32.33 -7.66 -29.59
CA PHE F 601 -33.46 -8.52 -29.24
C PHE F 601 -34.59 -7.66 -28.70
N PRO F 602 -35.49 -7.19 -29.56
CA PRO F 602 -36.57 -6.31 -29.08
C PRO F 602 -37.44 -7.01 -28.06
N GLY F 603 -37.92 -6.23 -27.10
CA GLY F 603 -38.72 -6.74 -26.01
C GLY F 603 -37.91 -7.18 -24.81
N THR F 604 -36.63 -7.47 -24.98
CA THR F 604 -35.78 -7.80 -23.86
C THR F 604 -35.60 -6.60 -22.95
N THR F 605 -35.68 -6.82 -21.65
CA THR F 605 -35.51 -5.77 -20.67
C THR F 605 -34.61 -6.29 -19.55
N PHE F 606 -33.92 -5.36 -18.89
CA PHE F 606 -32.96 -5.69 -17.85
C PHE F 606 -33.41 -5.09 -16.52
N VAL F 607 -33.23 -5.88 -15.46
CA VAL F 607 -33.45 -5.41 -14.10
C VAL F 607 -32.26 -5.82 -13.24
N GLY F 608 -31.75 -4.87 -12.47
CA GLY F 608 -30.64 -5.14 -11.58
C GLY F 608 -31.04 -5.01 -10.12
N SER F 609 -30.30 -5.68 -9.24
CA SER F 609 -30.54 -5.61 -7.80
C SER F 609 -29.28 -5.09 -7.12
N VAL F 610 -29.44 -4.13 -6.23
CA VAL F 610 -28.32 -3.48 -5.56
C VAL F 610 -28.68 -3.29 -4.09
N ASN F 611 -27.67 -3.41 -3.22
CA ASN F 611 -27.88 -3.20 -1.80
C ASN F 611 -27.80 -1.73 -1.40
N ASN F 612 -27.01 -0.93 -2.09
CA ASN F 612 -26.93 0.51 -1.82
C ASN F 612 -26.94 1.25 -3.14
N ILE F 613 -27.91 2.14 -3.32
CA ILE F 613 -28.06 2.86 -4.57
C ILE F 613 -26.85 3.73 -4.84
N ASP F 614 -26.35 4.43 -3.81
CA ASP F 614 -25.39 5.50 -4.04
C ASP F 614 -24.11 5.00 -4.68
N ASN F 615 -23.61 3.84 -4.23
CA ASN F 615 -22.28 3.40 -4.64
C ASN F 615 -22.18 3.18 -6.14
N VAL F 616 -23.29 3.00 -6.84
CA VAL F 616 -23.21 2.76 -8.28
C VAL F 616 -22.61 3.98 -8.97
N PRO F 617 -21.84 3.84 -10.05
CA PRO F 617 -21.29 5.01 -10.72
C PRO F 617 -22.37 5.91 -11.28
N SER F 618 -22.10 7.22 -11.26
CA SER F 618 -23.11 8.20 -11.64
C SER F 618 -23.44 8.13 -13.13
N SER F 619 -22.44 7.92 -13.98
CA SER F 619 -22.72 7.82 -15.42
C SER F 619 -23.68 6.68 -15.71
N PHE F 620 -23.28 5.46 -15.31
CA PHE F 620 -24.16 4.31 -15.49
C PHE F 620 -25.52 4.58 -14.88
N ARG F 621 -25.55 5.08 -13.64
CA ARG F 621 -26.83 5.40 -13.00
C ARG F 621 -27.69 6.26 -13.92
N SER F 622 -27.09 7.32 -14.48
CA SER F 622 -27.82 8.18 -15.40
C SER F 622 -28.38 7.37 -16.56
N HIS F 623 -27.59 6.46 -17.12
CA HIS F 623 -28.05 5.73 -18.29
C HIS F 623 -29.28 4.88 -18.00
N MET F 624 -29.51 4.47 -16.76
CA MET F 624 -30.71 3.70 -16.43
C MET F 624 -31.97 4.56 -16.47
N ARG F 625 -33.10 3.85 -16.41
CA ARG F 625 -34.42 4.40 -16.67
C ARG F 625 -35.31 4.43 -15.45
N PHE F 626 -35.28 3.38 -14.63
CA PHE F 626 -36.12 3.29 -13.43
C PHE F 626 -35.25 2.87 -12.25
N GLU F 627 -35.54 3.46 -11.09
CA GLU F 627 -34.77 3.23 -9.88
C GLU F 627 -35.76 3.25 -8.71
N ILE F 628 -36.11 2.07 -8.21
CA ILE F 628 -37.21 1.94 -7.26
C ILE F 628 -36.73 1.22 -6.01
N LEU F 629 -37.05 1.78 -4.85
CA LEU F 629 -36.64 1.24 -3.56
C LEU F 629 -37.72 0.33 -2.99
N VAL F 630 -37.30 -0.81 -2.46
CA VAL F 630 -38.20 -1.76 -1.80
C VAL F 630 -38.07 -1.53 -0.30
N PRO F 631 -39.11 -1.08 0.39
CA PRO F 631 -38.98 -0.73 1.80
C PRO F 631 -39.03 -1.97 2.69
N VAL F 632 -38.67 -1.74 3.96
CA VAL F 632 -38.91 -2.79 4.95
C VAL F 632 -40.41 -3.01 5.06
N PRO F 633 -40.90 -4.24 5.22
CA PRO F 633 -42.35 -4.46 5.17
C PRO F 633 -43.07 -3.66 6.25
N SER F 634 -44.24 -3.13 5.89
CA SER F 634 -45.10 -2.41 6.81
C SER F 634 -46.05 -3.40 7.49
N GLU F 635 -46.94 -2.90 8.33
CA GLU F 635 -47.78 -3.77 9.14
C GLU F 635 -48.55 -4.75 8.28
N ALA F 636 -49.34 -4.25 7.33
CA ALA F 636 -50.10 -5.15 6.46
C ALA F 636 -49.18 -6.07 5.67
N GLN F 637 -47.99 -5.58 5.29
CA GLN F 637 -47.05 -6.43 4.57
C GLN F 637 -46.63 -7.61 5.43
N ARG F 638 -46.32 -7.37 6.70
CA ARG F 638 -45.97 -8.46 7.61
C ARG F 638 -47.16 -9.38 7.82
N LEU F 639 -48.36 -8.81 7.90
CA LEU F 639 -49.57 -9.62 8.00
C LEU F 639 -49.63 -10.61 6.85
N ARG F 640 -49.46 -10.12 5.62
CA ARG F 640 -49.50 -11.00 4.45
C ARG F 640 -48.35 -12.00 4.46
N ILE F 641 -47.17 -11.58 4.92
CA ILE F 641 -46.04 -12.49 5.01
C ILE F 641 -46.41 -13.67 5.91
N PHE F 642 -47.02 -13.38 7.04
CA PHE F 642 -47.48 -14.43 7.94
C PHE F 642 -48.55 -15.29 7.26
N GLN F 643 -49.53 -14.66 6.61
CA GLN F 643 -50.55 -15.42 5.92
C GLN F 643 -49.92 -16.43 4.97
N TRP F 644 -48.84 -16.02 4.30
CA TRP F 644 -48.15 -16.91 3.37
C TRP F 644 -47.44 -18.04 4.10
N TYR F 645 -46.52 -17.69 4.99
CA TYR F 645 -45.70 -18.73 5.64
C TYR F 645 -46.54 -19.70 6.47
N LEU F 646 -47.44 -19.17 7.30
CA LEU F 646 -48.20 -20.07 8.18
C LEU F 646 -49.21 -20.91 7.41
N SER F 647 -49.38 -20.70 6.11
CA SER F 647 -50.26 -21.55 5.32
C SER F 647 -49.69 -22.96 5.28
N SER F 648 -50.56 -23.93 5.57
CA SER F 648 -50.13 -25.30 5.85
C SER F 648 -49.08 -25.79 4.86
N HIS F 649 -49.41 -25.80 3.56
CA HIS F 649 -48.55 -26.45 2.58
C HIS F 649 -47.12 -25.92 2.66
N GLU F 650 -46.95 -24.62 2.92
CA GLU F 650 -45.62 -24.07 3.07
C GLU F 650 -44.87 -24.69 4.24
N LEU F 651 -45.56 -25.00 5.34
CA LEU F 651 -44.89 -25.68 6.44
C LEU F 651 -44.64 -27.15 6.14
N ASN F 652 -45.51 -27.80 5.36
CA ASN F 652 -45.34 -29.21 5.03
C ASN F 652 -44.43 -29.42 3.83
N ARG F 653 -43.57 -28.46 3.50
CA ARG F 653 -42.66 -28.64 2.36
C ARG F 653 -41.67 -29.76 2.63
N ASP F 654 -40.86 -29.62 3.68
CA ASP F 654 -39.78 -30.54 4.00
C ASP F 654 -40.10 -31.36 5.24
N VAL F 655 -41.34 -31.80 5.36
CA VAL F 655 -41.78 -32.65 6.47
C VAL F 655 -41.81 -34.08 5.94
N GLN F 656 -40.69 -34.78 6.06
CA GLN F 656 -40.64 -36.18 5.66
C GLN F 656 -41.35 -37.07 6.67
N GLN F 657 -41.22 -36.78 7.96
CA GLN F 657 -41.96 -37.52 8.97
C GLN F 657 -43.45 -37.53 8.65
N LYS F 658 -44.09 -38.65 8.96
CA LYS F 658 -45.49 -38.84 8.57
C LYS F 658 -46.39 -37.78 9.20
N VAL F 659 -46.16 -37.46 10.47
CA VAL F 659 -47.10 -36.58 11.18
C VAL F 659 -47.20 -35.25 10.44
N PRO F 660 -48.39 -34.70 10.24
CA PRO F 660 -48.50 -33.39 9.60
C PRO F 660 -48.19 -32.26 10.57
N VAL F 661 -48.09 -31.05 10.03
CA VAL F 661 -47.80 -29.85 10.81
C VAL F 661 -48.90 -28.83 10.58
N SER F 662 -49.28 -28.13 11.64
CA SER F 662 -50.32 -27.10 11.56
C SER F 662 -50.36 -26.37 12.90
N TYR F 663 -51.18 -25.33 12.95
CA TYR F 663 -51.21 -24.41 14.08
C TYR F 663 -52.64 -24.25 14.60
N MET F 664 -52.74 -23.99 15.90
CA MET F 664 -54.03 -23.69 16.50
C MET F 664 -54.62 -22.43 15.89
N ASP F 665 -55.94 -22.37 15.84
CA ASP F 665 -56.64 -21.27 15.18
C ASP F 665 -56.82 -20.05 16.06
N ASN F 666 -56.40 -20.10 17.32
CA ASN F 666 -56.58 -18.99 18.26
C ASN F 666 -55.44 -17.99 18.20
N ILE F 667 -54.68 -17.96 17.10
CA ILE F 667 -53.52 -17.08 17.01
C ILE F 667 -53.97 -15.70 16.57
N SER F 668 -53.61 -14.69 17.36
CA SER F 668 -53.91 -13.29 17.03
C SER F 668 -52.83 -12.77 16.10
N PHE F 669 -53.10 -12.88 14.80
CA PHE F 669 -52.10 -12.50 13.80
C PHE F 669 -51.75 -11.01 13.92
N SER F 670 -52.74 -10.16 14.14
CA SER F 670 -52.48 -8.73 14.24
C SER F 670 -51.46 -8.44 15.33
N SER F 671 -51.56 -9.14 16.46
CA SER F 671 -50.59 -8.94 17.54
C SER F 671 -49.18 -9.28 17.08
N LEU F 672 -49.04 -10.41 16.36
CA LEU F 672 -47.72 -10.77 15.85
C LEU F 672 -47.19 -9.72 14.89
N SER F 673 -48.05 -9.23 13.99
CA SER F 673 -47.64 -8.18 13.06
C SER F 673 -47.16 -6.95 13.82
N SER F 674 -47.93 -6.51 14.81
CA SER F 674 -47.54 -5.35 15.61
C SER F 674 -46.19 -5.59 16.28
N TYR F 675 -46.02 -6.75 16.90
CA TYR F 675 -44.75 -7.07 17.57
C TYR F 675 -43.62 -7.29 16.59
N SER F 676 -43.91 -7.39 15.29
CA SER F 676 -42.92 -7.65 14.27
C SER F 676 -42.19 -6.40 13.82
N ALA F 677 -42.18 -5.35 14.64
CA ALA F 677 -41.58 -4.08 14.25
C ALA F 677 -40.11 -4.26 13.88
N GLY F 678 -39.70 -3.58 12.81
CA GLY F 678 -38.30 -3.53 12.43
C GLY F 678 -37.68 -4.86 12.05
N LEU F 679 -38.36 -5.62 11.21
CA LEU F 679 -37.87 -6.91 10.75
C LEU F 679 -38.01 -7.02 9.25
N THR F 680 -37.46 -8.10 8.70
CA THR F 680 -37.48 -8.39 7.28
C THR F 680 -38.06 -9.76 7.05
N PRO F 681 -38.57 -10.03 5.83
CA PRO F 681 -39.24 -11.32 5.59
C PRO F 681 -38.36 -12.52 5.91
N LEU F 682 -37.06 -12.44 5.63
CA LEU F 682 -36.18 -13.55 5.98
C LEU F 682 -36.19 -13.81 7.48
N ASP F 683 -36.21 -12.74 8.28
CA ASP F 683 -36.33 -12.90 9.71
C ASP F 683 -37.66 -13.54 10.08
N ILE F 684 -38.72 -13.24 9.33
CA ILE F 684 -40.00 -13.89 9.57
C ILE F 684 -39.88 -15.38 9.32
N LYS F 685 -39.17 -15.76 8.26
CA LYS F 685 -38.93 -17.18 8.02
C LYS F 685 -38.17 -17.80 9.18
N SER F 686 -37.13 -17.11 9.65
CA SER F 686 -36.35 -17.62 10.77
C SER F 686 -37.23 -17.85 11.99
N ILE F 687 -38.08 -16.87 12.32
CA ILE F 687 -38.88 -16.97 13.54
C ILE F 687 -39.94 -18.04 13.40
N VAL F 688 -40.58 -18.15 12.23
CA VAL F 688 -41.60 -19.18 12.07
C VAL F 688 -40.96 -20.57 12.16
N GLU F 689 -39.77 -20.73 11.58
CA GLU F 689 -39.09 -22.02 11.69
C GLU F 689 -38.69 -22.31 13.13
N THR F 690 -38.26 -21.29 13.87
CA THR F 690 -37.93 -21.48 15.27
C THR F 690 -39.16 -21.90 16.08
N ALA F 691 -40.32 -21.31 15.76
CA ALA F 691 -41.56 -21.72 16.40
C ALA F 691 -41.88 -23.17 16.07
N ARG F 692 -41.75 -23.54 14.79
CA ARG F 692 -41.88 -24.94 14.40
C ARG F 692 -40.98 -25.81 15.26
N MET F 693 -39.77 -25.32 15.55
CA MET F 693 -38.84 -26.07 16.38
C MET F 693 -39.33 -26.30 17.79
N THR F 694 -39.61 -25.21 18.49
CA THR F 694 -40.10 -25.37 19.86
C THR F 694 -41.31 -26.28 19.89
N ALA F 695 -42.19 -26.15 18.90
CA ALA F 695 -43.36 -27.01 18.83
C ALA F 695 -42.96 -28.48 18.68
N THR F 696 -42.07 -28.79 17.74
CA THR F 696 -41.70 -30.18 17.50
C THR F 696 -41.00 -30.79 18.70
N ALA F 697 -40.09 -30.04 19.31
CA ALA F 697 -39.40 -30.53 20.49
C ALA F 697 -40.38 -30.82 21.61
N ARG F 698 -41.31 -29.88 21.87
CA ARG F 698 -42.30 -30.10 22.90
C ARG F 698 -43.17 -31.31 22.58
N PHE F 699 -43.56 -31.47 21.32
CA PHE F 699 -44.45 -32.56 20.94
C PHE F 699 -43.77 -33.91 21.14
N TYR F 700 -42.53 -34.04 20.66
CA TYR F 700 -41.83 -35.29 20.83
C TYR F 700 -41.57 -35.58 22.31
N GLN F 701 -41.23 -34.54 23.08
CA GLN F 701 -41.02 -34.73 24.50
C GLN F 701 -42.31 -35.22 25.18
N GLU F 702 -43.45 -34.65 24.80
CA GLU F 702 -44.72 -35.10 25.36
C GLU F 702 -45.01 -36.54 24.97
N SER F 703 -44.76 -36.89 23.71
CA SER F 703 -44.99 -38.27 23.27
C SER F 703 -44.16 -39.24 24.09
N LYS F 704 -42.89 -38.90 24.33
CA LYS F 704 -42.07 -39.71 25.22
C LYS F 704 -42.65 -39.74 26.64
N LYS F 705 -43.10 -38.59 27.13
CA LYS F 705 -43.53 -38.45 28.52
C LYS F 705 -44.75 -39.30 28.81
N CYS F 706 -45.88 -38.98 28.17
CA CYS F 706 -47.15 -39.59 28.53
C CYS F 706 -47.44 -40.87 27.75
N GLY F 707 -46.89 -41.02 26.55
CA GLY F 707 -47.16 -42.16 25.73
C GLY F 707 -48.43 -42.06 24.91
N TRP F 708 -49.28 -41.07 25.17
CA TRP F 708 -50.46 -40.82 24.36
C TRP F 708 -50.09 -39.79 23.30
N LEU F 709 -49.84 -40.27 22.09
CA LEU F 709 -49.42 -39.40 21.01
C LEU F 709 -50.63 -38.67 20.42
N PRO F 710 -50.59 -37.33 20.32
CA PRO F 710 -51.62 -36.64 19.53
C PRO F 710 -51.47 -36.94 18.05
N GLN F 711 -52.31 -36.35 17.20
CA GLN F 711 -52.37 -36.70 15.79
C GLN F 711 -51.77 -35.63 14.88
N SER F 712 -51.10 -34.63 15.43
CA SER F 712 -50.49 -33.58 14.62
C SER F 712 -49.58 -32.75 15.52
N ILE F 713 -49.04 -31.67 14.96
CA ILE F 713 -48.20 -30.73 15.70
C ILE F 713 -48.97 -29.41 15.82
N LEU F 714 -48.68 -28.68 16.89
CA LEU F 714 -49.32 -27.40 17.15
C LEU F 714 -48.26 -26.38 17.56
N ILE F 715 -48.57 -25.10 17.32
CA ILE F 715 -47.69 -24.00 17.67
C ILE F 715 -48.51 -22.99 18.47
N THR F 716 -47.96 -22.55 19.60
CA THR F 716 -48.67 -21.70 20.54
C THR F 716 -48.23 -20.24 20.42
N GLN F 717 -49.11 -19.34 20.86
CA GLN F 717 -48.74 -17.93 20.95
C GLN F 717 -47.50 -17.74 21.80
N GLU F 718 -47.35 -18.52 22.87
CA GLU F 718 -46.15 -18.43 23.68
C GLU F 718 -44.91 -18.79 22.88
N ASP F 719 -45.01 -19.82 22.05
CA ASP F 719 -43.85 -20.24 21.26
C ASP F 719 -43.42 -19.13 20.31
N LEU F 720 -44.39 -18.51 19.63
CA LEU F 720 -44.06 -17.40 18.74
C LEU F 720 -43.55 -16.20 19.51
N SER F 721 -44.07 -15.95 20.70
CA SER F 721 -43.58 -14.84 21.50
C SER F 721 -42.12 -15.05 21.88
N LYS F 722 -41.77 -16.25 22.31
CA LYS F 722 -40.39 -16.55 22.65
C LYS F 722 -39.50 -16.51 21.42
N ALA F 723 -40.02 -16.94 20.26
CA ALA F 723 -39.27 -16.82 19.03
C ALA F 723 -39.03 -15.36 18.69
N THR F 724 -40.02 -14.50 18.91
CA THR F 724 -39.84 -13.06 18.71
C THR F 724 -38.76 -12.53 19.65
N SER F 725 -38.78 -12.96 20.90
CA SER F 725 -37.76 -12.51 21.84
C SER F 725 -36.37 -12.93 21.37
N LYS F 726 -36.24 -14.18 20.95
CA LYS F 726 -34.95 -14.67 20.47
C LYS F 726 -34.51 -13.90 19.23
N ALA F 727 -35.45 -13.60 18.33
CA ALA F 727 -35.11 -12.87 17.12
C ALA F 727 -34.63 -11.46 17.45
N ARG F 728 -35.39 -10.74 18.29
CA ARG F 728 -34.94 -9.42 18.72
C ARG F 728 -33.56 -9.51 19.35
N ASN F 729 -33.35 -10.52 20.19
CA ASN F 729 -32.05 -10.70 20.83
C ASN F 729 -30.95 -10.81 19.78
N GLU F 730 -31.02 -11.83 18.92
CA GLU F 730 -29.93 -12.05 17.98
C GLU F 730 -29.78 -10.87 17.03
N PHE F 731 -30.87 -10.17 16.73
CA PHE F 731 -30.79 -8.98 15.89
C PHE F 731 -29.96 -7.90 16.58
N SER F 732 -30.20 -7.69 17.87
CA SER F 732 -29.35 -6.79 18.63
C SER F 732 -27.91 -7.29 18.66
N VAL F 733 -27.72 -8.60 18.84
CA VAL F 733 -26.37 -9.16 18.88
C VAL F 733 -25.61 -8.81 17.62
N SER F 734 -26.23 -9.06 16.46
CA SER F 734 -25.64 -8.60 15.20
C SER F 734 -25.39 -7.10 15.24
N ILE F 735 -26.33 -6.34 15.81
CA ILE F 735 -26.16 -4.91 15.94
C ILE F 735 -25.31 -4.50 17.15
N GLY F 736 -25.15 -5.37 18.13
CA GLY F 736 -24.38 -5.03 19.32
C GLY F 736 -25.12 -5.18 20.63
N ALA F 737 -25.44 -4.05 21.25
CA ALA F 737 -25.79 -3.96 22.67
C ALA F 737 -26.78 -5.04 23.11
N PRO F 738 -26.32 -6.03 23.89
CA PRO F 738 -27.25 -6.93 24.61
C PRO F 738 -27.62 -6.44 26.01
N GLN F 739 -27.41 -5.15 26.30
CA GLN F 739 -27.31 -4.62 27.65
C GLN F 739 -28.27 -5.28 28.65
N ILE F 740 -29.50 -5.52 28.24
CA ILE F 740 -30.55 -5.97 29.16
C ILE F 740 -30.13 -7.25 29.87
N PRO F 741 -29.70 -7.20 31.15
CA PRO F 741 -29.45 -8.46 31.86
C PRO F 741 -30.71 -9.17 32.34
N ASN F 742 -31.46 -8.48 33.19
CA ASN F 742 -32.68 -9.02 33.78
C ASN F 742 -33.41 -7.93 34.57
N VAL F 743 -34.67 -7.65 34.24
CA VAL F 743 -35.48 -6.71 35.01
C VAL F 743 -36.94 -6.89 34.63
N THR F 744 -37.83 -6.47 35.52
CA THR F 744 -39.26 -6.40 35.23
C THR F 744 -39.90 -5.54 36.31
N TRP F 745 -41.20 -5.29 36.17
CA TRP F 745 -41.91 -4.42 37.10
C TRP F 745 -41.78 -4.91 38.54
N ASP F 746 -41.86 -6.23 38.73
CA ASP F 746 -41.77 -6.78 40.08
C ASP F 746 -40.43 -6.50 40.74
N ASP F 747 -39.40 -6.15 39.96
CA ASP F 747 -38.05 -5.98 40.47
C ASP F 747 -37.79 -4.59 41.03
N ILE F 748 -38.77 -3.68 40.98
CA ILE F 748 -38.58 -2.34 41.52
C ILE F 748 -39.95 -1.80 41.92
N GLY F 749 -39.97 -1.03 43.01
CA GLY F 749 -41.17 -0.39 43.50
C GLY F 749 -41.15 1.12 43.29
N GLY F 750 -42.16 1.77 43.87
CA GLY F 750 -42.28 3.20 43.72
C GLY F 750 -42.59 3.66 42.32
N ILE F 751 -43.05 2.75 41.45
CA ILE F 751 -43.40 3.10 40.08
C ILE F 751 -44.88 3.43 39.95
N ASP F 752 -45.61 3.52 41.06
CA ASP F 752 -47.06 3.65 40.99
C ASP F 752 -47.48 4.88 40.20
N PHE F 753 -46.95 6.04 40.55
CA PHE F 753 -47.40 7.26 39.89
C PHE F 753 -46.81 7.40 38.49
N VAL F 754 -45.53 7.04 38.32
CA VAL F 754 -44.89 7.18 37.02
C VAL F 754 -45.42 6.18 36.00
N LYS F 755 -45.98 5.06 36.44
CA LYS F 755 -46.36 4.00 35.51
C LYS F 755 -47.23 4.54 34.38
N GLY F 756 -48.23 5.35 34.73
CA GLY F 756 -49.15 5.84 33.70
C GLY F 756 -48.44 6.70 32.67
N GLU F 757 -47.59 7.62 33.12
CA GLU F 757 -46.95 8.55 32.19
C GLU F 757 -45.97 7.84 31.28
N ILE F 758 -45.10 6.99 31.85
CA ILE F 758 -44.13 6.27 31.04
C ILE F 758 -44.85 5.35 30.06
N LEU F 759 -45.88 4.63 30.54
CA LEU F 759 -46.60 3.73 29.65
C LEU F 759 -47.29 4.50 28.54
N ASP F 760 -47.87 5.66 28.84
CA ASP F 760 -48.49 6.47 27.79
C ASP F 760 -47.45 6.93 26.79
N THR F 761 -46.27 7.34 27.27
CA THR F 761 -45.22 7.81 26.36
C THR F 761 -44.64 6.69 25.50
N ILE F 762 -44.64 5.45 25.99
CA ILE F 762 -43.94 4.36 25.32
C ILE F 762 -44.92 3.45 24.54
N ASP F 763 -45.85 2.81 25.25
CA ASP F 763 -46.61 1.73 24.65
C ASP F 763 -47.93 2.19 24.03
N MET F 764 -48.56 3.24 24.55
CA MET F 764 -49.79 3.72 23.94
C MET F 764 -49.66 3.95 22.45
N PRO F 765 -48.60 4.61 21.95
CA PRO F 765 -48.39 4.60 20.50
C PRO F 765 -48.15 3.20 19.95
N LEU F 766 -47.48 2.33 20.71
CA LEU F 766 -47.22 0.98 20.24
C LEU F 766 -48.52 0.20 20.07
N LYS F 767 -49.42 0.28 21.04
CA LYS F 767 -50.71 -0.38 20.94
C LYS F 767 -51.67 0.36 20.03
N HIS F 768 -51.44 1.65 19.79
CA HIS F 768 -52.37 2.48 19.04
C HIS F 768 -51.64 3.36 18.03
N PRO F 769 -50.74 2.80 17.22
CA PRO F 769 -49.97 3.64 16.29
C PRO F 769 -50.81 4.24 15.18
N GLU F 770 -51.56 3.40 14.46
CA GLU F 770 -52.34 3.89 13.32
C GLU F 770 -53.37 4.92 13.75
N LEU F 771 -54.03 4.70 14.89
CA LEU F 771 -54.95 5.71 15.39
C LEU F 771 -54.24 7.03 15.67
N PHE F 772 -53.05 6.96 16.27
CA PHE F 772 -52.27 8.14 16.58
C PHE F 772 -51.61 8.76 15.36
N THR F 773 -51.74 8.13 14.18
CA THR F 773 -51.13 8.64 12.96
C THR F 773 -51.93 9.87 12.51
N SER F 774 -51.63 11.00 13.15
CA SER F 774 -52.24 12.28 12.79
C SER F 774 -51.17 13.30 12.41
N GLY F 775 -49.95 12.86 12.13
CA GLY F 775 -48.90 13.76 11.68
C GLY F 775 -48.61 14.89 12.63
N MET F 776 -48.80 14.66 13.93
CA MET F 776 -48.58 15.67 14.95
C MET F 776 -47.35 15.32 15.78
N LYS F 777 -46.88 16.32 16.52
CA LYS F 777 -45.65 16.18 17.31
C LYS F 777 -45.78 15.00 18.26
N LYS F 778 -44.88 14.04 18.14
CA LYS F 778 -44.82 12.95 19.10
C LYS F 778 -44.05 13.39 20.34
N ARG F 779 -44.33 12.72 21.46
CA ARG F 779 -43.67 13.08 22.71
C ARG F 779 -42.16 12.88 22.57
N SER F 780 -41.42 13.97 22.75
CA SER F 780 -39.98 13.93 22.53
C SER F 780 -39.34 12.75 23.25
N GLY F 781 -39.48 12.69 24.57
CA GLY F 781 -38.90 11.60 25.32
C GLY F 781 -39.14 11.73 26.81
N ILE F 782 -38.16 11.31 27.61
CA ILE F 782 -38.27 11.28 29.06
C ILE F 782 -36.97 11.82 29.65
N LEU F 783 -37.08 12.41 30.84
CA LEU F 783 -35.94 13.00 31.53
C LEU F 783 -36.12 12.77 33.03
N PHE F 784 -35.12 12.14 33.64
CA PHE F 784 -35.15 11.83 35.07
C PHE F 784 -34.24 12.77 35.83
N TYR F 785 -34.39 12.76 37.15
CA TYR F 785 -33.60 13.62 38.02
C TYR F 785 -33.93 13.28 39.46
N GLY F 786 -33.08 13.75 40.38
CA GLY F 786 -33.33 13.57 41.79
C GLY F 786 -32.11 13.06 42.54
N PRO F 787 -32.33 12.58 43.76
CA PRO F 787 -31.22 12.05 44.54
C PRO F 787 -30.55 10.91 43.82
N PRO F 788 -29.24 10.76 43.95
CA PRO F 788 -28.55 9.62 43.33
C PRO F 788 -28.96 8.31 43.97
N GLY F 789 -28.86 7.24 43.18
CA GLY F 789 -29.27 5.93 43.65
C GLY F 789 -30.76 5.72 43.72
N THR F 790 -31.55 6.58 43.08
CA THR F 790 -33.00 6.51 43.12
C THR F 790 -33.57 5.46 42.18
N GLY F 791 -32.75 4.57 41.64
CA GLY F 791 -33.23 3.56 40.72
C GLY F 791 -33.46 4.03 39.31
N LYS F 792 -32.94 5.21 38.94
CA LYS F 792 -33.21 5.76 37.63
C LYS F 792 -32.71 4.83 36.53
N THR F 793 -31.46 4.37 36.65
CA THR F 793 -30.90 3.48 35.63
C THR F 793 -31.61 2.13 35.65
N LEU F 794 -31.90 1.61 36.84
CA LEU F 794 -32.71 0.39 36.92
C LEU F 794 -34.06 0.59 36.27
N MET F 795 -34.66 1.78 36.47
CA MET F 795 -35.95 2.07 35.88
C MET F 795 -35.86 2.03 34.35
N ALA F 796 -34.82 2.66 33.79
CA ALA F 796 -34.64 2.63 32.34
C ALA F 796 -34.44 1.22 31.82
N LYS F 797 -33.60 0.43 32.50
CA LYS F 797 -33.38 -0.95 32.07
C LYS F 797 -34.68 -1.75 32.14
N ALA F 798 -35.49 -1.51 33.17
CA ALA F 798 -36.78 -2.19 33.28
C ALA F 798 -37.69 -1.81 32.13
N ILE F 799 -37.72 -0.52 31.77
CA ILE F 799 -38.50 -0.11 30.60
C ILE F 799 -38.05 -0.88 29.37
N ALA F 800 -36.74 -0.89 29.12
CA ALA F 800 -36.23 -1.52 27.91
C ALA F 800 -36.59 -3.00 27.87
N THR F 801 -36.39 -3.69 28.99
CA THR F 801 -36.66 -5.12 29.02
C THR F 801 -38.15 -5.42 28.89
N ASN F 802 -38.98 -4.77 29.70
CA ASN F 802 -40.41 -5.07 29.69
C ASN F 802 -41.03 -4.78 28.34
N PHE F 803 -40.67 -3.65 27.74
CA PHE F 803 -41.27 -3.27 26.46
C PHE F 803 -40.47 -3.76 25.26
N SER F 804 -39.26 -4.28 25.50
CA SER F 804 -38.50 -5.01 24.48
C SER F 804 -38.36 -4.19 23.20
N LEU F 805 -37.68 -3.06 23.32
CA LEU F 805 -37.30 -2.23 22.18
C LEU F 805 -35.78 -2.11 22.15
N ASN F 806 -35.24 -2.02 20.93
CA ASN F 806 -33.79 -1.99 20.78
C ASN F 806 -33.20 -0.87 21.62
N PHE F 807 -32.19 -1.19 22.40
CA PHE F 807 -31.66 -0.29 23.41
C PHE F 807 -30.15 -0.14 23.26
N PHE F 808 -29.67 1.04 23.63
CA PHE F 808 -28.23 1.32 23.66
C PHE F 808 -27.97 2.26 24.81
N SER F 809 -26.93 1.98 25.59
CA SER F 809 -26.53 2.82 26.71
C SER F 809 -25.30 3.62 26.31
N VAL F 810 -25.39 4.94 26.43
CA VAL F 810 -24.32 5.85 26.07
C VAL F 810 -23.78 6.46 27.36
N LYS F 811 -22.57 6.07 27.74
CA LYS F 811 -21.90 6.64 28.90
C LYS F 811 -21.22 7.92 28.46
N GLY F 812 -21.72 9.05 28.96
CA GLY F 812 -21.30 10.35 28.52
C GLY F 812 -19.81 10.49 28.25
N PRO F 813 -18.99 10.25 29.28
CA PRO F 813 -17.54 10.45 29.11
C PRO F 813 -16.92 9.57 28.04
N GLU F 814 -17.48 8.39 27.78
CA GLU F 814 -16.90 7.52 26.78
C GLU F 814 -16.87 8.18 25.41
N LEU F 815 -17.78 9.11 25.16
CA LEU F 815 -17.85 9.76 23.85
C LEU F 815 -16.66 10.68 23.63
N LEU F 816 -16.32 11.50 24.62
CA LEU F 816 -15.33 12.56 24.43
C LEU F 816 -14.00 11.98 23.96
N ASN F 817 -13.49 12.50 22.86
CA ASN F 817 -12.21 12.09 22.31
C ASN F 817 -11.16 13.15 22.64
N MET F 818 -9.92 12.92 22.20
CA MET F 818 -8.84 13.86 22.55
C MET F 818 -9.09 15.27 22.01
N TYR F 819 -9.67 15.40 20.82
CA TYR F 819 -9.97 16.73 20.28
C TYR F 819 -11.39 16.76 19.75
N ILE F 820 -11.89 17.97 19.51
CA ILE F 820 -13.27 18.21 19.08
C ILE F 820 -13.50 17.53 17.73
N GLY F 821 -14.77 17.38 17.37
CA GLY F 821 -15.12 16.85 16.06
C GLY F 821 -15.37 15.35 16.04
N GLU F 822 -14.34 14.56 16.31
CA GLU F 822 -14.52 13.11 16.26
C GLU F 822 -15.54 12.64 17.28
N SER F 823 -15.66 13.35 18.41
CA SER F 823 -16.76 13.09 19.32
C SER F 823 -18.10 13.36 18.66
N GLU F 824 -18.19 14.46 17.91
CA GLU F 824 -19.42 14.75 17.19
C GLU F 824 -19.70 13.67 16.15
N ALA F 825 -18.66 13.18 15.48
CA ALA F 825 -18.84 12.09 14.54
C ALA F 825 -19.34 10.84 15.23
N ASN F 826 -18.82 10.55 16.43
CA ASN F 826 -19.30 9.40 17.19
C ASN F 826 -20.77 9.53 17.53
N VAL F 827 -21.17 10.73 17.97
CA VAL F 827 -22.58 10.96 18.31
C VAL F 827 -23.44 10.79 17.06
N ARG F 828 -23.01 11.35 15.94
CA ARG F 828 -23.79 11.24 14.71
C ARG F 828 -23.94 9.79 14.28
N ARG F 829 -22.84 9.02 14.33
CA ARG F 829 -22.91 7.64 13.87
C ARG F 829 -23.79 6.80 14.79
N VAL F 830 -23.68 6.99 16.11
CA VAL F 830 -24.51 6.21 17.01
C VAL F 830 -25.99 6.53 16.77
N PHE F 831 -26.32 7.83 16.67
CA PHE F 831 -27.72 8.19 16.48
C PHE F 831 -28.26 7.68 15.14
N GLN F 832 -27.45 7.77 14.08
CA GLN F 832 -27.95 7.34 12.77
C GLN F 832 -28.09 5.82 12.71
N LYS F 833 -27.17 5.08 13.35
CA LYS F 833 -27.34 3.63 13.37
C LYS F 833 -28.56 3.23 14.18
N ALA F 834 -28.85 3.97 15.27
CA ALA F 834 -30.10 3.74 15.98
C ALA F 834 -31.29 4.03 15.08
N ARG F 835 -31.23 5.13 14.33
CA ARG F 835 -32.29 5.47 13.38
C ARG F 835 -32.44 4.41 12.30
N GLU F 836 -31.39 3.65 12.03
CA GLU F 836 -31.50 2.52 11.12
C GLU F 836 -32.25 1.37 11.78
N ALA F 837 -31.96 1.10 13.06
CA ALA F 837 -32.64 0.05 13.81
C ALA F 837 -33.88 0.67 14.45
N LYS F 838 -35.00 0.59 13.75
CA LYS F 838 -36.25 1.16 14.22
C LYS F 838 -37.33 0.08 14.27
N PRO F 839 -38.28 0.19 15.20
CA PRO F 839 -38.34 1.16 16.31
C PRO F 839 -37.30 0.81 17.36
N CYS F 840 -36.90 1.76 18.21
CA CYS F 840 -35.85 1.51 19.18
C CYS F 840 -36.01 2.47 20.35
N VAL F 841 -35.27 2.19 21.42
CA VAL F 841 -35.19 3.06 22.58
C VAL F 841 -33.73 3.45 22.77
N ILE F 842 -33.50 4.71 23.11
CA ILE F 842 -32.16 5.23 23.35
C ILE F 842 -32.17 6.03 24.64
N PHE F 843 -31.12 5.85 25.44
CA PHE F 843 -30.99 6.55 26.71
C PHE F 843 -29.53 6.94 26.91
N PHE F 844 -29.32 8.17 27.39
CA PHE F 844 -28.00 8.69 27.69
C PHE F 844 -27.81 8.63 29.20
N ASP F 845 -26.76 7.94 29.64
CA ASP F 845 -26.55 7.74 31.07
C ASP F 845 -25.73 8.90 31.61
N GLU F 846 -26.29 9.63 32.58
CA GLU F 846 -25.69 10.84 33.13
C GLU F 846 -25.50 11.89 32.03
N ILE F 847 -26.63 12.34 31.47
CA ILE F 847 -26.58 13.37 30.44
C ILE F 847 -25.89 14.62 30.98
N ASP F 848 -25.92 14.80 32.29
CA ASP F 848 -25.36 16.00 32.91
C ASP F 848 -23.93 16.26 32.48
N SER F 849 -23.13 15.21 32.33
CA SER F 849 -21.70 15.35 32.05
C SER F 849 -21.39 15.57 30.58
N VAL F 850 -22.39 15.53 29.70
CA VAL F 850 -22.17 15.76 28.28
C VAL F 850 -23.15 16.81 27.76
N ALA F 851 -24.13 17.19 28.58
CA ALA F 851 -25.08 18.25 28.25
C ALA F 851 -25.17 19.22 29.41
N PRO F 852 -24.09 19.92 29.73
CA PRO F 852 -24.14 20.95 30.77
C PRO F 852 -24.47 22.32 30.18
N LYS F 853 -24.62 23.29 31.08
CA LYS F 853 -24.81 24.68 30.68
C LYS F 853 -23.46 25.25 30.28
N ARG F 854 -23.16 25.24 28.99
CA ARG F 854 -21.89 25.77 28.52
C ARG F 854 -21.81 27.26 28.83
N GLY F 855 -20.67 27.69 29.33
CA GLY F 855 -20.50 29.06 29.76
C GLY F 855 -20.45 29.19 31.27
N ASN F 856 -21.26 28.40 31.97
CA ASN F 856 -21.29 28.45 33.42
C ASN F 856 -19.94 28.06 34.01
N GLN F 857 -19.53 26.82 33.81
CA GLN F 857 -18.21 26.39 34.26
C GLN F 857 -17.13 27.07 33.43
N GLY F 858 -15.94 27.20 34.03
CA GLY F 858 -14.83 27.79 33.32
C GLY F 858 -14.59 27.09 32.00
N ASP F 859 -14.86 27.79 30.89
CA ASP F 859 -14.75 27.16 29.58
C ASP F 859 -13.28 26.97 29.22
N SER F 860 -12.76 25.79 29.49
CA SER F 860 -11.36 25.45 29.23
C SER F 860 -11.33 24.61 27.95
N GLY F 861 -11.16 25.29 26.82
CA GLY F 861 -11.13 24.66 25.51
C GLY F 861 -12.46 24.70 24.77
N GLY F 862 -13.56 24.94 25.47
CA GLY F 862 -14.86 25.00 24.82
C GLY F 862 -15.21 23.73 24.08
N VAL F 863 -14.65 22.60 24.49
CA VAL F 863 -14.85 21.35 23.76
C VAL F 863 -16.33 20.95 23.78
N MET F 864 -16.95 20.99 24.96
CA MET F 864 -18.31 20.52 25.10
C MET F 864 -19.29 21.33 24.26
N ASP F 865 -19.08 22.64 24.17
CA ASP F 865 -20.00 23.52 23.44
C ASP F 865 -20.45 22.88 22.15
N ARG F 866 -19.56 22.12 21.52
CA ARG F 866 -19.81 21.72 20.15
C ARG F 866 -20.48 20.33 20.16
N ILE F 867 -20.03 19.46 21.07
CA ILE F 867 -20.67 18.17 21.28
C ILE F 867 -22.14 18.35 21.63
N VAL F 868 -22.42 19.20 22.62
CA VAL F 868 -23.82 19.44 22.96
C VAL F 868 -24.57 19.89 21.72
N SER F 869 -23.96 20.77 20.93
CA SER F 869 -24.60 21.21 19.70
C SER F 869 -25.07 20.00 18.90
N GLN F 870 -24.17 19.03 18.70
CA GLN F 870 -24.57 17.79 18.04
C GLN F 870 -25.93 17.34 18.54
N LEU F 871 -26.00 16.96 19.81
CA LEU F 871 -27.23 16.35 20.30
C LEU F 871 -28.42 17.19 19.91
N LEU F 872 -28.33 18.50 20.15
CA LEU F 872 -29.48 19.36 19.92
C LEU F 872 -30.13 19.05 18.57
N ALA F 873 -29.39 19.28 17.49
CA ALA F 873 -30.04 19.19 16.19
C ALA F 873 -30.49 17.77 15.91
N GLU F 874 -29.68 16.79 16.33
CA GLU F 874 -30.04 15.40 16.03
C GLU F 874 -31.21 14.98 16.89
N LEU F 875 -31.38 15.62 18.04
CA LEU F 875 -32.62 15.48 18.79
C LEU F 875 -33.74 16.24 18.08
N ASP F 876 -33.46 17.46 17.64
CA ASP F 876 -34.46 18.24 16.93
C ASP F 876 -34.81 17.64 15.58
N GLY F 877 -33.88 16.92 14.96
CA GLY F 877 -34.14 16.25 13.70
C GLY F 877 -34.76 14.88 13.81
N MET F 878 -35.02 14.41 15.03
CA MET F 878 -35.58 13.07 15.21
C MET F 878 -37.04 13.01 14.79
N SER F 879 -37.83 14.01 15.16
CA SER F 879 -39.27 13.94 14.94
C SER F 879 -39.63 13.97 13.47
N THR F 880 -38.80 14.59 12.63
CA THR F 880 -39.14 14.74 11.22
C THR F 880 -39.35 13.39 10.55
N ASP F 881 -38.43 12.46 10.75
CA ASP F 881 -38.51 11.15 10.13
C ASP F 881 -38.35 10.00 11.12
N ALA F 882 -37.53 10.16 12.15
CA ALA F 882 -37.17 9.06 13.03
C ALA F 882 -38.31 8.71 13.98
N ASP F 883 -39.36 8.09 13.46
CA ASP F 883 -40.45 7.59 14.29
C ASP F 883 -40.11 6.19 14.80
N GLY F 884 -40.52 5.89 16.02
CA GLY F 884 -40.17 4.66 16.68
C GLY F 884 -38.93 4.74 17.54
N VAL F 885 -38.31 5.92 17.64
CA VAL F 885 -37.15 6.14 18.51
C VAL F 885 -37.50 7.26 19.46
N PHE F 886 -37.17 7.07 20.74
CA PHE F 886 -37.45 8.06 21.76
C PHE F 886 -36.30 8.07 22.77
N VAL F 887 -36.09 9.22 23.39
CA VAL F 887 -34.91 9.47 24.21
C VAL F 887 -35.31 9.46 25.68
N ILE F 888 -34.35 9.05 26.52
CA ILE F 888 -34.51 9.05 27.97
C ILE F 888 -33.21 9.54 28.59
N GLY F 889 -33.33 10.33 29.65
CA GLY F 889 -32.17 10.91 30.29
C GLY F 889 -32.18 10.71 31.80
N ALA F 890 -30.99 10.50 32.34
CA ALA F 890 -30.79 10.33 33.78
C ALA F 890 -29.88 11.44 34.28
N THR F 891 -30.28 12.06 35.39
CA THR F 891 -29.54 13.18 35.97
C THR F 891 -29.54 13.09 37.48
N ASN F 892 -28.49 13.66 38.08
CA ASN F 892 -28.43 13.89 39.52
C ASN F 892 -28.29 15.35 39.89
N ARG F 893 -27.71 16.17 39.03
CA ARG F 893 -27.51 17.61 39.28
C ARG F 893 -28.09 18.37 38.09
N PRO F 894 -29.41 18.31 37.90
CA PRO F 894 -30.00 18.89 36.69
C PRO F 894 -29.91 20.40 36.63
N ASP F 895 -29.44 21.06 37.68
CA ASP F 895 -29.34 22.51 37.65
C ASP F 895 -28.29 23.00 36.66
N LEU F 896 -27.46 22.11 36.13
CA LEU F 896 -26.42 22.48 35.18
C LEU F 896 -26.75 22.08 33.74
N LEU F 897 -27.94 21.57 33.46
CA LEU F 897 -28.28 21.14 32.11
C LEU F 897 -28.51 22.35 31.20
N ASP F 898 -27.96 22.28 29.99
CA ASP F 898 -28.20 23.34 29.02
C ASP F 898 -29.69 23.44 28.73
N GLU F 899 -30.19 24.67 28.66
CA GLU F 899 -31.63 24.88 28.62
C GLU F 899 -32.23 24.50 27.27
N ALA F 900 -31.44 24.55 26.20
CA ALA F 900 -31.97 24.22 24.88
C ALA F 900 -32.61 22.84 24.87
N LEU F 901 -32.13 21.94 25.72
CA LEU F 901 -32.70 20.59 25.78
C LEU F 901 -34.13 20.61 26.33
N LEU F 902 -34.36 21.43 27.35
CA LEU F 902 -35.58 21.27 28.15
C LEU F 902 -36.85 21.54 27.34
N ARG F 903 -36.72 22.21 26.21
CA ARG F 903 -37.91 22.57 25.44
C ARG F 903 -38.65 21.32 25.00
N PRO F 904 -39.97 21.24 25.18
CA PRO F 904 -40.73 20.17 24.55
C PRO F 904 -40.37 20.06 23.07
N GLY F 905 -40.46 18.84 22.55
CA GLY F 905 -39.90 18.53 21.26
C GLY F 905 -38.49 18.02 21.42
N ARG F 906 -37.66 18.78 22.13
CA ARG F 906 -36.38 18.25 22.61
C ARG F 906 -36.61 17.36 23.82
N PHE F 907 -37.23 17.92 24.87
CA PHE F 907 -37.58 17.17 26.06
C PHE F 907 -38.88 17.73 26.60
N ASP F 908 -39.85 16.85 26.85
CA ASP F 908 -41.18 17.26 27.28
C ASP F 908 -41.55 16.74 28.66
N LYS F 909 -41.30 15.46 28.94
CA LYS F 909 -41.65 14.86 30.23
C LYS F 909 -40.41 14.84 31.11
N LEU F 910 -40.37 15.76 32.07
CA LEU F 910 -39.30 15.81 33.06
C LEU F 910 -39.70 14.96 34.26
N LEU F 911 -39.57 13.65 34.07
CA LEU F 911 -40.01 12.70 35.08
C LEU F 911 -39.06 12.72 36.28
N TYR F 912 -39.58 12.27 37.42
CA TYR F 912 -38.87 12.33 38.68
C TYR F 912 -38.85 10.96 39.34
N LEU F 913 -37.80 10.71 40.12
CA LEU F 913 -37.71 9.51 40.94
C LEU F 913 -36.84 9.85 42.15
N GLY F 914 -37.48 10.08 43.29
CA GLY F 914 -36.78 10.50 44.48
C GLY F 914 -37.05 9.64 45.70
N ILE F 915 -36.92 10.25 46.88
CA ILE F 915 -37.08 9.50 48.13
C ILE F 915 -38.54 9.11 48.30
N PRO F 916 -38.85 7.89 48.75
CA PRO F 916 -40.26 7.53 49.00
C PRO F 916 -40.78 8.24 50.24
N ASP F 917 -41.89 8.97 50.06
CA ASP F 917 -42.41 9.80 51.14
C ASP F 917 -43.23 8.97 52.14
N THR F 918 -44.24 8.26 51.66
CA THR F 918 -45.17 7.55 52.53
C THR F 918 -44.71 6.12 52.75
N ASP F 919 -45.11 5.56 53.90
CA ASP F 919 -44.67 4.20 54.24
C ASP F 919 -45.11 3.19 53.19
N THR F 920 -46.19 3.47 52.46
CA THR F 920 -46.63 2.54 51.42
C THR F 920 -45.60 2.42 50.30
N LYS F 921 -44.97 3.54 49.93
CA LYS F 921 -43.94 3.49 48.90
C LYS F 921 -42.82 2.53 49.28
N GLN F 922 -42.26 2.72 50.49
CA GLN F 922 -41.18 1.84 50.93
C GLN F 922 -41.69 0.42 51.15
N LEU F 923 -42.95 0.25 51.53
CA LEU F 923 -43.50 -1.10 51.68
C LEU F 923 -43.49 -1.84 50.36
N ASN F 924 -43.98 -1.20 49.30
CA ASN F 924 -43.96 -1.83 47.98
C ASN F 924 -42.53 -2.05 47.51
N ILE F 925 -41.67 -1.04 47.70
CA ILE F 925 -40.28 -1.16 47.26
C ILE F 925 -39.59 -2.29 48.01
N LEU F 926 -40.01 -2.57 49.25
CA LEU F 926 -39.36 -3.60 50.05
C LEU F 926 -39.89 -4.99 49.68
N GLU F 927 -41.20 -5.13 49.51
CA GLU F 927 -41.73 -6.41 49.05
C GLU F 927 -41.16 -6.78 47.69
N ALA F 928 -40.91 -5.78 46.84
CA ALA F 928 -40.16 -6.06 45.62
C ALA F 928 -38.71 -6.37 45.93
N LEU F 929 -38.14 -5.70 46.93
CA LEU F 929 -36.75 -5.91 47.30
C LEU F 929 -36.52 -7.33 47.81
N THR F 930 -37.42 -7.81 48.66
CA THR F 930 -37.33 -9.14 49.24
C THR F 930 -38.21 -10.16 48.50
N ARG F 931 -38.67 -9.81 47.31
CA ARG F 931 -39.56 -10.70 46.57
C ARG F 931 -38.97 -12.10 46.42
N LYS F 932 -37.67 -12.18 46.16
CA LYS F 932 -37.01 -13.46 45.94
C LYS F 932 -36.38 -14.04 47.20
N PHE F 933 -36.43 -13.32 48.33
CA PHE F 933 -35.82 -13.83 49.54
C PHE F 933 -36.54 -15.08 50.03
N VAL F 934 -35.76 -16.03 50.54
CA VAL F 934 -36.31 -17.20 51.26
C VAL F 934 -36.37 -16.79 52.72
N LEU F 935 -37.45 -16.12 53.11
CA LEU F 935 -37.58 -15.52 54.42
C LEU F 935 -38.29 -16.45 55.39
N ASP F 936 -37.84 -16.46 56.63
CA ASP F 936 -38.60 -17.09 57.71
C ASP F 936 -39.85 -16.28 57.99
N ASN F 937 -40.88 -16.95 58.51
CA ASN F 937 -42.13 -16.26 58.80
C ASN F 937 -41.95 -15.16 59.83
N ASP F 938 -40.85 -15.17 60.59
CA ASP F 938 -40.59 -14.11 61.55
C ASP F 938 -40.50 -12.74 60.90
N VAL F 939 -40.24 -12.68 59.59
CA VAL F 939 -40.07 -11.40 58.92
C VAL F 939 -41.41 -10.68 58.89
N LYS F 940 -41.45 -9.50 59.53
CA LYS F 940 -42.61 -8.61 59.47
C LYS F 940 -42.04 -7.27 59.02
N LEU F 941 -41.90 -7.10 57.70
CA LEU F 941 -41.14 -5.98 57.17
C LEU F 941 -41.82 -4.64 57.40
N ILE F 942 -43.08 -4.62 57.85
CA ILE F 942 -43.72 -3.36 58.18
C ILE F 942 -42.97 -2.67 59.31
N GLU F 943 -42.57 -3.44 60.33
CA GLU F 943 -41.83 -2.85 61.44
C GLU F 943 -40.50 -2.28 60.97
N LEU F 944 -39.81 -2.98 60.06
CA LEU F 944 -38.58 -2.43 59.51
C LEU F 944 -38.84 -1.15 58.73
N ALA F 945 -39.91 -1.14 57.93
CA ALA F 945 -40.26 0.06 57.19
C ALA F 945 -40.49 1.25 58.13
N LYS F 946 -41.12 0.99 59.27
CA LYS F 946 -41.25 2.05 60.27
C LYS F 946 -39.92 2.37 60.93
N LEU F 947 -39.01 1.40 61.00
CA LEU F 947 -37.71 1.63 61.60
C LEU F 947 -36.83 2.48 60.70
N CYS F 948 -36.82 2.18 59.41
CA CYS F 948 -35.98 2.91 58.48
C CYS F 948 -36.46 4.34 58.37
N PRO F 949 -35.64 5.35 58.68
CA PRO F 949 -36.07 6.72 58.42
C PRO F 949 -36.32 6.92 56.93
N PHE F 950 -37.36 7.70 56.62
CA PHE F 950 -37.74 7.89 55.22
C PHE F 950 -36.59 8.40 54.38
N ASN F 951 -35.52 8.89 54.99
CA ASN F 951 -34.34 9.31 54.23
C ASN F 951 -33.70 8.15 53.47
N TYR F 952 -33.86 6.93 53.96
CA TYR F 952 -33.28 5.77 53.28
C TYR F 952 -33.86 5.67 51.87
N THR F 953 -32.98 5.54 50.88
CA THR F 953 -33.35 5.51 49.48
C THR F 953 -33.41 4.07 48.99
N GLY F 954 -33.73 3.91 47.70
CA GLY F 954 -33.71 2.58 47.10
C GLY F 954 -32.34 1.94 47.19
N ALA F 955 -31.29 2.73 46.94
CA ALA F 955 -29.94 2.22 47.13
C ALA F 955 -29.69 1.83 48.58
N ASP F 956 -30.20 2.63 49.52
CA ASP F 956 -30.07 2.28 50.93
C ASP F 956 -30.81 0.99 51.25
N PHE F 957 -31.99 0.78 50.66
CA PHE F 957 -32.72 -0.45 50.89
C PHE F 957 -31.97 -1.65 50.32
N TYR F 958 -31.39 -1.50 49.12
CA TYR F 958 -30.57 -2.59 48.59
C TYR F 958 -29.39 -2.87 49.50
N ALA F 959 -28.76 -1.82 50.02
CA ALA F 959 -27.67 -2.00 50.96
C ALA F 959 -28.13 -2.78 52.18
N LEU F 960 -29.29 -2.42 52.72
CA LEU F 960 -29.79 -3.07 53.93
C LEU F 960 -30.05 -4.55 53.67
N CYS F 961 -30.73 -4.85 52.56
CA CYS F 961 -31.03 -6.25 52.27
C CYS F 961 -29.76 -7.04 52.01
N SER F 962 -28.80 -6.45 51.30
CA SER F 962 -27.54 -7.15 51.03
C SER F 962 -26.77 -7.42 52.33
N ASP F 963 -26.74 -6.44 53.23
CA ASP F 963 -26.03 -6.65 54.50
C ASP F 963 -26.74 -7.68 55.37
N ALA F 964 -28.08 -7.67 55.37
CA ALA F 964 -28.80 -8.70 56.10
C ALA F 964 -28.54 -10.09 55.50
N MET F 965 -28.46 -10.15 54.17
CA MET F 965 -28.10 -11.41 53.52
C MET F 965 -26.69 -11.85 53.92
N LEU F 966 -25.76 -10.90 54.01
CA LEU F 966 -24.41 -11.24 54.45
C LEU F 966 -24.41 -11.73 55.89
N ASN F 967 -25.26 -11.15 56.74
CA ASN F 967 -25.36 -11.61 58.12
C ASN F 967 -25.92 -13.02 58.19
N ALA F 968 -26.97 -13.31 57.40
CA ALA F 968 -27.50 -14.67 57.34
C ALA F 968 -26.44 -15.63 56.83
N MET F 969 -25.64 -15.19 55.86
CA MET F 969 -24.58 -16.05 55.34
C MET F 969 -23.51 -16.29 56.39
N SER F 970 -23.21 -15.28 57.21
CA SER F 970 -22.27 -15.46 58.31
C SER F 970 -22.80 -16.47 59.31
N ARG F 971 -24.11 -16.41 59.61
CA ARG F 971 -24.71 -17.40 60.47
C ARG F 971 -24.57 -18.80 59.88
N ILE F 972 -24.83 -18.94 58.58
CA ILE F 972 -24.71 -20.23 57.93
C ILE F 972 -23.28 -20.73 57.96
N ALA F 973 -22.32 -19.82 57.74
CA ALA F 973 -20.91 -20.21 57.82
C ALA F 973 -20.55 -20.66 59.22
N ARG F 974 -21.07 -19.97 60.24
CA ARG F 974 -20.82 -20.39 61.62
C ARG F 974 -21.36 -21.78 61.88
N MET F 975 -22.60 -22.05 61.43
CA MET F 975 -23.17 -23.38 61.66
C MET F 975 -22.39 -24.44 60.89
N VAL F 976 -21.93 -24.10 59.69
CA VAL F 976 -21.12 -25.04 58.90
C VAL F 976 -19.81 -25.34 59.62
N GLU F 977 -19.17 -24.30 60.17
CA GLU F 977 -17.92 -24.51 60.89
C GLU F 977 -18.15 -25.38 62.12
N LYS F 978 -19.24 -25.14 62.85
CA LYS F 978 -19.55 -25.99 64.00
C LYS F 978 -19.78 -27.44 63.56
N LYS F 979 -20.52 -27.63 62.47
CA LYS F 979 -20.75 -28.99 61.97
C LYS F 979 -19.44 -29.66 61.57
N VAL F 980 -18.56 -28.93 60.89
CA VAL F 980 -17.29 -29.50 60.47
C VAL F 980 -16.46 -29.90 61.68
N SER F 981 -16.35 -29.00 62.66
CA SER F 981 -15.55 -29.31 63.84
C SER F 981 -16.13 -30.51 64.59
N GLN F 982 -17.46 -30.55 64.75
CA GLN F 982 -18.08 -31.66 65.47
C GLN F 982 -17.85 -32.98 64.75
N HIS F 983 -18.04 -33.00 63.43
CA HIS F 983 -17.83 -34.22 62.66
C HIS F 983 -16.36 -34.59 62.55
N ASN F 984 -15.45 -33.66 62.83
CA ASN F 984 -14.02 -34.00 62.89
C ASN F 984 -13.66 -34.62 64.23
N GLU F 985 -13.95 -33.91 65.32
CA GLU F 985 -13.54 -34.39 66.63
C GLU F 985 -14.26 -35.67 67.02
N LEU F 986 -15.57 -35.72 66.81
CA LEU F 986 -16.34 -36.89 67.23
C LEU F 986 -15.91 -38.14 66.46
N THR F 987 -15.73 -38.02 65.15
CA THR F 987 -15.34 -39.15 64.33
C THR F 987 -13.84 -39.27 64.14
N GLY F 988 -13.09 -38.21 64.43
CA GLY F 988 -11.65 -38.24 64.38
C GLY F 988 -11.03 -37.85 63.06
N GLU F 989 -11.80 -37.81 61.97
CA GLU F 989 -11.30 -37.46 60.65
C GLU F 989 -11.74 -36.05 60.29
N ASN F 990 -10.78 -35.21 59.91
CA ASN F 990 -11.06 -33.82 59.56
C ASN F 990 -11.47 -33.78 58.09
N ILE F 991 -12.78 -33.62 57.85
CA ILE F 991 -13.28 -33.56 56.48
C ILE F 991 -12.91 -32.22 55.87
N SER F 992 -12.27 -32.24 54.71
CA SER F 992 -11.92 -31.01 54.02
C SER F 992 -13.18 -30.24 53.64
N THR F 993 -13.10 -28.91 53.74
CA THR F 993 -14.24 -28.07 53.38
C THR F 993 -14.76 -28.42 52.00
N ARG F 994 -13.85 -28.68 51.06
CA ARG F 994 -14.28 -29.15 49.74
C ARG F 994 -15.04 -30.47 49.88
N ARG F 995 -14.45 -31.44 50.57
CA ARG F 995 -15.14 -32.69 50.84
C ARG F 995 -16.42 -32.43 51.64
N TRP F 996 -16.38 -31.46 52.55
CA TRP F 996 -17.53 -31.23 53.42
C TRP F 996 -18.76 -30.82 52.61
N PHE F 997 -18.58 -29.92 51.63
CA PHE F 997 -19.69 -29.49 50.78
C PHE F 997 -19.26 -29.61 49.31
N ASP F 998 -19.32 -30.82 48.79
CA ASP F 998 -19.50 -31.08 47.37
C ASP F 998 -20.57 -32.12 47.11
N LYS F 999 -20.64 -33.15 47.94
CA LYS F 999 -21.69 -34.16 47.97
C LYS F 999 -22.25 -34.38 49.36
N ILE F 1000 -21.40 -34.29 50.39
CA ILE F 1000 -21.88 -34.38 51.77
C ILE F 1000 -22.92 -33.31 52.03
N ALA F 1001 -22.79 -32.14 51.39
CA ALA F 1001 -23.75 -31.07 51.55
C ALA F 1001 -25.15 -31.56 51.21
N THR F 1002 -26.03 -31.61 52.21
CA THR F 1002 -27.42 -31.86 51.95
C THR F 1002 -28.13 -30.55 51.60
N LYS F 1003 -29.37 -30.66 51.12
CA LYS F 1003 -30.13 -29.47 50.80
C LYS F 1003 -30.18 -28.51 51.98
N GLU F 1004 -30.33 -29.07 53.19
CA GLU F 1004 -30.31 -28.22 54.39
C GLU F 1004 -29.00 -27.46 54.49
N ASP F 1005 -27.88 -28.15 54.26
CA ASP F 1005 -26.60 -27.45 54.23
C ASP F 1005 -26.58 -26.38 53.15
N THR F 1006 -27.10 -26.70 51.97
CA THR F 1006 -27.16 -25.74 50.86
C THR F 1006 -28.53 -25.05 50.82
N LYS F 1007 -28.87 -24.42 51.93
CA LYS F 1007 -30.10 -23.64 52.01
C LYS F 1007 -29.86 -22.41 52.87
N VAL F 1008 -30.62 -21.36 52.61
CA VAL F 1008 -30.45 -20.06 53.26
C VAL F 1008 -31.77 -19.65 53.89
N VAL F 1009 -31.69 -19.16 55.13
CA VAL F 1009 -32.84 -18.64 55.86
C VAL F 1009 -32.44 -17.34 56.52
N VAL F 1010 -33.35 -16.38 56.54
CA VAL F 1010 -33.08 -15.03 57.05
C VAL F 1010 -34.15 -14.67 58.07
N LYS F 1011 -33.75 -13.89 59.07
CA LYS F 1011 -34.61 -13.52 60.18
C LYS F 1011 -34.68 -12.00 60.32
N MET F 1012 -35.65 -11.53 61.11
CA MET F 1012 -35.72 -10.12 61.45
C MET F 1012 -34.43 -9.62 62.09
N GLU F 1013 -33.73 -10.49 62.81
CA GLU F 1013 -32.51 -10.05 63.49
C GLU F 1013 -31.48 -9.56 62.48
N ASP F 1014 -31.38 -10.23 61.33
CA ASP F 1014 -30.38 -9.83 60.34
C ASP F 1014 -30.68 -8.44 59.78
N PHE F 1015 -31.94 -8.18 59.41
CA PHE F 1015 -32.27 -6.85 58.90
C PHE F 1015 -32.10 -5.79 59.97
N LEU F 1016 -32.44 -6.11 61.23
CA LEU F 1016 -32.22 -5.12 62.30
C LEU F 1016 -30.73 -4.83 62.50
N LYS F 1017 -29.89 -5.88 62.44
CA LYS F 1017 -28.45 -5.67 62.56
C LYS F 1017 -27.94 -4.81 61.41
N ALA F 1018 -28.42 -5.05 60.20
CA ALA F 1018 -28.02 -4.22 59.07
C ALA F 1018 -28.48 -2.78 59.26
N GLN F 1019 -29.71 -2.59 59.75
CA GLN F 1019 -30.24 -1.24 59.95
C GLN F 1019 -29.41 -0.47 60.96
N GLU F 1020 -29.02 -1.12 62.06
CA GLU F 1020 -28.15 -0.46 63.02
C GLU F 1020 -26.75 -0.27 62.46
N GLN F 1021 -26.32 -1.18 61.57
CA GLN F 1021 -25.04 -1.05 60.89
C GLN F 1021 -25.08 -0.06 59.74
N LEU F 1022 -26.24 0.14 59.12
CA LEU F 1022 -26.36 1.08 58.01
C LEU F 1022 -26.66 2.48 58.53
N THR F 1023 -26.20 3.47 57.76
CA THR F 1023 -26.40 4.87 58.05
C THR F 1023 -26.88 5.59 56.80
N PRO F 1024 -27.51 6.75 56.94
CA PRO F 1024 -28.05 7.44 55.76
C PRO F 1024 -26.96 7.74 54.74
N SER F 1025 -27.31 7.59 53.46
CA SER F 1025 -26.42 7.92 52.38
C SER F 1025 -26.55 9.37 51.92
N VAL F 1026 -27.53 10.10 52.44
CA VAL F 1026 -27.77 11.50 52.05
C VAL F 1026 -28.09 12.30 53.31
N SER F 1027 -27.46 13.46 53.44
CA SER F 1027 -27.76 14.34 54.57
C SER F 1027 -29.04 15.11 54.31
N ARG F 1028 -29.67 15.55 55.40
CA ARG F 1028 -30.94 16.24 55.29
C ARG F 1028 -30.83 17.53 54.47
N ALA F 1029 -29.69 18.22 54.57
CA ALA F 1029 -29.50 19.43 53.78
C ALA F 1029 -29.55 19.13 52.29
N GLU F 1030 -28.97 17.99 51.88
CA GLU F 1030 -29.06 17.58 50.48
C GLU F 1030 -30.51 17.32 50.08
N LEU F 1031 -31.30 16.71 50.98
CA LEU F 1031 -32.72 16.52 50.70
C LEU F 1031 -33.43 17.86 50.52
N ASN F 1032 -33.11 18.83 51.37
CA ASN F 1032 -33.70 20.15 51.23
C ASN F 1032 -33.33 20.80 49.90
N HIS F 1033 -32.06 20.64 49.50
CA HIS F 1033 -31.64 21.17 48.20
C HIS F 1033 -32.39 20.49 47.06
N TYR F 1034 -32.58 19.17 47.16
CA TYR F 1034 -33.35 18.46 46.14
C TYR F 1034 -34.77 19.00 46.06
N GLU F 1035 -35.41 19.20 47.20
CA GLU F 1035 -36.77 19.74 47.19
C GLU F 1035 -36.80 21.15 46.60
N ALA F 1036 -35.80 21.97 46.93
CA ALA F 1036 -35.76 23.32 46.41
C ALA F 1036 -35.59 23.34 44.90
N VAL F 1037 -34.71 22.49 44.37
CA VAL F 1037 -34.53 22.43 42.92
C VAL F 1037 -35.78 21.87 42.26
N ARG F 1038 -36.46 20.93 42.92
CA ARG F 1038 -37.75 20.47 42.43
C ARG F 1038 -38.72 21.64 42.29
N ALA F 1039 -38.81 22.47 43.34
CA ALA F 1039 -39.72 23.61 43.31
C ALA F 1039 -39.35 24.58 42.21
N ASN F 1040 -38.05 24.86 42.05
CA ASN F 1040 -37.64 25.83 41.03
C ASN F 1040 -37.93 25.31 39.63
N PHE F 1041 -37.68 24.01 39.38
CA PHE F 1041 -38.03 23.44 38.09
C PHE F 1041 -39.52 23.51 37.84
N GLU F 1042 -40.32 23.18 38.87
CA GLU F 1042 -41.77 23.23 38.70
C GLU F 1042 -42.22 24.64 38.35
N GLY F 1043 -41.76 25.64 39.10
CA GLY F 1043 -42.09 27.01 38.83
C GLY F 1043 -41.19 27.65 37.80
N ALA F 1044 -39.89 27.67 38.07
CA ALA F 1044 -38.92 28.31 37.18
C ALA F 1044 -38.38 27.31 36.16
PG ATP G . 14.01 39.29 11.74
O1G ATP G . 14.59 38.13 12.47
O2G ATP G . 13.84 39.04 10.23
O3G ATP G . 12.68 39.78 12.32
PB ATP G . 16.51 40.93 11.63
O1B ATP G . 17.31 39.76 11.25
O2B ATP G . 16.96 41.67 12.89
O3B ATP G . 14.98 40.56 11.84
PA ATP G . 15.96 42.04 8.95
O1A ATP G . 17.07 41.79 8.02
O2A ATP G . 14.77 41.08 8.84
O3A ATP G . 16.43 42.01 10.46
O5' ATP G . 15.41 43.52 8.79
C5' ATP G . 16.31 44.63 8.62
C4' ATP G . 15.81 45.49 7.49
O4' ATP G . 16.27 46.85 7.68
C3' ATP G . 16.30 45.10 6.11
O3' ATP G . 15.41 45.55 5.10
C2' ATP G . 17.66 45.83 6.03
O2' ATP G . 18.01 46.13 4.69
C1' ATP G . 17.36 47.11 6.82
N9 ATP G . 18.48 47.59 7.62
C8 ATP G . 19.63 48.18 7.17
N7 ATP G . 20.48 48.53 8.12
C5 ATP G . 19.83 48.13 9.28
C6 ATP G . 20.19 48.21 10.63
N6 ATP G . 21.34 48.73 11.08
N1 ATP G . 19.32 47.72 11.55
C2 ATP G . 18.17 47.19 11.12
N3 ATP G . 17.72 47.07 9.88
C4 ATP G . 18.60 47.56 8.99
PG ATP H . 32.27 5.91 -8.52
O1G ATP H . 32.98 4.89 -9.34
O2G ATP H . 31.65 7.03 -9.34
O3G ATP H . 31.22 5.33 -7.58
PB ATP H . 34.82 7.08 -7.51
O1B ATP H . 35.71 5.91 -7.46
O2B ATP H . 34.98 8.09 -6.38
O3B ATP H . 33.30 6.65 -7.56
PA ATP H . 35.62 7.61 -10.30
O1A ATP H . 36.68 6.58 -10.21
O2A ATP H . 34.47 7.27 -11.26
O3A ATP H . 34.96 7.87 -8.89
O5' ATP H . 36.21 9.02 -10.69
C5' ATP H . 37.60 9.34 -10.42
C4' ATP H . 37.86 10.77 -10.83
O4' ATP H . 39.04 11.24 -10.14
C3' ATP H . 38.15 10.98 -12.31
O3' ATP H . 37.68 12.25 -12.76
C2' ATP H . 39.67 10.86 -12.39
O2' ATP H . 40.20 11.63 -13.46
C1' ATP H . 40.10 11.46 -11.04
N9 ATP H . 41.32 10.86 -10.50
C8 ATP H . 42.52 10.73 -11.12
N7 ATP H . 43.44 10.15 -10.41
C5 ATP H . 42.81 9.88 -9.20
C6 ATP H . 43.24 9.27 -8.01
N6 ATP H . 44.47 8.80 -7.82
N1 ATP H . 42.34 9.15 -7.01
C2 ATP H . 41.11 9.62 -7.19
N3 ATP H . 40.58 10.21 -8.27
C4 ATP H . 41.49 10.31 -9.24
PG ATP I . -22.39 10.80 -22.86
O1G ATP I . -21.05 10.27 -23.22
O2G ATP I . -23.48 9.75 -22.81
O3G ATP I . -22.40 11.59 -21.54
PB ATP I . -23.61 13.26 -24.04
O1B ATP I . -23.03 14.11 -25.08
O2B ATP I . -23.65 13.84 -22.62
O3B ATP I . -22.88 11.86 -23.95
PA ATP I . -25.77 11.67 -25.26
O1A ATP I . -25.72 11.95 -26.71
O2A ATP I . -25.11 10.37 -24.83
O3A ATP I . -25.09 12.83 -24.41
O5' ATP I . -27.25 11.69 -24.72
C5' ATP I . -28.32 12.27 -25.49
C4' ATP I . -29.21 11.15 -25.98
O4' ATP I . -30.55 11.65 -26.15
C3' ATP I . -28.84 10.58 -27.35
O3' ATP I . -29.35 9.27 -27.50
C2' ATP I . -29.52 11.57 -28.30
O2' ATP I . -29.88 10.97 -29.53
C1' ATP I . -30.78 11.97 -27.51
N9 ATP I . -31.12 13.38 -27.60
C8 ATP I . -32.37 13.93 -27.49
N7 ATP I . -32.40 15.24 -27.60
C5 ATP I . -31.07 15.57 -27.80
C6 ATP I . -30.42 16.81 -28.00
N6 ATP I . -31.05 17.99 -28.02
N1 ATP I . -29.08 16.79 -28.18
C2 ATP I . -28.45 15.62 -28.17
N3 ATP I . -28.95 14.40 -27.98
C4 ATP I . -30.27 14.44 -27.80
PG ATP J . -33.64 26.14 17.54
O1G ATP J . -33.69 25.09 16.48
O2G ATP J . -33.22 25.63 18.91
O3G ATP J . -32.79 27.36 17.17
PB ATP J . -36.24 27.53 16.99
O1B ATP J . -35.85 27.76 15.59
O2B ATP J . -36.59 28.77 17.82
O3B ATP J . -35.10 26.75 17.78
PA ATP J . -37.96 25.23 16.33
O1A ATP J . -38.21 25.51 14.90
O2A ATP J . -36.94 24.12 16.62
O3A ATP J . -37.47 26.53 17.09
O5' ATP J . -39.31 24.88 17.07
C5' ATP J . -40.13 25.92 17.65
C4' ATP J . -41.58 25.49 17.58
O4' ATP J . -42.43 26.65 17.48
C3' ATP J . -41.94 24.63 16.37
O3' ATP J . -41.89 23.24 16.69
C2' ATP J . -43.38 25.08 16.02
O2' ATP J . -44.31 24.01 16.13
C1' ATP J . -43.68 26.16 17.06
N9 ATP J . -44.49 27.27 16.55
C8 ATP J . -45.36 28.04 17.28
N7 ATP J . -45.98 28.95 16.58
C5 ATP J . -45.49 28.77 15.30
C6 ATP J . -45.75 29.42 14.08
N6 ATP J . -46.60 30.44 13.95
N1 ATP J . -45.09 28.99 12.98
C2 ATP J . -44.23 27.97 13.10
N3 ATP J . -43.90 27.28 14.20
C4 ATP J . -44.57 27.72 15.27
PG ATP K . -3.59 -26.81 16.20
O1G ATP K . -3.82 -26.90 14.73
O2G ATP K . -2.21 -27.30 16.65
O3G ATP K . -3.85 -25.41 16.78
PB ATP K . -6.17 -28.01 17.10
O1B ATP K . -6.69 -28.79 15.96
O2B ATP K . -6.84 -26.65 17.35
O3B ATP K . -4.62 -27.75 16.98
PA ATP K . -6.26 -30.36 18.89
O1A ATP K . -7.60 -30.95 18.69
O2A ATP K . -5.12 -31.03 18.12
O3A ATP K . -6.26 -28.83 18.47
O5' ATP K . -5.88 -30.32 20.42
C5' ATP K . -6.64 -31.06 21.40
C4' ATP K . -5.70 -31.77 22.34
O4' ATP K . -6.06 -31.44 23.70
C3' ATP K . -5.75 -33.29 22.28
O3' ATP K . -4.51 -33.85 22.71
C2' ATP K . -6.89 -33.62 23.25
O2' ATP K . -6.76 -34.92 23.80
C1' ATP K . -6.68 -32.56 24.33
N9 ATP K . -7.91 -32.10 24.95
C8 ATP K . -8.31 -32.27 26.26
N7 ATP K . -9.47 -31.76 26.54
C5 ATP K . -9.89 -31.21 25.34
C6 ATP K . -11.06 -30.51 24.97
N6 ATP K . -12.06 -30.23 25.81
N1 ATP K . -11.15 -30.09 23.68
C2 ATP K . -10.16 -30.36 22.84
N3 ATP K . -9.01 -31.01 23.08
C4 ATP K . -8.94 -31.41 24.35
PG ATP L . 22.34 -14.92 16.24
O1G ATP L . 21.33 -15.86 15.67
O2G ATP L . 23.49 -14.60 15.28
O3G ATP L . 21.73 -13.63 16.77
PB ATP L . 23.31 -17.01 18.14
O1B ATP L . 22.43 -18.02 17.55
O2B ATP L . 23.25 -16.85 19.65
O3B ATP L . 23.06 -15.58 17.51
PA ATP L . 25.64 -18.28 16.83
O1A ATP L . 25.58 -19.65 17.39
O2A ATP L . 25.09 -18.12 15.42
O3A ATP L . 24.84 -17.27 17.75
O5' ATP L . 27.11 -17.71 16.86
C5' ATP L . 27.99 -17.95 17.99
C4' ATP L . 29.41 -17.77 17.53
O4' ATP L . 30.25 -17.52 18.68
C3' ATP L . 30.04 -18.96 16.81
O3' ATP L . 30.94 -18.52 15.80
C2' ATP L . 30.76 -19.69 17.94
O2' ATP L . 31.87 -20.43 17.46
C1' ATP L . 31.23 -18.53 18.80
N9 ATP L . 31.35 -18.86 20.22
C8 ATP L . 32.51 -19.17 20.90
N7 ATP L . 32.33 -19.43 22.17
C5 ATP L . 30.96 -19.28 22.34
C6 ATP L . 30.12 -19.41 23.46
N6 ATP L . 30.56 -19.74 24.68
N1 ATP L . 28.80 -19.20 23.29
C2 ATP L . 28.35 -18.87 22.08
N3 ATP L . 29.05 -18.71 20.95
C4 ATP L . 30.34 -18.93 21.15
PG ATP M . 10.16 20.76 -25.19
O1G ATP M . 10.46 19.43 -25.78
O2G ATP M . 8.89 21.40 -25.76
O3G ATP M . 10.09 20.77 -23.67
PB ATP M . 11.64 22.94 -26.60
O1B ATP M . 12.96 22.76 -27.24
O2B ATP M . 11.43 24.28 -25.91
O3B ATP M . 11.32 21.81 -25.55
PA ATP M . 10.32 22.34 -29.17
O1A ATP M . 11.63 22.34 -29.86
O2A ATP M . 9.57 21.01 -29.22
O3A ATP M . 10.46 22.75 -27.64
O5' ATP M . 9.37 23.47 -29.76
C5' ATP M . 9.87 24.80 -30.01
C4' ATP M . 9.02 25.43 -31.08
O4' ATP M . 9.31 26.84 -31.18
C3' ATP M . 9.18 24.85 -32.49
O3' ATP M . 7.92 24.69 -33.12
C2' ATP M . 10.04 25.90 -33.19
O2' ATP M . 9.78 25.94 -34.59
C1' ATP M . 9.55 27.18 -32.52
N9 ATP M . 10.52 28.27 -32.56
C8 ATP M . 10.61 29.27 -33.49
N7 ATP M . 11.58 30.12 -33.27
C5 ATP M . 12.18 29.66 -32.11
C6 ATP M . 13.26 30.13 -31.35
N6 ATP M . 13.98 31.21 -31.65
N1 ATP M . 13.58 29.43 -30.23
C2 ATP M . 12.87 28.35 -29.92
N3 ATP M . 11.83 27.81 -30.57
C4 ATP M . 11.53 28.52 -31.66
PG ATP N . -14.71 41.45 3.60
O1G ATP N . -14.29 40.85 2.30
O2G ATP N . -16.09 40.99 4.07
O3G ATP N . -13.69 41.23 4.73
PB ATP N . -14.55 44.18 2.42
O1B ATP N . -13.35 43.89 1.62
O2B ATP N . -14.55 45.51 3.18
O3B ATP N . -14.82 43.03 3.47
PA ATP N . -16.24 43.84 0.04
O1A ATP N . -15.33 44.55 -0.87
O2A ATP N . -16.25 42.32 -0.11
O3A ATP N . -15.87 44.14 1.54
O5' ATP N . -17.72 44.36 -0.07
C5' ATP N . -18.12 45.61 0.53
C4' ATP N . -19.53 45.90 0.10
O4' ATP N . -19.68 47.32 -0.17
C3' ATP N . -19.96 45.18 -1.18
O3' ATP N . -21.32 44.75 -1.09
C2' ATP N . -19.78 46.25 -2.25
O2' ATP N . -20.64 46.06 -3.36
C1' ATP N . -20.18 47.51 -1.47
N9 ATP N . -19.63 48.75 -2.00
C8 ATP N . -20.34 49.81 -2.51
N7 ATP N . -19.59 50.80 -2.93
C5 ATP N . -18.30 50.37 -2.69
C6 ATP N . -17.04 50.96 -2.91
N6 ATP N . -16.88 52.18 -3.45
N1 ATP N . -15.95 50.25 -2.56
C2 ATP N . -16.11 49.05 -2.02
N3 ATP N . -17.23 48.39 -1.77
C4 ATP N . -18.31 49.11 -2.13
PG ATP O . -29.59 -9.81 -0.74
O1G ATP O . -29.41 -10.45 -2.07
O2G ATP O . -29.41 -10.77 0.44
O3G ATP O . -28.70 -8.57 -0.52
PB ATP O . -32.48 -9.35 -1.31
O1B ATP O . -32.35 -9.19 -2.77
O2B ATP O . -33.42 -8.38 -0.60
O3B ATP O . -31.07 -9.25 -0.59
PA ATP O . -32.68 -12.28 -1.47
O1A ATP O . -33.43 -12.55 -2.72
O2A ATP O . -31.17 -12.48 -1.54
O3A ATP O . -32.94 -10.83 -0.92
O5' ATP O . -33.25 -13.17 -0.29
C5' ATP O . -34.37 -12.72 0.51
C4' ATP O . -34.84 -13.89 1.33
O4' ATP O . -36.10 -13.57 1.97
C3' ATP O . -35.06 -15.18 0.54
O3' ATP O . -34.52 -16.30 1.24
C2' ATP O . -36.59 -15.25 0.44
O2' ATP O . -37.05 -16.59 0.35
C1' ATP O . -37.00 -14.63 1.76
N9 ATP O . -38.36 -14.12 1.79
C8 ATP O . -39.45 -14.71 2.36
N7 ATP O . -40.56 -14.04 2.25
C5 ATP O . -40.18 -12.91 1.53
C6 ATP O . -40.89 -11.78 1.09
N6 ATP O . -42.19 -11.60 1.30
N1 ATP O . -40.21 -10.83 0.42
C2 ATP O . -38.90 -11.00 0.22
N3 ATP O . -38.12 -12.02 0.59
C4 ATP O . -38.82 -12.95 1.25
PG ATP P . -26.89 8.10 39.36
O1G ATP P . -26.85 8.63 37.96
O2G ATP P . -25.52 7.92 39.99
O3G ATP P . -27.79 8.90 40.29
PB ATP P . -28.93 5.92 39.56
O1B ATP P . -29.73 5.93 38.33
O2B ATP P . -29.58 6.54 40.80
O3B ATP P . -27.53 6.63 39.37
PA ATP P . -29.23 3.02 40.08
O1A ATP P . -30.59 3.12 39.52
O2A ATP P . -28.32 1.98 39.43
O3A ATP P . -28.50 4.43 39.95
O5' ATP P . -29.24 2.78 41.64
C5' ATP P . -30.37 2.16 42.29
C4' ATP P . -29.90 1.51 43.57
O4' ATP P . -31.01 1.37 44.49
C3' ATP P . -29.31 0.10 43.41
O3' ATP P . -28.24 -0.12 44.32
C2' ATP P . -30.51 -0.80 43.72
O2' ATP P . -30.11 -2.07 44.21
C1' ATP P . -31.20 0.01 44.82
N9 ATP P . -32.64 -0.24 44.93
C8 ATP P . -33.25 -1.31 45.53
N7 ATP P . -34.56 -1.29 45.47
C5 ATP P . -34.83 -0.12 44.77
C6 ATP P . -36.04 0.48 44.38
N6 ATP P . -37.25 -0.03 44.63
N1 ATP P . -35.96 1.64 43.69
C2 ATP P . -34.76 2.16 43.42
N3 ATP P . -33.56 1.68 43.75
C4 ATP P . -33.66 0.53 44.43
#